data_6EVW
#
_entry.id   6EVW
#
_cell.length_a   1.000
_cell.length_b   1.000
_cell.length_c   1.000
_cell.angle_alpha   90.00
_cell.angle_beta   90.00
_cell.angle_gamma   90.00
#
_symmetry.space_group_name_H-M   'P 1'
#
loop_
_entity.id
_entity.type
_entity.pdbx_description
1 polymer 'Tubulin alpha-1B chain'
2 polymer 'Tubulin beta chain'
3 non-polymer "GUANOSINE-5'-TRIPHOSPHATE"
4 non-polymer 'MAGNESIUM ION'
5 non-polymer 'PHOSPHOMETHYLPHOSPHONIC ACID GUANYLATE ESTER'
#
loop_
_entity_poly.entity_id
_entity_poly.type
_entity_poly.pdbx_seq_one_letter_code
_entity_poly.pdbx_strand_id
1 'polypeptide(L)'
;MRECISIHVGQAGVQIGNACWELYCLEHGIQPDGQMPSDKTIGGGDDSFNTFFSETGAGKHVPRAVFVDLEPTVIDEVRT
GTYRQLFHPEQLITGKEDAANNYARGHYTIGKEIIDLVLDRIRKLADQCTGLQGFLVFHSFGGGTGSGFTSLLMERLSVD
YGKKSKLEFSIYPAPQVSTAVVEPYNSILTTHTTLEHSDCAFMVDNEAIYDICRRNLDIERPTYTNLNRLISQIVSSITA
SLRFDGALNVDLTEFQTNLVPYPRIHFPLATYAPVISAEKAYHEQLSVAEITNACFEPANQMVKCDPRHGKYMACCLLYR
GDVVPKDVNAAIATIKTKRSIQFVDWCPTGFKVGINYQPPTVVPGGDLAKVQRAVCMLSNTTAIAEAWARLDHKFDLMYA
KRAFVHWYVGEGMEEGEFSEAREDMAALEKDYEEVGVD
;
E,J,C,L,A,K
2 'polypeptide(L)'
;MREIVHIQAGQCGNQIGAKFWEVISDEHGIDPTGSYHGDSDLQLERINVYYNEAAGNKYVPRAILVDLEPGTMDSVRSGP
FGQIFRPDNFVFGQSGAGNNWAKGHYTEGAELVDSVLDVVRKESESCDCLQGFQLTHSLGGGTGSGMGTLLISKIREEYP
DRIMNTFSVVPSPKVSDTVVEPYNATLSVHQLVENTDETYCIDNEALYDICFRTLKLTTPTYGDLNHLVSATMSGVTTCL
RFPGQLNADLRKLAVNMVPFPRLHFFMPGFAPLTSRGSQQYRALTVPELTQQMFDAKNMMAACDPRHGRYLTVAAVFRGR
MSMKEVDEQMLNVQNKNSSYFVEWIPNNVKTAVCDIPPRGLKMSATFIGNSTAIQELFKRISEQFTAMFRRKAFLHWYTG
EGMDEMEFTEAESNMNDLVSEYQQYQDAT
;
B,F,G,D,I,H
#
loop_
_chem_comp.id
_chem_comp.type
_chem_comp.name
_chem_comp.formula
G2P non-polymer 'PHOSPHOMETHYLPHOSPHONIC ACID GUANYLATE ESTER' 'C11 H18 N5 O13 P3'
GTP non-polymer GUANOSINE-5'-TRIPHOSPHATE 'C10 H16 N5 O14 P3'
MG non-polymer 'MAGNESIUM ION' 'Mg 2'
#
# COMPACT_ATOMS: atom_id res chain seq x y z
N MET A 1 36.47 55.51 0.46
CA MET A 1 36.78 56.37 1.60
C MET A 1 37.54 55.59 2.67
N ARG A 2 37.46 54.26 2.59
CA ARG A 2 38.10 53.37 3.55
C ARG A 2 39.22 52.62 2.85
N GLU A 3 40.37 52.52 3.51
CA GLU A 3 41.57 52.00 2.86
C GLU A 3 42.26 50.97 3.73
N CYS A 4 43.07 50.15 3.07
CA CYS A 4 43.85 49.10 3.75
C CYS A 4 45.05 48.78 2.86
N ILE A 5 46.21 49.32 3.21
CA ILE A 5 47.41 49.15 2.40
C ILE A 5 48.06 47.81 2.67
N SER A 6 49.03 47.43 1.85
CA SER A 6 49.67 46.13 1.94
C SER A 6 51.17 46.26 1.75
N ILE A 7 51.93 45.51 2.53
CA ILE A 7 53.38 45.47 2.48
C ILE A 7 53.80 44.01 2.32
N HIS A 8 54.83 43.78 1.52
CA HIS A 8 55.33 42.44 1.25
C HIS A 8 56.81 42.38 1.62
N VAL A 9 57.16 41.53 2.57
CA VAL A 9 58.51 41.46 3.13
C VAL A 9 59.07 40.08 2.85
N GLY A 10 60.26 40.03 2.26
CA GLY A 10 60.92 38.77 1.98
C GLY A 10 60.43 38.15 0.70
N GLN A 11 61.14 37.08 0.30
CA GLN A 11 60.89 36.44 -0.98
C GLN A 11 59.59 35.65 -0.97
N ALA A 12 59.26 35.02 0.17
CA ALA A 12 58.05 34.20 0.24
C ALA A 12 56.80 35.05 0.21
N GLY A 13 56.86 36.28 0.71
CA GLY A 13 55.69 37.14 0.68
C GLY A 13 55.41 37.69 -0.71
N VAL A 14 56.45 37.86 -1.53
CA VAL A 14 56.27 38.42 -2.86
C VAL A 14 55.51 37.44 -3.74
N GLN A 15 55.88 36.16 -3.70
CA GLN A 15 55.16 35.16 -4.47
C GLN A 15 53.75 34.93 -3.95
N ILE A 16 53.49 35.25 -2.68
CA ILE A 16 52.11 35.33 -2.22
C ILE A 16 51.42 36.51 -2.89
N GLY A 17 52.06 37.68 -2.88
CA GLY A 17 51.47 38.85 -3.50
C GLY A 17 51.33 38.77 -5.00
N ASN A 18 52.14 37.93 -5.66
CA ASN A 18 51.99 37.74 -7.09
C ASN A 18 50.67 37.06 -7.44
N ALA A 19 50.18 36.19 -6.57
CA ALA A 19 48.90 35.56 -6.80
C ALA A 19 47.75 36.33 -6.17
N CYS A 20 48.03 37.10 -5.10
CA CYS A 20 47.00 37.91 -4.47
C CYS A 20 46.47 38.98 -5.43
N TRP A 21 47.37 39.86 -5.89
CA TRP A 21 46.96 40.93 -6.80
C TRP A 21 46.59 40.40 -8.17
N GLU A 22 47.02 39.18 -8.52
CA GLU A 22 46.41 38.47 -9.63
C GLU A 22 44.93 38.26 -9.39
N LEU A 23 44.55 37.93 -8.16
CA LEU A 23 43.15 37.66 -7.87
C LEU A 23 42.35 38.96 -7.78
N TYR A 24 42.94 40.01 -7.19
CA TYR A 24 42.21 41.27 -6.99
C TYR A 24 41.86 41.92 -8.32
N CYS A 25 42.75 41.83 -9.29
CA CYS A 25 42.46 42.37 -10.62
C CYS A 25 41.33 41.60 -11.29
N LEU A 26 41.24 40.30 -11.04
CA LEU A 26 40.14 39.51 -11.54
C LEU A 26 38.85 39.77 -10.77
N GLU A 27 38.95 40.30 -9.55
CA GLU A 27 37.74 40.63 -8.80
C GLU A 27 37.02 41.83 -9.40
N HIS A 28 37.70 42.97 -9.45
CA HIS A 28 37.10 44.21 -9.93
C HIS A 28 37.27 44.39 -11.43
N GLY A 29 37.65 43.34 -12.14
CA GLY A 29 37.78 43.42 -13.59
C GLY A 29 38.97 44.22 -14.07
N ILE A 30 39.98 44.37 -13.24
CA ILE A 30 41.16 45.15 -13.58
C ILE A 30 42.05 44.29 -14.47
N GLN A 31 42.62 44.91 -15.50
CA GLN A 31 43.60 44.26 -16.36
C GLN A 31 44.95 44.25 -15.64
N PRO A 32 45.96 43.58 -16.19
CA PRO A 32 47.33 43.81 -15.68
C PRO A 32 47.85 45.22 -15.92
N ASP A 33 47.25 45.99 -16.84
CA ASP A 33 47.67 47.36 -17.11
C ASP A 33 46.96 48.38 -16.22
N GLY A 34 46.36 47.96 -15.11
CA GLY A 34 45.63 48.88 -14.26
C GLY A 34 44.34 49.41 -14.86
N GLN A 35 43.86 48.80 -15.93
CA GLN A 35 42.72 49.28 -16.69
C GLN A 35 41.52 48.39 -16.44
N MET A 36 40.33 48.99 -16.53
CA MET A 36 39.10 48.22 -16.52
C MET A 36 38.19 48.80 -17.61
N PRO A 37 37.59 47.95 -18.44
CA PRO A 37 36.69 48.44 -19.49
C PRO A 37 35.36 48.94 -18.94
N ASP A 47 33.01 50.52 -8.12
CA ASP A 47 32.63 51.73 -7.41
C ASP A 47 33.48 51.92 -6.16
N SER A 48 33.09 51.27 -5.06
CA SER A 48 33.81 51.39 -3.80
C SER A 48 34.86 50.29 -3.73
N PHE A 49 36.08 50.63 -4.15
CA PHE A 49 37.22 49.71 -4.09
C PHE A 49 38.48 50.45 -3.63
N ASN A 50 38.29 51.48 -2.82
CA ASN A 50 39.38 52.31 -2.28
C ASN A 50 40.26 51.54 -1.31
N THR A 51 39.83 50.37 -0.84
CA THR A 51 40.61 49.60 0.13
C THR A 51 41.92 49.11 -0.45
N PHE A 52 41.91 48.61 -1.69
CA PHE A 52 43.10 48.05 -2.30
C PHE A 52 43.57 48.81 -3.53
N PHE A 53 42.91 49.89 -3.91
CA PHE A 53 43.28 50.58 -5.12
C PHE A 53 43.11 52.08 -4.97
N SER A 54 43.74 52.82 -5.88
CA SER A 54 43.57 54.25 -5.99
C SER A 54 43.58 54.63 -7.46
N GLU A 55 42.86 55.70 -7.79
CA GLU A 55 42.68 56.12 -9.16
C GLU A 55 43.67 57.22 -9.52
N THR A 56 44.25 57.11 -10.71
CA THR A 56 45.12 58.15 -11.23
C THR A 56 44.31 59.29 -11.82
N GLY A 57 45.01 60.25 -12.42
CA GLY A 57 44.33 61.28 -13.18
C GLY A 57 43.68 60.71 -14.43
N ALA A 58 44.40 59.87 -15.15
CA ALA A 58 43.79 59.09 -16.21
C ALA A 58 43.12 57.85 -15.63
N GLY A 59 42.38 57.14 -16.47
CA GLY A 59 41.64 55.98 -16.01
C GLY A 59 42.50 54.75 -15.79
N LYS A 60 43.38 54.80 -14.80
CA LYS A 60 44.24 53.69 -14.45
C LYS A 60 44.26 53.57 -12.93
N HIS A 61 44.28 52.34 -12.42
CA HIS A 61 44.34 52.12 -10.99
C HIS A 61 45.62 51.39 -10.63
N VAL A 62 46.19 51.77 -9.49
CA VAL A 62 47.46 51.22 -9.03
C VAL A 62 47.23 50.48 -7.72
N PRO A 63 48.00 49.43 -7.44
CA PRO A 63 47.83 48.73 -6.16
C PRO A 63 48.52 49.44 -5.02
N ARG A 64 47.93 49.31 -3.84
CA ARG A 64 48.52 49.86 -2.63
C ARG A 64 49.48 48.84 -2.00
N ALA A 65 50.55 48.55 -2.73
CA ALA A 65 51.47 47.49 -2.35
C ALA A 65 52.90 48.02 -2.37
N VAL A 66 53.69 47.55 -1.41
CA VAL A 66 55.11 47.88 -1.31
C VAL A 66 55.90 46.58 -1.25
N PHE A 67 56.79 46.37 -2.21
CA PHE A 67 57.56 45.14 -2.31
C PHE A 67 59.00 45.44 -1.90
N VAL A 68 59.41 44.91 -0.76
CA VAL A 68 60.79 45.07 -0.30
C VAL A 68 61.50 43.73 -0.42
N ASP A 69 62.79 43.81 -0.76
CA ASP A 69 63.66 42.63 -0.79
C ASP A 69 65.10 43.12 -0.71
N LEU A 70 65.94 42.33 -0.05
CA LEU A 70 67.35 42.66 0.02
C LEU A 70 68.14 42.03 -1.12
N GLU A 71 67.60 40.99 -1.76
CA GLU A 71 68.19 40.47 -2.98
C GLU A 71 67.38 40.91 -4.19
N PRO A 72 68.02 41.19 -5.33
CA PRO A 72 67.29 41.74 -6.48
C PRO A 72 66.61 40.71 -7.35
N THR A 73 66.45 39.46 -6.90
CA THR A 73 66.02 38.40 -7.81
C THR A 73 64.52 38.44 -8.08
N VAL A 74 63.70 38.24 -7.04
CA VAL A 74 62.29 37.97 -7.24
C VAL A 74 61.53 39.24 -7.62
N ILE A 75 62.09 40.41 -7.34
CA ILE A 75 61.42 41.64 -7.72
C ILE A 75 61.58 41.88 -9.22
N ASP A 76 62.69 41.42 -9.80
CA ASP A 76 62.84 41.44 -11.25
C ASP A 76 61.84 40.52 -11.93
N GLU A 77 61.39 39.47 -11.23
CA GLU A 77 60.34 38.62 -11.77
C GLU A 77 59.00 39.34 -11.83
N VAL A 78 58.83 40.40 -11.05
CA VAL A 78 57.68 41.26 -11.22
C VAL A 78 58.00 42.39 -12.20
N ARG A 79 59.24 42.90 -12.17
CA ARG A 79 59.64 43.99 -13.06
C ARG A 79 59.80 43.54 -14.50
N THR A 80 59.82 42.24 -14.77
CA THR A 80 59.86 41.73 -16.13
C THR A 80 58.71 40.76 -16.43
N GLY A 81 57.87 40.45 -15.45
CA GLY A 81 56.84 39.45 -15.62
C GLY A 81 55.65 39.96 -16.39
N THR A 82 54.57 39.16 -16.33
CA THR A 82 53.32 39.54 -16.97
C THR A 82 52.67 40.71 -16.25
N TYR A 83 52.63 40.65 -14.92
CA TYR A 83 52.21 41.80 -14.12
C TYR A 83 53.42 42.71 -13.95
N ARG A 84 53.67 43.50 -14.99
CA ARG A 84 54.77 44.46 -15.01
C ARG A 84 54.26 45.89 -14.94
N GLN A 85 53.31 46.25 -15.80
CA GLN A 85 52.81 47.60 -15.91
C GLN A 85 51.87 48.00 -14.79
N LEU A 86 51.53 47.08 -13.88
CA LEU A 86 50.59 47.41 -12.84
C LEU A 86 51.22 48.28 -11.75
N PHE A 87 52.50 48.11 -11.50
CA PHE A 87 53.14 48.64 -10.30
C PHE A 87 53.88 49.94 -10.59
N HIS A 88 53.73 50.89 -9.67
CA HIS A 88 54.54 52.10 -9.66
C HIS A 88 55.99 51.72 -9.41
N PRO A 89 56.93 52.15 -10.27
CA PRO A 89 58.34 51.81 -10.05
C PRO A 89 58.96 52.43 -8.81
N GLU A 90 58.32 53.43 -8.19
CA GLU A 90 58.76 53.89 -6.88
C GLU A 90 58.28 52.98 -5.76
N GLN A 91 57.40 52.03 -6.06
CA GLN A 91 57.00 51.05 -5.05
C GLN A 91 57.96 49.87 -5.03
N LEU A 92 58.43 49.45 -6.20
CA LEU A 92 59.28 48.28 -6.34
C LEU A 92 60.66 48.59 -5.78
N ILE A 93 60.92 48.13 -4.57
CA ILE A 93 62.14 48.48 -3.85
C ILE A 93 63.00 47.23 -3.73
N THR A 94 64.26 47.35 -4.17
CA THR A 94 65.21 46.24 -4.12
C THR A 94 66.42 46.64 -3.30
N GLY A 95 67.09 45.62 -2.75
CA GLY A 95 68.38 45.78 -2.13
C GLY A 95 69.50 45.26 -3.01
N LYS A 96 70.66 45.06 -2.39
CA LYS A 96 71.80 44.50 -3.11
C LYS A 96 72.23 43.15 -2.54
N GLU A 97 72.49 43.08 -1.24
CA GLU A 97 72.94 41.86 -0.59
C GLU A 97 71.86 41.38 0.36
N ASP A 98 71.52 40.10 0.25
CA ASP A 98 70.44 39.55 1.05
C ASP A 98 70.89 39.31 2.50
N ALA A 99 69.91 39.16 3.38
CA ALA A 99 70.21 38.67 4.72
C ALA A 99 70.66 37.22 4.67
N ALA A 100 70.14 36.46 3.70
CA ALA A 100 70.59 35.11 3.35
C ALA A 100 70.45 34.13 4.51
N ASN A 101 69.21 34.05 5.01
CA ASN A 101 68.82 33.21 6.16
C ASN A 101 69.64 33.55 7.39
N ASN A 102 69.90 34.84 7.60
CA ASN A 102 70.54 35.33 8.81
C ASN A 102 69.68 36.44 9.35
N TYR A 103 69.04 36.19 10.51
CA TYR A 103 68.15 37.17 11.12
C TYR A 103 68.90 38.40 11.58
N ALA A 104 70.15 38.24 12.02
CA ALA A 104 70.94 39.38 12.45
C ALA A 104 71.35 40.27 11.29
N ARG A 105 71.37 39.73 10.06
CA ARG A 105 71.64 40.58 8.92
C ARG A 105 70.40 41.37 8.51
N GLY A 106 69.22 40.76 8.57
CA GLY A 106 68.00 41.49 8.29
C GLY A 106 67.61 42.50 9.34
N HIS A 107 68.13 42.34 10.56
CA HIS A 107 67.75 43.20 11.68
C HIS A 107 68.81 44.25 12.01
N TYR A 108 70.07 43.98 11.70
CA TYR A 108 71.17 44.90 12.01
C TYR A 108 71.99 45.32 10.81
N THR A 109 72.31 44.42 9.90
CA THR A 109 73.38 44.70 8.94
C THR A 109 72.91 45.52 7.75
N ILE A 110 72.02 44.95 6.94
CA ILE A 110 71.67 45.54 5.65
C ILE A 110 70.34 46.28 5.73
N GLY A 111 69.36 45.71 6.44
CA GLY A 111 68.03 46.29 6.55
C GLY A 111 67.99 47.67 7.19
N LYS A 112 69.02 48.02 7.98
CA LYS A 112 69.12 49.36 8.54
C LYS A 112 69.42 50.42 7.51
N GLU A 113 69.75 50.04 6.27
CA GLU A 113 70.13 51.06 5.29
C GLU A 113 68.95 51.49 4.44
N ILE A 114 68.15 50.55 3.94
CA ILE A 114 67.07 50.92 3.04
C ILE A 114 65.75 50.99 3.80
N ILE A 115 65.84 51.10 5.13
CA ILE A 115 64.65 51.27 5.96
C ILE A 115 64.02 52.65 5.73
N ASP A 116 64.82 53.63 5.30
CA ASP A 116 64.31 54.99 5.11
C ASP A 116 63.39 55.08 3.91
N LEU A 117 63.68 54.30 2.86
CA LEU A 117 62.91 54.41 1.63
C LEU A 117 61.52 53.81 1.79
N VAL A 118 61.43 52.64 2.40
CA VAL A 118 60.16 51.91 2.47
C VAL A 118 59.19 52.62 3.40
N LEU A 119 59.69 53.15 4.52
CA LEU A 119 58.84 53.90 5.43
C LEU A 119 58.38 55.21 4.84
N ASP A 120 59.17 55.78 3.93
CA ASP A 120 58.77 57.02 3.27
C ASP A 120 57.66 56.77 2.26
N ARG A 121 57.62 55.56 1.69
CA ARG A 121 56.56 55.22 0.75
C ARG A 121 55.21 55.04 1.44
N ILE A 122 55.20 54.83 2.75
CA ILE A 122 53.95 54.64 3.47
C ILE A 122 53.16 55.93 3.55
N ARG A 123 53.83 57.02 3.94
CA ARG A 123 53.15 58.30 4.07
C ARG A 123 52.79 58.86 2.70
N LYS A 124 53.56 58.51 1.66
CA LYS A 124 53.16 58.85 0.30
C LYS A 124 51.89 58.12 -0.11
N LEU A 125 51.65 56.93 0.44
CA LEU A 125 50.37 56.28 0.24
C LEU A 125 49.34 56.79 1.23
N ALA A 126 49.77 57.24 2.40
CA ALA A 126 48.84 57.68 3.44
C ALA A 126 48.26 59.05 3.17
N ASP A 127 48.69 59.74 2.11
CA ASP A 127 48.05 60.99 1.73
C ASP A 127 46.62 60.74 1.27
N GLN A 128 46.45 59.94 0.22
CA GLN A 128 45.14 59.67 -0.35
C GLN A 128 44.29 58.79 0.53
N CYS A 129 44.89 58.08 1.48
CA CYS A 129 44.11 57.30 2.43
C CYS A 129 43.53 58.20 3.51
N THR A 130 42.27 57.98 3.82
CA THR A 130 41.69 58.67 4.96
C THR A 130 41.01 57.71 5.94
N GLY A 131 40.39 56.64 5.45
CA GLY A 131 39.86 55.60 6.31
C GLY A 131 40.86 54.48 6.45
N LEU A 132 42.01 54.78 7.05
CA LEU A 132 43.06 53.79 7.22
C LEU A 132 42.65 52.80 8.29
N GLN A 133 42.35 51.56 7.88
CA GLN A 133 41.74 50.59 8.78
C GLN A 133 42.54 49.32 9.01
N GLY A 134 43.70 49.16 8.38
CA GLY A 134 44.49 47.97 8.60
C GLY A 134 45.70 47.93 7.69
N PHE A 135 46.72 47.22 8.15
CA PHE A 135 47.93 46.97 7.38
C PHE A 135 48.04 45.49 7.06
N LEU A 136 48.72 45.20 5.95
CA LEU A 136 48.95 43.83 5.51
C LEU A 136 50.45 43.62 5.34
N VAL A 137 51.01 42.69 6.12
CA VAL A 137 52.43 42.37 6.05
C VAL A 137 52.54 40.88 5.75
N PHE A 138 52.78 40.54 4.48
CA PHE A 138 52.94 39.14 4.07
C PHE A 138 54.39 38.75 4.29
N HIS A 139 54.69 38.24 5.48
CA HIS A 139 56.07 37.91 5.81
C HIS A 139 56.15 36.47 6.27
N SER A 140 57.19 35.78 5.84
CA SER A 140 57.44 34.43 6.32
C SER A 140 58.42 34.46 7.48
N PHE A 141 58.46 33.36 8.24
CA PHE A 141 59.44 33.20 9.28
C PHE A 141 60.62 32.34 8.84
N GLY A 142 60.60 31.86 7.60
CA GLY A 142 61.66 31.01 7.11
C GLY A 142 62.90 31.79 6.72
N GLY A 143 62.76 32.67 5.73
CA GLY A 143 63.89 33.42 5.27
C GLY A 143 64.27 34.54 6.22
N GLY A 144 65.55 34.90 6.18
CA GLY A 144 66.05 35.96 7.03
C GLY A 144 65.52 37.32 6.66
N THR A 145 65.31 37.57 5.36
CA THR A 145 64.81 38.86 4.92
C THR A 145 63.34 39.03 5.30
N GLY A 146 62.56 37.96 5.20
CA GLY A 146 61.16 38.02 5.60
C GLY A 146 60.94 38.07 7.10
N SER A 147 61.99 37.88 7.90
CA SER A 147 61.90 37.96 9.35
C SER A 147 62.72 39.10 9.92
N GLY A 148 63.92 39.33 9.39
CA GLY A 148 64.77 40.37 9.93
C GLY A 148 64.27 41.77 9.60
N PHE A 149 63.75 41.95 8.40
CA PHE A 149 63.13 43.22 8.05
C PHE A 149 61.79 43.39 8.75
N THR A 150 61.13 42.29 9.11
CA THR A 150 59.80 42.35 9.71
C THR A 150 59.85 43.00 11.09
N SER A 151 60.89 42.72 11.86
CA SER A 151 61.02 43.32 13.18
C SER A 151 61.37 44.80 13.09
N LEU A 152 62.22 45.17 12.13
CA LEU A 152 62.61 46.56 11.98
C LEU A 152 61.46 47.40 11.43
N LEU A 153 60.57 46.80 10.64
CA LEU A 153 59.49 47.53 10.02
C LEU A 153 58.39 47.88 11.02
N MET A 154 58.04 46.94 11.90
CA MET A 154 56.89 47.12 12.77
C MET A 154 57.16 48.06 13.93
N GLU A 155 58.43 48.34 14.23
CA GLU A 155 58.75 49.22 15.35
C GLU A 155 58.38 50.66 15.06
N ARG A 156 58.57 51.09 13.81
CA ARG A 156 58.34 52.49 13.48
C ARG A 156 56.87 52.81 13.31
N LEU A 157 56.05 51.80 13.00
CA LEU A 157 54.66 52.05 12.64
C LEU A 157 53.80 52.35 13.86
N SER A 158 54.05 51.68 14.98
CA SER A 158 53.39 52.04 16.22
C SER A 158 53.90 53.37 16.76
N VAL A 159 55.12 53.76 16.39
CA VAL A 159 55.55 55.13 16.60
C VAL A 159 54.87 56.06 15.60
N ASP A 160 54.65 55.58 14.37
CA ASP A 160 53.97 56.39 13.36
C ASP A 160 52.49 56.53 13.68
N TYR A 161 51.78 55.42 13.81
CA TYR A 161 50.34 55.46 13.98
C TYR A 161 49.89 55.10 15.39
N GLY A 162 50.28 53.92 15.87
CA GLY A 162 49.92 53.52 17.23
C GLY A 162 48.51 53.00 17.37
N LYS A 163 47.53 53.78 16.92
CA LYS A 163 46.13 53.40 17.06
C LYS A 163 45.62 52.59 15.88
N LYS A 164 46.31 52.64 14.74
CA LYS A 164 45.79 51.99 13.55
C LYS A 164 46.10 50.50 13.57
N SER A 165 45.35 49.76 12.76
CA SER A 165 45.41 48.30 12.78
C SER A 165 46.57 47.77 11.94
N LYS A 166 47.20 46.71 12.44
CA LYS A 166 48.37 46.11 11.80
C LYS A 166 48.20 44.59 11.81
N LEU A 167 47.97 44.02 10.63
CA LEU A 167 47.69 42.59 10.49
C LEU A 167 48.80 41.92 9.69
N GLU A 168 49.08 40.66 10.04
CA GLU A 168 50.20 39.91 9.46
C GLU A 168 49.71 38.55 9.01
N PHE A 169 49.51 38.37 7.70
CA PHE A 169 49.17 37.07 7.13
C PHE A 169 50.48 36.33 6.87
N SER A 170 50.91 35.59 7.87
CA SER A 170 52.26 35.04 7.89
C SER A 170 52.27 33.57 7.50
N ILE A 171 53.47 32.99 7.48
CA ILE A 171 53.67 31.58 7.13
C ILE A 171 54.41 30.91 8.28
N TYR A 172 53.79 29.91 8.86
CA TYR A 172 54.36 29.23 10.01
C TYR A 172 55.40 28.20 9.55
N PRO A 173 56.53 28.10 10.24
CA PRO A 173 57.55 27.10 9.86
C PRO A 173 57.13 25.70 10.27
N ALA A 174 57.33 24.75 9.35
CA ALA A 174 56.75 23.42 9.47
C ALA A 174 57.50 22.56 10.48
N PRO A 175 56.78 21.72 11.24
CA PRO A 175 57.46 20.88 12.23
C PRO A 175 58.21 19.70 11.62
N GLN A 176 57.81 19.21 10.45
CA GLN A 176 58.53 18.10 9.83
C GLN A 176 59.21 18.52 8.53
N VAL A 177 58.48 19.06 7.56
CA VAL A 177 59.08 19.37 6.28
C VAL A 177 59.73 20.75 6.39
N SER A 178 60.97 20.78 6.83
CA SER A 178 61.65 22.03 7.13
C SER A 178 62.87 22.17 6.24
N THR A 179 62.94 23.29 5.51
CA THR A 179 63.94 23.48 4.47
C THR A 179 65.28 23.95 5.03
N ALA A 180 65.31 25.12 5.66
CA ALA A 180 66.57 25.68 6.09
C ALA A 180 66.97 25.12 7.45
N VAL A 181 68.09 25.60 7.97
CA VAL A 181 68.67 25.07 9.19
C VAL A 181 68.35 25.94 10.39
N VAL A 182 68.53 27.25 10.27
CA VAL A 182 68.38 28.16 11.40
C VAL A 182 66.96 28.73 11.48
N GLU A 183 66.01 28.08 10.82
CA GLU A 183 64.58 28.39 11.03
C GLU A 183 64.09 28.28 12.47
N PRO A 184 64.59 27.39 13.34
CA PRO A 184 64.27 27.55 14.77
C PRO A 184 64.81 28.82 15.40
N TYR A 185 65.93 29.35 14.89
CA TYR A 185 66.46 30.58 15.44
C TYR A 185 65.65 31.81 15.08
N ASN A 186 64.83 31.74 14.02
CA ASN A 186 64.07 32.91 13.60
C ASN A 186 62.92 33.21 14.56
N SER A 187 62.24 32.18 15.03
CA SER A 187 60.96 32.36 15.69
C SER A 187 61.11 32.94 17.10
N ILE A 188 62.15 32.51 17.83
CA ILE A 188 62.32 33.00 19.18
C ILE A 188 62.77 34.46 19.18
N LEU A 189 63.57 34.84 18.17
CA LEU A 189 64.06 36.21 18.12
C LEU A 189 62.97 37.19 17.68
N THR A 190 62.09 36.77 16.79
CA THR A 190 61.03 37.64 16.28
C THR A 190 59.84 37.73 17.21
N THR A 191 59.86 37.01 18.33
CA THR A 191 58.69 36.92 19.20
C THR A 191 58.41 38.24 19.90
N HIS A 192 59.45 38.93 20.34
CA HIS A 192 59.27 40.16 21.11
C HIS A 192 58.70 41.28 20.26
N THR A 193 58.95 41.27 18.96
CA THR A 193 58.40 42.31 18.11
C THR A 193 56.92 42.07 17.82
N THR A 194 56.59 40.89 17.27
CA THR A 194 55.24 40.62 16.82
C THR A 194 54.27 40.35 17.96
N LEU A 195 54.74 40.25 19.19
CA LEU A 195 53.82 40.20 20.31
C LEU A 195 53.62 41.60 20.90
N GLU A 196 54.49 42.54 20.56
CA GLU A 196 54.38 43.90 21.07
C GLU A 196 54.03 44.92 20.01
N HIS A 197 53.80 44.52 18.76
CA HIS A 197 53.38 45.48 17.76
C HIS A 197 52.15 45.02 17.01
N SER A 198 52.06 43.73 16.71
CA SER A 198 51.02 43.23 15.82
C SER A 198 49.71 43.08 16.59
N ASP A 199 48.64 43.61 16.01
CA ASP A 199 47.34 43.52 16.65
C ASP A 199 46.75 42.13 16.55
N CYS A 200 46.94 41.45 15.43
CA CYS A 200 46.45 40.08 15.25
C CYS A 200 47.28 39.38 14.19
N ALA A 201 48.23 38.55 14.61
CA ALA A 201 49.03 37.77 13.68
C ALA A 201 48.27 36.53 13.24
N PHE A 202 48.71 35.95 12.13
CA PHE A 202 48.06 34.81 11.51
C PHE A 202 49.09 33.76 11.15
N MET A 203 48.89 32.53 11.62
CA MET A 203 49.78 31.42 11.34
C MET A 203 49.19 30.55 10.25
N VAL A 204 50.01 30.19 9.26
CA VAL A 204 49.65 29.23 8.22
C VAL A 204 50.84 28.31 8.01
N ASP A 205 50.64 27.01 8.17
CA ASP A 205 51.69 26.03 7.95
C ASP A 205 51.65 25.52 6.51
N ASN A 206 52.84 25.23 5.97
CA ASN A 206 52.93 24.63 4.65
C ASN A 206 52.43 23.19 4.65
N GLU A 207 52.56 22.50 5.79
CA GLU A 207 52.42 21.05 5.81
C GLU A 207 50.99 20.58 5.64
N ALA A 208 50.03 21.29 6.23
CA ALA A 208 48.63 20.91 6.06
C ALA A 208 48.09 21.19 4.67
N ILE A 209 48.77 22.07 3.91
CA ILE A 209 48.33 22.40 2.56
C ILE A 209 48.51 21.22 1.62
N TYR A 210 49.53 20.37 1.88
CA TYR A 210 49.87 19.30 0.95
C TYR A 210 48.76 18.26 0.83
N ASP A 211 48.25 17.77 1.97
CA ASP A 211 47.20 16.76 1.93
C ASP A 211 45.89 17.34 1.41
N ILE A 212 45.67 18.64 1.62
CA ILE A 212 44.56 19.33 0.98
C ILE A 212 44.75 19.34 -0.54
N CYS A 213 45.99 19.58 -0.99
CA CYS A 213 46.28 19.46 -2.40
C CYS A 213 46.23 18.02 -2.87
N ARG A 214 46.76 17.10 -2.06
CA ARG A 214 46.85 15.69 -2.45
C ARG A 214 45.47 15.05 -2.50
N ARG A 215 44.77 15.03 -1.36
CA ARG A 215 43.49 14.35 -1.31
C ARG A 215 42.37 15.21 -1.88
N ASN A 216 42.13 16.36 -1.27
CA ASN A 216 40.94 17.15 -1.58
C ASN A 216 41.03 17.86 -2.92
N LEU A 217 42.23 18.03 -3.46
CA LEU A 217 42.40 18.71 -4.75
C LEU A 217 42.94 17.79 -5.84
N ASP A 218 43.06 16.50 -5.56
CA ASP A 218 43.34 15.44 -6.53
C ASP A 218 44.70 15.58 -7.23
N ILE A 219 45.61 16.39 -6.71
CA ILE A 219 46.94 16.54 -7.28
C ILE A 219 47.93 16.27 -6.15
N GLU A 220 48.56 15.09 -6.18
CA GLU A 220 49.44 14.67 -5.10
C GLU A 220 50.71 15.49 -5.02
N ARG A 221 51.13 16.10 -6.13
CA ARG A 221 52.40 16.81 -6.22
C ARG A 221 52.12 18.29 -6.48
N PRO A 222 52.02 19.10 -5.45
CA PRO A 222 51.63 20.50 -5.63
C PRO A 222 52.83 21.35 -6.03
N THR A 223 52.51 22.54 -6.53
CA THR A 223 53.50 23.55 -6.86
C THR A 223 53.29 24.77 -5.97
N TYR A 224 54.37 25.53 -5.75
CA TYR A 224 54.29 26.76 -4.96
C TYR A 224 53.39 27.80 -5.58
N THR A 225 53.19 27.74 -6.90
CA THR A 225 52.16 28.56 -7.54
C THR A 225 50.77 28.17 -7.04
N ASN A 226 50.56 26.89 -6.75
CA ASN A 226 49.26 26.45 -6.27
C ASN A 226 49.11 26.58 -4.76
N LEU A 227 50.21 26.58 -4.00
CA LEU A 227 50.13 26.83 -2.57
C LEU A 227 49.66 28.26 -2.28
N ASN A 228 50.02 29.21 -3.13
CA ASN A 228 49.62 30.59 -2.89
C ASN A 228 48.15 30.82 -3.23
N ARG A 229 47.58 29.97 -4.09
CA ARG A 229 46.18 30.12 -4.47
C ARG A 229 45.23 29.85 -3.31
N LEU A 230 45.65 29.02 -2.36
CA LEU A 230 44.79 28.71 -1.22
C LEU A 230 44.73 29.86 -0.23
N ILE A 231 45.86 30.51 0.05
CA ILE A 231 45.86 31.60 1.00
C ILE A 231 45.27 32.85 0.38
N SER A 232 45.41 33.03 -0.93
CA SER A 232 44.88 34.20 -1.61
C SER A 232 43.35 34.23 -1.59
N GLN A 233 42.71 33.08 -1.51
CA GLN A 233 41.26 33.07 -1.34
C GLN A 233 40.87 33.48 0.07
N ILE A 234 41.74 33.22 1.05
CA ILE A 234 41.44 33.58 2.43
C ILE A 234 41.49 35.09 2.60
N VAL A 235 42.51 35.73 2.04
CA VAL A 235 42.76 37.15 2.23
C VAL A 235 41.64 37.98 1.59
N SER A 236 41.08 37.47 0.48
CA SER A 236 39.99 38.18 -0.17
C SER A 236 38.72 38.15 0.66
N SER A 237 38.36 36.97 1.19
CA SER A 237 37.11 36.85 1.93
C SER A 237 37.17 37.48 3.32
N ILE A 238 38.36 37.77 3.82
CA ILE A 238 38.47 38.60 5.01
C ILE A 238 38.09 40.03 4.67
N THR A 239 38.43 40.47 3.47
CA THR A 239 38.09 41.81 3.00
C THR A 239 36.76 41.85 2.28
N ALA A 240 35.93 40.81 2.40
CA ALA A 240 34.68 40.73 1.65
C ALA A 240 33.61 41.67 2.18
N SER A 241 33.79 42.25 3.37
CA SER A 241 32.82 43.20 3.87
C SER A 241 33.15 44.62 3.43
N LEU A 242 34.45 44.93 3.31
CA LEU A 242 34.85 46.27 2.89
C LEU A 242 34.62 46.49 1.41
N ARG A 243 35.04 45.54 0.59
CA ARG A 243 35.02 45.71 -0.87
C ARG A 243 33.64 45.55 -1.46
N PHE A 244 32.66 45.08 -0.71
CA PHE A 244 31.33 44.81 -1.25
C PHE A 244 30.30 45.10 -0.17
N ASP A 245 29.09 44.60 -0.39
CA ASP A 245 27.97 44.80 0.51
C ASP A 245 27.22 43.50 0.72
N GLY A 246 27.29 42.97 1.94
CA GLY A 246 26.42 41.88 2.34
C GLY A 246 25.45 42.34 3.39
N ALA A 247 24.52 41.48 3.81
CA ALA A 247 23.56 41.87 4.84
C ALA A 247 24.20 42.00 6.21
N LEU A 248 25.33 41.34 6.43
CA LEU A 248 26.06 41.43 7.70
C LEU A 248 27.52 41.63 7.36
N ASN A 249 27.91 42.90 7.18
CA ASN A 249 29.28 43.24 6.86
C ASN A 249 30.07 43.47 8.14
N VAL A 250 31.14 42.71 8.30
CA VAL A 250 31.96 42.76 9.50
C VAL A 250 33.29 43.41 9.10
N ASP A 251 33.53 44.63 9.58
CA ASP A 251 34.73 45.33 9.17
C ASP A 251 35.92 44.93 10.05
N LEU A 252 37.11 45.30 9.60
CA LEU A 252 38.36 44.83 10.20
C LEU A 252 38.64 45.45 11.56
N THR A 253 37.91 46.49 11.95
CA THR A 253 38.04 46.99 13.31
C THR A 253 37.41 46.01 14.31
N GLU A 254 36.37 45.30 13.88
CA GLU A 254 35.62 44.45 14.79
C GLU A 254 36.34 43.15 15.11
N PHE A 255 37.08 42.59 14.14
CA PHE A 255 37.74 41.30 14.28
C PHE A 255 38.77 41.31 15.41
N GLN A 256 39.58 42.36 15.46
CA GLN A 256 40.54 42.48 16.55
C GLN A 256 39.86 42.79 17.88
N THR A 257 38.64 43.30 17.86
CA THR A 257 37.86 43.46 19.07
C THR A 257 37.05 42.21 19.41
N ASN A 258 36.59 41.48 18.41
CA ASN A 258 35.87 40.23 18.68
C ASN A 258 36.82 39.12 19.11
N LEU A 259 37.83 38.82 18.30
CA LEU A 259 38.61 37.60 18.46
C LEU A 259 39.63 37.66 19.58
N VAL A 260 39.77 38.78 20.26
CA VAL A 260 40.84 38.98 21.24
C VAL A 260 40.20 39.17 22.60
N PRO A 261 40.24 38.16 23.47
CA PRO A 261 39.73 38.33 24.83
C PRO A 261 40.74 38.99 25.76
N TYR A 262 42.03 38.81 25.45
CA TYR A 262 43.11 39.38 26.23
C TYR A 262 44.16 39.81 25.20
N PRO A 263 44.74 41.00 25.35
CA PRO A 263 45.44 41.64 24.23
C PRO A 263 46.74 40.98 23.84
N ARG A 264 47.19 39.95 24.55
CA ARG A 264 48.34 39.19 24.10
C ARG A 264 47.94 38.07 23.17
N ILE A 265 46.79 37.45 23.44
CA ILE A 265 46.30 36.33 22.63
C ILE A 265 45.72 36.90 21.35
N HIS A 266 46.50 36.82 20.27
CA HIS A 266 46.06 37.32 18.97
C HIS A 266 46.53 36.39 17.85
N PHE A 267 46.41 35.08 18.07
CA PHE A 267 46.89 34.09 17.11
C PHE A 267 45.77 33.12 16.72
N PRO A 268 44.90 33.51 15.79
CA PRO A 268 43.94 32.56 15.26
C PRO A 268 44.56 31.80 14.09
N LEU A 269 43.74 30.97 13.45
CA LEU A 269 44.15 30.26 12.26
C LEU A 269 43.06 30.34 11.21
N ALA A 270 43.48 30.37 9.95
CA ALA A 270 42.58 30.48 8.83
C ALA A 270 42.13 29.11 8.36
N THR A 271 40.89 29.02 7.89
CA THR A 271 40.36 27.78 7.36
C THR A 271 39.42 28.11 6.22
N TYR A 272 39.82 27.75 5.01
CA TYR A 272 38.98 27.94 3.84
C TYR A 272 38.22 26.66 3.55
N ALA A 273 36.95 26.81 3.20
CA ALA A 273 36.07 25.68 2.93
C ALA A 273 34.90 26.20 2.11
N PRO A 274 34.34 25.41 1.18
CA PRO A 274 34.70 24.05 0.79
C PRO A 274 35.87 24.00 -0.18
N VAL A 275 36.72 23.01 -0.01
CA VAL A 275 37.87 22.79 -0.89
C VAL A 275 37.58 21.52 -1.68
N ILE A 276 37.20 21.69 -2.94
CA ILE A 276 36.81 20.59 -3.80
C ILE A 276 37.67 20.64 -5.06
N SER A 277 37.56 19.58 -5.86
CA SER A 277 38.19 19.54 -7.17
C SER A 277 37.14 19.77 -8.24
N ALA A 278 37.59 19.77 -9.49
CA ALA A 278 36.68 20.03 -10.60
C ALA A 278 35.78 18.84 -10.85
N GLU A 279 36.32 17.62 -10.78
CA GLU A 279 35.49 16.43 -10.98
C GLU A 279 34.58 16.18 -9.79
N LYS A 280 34.95 16.66 -8.60
CA LYS A 280 34.13 16.49 -7.41
C LYS A 280 33.25 17.72 -7.17
N ALA A 281 33.10 18.58 -8.18
CA ALA A 281 32.16 19.68 -8.09
C ALA A 281 30.73 19.18 -8.06
N TYR A 282 30.48 18.04 -8.68
CA TYR A 282 29.21 17.34 -8.55
C TYR A 282 29.33 16.36 -7.39
N HIS A 283 28.36 15.43 -7.28
CA HIS A 283 28.25 14.45 -6.20
C HIS A 283 28.20 15.12 -4.83
N GLU A 284 27.59 16.30 -4.77
CA GLU A 284 27.54 17.15 -3.59
C GLU A 284 26.51 18.23 -3.85
N GLN A 285 26.13 18.93 -2.78
CA GLN A 285 25.22 20.06 -2.89
C GLN A 285 25.67 21.30 -2.15
N LEU A 286 26.55 21.17 -1.15
CA LEU A 286 27.28 22.25 -0.51
C LEU A 286 26.34 23.25 0.18
N SER A 287 25.43 22.70 0.98
CA SER A 287 24.55 23.56 1.77
C SER A 287 25.34 24.18 2.92
N VAL A 288 24.73 25.20 3.53
CA VAL A 288 25.42 25.97 4.57
C VAL A 288 25.60 25.19 5.86
N ALA A 289 24.84 24.11 6.07
CA ALA A 289 25.09 23.24 7.20
C ALA A 289 26.07 22.13 6.86
N GLU A 290 26.17 21.78 5.58
CA GLU A 290 27.08 20.73 5.16
C GLU A 290 28.53 21.18 5.28
N ILE A 291 28.83 22.39 4.82
CA ILE A 291 30.22 22.79 4.68
C ILE A 291 30.84 23.25 5.99
N THR A 292 30.03 23.75 6.93
CA THR A 292 30.57 24.24 8.18
C THR A 292 31.02 23.12 9.12
N ASN A 293 30.46 21.91 8.97
CA ASN A 293 31.03 20.78 9.68
C ASN A 293 32.37 20.38 9.09
N ALA A 294 32.57 20.59 7.78
CA ALA A 294 33.86 20.34 7.17
C ALA A 294 34.89 21.39 7.58
N CYS A 295 34.45 22.53 8.08
CA CYS A 295 35.37 23.54 8.58
C CYS A 295 36.09 23.05 9.82
N PHE A 296 35.35 22.45 10.75
CA PHE A 296 35.94 21.93 11.99
C PHE A 296 36.55 20.55 11.82
N GLU A 297 36.63 20.04 10.60
CA GLU A 297 37.38 18.83 10.35
C GLU A 297 38.87 19.13 10.47
N PRO A 298 39.65 18.31 11.17
CA PRO A 298 41.07 18.62 11.36
C PRO A 298 41.90 18.55 10.10
N ALA A 299 41.49 17.76 9.12
CA ALA A 299 42.27 17.62 7.91
C ALA A 299 41.91 18.63 6.83
N ASN A 300 41.05 19.59 7.13
CA ASN A 300 40.73 20.65 6.19
C ASN A 300 41.37 21.98 6.53
N GLN A 301 41.86 22.14 7.76
CA GLN A 301 42.52 23.38 8.15
C GLN A 301 43.92 23.44 7.56
N MET A 302 44.53 24.62 7.63
CA MET A 302 45.84 24.84 7.04
C MET A 302 46.93 24.99 8.09
N VAL A 303 46.66 24.56 9.32
CA VAL A 303 47.64 24.56 10.40
C VAL A 303 47.69 23.16 10.99
N LYS A 304 48.90 22.62 11.14
CA LYS A 304 49.07 21.27 11.67
C LYS A 304 48.87 21.32 13.20
N CYS A 305 47.62 21.40 13.60
CA CYS A 305 47.21 21.37 15.00
C CYS A 305 45.86 20.70 15.07
N ASP A 306 45.74 19.67 15.91
CA ASP A 306 44.46 19.00 16.07
C ASP A 306 43.53 19.83 16.94
N PRO A 307 42.36 20.24 16.43
CA PRO A 307 41.48 21.08 17.24
C PRO A 307 40.82 20.37 18.40
N ARG A 308 40.84 19.04 18.44
CA ARG A 308 40.34 18.29 19.59
C ARG A 308 41.43 17.97 20.58
N HIS A 309 42.52 18.75 20.59
CA HIS A 309 43.53 18.68 21.64
C HIS A 309 43.50 19.89 22.55
N GLY A 310 42.50 20.75 22.41
CA GLY A 310 42.36 21.92 23.25
C GLY A 310 40.93 22.41 23.29
N LYS A 311 40.74 23.71 23.46
CA LYS A 311 39.41 24.30 23.48
C LYS A 311 39.42 25.58 22.65
N TYR A 312 38.25 25.94 22.13
CA TYR A 312 38.08 27.16 21.35
C TYR A 312 37.80 28.33 22.27
N MET A 313 38.59 29.39 22.13
CA MET A 313 38.32 30.63 22.84
C MET A 313 37.33 31.52 22.09
N ALA A 314 37.48 31.61 20.77
CA ALA A 314 36.58 32.39 19.94
C ALA A 314 36.60 31.82 18.53
N CYS A 315 35.49 31.96 17.82
CA CYS A 315 35.37 31.45 16.46
C CYS A 315 34.71 32.52 15.58
N CYS A 316 35.15 32.58 14.32
CA CYS A 316 34.59 33.51 13.36
C CYS A 316 34.30 32.78 12.06
N LEU A 317 33.25 33.21 11.37
CA LEU A 317 32.80 32.57 10.14
C LEU A 317 32.45 33.64 9.13
N LEU A 318 33.19 33.71 8.03
CA LEU A 318 32.98 34.71 7.01
C LEU A 318 32.42 34.02 5.76
N TYR A 319 31.11 34.18 5.55
CA TYR A 319 30.42 33.53 4.45
C TYR A 319 30.41 34.44 3.22
N ARG A 320 30.28 33.81 2.07
CA ARG A 320 30.06 34.54 0.82
C ARG A 320 29.31 33.63 -0.14
N GLY A 321 28.88 34.20 -1.26
CA GLY A 321 28.16 33.43 -2.25
C GLY A 321 26.65 33.57 -2.17
N ASP A 322 25.99 32.58 -1.58
CA ASP A 322 24.54 32.60 -1.44
C ASP A 322 24.21 32.00 -0.08
N VAL A 323 23.78 32.85 0.85
CA VAL A 323 23.67 32.49 2.26
C VAL A 323 22.40 33.13 2.83
N VAL A 324 21.59 32.33 3.51
CA VAL A 324 20.46 32.81 4.30
C VAL A 324 20.80 32.58 5.77
N PRO A 325 20.66 33.60 6.63
CA PRO A 325 21.16 33.49 8.01
C PRO A 325 20.40 32.50 8.88
N LYS A 326 19.08 32.36 8.66
CA LYS A 326 18.31 31.38 9.40
C LYS A 326 18.77 29.96 9.05
N ASP A 327 19.16 29.74 7.80
CA ASP A 327 19.74 28.46 7.42
C ASP A 327 21.10 28.26 8.06
N VAL A 328 21.82 29.35 8.32
CA VAL A 328 23.07 29.26 9.06
C VAL A 328 22.79 29.18 10.56
N ASN A 329 21.67 29.75 11.01
CA ASN A 329 21.28 29.70 12.42
C ASN A 329 21.08 28.27 12.88
N ALA A 330 20.50 27.42 12.04
CA ALA A 330 20.40 26.01 12.37
C ALA A 330 21.75 25.32 12.30
N ALA A 331 22.65 25.81 11.43
CA ALA A 331 23.96 25.18 11.30
C ALA A 331 24.83 25.46 12.51
N ILE A 332 24.74 26.67 13.06
CA ILE A 332 25.52 27.00 14.25
C ILE A 332 24.93 26.31 15.48
N ALA A 333 23.62 26.07 15.48
CA ALA A 333 22.97 25.38 16.59
C ALA A 333 23.41 23.92 16.68
N THR A 334 23.85 23.33 15.57
CA THR A 334 24.36 21.96 15.62
C THR A 334 25.71 21.90 16.32
N ILE A 335 26.58 22.87 16.04
CA ILE A 335 27.96 22.77 16.48
C ILE A 335 28.08 23.04 17.98
N LYS A 336 27.18 23.86 18.54
CA LYS A 336 27.14 23.98 20.00
C LYS A 336 26.56 22.74 20.64
N THR A 337 25.68 22.03 19.94
CA THR A 337 25.08 20.80 20.46
C THR A 337 25.83 19.57 19.95
N LYS A 338 27.14 19.55 20.22
CA LYS A 338 27.96 18.37 20.02
C LYS A 338 28.88 18.23 21.22
N ARG A 339 29.73 17.22 21.20
CA ARG A 339 30.59 16.93 22.35
C ARG A 339 32.07 16.85 22.02
N SER A 340 32.41 16.31 20.85
CA SER A 340 33.82 16.27 20.45
C SER A 340 34.32 17.66 20.07
N ILE A 341 33.42 18.52 19.60
CA ILE A 341 33.71 19.94 19.44
C ILE A 341 33.26 20.65 20.71
N GLN A 342 34.19 21.32 21.39
CA GLN A 342 33.87 21.95 22.66
C GLN A 342 34.63 23.26 22.78
N PHE A 343 34.02 24.20 23.48
CA PHE A 343 34.58 25.53 23.65
C PHE A 343 35.32 25.65 24.98
N VAL A 344 36.01 26.78 25.13
CA VAL A 344 36.22 27.35 26.45
C VAL A 344 34.86 27.66 27.06
N ASP A 345 34.60 27.10 28.24
CA ASP A 345 33.24 27.10 28.78
C ASP A 345 32.82 28.48 29.24
N TRP A 346 33.73 29.28 29.79
CA TRP A 346 33.32 30.58 30.28
C TRP A 346 33.14 31.62 29.15
N CYS A 347 33.32 31.24 27.89
CA CYS A 347 32.96 32.07 26.75
C CYS A 347 31.82 31.39 26.00
N PRO A 348 30.56 31.56 26.41
CA PRO A 348 29.46 30.87 25.74
C PRO A 348 29.00 31.53 24.46
N THR A 349 29.40 32.77 24.20
CA THR A 349 29.05 33.47 22.96
C THR A 349 30.29 33.46 22.08
N GLY A 350 30.46 32.39 21.32
CA GLY A 350 31.69 32.19 20.60
C GLY A 350 31.58 32.10 19.10
N PHE A 351 30.79 32.98 18.48
CA PHE A 351 30.65 32.97 17.03
C PHE A 351 30.62 34.40 16.50
N LYS A 352 31.28 34.61 15.38
CA LYS A 352 31.18 35.86 14.65
C LYS A 352 30.86 35.54 13.20
N VAL A 353 29.70 35.96 12.74
CA VAL A 353 29.17 35.59 11.44
C VAL A 353 29.29 36.78 10.52
N GLY A 354 29.70 36.53 9.28
CA GLY A 354 29.75 37.59 8.28
C GLY A 354 29.30 37.09 6.92
N ILE A 355 28.31 37.74 6.33
CA ILE A 355 27.70 37.30 5.09
C ILE A 355 27.92 38.36 4.03
N ASN A 356 28.41 37.94 2.87
CA ASN A 356 28.51 38.81 1.71
C ASN A 356 27.77 38.15 0.55
N TYR A 357 27.04 38.95 -0.22
CA TYR A 357 26.31 38.42 -1.36
C TYR A 357 27.14 38.51 -2.63
N GLN A 358 28.38 38.02 -2.57
CA GLN A 358 29.26 37.99 -3.72
C GLN A 358 29.83 36.59 -3.86
N PRO A 359 29.88 36.03 -5.06
CA PRO A 359 30.35 34.66 -5.22
C PRO A 359 31.86 34.59 -5.07
N PRO A 360 32.39 33.46 -4.60
CA PRO A 360 33.85 33.28 -4.61
C PRO A 360 34.36 33.14 -6.03
N THR A 361 35.15 34.11 -6.46
CA THR A 361 35.65 34.11 -7.82
C THR A 361 36.71 33.02 -8.00
N VAL A 362 36.93 32.65 -9.24
CA VAL A 362 37.82 31.56 -9.59
C VAL A 362 39.05 32.13 -10.28
N VAL A 363 40.20 31.52 -10.02
CA VAL A 363 41.46 31.87 -10.67
C VAL A 363 41.88 30.69 -11.54
N PRO A 364 42.28 30.90 -12.79
CA PRO A 364 42.76 29.80 -13.64
C PRO A 364 44.08 29.22 -13.16
N VAL A 371 32.09 27.91 -8.11
CA VAL A 371 31.18 27.27 -7.17
C VAL A 371 30.12 28.29 -6.71
N GLN A 372 29.25 27.88 -5.80
CA GLN A 372 28.21 28.77 -5.29
C GLN A 372 28.72 29.61 -4.12
N ARG A 373 29.16 28.98 -3.05
CA ARG A 373 29.43 29.66 -1.79
C ARG A 373 30.77 29.22 -1.23
N ALA A 374 31.27 30.01 -0.27
CA ALA A 374 32.55 29.73 0.37
C ALA A 374 32.53 30.24 1.80
N VAL A 375 33.36 29.62 2.64
CA VAL A 375 33.45 29.91 4.07
C VAL A 375 34.91 30.11 4.43
N CYS A 376 35.22 31.22 5.09
CA CYS A 376 36.48 31.38 5.79
C CYS A 376 36.21 31.27 7.28
N MET A 377 36.92 30.36 7.95
CA MET A 377 36.77 30.16 9.38
C MET A 377 38.00 30.66 10.10
N LEU A 378 37.78 31.50 11.11
CA LEU A 378 38.84 32.07 11.93
C LEU A 378 38.55 31.64 13.37
N SER A 379 39.38 30.75 13.90
CA SER A 379 39.13 30.16 15.21
C SER A 379 40.34 30.41 16.11
N ASN A 380 40.23 31.41 16.98
CA ASN A 380 41.24 31.65 18.01
C ASN A 380 41.05 30.60 19.09
N THR A 381 41.88 29.56 19.07
CA THR A 381 41.70 28.41 19.93
C THR A 381 42.98 28.12 20.72
N THR A 382 42.89 27.15 21.61
CA THR A 382 44.03 26.68 22.38
C THR A 382 44.74 25.49 21.74
N ALA A 383 44.25 25.04 20.58
CA ALA A 383 44.91 23.97 19.87
C ALA A 383 46.21 24.42 19.21
N ILE A 384 46.38 25.72 19.00
CA ILE A 384 47.58 26.23 18.35
C ILE A 384 48.77 26.24 19.30
N ALA A 385 48.52 26.20 20.62
CA ALA A 385 49.58 26.35 21.60
C ALA A 385 50.55 25.17 21.64
N GLU A 386 50.16 24.02 21.08
CA GLU A 386 51.09 22.90 21.02
C GLU A 386 52.11 23.07 19.90
N ALA A 387 51.80 23.89 18.89
CA ALA A 387 52.74 24.12 17.80
C ALA A 387 53.97 24.90 18.26
N TRP A 388 53.80 25.79 19.24
CA TRP A 388 54.96 26.50 19.79
C TRP A 388 55.86 25.54 20.55
N ALA A 389 55.26 24.60 21.28
CA ALA A 389 56.05 23.63 22.04
C ALA A 389 56.78 22.66 21.12
N ARG A 390 56.23 22.40 19.93
CA ARG A 390 56.95 21.59 18.96
C ARG A 390 58.13 22.36 18.38
N LEU A 391 58.07 23.69 18.40
CA LEU A 391 59.17 24.47 17.87
C LEU A 391 60.15 24.88 18.97
N ASP A 392 59.69 24.94 20.22
CA ASP A 392 60.61 25.13 21.35
C ASP A 392 61.52 23.93 21.52
N HIS A 393 61.02 22.74 21.20
CA HIS A 393 61.84 21.53 21.27
C HIS A 393 62.93 21.54 20.21
N LYS A 394 62.69 22.19 19.07
CA LYS A 394 63.73 22.32 18.06
C LYS A 394 64.80 23.30 18.50
N PHE A 395 64.39 24.39 19.15
CA PHE A 395 65.28 25.49 19.46
C PHE A 395 66.22 25.18 20.63
N ASP A 396 65.84 24.27 21.52
CA ASP A 396 66.64 24.01 22.71
C ASP A 396 67.93 23.29 22.36
N LEU A 397 67.84 22.24 21.55
CA LEU A 397 69.00 21.39 21.29
C LEU A 397 70.02 22.09 20.41
N MET A 398 69.56 22.88 19.45
CA MET A 398 70.47 23.67 18.61
C MET A 398 71.13 24.79 19.39
N TYR A 399 70.53 25.21 20.50
CA TYR A 399 71.14 26.15 21.42
C TYR A 399 71.84 25.45 22.58
N ALA A 400 71.59 24.16 22.77
CA ALA A 400 72.32 23.40 23.79
C ALA A 400 73.78 23.21 23.41
N LYS A 401 74.06 23.05 22.12
CA LYS A 401 75.44 22.97 21.64
C LYS A 401 76.09 24.33 21.50
N ARG A 402 75.34 25.42 21.70
CA ARG A 402 75.70 26.78 21.28
C ARG A 402 76.11 26.80 19.81
N ALA A 403 75.29 26.16 18.99
CA ALA A 403 75.53 26.11 17.56
C ALA A 403 75.09 27.40 16.90
N PHE A 404 75.85 27.83 15.90
CA PHE A 404 75.55 28.98 15.03
C PHE A 404 75.47 30.29 15.81
N VAL A 405 76.13 30.35 16.96
CA VAL A 405 76.20 31.58 17.72
C VAL A 405 77.13 32.58 17.04
N HIS A 406 78.16 32.08 16.36
CA HIS A 406 79.16 32.94 15.73
C HIS A 406 78.68 33.60 14.43
N TRP A 407 77.42 33.44 14.05
CA TRP A 407 76.86 34.20 12.95
C TRP A 407 76.05 35.39 13.44
N TYR A 408 75.20 35.17 14.45
CA TYR A 408 74.44 36.26 15.03
C TYR A 408 75.34 37.19 15.83
N VAL A 409 76.22 36.62 16.66
CA VAL A 409 77.28 37.41 17.28
C VAL A 409 78.26 37.87 16.22
N GLY A 410 78.43 37.08 15.16
CA GLY A 410 79.19 37.53 14.00
C GLY A 410 78.56 38.66 13.24
N GLU A 411 77.28 38.93 13.47
CA GLU A 411 76.60 40.08 12.87
C GLU A 411 75.99 40.98 13.93
N GLY A 412 76.63 41.08 15.09
CA GLY A 412 76.21 42.01 16.12
C GLY A 412 74.93 41.67 16.85
N MET A 413 74.94 40.63 17.69
CA MET A 413 73.79 40.30 18.50
C MET A 413 74.24 39.74 19.84
N GLU A 414 73.54 40.13 20.89
CA GLU A 414 73.82 39.64 22.24
C GLU A 414 73.47 38.16 22.37
N GLU A 415 74.32 37.42 23.10
CA GLU A 415 74.02 36.02 23.41
C GLU A 415 72.81 35.93 24.34
N GLY A 416 72.75 36.80 25.35
CA GLY A 416 71.61 36.83 26.25
C GLY A 416 70.33 37.32 25.62
N GLU A 417 70.42 37.96 24.44
CA GLU A 417 69.21 38.34 23.71
C GLU A 417 68.46 37.11 23.21
N PHE A 418 69.17 36.01 22.96
CA PHE A 418 68.50 34.72 22.84
C PHE A 418 67.87 34.32 24.16
N SER A 419 68.62 34.47 25.26
CA SER A 419 68.15 34.02 26.56
C SER A 419 67.04 34.93 27.10
N GLU A 420 67.07 36.21 26.74
CA GLU A 420 65.98 37.10 27.11
C GLU A 420 64.70 36.71 26.39
N ALA A 421 64.82 36.31 25.12
CA ALA A 421 63.66 35.84 24.37
C ALA A 421 63.35 34.38 24.67
N ARG A 422 64.24 33.67 25.37
CA ARG A 422 64.01 32.27 25.70
C ARG A 422 62.90 32.13 26.73
N GLU A 423 62.96 32.92 27.81
CA GLU A 423 61.89 32.90 28.80
C GLU A 423 60.64 33.59 28.29
N ASP A 424 60.77 34.41 27.25
CA ASP A 424 59.63 35.14 26.71
C ASP A 424 58.62 34.21 26.06
N MET A 425 59.08 33.07 25.53
CA MET A 425 58.14 32.09 24.99
C MET A 425 57.43 31.36 26.12
N ALA A 426 58.09 31.20 27.27
CA ALA A 426 57.48 30.55 28.42
C ALA A 426 56.34 31.38 28.99
N ALA A 427 56.51 32.70 29.03
CA ALA A 427 55.41 33.59 29.40
C ALA A 427 54.33 33.62 28.34
N LEU A 428 54.71 33.37 27.08
CA LEU A 428 53.71 33.23 26.03
C LEU A 428 52.96 31.90 26.15
N GLU A 429 53.68 30.83 26.51
CA GLU A 429 53.08 29.51 26.52
C GLU A 429 52.16 29.34 27.71
N LYS A 430 52.48 29.97 28.84
CA LYS A 430 51.66 29.87 30.04
C LYS A 430 50.36 30.66 29.93
N ASP A 431 50.22 31.49 28.89
CA ASP A 431 48.96 32.20 28.68
C ASP A 431 47.84 31.23 28.31
N TYR A 432 48.07 30.43 27.25
CA TYR A 432 47.04 29.51 26.76
C TYR A 432 46.76 28.39 27.75
N GLU A 433 47.77 28.01 28.54
CA GLU A 433 47.56 27.02 29.60
C GLU A 433 46.66 27.58 30.70
N GLU A 434 46.83 28.87 31.02
CA GLU A 434 46.05 29.49 32.08
C GLU A 434 44.61 29.71 31.65
N VAL A 435 44.40 30.12 30.39
CA VAL A 435 43.05 30.35 29.88
C VAL A 435 42.30 29.03 29.67
N GLY A 436 43.03 27.92 29.48
CA GLY A 436 42.38 26.64 29.23
C GLY A 436 41.58 26.12 30.41
N VAL A 437 42.16 26.19 31.60
CA VAL A 437 41.42 25.83 32.81
C VAL A 437 40.43 26.94 33.15
N ASP A 438 39.45 26.60 33.98
CA ASP A 438 38.40 27.54 34.34
C ASP A 438 38.91 28.61 35.31
N MET B 1 -39.21 81.53 24.49
CA MET B 1 -38.91 82.39 25.62
C MET B 1 -38.14 81.61 26.70
N ARG B 2 -38.22 80.29 26.63
CA ARG B 2 -37.59 79.40 27.60
C ARG B 2 -36.48 78.64 26.91
N GLU B 3 -35.32 78.54 27.56
CA GLU B 3 -34.13 78.02 26.91
C GLU B 3 -33.44 76.98 27.79
N CYS B 4 -32.63 76.15 27.13
CA CYS B 4 -31.86 75.11 27.81
C CYS B 4 -30.65 74.77 26.94
N ILE B 5 -29.49 75.31 27.27
CA ILE B 5 -28.30 75.14 26.46
C ILE B 5 -27.65 73.79 26.75
N SER B 6 -26.70 73.40 25.91
CA SER B 6 -26.06 72.09 26.02
C SER B 6 -24.55 72.23 25.83
N ILE B 7 -23.80 71.46 26.62
CA ILE B 7 -22.34 71.43 26.56
C ILE B 7 -21.93 69.97 26.41
N HIS B 8 -20.90 69.72 25.61
CA HIS B 8 -20.40 68.38 25.36
C HIS B 8 -18.94 68.32 25.72
N VAL B 9 -18.58 67.47 26.68
CA VAL B 9 -17.24 67.40 27.23
C VAL B 9 -16.68 66.02 26.96
N GLY B 10 -15.49 65.96 26.37
CA GLY B 10 -14.84 64.70 26.10
C GLY B 10 -15.32 64.06 24.82
N GLN B 11 -14.62 63.00 24.44
CA GLN B 11 -14.88 62.34 23.16
C GLN B 11 -16.18 61.56 23.19
N ALA B 12 -16.50 60.94 24.32
CA ALA B 12 -17.72 60.13 24.40
C ALA B 12 -18.97 60.98 24.37
N GLY B 13 -18.90 62.20 24.86
CA GLY B 13 -20.06 63.08 24.81
C GLY B 13 -20.35 63.62 23.43
N VAL B 14 -19.31 63.78 22.61
CA VAL B 14 -19.49 64.32 21.27
C VAL B 14 -20.25 63.35 20.39
N GLN B 15 -19.89 62.07 20.45
CA GLN B 15 -20.62 61.06 19.68
C GLN B 15 -22.03 60.84 20.21
N ILE B 16 -22.28 61.17 21.48
CA ILE B 16 -23.66 61.26 21.94
C ILE B 16 -24.36 62.43 21.27
N GLY B 17 -23.71 63.60 21.26
CA GLY B 17 -24.29 64.78 20.64
C GLY B 17 -24.43 64.69 19.14
N ASN B 18 -23.63 63.84 18.48
CA ASN B 18 -23.78 63.63 17.05
C ASN B 18 -25.10 62.96 16.71
N ALA B 19 -25.60 62.10 17.58
CA ALA B 19 -26.89 61.46 17.37
C ALA B 19 -28.02 62.25 17.98
N CYS B 20 -27.75 63.03 19.04
CA CYS B 20 -28.78 63.85 19.67
C CYS B 20 -29.28 64.91 18.71
N TRP B 21 -28.39 65.78 18.24
CA TRP B 21 -28.79 66.84 17.33
C TRP B 21 -29.16 66.31 15.95
N GLU B 22 -28.75 65.09 15.63
CA GLU B 22 -29.36 64.37 14.51
C GLU B 22 -30.84 64.16 14.75
N LEU B 23 -31.22 63.84 15.99
CA LEU B 23 -32.62 63.59 16.29
C LEU B 23 -33.41 64.88 16.36
N TYR B 24 -32.83 65.94 16.95
CA TYR B 24 -33.55 67.20 17.14
C TYR B 24 -33.90 67.85 15.81
N CYS B 25 -33.01 67.74 14.83
CA CYS B 25 -33.30 68.27 13.51
C CYS B 25 -34.43 67.51 12.84
N LEU B 26 -34.52 66.20 13.10
CA LEU B 26 -35.64 65.42 12.60
C LEU B 26 -36.92 65.69 13.37
N GLU B 27 -36.82 66.23 14.59
CA GLU B 27 -38.02 66.58 15.34
C GLU B 27 -38.73 67.77 14.73
N HIS B 28 -38.06 68.91 14.67
CA HIS B 28 -38.65 70.14 14.18
C HIS B 28 -38.49 70.31 12.69
N GLY B 29 -38.11 69.26 11.97
CA GLY B 29 -37.98 69.33 10.53
C GLY B 29 -36.78 70.11 10.04
N ILE B 30 -35.77 70.27 10.88
CA ILE B 30 -34.59 71.04 10.52
C ILE B 30 -33.70 70.17 9.64
N GLN B 31 -33.14 70.77 8.61
CA GLN B 31 -32.15 70.12 7.75
C GLN B 31 -30.81 70.11 8.47
N PRO B 32 -29.79 69.43 7.92
CA PRO B 32 -28.43 69.66 8.42
C PRO B 32 -27.90 71.07 8.17
N ASP B 33 -28.49 71.83 7.26
CA ASP B 33 -28.08 73.20 6.98
C ASP B 33 -28.78 74.22 7.86
N GLY B 34 -29.38 73.81 8.97
CA GLY B 34 -30.11 74.74 9.81
C GLY B 34 -31.39 75.28 9.20
N GLN B 35 -31.88 74.66 8.14
CA GLN B 35 -33.01 75.14 7.38
C GLN B 35 -34.22 74.26 7.63
N MET B 36 -35.41 74.87 7.55
CA MET B 36 -36.63 74.09 7.56
C MET B 36 -37.55 74.67 6.48
N PRO B 37 -38.15 73.81 5.64
CA PRO B 37 -39.05 74.29 4.59
C PRO B 37 -40.38 74.82 5.13
N ASP B 47 -42.71 76.49 15.95
CA ASP B 47 -43.08 77.70 16.66
C ASP B 47 -42.23 77.90 17.90
N SER B 48 -42.62 77.27 19.01
CA SER B 48 -41.90 77.38 20.28
C SER B 48 -40.86 76.27 20.34
N PHE B 49 -39.63 76.61 19.92
CA PHE B 49 -38.50 75.69 19.99
C PHE B 49 -37.24 76.43 20.43
N ASN B 50 -37.41 77.47 21.25
CA ASN B 50 -36.33 78.28 21.77
C ASN B 50 -35.43 77.53 22.75
N THR B 51 -35.88 76.35 23.22
CA THR B 51 -35.11 75.59 24.19
C THR B 51 -33.79 75.10 23.62
N PHE B 52 -33.81 74.59 22.39
CA PHE B 52 -32.62 74.02 21.78
C PHE B 52 -32.15 74.77 20.55
N PHE B 53 -32.81 75.85 20.16
CA PHE B 53 -32.43 76.53 18.93
C PHE B 53 -32.59 78.02 19.08
N SER B 54 -31.96 78.75 18.16
CA SER B 54 -32.13 80.19 18.04
C SER B 54 -32.11 80.56 16.57
N GLU B 55 -32.84 81.62 16.23
CA GLU B 55 -33.02 82.04 14.86
C GLU B 55 -32.02 83.12 14.49
N THR B 56 -31.44 83.00 13.30
CA THR B 56 -30.56 84.03 12.77
C THR B 56 -31.37 85.17 12.18
N GLY B 57 -30.67 86.13 11.57
CA GLY B 57 -31.35 87.16 10.80
C GLY B 57 -32.01 86.59 9.56
N ALA B 58 -31.29 85.73 8.84
CA ALA B 58 -31.90 84.95 7.79
C ALA B 58 -32.58 83.72 8.38
N GLY B 59 -33.33 83.00 7.54
CA GLY B 59 -34.07 81.85 8.01
C GLY B 59 -33.22 80.62 8.24
N LYS B 60 -32.33 80.68 9.22
CA LYS B 60 -31.47 79.56 9.59
C LYS B 60 -31.45 79.45 11.11
N HIS B 61 -31.43 78.23 11.62
CA HIS B 61 -31.38 78.03 13.05
C HIS B 61 -30.10 77.29 13.43
N VAL B 62 -29.53 77.68 14.56
CA VAL B 62 -28.26 77.12 15.01
C VAL B 62 -28.49 76.38 16.33
N PRO B 63 -27.73 75.33 16.63
CA PRO B 63 -27.90 74.64 17.91
C PRO B 63 -27.20 75.37 19.03
N ARG B 64 -27.78 75.25 20.22
CA ARG B 64 -27.19 75.81 21.43
C ARG B 64 -26.24 74.79 22.07
N ALA B 65 -25.17 74.47 21.33
CA ALA B 65 -24.25 73.43 21.71
C ALA B 65 -22.82 73.94 21.69
N VAL B 66 -22.02 73.48 22.65
CA VAL B 66 -20.61 73.80 22.74
C VAL B 66 -19.83 72.50 22.82
N PHE B 67 -18.94 72.28 21.86
CA PHE B 67 -18.17 71.05 21.77
C PHE B 67 -16.73 71.34 22.18
N VAL B 68 -16.32 70.81 23.32
CA VAL B 68 -14.95 70.98 23.78
C VAL B 68 -14.23 69.64 23.66
N ASP B 69 -12.95 69.70 23.33
CA ASP B 69 -12.08 68.53 23.30
C ASP B 69 -10.64 69.01 23.37
N LEU B 70 -9.81 68.22 24.04
CA LEU B 70 -8.39 68.53 24.11
C LEU B 70 -7.61 67.91 22.96
N GLU B 71 -8.14 66.86 22.34
CA GLU B 71 -7.56 66.32 21.12
C GLU B 71 -8.37 66.76 19.91
N PRO B 72 -7.74 67.03 18.76
CA PRO B 72 -8.46 67.57 17.62
C PRO B 72 -9.15 66.54 16.74
N THR B 73 -9.32 65.29 17.21
CA THR B 73 -9.75 64.22 16.31
C THR B 73 -11.25 64.27 16.04
N VAL B 74 -12.06 64.08 17.08
CA VAL B 74 -13.48 63.82 16.89
C VAL B 74 -14.24 65.08 16.50
N ILE B 75 -13.67 66.26 16.77
CA ILE B 75 -14.33 67.49 16.38
C ILE B 75 -14.18 67.71 14.88
N ASP B 76 -13.07 67.24 14.30
CA ASP B 76 -12.92 67.26 12.85
C ASP B 76 -13.92 66.33 12.18
N GLU B 77 -14.38 65.29 12.89
CA GLU B 77 -15.43 64.45 12.36
C GLU B 77 -16.77 65.17 12.29
N VAL B 78 -16.93 66.23 13.06
CA VAL B 78 -18.08 67.10 12.89
C VAL B 78 -17.76 68.22 11.89
N ARG B 79 -16.52 68.72 11.92
CA ARG B 79 -16.11 69.80 11.02
C ARG B 79 -15.97 69.34 9.58
N THR B 80 -15.94 68.04 9.33
CA THR B 80 -15.91 67.52 7.97
C THR B 80 -17.06 66.56 7.67
N GLY B 81 -17.90 66.26 8.67
CA GLY B 81 -18.93 65.26 8.51
C GLY B 81 -20.14 65.76 7.73
N THR B 82 -21.21 64.96 7.80
CA THR B 82 -22.46 65.35 7.15
C THR B 82 -23.10 66.53 7.87
N TYR B 83 -23.14 66.48 9.20
CA TYR B 83 -23.55 67.63 9.99
C TYR B 83 -22.34 68.54 10.15
N ARG B 84 -22.09 69.33 9.11
CA ARG B 84 -20.99 70.28 9.07
C ARG B 84 -21.49 71.72 9.13
N GLN B 85 -22.44 72.06 8.28
CA GLN B 85 -22.93 73.43 8.16
C GLN B 85 -23.88 73.84 9.27
N LEU B 86 -24.21 72.93 10.19
CA LEU B 86 -25.15 73.26 11.24
C LEU B 86 -24.52 74.13 12.31
N PHE B 87 -23.22 73.97 12.56
CA PHE B 87 -22.59 74.51 13.75
C PHE B 87 -21.85 75.81 13.46
N HIS B 88 -21.99 76.76 14.37
CA HIS B 88 -21.18 77.96 14.37
C HIS B 88 -19.73 77.58 14.62
N PRO B 89 -18.79 78.01 13.77
CA PRO B 89 -17.37 77.66 13.98
C PRO B 89 -16.75 78.28 15.21
N GLU B 90 -17.39 79.29 15.82
CA GLU B 90 -16.95 79.75 17.13
C GLU B 90 -17.42 78.84 18.26
N GLN B 91 -18.32 77.90 17.97
CA GLN B 91 -18.71 76.94 18.98
C GLN B 91 -17.76 75.75 19.02
N LEU B 92 -17.29 75.33 17.84
CA LEU B 92 -16.45 74.15 17.71
C LEU B 92 -15.07 74.46 18.27
N ILE B 93 -14.81 74.00 19.49
CA ILE B 93 -13.58 74.35 20.20
C ILE B 93 -12.73 73.11 20.32
N THR B 94 -11.47 73.21 19.88
CA THR B 94 -10.52 72.11 19.94
C THR B 94 -9.31 72.49 20.76
N GLY B 95 -8.64 71.49 21.31
CA GLY B 95 -7.35 71.63 21.93
C GLY B 95 -6.24 71.12 21.05
N LYS B 96 -5.08 70.91 21.66
CA LYS B 96 -3.93 70.33 20.95
C LYS B 96 -3.51 69.00 21.53
N GLU B 97 -3.25 68.93 22.84
CA GLU B 97 -2.80 67.71 23.49
C GLU B 97 -3.89 67.24 24.44
N ASP B 98 -4.23 65.96 24.35
CA ASP B 98 -5.32 65.42 25.15
C ASP B 98 -4.85 65.19 26.59
N ALA B 99 -5.84 65.06 27.49
CA ALA B 99 -5.54 64.57 28.83
C ALA B 99 -5.10 63.12 28.79
N ALA B 100 -5.62 62.36 27.82
CA ALA B 100 -5.17 61.00 27.47
C ALA B 100 -5.33 60.04 28.65
N ASN B 101 -6.56 59.96 29.15
CA ASN B 101 -6.95 59.14 30.30
C ASN B 101 -6.12 59.48 31.54
N ASN B 102 -5.86 60.77 31.73
CA ASN B 102 -5.21 61.26 32.94
C ASN B 102 -6.08 62.39 33.47
N TYR B 103 -6.71 62.15 34.63
CA TYR B 103 -7.59 63.13 35.24
C TYR B 103 -6.84 64.37 35.70
N ALA B 104 -5.59 64.20 36.13
CA ALA B 104 -4.80 65.34 36.55
C ALA B 104 -4.38 66.22 35.38
N ARG B 105 -4.37 65.67 34.17
CA ARG B 105 -4.10 66.51 33.01
C ARG B 105 -5.33 67.31 32.59
N GLY B 106 -6.51 66.69 32.67
CA GLY B 106 -7.73 67.43 32.37
C GLY B 106 -8.11 68.44 33.42
N HIS B 107 -7.59 68.29 34.64
CA HIS B 107 -7.97 69.17 35.76
C HIS B 107 -6.90 70.21 36.08
N TYR B 108 -5.64 69.94 35.77
CA TYR B 108 -4.55 70.86 36.07
C TYR B 108 -3.73 71.27 34.86
N THR B 109 -3.41 70.35 33.96
CA THR B 109 -2.33 70.62 33.00
C THR B 109 -2.81 71.44 31.81
N ILE B 110 -3.70 70.87 30.99
CA ILE B 110 -4.05 71.44 29.71
C ILE B 110 -5.38 72.19 29.77
N GLY B 111 -6.36 71.64 30.49
CA GLY B 111 -7.69 72.23 30.59
C GLY B 111 -7.72 73.60 31.24
N LYS B 112 -6.69 73.95 32.01
CA LYS B 112 -6.59 75.29 32.58
C LYS B 112 -6.28 76.35 31.53
N GLU B 113 -5.95 75.96 30.29
CA GLU B 113 -5.56 76.96 29.29
C GLU B 113 -6.75 77.40 28.46
N ILE B 114 -7.55 76.46 27.96
CA ILE B 114 -8.64 76.82 27.06
C ILE B 114 -9.94 76.91 27.83
N ILE B 115 -9.85 77.03 29.15
CA ILE B 115 -11.05 77.21 29.98
C ILE B 115 -11.67 78.59 29.74
N ASP B 116 -10.87 79.57 29.30
CA ASP B 116 -11.37 80.92 29.11
C ASP B 116 -12.29 81.00 27.90
N LEU B 117 -12.01 80.21 26.87
CA LEU B 117 -12.77 80.32 25.63
C LEU B 117 -14.17 79.73 25.79
N VAL B 118 -14.27 78.55 26.42
CA VAL B 118 -15.53 77.84 26.50
C VAL B 118 -16.51 78.57 27.42
N LEU B 119 -16.00 79.10 28.53
CA LEU B 119 -16.85 79.86 29.45
C LEU B 119 -17.30 81.17 28.84
N ASP B 120 -16.51 81.72 27.92
CA ASP B 120 -16.90 82.96 27.27
C ASP B 120 -18.02 82.70 26.26
N ARG B 121 -18.07 81.50 25.69
CA ARG B 121 -19.13 81.16 24.76
C ARG B 121 -20.48 80.98 25.44
N ILE B 122 -20.49 80.78 26.76
CA ILE B 122 -21.73 80.60 27.48
C ILE B 122 -22.51 81.90 27.55
N ARG B 123 -21.85 82.99 27.94
CA ARG B 123 -22.52 84.27 28.05
C ARG B 123 -22.88 84.83 26.68
N LYS B 124 -22.12 84.46 25.64
CA LYS B 124 -22.51 84.80 24.28
C LYS B 124 -23.79 84.07 23.88
N LEU B 125 -24.02 82.88 24.44
CA LEU B 125 -25.31 82.23 24.24
C LEU B 125 -26.35 82.76 25.23
N ALA B 126 -25.91 83.20 26.40
CA ALA B 126 -26.84 83.66 27.43
C ALA B 126 -27.41 85.05 27.16
N ASP B 127 -26.98 85.72 26.09
CA ASP B 127 -27.61 86.97 25.70
C ASP B 127 -29.04 86.73 25.25
N GLN B 128 -29.21 85.92 24.19
CA GLN B 128 -30.53 85.65 23.64
C GLN B 128 -31.39 84.76 24.53
N CYS B 129 -30.79 84.06 25.49
CA CYS B 129 -31.57 83.29 26.43
C CYS B 129 -32.14 84.21 27.51
N THR B 130 -33.40 84.00 27.83
CA THR B 130 -33.98 84.70 28.97
C THR B 130 -34.67 83.75 29.95
N GLY B 131 -35.28 82.68 29.46
CA GLY B 131 -35.81 81.65 30.33
C GLY B 131 -34.82 80.52 30.49
N LEU B 132 -33.67 80.82 31.07
CA LEU B 132 -32.63 79.83 31.25
C LEU B 132 -33.03 78.84 32.34
N GLN B 133 -33.34 77.61 31.94
CA GLN B 133 -33.96 76.64 32.84
C GLN B 133 -33.16 75.37 33.08
N GLY B 134 -32.00 75.21 32.45
CA GLY B 134 -31.22 74.01 32.67
C GLY B 134 -30.01 73.97 31.77
N PHE B 135 -28.99 73.25 32.23
CA PHE B 135 -27.78 73.00 31.46
C PHE B 135 -27.67 71.51 31.15
N LEU B 136 -27.00 71.21 30.04
CA LEU B 136 -26.77 69.83 29.61
C LEU B 136 -25.28 69.61 29.44
N VAL B 137 -24.72 68.69 30.22
CA VAL B 137 -23.30 68.36 30.15
C VAL B 137 -23.20 66.87 29.86
N PHE B 138 -22.96 66.51 28.60
CA PHE B 138 -22.82 65.12 28.19
C PHE B 138 -21.36 64.73 28.42
N HIS B 139 -21.06 64.21 29.61
CA HIS B 139 -19.69 63.89 29.95
C HIS B 139 -19.60 62.45 30.42
N SER B 140 -18.57 61.74 29.98
CA SER B 140 -18.33 60.40 30.48
C SER B 140 -17.35 60.44 31.65
N PHE B 141 -17.31 59.35 32.40
CA PHE B 141 -16.32 59.19 33.45
C PHE B 141 -15.16 58.31 33.01
N GLY B 142 -15.18 57.83 31.78
CA GLY B 142 -14.12 56.97 31.28
C GLY B 142 -12.89 57.74 30.89
N GLY B 143 -13.02 58.61 29.89
CA GLY B 143 -11.88 59.36 29.43
C GLY B 143 -11.49 60.48 30.37
N GLY B 144 -10.20 60.83 30.32
CA GLY B 144 -9.70 61.90 31.17
C GLY B 144 -10.23 63.27 30.78
N THR B 145 -10.45 63.49 29.48
CA THR B 145 -10.94 64.78 29.04
C THR B 145 -12.41 64.97 29.42
N GLY B 146 -13.20 63.90 29.32
CA GLY B 146 -14.59 63.96 29.73
C GLY B 146 -14.81 64.03 31.22
N SER B 147 -13.76 63.85 32.02
CA SER B 147 -13.85 63.94 33.47
C SER B 147 -13.03 65.09 34.04
N GLY B 148 -11.82 65.30 33.51
CA GLY B 148 -10.96 66.34 34.03
C GLY B 148 -11.46 67.74 33.70
N PHE B 149 -11.97 67.92 32.48
CA PHE B 149 -12.60 69.18 32.14
C PHE B 149 -13.94 69.36 32.84
N THR B 150 -14.60 68.26 33.20
CA THR B 150 -15.93 68.33 33.81
C THR B 150 -15.88 69.00 35.18
N SER B 151 -14.82 68.71 35.95
CA SER B 151 -14.70 69.33 37.26
C SER B 151 -14.34 70.80 37.15
N LEU B 152 -13.49 71.16 36.20
CA LEU B 152 -13.10 72.56 36.04
C LEU B 152 -14.25 73.40 35.50
N LEU B 153 -15.13 72.78 34.71
CA LEU B 153 -16.22 73.53 34.07
C LEU B 153 -17.31 73.88 35.07
N MET B 154 -17.65 72.95 35.96
CA MET B 154 -18.81 73.14 36.83
C MET B 154 -18.54 74.10 37.98
N GLU B 155 -17.27 74.37 38.28
CA GLU B 155 -16.94 75.25 39.40
C GLU B 155 -17.30 76.69 39.10
N ARG B 156 -17.12 77.12 37.85
CA ARG B 156 -17.34 78.51 37.51
C ARG B 156 -18.82 78.83 37.33
N LEU B 157 -19.64 77.82 37.03
CA LEU B 157 -21.02 78.08 36.66
C LEU B 157 -21.88 78.40 37.88
N SER B 158 -21.62 77.73 39.01
CA SER B 158 -22.29 78.11 40.25
C SER B 158 -21.77 79.44 40.77
N VAL B 159 -20.55 79.82 40.40
CA VAL B 159 -20.11 81.19 40.61
C VAL B 159 -20.81 82.11 39.60
N ASP B 160 -21.01 81.62 38.38
CA ASP B 160 -21.69 82.42 37.36
C ASP B 160 -23.17 82.58 37.68
N TYR B 161 -23.89 81.47 37.81
CA TYR B 161 -25.34 81.52 37.99
C TYR B 161 -25.77 81.17 39.41
N GLY B 162 -25.39 80.00 39.90
CA GLY B 162 -25.75 79.61 41.25
C GLY B 162 -27.16 79.09 41.40
N LYS B 163 -28.14 79.87 40.95
CA LYS B 163 -29.54 79.50 41.10
C LYS B 163 -30.05 78.68 39.92
N LYS B 164 -29.38 78.72 38.78
CA LYS B 164 -29.88 78.06 37.59
C LYS B 164 -29.59 76.57 37.62
N SER B 165 -30.34 75.82 36.82
CA SER B 165 -30.28 74.37 36.85
C SER B 165 -29.12 73.84 36.01
N LYS B 166 -28.51 72.77 36.51
CA LYS B 166 -27.33 72.16 35.88
C LYS B 166 -27.52 70.65 35.90
N LEU B 167 -27.75 70.06 34.72
CA LEU B 167 -28.03 68.63 34.60
C LEU B 167 -26.93 67.95 33.80
N GLU B 168 -26.65 66.70 34.16
CA GLU B 168 -25.54 65.94 33.59
C GLU B 168 -26.03 64.57 33.15
N PHE B 169 -26.24 64.39 31.84
CA PHE B 169 -26.59 63.09 31.28
C PHE B 169 -25.28 62.34 31.02
N SER B 170 -24.85 61.60 32.03
CA SER B 170 -23.51 61.04 32.05
C SER B 170 -23.50 59.57 31.68
N ILE B 171 -22.31 58.99 31.66
CA ILE B 171 -22.11 57.58 31.32
C ILE B 171 -21.37 56.90 32.46
N TYR B 172 -21.99 55.91 33.05
CA TYR B 172 -21.41 55.24 34.21
C TYR B 172 -20.39 54.20 33.77
N PRO B 173 -19.25 54.10 34.45
CA PRO B 173 -18.25 53.10 34.07
C PRO B 173 -18.67 51.70 34.49
N ALA B 174 -18.47 50.75 33.58
CA ALA B 174 -19.06 49.42 33.71
C ALA B 174 -18.31 48.57 34.73
N PRO B 175 -19.03 47.73 35.50
CA PRO B 175 -18.34 46.90 36.50
C PRO B 175 -17.61 45.71 35.90
N GLN B 176 -18.01 45.21 34.73
CA GLN B 176 -17.30 44.10 34.11
C GLN B 176 -16.61 44.49 32.81
N VAL B 177 -17.34 45.04 31.84
CA VAL B 177 -16.75 45.33 30.55
C VAL B 177 -16.10 46.71 30.65
N SER B 178 -14.84 46.74 31.09
CA SER B 178 -14.16 47.99 31.38
C SER B 178 -12.95 48.12 30.48
N THR B 179 -12.88 49.23 29.74
CA THR B 179 -11.87 49.41 28.71
C THR B 179 -10.53 49.88 29.26
N ALA B 180 -10.50 51.05 29.88
CA ALA B 180 -9.24 51.62 30.31
C ALA B 180 -8.84 51.06 31.66
N VAL B 181 -7.71 51.55 32.18
CA VAL B 181 -7.13 51.01 33.40
C VAL B 181 -7.44 51.89 34.61
N VAL B 182 -7.26 53.21 34.47
CA VAL B 182 -7.40 54.12 35.59
C VAL B 182 -8.82 54.70 35.67
N GLU B 183 -9.78 54.05 35.02
CA GLU B 183 -11.19 54.37 35.22
C GLU B 183 -11.69 54.27 36.67
N PRO B 184 -11.18 53.38 37.55
CA PRO B 184 -11.52 53.55 38.98
C PRO B 184 -10.96 54.82 39.58
N TYR B 185 -9.84 55.35 39.07
CA TYR B 185 -9.31 56.58 39.62
C TYR B 185 -10.12 57.81 39.24
N ASN B 186 -10.93 57.74 38.19
CA ASN B 186 -11.69 58.91 37.77
C ASN B 186 -12.83 59.23 38.72
N SER B 187 -13.52 58.19 39.19
CA SER B 187 -14.80 58.39 39.87
C SER B 187 -14.65 58.98 41.26
N ILE B 188 -13.61 58.55 41.99
CA ILE B 188 -13.43 59.05 43.35
C ILE B 188 -12.97 60.50 43.32
N LEU B 189 -12.18 60.88 42.32
CA LEU B 189 -11.69 62.25 42.25
C LEU B 189 -12.76 63.23 41.81
N THR B 190 -13.65 62.80 40.93
CA THR B 190 -14.71 63.66 40.40
C THR B 190 -15.90 63.77 41.34
N THR B 191 -15.88 63.06 42.46
CA THR B 191 -17.04 62.98 43.34
C THR B 191 -17.33 64.31 44.02
N HIS B 192 -16.27 65.00 44.46
CA HIS B 192 -16.45 66.24 45.22
C HIS B 192 -17.02 67.35 44.36
N THR B 193 -16.76 67.32 43.06
CA THR B 193 -17.32 68.37 42.20
C THR B 193 -18.79 68.12 41.92
N THR B 194 -19.13 66.95 41.38
CA THR B 194 -20.49 66.67 40.93
C THR B 194 -21.45 66.43 42.07
N LEU B 195 -20.98 66.34 43.31
CA LEU B 195 -21.89 66.29 44.44
C LEU B 195 -22.09 67.69 45.02
N GLU B 196 -21.23 68.63 44.66
CA GLU B 196 -21.33 69.99 45.15
C GLU B 196 -21.68 71.02 44.10
N HIS B 197 -21.90 70.59 42.85
CA HIS B 197 -22.31 71.56 41.84
C HIS B 197 -23.56 71.09 41.10
N SER B 198 -23.65 69.80 40.81
CA SER B 198 -24.69 69.30 39.93
C SER B 198 -26.00 69.17 40.69
N ASP B 199 -27.07 69.69 40.10
CA ASP B 199 -28.38 69.62 40.76
C ASP B 199 -28.97 68.22 40.67
N CYS B 200 -28.78 67.53 39.55
CA CYS B 200 -29.27 66.16 39.39
C CYS B 200 -28.45 65.45 38.33
N ALA B 201 -27.51 64.62 38.75
CA ALA B 201 -26.71 63.84 37.83
C ALA B 201 -27.47 62.58 37.40
N PHE B 202 -27.04 62.00 36.28
CA PHE B 202 -27.70 60.86 35.68
C PHE B 202 -26.67 59.80 35.33
N MET B 203 -26.88 58.58 35.80
CA MET B 203 -25.98 57.46 35.53
C MET B 203 -26.59 56.58 34.45
N VAL B 204 -25.77 56.21 33.46
CA VAL B 204 -26.14 55.24 32.43
C VAL B 204 -24.94 54.32 32.24
N ASP B 205 -25.16 53.02 32.40
CA ASP B 205 -24.11 52.04 32.18
C ASP B 205 -24.16 51.52 30.74
N ASN B 206 -22.97 51.21 30.21
CA ASN B 206 -22.88 50.61 28.89
C ASN B 206 -23.38 49.17 28.90
N GLU B 207 -23.26 48.49 30.04
CA GLU B 207 -23.39 47.04 30.08
C GLU B 207 -24.83 46.58 29.92
N ALA B 208 -25.80 47.29 30.49
CA ALA B 208 -27.19 46.91 30.34
C ALA B 208 -27.73 47.20 28.94
N ILE B 209 -27.05 48.05 28.18
CA ILE B 209 -27.49 48.38 26.83
C ILE B 209 -27.31 47.19 25.89
N TYR B 210 -26.31 46.35 26.15
CA TYR B 210 -25.96 45.26 25.25
C TYR B 210 -27.08 44.22 25.12
N ASP B 211 -27.59 43.75 26.27
CA ASP B 211 -28.65 42.74 26.24
C ASP B 211 -29.95 43.33 25.71
N ILE B 212 -30.17 44.63 25.92
CA ILE B 212 -31.28 45.31 25.27
C ILE B 212 -31.08 45.32 23.76
N CYS B 213 -29.85 45.54 23.30
CA CYS B 213 -29.56 45.42 21.88
C CYS B 213 -29.62 43.97 21.43
N ARG B 214 -29.10 43.05 22.25
CA ARG B 214 -29.01 41.64 21.87
C ARG B 214 -30.38 40.99 21.83
N ARG B 215 -31.08 41.00 22.96
CA ARG B 215 -32.38 40.32 23.02
C ARG B 215 -33.49 41.18 22.45
N ASN B 216 -33.73 42.34 23.06
CA ASN B 216 -34.91 43.13 22.74
C ASN B 216 -34.82 43.83 21.39
N LEU B 217 -33.62 44.00 20.84
CA LEU B 217 -33.44 44.66 19.56
C LEU B 217 -32.91 43.74 18.47
N ASP B 218 -32.79 42.43 18.75
CA ASP B 218 -32.52 41.37 17.79
C ASP B 218 -31.17 41.50 17.09
N ILE B 219 -30.25 42.31 17.60
CA ILE B 219 -28.92 42.45 17.04
C ILE B 219 -27.93 42.19 18.16
N GLU B 220 -27.31 41.00 18.13
CA GLU B 220 -26.43 40.59 19.23
C GLU B 220 -25.15 41.40 19.29
N ARG B 221 -24.73 42.00 18.18
CA ARG B 221 -23.46 42.71 18.08
C ARG B 221 -23.72 44.18 17.81
N PRO B 222 -23.83 45.01 18.84
CA PRO B 222 -24.21 46.41 18.64
C PRO B 222 -23.01 47.25 18.23
N THR B 223 -23.32 48.43 17.72
CA THR B 223 -22.33 49.44 17.38
C THR B 223 -22.53 50.66 18.27
N TYR B 224 -21.45 51.43 18.48
CA TYR B 224 -21.52 52.65 19.27
C TYR B 224 -22.42 53.70 18.63
N THR B 225 -22.62 53.62 17.31
CA THR B 225 -23.65 54.45 16.68
C THR B 225 -25.03 54.07 17.18
N ASN B 226 -25.26 52.79 17.47
CA ASN B 226 -26.55 52.36 17.96
C ASN B 226 -26.70 52.50 19.46
N LEU B 227 -25.59 52.50 20.23
CA LEU B 227 -25.68 52.77 21.66
C LEU B 227 -26.14 54.19 21.94
N ASN B 228 -25.78 55.14 21.09
CA ASN B 228 -26.17 56.52 21.31
C ASN B 228 -27.63 56.76 20.97
N ARG B 229 -28.22 55.90 20.13
CA ARG B 229 -29.62 56.06 19.73
C ARG B 229 -30.56 55.81 20.90
N LEU B 230 -30.15 54.98 21.85
CA LEU B 230 -31.01 54.67 23.00
C LEU B 230 -31.07 55.84 23.98
N ILE B 231 -29.93 56.48 24.24
CA ILE B 231 -29.92 57.58 25.19
C ILE B 231 -30.52 58.84 24.57
N SER B 232 -30.38 59.00 23.25
CA SER B 232 -30.91 60.17 22.57
C SER B 232 -32.42 60.21 22.59
N GLN B 233 -33.08 59.05 22.67
CA GLN B 233 -34.52 59.05 22.85
C GLN B 233 -34.91 59.48 24.26
N ILE B 234 -34.04 59.22 25.24
CA ILE B 234 -34.34 59.58 26.62
C ILE B 234 -34.28 61.10 26.78
N VAL B 235 -33.25 61.73 26.21
CA VAL B 235 -33.01 63.15 26.39
C VAL B 235 -34.12 63.98 25.74
N SER B 236 -34.68 63.47 24.64
CA SER B 236 -35.77 64.17 23.98
C SER B 236 -37.03 64.16 24.82
N SER B 237 -37.40 62.99 25.36
CA SER B 237 -38.65 62.87 26.10
C SER B 237 -38.59 63.51 27.47
N ILE B 238 -37.39 63.81 27.97
CA ILE B 238 -37.29 64.64 29.16
C ILE B 238 -37.66 66.08 28.82
N THR B 239 -37.31 66.51 27.61
CA THR B 239 -37.65 67.83 27.13
C THR B 239 -38.99 67.88 26.41
N ALA B 240 -39.81 66.85 26.54
CA ALA B 240 -41.06 66.76 25.81
C ALA B 240 -42.13 67.71 26.32
N SER B 241 -41.93 68.30 27.50
CA SER B 241 -42.91 69.25 28.00
C SER B 241 -42.57 70.67 27.55
N LEU B 242 -41.28 70.98 27.43
CA LEU B 242 -40.88 72.31 26.99
C LEU B 242 -41.11 72.52 25.50
N ARG B 243 -40.68 71.56 24.69
CA ARG B 243 -40.70 71.72 23.24
C ARG B 243 -42.09 71.56 22.64
N PHE B 244 -43.07 71.10 23.41
CA PHE B 244 -44.40 70.84 22.86
C PHE B 244 -45.43 71.14 23.95
N ASP B 245 -46.64 70.63 23.73
CA ASP B 245 -47.76 70.86 24.64
C ASP B 245 -48.51 69.55 24.85
N GLY B 246 -48.45 69.03 26.08
CA GLY B 246 -49.32 67.95 26.49
C GLY B 246 -50.29 68.43 27.54
N ALA B 247 -51.22 67.57 27.97
CA ALA B 247 -52.18 67.98 28.99
C ALA B 247 -51.53 68.11 30.36
N LEU B 248 -50.40 67.45 30.58
CA LEU B 248 -49.68 67.54 31.85
C LEU B 248 -48.21 67.74 31.51
N ASN B 249 -47.82 68.99 31.32
CA ASN B 249 -46.44 69.33 30.98
C ASN B 249 -45.65 69.57 32.26
N VAL B 250 -44.59 68.81 32.44
CA VAL B 250 -43.76 68.86 33.63
C VAL B 250 -42.44 69.50 33.23
N ASP B 251 -42.20 70.72 33.70
CA ASP B 251 -40.98 71.42 33.29
C ASP B 251 -39.79 71.02 34.16
N LEU B 252 -38.60 71.37 33.71
CA LEU B 252 -37.35 70.91 34.31
C LEU B 252 -37.07 71.54 35.66
N THR B 253 -37.79 72.59 36.05
CA THR B 253 -37.65 73.09 37.41
C THR B 253 -38.29 72.13 38.41
N GLU B 254 -39.34 71.42 37.98
CA GLU B 254 -40.10 70.58 38.91
C GLU B 254 -39.37 69.28 39.23
N PHE B 255 -38.64 68.72 38.25
CA PHE B 255 -37.98 67.42 38.42
C PHE B 255 -36.96 67.43 39.54
N GLN B 256 -36.13 68.48 39.59
CA GLN B 256 -35.17 68.60 40.67
C GLN B 256 -35.85 68.93 42.00
N THR B 257 -37.08 69.43 41.97
CA THR B 257 -37.84 69.61 43.20
C THR B 257 -38.66 68.38 43.54
N ASN B 258 -39.13 67.62 42.54
CA ASN B 258 -39.85 66.39 42.82
C ASN B 258 -38.90 65.27 43.27
N LEU B 259 -37.90 64.97 42.45
CA LEU B 259 -37.12 63.74 42.61
C LEU B 259 -36.10 63.80 43.74
N VAL B 260 -35.95 64.93 44.42
CA VAL B 260 -34.89 65.13 45.39
C VAL B 260 -35.52 65.34 46.76
N PRO B 261 -35.48 64.33 47.62
CA PRO B 261 -35.99 64.51 48.99
C PRO B 261 -34.98 65.17 49.91
N TYR B 262 -33.70 64.99 49.60
CA TYR B 262 -32.60 65.55 50.37
C TYR B 262 -31.56 65.98 49.35
N PRO B 263 -30.97 67.17 49.49
CA PRO B 263 -30.27 67.80 48.35
C PRO B 263 -28.96 67.13 47.96
N ARG B 264 -28.53 66.10 48.68
CA ARG B 264 -27.37 65.33 48.24
C ARG B 264 -27.79 64.20 47.32
N ILE B 265 -28.94 63.59 47.59
CA ILE B 265 -29.44 62.47 46.79
C ILE B 265 -30.00 63.04 45.50
N HIS B 266 -29.23 62.95 44.42
CA HIS B 266 -29.68 63.43 43.12
C HIS B 266 -29.20 62.50 42.01
N PHE B 267 -29.33 61.19 42.23
CA PHE B 267 -28.86 60.19 41.29
C PHE B 267 -29.98 59.22 40.90
N PRO B 268 -30.86 59.60 39.98
CA PRO B 268 -31.82 58.65 39.45
C PRO B 268 -31.21 57.88 38.29
N LEU B 269 -32.03 57.06 37.66
CA LEU B 269 -31.62 56.32 36.47
C LEU B 269 -32.71 56.42 35.42
N ALA B 270 -32.29 56.43 34.17
CA ALA B 270 -33.20 56.54 33.04
C ALA B 270 -33.64 55.15 32.59
N THR B 271 -34.89 55.08 32.11
CA THR B 271 -35.43 53.82 31.61
C THR B 271 -36.37 54.15 30.45
N TYR B 272 -35.97 53.79 29.24
CA TYR B 272 -36.81 53.97 28.07
C TYR B 272 -37.58 52.69 27.80
N ALA B 273 -38.86 52.84 27.44
CA ALA B 273 -39.74 51.71 27.18
C ALA B 273 -40.91 52.24 26.36
N PRO B 274 -41.47 51.45 25.45
CA PRO B 274 -41.12 50.07 25.05
C PRO B 274 -39.94 50.02 24.09
N VAL B 275 -39.09 49.02 24.26
CA VAL B 275 -37.96 48.80 23.39
C VAL B 275 -38.25 47.52 22.61
N ILE B 276 -38.63 47.69 21.34
CA ILE B 276 -39.02 46.58 20.48
C ILE B 276 -38.17 46.60 19.23
N SER B 277 -38.28 45.55 18.44
CA SER B 277 -37.66 45.50 17.14
C SER B 277 -38.71 45.72 16.06
N ALA B 278 -38.26 45.71 14.80
CA ALA B 278 -39.17 45.95 13.69
C ALA B 278 -40.09 44.77 13.46
N GLU B 279 -39.55 43.55 13.54
CA GLU B 279 -40.38 42.37 13.35
C GLU B 279 -41.29 42.12 14.54
N LYS B 280 -40.91 42.60 15.72
CA LYS B 280 -41.72 42.46 16.92
C LYS B 280 -42.61 43.69 17.15
N ALA B 281 -42.75 44.54 16.13
CA ALA B 281 -43.69 45.65 16.22
C ALA B 281 -45.12 45.16 16.25
N TYR B 282 -45.38 44.01 15.65
CA TYR B 282 -46.65 43.32 15.79
C TYR B 282 -46.53 42.34 16.95
N HIS B 283 -47.50 41.43 17.07
CA HIS B 283 -47.62 40.45 18.16
C HIS B 283 -47.67 41.13 19.52
N GLU B 284 -48.28 42.31 19.57
CA GLU B 284 -48.31 43.17 20.75
C GLU B 284 -49.34 44.27 20.48
N GLN B 285 -49.71 44.97 21.54
CA GLN B 285 -50.62 46.10 21.43
C GLN B 285 -50.16 47.35 22.15
N LEU B 286 -49.29 47.21 23.15
CA LEU B 286 -48.55 48.30 23.79
C LEU B 286 -49.48 49.30 24.47
N SER B 287 -50.39 48.77 25.28
CA SER B 287 -51.26 49.63 26.06
C SER B 287 -50.48 50.27 27.20
N VAL B 288 -51.07 51.29 27.81
CA VAL B 288 -50.39 52.06 28.83
C VAL B 288 -50.20 51.29 30.13
N ALA B 289 -50.96 50.23 30.35
CA ALA B 289 -50.72 49.35 31.49
C ALA B 289 -49.75 48.24 31.16
N GLU B 290 -49.66 47.88 29.88
CA GLU B 290 -48.74 46.82 29.46
C GLU B 290 -47.29 47.26 29.59
N ILE B 291 -46.98 48.47 29.11
CA ILE B 291 -45.60 48.86 28.96
C ILE B 291 -44.98 49.34 30.27
N THR B 292 -45.78 49.84 31.20
CA THR B 292 -45.23 50.34 32.46
C THR B 292 -44.79 49.22 33.39
N ASN B 293 -45.35 48.02 33.25
CA ASN B 293 -44.79 46.89 33.98
C ASN B 293 -43.44 46.47 33.40
N ALA B 294 -43.26 46.67 32.09
CA ALA B 294 -41.96 46.42 31.47
C ALA B 294 -40.92 47.46 31.87
N CYS B 295 -41.36 48.61 32.36
CA CYS B 295 -40.44 49.62 32.86
C CYS B 295 -39.72 49.13 34.11
N PHE B 296 -40.46 48.54 35.03
CA PHE B 296 -39.88 48.04 36.27
C PHE B 296 -39.27 46.65 36.12
N GLU B 297 -39.20 46.13 34.90
CA GLU B 297 -38.45 44.91 34.65
C GLU B 297 -36.96 45.22 34.77
N PRO B 298 -36.18 44.39 35.48
CA PRO B 298 -34.76 44.70 35.67
C PRO B 298 -33.93 44.62 34.40
N ALA B 299 -34.34 43.82 33.43
CA ALA B 299 -33.56 43.66 32.21
C ALA B 299 -33.92 44.66 31.13
N ASN B 300 -34.78 45.64 31.43
CA ASN B 300 -35.09 46.69 30.47
C ASN B 300 -34.45 48.03 30.81
N GLN B 301 -33.95 48.19 32.04
CA GLN B 301 -33.30 49.43 32.41
C GLN B 301 -31.89 49.48 31.83
N MET B 302 -31.28 50.65 31.88
CA MET B 302 -29.96 50.87 31.29
C MET B 302 -28.88 51.02 32.35
N VAL B 303 -29.14 50.59 33.57
CA VAL B 303 -28.16 50.61 34.65
C VAL B 303 -28.12 49.21 35.26
N LYS B 304 -26.91 48.66 35.40
CA LYS B 304 -26.75 47.31 35.95
C LYS B 304 -26.93 47.38 37.46
N CYS B 305 -28.19 47.47 37.87
CA CYS B 305 -28.59 47.44 39.27
C CYS B 305 -29.96 46.78 39.35
N ASP B 306 -30.07 45.77 40.19
CA ASP B 306 -31.35 45.09 40.37
C ASP B 306 -32.28 45.94 41.22
N PRO B 307 -33.45 46.34 40.72
CA PRO B 307 -34.33 47.20 41.52
C PRO B 307 -34.98 46.50 42.69
N ARG B 308 -34.97 45.17 42.74
CA ARG B 308 -35.48 44.44 43.89
C ARG B 308 -34.37 44.11 44.90
N HIS B 309 -33.30 44.88 44.89
CA HIS B 309 -32.28 44.83 45.93
C HIS B 309 -32.30 46.04 46.84
N GLY B 310 -33.30 46.91 46.69
CA GLY B 310 -33.43 48.09 47.53
C GLY B 310 -34.86 48.58 47.56
N LYS B 311 -35.05 49.89 47.73
CA LYS B 311 -36.37 50.48 47.74
C LYS B 311 -36.36 51.75 46.90
N TYR B 312 -37.53 52.11 46.38
CA TYR B 312 -37.69 53.32 45.59
C TYR B 312 -37.97 54.51 46.50
N MET B 313 -37.18 55.56 46.35
CA MET B 313 -37.44 56.81 47.06
C MET B 313 -38.42 57.70 46.29
N ALA B 314 -38.27 57.77 44.98
CA ALA B 314 -39.18 58.54 44.15
C ALA B 314 -39.15 57.97 42.73
N CYS B 315 -40.28 58.11 42.03
CA CYS B 315 -40.40 57.60 40.68
C CYS B 315 -41.05 58.65 39.79
N CYS B 316 -40.60 58.71 38.54
CA CYS B 316 -41.18 59.62 37.56
C CYS B 316 -41.47 58.88 36.26
N LEU B 317 -42.52 59.31 35.57
CA LEU B 317 -42.96 58.67 34.35
C LEU B 317 -43.31 59.75 33.33
N LEU B 318 -42.57 59.80 32.24
CA LEU B 318 -42.79 60.79 31.19
C LEU B 318 -43.35 60.10 29.96
N TYR B 319 -44.65 60.25 29.75
CA TYR B 319 -45.36 59.61 28.65
C TYR B 319 -45.35 60.50 27.43
N ARG B 320 -45.49 59.87 26.27
CA ARG B 320 -45.72 60.58 25.03
C ARG B 320 -46.46 59.67 24.07
N GLY B 321 -46.90 60.24 22.95
CA GLY B 321 -47.62 59.46 21.97
C GLY B 321 -49.13 59.61 22.04
N ASP B 322 -49.79 58.63 22.65
CA ASP B 322 -51.24 58.65 22.78
C ASP B 322 -51.58 58.07 24.15
N VAL B 323 -52.00 58.93 25.07
CA VAL B 323 -52.12 58.58 26.48
C VAL B 323 -53.37 59.22 27.05
N VAL B 324 -54.19 58.43 27.74
CA VAL B 324 -55.31 58.92 28.52
C VAL B 324 -54.98 58.71 30.00
N PRO B 325 -55.11 59.73 30.85
CA PRO B 325 -54.60 59.62 32.22
C PRO B 325 -55.37 58.65 33.11
N LYS B 326 -56.69 58.52 32.90
CA LYS B 326 -57.46 57.53 33.64
C LYS B 326 -57.01 56.12 33.31
N ASP B 327 -56.61 55.88 32.06
CA ASP B 327 -56.05 54.59 31.68
C ASP B 327 -54.68 54.39 32.32
N VAL B 328 -53.97 55.48 32.57
CA VAL B 328 -52.71 55.40 33.31
C VAL B 328 -52.98 55.33 34.81
N ASN B 329 -54.11 55.91 35.25
CA ASN B 329 -54.49 55.87 36.67
C ASN B 329 -54.70 54.44 37.14
N ALA B 330 -55.29 53.59 36.30
CA ALA B 330 -55.39 52.18 36.65
C ALA B 330 -54.04 51.49 36.58
N ALA B 331 -53.15 51.96 35.71
CA ALA B 331 -51.84 51.34 35.58
C ALA B 331 -50.97 51.61 36.79
N ILE B 332 -51.04 52.82 37.33
CA ILE B 332 -50.27 53.16 38.51
C ILE B 332 -50.86 52.49 39.75
N ALA B 333 -52.17 52.26 39.75
CA ALA B 333 -52.81 51.58 40.87
C ALA B 333 -52.38 50.11 40.97
N THR B 334 -51.95 49.51 39.86
CA THR B 334 -51.45 48.15 39.92
C THR B 334 -50.10 48.08 40.62
N ILE B 335 -49.22 49.04 40.33
CA ILE B 335 -47.83 48.94 40.77
C ILE B 335 -47.72 49.22 42.27
N LYS B 336 -48.61 50.04 42.82
CA LYS B 336 -48.65 50.18 44.28
C LYS B 336 -49.23 48.94 44.94
N THR B 337 -50.11 48.24 44.24
CA THR B 337 -50.72 47.02 44.77
C THR B 337 -49.98 45.78 44.28
N LYS B 338 -48.67 45.75 44.54
CA LYS B 338 -47.85 44.56 44.34
C LYS B 338 -46.93 44.43 45.55
N ARG B 339 -46.08 43.42 45.53
CA ARG B 339 -45.23 43.13 46.69
C ARG B 339 -43.76 43.05 46.34
N SER B 340 -43.41 42.49 45.18
CA SER B 340 -42.00 42.45 44.79
C SER B 340 -41.49 43.83 44.39
N ILE B 341 -42.39 44.70 43.91
CA ILE B 341 -42.10 46.11 43.74
C ILE B 341 -42.54 46.83 45.00
N GLN B 342 -41.61 47.50 45.68
CA GLN B 342 -41.92 48.14 46.94
C GLN B 342 -41.16 49.45 47.05
N PHE B 343 -41.76 50.40 47.76
CA PHE B 343 -41.20 51.73 47.92
C PHE B 343 -40.45 51.86 49.23
N VAL B 344 -39.76 52.98 49.38
CA VAL B 344 -39.54 53.56 50.69
C VAL B 344 -40.90 53.89 51.30
N ASP B 345 -41.17 53.33 52.49
CA ASP B 345 -42.51 53.34 53.03
C ASP B 345 -42.94 54.73 53.48
N TRP B 346 -42.02 55.52 54.03
CA TRP B 346 -42.43 56.84 54.50
C TRP B 346 -42.61 57.86 53.37
N CYS B 347 -42.42 57.47 52.11
CA CYS B 347 -42.79 58.30 50.97
C CYS B 347 -43.93 57.61 50.21
N PRO B 348 -45.18 57.80 50.64
CA PRO B 348 -46.29 57.11 49.97
C PRO B 348 -46.76 57.75 48.68
N THR B 349 -46.35 58.99 48.41
CA THR B 349 -46.70 59.68 47.18
C THR B 349 -45.46 59.67 46.29
N GLY B 350 -45.29 58.58 45.54
CA GLY B 350 -44.06 58.38 44.82
C GLY B 350 -44.18 58.28 43.31
N PHE B 351 -44.96 59.15 42.69
CA PHE B 351 -45.11 59.14 41.24
C PHE B 351 -45.13 60.56 40.71
N LYS B 352 -44.47 60.76 39.57
CA LYS B 352 -44.57 62.00 38.83
C LYS B 352 -44.89 61.67 37.39
N VAL B 353 -46.06 62.11 36.93
CA VAL B 353 -46.58 61.72 35.63
C VAL B 353 -46.47 62.90 34.70
N GLY B 354 -46.06 62.64 33.46
CA GLY B 354 -46.00 63.69 32.46
C GLY B 354 -46.45 63.19 31.11
N ILE B 355 -47.45 63.84 30.51
CA ILE B 355 -48.06 63.38 29.27
C ILE B 355 -47.82 64.44 28.20
N ASN B 356 -47.35 64.01 27.04
CA ASN B 356 -47.24 64.87 25.87
C ASN B 356 -47.98 64.21 24.73
N TYR B 357 -48.72 65.00 23.96
CA TYR B 357 -49.45 64.46 22.81
C TYR B 357 -48.62 64.54 21.53
N GLN B 358 -47.39 64.04 21.60
CA GLN B 358 -46.51 64.00 20.46
C GLN B 358 -45.94 62.60 20.33
N PRO B 359 -45.90 62.03 19.13
CA PRO B 359 -45.44 60.66 18.98
C PRO B 359 -43.93 60.58 19.12
N PRO B 360 -43.40 59.46 19.60
CA PRO B 360 -41.94 59.27 19.60
C PRO B 360 -41.43 59.11 18.18
N THR B 361 -40.64 60.09 17.74
CA THR B 361 -40.13 60.06 16.37
C THR B 361 -39.08 58.98 16.21
N VAL B 362 -38.87 58.59 14.96
CA VAL B 362 -37.97 57.49 14.63
C VAL B 362 -36.74 58.06 13.93
N VAL B 363 -35.60 57.45 14.19
CA VAL B 363 -34.34 57.78 13.54
C VAL B 363 -33.93 56.58 12.68
N PRO B 364 -33.52 56.79 11.42
CA PRO B 364 -33.05 55.68 10.58
C PRO B 364 -31.73 55.09 11.06
N VAL B 371 -43.72 53.88 16.14
CA VAL B 371 -44.65 53.26 17.08
C VAL B 371 -45.69 54.28 17.54
N GLN B 372 -46.56 53.87 18.45
CA GLN B 372 -47.59 54.77 18.96
C GLN B 372 -47.08 55.63 20.12
N ARG B 373 -46.64 55.00 21.20
CA ARG B 373 -46.36 55.69 22.43
C ARG B 373 -45.03 55.25 23.01
N ALA B 374 -44.52 56.03 23.96
CA ALA B 374 -43.24 55.76 24.60
C ALA B 374 -43.26 56.29 26.03
N VAL B 375 -42.43 55.67 26.87
CA VAL B 375 -42.34 55.97 28.30
C VAL B 375 -40.87 56.16 28.66
N CYS B 376 -40.56 57.27 29.31
CA CYS B 376 -39.30 57.43 30.00
C CYS B 376 -39.57 57.33 31.49
N MET B 377 -38.87 56.42 32.17
CA MET B 377 -39.01 56.24 33.60
C MET B 377 -37.78 56.75 34.32
N LEU B 378 -37.99 57.59 35.32
CA LEU B 378 -36.93 58.16 36.14
C LEU B 378 -37.21 57.75 37.58
N SER B 379 -36.39 56.86 38.11
CA SER B 379 -36.64 56.27 39.43
C SER B 379 -35.42 56.53 40.32
N ASN B 380 -35.53 57.53 41.19
CA ASN B 380 -34.51 57.78 42.21
C ASN B 380 -34.72 56.75 43.30
N THR B 381 -33.89 55.70 43.29
CA THR B 381 -34.06 54.54 44.16
C THR B 381 -32.79 54.27 44.94
N THR B 382 -32.88 53.30 45.85
CA THR B 382 -31.74 52.83 46.62
C THR B 382 -31.04 51.64 45.98
N ALA B 383 -31.53 51.18 44.83
CA ALA B 383 -30.87 50.08 44.13
C ALA B 383 -29.58 50.53 43.46
N ILE B 384 -29.40 51.84 43.24
CA ILE B 384 -28.20 52.33 42.59
C ILE B 384 -27.01 52.35 43.54
N ALA B 385 -27.25 52.31 44.85
CA ALA B 385 -26.19 52.47 45.84
C ALA B 385 -25.23 51.29 45.88
N GLU B 386 -25.62 50.14 45.33
CA GLU B 386 -24.70 49.01 45.27
C GLU B 386 -23.68 49.17 44.15
N ALA B 387 -23.99 49.98 43.13
CA ALA B 387 -23.06 50.20 42.04
C ALA B 387 -21.82 50.96 42.49
N TRP B 388 -21.97 51.87 43.46
CA TRP B 388 -20.82 52.58 44.01
C TRP B 388 -19.92 51.63 44.79
N ALA B 389 -20.52 50.70 45.52
CA ALA B 389 -19.74 49.72 46.28
C ALA B 389 -19.02 48.75 45.37
N ARG B 390 -19.57 48.48 44.19
CA ARG B 390 -18.85 47.66 43.21
C ARG B 390 -17.67 48.42 42.63
N LEU B 391 -17.72 49.74 42.64
CA LEU B 391 -16.61 50.53 42.10
C LEU B 391 -15.64 50.93 43.20
N ASP B 392 -16.09 51.01 44.45
CA ASP B 392 -15.18 51.20 45.57
C ASP B 392 -14.27 50.00 45.75
N HIS B 393 -14.77 48.81 45.43
CA HIS B 393 -13.96 47.61 45.52
C HIS B 393 -12.87 47.59 44.46
N LYS B 394 -13.10 48.24 43.32
CA LYS B 394 -12.07 48.36 42.30
C LYS B 394 -10.99 49.34 42.73
N PHE B 395 -11.40 50.43 43.37
CA PHE B 395 -10.51 51.53 43.68
C PHE B 395 -9.57 51.23 44.85
N ASP B 396 -9.95 50.32 45.74
CA ASP B 396 -9.15 50.06 46.93
C ASP B 396 -7.86 49.34 46.58
N LEU B 397 -7.96 48.28 45.78
CA LEU B 397 -6.80 47.43 45.54
C LEU B 397 -5.77 48.10 44.64
N MET B 398 -6.24 48.91 43.68
CA MET B 398 -5.32 49.67 42.84
C MET B 398 -4.66 50.80 43.61
N TYR B 399 -5.26 51.24 44.71
CA TYR B 399 -4.64 52.19 45.62
C TYR B 399 -3.94 51.48 46.78
N ALA B 400 -4.19 50.19 46.99
CA ALA B 400 -3.47 49.44 48.01
C ALA B 400 -2.00 49.25 47.63
N LYS B 401 -1.73 49.07 46.35
CA LYS B 401 -0.36 48.98 45.85
C LYS B 401 0.31 50.34 45.71
N ARG B 402 -0.45 51.43 45.90
CA ARG B 402 -0.08 52.79 45.47
C ARG B 402 0.33 52.80 44.00
N ALA B 403 -0.49 52.15 43.18
CA ALA B 403 -0.25 52.09 41.76
C ALA B 403 -0.69 53.39 41.09
N PHE B 404 0.08 53.80 40.08
CA PHE B 404 -0.23 54.94 39.20
C PHE B 404 -0.30 56.26 39.97
N VAL B 405 0.37 56.32 41.12
CA VAL B 405 0.43 57.56 41.88
C VAL B 405 1.37 58.54 41.19
N HIS B 406 2.39 58.04 40.51
CA HIS B 406 3.40 58.89 39.86
C HIS B 406 2.92 59.53 38.57
N TRP B 407 1.66 59.38 38.20
CA TRP B 407 1.10 60.14 37.08
C TRP B 407 0.29 61.33 37.56
N TYR B 408 -0.55 61.12 38.57
CA TYR B 408 -1.30 62.23 39.15
C TYR B 408 -0.40 63.15 39.95
N VAL B 409 0.48 62.59 40.78
CA VAL B 409 1.54 63.38 41.39
C VAL B 409 2.53 63.83 40.33
N GLY B 410 2.69 63.03 39.26
CA GLY B 410 3.45 63.47 38.11
C GLY B 410 2.82 64.60 37.33
N GLU B 411 1.54 64.87 37.56
CA GLU B 411 0.86 66.02 36.96
C GLU B 411 0.25 66.93 38.02
N GLY B 412 0.91 67.04 39.18
CA GLY B 412 0.50 67.98 40.20
C GLY B 412 -0.80 67.65 40.93
N MET B 413 -0.78 66.62 41.77
CA MET B 413 -1.94 66.30 42.59
C MET B 413 -1.48 65.75 43.93
N GLU B 414 -2.18 66.14 44.98
CA GLU B 414 -1.90 65.66 46.33
C GLU B 414 -2.25 64.18 46.47
N GLU B 415 -1.41 63.45 47.20
CA GLU B 415 -1.72 62.06 47.53
C GLU B 415 -2.92 61.97 48.47
N GLY B 416 -2.97 62.85 49.46
CA GLY B 416 -4.11 62.89 50.37
C GLY B 416 -5.39 63.38 49.73
N GLU B 417 -5.30 64.01 48.56
CA GLU B 417 -6.51 64.40 47.82
C GLU B 417 -7.27 63.16 47.33
N PHE B 418 -6.57 62.06 47.08
CA PHE B 418 -7.23 60.77 46.98
C PHE B 418 -7.87 60.39 48.30
N SER B 419 -7.12 60.53 49.39
CA SER B 419 -7.59 60.11 50.71
C SER B 419 -8.69 61.01 51.23
N GLU B 420 -8.66 62.30 50.88
CA GLU B 420 -9.75 63.19 51.23
C GLU B 420 -11.03 62.80 50.52
N ALA B 421 -10.92 62.40 49.25
CA ALA B 421 -12.07 61.91 48.51
C ALA B 421 -12.39 60.46 48.82
N ARG B 422 -11.50 59.76 49.53
CA ARG B 422 -11.74 58.37 49.87
C ARG B 422 -12.84 58.23 50.90
N GLU B 423 -12.78 59.02 51.97
CA GLU B 423 -13.85 59.02 52.97
C GLU B 423 -15.10 59.72 52.46
N ASP B 424 -14.97 60.53 51.40
CA ASP B 424 -16.10 61.26 50.86
C ASP B 424 -17.12 60.33 50.21
N MET B 425 -16.66 59.18 49.69
CA MET B 425 -17.61 58.20 49.17
C MET B 425 -18.32 57.48 50.31
N ALA B 426 -17.65 57.33 51.46
CA ALA B 426 -18.27 56.69 52.60
C ALA B 426 -19.40 57.53 53.17
N ALA B 427 -19.22 58.85 53.20
CA ALA B 427 -20.32 59.74 53.57
C ALA B 427 -21.41 59.77 52.51
N LEU B 428 -21.03 59.51 51.25
CA LEU B 428 -22.03 59.37 50.19
C LEU B 428 -22.78 58.04 50.34
N GLU B 429 -22.06 56.97 50.70
CA GLU B 429 -22.68 55.65 50.72
C GLU B 429 -23.60 55.49 51.92
N LYS B 430 -23.26 56.13 53.04
CA LYS B 430 -24.09 56.04 54.24
C LYS B 430 -25.39 56.85 54.13
N ASP B 431 -25.53 57.66 53.09
CA ASP B 431 -26.78 58.37 52.86
C ASP B 431 -27.90 57.40 52.50
N TYR B 432 -27.68 56.59 51.46
CA TYR B 432 -28.72 55.68 50.98
C TYR B 432 -29.00 54.57 51.97
N GLU B 433 -27.99 54.18 52.76
CA GLU B 433 -28.21 53.21 53.82
C GLU B 433 -29.09 53.78 54.92
N GLU B 434 -28.92 55.07 55.23
CA GLU B 434 -29.70 55.70 56.29
C GLU B 434 -31.14 55.93 55.86
N VAL B 435 -31.35 56.32 54.60
CA VAL B 435 -32.70 56.55 54.09
C VAL B 435 -33.45 55.24 53.89
N GLY B 436 -32.73 54.13 53.72
CA GLY B 436 -33.38 52.85 53.47
C GLY B 436 -34.17 52.33 54.66
N VAL B 437 -33.60 52.42 55.86
CA VAL B 437 -34.34 52.07 57.06
C VAL B 437 -35.33 53.19 57.39
N ASP B 438 -36.30 52.85 58.22
CA ASP B 438 -37.35 53.81 58.59
C ASP B 438 -36.83 54.88 59.54
N MET C 1 -17.83 -24.21 -16.69
CA MET C 1 -17.88 -24.60 -15.29
C MET C 1 -17.66 -26.09 -15.13
N ARG C 2 -17.85 -26.82 -16.23
CA ARG C 2 -17.73 -28.27 -16.25
C ARG C 2 -16.53 -28.65 -17.10
N GLU C 3 -15.72 -29.59 -16.62
CA GLU C 3 -14.44 -29.88 -17.25
C GLU C 3 -14.24 -31.38 -17.42
N CYS C 4 -13.35 -31.71 -18.37
CA CYS C 4 -13.00 -33.10 -18.66
C CYS C 4 -11.61 -33.11 -19.26
N ILE C 5 -10.60 -33.45 -18.46
CA ILE C 5 -9.22 -33.40 -18.92
C ILE C 5 -8.88 -34.65 -19.71
N SER C 6 -7.73 -34.65 -20.38
CA SER C 6 -7.32 -35.74 -21.25
C SER C 6 -5.85 -36.07 -21.03
N ILE C 7 -5.53 -37.36 -21.04
CA ILE C 7 -4.17 -37.86 -20.90
C ILE C 7 -3.90 -38.80 -22.08
N HIS C 8 -2.68 -38.75 -22.59
CA HIS C 8 -2.29 -39.57 -23.73
C HIS C 8 -1.07 -40.38 -23.34
N VAL C 9 -1.20 -41.71 -23.38
CA VAL C 9 -0.17 -42.62 -22.90
C VAL C 9 0.30 -43.48 -24.07
N GLY C 10 1.60 -43.51 -24.30
CA GLY C 10 2.16 -44.33 -25.35
C GLY C 10 2.12 -43.64 -26.70
N GLN C 11 2.79 -44.27 -27.66
CA GLN C 11 2.96 -43.67 -28.98
C GLN C 11 1.66 -43.68 -29.78
N ALA C 12 0.87 -44.75 -29.63
CA ALA C 12 -0.36 -44.86 -30.39
C ALA C 12 -1.41 -43.87 -29.94
N GLY C 13 -1.40 -43.50 -28.66
CA GLY C 13 -2.35 -42.53 -28.18
C GLY C 13 -2.04 -41.12 -28.62
N VAL C 14 -0.76 -40.81 -28.84
CA VAL C 14 -0.37 -39.46 -29.24
C VAL C 14 -0.86 -39.17 -30.65
N GLN C 15 -0.69 -40.11 -31.57
CA GLN C 15 -1.18 -39.92 -32.92
C GLN C 15 -2.71 -39.92 -32.99
N ILE C 16 -3.38 -40.53 -32.00
CA ILE C 16 -4.81 -40.30 -31.86
C ILE C 16 -5.06 -38.86 -31.44
N GLY C 17 -4.33 -38.39 -30.43
CA GLY C 17 -4.51 -37.02 -29.97
C GLY C 17 -4.09 -35.96 -30.96
N ASN C 18 -3.21 -36.30 -31.90
CA ASN C 18 -2.83 -35.36 -32.95
C ASN C 18 -4.00 -35.05 -33.88
N ALA C 19 -4.87 -36.02 -34.10
CA ALA C 19 -6.05 -35.79 -34.91
C ALA C 19 -7.25 -35.34 -34.09
N CYS C 20 -7.29 -35.71 -32.81
CA CYS C 20 -8.39 -35.29 -31.94
C CYS C 20 -8.38 -33.79 -31.75
N TRP C 21 -7.29 -33.24 -31.21
CA TRP C 21 -7.20 -31.81 -31.00
C TRP C 21 -7.09 -31.02 -32.30
N GLU C 22 -6.72 -31.68 -33.40
CA GLU C 22 -6.94 -31.11 -34.72
C GLU C 22 -8.42 -30.87 -34.95
N LEU C 23 -9.27 -31.81 -34.51
CA LEU C 23 -10.70 -31.67 -34.75
C LEU C 23 -11.32 -30.65 -33.79
N TYR C 24 -10.87 -30.64 -32.53
CA TYR C 24 -11.48 -29.75 -31.53
C TYR C 24 -11.23 -28.28 -31.86
N CYS C 25 -10.05 -27.97 -32.41
CA CYS C 25 -9.77 -26.61 -32.83
C CYS C 25 -10.64 -26.19 -34.00
N LEU C 26 -10.97 -27.14 -34.87
CA LEU C 26 -11.91 -26.86 -35.95
C LEU C 26 -13.34 -26.79 -35.47
N GLU C 27 -13.65 -27.35 -34.31
CA GLU C 27 -15.00 -27.25 -33.76
C GLU C 27 -15.29 -25.83 -33.30
N HIS C 28 -14.52 -25.34 -32.33
CA HIS C 28 -14.75 -24.03 -31.75
C HIS C 28 -14.02 -22.93 -32.49
N GLY C 29 -13.52 -23.20 -33.68
CA GLY C 29 -12.86 -22.18 -34.48
C GLY C 29 -11.49 -21.79 -33.98
N ILE C 30 -10.86 -22.65 -33.20
CA ILE C 30 -9.55 -22.35 -32.64
C ILE C 30 -8.50 -22.57 -33.72
N GLN C 31 -7.52 -21.67 -33.78
CA GLN C 31 -6.37 -21.82 -34.66
C GLN C 31 -5.41 -22.82 -34.05
N PRO C 32 -4.34 -23.21 -34.76
CA PRO C 32 -3.24 -23.91 -34.07
C PRO C 32 -2.50 -23.07 -33.04
N ASP C 33 -2.62 -21.74 -33.08
CA ASP C 33 -1.98 -20.87 -32.11
C ASP C 33 -2.84 -20.60 -30.88
N GLY C 34 -3.85 -21.43 -30.62
CA GLY C 34 -4.74 -21.20 -29.50
C GLY C 34 -5.63 -19.99 -29.62
N GLN C 35 -5.76 -19.43 -30.82
CA GLN C 35 -6.46 -18.19 -31.07
C GLN C 35 -7.77 -18.48 -31.79
N MET C 36 -8.77 -17.63 -31.54
CA MET C 36 -9.99 -17.66 -32.31
C MET C 36 -10.36 -16.21 -32.65
N PRO C 37 -10.71 -15.93 -33.91
CA PRO C 37 -11.08 -14.57 -34.29
C PRO C 37 -12.46 -14.16 -33.75
N ASP C 47 -18.43 -19.97 -26.29
CA ASP C 47 -18.92 -19.60 -24.97
C ASP C 47 -18.56 -20.67 -23.94
N SER C 48 -19.41 -21.69 -23.84
CA SER C 48 -19.20 -22.77 -22.87
C SER C 48 -18.39 -23.86 -23.55
N PHE C 49 -17.07 -23.81 -23.36
CA PHE C 49 -16.15 -24.82 -23.88
C PHE C 49 -15.07 -25.14 -22.84
N ASN C 50 -15.42 -25.02 -21.56
CA ASN C 50 -14.52 -25.28 -20.45
C ASN C 50 -14.15 -26.75 -20.32
N THR C 51 -14.86 -27.64 -21.02
CA THR C 51 -14.60 -29.08 -20.92
C THR C 51 -13.23 -29.44 -21.47
N PHE C 52 -12.84 -28.88 -22.62
CA PHE C 52 -11.58 -29.21 -23.25
C PHE C 52 -10.60 -28.06 -23.33
N PHE C 53 -10.95 -26.89 -22.81
CA PHE C 53 -10.07 -25.74 -22.96
C PHE C 53 -10.11 -24.88 -21.71
N SER C 54 -9.11 -24.02 -21.60
CA SER C 54 -9.06 -22.99 -20.57
C SER C 54 -8.46 -21.73 -21.16
N GLU C 55 -8.88 -20.58 -20.63
CA GLU C 55 -8.49 -19.29 -21.17
C GLU C 55 -7.31 -18.73 -20.38
N THR C 56 -6.35 -18.16 -21.10
CA THR C 56 -5.23 -17.49 -20.47
C THR C 56 -5.62 -16.08 -20.06
N GLY C 57 -4.64 -15.32 -19.57
CA GLY C 57 -4.87 -13.91 -19.32
C GLY C 57 -5.08 -13.14 -20.61
N ALA C 58 -4.24 -13.41 -21.62
CA ALA C 58 -4.50 -12.92 -22.95
C ALA C 58 -5.49 -13.85 -23.66
N GLY C 59 -5.94 -13.42 -24.83
CA GLY C 59 -6.93 -14.19 -25.57
C GLY C 59 -6.37 -15.41 -26.28
N LYS C 60 -5.90 -16.38 -25.50
CA LYS C 60 -5.38 -17.63 -26.04
C LYS C 60 -5.93 -18.76 -25.21
N HIS C 61 -6.25 -19.88 -25.85
CA HIS C 61 -6.75 -21.05 -25.15
C HIS C 61 -5.79 -22.22 -25.32
N VAL C 62 -5.65 -22.99 -24.25
CA VAL C 62 -4.71 -24.11 -24.23
C VAL C 62 -5.49 -25.40 -24.05
N PRO C 63 -5.01 -26.51 -24.59
CA PRO C 63 -5.72 -27.78 -24.39
C PRO C 63 -5.42 -28.39 -23.03
N ARG C 64 -6.41 -29.10 -22.51
CA ARG C 64 -6.25 -29.83 -21.25
C ARG C 64 -5.72 -31.24 -21.53
N ALA C 65 -4.50 -31.29 -22.06
CA ALA C 65 -3.91 -32.54 -22.52
C ALA C 65 -2.53 -32.72 -21.91
N VAL C 66 -2.20 -33.97 -21.58
CA VAL C 66 -0.89 -34.34 -21.06
C VAL C 66 -0.35 -35.47 -21.93
N PHE C 67 0.80 -35.24 -22.55
CA PHE C 67 1.41 -36.20 -23.46
C PHE C 67 2.61 -36.83 -22.77
N VAL C 68 2.52 -38.11 -22.44
CA VAL C 68 3.63 -38.82 -21.83
C VAL C 68 4.17 -39.82 -22.85
N ASP C 69 5.49 -40.00 -22.81
CA ASP C 69 6.17 -41.00 -23.62
C ASP C 69 7.52 -41.28 -23.00
N LEU C 70 7.96 -42.53 -23.08
CA LEU C 70 9.27 -42.89 -22.59
C LEU C 70 10.35 -42.76 -23.65
N GLU C 71 9.97 -42.75 -24.93
CA GLU C 71 10.90 -42.42 -26.00
C GLU C 71 10.66 -41.02 -26.50
N PRO C 72 11.70 -40.26 -26.89
CA PRO C 72 11.52 -38.86 -27.25
C PRO C 72 11.09 -38.62 -28.69
N THR C 73 10.62 -39.65 -29.41
CA THR C 73 10.44 -39.50 -30.86
C THR C 73 9.17 -38.75 -31.21
N VAL C 74 8.01 -39.31 -30.85
CA VAL C 74 6.74 -38.82 -31.38
C VAL C 74 6.33 -37.50 -30.73
N ILE C 75 6.89 -37.19 -29.57
CA ILE C 75 6.54 -35.93 -28.93
C ILE C 75 7.28 -34.78 -29.63
N ASP C 76 8.47 -35.05 -30.18
CA ASP C 76 9.14 -34.08 -31.02
C ASP C 76 8.36 -33.80 -32.30
N GLU C 77 7.56 -34.77 -32.76
CA GLU C 77 6.70 -34.53 -33.89
C GLU C 77 5.57 -33.57 -33.57
N VAL C 78 5.25 -33.42 -32.29
CA VAL C 78 4.36 -32.34 -31.89
C VAL C 78 5.15 -31.08 -31.55
N ARG C 79 6.33 -31.23 -30.95
CA ARG C 79 7.16 -30.09 -30.59
C ARG C 79 7.78 -29.40 -31.79
N THR C 80 7.75 -30.02 -32.96
CA THR C 80 8.23 -29.39 -34.19
C THR C 80 7.18 -29.35 -35.28
N GLY C 81 6.00 -29.93 -35.05
CA GLY C 81 5.00 -30.06 -36.08
C GLY C 81 4.23 -28.77 -36.33
N THR C 82 3.13 -28.92 -37.07
CA THR C 82 2.26 -27.78 -37.35
C THR C 82 1.53 -27.34 -36.08
N TYR C 83 0.99 -28.29 -35.33
CA TYR C 83 0.45 -28.01 -34.00
C TYR C 83 1.61 -28.00 -33.01
N ARG C 84 2.31 -26.87 -32.98
CA ARG C 84 3.45 -26.67 -32.10
C ARG C 84 3.12 -25.66 -31.01
N GLN C 85 2.60 -24.50 -31.39
CA GLN C 85 2.35 -23.40 -30.46
C GLN C 85 1.11 -23.61 -29.61
N LEU C 86 0.36 -24.70 -29.83
CA LEU C 86 -0.87 -24.89 -29.07
C LEU C 86 -0.58 -25.35 -27.65
N PHE C 87 0.50 -26.08 -27.44
CA PHE C 87 0.70 -26.83 -26.21
C PHE C 87 1.63 -26.11 -25.25
N HIS C 88 1.27 -26.12 -23.97
CA HIS C 88 2.16 -25.68 -22.90
C HIS C 88 3.36 -26.60 -22.84
N PRO C 89 4.59 -26.08 -22.88
CA PRO C 89 5.77 -26.95 -22.82
C PRO C 89 5.96 -27.66 -21.49
N GLU C 90 5.25 -27.26 -20.44
CA GLU C 90 5.23 -28.06 -19.22
C GLU C 90 4.27 -29.24 -19.33
N GLN C 91 3.45 -29.30 -20.37
CA GLN C 91 2.60 -30.46 -20.58
C GLN C 91 3.33 -31.54 -21.35
N LEU C 92 4.15 -31.14 -22.31
CA LEU C 92 4.84 -32.06 -23.21
C LEU C 92 5.95 -32.76 -22.42
N ILE C 93 5.69 -33.99 -22.01
CA ILE C 93 6.59 -34.72 -21.13
C ILE C 93 7.19 -35.88 -21.90
N THR C 94 8.52 -35.96 -21.91
CA THR C 94 9.26 -37.01 -22.60
C THR C 94 10.12 -37.79 -21.62
N GLY C 95 10.41 -39.04 -21.98
CA GLY C 95 11.39 -39.83 -21.31
C GLY C 95 12.68 -39.93 -22.08
N LYS C 96 13.50 -40.91 -21.70
CA LYS C 96 14.76 -41.16 -22.41
C LYS C 96 14.77 -42.54 -23.05
N GLU C 97 14.53 -43.59 -22.28
CA GLU C 97 14.57 -44.96 -22.78
C GLU C 97 13.15 -45.54 -22.74
N ASP C 98 12.73 -46.12 -23.86
CA ASP C 98 11.37 -46.64 -23.94
C ASP C 98 11.23 -47.96 -23.21
N ALA C 99 9.98 -48.32 -22.92
CA ALA C 99 9.71 -49.66 -22.44
C ALA C 99 9.96 -50.69 -23.55
N ALA C 100 9.76 -50.27 -24.81
CA ALA C 100 10.14 -51.02 -26.01
C ALA C 100 9.47 -52.38 -26.08
N ASN C 101 8.13 -52.33 -26.03
CA ASN C 101 7.25 -53.51 -26.04
C ASN C 101 7.60 -54.48 -24.91
N ASN C 102 7.91 -53.93 -23.74
CA ASN C 102 8.11 -54.71 -22.54
C ASN C 102 7.24 -54.10 -21.46
N TYR C 103 6.21 -54.83 -21.04
CA TYR C 103 5.27 -54.35 -20.04
C TYR C 103 5.94 -54.19 -18.68
N ALA C 104 6.90 -55.05 -18.36
CA ALA C 104 7.60 -54.94 -17.10
C ALA C 104 8.52 -53.72 -17.05
N ARG C 105 8.93 -53.20 -18.20
CA ARG C 105 9.70 -51.96 -18.20
C ARG C 105 8.80 -50.76 -18.01
N GLY C 106 7.62 -50.75 -18.62
CA GLY C 106 6.68 -49.66 -18.40
C GLY C 106 6.06 -49.66 -17.02
N HIS C 107 6.06 -50.78 -16.33
CA HIS C 107 5.40 -50.91 -15.04
C HIS C 107 6.38 -50.89 -13.86
N TYR C 108 7.63 -51.29 -14.08
CA TYR C 108 8.62 -51.33 -13.01
C TYR C 108 9.87 -50.52 -13.29
N THR C 109 10.40 -50.55 -14.51
CA THR C 109 11.78 -50.10 -14.72
C THR C 109 11.88 -48.59 -14.87
N ILE C 110 11.30 -48.04 -15.93
CA ILE C 110 11.52 -46.65 -16.30
C ILE C 110 10.35 -45.77 -15.87
N GLY C 111 9.12 -46.26 -16.02
CA GLY C 111 7.92 -45.50 -15.68
C GLY C 111 7.80 -45.11 -14.23
N LYS C 112 8.50 -45.82 -13.33
CA LYS C 112 8.55 -45.43 -11.93
C LYS C 112 9.34 -44.15 -11.68
N GLU C 113 10.06 -43.64 -12.67
CA GLU C 113 10.88 -42.46 -12.43
C GLU C 113 10.16 -41.17 -12.77
N ILE C 114 9.50 -41.11 -13.92
CA ILE C 114 8.87 -39.85 -14.34
C ILE C 114 7.38 -39.88 -14.00
N ILE C 115 6.99 -40.78 -13.10
CA ILE C 115 5.60 -40.82 -12.63
C ILE C 115 5.28 -39.60 -11.79
N ASP C 116 6.29 -38.98 -11.16
CA ASP C 116 6.05 -37.83 -10.29
C ASP C 116 5.65 -36.60 -11.09
N LEU C 117 6.21 -36.45 -12.29
CA LEU C 117 5.97 -35.23 -13.06
C LEU C 117 4.57 -35.20 -13.63
N VAL C 118 4.12 -36.33 -14.18
CA VAL C 118 2.84 -36.37 -14.89
C VAL C 118 1.67 -36.22 -13.91
N LEU C 119 1.79 -36.87 -12.75
CA LEU C 119 0.75 -36.76 -11.73
C LEU C 119 0.70 -35.37 -11.13
N ASP C 120 1.84 -34.66 -11.12
CA ASP C 120 1.86 -33.30 -10.62
C ASP C 120 1.18 -32.34 -11.58
N ARG C 121 1.20 -32.66 -12.88
CA ARG C 121 0.54 -31.83 -13.86
C ARG C 121 -0.98 -31.94 -13.78
N ILE C 122 -1.50 -32.99 -13.15
CA ILE C 122 -2.94 -33.16 -13.04
C ILE C 122 -3.54 -32.14 -12.09
N ARG C 123 -2.95 -31.99 -10.91
CA ARG C 123 -3.47 -31.05 -9.94
C ARG C 123 -3.22 -29.61 -10.37
N LYS C 124 -2.18 -29.37 -11.17
CA LYS C 124 -2.00 -28.06 -11.78
C LYS C 124 -3.10 -27.76 -12.79
N LEU C 125 -3.66 -28.79 -13.42
CA LEU C 125 -4.85 -28.59 -14.24
C LEU C 125 -6.11 -28.60 -13.39
N ALA C 126 -6.10 -29.31 -12.25
CA ALA C 126 -7.28 -29.43 -11.42
C ALA C 126 -7.56 -28.20 -10.59
N ASP C 127 -6.68 -27.18 -10.63
CA ASP C 127 -6.98 -25.91 -9.97
C ASP C 127 -8.16 -25.23 -10.65
N GLN C 128 -8.02 -24.92 -11.94
CA GLN C 128 -9.05 -24.21 -12.68
C GLN C 128 -10.27 -25.07 -12.97
N CYS C 129 -10.16 -26.39 -12.86
CA CYS C 129 -11.31 -27.25 -13.01
C CYS C 129 -12.14 -27.25 -11.73
N THR C 130 -13.43 -27.14 -11.89
CA THR C 130 -14.32 -27.32 -10.74
C THR C 130 -15.42 -28.34 -11.00
N GLY C 131 -15.93 -28.43 -12.22
CA GLY C 131 -16.86 -29.48 -12.59
C GLY C 131 -16.12 -30.64 -13.23
N LEU C 132 -15.24 -31.28 -12.47
CA LEU C 132 -14.46 -32.39 -12.99
C LEU C 132 -15.35 -33.61 -13.17
N GLN C 133 -15.63 -33.97 -14.43
CA GLN C 133 -16.64 -34.97 -14.74
C GLN C 133 -16.13 -36.19 -15.48
N GLY C 134 -14.85 -36.26 -15.81
CA GLY C 134 -14.34 -37.44 -16.51
C GLY C 134 -12.89 -37.25 -16.91
N PHE C 135 -12.21 -38.39 -17.04
CA PHE C 135 -10.84 -38.43 -17.52
C PHE C 135 -10.78 -39.14 -18.87
N LEU C 136 -9.78 -38.79 -19.67
CA LEU C 136 -9.57 -39.41 -20.97
C LEU C 136 -8.15 -39.95 -21.03
N VAL C 137 -8.03 -41.27 -21.20
CA VAL C 137 -6.73 -41.94 -21.30
C VAL C 137 -6.70 -42.67 -22.63
N PHE C 138 -6.05 -42.08 -23.62
CA PHE C 138 -5.92 -42.69 -24.95
C PHE C 138 -4.71 -43.61 -24.90
N HIS C 139 -4.93 -44.88 -24.55
CA HIS C 139 -3.82 -45.81 -24.40
C HIS C 139 -4.09 -47.04 -25.24
N SER C 140 -3.04 -47.53 -25.90
CA SER C 140 -3.16 -48.79 -26.62
C SER C 140 -2.68 -49.94 -25.75
N PHE C 141 -3.05 -51.15 -26.15
CA PHE C 141 -2.55 -52.35 -25.49
C PHE C 141 -1.40 -52.98 -26.27
N GLY C 142 -1.02 -52.40 -27.40
CA GLY C 142 0.04 -52.95 -28.22
C GLY C 142 1.41 -52.65 -27.67
N GLY C 143 1.76 -51.37 -27.60
CA GLY C 143 3.06 -50.99 -27.12
C GLY C 143 3.20 -51.12 -25.61
N GLY C 144 4.44 -51.32 -25.18
CA GLY C 144 4.70 -51.46 -23.76
C GLY C 144 4.51 -50.17 -22.99
N THR C 145 4.82 -49.03 -23.62
CA THR C 145 4.67 -47.74 -22.95
C THR C 145 3.20 -47.38 -22.79
N GLY C 146 2.39 -47.68 -23.81
CA GLY C 146 0.96 -47.43 -23.72
C GLY C 146 0.22 -48.37 -22.80
N SER C 147 0.86 -49.42 -22.31
CA SER C 147 0.26 -50.36 -21.39
C SER C 147 0.92 -50.36 -20.03
N GLY C 148 2.26 -50.29 -20.00
CA GLY C 148 2.97 -50.34 -18.73
C GLY C 148 2.80 -49.07 -17.91
N PHE C 149 2.78 -47.92 -18.58
CA PHE C 149 2.48 -46.68 -17.87
C PHE C 149 1.01 -46.58 -17.50
N THR C 150 0.15 -47.27 -18.26
CA THR C 150 -1.30 -47.18 -18.03
C THR C 150 -1.69 -47.76 -16.68
N SER C 151 -1.04 -48.86 -16.29
CA SER C 151 -1.34 -49.46 -14.99
C SER C 151 -0.80 -48.62 -13.85
N LEU C 152 0.38 -48.03 -14.02
CA LEU C 152 0.94 -47.21 -12.96
C LEU C 152 0.19 -45.90 -12.80
N LEU C 153 -0.41 -45.40 -13.88
CA LEU C 153 -1.09 -44.11 -13.84
C LEU C 153 -2.43 -44.21 -13.11
N MET C 154 -3.18 -45.27 -13.37
CA MET C 154 -4.55 -45.36 -12.86
C MET C 154 -4.61 -45.70 -11.38
N GLU C 155 -3.52 -46.20 -10.80
CA GLU C 155 -3.54 -46.57 -9.39
C GLU C 155 -3.61 -45.35 -8.50
N ARG C 156 -2.93 -44.28 -8.88
CA ARG C 156 -2.85 -43.11 -8.02
C ARG C 156 -4.10 -42.25 -8.10
N LEU C 157 -4.87 -42.36 -9.19
CA LEU C 157 -5.98 -41.46 -9.41
C LEU C 157 -7.18 -41.81 -8.56
N SER C 158 -7.45 -43.11 -8.36
CA SER C 158 -8.48 -43.52 -7.42
C SER C 158 -8.04 -43.26 -5.99
N VAL C 159 -6.74 -43.21 -5.73
CA VAL C 159 -6.26 -42.68 -4.46
C VAL C 159 -6.42 -41.16 -4.45
N ASP C 160 -6.21 -40.51 -5.60
CA ASP C 160 -6.36 -39.07 -5.68
C ASP C 160 -7.84 -38.66 -5.57
N TYR C 161 -8.67 -39.18 -6.47
CA TYR C 161 -10.06 -38.74 -6.55
C TYR C 161 -11.03 -39.80 -6.03
N GLY C 162 -11.00 -41.01 -6.60
CA GLY C 162 -11.86 -42.07 -6.16
C GLY C 162 -13.28 -41.99 -6.67
N LYS C 163 -13.93 -40.84 -6.47
CA LYS C 163 -15.31 -40.66 -6.89
C LYS C 163 -15.44 -40.14 -8.31
N LYS C 164 -14.38 -39.56 -8.87
CA LYS C 164 -14.50 -38.93 -10.17
C LYS C 164 -14.40 -39.97 -11.29
N SER C 165 -14.87 -39.59 -12.46
CA SER C 165 -14.99 -40.51 -13.58
C SER C 165 -13.68 -40.66 -14.33
N LYS C 166 -13.40 -41.88 -14.78
CA LYS C 166 -12.16 -42.23 -15.45
C LYS C 166 -12.50 -43.10 -16.67
N LEU C 167 -12.34 -42.54 -17.87
CA LEU C 167 -12.71 -43.21 -19.10
C LEU C 167 -11.48 -43.46 -19.96
N GLU C 168 -11.49 -44.58 -20.69
CA GLU C 168 -10.34 -45.03 -21.46
C GLU C 168 -10.79 -45.37 -22.87
N PHE C 169 -10.51 -44.49 -23.83
CA PHE C 169 -10.77 -44.77 -25.24
C PHE C 169 -9.55 -45.50 -25.79
N SER C 170 -9.61 -46.82 -25.71
CA SER C 170 -8.44 -47.65 -25.93
C SER C 170 -8.46 -48.29 -27.32
N ILE C 171 -7.42 -49.06 -27.61
CA ILE C 171 -7.27 -49.74 -28.90
C ILE C 171 -7.09 -51.23 -28.63
N TYR C 172 -7.99 -52.02 -29.14
CA TYR C 172 -7.96 -53.46 -28.89
C TYR C 172 -6.97 -54.14 -29.82
N PRO C 173 -6.18 -55.10 -29.32
CA PRO C 173 -5.23 -55.80 -30.19
C PRO C 173 -5.93 -56.79 -31.10
N ALA C 174 -5.51 -56.80 -32.37
CA ALA C 174 -6.25 -57.48 -33.43
C ALA C 174 -6.04 -59.00 -33.37
N PRO C 175 -7.08 -59.79 -33.66
CA PRO C 175 -6.91 -61.25 -33.63
C PRO C 175 -6.14 -61.81 -34.81
N GLN C 176 -6.13 -61.14 -35.96
CA GLN C 176 -5.37 -61.65 -37.10
C GLN C 176 -4.21 -60.72 -37.47
N VAL C 177 -4.47 -59.44 -37.74
CA VAL C 177 -3.40 -58.56 -38.19
C VAL C 177 -2.68 -58.04 -36.95
N SER C 178 -1.69 -58.78 -36.47
CA SER C 178 -1.04 -58.46 -35.22
C SER C 178 0.43 -58.18 -35.49
N THR C 179 0.90 -57.02 -35.04
CA THR C 179 2.23 -56.53 -35.37
C THR C 179 3.32 -57.12 -34.48
N ALA C 180 3.25 -56.85 -33.18
CA ALA C 180 4.31 -57.27 -32.29
C ALA C 180 4.11 -58.71 -31.85
N VAL C 181 5.01 -59.19 -30.99
CA VAL C 181 5.04 -60.58 -30.60
C VAL C 181 4.40 -60.78 -29.22
N VAL C 182 4.76 -59.95 -28.25
CA VAL C 182 4.31 -60.14 -26.88
C VAL C 182 3.05 -59.34 -26.59
N GLU C 183 2.32 -58.93 -27.63
CA GLU C 183 0.99 -58.37 -27.47
C GLU C 183 -0.02 -59.28 -26.74
N PRO C 184 0.01 -60.62 -26.84
CA PRO C 184 -0.80 -61.42 -25.90
C PRO C 184 -0.38 -61.28 -24.45
N TYR C 185 0.90 -60.99 -24.19
CA TYR C 185 1.34 -60.82 -22.80
C TYR C 185 0.87 -59.51 -22.18
N ASN C 186 0.50 -58.52 -23.00
CA ASN C 186 0.09 -57.24 -22.43
C ASN C 186 -1.29 -57.31 -21.79
N SER C 187 -2.22 -58.03 -22.42
CA SER C 187 -3.62 -57.92 -22.05
C SER C 187 -3.92 -58.61 -20.73
N ILE C 188 -3.29 -59.75 -20.47
CA ILE C 188 -3.58 -60.48 -19.24
C ILE C 188 -2.98 -59.74 -18.04
N LEU C 189 -1.84 -59.09 -18.23
CA LEU C 189 -1.20 -58.39 -17.13
C LEU C 189 -1.92 -57.09 -16.78
N THR C 190 -2.47 -56.41 -17.78
CA THR C 190 -3.15 -55.13 -17.56
C THR C 190 -4.58 -55.30 -17.09
N THR C 191 -5.07 -56.53 -16.97
CA THR C 191 -6.48 -56.78 -16.69
C THR C 191 -6.83 -56.36 -15.27
N HIS C 192 -5.95 -56.63 -14.30
CA HIS C 192 -6.26 -56.36 -12.91
C HIS C 192 -6.34 -54.87 -12.62
N THR C 193 -5.63 -54.04 -13.40
CA THR C 193 -5.70 -52.61 -13.17
C THR C 193 -6.98 -52.03 -13.74
N THR C 194 -7.21 -52.23 -15.04
CA THR C 194 -8.33 -51.60 -15.73
C THR C 194 -9.68 -52.21 -15.39
N LEU C 195 -9.71 -53.32 -14.64
CA LEU C 195 -10.98 -53.80 -14.14
C LEU C 195 -11.22 -53.29 -12.72
N GLU C 196 -10.18 -52.78 -12.07
CA GLU C 196 -10.31 -52.28 -10.72
C GLU C 196 -10.13 -50.77 -10.60
N HIS C 197 -9.92 -50.06 -11.71
CA HIS C 197 -9.82 -48.62 -11.62
C HIS C 197 -10.74 -47.92 -12.61
N SER C 198 -10.85 -48.48 -13.82
CA SER C 198 -11.54 -47.78 -14.90
C SER C 198 -13.04 -47.93 -14.73
N ASP C 199 -13.76 -46.81 -14.83
CA ASP C 199 -15.21 -46.85 -14.69
C ASP C 199 -15.88 -47.43 -15.92
N CYS C 200 -15.36 -47.13 -17.12
CA CYS C 200 -15.92 -47.66 -18.36
C CYS C 200 -14.84 -47.63 -19.42
N ALA C 201 -14.23 -48.78 -19.69
CA ALA C 201 -13.23 -48.89 -20.75
C ALA C 201 -13.91 -49.08 -22.09
N PHE C 202 -13.16 -48.80 -23.16
CA PHE C 202 -13.68 -48.82 -24.52
C PHE C 202 -12.71 -49.58 -25.42
N MET C 203 -13.23 -50.59 -26.12
CA MET C 203 -12.42 -51.40 -27.03
C MET C 203 -12.67 -50.95 -28.45
N VAL C 204 -11.59 -50.77 -29.21
CA VAL C 204 -11.65 -50.50 -30.65
C VAL C 204 -10.58 -51.36 -31.32
N ASP C 205 -10.98 -52.18 -32.28
CA ASP C 205 -10.04 -53.00 -33.02
C ASP C 205 -9.61 -52.29 -34.30
N ASN C 206 -8.36 -52.52 -34.69
CA ASN C 206 -7.85 -51.98 -35.94
C ASN C 206 -8.48 -52.69 -37.14
N GLU C 207 -8.86 -53.95 -36.97
CA GLU C 207 -9.17 -54.81 -38.11
C GLU C 207 -10.48 -54.46 -38.78
N ALA C 208 -11.51 -54.09 -38.01
CA ALA C 208 -12.77 -53.71 -38.62
C ALA C 208 -12.72 -52.36 -39.32
N ILE C 209 -11.72 -51.54 -39.00
CA ILE C 209 -11.58 -50.22 -39.61
C ILE C 209 -11.20 -50.34 -41.08
N TYR C 210 -10.47 -51.40 -41.44
CA TYR C 210 -9.93 -51.55 -42.79
C TYR C 210 -11.03 -51.70 -43.84
N ASP C 211 -11.98 -52.60 -43.61
CA ASP C 211 -13.06 -52.82 -44.57
C ASP C 211 -14.00 -51.62 -44.62
N ILE C 212 -14.12 -50.89 -43.51
CA ILE C 212 -14.83 -49.62 -43.52
C ILE C 212 -14.10 -48.63 -44.39
N CYS C 213 -12.76 -48.60 -44.31
CA CYS C 213 -11.98 -47.78 -45.22
C CYS C 213 -12.02 -48.33 -46.64
N ARG C 214 -11.94 -49.65 -46.79
CA ARG C 214 -11.88 -50.26 -48.11
C ARG C 214 -13.21 -50.14 -48.85
N ARG C 215 -14.27 -50.68 -48.26
CA ARG C 215 -15.56 -50.67 -48.95
C ARG C 215 -16.28 -49.35 -48.79
N ASN C 216 -16.60 -48.98 -47.55
CA ASN C 216 -17.47 -47.86 -47.29
C ASN C 216 -16.81 -46.51 -47.53
N LEU C 217 -15.48 -46.45 -47.55
CA LEU C 217 -14.77 -45.20 -47.78
C LEU C 217 -13.99 -45.19 -49.08
N ASP C 218 -14.13 -46.22 -49.92
CA ASP C 218 -13.64 -46.28 -51.29
C ASP C 218 -12.11 -46.18 -51.40
N ILE C 219 -11.37 -46.38 -50.32
CA ILE C 219 -9.91 -46.38 -50.36
C ILE C 219 -9.44 -47.69 -49.75
N GLU C 220 -8.99 -48.62 -50.60
CA GLU C 220 -8.65 -49.95 -50.14
C GLU C 220 -7.40 -49.96 -49.28
N ARG C 221 -6.52 -48.96 -49.41
CA ARG C 221 -5.24 -48.92 -48.73
C ARG C 221 -5.22 -47.74 -47.77
N PRO C 222 -5.62 -47.93 -46.52
CA PRO C 222 -5.73 -46.80 -45.60
C PRO C 222 -4.37 -46.43 -45.00
N THR C 223 -4.35 -45.23 -44.42
CA THR C 223 -3.20 -44.75 -43.69
C THR C 223 -3.58 -44.55 -42.22
N TYR C 224 -2.57 -44.63 -41.34
CA TYR C 224 -2.79 -44.41 -39.91
C TYR C 224 -3.27 -43.00 -39.61
N THR C 225 -2.97 -42.04 -40.48
CA THR C 225 -3.59 -40.72 -40.37
C THR C 225 -5.10 -40.81 -40.57
N ASN C 226 -5.55 -41.72 -41.44
CA ASN C 226 -6.98 -41.86 -41.66
C ASN C 226 -7.66 -42.79 -40.67
N LEU C 227 -6.92 -43.72 -40.06
CA LEU C 227 -7.50 -44.54 -38.99
C LEU C 227 -7.87 -43.71 -37.77
N ASN C 228 -7.13 -42.66 -37.50
CA ASN C 228 -7.41 -41.84 -36.33
C ASN C 228 -8.61 -40.92 -36.57
N ARG C 229 -8.93 -40.64 -37.84
CA ARG C 229 -10.05 -39.77 -38.15
C ARG C 229 -11.38 -40.40 -37.79
N LEU C 230 -11.46 -41.73 -37.80
CA LEU C 230 -12.70 -42.41 -37.48
C LEU C 230 -12.99 -42.38 -35.99
N ILE C 231 -11.97 -42.60 -35.16
CA ILE C 231 -12.18 -42.60 -33.72
C ILE C 231 -12.37 -41.19 -33.19
N SER C 232 -11.73 -40.20 -33.84
CA SER C 232 -11.83 -38.81 -33.40
C SER C 232 -13.24 -38.26 -33.58
N GLN C 233 -13.99 -38.79 -34.54
CA GLN C 233 -15.40 -38.39 -34.65
C GLN C 233 -16.23 -39.00 -33.52
N ILE C 234 -15.81 -40.15 -33.02
CA ILE C 234 -16.56 -40.79 -31.94
C ILE C 234 -16.41 -40.01 -30.64
N VAL C 235 -15.18 -39.60 -30.34
CA VAL C 235 -14.86 -38.95 -29.08
C VAL C 235 -15.55 -37.59 -28.98
N SER C 236 -15.72 -36.92 -30.12
CA SER C 236 -16.40 -35.63 -30.13
C SER C 236 -17.88 -35.78 -29.83
N SER C 237 -18.54 -36.74 -30.47
CA SER C 237 -19.98 -36.88 -30.30
C SER C 237 -20.37 -37.50 -28.97
N ILE C 238 -19.42 -38.10 -28.25
CA ILE C 238 -19.68 -38.47 -26.87
C ILE C 238 -19.72 -37.23 -26.01
N THR C 239 -18.91 -36.23 -26.34
CA THR C 239 -18.90 -34.96 -25.63
C THR C 239 -19.86 -33.94 -26.24
N ALA C 240 -20.78 -34.37 -27.09
CA ALA C 240 -21.66 -33.44 -27.78
C ALA C 240 -22.74 -32.85 -26.88
N SER C 241 -22.93 -33.40 -25.69
CA SER C 241 -23.91 -32.82 -24.77
C SER C 241 -23.27 -31.76 -23.88
N LEU C 242 -22.00 -31.95 -23.52
CA LEU C 242 -21.32 -30.99 -22.67
C LEU C 242 -20.96 -29.73 -23.44
N ARG C 243 -20.37 -29.88 -24.62
CA ARG C 243 -19.83 -28.75 -25.36
C ARG C 243 -20.90 -27.92 -26.05
N PHE C 244 -22.15 -28.39 -26.10
CA PHE C 244 -23.20 -27.69 -26.83
C PHE C 244 -24.51 -27.91 -26.10
N ASP C 245 -25.61 -27.63 -26.80
CA ASP C 245 -26.95 -27.74 -26.25
C ASP C 245 -27.88 -28.41 -27.25
N GLY C 246 -28.33 -29.61 -26.92
CA GLY C 246 -29.39 -30.25 -27.65
C GLY C 246 -30.63 -30.35 -26.78
N ALA C 247 -31.74 -30.85 -27.34
CA ALA C 247 -32.96 -30.98 -26.55
C ALA C 247 -32.86 -32.10 -25.52
N LEU C 248 -31.97 -33.07 -25.74
CA LEU C 248 -31.77 -34.16 -24.80
C LEU C 248 -30.27 -34.32 -24.64
N ASN C 249 -29.70 -33.57 -23.71
CA ASN C 249 -28.27 -33.62 -23.44
C ASN C 249 -27.99 -34.67 -22.37
N VAL C 250 -27.16 -35.63 -22.70
CA VAL C 250 -26.83 -36.74 -21.82
C VAL C 250 -25.39 -36.54 -21.37
N ASP C 251 -25.20 -36.22 -20.09
CA ASP C 251 -23.85 -35.94 -19.61
C ASP C 251 -23.14 -37.23 -19.23
N LEU C 252 -21.81 -37.13 -19.04
CA LEU C 252 -20.95 -38.28 -18.86
C LEU C 252 -21.12 -38.96 -17.51
N THR C 253 -21.81 -38.33 -16.56
CA THR C 253 -22.14 -39.04 -15.33
C THR C 253 -23.20 -40.10 -15.59
N GLU C 254 -24.08 -39.86 -16.55
CA GLU C 254 -25.22 -40.76 -16.76
C GLU C 254 -24.81 -42.04 -17.50
N PHE C 255 -23.84 -41.96 -18.41
CA PHE C 255 -23.45 -43.10 -19.24
C PHE C 255 -22.91 -44.25 -18.39
N GLN C 256 -22.05 -43.94 -17.42
CA GLN C 256 -21.56 -44.97 -16.53
C GLN C 256 -22.63 -45.47 -15.59
N THR C 257 -23.71 -44.70 -15.38
CA THR C 257 -24.85 -45.19 -14.62
C THR C 257 -25.87 -45.89 -15.51
N ASN C 258 -26.01 -45.47 -16.77
CA ASN C 258 -26.91 -46.17 -17.68
C ASN C 258 -26.34 -47.49 -18.15
N LEU C 259 -25.14 -47.46 -18.73
CA LEU C 259 -24.63 -48.60 -19.48
C LEU C 259 -24.09 -49.72 -18.60
N VAL C 260 -24.07 -49.57 -17.29
CA VAL C 260 -23.44 -50.52 -16.40
C VAL C 260 -24.51 -51.14 -15.50
N PRO C 261 -24.91 -52.38 -15.76
CA PRO C 261 -25.86 -53.05 -14.88
C PRO C 261 -25.20 -53.67 -13.66
N TYR C 262 -23.92 -54.02 -13.80
CA TYR C 262 -23.14 -54.61 -12.73
C TYR C 262 -21.74 -54.01 -12.86
N PRO C 263 -21.12 -53.59 -11.75
CA PRO C 263 -19.98 -52.66 -11.84
C PRO C 263 -18.71 -53.26 -12.41
N ARG C 264 -18.69 -54.55 -12.71
CA ARG C 264 -17.55 -55.11 -13.41
C ARG C 264 -17.72 -55.00 -14.92
N ILE C 265 -18.94 -55.16 -15.41
CA ILE C 265 -19.22 -55.09 -16.84
C ILE C 265 -19.20 -53.63 -17.25
N HIS C 266 -18.11 -53.19 -17.85
CA HIS C 266 -17.98 -51.82 -18.33
C HIS C 266 -17.24 -51.78 -19.66
N PHE C 267 -17.58 -52.69 -20.56
CA PHE C 267 -16.91 -52.79 -21.86
C PHE C 267 -17.90 -52.70 -23.00
N PRO C 268 -18.33 -51.51 -23.39
CA PRO C 268 -19.13 -51.36 -24.60
C PRO C 268 -18.21 -51.23 -25.81
N LEU C 269 -18.83 -50.99 -26.96
CA LEU C 269 -18.09 -50.74 -28.18
C LEU C 269 -18.69 -49.54 -28.91
N ALA C 270 -17.84 -48.80 -29.59
CA ALA C 270 -18.25 -47.61 -30.31
C ALA C 270 -18.64 -47.96 -31.74
N THR C 271 -19.63 -47.24 -32.26
CA THR C 271 -20.07 -47.44 -33.63
C THR C 271 -20.47 -46.10 -34.21
N TYR C 272 -19.69 -45.60 -35.17
CA TYR C 272 -20.02 -44.37 -35.84
C TYR C 272 -20.76 -44.67 -37.13
N ALA C 273 -21.79 -43.87 -37.41
CA ALA C 273 -22.63 -44.05 -38.58
C ALA C 273 -23.35 -42.73 -38.84
N PRO C 274 -23.62 -42.37 -40.10
CA PRO C 274 -23.29 -43.05 -41.35
C PRO C 274 -21.86 -42.81 -41.81
N VAL C 275 -21.25 -43.86 -42.36
CA VAL C 275 -19.90 -43.78 -42.90
C VAL C 275 -20.02 -43.89 -44.41
N ILE C 276 -19.89 -42.76 -45.09
CA ILE C 276 -20.05 -42.69 -46.54
C ILE C 276 -18.80 -42.09 -47.14
N SER C 277 -18.73 -42.14 -48.46
CA SER C 277 -17.67 -41.47 -49.20
C SER C 277 -18.21 -40.18 -49.82
N ALA C 278 -17.33 -39.47 -50.51
CA ALA C 278 -17.73 -38.20 -51.12
C ALA C 278 -18.63 -38.43 -52.33
N GLU C 279 -18.29 -39.42 -53.16
CA GLU C 279 -19.12 -39.70 -54.33
C GLU C 279 -20.42 -40.38 -53.95
N LYS C 280 -20.46 -41.06 -52.80
CA LYS C 280 -21.68 -41.70 -52.31
C LYS C 280 -22.43 -40.80 -51.33
N ALA C 281 -22.09 -39.51 -51.30
CA ALA C 281 -22.87 -38.55 -50.50
C ALA C 281 -24.26 -38.36 -51.10
N TYR C 282 -24.40 -38.54 -52.41
CA TYR C 282 -25.69 -38.60 -53.04
C TYR C 282 -26.13 -40.06 -53.10
N HIS C 283 -27.18 -40.35 -53.89
CA HIS C 283 -27.79 -41.67 -54.02
C HIS C 283 -28.27 -42.22 -52.68
N GLU C 284 -28.71 -41.32 -51.80
CA GLU C 284 -29.09 -41.61 -50.43
C GLU C 284 -29.81 -40.39 -49.88
N GLN C 285 -30.47 -40.58 -48.75
CA GLN C 285 -31.15 -39.48 -48.07
C GLN C 285 -30.85 -39.40 -46.58
N LEU C 286 -30.43 -40.51 -45.95
CA LEU C 286 -29.87 -40.56 -44.60
C LEU C 286 -30.87 -40.10 -43.54
N SER C 287 -32.06 -40.67 -43.61
CA SER C 287 -33.07 -40.38 -42.60
C SER C 287 -32.70 -41.10 -41.30
N VAL C 288 -33.36 -40.68 -40.21
CA VAL C 288 -33.02 -41.19 -38.88
C VAL C 288 -33.42 -42.64 -38.68
N ALA C 289 -34.32 -43.17 -39.51
CA ALA C 289 -34.62 -44.59 -39.48
C ALA C 289 -33.73 -45.39 -40.40
N GLU C 290 -33.19 -44.73 -41.45
CA GLU C 290 -32.32 -45.40 -42.39
C GLU C 290 -30.98 -45.74 -41.76
N ILE C 291 -30.39 -44.79 -41.05
CA ILE C 291 -29.00 -44.95 -40.62
C ILE C 291 -28.88 -45.80 -39.38
N THR C 292 -29.91 -45.86 -38.53
CA THR C 292 -29.81 -46.65 -37.31
C THR C 292 -29.88 -48.15 -37.55
N ASN C 293 -30.47 -48.58 -38.66
CA ASN C 293 -30.35 -49.99 -39.05
C ASN C 293 -28.94 -50.30 -39.51
N ALA C 294 -28.25 -49.32 -40.12
CA ALA C 294 -26.86 -49.51 -40.50
C ALA C 294 -25.94 -49.53 -39.29
N CYS C 295 -26.40 -49.02 -38.14
CA CYS C 295 -25.61 -49.09 -36.92
C CYS C 295 -25.46 -50.53 -36.46
N PHE C 296 -26.56 -51.28 -36.47
CA PHE C 296 -26.54 -52.67 -36.04
C PHE C 296 -26.07 -53.63 -37.13
N GLU C 297 -25.61 -53.10 -38.26
CA GLU C 297 -24.97 -53.94 -39.26
C GLU C 297 -23.60 -54.37 -38.73
N PRO C 298 -23.24 -55.66 -38.84
CA PRO C 298 -21.96 -56.11 -38.27
C PRO C 298 -20.75 -55.56 -38.97
N ALA C 299 -20.85 -55.22 -40.25
CA ALA C 299 -19.71 -54.73 -40.98
C ALA C 299 -19.52 -53.22 -40.90
N ASN C 300 -20.31 -52.53 -40.08
CA ASN C 300 -20.13 -51.10 -39.87
C ASN C 300 -19.51 -50.76 -38.52
N GLN C 301 -19.49 -51.71 -37.59
CA GLN C 301 -18.89 -51.45 -36.29
C GLN C 301 -17.37 -51.52 -36.40
N MET C 302 -16.69 -51.06 -35.35
CA MET C 302 -15.24 -50.99 -35.35
C MET C 302 -14.61 -52.02 -34.43
N VAL C 303 -15.36 -53.06 -34.06
CA VAL C 303 -14.86 -54.17 -33.27
C VAL C 303 -15.20 -55.45 -33.99
N LYS C 304 -14.21 -56.33 -34.16
CA LYS C 304 -14.40 -57.59 -34.86
C LYS C 304 -15.14 -58.56 -33.94
N CYS C 305 -16.43 -58.34 -33.81
CA CYS C 305 -17.32 -59.20 -33.04
C CYS C 305 -18.69 -59.17 -33.71
N ASP C 306 -19.22 -60.34 -34.03
CA ASP C 306 -20.53 -60.42 -34.64
C ASP C 306 -21.61 -60.18 -33.60
N PRO C 307 -22.46 -59.16 -33.75
CA PRO C 307 -23.48 -58.88 -32.73
C PRO C 307 -24.60 -59.91 -32.67
N ARG C 308 -24.74 -60.76 -33.69
CA ARG C 308 -25.72 -61.83 -33.65
C ARG C 308 -25.12 -63.13 -33.14
N HIS C 309 -24.04 -63.06 -32.37
CA HIS C 309 -23.49 -64.19 -31.64
C HIS C 309 -23.72 -64.09 -30.14
N GLY C 310 -24.48 -63.10 -29.70
CA GLY C 310 -24.78 -62.93 -28.29
C GLY C 310 -26.06 -62.14 -28.09
N LYS C 311 -26.14 -61.39 -26.99
CA LYS C 311 -27.31 -60.57 -26.71
C LYS C 311 -26.83 -59.20 -26.22
N TYR C 312 -27.69 -58.20 -26.42
CA TYR C 312 -27.41 -56.84 -25.97
C TYR C 312 -27.87 -56.66 -24.53
N MET C 313 -26.96 -56.20 -23.68
CA MET C 313 -27.34 -55.85 -22.31
C MET C 313 -27.85 -54.42 -22.22
N ALA C 314 -27.22 -53.50 -22.92
CA ALA C 314 -27.66 -52.11 -22.95
C ALA C 314 -27.18 -51.46 -24.25
N CYS C 315 -27.94 -50.48 -24.72
CA CYS C 315 -27.61 -49.79 -25.96
C CYS C 315 -27.75 -48.29 -25.75
N CYS C 316 -26.88 -47.52 -26.40
CA CYS C 316 -26.94 -46.08 -26.34
C CYS C 316 -26.80 -45.50 -27.75
N LEU C 317 -27.47 -44.38 -27.97
CA LEU C 317 -27.49 -43.74 -29.29
C LEU C 317 -27.33 -42.24 -29.11
N LEU C 318 -26.22 -41.70 -29.62
CA LEU C 318 -25.92 -40.27 -29.49
C LEU C 318 -26.06 -39.63 -30.86
N TYR C 319 -27.16 -38.92 -31.05
CA TYR C 319 -27.48 -38.28 -32.32
C TYR C 319 -26.92 -36.86 -32.36
N ARG C 320 -26.69 -36.38 -33.57
CA ARG C 320 -26.34 -34.98 -33.79
C ARG C 320 -26.78 -34.59 -35.19
N GLY C 321 -26.70 -33.30 -35.48
CA GLY C 321 -27.10 -32.81 -36.79
C GLY C 321 -28.50 -32.24 -36.85
N ASP C 322 -29.44 -33.03 -37.36
CA ASP C 322 -30.83 -32.58 -37.47
C ASP C 322 -31.71 -33.78 -37.16
N VAL C 323 -32.34 -33.77 -35.99
CA VAL C 323 -33.01 -34.94 -35.43
C VAL C 323 -34.32 -34.50 -34.77
N VAL C 324 -35.41 -35.17 -35.11
CA VAL C 324 -36.68 -35.03 -34.41
C VAL C 324 -36.95 -36.32 -33.65
N PRO C 325 -37.27 -36.25 -32.35
CA PRO C 325 -37.33 -37.48 -31.54
C PRO C 325 -38.47 -38.41 -31.89
N LYS C 326 -39.62 -37.88 -32.30
CA LYS C 326 -40.72 -38.72 -32.75
C LYS C 326 -40.34 -39.51 -33.99
N ASP C 327 -39.53 -38.90 -34.87
CA ASP C 327 -39.01 -39.63 -36.02
C ASP C 327 -38.02 -40.69 -35.60
N VAL C 328 -37.33 -40.47 -34.48
CA VAL C 328 -36.45 -41.49 -33.92
C VAL C 328 -37.27 -42.50 -33.11
N ASN C 329 -38.41 -42.06 -32.56
CA ASN C 329 -39.29 -42.94 -31.80
C ASN C 329 -39.82 -44.08 -32.66
N ALA C 330 -40.15 -43.78 -33.92
CA ALA C 330 -40.52 -44.84 -34.85
C ALA C 330 -39.33 -45.70 -35.23
N ALA C 331 -38.13 -45.12 -35.25
CA ALA C 331 -36.95 -45.88 -35.63
C ALA C 331 -36.56 -46.88 -34.55
N ILE C 332 -36.69 -46.50 -33.28
CA ILE C 332 -36.39 -47.42 -32.20
C ILE C 332 -37.46 -48.48 -32.07
N ALA C 333 -38.70 -48.16 -32.44
CA ALA C 333 -39.79 -49.13 -32.41
C ALA C 333 -39.59 -50.24 -33.43
N THR C 334 -38.84 -49.99 -34.51
CA THR C 334 -38.55 -51.04 -35.47
C THR C 334 -37.58 -52.05 -34.90
N ILE C 335 -36.55 -51.58 -34.19
CA ILE C 335 -35.45 -52.46 -33.79
C ILE C 335 -35.87 -53.38 -32.66
N LYS C 336 -36.81 -52.96 -31.81
CA LYS C 336 -37.37 -53.89 -30.84
C LYS C 336 -38.29 -54.89 -31.50
N THR C 337 -38.92 -54.52 -32.60
CA THR C 337 -39.81 -55.42 -33.34
C THR C 337 -39.07 -56.09 -34.50
N LYS C 338 -37.97 -56.76 -34.17
CA LYS C 338 -37.28 -57.63 -35.10
C LYS C 338 -36.89 -58.91 -34.34
N ARG C 339 -36.22 -59.81 -35.02
CA ARG C 339 -35.89 -61.10 -34.43
C ARG C 339 -34.42 -61.44 -34.49
N SER C 340 -33.72 -61.08 -35.57
CA SER C 340 -32.28 -61.33 -35.63
C SER C 340 -31.52 -60.40 -34.71
N ILE C 341 -32.07 -59.22 -34.45
CA ILE C 341 -31.58 -58.34 -33.40
C ILE C 341 -32.38 -58.64 -32.14
N GLN C 342 -31.69 -59.04 -31.07
CA GLN C 342 -32.38 -59.43 -29.86
C GLN C 342 -31.57 -58.99 -28.65
N PHE C 343 -32.28 -58.70 -27.57
CA PHE C 343 -31.69 -58.20 -26.34
C PHE C 343 -31.47 -59.33 -25.34
N VAL C 344 -30.76 -58.98 -24.26
CA VAL C 344 -30.98 -59.65 -22.99
C VAL C 344 -32.42 -59.39 -22.57
N ASP C 345 -33.17 -60.48 -22.33
CA ASP C 345 -34.62 -60.36 -22.19
C ASP C 345 -35.03 -59.69 -20.90
N TRP C 346 -34.28 -59.93 -19.81
CA TRP C 346 -34.69 -59.31 -18.55
C TRP C 346 -34.33 -57.82 -18.45
N CYS C 347 -33.73 -57.24 -19.49
CA CYS C 347 -33.55 -55.79 -19.59
C CYS C 347 -34.40 -55.27 -20.74
N PRO C 348 -35.69 -55.00 -20.53
CA PRO C 348 -36.55 -54.56 -21.63
C PRO C 348 -36.41 -53.08 -21.96
N THR C 349 -35.81 -52.28 -21.09
CA THR C 349 -35.60 -50.87 -21.34
C THR C 349 -34.12 -50.69 -21.71
N GLY C 350 -33.80 -50.88 -22.98
CA GLY C 350 -32.42 -50.93 -23.40
C GLY C 350 -31.98 -49.89 -24.40
N PHE C 351 -32.38 -48.63 -24.19
CA PHE C 351 -31.98 -47.57 -25.10
C PHE C 351 -31.65 -46.31 -24.32
N LYS C 352 -30.60 -45.62 -24.73
CA LYS C 352 -30.26 -44.31 -24.21
C LYS C 352 -30.07 -43.38 -25.39
N VAL C 353 -30.92 -42.37 -25.50
CA VAL C 353 -30.97 -41.50 -26.66
C VAL C 353 -30.38 -40.15 -26.27
N GLY C 354 -29.57 -39.58 -27.16
CA GLY C 354 -29.03 -38.25 -26.92
C GLY C 354 -29.00 -37.44 -28.20
N ILE C 355 -29.63 -36.27 -28.19
CA ILE C 355 -29.78 -35.45 -29.38
C ILE C 355 -29.05 -34.13 -29.16
N ASN C 356 -28.23 -33.75 -30.12
CA ASN C 356 -27.60 -32.43 -30.13
C ASN C 356 -27.93 -31.75 -31.45
N TYR C 357 -28.23 -30.47 -31.40
CA TYR C 357 -28.55 -29.72 -32.62
C TYR C 357 -27.29 -29.07 -33.20
N GLN C 358 -26.23 -29.86 -33.37
CA GLN C 358 -25.00 -29.39 -33.96
C GLN C 358 -24.59 -30.36 -35.05
N PRO C 359 -24.16 -29.86 -36.22
CA PRO C 359 -23.83 -30.76 -37.32
C PRO C 359 -22.51 -31.45 -37.06
N PRO C 360 -22.32 -32.66 -37.58
CA PRO C 360 -20.99 -33.30 -37.52
C PRO C 360 -20.02 -32.56 -38.42
N THR C 361 -19.02 -31.95 -37.81
CA THR C 361 -18.05 -31.18 -38.57
C THR C 361 -17.14 -32.09 -39.37
N VAL C 362 -16.52 -31.53 -40.38
CA VAL C 362 -15.70 -32.27 -41.31
C VAL C 362 -14.24 -31.88 -41.12
N VAL C 363 -13.35 -32.85 -41.27
CA VAL C 363 -11.91 -32.63 -41.22
C VAL C 363 -11.34 -32.91 -42.60
N PRO C 364 -10.47 -32.03 -43.14
CA PRO C 364 -9.86 -32.27 -44.45
C PRO C 364 -8.89 -33.45 -44.43
N VAL C 371 -21.95 -33.48 -44.10
CA VAL C 371 -23.23 -34.20 -44.16
C VAL C 371 -24.25 -33.53 -43.24
N GLN C 372 -25.43 -34.11 -43.13
CA GLN C 372 -26.48 -33.55 -42.27
C GLN C 372 -26.33 -34.03 -40.83
N ARG C 373 -26.40 -35.34 -40.62
CA ARG C 373 -26.53 -35.90 -39.28
C ARG C 373 -25.56 -37.05 -39.09
N ALA C 374 -25.36 -37.42 -37.82
CA ALA C 374 -24.45 -38.51 -37.47
C ALA C 374 -24.94 -39.19 -36.20
N VAL C 375 -24.56 -40.46 -36.06
CA VAL C 375 -24.97 -41.31 -34.95
C VAL C 375 -23.73 -41.98 -34.37
N CYS C 376 -23.56 -41.88 -33.06
CA CYS C 376 -22.63 -42.72 -32.33
C CYS C 376 -23.45 -43.75 -31.56
N MET C 377 -23.15 -45.03 -31.76
CA MET C 377 -23.84 -46.11 -31.07
C MET C 377 -22.91 -46.75 -30.06
N LEU C 378 -23.40 -46.87 -28.82
CA LEU C 378 -22.65 -47.48 -27.73
C LEU C 378 -23.50 -48.65 -27.23
N SER C 379 -23.04 -49.87 -27.48
CA SER C 379 -23.82 -51.06 -27.19
C SER C 379 -23.00 -51.97 -26.28
N ASN C 380 -23.32 -51.94 -24.97
CA ASN C 380 -22.72 -52.87 -24.03
C ASN C 380 -23.44 -54.21 -24.22
N THR C 381 -22.78 -55.13 -24.92
CA THR C 381 -23.40 -56.38 -25.33
C THR C 381 -22.54 -57.56 -24.89
N THR C 382 -23.07 -58.76 -25.13
CA THR C 382 -22.37 -60.00 -24.86
C THR C 382 -21.62 -60.52 -26.08
N ALA C 383 -21.68 -59.82 -27.20
CA ALA C 383 -20.94 -60.22 -28.38
C ALA C 383 -19.45 -59.93 -28.24
N ILE C 384 -19.06 -59.06 -27.32
CA ILE C 384 -17.65 -58.72 -27.15
C ILE C 384 -16.91 -59.81 -26.38
N ALA C 385 -17.63 -60.68 -25.66
CA ALA C 385 -17.00 -61.66 -24.80
C ALA C 385 -16.26 -62.75 -25.56
N GLU C 386 -16.54 -62.93 -26.85
CA GLU C 386 -15.79 -63.90 -27.64
C GLU C 386 -14.42 -63.38 -28.03
N ALA C 387 -14.24 -62.06 -28.05
CA ALA C 387 -12.94 -61.47 -28.40
C ALA C 387 -11.89 -61.78 -27.33
N TRP C 388 -12.29 -61.85 -26.06
CA TRP C 388 -11.36 -62.23 -25.01
C TRP C 388 -10.92 -63.68 -25.16
N ALA C 389 -11.86 -64.55 -25.55
CA ALA C 389 -11.53 -65.96 -25.74
C ALA C 389 -10.62 -66.17 -26.94
N ARG C 390 -10.73 -65.30 -27.95
CA ARG C 390 -9.79 -65.36 -29.07
C ARG C 390 -8.40 -64.92 -28.65
N LEU C 391 -8.30 -64.10 -27.60
CA LEU C 391 -7.01 -63.64 -27.16
C LEU C 391 -6.45 -64.52 -26.04
N ASP C 392 -7.34 -65.19 -25.29
CA ASP C 392 -6.88 -66.20 -24.33
C ASP C 392 -6.25 -67.38 -25.03
N HIS C 393 -6.73 -67.70 -26.24
CA HIS C 393 -6.15 -68.79 -27.01
C HIS C 393 -4.75 -68.44 -27.50
N LYS C 394 -4.47 -67.15 -27.71
CA LYS C 394 -3.12 -66.73 -28.07
C LYS C 394 -2.18 -66.82 -26.88
N PHE C 395 -2.68 -66.48 -25.70
CA PHE C 395 -1.83 -66.34 -24.51
C PHE C 395 -1.44 -67.68 -23.91
N ASP C 396 -2.23 -68.74 -24.16
CA ASP C 396 -1.96 -70.02 -23.52
C ASP C 396 -0.72 -70.68 -24.10
N LEU C 397 -0.63 -70.72 -25.44
CA LEU C 397 0.43 -71.48 -26.09
C LEU C 397 1.78 -70.80 -25.93
N MET C 398 1.81 -69.46 -25.95
CA MET C 398 3.05 -68.73 -25.72
C MET C 398 3.50 -68.83 -24.28
N TYR C 399 2.59 -69.12 -23.36
CA TYR C 399 2.92 -69.42 -21.97
C TYR C 399 3.06 -70.92 -21.72
N ALA C 400 2.60 -71.75 -22.65
CA ALA C 400 2.80 -73.20 -22.53
C ALA C 400 4.27 -73.57 -22.69
N LYS C 401 4.99 -72.87 -23.56
CA LYS C 401 6.42 -73.07 -23.72
C LYS C 401 7.25 -72.37 -22.63
N ARG C 402 6.60 -71.58 -21.78
CA ARG C 402 7.24 -70.58 -20.92
C ARG C 402 8.17 -69.68 -21.73
N ALA C 403 7.64 -69.20 -22.86
CA ALA C 403 8.40 -68.31 -23.72
C ALA C 403 8.37 -66.90 -23.17
N PHE C 404 9.50 -66.20 -23.33
CA PHE C 404 9.68 -64.78 -23.01
C PHE C 404 9.46 -64.50 -21.53
N VAL C 405 9.67 -65.51 -20.69
CA VAL C 405 9.58 -65.33 -19.25
C VAL C 405 10.81 -64.57 -18.75
N HIS C 406 11.96 -64.75 -19.40
CA HIS C 406 13.21 -64.16 -18.97
C HIS C 406 13.33 -62.67 -19.31
N TRP C 407 12.28 -62.04 -19.84
CA TRP C 407 12.27 -60.59 -20.00
C TRP C 407 11.48 -59.92 -18.89
N TYR C 408 10.30 -60.46 -18.57
CA TYR C 408 9.51 -59.92 -17.47
C TYR C 408 10.16 -60.25 -16.12
N VAL C 409 10.59 -61.50 -15.95
CA VAL C 409 11.43 -61.84 -14.80
C VAL C 409 12.79 -61.16 -14.95
N GLY C 410 13.24 -60.96 -16.18
CA GLY C 410 14.43 -60.15 -16.42
C GLY C 410 14.26 -58.68 -16.09
N GLU C 411 13.02 -58.22 -15.92
CA GLU C 411 12.75 -56.85 -15.48
C GLU C 411 11.89 -56.83 -14.22
N GLY C 412 12.07 -57.81 -13.35
CA GLY C 412 11.41 -57.82 -12.06
C GLY C 412 9.92 -58.07 -12.07
N MET C 413 9.51 -59.31 -12.38
CA MET C 413 8.10 -59.66 -12.30
C MET C 413 7.97 -61.11 -11.86
N GLU C 414 6.97 -61.37 -11.02
CA GLU C 414 6.67 -62.71 -10.55
C GLU C 414 6.13 -63.58 -11.68
N GLU C 415 6.55 -64.85 -11.69
CA GLU C 415 5.99 -65.82 -12.63
C GLU C 415 4.53 -66.10 -12.31
N GLY C 416 4.21 -66.26 -11.04
CA GLY C 416 2.83 -66.46 -10.63
C GLY C 416 1.93 -65.25 -10.81
N GLU C 417 2.52 -64.07 -11.02
CA GLU C 417 1.73 -62.88 -11.33
C GLU C 417 1.07 -63.01 -12.70
N PHE C 418 1.70 -63.75 -13.61
CA PHE C 418 0.98 -64.23 -14.79
C PHE C 418 -0.15 -65.17 -14.40
N SER C 419 0.15 -66.13 -13.50
CA SER C 419 -0.81 -67.14 -13.13
C SER C 419 -1.93 -66.57 -12.26
N GLU C 420 -1.62 -65.55 -11.47
CA GLU C 420 -2.65 -64.87 -10.70
C GLU C 420 -3.61 -64.13 -11.63
N ALA C 421 -3.08 -63.52 -12.69
CA ALA C 421 -3.93 -62.88 -13.68
C ALA C 421 -4.50 -63.86 -14.69
N ARG C 422 -4.02 -65.11 -14.68
CA ARG C 422 -4.52 -66.12 -15.61
C ARG C 422 -5.94 -66.54 -15.26
N GLU C 423 -6.18 -66.83 -13.98
CA GLU C 423 -7.54 -67.16 -13.55
C GLU C 423 -8.43 -65.93 -13.49
N ASP C 424 -7.82 -64.73 -13.46
CA ASP C 424 -8.58 -63.50 -13.38
C ASP C 424 -9.39 -63.23 -14.65
N MET C 425 -8.90 -63.73 -15.79
CA MET C 425 -9.68 -63.62 -17.02
C MET C 425 -10.85 -64.61 -17.02
N ALA C 426 -10.67 -65.75 -16.35
CA ALA C 426 -11.74 -66.73 -16.25
C ALA C 426 -12.90 -66.21 -15.42
N ALA C 427 -12.60 -65.49 -14.33
CA ALA C 427 -13.65 -64.83 -13.57
C ALA C 427 -14.24 -63.66 -14.35
N LEU C 428 -13.47 -63.06 -15.25
CA LEU C 428 -14.02 -62.05 -16.14
C LEU C 428 -14.90 -62.69 -17.21
N GLU C 429 -14.50 -63.84 -17.72
CA GLU C 429 -15.21 -64.44 -18.85
C GLU C 429 -16.53 -65.06 -18.39
N LYS C 430 -16.57 -65.59 -17.16
CA LYS C 430 -17.79 -66.19 -16.64
C LYS C 430 -18.84 -65.16 -16.26
N ASP C 431 -18.51 -63.87 -16.27
CA ASP C 431 -19.50 -62.84 -16.02
C ASP C 431 -20.50 -62.76 -17.17
N TYR C 432 -20.00 -62.60 -18.40
CA TYR C 432 -20.87 -62.45 -19.56
C TYR C 432 -21.63 -63.72 -19.87
N GLU C 433 -21.04 -64.88 -19.56
CA GLU C 433 -21.73 -66.14 -19.71
C GLU C 433 -22.89 -66.26 -18.74
N GLU C 434 -22.72 -65.75 -17.51
CA GLU C 434 -23.76 -65.84 -16.50
C GLU C 434 -24.90 -64.87 -16.79
N VAL C 435 -24.57 -63.67 -17.27
CA VAL C 435 -25.60 -62.69 -17.58
C VAL C 435 -26.37 -63.08 -18.85
N GLY C 436 -25.76 -63.88 -19.72
CA GLY C 436 -26.41 -64.25 -20.97
C GLY C 436 -27.65 -65.12 -20.79
N VAL C 437 -27.55 -66.12 -19.91
CA VAL C 437 -28.72 -66.92 -19.57
C VAL C 437 -29.63 -66.13 -18.64
N ASP C 438 -30.88 -66.57 -18.55
CA ASP C 438 -31.87 -65.87 -17.73
C ASP C 438 -31.63 -66.08 -16.24
N MET D 1 -93.61 1.96 7.52
CA MET D 1 -93.66 1.58 8.94
C MET D 1 -93.45 0.07 9.09
N ARG D 2 -93.63 -0.66 7.99
CA ARG D 2 -93.52 -2.12 7.97
C ARG D 2 -92.32 -2.49 7.12
N GLU D 3 -91.51 -3.43 7.59
CA GLU D 3 -90.22 -3.71 6.98
C GLU D 3 -90.04 -5.21 6.79
N CYS D 4 -89.14 -5.55 5.86
CA CYS D 4 -88.79 -6.94 5.57
C CYS D 4 -87.40 -6.96 4.95
N ILE D 5 -86.40 -7.29 5.75
CA ILE D 5 -85.01 -7.25 5.30
C ILE D 5 -84.68 -8.51 4.51
N SER D 6 -83.52 -8.49 3.85
CA SER D 6 -83.12 -9.59 2.98
C SER D 6 -81.65 -9.91 3.19
N ILE D 7 -81.33 -11.21 3.19
CA ILE D 7 -79.97 -11.72 3.33
C ILE D 7 -79.71 -12.65 2.15
N HIS D 8 -78.48 -12.61 1.63
CA HIS D 8 -78.08 -13.42 0.49
C HIS D 8 -76.87 -14.24 0.89
N VAL D 9 -77.00 -15.57 0.85
CA VAL D 9 -75.97 -16.48 1.32
C VAL D 9 -75.51 -17.34 0.16
N GLY D 10 -74.20 -17.37 -0.07
CA GLY D 10 -73.65 -18.19 -1.12
C GLY D 10 -73.69 -17.50 -2.47
N GLN D 11 -73.01 -18.13 -3.43
CA GLN D 11 -72.85 -17.53 -4.76
C GLN D 11 -74.15 -17.55 -5.55
N ALA D 12 -74.94 -18.62 -5.40
CA ALA D 12 -76.18 -18.73 -6.16
C ALA D 12 -77.22 -17.73 -5.71
N GLY D 13 -77.21 -17.36 -4.43
CA GLY D 13 -78.16 -16.39 -3.95
C GLY D 13 -77.85 -14.97 -4.39
N VAL D 14 -76.57 -14.67 -4.61
CA VAL D 14 -76.17 -13.33 -5.02
C VAL D 14 -76.67 -13.03 -6.42
N GLN D 15 -76.49 -13.97 -7.34
CA GLN D 15 -76.98 -13.78 -8.70
C GLN D 15 -78.51 -13.78 -8.76
N ILE D 16 -79.17 -14.38 -7.78
CA ILE D 16 -80.61 -14.16 -7.63
C ILE D 16 -80.86 -12.73 -7.22
N GLY D 17 -80.13 -12.24 -6.21
CA GLY D 17 -80.31 -10.88 -5.74
C GLY D 17 -79.88 -9.82 -6.73
N ASN D 18 -79.00 -10.17 -7.68
CA ASN D 18 -78.62 -9.22 -8.72
C ASN D 18 -79.79 -8.91 -9.65
N ALA D 19 -80.67 -9.88 -9.88
CA ALA D 19 -81.85 -9.64 -10.69
C ALA D 19 -83.04 -9.19 -9.87
N CYS D 20 -83.09 -9.57 -8.59
CA CYS D 20 -84.19 -9.14 -7.72
C CYS D 20 -84.17 -7.63 -7.52
N TRP D 21 -83.08 -7.10 -7.00
CA TRP D 21 -82.99 -5.66 -6.77
C TRP D 21 -82.88 -4.88 -8.08
N GLU D 22 -82.52 -5.54 -9.17
CA GLU D 22 -82.74 -4.96 -10.49
C GLU D 22 -84.21 -4.72 -10.73
N LEU D 23 -85.06 -5.66 -10.30
CA LEU D 23 -86.49 -5.52 -10.52
C LEU D 23 -87.10 -4.50 -9.58
N TYR D 24 -86.67 -4.49 -8.31
CA TYR D 24 -87.26 -3.60 -7.30
C TYR D 24 -87.02 -2.13 -7.64
N CYS D 25 -85.84 -1.83 -8.19
CA CYS D 25 -85.56 -0.46 -8.61
C CYS D 25 -86.43 -0.05 -9.78
N LEU D 26 -86.76 -0.99 -10.66
CA LEU D 26 -87.69 -0.71 -11.74
C LEU D 26 -89.13 -0.63 -11.26
N GLU D 27 -89.43 -1.19 -10.08
CA GLU D 27 -90.78 -1.10 -9.54
C GLU D 27 -91.07 0.32 -9.08
N HIS D 28 -90.30 0.81 -8.11
CA HIS D 28 -90.53 2.12 -7.52
C HIS D 28 -89.80 3.23 -8.26
N GLY D 29 -89.31 2.95 -9.47
CA GLY D 29 -88.65 3.97 -10.26
C GLY D 29 -87.27 4.36 -9.76
N ILE D 30 -86.63 3.50 -8.98
CA ILE D 30 -85.32 3.79 -8.42
C ILE D 30 -84.28 3.57 -9.50
N GLN D 31 -83.30 4.47 -9.57
CA GLN D 31 -82.15 4.33 -10.45
C GLN D 31 -81.19 3.32 -9.83
N PRO D 32 -80.12 2.93 -10.54
CA PRO D 32 -79.02 2.23 -9.85
C PRO D 32 -78.28 3.06 -8.82
N ASP D 33 -78.40 4.40 -8.86
CA ASP D 33 -77.76 5.27 -7.89
C ASP D 33 -78.61 5.54 -6.66
N GLY D 34 -79.64 4.71 -6.41
CA GLY D 34 -80.52 4.95 -5.28
C GLY D 34 -81.41 6.15 -5.40
N GLN D 35 -81.54 6.71 -6.60
CA GLN D 35 -82.24 7.95 -6.85
C GLN D 35 -83.55 7.67 -7.57
N MET D 36 -84.55 8.52 -7.32
CA MET D 36 -85.77 8.49 -8.10
C MET D 36 -86.13 9.94 -8.44
N PRO D 37 -86.48 10.22 -9.69
CA PRO D 37 -86.86 11.58 -10.08
C PRO D 37 -88.23 11.99 -9.54
N ASP D 47 -94.21 6.19 -2.08
CA ASP D 47 -94.69 6.57 -0.75
C ASP D 47 -94.34 5.49 0.28
N SER D 48 -95.19 4.47 0.38
CA SER D 48 -94.98 3.39 1.35
C SER D 48 -94.17 2.30 0.67
N PHE D 49 -92.85 2.35 0.85
CA PHE D 49 -91.93 1.33 0.35
C PHE D 49 -90.85 1.01 1.37
N ASN D 50 -91.20 1.14 2.66
CA ASN D 50 -90.31 0.87 3.78
C ASN D 50 -89.94 -0.60 3.90
N THR D 51 -90.65 -1.49 3.19
CA THR D 51 -90.39 -2.92 3.29
C THR D 51 -89.02 -3.29 2.76
N PHE D 52 -88.64 -2.72 1.61
CA PHE D 52 -87.37 -3.06 0.97
C PHE D 52 -86.40 -1.91 0.89
N PHE D 53 -86.73 -0.74 1.41
CA PHE D 53 -85.86 0.41 1.26
C PHE D 53 -85.89 1.27 2.51
N SER D 54 -84.89 2.14 2.63
CA SER D 54 -84.84 3.16 3.65
C SER D 54 -84.23 4.42 3.06
N GLU D 55 -84.65 5.56 3.59
CA GLU D 55 -84.27 6.86 3.06
C GLU D 55 -83.09 7.42 3.84
N THR D 56 -82.12 7.99 3.12
CA THR D 56 -81.00 8.66 3.73
C THR D 56 -81.40 10.07 4.15
N GLY D 57 -80.42 10.83 4.64
CA GLY D 57 -80.64 12.24 4.89
C GLY D 57 -80.85 13.00 3.60
N ALA D 58 -80.02 12.74 2.60
CA ALA D 58 -80.28 13.23 1.26
C ALA D 58 -81.27 12.30 0.55
N GLY D 59 -81.72 12.72 -0.62
CA GLY D 59 -82.70 11.96 -1.35
C GLY D 59 -82.14 10.74 -2.06
N LYS D 60 -81.68 9.77 -1.29
CA LYS D 60 -81.16 8.52 -1.83
C LYS D 60 -81.72 7.38 -1.00
N HIS D 61 -82.03 6.26 -1.64
CA HIS D 61 -82.52 5.10 -0.93
C HIS D 61 -81.57 3.93 -1.10
N VAL D 62 -81.42 3.16 -0.03
CA VAL D 62 -80.49 2.04 -0.01
C VAL D 62 -81.27 0.74 0.17
N PRO D 63 -80.79 -0.37 -0.37
CA PRO D 63 -81.51 -1.64 -0.16
C PRO D 63 -81.21 -2.25 1.19
N ARG D 64 -82.20 -2.95 1.72
CA ARG D 64 -82.03 -3.68 2.97
C ARG D 64 -81.52 -5.09 2.69
N ALA D 65 -80.29 -5.15 2.16
CA ALA D 65 -79.71 -6.39 1.71
C ALA D 65 -78.32 -6.58 2.30
N VAL D 66 -78.00 -7.82 2.64
CA VAL D 66 -76.69 -8.19 3.16
C VAL D 66 -76.15 -9.32 2.30
N PHE D 67 -74.99 -9.10 1.68
CA PHE D 67 -74.39 -10.07 0.77
C PHE D 67 -73.19 -10.69 1.45
N VAL D 68 -73.28 -11.97 1.79
CA VAL D 68 -72.17 -12.69 2.39
C VAL D 68 -71.63 -13.68 1.38
N ASP D 69 -70.31 -13.86 1.41
CA ASP D 69 -69.63 -14.87 0.61
C ASP D 69 -68.27 -15.14 1.24
N LEU D 70 -67.84 -16.40 1.14
CA LEU D 70 -66.53 -16.77 1.63
C LEU D 70 -65.45 -16.63 0.57
N GLU D 71 -65.84 -16.62 -0.71
CA GLU D 71 -64.90 -16.30 -1.76
C GLU D 71 -65.14 -14.89 -2.28
N PRO D 72 -64.10 -14.15 -2.65
CA PRO D 72 -64.29 -12.74 -3.03
C PRO D 72 -64.71 -12.50 -4.47
N THR D 73 -65.17 -13.52 -5.19
CA THR D 73 -65.36 -13.39 -6.63
C THR D 73 -66.63 -12.63 -6.99
N VAL D 74 -67.79 -13.19 -6.62
CA VAL D 74 -69.06 -12.70 -7.16
C VAL D 74 -69.46 -11.38 -6.50
N ILE D 75 -68.91 -11.06 -5.33
CA ILE D 75 -69.25 -9.79 -4.70
C ILE D 75 -68.53 -8.65 -5.40
N ASP D 76 -67.34 -8.92 -5.95
CA ASP D 76 -66.65 -7.95 -6.79
C ASP D 76 -67.43 -7.68 -8.07
N GLU D 77 -68.23 -8.64 -8.53
CA GLU D 77 -69.10 -8.41 -9.67
C GLU D 77 -70.22 -7.45 -9.34
N VAL D 78 -70.55 -7.28 -8.06
CA VAL D 78 -71.43 -6.22 -7.65
C VAL D 78 -70.64 -4.95 -7.33
N ARG D 79 -69.46 -5.11 -6.72
CA ARG D 79 -68.63 -3.96 -6.36
C ARG D 79 -68.00 -3.27 -7.57
N THR D 80 -68.04 -3.89 -8.74
CA THR D 80 -67.56 -3.26 -9.96
C THR D 80 -68.62 -3.22 -11.06
N GLY D 81 -69.78 -3.80 -10.83
CA GLY D 81 -70.80 -3.93 -11.86
C GLY D 81 -71.56 -2.64 -12.11
N THR D 82 -72.65 -2.79 -12.85
CA THR D 82 -73.53 -1.64 -13.12
C THR D 82 -74.26 -1.21 -11.86
N TYR D 83 -74.80 -2.16 -11.11
CA TYR D 83 -75.34 -1.88 -9.78
C TYR D 83 -74.18 -1.87 -8.79
N ARG D 84 -73.47 -0.74 -8.76
CA ARG D 84 -72.34 -0.54 -7.87
C ARG D 84 -72.66 0.48 -6.78
N GLN D 85 -73.18 1.63 -7.17
CA GLN D 85 -73.44 2.73 -6.24
C GLN D 85 -74.67 2.52 -5.39
N LEU D 86 -75.42 1.44 -5.61
CA LEU D 86 -76.65 1.25 -4.85
C LEU D 86 -76.36 0.79 -3.42
N PHE D 87 -75.29 0.05 -3.22
CA PHE D 87 -75.09 -0.69 -1.98
C PHE D 87 -74.15 0.02 -1.03
N HIS D 88 -74.52 0.01 0.25
CA HIS D 88 -73.64 0.46 1.31
C HIS D 88 -72.42 -0.47 1.38
N PRO D 89 -71.19 0.05 1.34
CA PRO D 89 -70.02 -0.82 1.40
C PRO D 89 -69.83 -1.53 2.73
N GLU D 90 -70.53 -1.12 3.78
CA GLU D 90 -70.56 -1.92 5.00
C GLU D 90 -71.52 -3.10 4.90
N GLN D 91 -72.33 -3.16 3.85
CA GLN D 91 -73.19 -4.32 3.64
C GLN D 91 -72.46 -5.41 2.87
N LEU D 92 -71.64 -5.00 1.91
CA LEU D 92 -70.95 -5.93 1.02
C LEU D 92 -69.84 -6.63 1.80
N ILE D 93 -70.10 -7.86 2.21
CA ILE D 93 -69.21 -8.59 3.10
C ILE D 93 -68.60 -9.75 2.33
N THR D 94 -67.27 -9.83 2.32
CA THR D 94 -66.55 -10.88 1.63
C THR D 94 -65.69 -11.66 2.61
N GLY D 95 -65.39 -12.91 2.24
CA GLY D 95 -64.41 -13.71 2.93
C GLY D 95 -63.12 -13.82 2.15
N LYS D 96 -62.30 -14.79 2.53
CA LYS D 96 -61.05 -15.05 1.81
C LYS D 96 -61.03 -16.42 1.18
N GLU D 97 -61.27 -17.48 1.94
CA GLU D 97 -61.25 -18.84 1.44
C GLU D 97 -62.66 -19.41 1.49
N ASP D 98 -63.09 -20.00 0.38
CA ASP D 98 -64.44 -20.51 0.28
C ASP D 98 -64.58 -21.83 1.03
N ALA D 99 -65.83 -22.19 1.32
CA ALA D 99 -66.11 -23.54 1.78
C ALA D 99 -65.86 -24.55 0.68
N ALA D 100 -66.05 -24.14 -0.57
CA ALA D 100 -65.67 -24.89 -1.78
C ALA D 100 -66.35 -26.26 -1.85
N ASN D 101 -67.69 -26.21 -1.79
CA ASN D 101 -68.56 -27.38 -1.81
C ASN D 101 -68.23 -28.36 -0.68
N ASN D 102 -67.92 -27.80 0.49
CA ASN D 102 -67.71 -28.59 1.70
C ASN D 102 -68.58 -27.97 2.78
N TYR D 103 -69.62 -28.71 3.19
CA TYR D 103 -70.55 -28.21 4.19
C TYR D 103 -69.89 -28.06 5.56
N ALA D 104 -68.92 -28.92 5.87
CA ALA D 104 -68.22 -28.81 7.14
C ALA D 104 -67.30 -27.60 7.19
N ARG D 105 -66.89 -27.06 6.03
CA ARG D 105 -66.13 -25.83 6.03
C ARG D 105 -67.02 -24.62 6.22
N GLY D 106 -68.19 -24.62 5.62
CA GLY D 106 -69.13 -23.53 5.84
C GLY D 106 -69.76 -23.51 7.21
N HIS D 107 -69.75 -24.65 7.90
CA HIS D 107 -70.41 -24.78 9.19
C HIS D 107 -69.44 -24.75 10.37
N TYR D 108 -68.19 -25.15 10.16
CA TYR D 108 -67.19 -25.20 11.22
C TYR D 108 -65.94 -24.39 10.94
N THR D 109 -65.41 -24.42 9.72
CA THR D 109 -64.04 -23.97 9.52
C THR D 109 -63.93 -22.46 9.36
N ILE D 110 -64.51 -21.91 8.30
CA ILE D 110 -64.30 -20.52 7.92
C ILE D 110 -65.46 -19.64 8.37
N GLY D 111 -66.69 -20.13 8.21
CA GLY D 111 -67.89 -19.37 8.55
C GLY D 111 -68.01 -18.98 10.00
N LYS D 112 -67.31 -19.69 10.90
CA LYS D 112 -67.26 -19.30 12.30
C LYS D 112 -66.47 -18.02 12.55
N GLU D 113 -65.75 -17.51 11.56
CA GLU D 113 -64.92 -16.33 11.80
C GLU D 113 -65.65 -15.04 11.46
N ILE D 114 -66.31 -14.98 10.30
CA ILE D 114 -66.93 -13.73 9.89
C ILE D 114 -68.42 -13.74 10.23
N ILE D 115 -68.82 -14.65 11.13
CA ILE D 115 -70.20 -14.68 11.60
C ILE D 115 -70.53 -13.46 12.44
N ASP D 116 -69.52 -12.84 13.07
CA ASP D 116 -69.75 -11.69 13.93
C ASP D 116 -70.15 -10.46 13.14
N LEU D 117 -69.58 -10.31 11.94
CA LEU D 117 -69.82 -9.10 11.17
C LEU D 117 -71.23 -9.07 10.60
N VAL D 118 -71.69 -10.19 10.03
CA VAL D 118 -72.96 -10.23 9.33
C VAL D 118 -74.12 -10.08 10.31
N LEU D 119 -74.01 -10.74 11.47
CA LEU D 119 -75.05 -10.62 12.50
C LEU D 119 -75.09 -9.22 13.10
N ASP D 120 -73.96 -8.53 13.09
CA ASP D 120 -73.94 -7.16 13.61
C ASP D 120 -74.62 -6.21 12.65
N ARG D 121 -74.59 -6.53 11.35
CA ARG D 121 -75.26 -5.69 10.36
C ARG D 121 -76.77 -5.79 10.44
N ILE D 122 -77.30 -6.84 11.07
CA ILE D 122 -78.74 -7.02 11.18
C ILE D 122 -79.33 -5.99 12.13
N ARG D 123 -78.74 -5.84 13.31
CA ARG D 123 -79.25 -4.89 14.29
C ARG D 123 -79.01 -3.47 13.85
N LYS D 124 -77.97 -3.23 13.06
CA LYS D 124 -77.79 -1.91 12.44
C LYS D 124 -78.89 -1.62 11.44
N LEU D 125 -79.45 -2.65 10.80
CA LEU D 125 -80.64 -2.44 9.99
C LEU D 125 -81.90 -2.44 10.84
N ALA D 126 -81.89 -3.16 11.96
CA ALA D 126 -83.07 -3.28 12.80
C ALA D 126 -83.34 -2.04 13.64
N ASP D 127 -82.48 -1.03 13.59
CA ASP D 127 -82.77 0.24 14.24
C ASP D 127 -83.94 0.93 13.56
N GLN D 128 -83.81 1.24 12.28
CA GLN D 128 -84.84 1.95 11.54
C GLN D 128 -86.05 1.09 11.25
N CYS D 129 -85.94 -0.23 11.36
CA CYS D 129 -87.10 -1.09 11.21
C CYS D 129 -87.92 -1.10 12.49
N THR D 130 -89.23 -0.99 12.33
CA THR D 130 -90.11 -1.16 13.48
C THR D 130 -91.21 -2.18 13.23
N GLY D 131 -91.72 -2.27 12.00
CA GLY D 131 -92.65 -3.32 11.64
C GLY D 131 -91.92 -4.47 10.99
N LEU D 132 -91.04 -5.12 11.75
CA LEU D 132 -90.26 -6.23 11.23
C LEU D 132 -91.15 -7.45 11.05
N GLN D 133 -91.42 -7.81 9.79
CA GLN D 133 -92.44 -8.80 9.48
C GLN D 133 -91.93 -10.03 8.74
N GLY D 134 -90.64 -10.11 8.41
CA GLY D 134 -90.14 -11.28 7.72
C GLY D 134 -88.69 -11.10 7.32
N PHE D 135 -88.01 -12.23 7.18
CA PHE D 135 -86.64 -12.29 6.71
C PHE D 135 -86.59 -12.99 5.36
N LEU D 136 -85.59 -12.64 4.56
CA LEU D 136 -85.38 -13.26 3.25
C LEU D 136 -83.96 -13.81 3.20
N VAL D 137 -83.84 -15.12 3.03
CA VAL D 137 -82.54 -15.79 2.93
C VAL D 137 -82.50 -16.52 1.60
N PHE D 138 -81.85 -15.93 0.60
CA PHE D 138 -81.73 -16.55 -0.72
C PHE D 138 -80.52 -17.47 -0.68
N HIS D 139 -80.74 -18.73 -0.32
CA HIS D 139 -79.64 -19.66 -0.17
C HIS D 139 -79.90 -20.90 -1.01
N SER D 140 -78.86 -21.39 -1.67
CA SER D 140 -78.98 -22.65 -2.39
C SER D 140 -78.50 -23.80 -1.51
N PHE D 141 -78.87 -25.00 -1.91
CA PHE D 141 -78.37 -26.20 -1.26
C PHE D 141 -77.23 -26.85 -2.04
N GLY D 142 -76.84 -26.27 -3.17
CA GLY D 142 -75.78 -26.82 -3.98
C GLY D 142 -74.40 -26.51 -3.43
N GLY D 143 -74.06 -25.23 -3.37
CA GLY D 143 -72.75 -24.86 -2.89
C GLY D 143 -72.62 -24.98 -1.38
N GLY D 144 -71.37 -25.19 -0.94
CA GLY D 144 -71.12 -25.33 0.48
C GLY D 144 -71.31 -24.03 1.24
N THR D 145 -71.00 -22.90 0.60
CA THR D 145 -71.14 -21.61 1.28
C THR D 145 -72.61 -21.24 1.44
N GLY D 146 -73.42 -21.54 0.42
CA GLY D 146 -74.85 -21.29 0.51
C GLY D 146 -75.60 -22.24 1.43
N SER D 147 -74.95 -23.28 1.92
CA SER D 147 -75.56 -24.22 2.85
C SER D 147 -74.89 -24.22 4.20
N GLY D 148 -73.56 -24.15 4.24
CA GLY D 148 -72.84 -24.21 5.50
C GLY D 148 -73.02 -22.94 6.32
N PHE D 149 -73.03 -21.78 5.65
CA PHE D 149 -73.33 -20.54 6.36
C PHE D 149 -74.80 -20.44 6.71
N THR D 150 -75.67 -21.13 5.97
CA THR D 150 -77.11 -21.04 6.19
C THR D 150 -77.50 -21.62 7.55
N SER D 151 -76.85 -22.72 7.94
CA SER D 151 -77.15 -23.32 9.24
C SER D 151 -76.62 -22.48 10.38
N LEU D 152 -75.44 -21.89 10.21
CA LEU D 152 -74.86 -21.07 11.27
C LEU D 152 -75.62 -19.76 11.43
N LEU D 153 -76.22 -19.26 10.35
CA LEU D 153 -76.90 -17.96 10.40
C LEU D 153 -78.24 -18.06 11.12
N MET D 154 -79.00 -19.13 10.86
CA MET D 154 -80.36 -19.21 11.37
C MET D 154 -80.42 -19.55 12.84
N GLU D 155 -79.34 -20.06 13.43
CA GLU D 155 -79.36 -20.43 14.84
C GLU D 155 -79.42 -19.20 15.74
N ARG D 156 -78.73 -18.13 15.35
CA ARG D 156 -78.65 -16.96 16.21
C ARG D 156 -79.91 -16.10 16.13
N LEU D 157 -80.67 -16.21 15.04
CA LEU D 157 -81.79 -15.30 14.82
C LEU D 157 -82.99 -15.66 15.67
N SER D 158 -83.25 -16.95 15.86
CA SER D 158 -84.28 -17.36 16.81
C SER D 158 -83.86 -17.11 18.24
N VAL D 159 -82.55 -17.06 18.50
CA VAL D 159 -82.07 -16.53 19.76
C VAL D 159 -82.22 -15.01 19.78
N ASP D 160 -82.02 -14.36 18.63
CA ASP D 160 -82.17 -12.91 18.55
C ASP D 160 -83.63 -12.51 18.65
N TYR D 161 -84.47 -13.02 17.75
CA TYR D 161 -85.86 -12.59 17.68
C TYR D 161 -86.83 -13.64 18.19
N GLY D 162 -86.80 -14.85 17.63
CA GLY D 162 -87.67 -15.91 18.08
C GLY D 162 -89.08 -15.82 17.55
N LYS D 163 -89.74 -14.68 17.76
CA LYS D 163 -91.12 -14.50 17.34
C LYS D 163 -91.25 -13.98 15.91
N LYS D 164 -90.19 -13.40 15.35
CA LYS D 164 -90.30 -12.76 14.05
C LYS D 164 -90.21 -13.81 12.94
N SER D 165 -90.67 -13.42 11.76
CA SER D 165 -90.80 -14.35 10.64
C SER D 165 -89.48 -14.50 9.90
N LYS D 166 -89.21 -15.73 9.45
CA LYS D 166 -87.97 -16.07 8.77
C LYS D 166 -88.32 -16.93 7.57
N LEU D 167 -88.15 -16.38 6.36
CA LEU D 167 -88.52 -17.06 5.12
C LEU D 167 -87.29 -17.31 4.27
N GLU D 168 -87.31 -18.42 3.53
CA GLU D 168 -86.15 -18.88 2.77
C GLU D 168 -86.60 -19.22 1.35
N PHE D 169 -86.32 -18.33 0.39
CA PHE D 169 -86.58 -18.61 -1.01
C PHE D 169 -85.36 -19.35 -1.57
N SER D 170 -85.43 -20.67 -1.49
CA SER D 170 -84.26 -21.50 -1.71
C SER D 170 -84.28 -22.14 -3.09
N ILE D 171 -83.24 -22.91 -3.38
CA ILE D 171 -83.08 -23.59 -4.67
C ILE D 171 -82.90 -25.08 -4.39
N TYR D 172 -83.81 -25.88 -4.91
CA TYR D 172 -83.79 -27.31 -4.66
C TYR D 172 -82.79 -27.99 -5.59
N PRO D 173 -82.01 -28.95 -5.09
CA PRO D 173 -81.05 -29.66 -5.96
C PRO D 173 -81.75 -30.65 -6.87
N ALA D 174 -81.33 -30.67 -8.14
CA ALA D 174 -82.08 -31.35 -9.19
C ALA D 174 -81.86 -32.86 -9.14
N PRO D 175 -82.90 -33.65 -9.43
CA PRO D 175 -82.74 -35.11 -9.39
C PRO D 175 -81.97 -35.68 -10.57
N GLN D 176 -81.96 -35.01 -11.73
CA GLN D 176 -81.19 -35.50 -12.87
C GLN D 176 -80.03 -34.58 -13.24
N VAL D 177 -80.29 -33.31 -13.51
CA VAL D 177 -79.22 -32.43 -13.96
C VAL D 177 -78.51 -31.89 -12.72
N SER D 178 -77.52 -32.64 -12.24
CA SER D 178 -76.86 -32.33 -10.99
C SER D 178 -75.39 -32.05 -11.25
N THR D 179 -74.92 -30.88 -10.80
CA THR D 179 -73.59 -30.40 -11.14
C THR D 179 -72.50 -30.99 -10.24
N ALA D 180 -72.57 -30.73 -8.95
CA ALA D 180 -71.51 -31.13 -8.05
C ALA D 180 -71.71 -32.58 -7.61
N VAL D 181 -70.82 -33.05 -6.76
CA VAL D 181 -70.80 -34.46 -6.36
C VAL D 181 -71.43 -34.66 -4.99
N VAL D 182 -71.07 -33.83 -4.02
CA VAL D 182 -71.51 -34.01 -2.64
C VAL D 182 -72.79 -33.21 -2.36
N GLU D 183 -73.50 -32.79 -3.40
CA GLU D 183 -74.84 -32.24 -3.23
C GLU D 183 -75.84 -33.14 -2.51
N PRO D 184 -75.81 -34.49 -2.61
CA PRO D 184 -76.63 -35.27 -1.67
C PRO D 184 -76.20 -35.13 -0.22
N TYR D 185 -74.93 -34.85 0.05
CA TYR D 185 -74.49 -34.68 1.43
C TYR D 185 -74.96 -33.38 2.05
N ASN D 186 -75.33 -32.39 1.24
CA ASN D 186 -75.74 -31.10 1.80
C ASN D 186 -77.10 -31.17 2.45
N SER D 187 -78.04 -31.88 1.81
CA SER D 187 -79.44 -31.78 2.18
C SER D 187 -79.75 -32.46 3.50
N ILE D 188 -79.12 -33.61 3.77
CA ILE D 188 -79.41 -34.33 5.00
C ILE D 188 -78.81 -33.60 6.19
N LEU D 189 -77.67 -32.94 6.00
CA LEU D 189 -77.03 -32.25 7.11
C LEU D 189 -77.75 -30.95 7.45
N THR D 190 -78.29 -30.25 6.45
CA THR D 190 -78.97 -28.99 6.67
C THR D 190 -80.41 -29.15 7.14
N THR D 191 -80.88 -30.39 7.26
CA THR D 191 -82.29 -30.64 7.55
C THR D 191 -82.66 -30.22 8.96
N HIS D 192 -81.77 -30.48 9.92
CA HIS D 192 -82.08 -30.20 11.32
C HIS D 192 -82.15 -28.71 11.61
N THR D 193 -81.44 -27.89 10.84
CA THR D 193 -81.52 -26.45 11.06
C THR D 193 -82.80 -25.87 10.48
N THR D 194 -83.04 -26.08 9.18
CA THR D 194 -84.15 -25.44 8.50
C THR D 194 -85.50 -26.06 8.84
N LEU D 195 -85.53 -27.16 9.58
CA LEU D 195 -86.80 -27.65 10.10
C LEU D 195 -87.04 -27.14 11.52
N GLU D 196 -86.01 -26.62 12.17
CA GLU D 196 -86.13 -26.11 13.52
C GLU D 196 -85.94 -24.61 13.63
N HIS D 197 -85.73 -23.91 12.52
CA HIS D 197 -85.63 -22.46 12.61
C HIS D 197 -86.55 -21.76 11.62
N SER D 198 -86.66 -22.31 10.41
CA SER D 198 -87.36 -21.63 9.33
C SER D 198 -88.86 -21.78 9.49
N ASP D 199 -89.57 -20.65 9.40
CA ASP D 199 -91.02 -20.69 9.54
C ASP D 199 -91.70 -21.27 8.30
N CYS D 200 -91.17 -20.96 7.12
CA CYS D 200 -91.73 -21.50 5.88
C CYS D 200 -90.65 -21.47 4.80
N ALA D 201 -90.04 -22.62 4.53
CA ALA D 201 -89.05 -22.74 3.48
C ALA D 201 -89.73 -22.91 2.13
N PHE D 202 -88.98 -22.65 1.07
CA PHE D 202 -89.49 -22.67 -0.30
C PHE D 202 -88.53 -23.43 -1.19
N MET D 203 -89.04 -24.44 -1.88
CA MET D 203 -88.24 -25.24 -2.80
C MET D 203 -88.49 -24.81 -4.23
N VAL D 204 -87.41 -24.62 -4.99
CA VAL D 204 -87.47 -24.35 -6.42
C VAL D 204 -86.40 -25.20 -7.09
N ASP D 205 -86.80 -26.04 -8.05
CA ASP D 205 -85.86 -26.86 -8.79
C ASP D 205 -85.42 -26.14 -10.07
N ASN D 206 -84.17 -26.37 -10.46
CA ASN D 206 -83.67 -25.84 -11.71
C ASN D 206 -84.30 -26.54 -12.91
N GLU D 207 -84.68 -27.81 -12.74
CA GLU D 207 -84.99 -28.67 -13.88
C GLU D 207 -86.30 -28.30 -14.56
N ALA D 208 -87.32 -27.93 -13.79
CA ALA D 208 -88.60 -27.55 -14.38
C ALA D 208 -88.54 -26.21 -15.08
N ILE D 209 -87.53 -25.39 -14.77
CA ILE D 209 -87.39 -24.07 -15.38
C ILE D 209 -87.02 -24.20 -16.86
N TYR D 210 -86.28 -25.26 -17.22
CA TYR D 210 -85.75 -25.40 -18.56
C TYR D 210 -86.85 -25.54 -19.61
N ASP D 211 -87.80 -26.46 -19.38
CA ASP D 211 -88.87 -26.67 -20.34
C ASP D 211 -89.81 -25.48 -20.39
N ILE D 212 -89.94 -24.75 -19.28
CA ILE D 212 -90.64 -23.47 -19.29
C ILE D 212 -89.90 -22.48 -20.17
N CYS D 213 -88.58 -22.46 -20.08
CA CYS D 213 -87.79 -21.63 -20.99
C CYS D 213 -87.83 -22.18 -22.41
N ARG D 214 -87.76 -23.50 -22.56
CA ARG D 214 -87.70 -24.11 -23.88
C ARG D 214 -89.02 -23.99 -24.62
N ARG D 215 -90.09 -24.53 -24.04
CA ARG D 215 -91.37 -24.53 -24.73
C ARG D 215 -92.09 -23.19 -24.55
N ASN D 216 -92.40 -22.83 -23.32
CA ASN D 216 -93.29 -21.70 -23.06
C ASN D 216 -92.63 -20.35 -23.31
N LEU D 217 -91.30 -20.29 -23.33
CA LEU D 217 -90.58 -19.05 -23.55
C LEU D 217 -89.79 -19.04 -24.85
N ASP D 218 -89.93 -20.07 -25.69
CA ASP D 218 -89.45 -20.14 -27.07
C ASP D 218 -87.92 -20.05 -27.19
N ILE D 219 -87.18 -20.24 -26.10
CA ILE D 219 -85.72 -20.24 -26.13
C ILE D 219 -85.26 -21.56 -25.53
N GLU D 220 -84.80 -22.48 -26.37
CA GLU D 220 -84.46 -23.81 -25.92
C GLU D 220 -83.21 -23.82 -25.05
N ARG D 221 -82.34 -22.83 -25.18
CA ARG D 221 -81.05 -22.78 -24.50
C ARG D 221 -81.03 -21.60 -23.54
N PRO D 222 -81.43 -21.80 -22.29
CA PRO D 222 -81.54 -20.67 -21.37
C PRO D 222 -80.19 -20.30 -20.78
N THR D 223 -80.15 -19.11 -20.19
CA THR D 223 -79.00 -18.61 -19.45
C THR D 223 -79.39 -18.41 -17.99
N TYR D 224 -78.37 -18.50 -17.11
CA TYR D 224 -78.60 -18.28 -15.68
C TYR D 224 -79.08 -16.86 -15.38
N THR D 225 -78.78 -15.91 -16.25
CA THR D 225 -79.39 -14.59 -16.14
C THR D 225 -80.90 -14.68 -16.35
N ASN D 226 -81.36 -15.57 -17.21
CA ASN D 226 -82.79 -15.72 -17.43
C ASN D 226 -83.46 -16.65 -16.44
N LEU D 227 -82.73 -17.58 -15.83
CA LEU D 227 -83.31 -18.40 -14.76
C LEU D 227 -83.69 -17.57 -13.55
N ASN D 228 -82.93 -16.52 -13.27
CA ASN D 228 -83.22 -15.69 -12.10
C ASN D 228 -84.41 -14.79 -12.34
N ARG D 229 -84.74 -14.50 -13.61
CA ARG D 229 -85.85 -13.62 -13.92
C ARG D 229 -87.19 -14.26 -13.56
N LEU D 230 -87.25 -15.58 -13.57
CA LEU D 230 -88.50 -16.27 -13.26
C LEU D 230 -88.80 -16.23 -11.76
N ILE D 231 -87.78 -16.45 -10.93
CA ILE D 231 -87.99 -16.45 -9.49
C ILE D 231 -88.18 -15.03 -8.97
N SER D 232 -87.53 -14.05 -9.62
CA SER D 232 -87.64 -12.66 -9.18
C SER D 232 -89.04 -12.11 -9.36
N GLN D 233 -89.80 -12.64 -10.32
CA GLN D 233 -91.19 -12.24 -10.42
C GLN D 233 -92.03 -12.84 -9.31
N ILE D 234 -91.62 -14.00 -8.79
CA ILE D 234 -92.37 -14.64 -7.71
C ILE D 234 -92.20 -13.86 -6.42
N VAL D 235 -90.98 -13.44 -6.12
CA VAL D 235 -90.66 -12.80 -4.85
C VAL D 235 -91.35 -11.44 -4.75
N SER D 236 -91.51 -10.76 -5.89
CA SER D 236 -92.19 -9.47 -5.90
C SER D 236 -93.68 -9.62 -5.60
N SER D 237 -94.34 -10.58 -6.25
CA SER D 237 -95.78 -10.73 -6.09
C SER D 237 -96.17 -11.33 -4.75
N ILE D 238 -95.21 -11.94 -4.03
CA ILE D 238 -95.47 -12.31 -2.64
C ILE D 238 -95.52 -11.06 -1.78
N THR D 239 -94.71 -10.07 -2.12
CA THR D 239 -94.69 -8.79 -1.41
C THR D 239 -95.65 -7.78 -2.01
N ALA D 240 -96.58 -8.21 -2.86
CA ALA D 240 -97.47 -7.28 -3.56
C ALA D 240 -98.53 -6.69 -2.66
N SER D 241 -98.72 -7.23 -1.46
CA SER D 241 -99.70 -6.65 -0.55
C SER D 241 -99.06 -5.59 0.34
N LEU D 242 -97.80 -5.78 0.70
CA LEU D 242 -97.12 -4.82 1.55
C LEU D 242 -96.74 -3.56 0.78
N ARG D 243 -96.17 -3.72 -0.40
CA ARG D 243 -95.62 -2.58 -1.14
C ARG D 243 -96.69 -1.75 -1.84
N PHE D 244 -97.93 -2.23 -1.89
CA PHE D 244 -98.98 -1.53 -2.61
C PHE D 244 -100.30 -1.74 -1.88
N ASP D 245 -101.40 -1.45 -2.58
CA ASP D 245 -102.74 -1.56 -2.03
C ASP D 245 -103.67 -2.23 -3.04
N GLY D 246 -104.11 -3.44 -2.70
CA GLY D 246 -105.18 -4.08 -3.44
C GLY D 246 -106.42 -4.18 -2.57
N ALA D 247 -107.53 -4.67 -3.12
CA ALA D 247 -108.75 -4.81 -2.33
C ALA D 247 -108.65 -5.91 -1.30
N LEU D 248 -107.77 -6.89 -1.52
CA LEU D 248 -107.56 -7.99 -0.58
C LEU D 248 -106.06 -8.15 -0.42
N ASN D 249 -105.49 -7.39 0.51
CA ASN D 249 -104.06 -7.45 0.78
C ASN D 249 -103.79 -8.49 1.85
N VAL D 250 -102.95 -9.47 1.52
CA VAL D 250 -102.63 -10.57 2.40
C VAL D 250 -101.19 -10.37 2.85
N ASP D 251 -101.00 -10.05 4.13
CA ASP D 251 -99.66 -9.77 4.61
C ASP D 251 -98.94 -11.06 5.00
N LEU D 252 -97.62 -10.96 5.18
CA LEU D 252 -96.75 -12.11 5.37
C LEU D 252 -96.92 -12.79 6.71
N THR D 253 -97.61 -12.16 7.66
CA THR D 253 -97.94 -12.87 8.90
C THR D 253 -99.00 -13.93 8.64
N GLU D 254 -99.89 -13.69 7.67
CA GLU D 254 -101.02 -14.58 7.46
C GLU D 254 -100.62 -15.86 6.73
N PHE D 255 -99.65 -15.78 5.81
CA PHE D 255 -99.25 -16.93 4.99
C PHE D 255 -98.73 -18.08 5.83
N GLN D 256 -97.86 -17.76 6.80
CA GLN D 256 -97.37 -18.80 7.69
C GLN D 256 -98.45 -19.30 8.64
N THR D 257 -99.52 -18.53 8.85
CA THR D 257 -100.66 -19.01 9.60
C THR D 257 -101.68 -19.71 8.71
N ASN D 258 -101.83 -19.29 7.46
CA ASN D 258 -102.73 -19.99 6.55
C ASN D 258 -102.15 -21.32 6.08
N LEU D 259 -100.95 -21.29 5.50
CA LEU D 259 -100.44 -22.44 4.74
C LEU D 259 -99.91 -23.56 5.62
N VAL D 260 -99.90 -23.41 6.94
CA VAL D 260 -99.25 -24.36 7.84
C VAL D 260 -100.33 -24.97 8.73
N PRO D 261 -100.73 -26.20 8.46
CA PRO D 261 -101.68 -26.88 9.35
C PRO D 261 -101.02 -27.49 10.57
N TYR D 262 -99.73 -27.85 10.44
CA TYR D 262 -98.96 -28.44 11.50
C TYR D 262 -97.56 -27.83 11.36
N PRO D 263 -96.94 -27.42 12.48
CA PRO D 263 -95.80 -26.49 12.40
C PRO D 263 -94.53 -27.09 11.83
N ARG D 264 -94.51 -28.38 11.52
CA ARG D 264 -93.38 -28.96 10.82
C ARG D 264 -93.54 -28.84 9.31
N ILE D 265 -94.77 -28.99 8.82
CA ILE D 265 -95.06 -28.92 7.39
C ILE D 265 -95.03 -27.46 6.98
N HIS D 266 -93.92 -27.03 6.37
CA HIS D 266 -93.80 -25.65 5.91
C HIS D 266 -93.06 -25.61 4.58
N PHE D 267 -93.40 -26.53 3.67
CA PHE D 267 -92.72 -26.63 2.38
C PHE D 267 -93.72 -26.54 1.22
N PRO D 268 -94.14 -25.34 0.84
CA PRO D 268 -94.94 -25.20 -0.37
C PRO D 268 -94.03 -25.06 -1.59
N LEU D 269 -94.64 -24.82 -2.74
CA LEU D 269 -93.90 -24.57 -3.95
C LEU D 269 -94.51 -23.39 -4.69
N ALA D 270 -93.65 -22.64 -5.37
CA ALA D 270 -94.06 -21.45 -6.09
C ALA D 270 -94.45 -21.81 -7.51
N THR D 271 -95.44 -21.07 -8.03
CA THR D 271 -95.88 -21.28 -9.41
C THR D 271 -96.29 -19.93 -9.97
N TYR D 272 -95.51 -19.45 -10.93
CA TYR D 272 -95.83 -18.21 -11.62
C TYR D 272 -96.57 -18.51 -12.90
N ALA D 273 -97.60 -17.71 -13.19
CA ALA D 273 -98.44 -17.89 -14.36
C ALA D 273 -99.15 -16.57 -14.61
N PRO D 274 -99.42 -16.20 -15.87
CA PRO D 274 -99.10 -16.88 -17.12
C PRO D 274 -97.67 -16.65 -17.58
N VAL D 275 -97.05 -17.70 -18.13
CA VAL D 275 -95.71 -17.62 -18.67
C VAL D 275 -95.82 -17.74 -20.18
N ILE D 276 -95.70 -16.61 -20.87
CA ILE D 276 -95.86 -16.53 -22.31
C ILE D 276 -94.59 -15.94 -22.91
N SER D 277 -94.52 -15.98 -24.24
CA SER D 277 -93.47 -15.31 -24.97
C SER D 277 -94.01 -14.04 -25.59
N ALA D 278 -93.12 -13.32 -26.29
CA ALA D 278 -93.52 -12.05 -26.90
C ALA D 278 -94.42 -12.28 -28.10
N GLU D 279 -94.09 -13.27 -28.94
CA GLU D 279 -94.91 -13.55 -30.10
C GLU D 279 -96.23 -14.23 -29.72
N LYS D 280 -96.26 -14.90 -28.57
CA LYS D 280 -97.47 -15.54 -28.09
C LYS D 280 -98.23 -14.64 -27.11
N ALA D 281 -97.89 -13.35 -27.08
CA ALA D 281 -98.67 -12.39 -26.28
C ALA D 281 -100.06 -12.20 -26.88
N TYR D 282 -100.19 -12.39 -28.18
CA TYR D 282 -101.49 -12.44 -28.82
C TYR D 282 -101.92 -13.90 -28.88
N HIS D 283 -102.97 -14.19 -29.67
CA HIS D 283 -103.59 -15.52 -29.80
C HIS D 283 -104.07 -16.06 -28.45
N GLU D 284 -104.51 -15.15 -27.58
CA GLU D 284 -104.89 -15.45 -26.21
C GLU D 284 -105.61 -14.23 -25.66
N GLN D 285 -106.27 -14.41 -24.52
CA GLN D 285 -106.95 -13.31 -23.84
C GLN D 285 -106.66 -13.23 -22.35
N LEU D 286 -106.23 -14.34 -21.73
CA LEU D 286 -105.67 -14.40 -20.37
C LEU D 286 -106.68 -13.93 -19.32
N SER D 287 -107.87 -14.49 -19.39
CA SER D 287 -108.87 -14.21 -18.37
C SER D 287 -108.50 -14.92 -17.07
N VAL D 288 -109.16 -14.51 -15.99
CA VAL D 288 -108.82 -15.02 -14.66
C VAL D 288 -109.23 -16.47 -14.46
N ALA D 289 -110.13 -16.99 -15.28
CA ALA D 289 -110.42 -18.42 -15.24
C ALA D 289 -109.52 -19.21 -16.18
N GLU D 290 -109.00 -18.56 -17.22
CA GLU D 290 -108.13 -19.24 -18.16
C GLU D 290 -106.79 -19.58 -17.53
N ILE D 291 -106.19 -18.62 -16.82
CA ILE D 291 -104.81 -18.77 -16.40
C ILE D 291 -104.68 -19.64 -15.15
N THR D 292 -105.71 -19.69 -14.30
CA THR D 292 -105.62 -20.48 -13.08
C THR D 292 -105.69 -21.98 -13.33
N ASN D 293 -106.28 -22.41 -14.44
CA ASN D 293 -106.16 -23.82 -14.81
C ASN D 293 -104.75 -24.13 -15.29
N ALA D 294 -104.06 -23.16 -15.89
CA ALA D 294 -102.67 -23.34 -16.27
C ALA D 294 -101.75 -23.37 -15.06
N CYS D 295 -102.21 -22.85 -13.92
CA CYS D 295 -101.43 -22.92 -12.70
C CYS D 295 -101.28 -24.37 -12.22
N PHE D 296 -102.38 -25.11 -12.24
CA PHE D 296 -102.35 -26.50 -11.81
C PHE D 296 -101.89 -27.46 -12.90
N GLU D 297 -101.43 -26.94 -14.03
CA GLU D 297 -100.78 -27.78 -15.02
C GLU D 297 -99.42 -28.22 -14.49
N PRO D 298 -99.06 -29.50 -14.61
CA PRO D 298 -97.79 -29.95 -14.03
C PRO D 298 -96.56 -29.40 -14.73
N ALA D 299 -96.67 -29.05 -16.01
CA ALA D 299 -95.52 -28.57 -16.75
C ALA D 299 -95.34 -27.06 -16.66
N ASN D 300 -96.13 -26.37 -15.85
CA ASN D 300 -95.95 -24.94 -15.64
C ASN D 300 -95.33 -24.61 -14.30
N GLN D 301 -95.30 -25.54 -13.36
CA GLN D 301 -94.70 -25.30 -12.06
C GLN D 301 -93.18 -25.37 -12.18
N MET D 302 -92.51 -24.90 -11.12
CA MET D 302 -91.06 -24.83 -11.11
C MET D 302 -90.43 -25.87 -10.19
N VAL D 303 -91.18 -26.91 -9.84
CA VAL D 303 -90.68 -28.02 -9.03
C VAL D 303 -91.02 -29.30 -9.77
N LYS D 304 -90.02 -30.18 -9.93
CA LYS D 304 -90.22 -31.45 -10.64
C LYS D 304 -90.95 -32.41 -9.70
N CYS D 305 -92.26 -32.19 -9.57
CA CYS D 305 -93.15 -33.04 -8.81
C CYS D 305 -94.51 -33.01 -9.48
N ASP D 306 -95.05 -34.19 -9.79
CA ASP D 306 -96.36 -34.26 -10.41
C ASP D 306 -97.44 -34.02 -9.36
N PRO D 307 -98.29 -33.00 -9.52
CA PRO D 307 -99.30 -32.72 -8.49
C PRO D 307 -100.42 -33.74 -8.44
N ARG D 308 -100.57 -34.59 -9.45
CA ARG D 308 -101.55 -35.66 -9.41
C ARG D 308 -100.95 -36.96 -8.90
N HIS D 309 -99.86 -36.89 -8.13
CA HIS D 309 -99.33 -38.03 -7.41
C HIS D 309 -99.55 -37.92 -5.91
N GLY D 310 -100.31 -36.93 -5.47
CA GLY D 310 -100.61 -36.76 -4.06
C GLY D 310 -101.89 -35.97 -3.86
N LYS D 311 -101.98 -35.22 -2.76
CA LYS D 311 -103.14 -34.39 -2.48
C LYS D 311 -102.67 -33.03 -1.99
N TYR D 312 -103.51 -32.02 -2.19
CA TYR D 312 -103.23 -30.67 -1.73
C TYR D 312 -103.70 -30.50 -0.30
N MET D 313 -102.78 -30.03 0.56
CA MET D 313 -103.16 -29.68 1.92
C MET D 313 -103.67 -28.25 2.01
N ALA D 314 -103.03 -27.32 1.31
CA ALA D 314 -103.48 -25.93 1.28
C ALA D 314 -102.99 -25.29 -0.01
N CYS D 315 -103.75 -24.31 -0.50
CA CYS D 315 -103.41 -23.62 -1.73
C CYS D 315 -103.56 -22.11 -1.53
N CYS D 316 -102.69 -21.35 -2.17
CA CYS D 316 -102.75 -19.90 -2.12
C CYS D 316 -102.61 -19.33 -3.52
N LEU D 317 -103.27 -18.21 -3.75
CA LEU D 317 -103.31 -17.57 -5.07
C LEU D 317 -103.13 -16.07 -4.89
N LEU D 318 -102.03 -15.53 -5.39
CA LEU D 318 -101.72 -14.10 -5.27
C LEU D 318 -101.86 -13.46 -6.64
N TYR D 319 -102.96 -12.74 -6.83
CA TYR D 319 -103.28 -12.11 -8.10
C TYR D 319 -102.72 -10.69 -8.14
N ARG D 320 -102.48 -10.21 -9.35
CA ARG D 320 -102.15 -8.81 -9.56
C ARG D 320 -102.58 -8.42 -10.97
N GLY D 321 -102.50 -7.13 -11.26
CA GLY D 321 -102.89 -6.65 -12.57
C GLY D 321 -104.29 -6.07 -12.63
N ASP D 322 -105.23 -6.85 -13.14
CA ASP D 322 -106.62 -6.42 -13.25
C ASP D 322 -107.50 -7.62 -12.94
N VAL D 323 -108.15 -7.60 -11.77
CA VAL D 323 -108.81 -8.76 -11.21
C VAL D 323 -110.10 -8.32 -10.55
N VAL D 324 -111.20 -8.99 -10.88
CA VAL D 324 -112.48 -8.85 -10.19
C VAL D 324 -112.75 -10.14 -9.42
N PRO D 325 -113.07 -10.07 -8.12
CA PRO D 325 -113.13 -11.30 -7.31
C PRO D 325 -114.27 -12.23 -7.66
N LYS D 326 -115.42 -11.70 -8.08
CA LYS D 326 -116.53 -12.54 -8.53
C LYS D 326 -116.14 -13.32 -9.77
N ASP D 327 -115.33 -12.72 -10.65
CA ASP D 327 -114.81 -13.45 -11.80
C ASP D 327 -113.82 -14.51 -11.38
N VAL D 328 -113.13 -14.29 -10.26
CA VAL D 328 -112.26 -15.31 -9.70
C VAL D 328 -113.07 -16.32 -8.89
N ASN D 329 -114.21 -15.88 -8.34
CA ASN D 329 -115.10 -16.75 -7.58
C ASN D 329 -115.62 -17.90 -8.44
N ALA D 330 -115.95 -17.60 -9.70
CA ALA D 330 -116.33 -18.66 -10.63
C ALA D 330 -115.14 -19.52 -11.00
N ALA D 331 -113.94 -18.94 -11.03
CA ALA D 331 -112.75 -19.70 -11.41
C ALA D 331 -112.37 -20.71 -10.32
N ILE D 332 -112.51 -20.32 -9.05
CA ILE D 332 -112.19 -21.23 -7.97
C ILE D 332 -113.27 -22.30 -7.85
N ALA D 333 -114.52 -21.98 -8.22
CA ALA D 333 -115.59 -22.95 -8.18
C ALA D 333 -115.40 -24.06 -9.20
N THR D 334 -114.66 -23.80 -10.28
CA THR D 334 -114.37 -24.85 -11.24
C THR D 334 -113.39 -25.87 -10.67
N ILE D 335 -112.37 -25.41 -9.96
CA ILE D 335 -111.27 -26.27 -9.56
C ILE D 335 -111.69 -27.21 -8.43
N LYS D 336 -112.62 -26.78 -7.58
CA LYS D 336 -113.18 -27.70 -6.61
C LYS D 336 -114.11 -28.72 -7.27
N THR D 337 -114.74 -28.34 -8.38
CA THR D 337 -115.63 -29.24 -9.11
C THR D 337 -114.90 -29.90 -10.27
N LYS D 338 -113.80 -30.58 -9.94
CA LYS D 338 -113.10 -31.46 -10.87
C LYS D 338 -112.72 -32.73 -10.11
N ARG D 339 -112.04 -33.64 -10.80
CA ARG D 339 -111.72 -34.92 -10.20
C ARG D 339 -110.25 -35.26 -10.26
N SER D 340 -109.55 -34.90 -11.33
CA SER D 340 -108.11 -35.17 -11.40
C SER D 340 -107.35 -34.23 -10.48
N ILE D 341 -107.90 -33.04 -10.22
CA ILE D 341 -107.40 -32.16 -9.16
C ILE D 341 -108.21 -32.46 -7.91
N GLN D 342 -107.52 -32.87 -6.84
CA GLN D 342 -108.21 -33.26 -5.62
C GLN D 342 -107.40 -32.82 -4.41
N PHE D 343 -108.11 -32.52 -3.34
CA PHE D 343 -107.51 -32.03 -2.10
C PHE D 343 -107.30 -33.15 -1.11
N VAL D 344 -106.58 -32.81 -0.03
CA VAL D 344 -106.81 -33.47 1.25
C VAL D 344 -108.25 -33.22 1.66
N ASP D 345 -109.00 -34.30 1.90
CA ASP D 345 -110.45 -34.18 2.04
C ASP D 345 -110.85 -33.51 3.33
N TRP D 346 -110.11 -33.74 4.42
CA TRP D 346 -110.52 -33.13 5.68
C TRP D 346 -110.16 -31.65 5.78
N CYS D 347 -109.55 -31.05 4.74
CA CYS D 347 -109.38 -29.61 4.64
C CYS D 347 -110.22 -29.09 3.48
N PRO D 348 -111.52 -28.82 3.70
CA PRO D 348 -112.37 -28.38 2.60
C PRO D 348 -112.24 -26.89 2.27
N THR D 349 -111.62 -26.10 3.13
CA THR D 349 -111.40 -24.68 2.88
C THR D 349 -109.93 -24.50 2.52
N GLY D 350 -109.62 -24.69 1.24
CA GLY D 350 -108.24 -24.76 0.83
C GLY D 350 -107.80 -23.71 -0.17
N PHE D 351 -108.19 -22.45 0.03
CA PHE D 351 -107.79 -21.39 -0.87
C PHE D 351 -107.46 -20.13 -0.08
N LYS D 352 -106.41 -19.45 -0.51
CA LYS D 352 -106.07 -18.14 0.02
C LYS D 352 -105.87 -17.20 -1.16
N VAL D 353 -106.73 -16.20 -1.26
CA VAL D 353 -106.77 -15.32 -2.43
C VAL D 353 -106.18 -13.98 -2.04
N GLY D 354 -105.38 -13.41 -2.93
CA GLY D 354 -104.84 -12.09 -2.70
C GLY D 354 -104.79 -11.26 -3.98
N ILE D 355 -105.42 -10.09 -3.97
CA ILE D 355 -105.57 -9.27 -5.16
C ILE D 355 -104.85 -7.96 -4.94
N ASN D 356 -104.02 -7.57 -5.90
CA ASN D 356 -103.39 -6.26 -5.91
C ASN D 356 -103.72 -5.59 -7.23
N TYR D 357 -104.02 -4.29 -7.18
CA TYR D 357 -104.32 -3.55 -8.40
C TYR D 357 -103.08 -2.90 -8.99
N GLN D 358 -102.03 -3.69 -9.15
CA GLN D 358 -100.79 -3.22 -9.74
C GLN D 358 -100.38 -4.19 -10.84
N PRO D 359 -99.96 -3.69 -12.00
CA PRO D 359 -99.62 -4.60 -13.10
C PRO D 359 -98.30 -5.28 -12.85
N PRO D 360 -98.11 -6.50 -13.37
CA PRO D 360 -96.79 -7.15 -13.30
C PRO D 360 -95.82 -6.40 -14.20
N THR D 361 -94.81 -5.79 -13.58
CA THR D 361 -93.84 -5.03 -14.34
C THR D 361 -92.93 -5.94 -15.15
N VAL D 362 -92.31 -5.37 -16.17
CA VAL D 362 -91.49 -6.13 -17.10
C VAL D 362 -90.03 -5.73 -16.89
N VAL D 363 -89.14 -6.71 -17.05
CA VAL D 363 -87.71 -6.48 -16.99
C VAL D 363 -87.14 -6.75 -18.38
N PRO D 364 -86.26 -5.89 -18.92
CA PRO D 364 -85.65 -6.13 -20.23
C PRO D 364 -84.68 -7.31 -20.21
N VAL D 371 -97.75 -7.32 -19.88
CA VAL D 371 -99.02 -8.04 -19.93
C VAL D 371 -100.03 -7.37 -19.01
N GLN D 372 -101.24 -7.95 -18.91
CA GLN D 372 -102.27 -7.39 -18.05
C GLN D 372 -102.13 -7.87 -16.61
N ARG D 373 -102.20 -9.18 -16.40
CA ARG D 373 -102.33 -9.73 -15.05
C ARG D 373 -101.35 -10.89 -14.86
N ALA D 374 -101.16 -11.27 -13.60
CA ALA D 374 -100.25 -12.34 -13.25
C ALA D 374 -100.73 -13.02 -11.98
N VAL D 375 -100.35 -14.30 -11.83
CA VAL D 375 -100.77 -15.15 -10.73
C VAL D 375 -99.53 -15.81 -10.15
N CYS D 376 -99.36 -15.71 -8.84
CA CYS D 376 -98.44 -16.56 -8.11
C CYS D 376 -99.26 -17.59 -7.32
N MET D 377 -98.96 -18.87 -7.54
CA MET D 377 -99.65 -19.94 -6.85
C MET D 377 -98.72 -20.58 -5.82
N LEU D 378 -99.21 -20.70 -4.60
CA LEU D 378 -98.46 -21.32 -3.50
C LEU D 378 -99.31 -22.48 -3.00
N SER D 379 -98.85 -23.70 -3.26
CA SER D 379 -99.63 -24.90 -2.96
C SER D 379 -98.82 -25.81 -2.04
N ASN D 380 -99.13 -25.77 -0.75
CA ASN D 380 -98.55 -26.70 0.21
C ASN D 380 -99.26 -28.04 0.01
N THR D 381 -98.61 -28.96 -0.69
CA THR D 381 -99.22 -30.22 -1.10
C THR D 381 -98.36 -31.40 -0.66
N THR D 382 -98.90 -32.60 -0.89
CA THR D 382 -98.19 -33.84 -0.62
C THR D 382 -97.45 -34.37 -1.84
N ALA D 383 -97.51 -33.65 -2.97
CA ALA D 383 -96.76 -34.06 -4.16
C ALA D 383 -95.27 -33.78 -4.01
N ILE D 384 -94.88 -32.90 -3.09
CA ILE D 384 -93.48 -32.56 -2.92
C ILE D 384 -92.73 -33.65 -2.16
N ALA D 385 -93.45 -34.52 -1.44
CA ALA D 385 -92.82 -35.50 -0.57
C ALA D 385 -92.09 -36.60 -1.32
N GLU D 386 -92.38 -36.77 -2.61
CA GLU D 386 -91.63 -37.74 -3.40
C GLU D 386 -90.25 -37.22 -3.79
N ALA D 387 -90.07 -35.90 -3.81
CA ALA D 387 -88.77 -35.33 -4.16
C ALA D 387 -87.72 -35.63 -3.11
N TRP D 388 -88.12 -35.70 -1.83
CA TRP D 388 -87.18 -36.07 -0.78
C TRP D 388 -86.75 -37.53 -0.93
N ALA D 389 -87.68 -38.40 -1.31
CA ALA D 389 -87.36 -39.81 -1.50
C ALA D 389 -86.46 -40.02 -2.70
N ARG D 390 -86.55 -39.15 -3.72
CA ARG D 390 -85.62 -39.21 -4.83
C ARG D 390 -84.24 -38.77 -4.41
N LEU D 391 -84.14 -37.95 -3.36
CA LEU D 391 -82.83 -37.50 -2.91
C LEU D 391 -82.29 -38.37 -1.80
N ASP D 392 -83.18 -39.05 -1.05
CA ASP D 392 -82.72 -40.05 -0.10
C ASP D 392 -82.08 -41.23 -0.79
N HIS D 393 -82.57 -41.55 -2.00
CA HIS D 393 -81.99 -42.65 -2.77
C HIS D 393 -80.59 -42.30 -3.26
N LYS D 394 -80.31 -41.00 -3.47
CA LYS D 394 -78.95 -40.59 -3.83
C LYS D 394 -78.02 -40.68 -2.64
N PHE D 395 -78.51 -40.33 -1.46
CA PHE D 395 -77.67 -40.20 -0.28
C PHE D 395 -77.28 -41.55 0.32
N ASP D 396 -78.07 -42.59 0.09
CA ASP D 396 -77.80 -43.88 0.72
C ASP D 396 -76.56 -44.54 0.13
N LEU D 397 -76.47 -44.58 -1.19
CA LEU D 397 -75.41 -45.34 -1.84
C LEU D 397 -74.06 -44.66 -1.69
N MET D 398 -74.03 -43.32 -1.71
CA MET D 398 -72.79 -42.59 -1.49
C MET D 398 -72.34 -42.69 -0.03
N TYR D 399 -73.26 -42.99 0.88
CA TYR D 399 -72.93 -43.28 2.26
C TYR D 399 -72.78 -44.78 2.52
N ALA D 400 -73.24 -45.62 1.58
CA ALA D 400 -73.04 -47.06 1.72
C ALA D 400 -71.58 -47.44 1.55
N LYS D 401 -70.86 -46.74 0.68
CA LYS D 401 -69.43 -46.94 0.53
C LYS D 401 -68.60 -46.25 1.61
N ARG D 402 -69.24 -45.45 2.47
CA ARG D 402 -68.60 -44.45 3.33
C ARG D 402 -67.67 -43.55 2.50
N ALA D 403 -68.20 -43.08 1.39
CA ALA D 403 -67.45 -42.18 0.52
C ALA D 403 -67.47 -40.77 1.06
N PHE D 404 -66.33 -40.07 0.91
CA PHE D 404 -66.16 -38.65 1.24
C PHE D 404 -66.37 -38.37 2.72
N VAL D 405 -66.16 -39.39 3.55
CA VAL D 405 -66.24 -39.19 5.00
C VAL D 405 -65.02 -38.44 5.49
N HIS D 406 -63.88 -38.62 4.84
CA HIS D 406 -62.62 -38.03 5.26
C HIS D 406 -62.50 -36.54 4.92
N TRP D 407 -63.55 -35.92 4.39
CA TRP D 407 -63.56 -34.47 4.24
C TRP D 407 -64.36 -33.79 5.35
N TYR D 408 -65.54 -34.33 5.66
CA TYR D 408 -66.31 -33.79 6.77
C TYR D 408 -65.68 -34.12 8.11
N VAL D 409 -65.23 -35.38 8.29
CA VAL D 409 -64.40 -35.71 9.43
C VAL D 409 -63.04 -35.03 9.29
N GLY D 410 -62.59 -34.83 8.05
CA GLY D 410 -61.40 -34.02 7.82
C GLY D 410 -61.57 -32.55 8.14
N GLU D 411 -62.81 -32.08 8.31
CA GLU D 411 -63.07 -30.72 8.75
C GLU D 411 -63.93 -30.70 10.02
N GLY D 412 -63.75 -31.69 10.89
CA GLY D 412 -64.41 -31.69 12.18
C GLY D 412 -65.91 -31.94 12.17
N MET D 413 -66.31 -33.17 11.87
CA MET D 413 -67.73 -33.53 11.94
C MET D 413 -67.85 -34.97 12.38
N GLU D 414 -68.86 -35.23 13.22
CA GLU D 414 -69.16 -36.58 13.69
C GLU D 414 -69.70 -37.45 12.56
N GLU D 415 -69.28 -38.72 12.54
CA GLU D 415 -69.85 -39.68 11.61
C GLU D 415 -71.30 -39.96 11.92
N GLY D 416 -71.63 -40.12 13.20
CA GLY D 416 -73.01 -40.32 13.61
C GLY D 416 -73.89 -39.11 13.43
N GLU D 417 -73.31 -37.92 13.23
CA GLU D 417 -74.10 -36.75 12.91
C GLU D 417 -74.75 -36.87 11.54
N PHE D 418 -74.13 -37.62 10.62
CA PHE D 418 -74.86 -38.09 9.44
C PHE D 418 -75.99 -39.03 9.84
N SER D 419 -75.68 -39.98 10.73
CA SER D 419 -76.65 -41.00 11.11
C SER D 419 -77.76 -40.42 11.98
N GLU D 420 -77.45 -39.40 12.77
CA GLU D 420 -78.49 -38.72 13.54
C GLU D 420 -79.45 -37.98 12.61
N ALA D 421 -78.92 -37.38 11.55
CA ALA D 421 -79.75 -36.74 10.55
C ALA D 421 -80.33 -37.73 9.55
N ARG D 422 -79.85 -38.97 9.55
CA ARG D 422 -80.36 -39.97 8.63
C ARG D 422 -81.78 -40.39 8.98
N GLU D 423 -82.03 -40.69 10.26
CA GLU D 423 -83.37 -41.01 10.69
C GLU D 423 -84.26 -39.77 10.75
N ASP D 424 -83.66 -38.58 10.78
CA ASP D 424 -84.42 -37.34 10.86
C ASP D 424 -85.21 -37.09 9.58
N MET D 425 -84.74 -37.58 8.44
CA MET D 425 -85.51 -37.46 7.22
C MET D 425 -86.68 -38.45 7.22
N ALA D 426 -86.51 -39.59 7.89
CA ALA D 426 -87.58 -40.58 7.98
C ALA D 426 -88.73 -40.05 8.82
N ALA D 427 -88.44 -39.34 9.91
CA ALA D 427 -89.49 -38.67 10.67
C ALA D 427 -90.08 -37.50 9.88
N LEU D 428 -89.30 -36.91 8.98
CA LEU D 428 -89.85 -35.89 8.09
C LEU D 428 -90.73 -36.52 7.03
N GLU D 429 -90.33 -37.68 6.52
CA GLU D 429 -91.05 -38.29 5.39
C GLU D 429 -92.37 -38.90 5.85
N LYS D 430 -92.40 -39.42 7.07
CA LYS D 430 -93.62 -40.02 7.60
C LYS D 430 -94.69 -39.00 7.97
N ASP D 431 -94.34 -37.70 7.97
CA ASP D 431 -95.33 -36.67 8.21
C ASP D 431 -96.33 -36.59 7.07
N TYR D 432 -95.83 -36.43 5.83
CA TYR D 432 -96.70 -36.28 4.68
C TYR D 432 -97.46 -37.55 4.36
N GLU D 433 -96.88 -38.71 4.68
CA GLU D 433 -97.58 -39.98 4.52
C GLU D 433 -98.73 -40.09 5.50
N GLU D 434 -98.55 -39.58 6.72
CA GLU D 434 -99.59 -39.67 7.74
C GLU D 434 -100.73 -38.70 7.44
N VAL D 435 -100.41 -37.50 6.97
CA VAL D 435 -101.44 -36.52 6.65
C VAL D 435 -102.21 -36.90 5.38
N GLY D 436 -101.59 -37.71 4.51
CA GLY D 436 -102.25 -38.08 3.26
C GLY D 436 -103.48 -38.94 3.45
N VAL D 437 -103.39 -39.95 4.32
CA VAL D 437 -104.56 -40.75 4.66
C VAL D 437 -105.47 -39.95 5.59
N ASP D 438 -106.72 -40.40 5.69
CA ASP D 438 -107.71 -39.69 6.50
C ASP D 438 -107.47 -39.90 7.99
N MET E 1 11.52 11.81 2.89
CA MET E 1 11.70 12.06 4.31
C MET E 1 12.18 10.80 5.03
N ARG E 2 11.99 9.65 4.38
CA ARG E 2 12.35 8.35 4.93
C ARG E 2 13.48 7.77 4.10
N GLU E 3 14.49 7.22 4.78
CA GLU E 3 15.73 6.83 4.11
C GLU E 3 16.15 5.42 4.53
N CYS E 4 16.97 4.82 3.67
CA CYS E 4 17.50 3.48 3.92
C CYS E 4 18.80 3.34 3.14
N ILE E 5 19.93 3.49 3.81
CA ILE E 5 21.23 3.48 3.14
C ILE E 5 21.68 2.05 2.89
N SER E 6 22.74 1.89 2.09
CA SER E 6 23.21 0.58 1.69
C SER E 6 24.73 0.52 1.76
N ILE E 7 25.25 -0.61 2.22
CA ILE E 7 26.69 -0.86 2.32
C ILE E 7 26.97 -2.17 1.60
N HIS E 8 28.10 -2.23 0.90
CA HIS E 8 28.49 -3.41 0.14
C HIS E 8 29.87 -3.85 0.62
N VAL E 9 29.96 -5.07 1.14
CA VAL E 9 31.17 -5.58 1.76
C VAL E 9 31.63 -6.80 0.98
N GLY E 10 32.89 -6.80 0.57
CA GLY E 10 33.46 -7.92 -0.14
C GLY E 10 33.15 -7.89 -1.62
N GLN E 11 33.80 -8.79 -2.35
CA GLN E 11 33.71 -8.80 -3.80
C GLN E 11 32.36 -9.30 -4.28
N ALA E 12 31.77 -10.27 -3.58
CA ALA E 12 30.49 -10.83 -4.01
C ALA E 12 29.36 -9.84 -3.81
N GLY E 13 29.46 -8.96 -2.83
CA GLY E 13 28.40 -7.98 -2.62
C GLY E 13 28.43 -6.86 -3.64
N VAL E 14 29.60 -6.56 -4.19
CA VAL E 14 29.73 -5.48 -5.17
C VAL E 14 29.03 -5.86 -6.47
N GLN E 15 29.25 -7.09 -6.93
CA GLN E 15 28.58 -7.55 -8.14
C GLN E 15 27.08 -7.73 -7.94
N ILE E 16 26.65 -7.92 -6.69
CA ILE E 16 25.22 -7.80 -6.40
C ILE E 16 24.78 -6.37 -6.58
N GLY E 17 25.53 -5.43 -6.00
CA GLY E 17 25.19 -4.02 -6.10
C GLY E 17 25.30 -3.45 -7.50
N ASN E 18 26.12 -4.07 -8.35
CA ASN E 18 26.21 -3.62 -9.74
C ASN E 18 24.92 -3.87 -10.49
N ALA E 19 24.20 -4.92 -10.15
CA ALA E 19 22.90 -5.19 -10.77
C ALA E 19 21.76 -4.55 -10.01
N CYS E 20 21.92 -4.35 -8.70
CA CYS E 20 20.87 -3.71 -7.90
C CYS E 20 20.65 -2.27 -8.34
N TRP E 21 21.69 -1.45 -8.28
CA TRP E 21 21.56 -0.05 -8.68
C TRP E 21 21.40 0.11 -10.18
N GLU E 22 21.75 -0.92 -10.96
CA GLU E 22 21.28 -0.99 -12.35
C GLU E 22 19.76 -1.03 -12.39
N LEU E 23 19.14 -1.77 -11.47
CA LEU E 23 17.68 -1.89 -11.49
C LEU E 23 17.02 -0.63 -10.95
N TYR E 24 17.60 -0.03 -9.90
CA TYR E 24 16.98 1.14 -9.26
C TYR E 24 16.94 2.33 -10.20
N CYS E 25 17.98 2.49 -11.01
CA CYS E 25 17.97 3.57 -11.99
C CYS E 25 16.91 3.35 -13.06
N LEU E 26 16.65 2.09 -13.41
CA LEU E 26 15.57 1.79 -14.33
C LEU E 26 14.21 1.92 -13.68
N GLU E 27 14.14 1.88 -12.35
CA GLU E 27 12.86 2.07 -11.67
C GLU E 27 12.39 3.50 -11.77
N HIS E 28 13.17 4.44 -11.24
CA HIS E 28 12.79 5.84 -11.21
C HIS E 28 13.25 6.60 -12.45
N GLY E 29 13.64 5.89 -13.50
CA GLY E 29 14.03 6.53 -14.74
C GLY E 29 15.37 7.23 -14.69
N ILE E 30 16.22 6.86 -13.76
CA ILE E 30 17.52 7.50 -13.60
C ILE E 30 18.46 6.94 -14.66
N GLN E 31 19.26 7.83 -15.25
CA GLN E 31 20.30 7.43 -16.19
C GLN E 31 21.49 6.90 -15.38
N PRO E 32 22.52 6.36 -16.05
CA PRO E 32 23.79 6.12 -15.34
C PRO E 32 24.49 7.40 -14.88
N ASP E 33 24.15 8.57 -15.44
CA ASP E 33 24.74 9.83 -15.04
C ASP E 33 24.00 10.50 -13.89
N GLY E 34 23.17 9.76 -13.15
CA GLY E 34 22.40 10.37 -12.08
C GLY E 34 21.30 11.31 -12.53
N GLN E 35 20.95 11.28 -13.81
CA GLN E 35 20.02 12.22 -14.42
C GLN E 35 18.70 11.52 -14.71
N MET E 36 17.62 12.29 -14.66
CA MET E 36 16.34 11.80 -15.14
C MET E 36 15.70 12.93 -15.97
N PRO E 37 15.17 12.61 -17.15
CA PRO E 37 14.52 13.62 -17.99
C PRO E 37 13.18 14.08 -17.43
N ASP E 47 9.14 11.46 -7.34
CA ASP E 47 8.76 12.30 -6.22
C ASP E 47 9.39 11.81 -4.92
N SER E 48 8.75 10.85 -4.27
CA SER E 48 9.24 10.31 -3.00
C SER E 48 10.13 9.12 -3.30
N PHE E 49 11.45 9.39 -3.38
CA PHE E 49 12.45 8.36 -3.59
C PHE E 49 13.68 8.62 -2.73
N ASN E 50 13.47 9.24 -1.57
CA ASN E 50 14.52 9.58 -0.61
C ASN E 50 15.14 8.33 0.04
N THR E 51 14.51 7.16 -0.11
CA THR E 51 15.01 5.95 0.52
C THR E 51 16.35 5.54 -0.06
N PHE E 52 16.50 5.59 -1.38
CA PHE E 52 17.72 5.14 -2.02
C PHE E 52 18.48 6.25 -2.74
N PHE E 53 18.01 7.49 -2.68
CA PHE E 53 18.66 8.54 -3.44
C PHE E 53 18.63 9.84 -2.67
N SER E 54 19.47 10.77 -3.10
CA SER E 54 19.47 12.13 -2.60
C SER E 54 19.79 13.08 -3.75
N GLU E 55 19.25 14.29 -3.66
CA GLU E 55 19.35 15.27 -4.73
C GLU E 55 20.50 16.22 -4.46
N THR E 56 21.27 16.52 -5.51
CA THR E 56 22.32 17.51 -5.42
C THR E 56 21.75 18.92 -5.56
N GLY E 57 22.64 19.91 -5.59
CA GLY E 57 22.21 21.26 -5.91
C GLY E 57 21.74 21.38 -7.35
N ALA E 58 22.48 20.78 -8.27
CA ALA E 58 22.00 20.63 -9.63
C ALA E 58 21.10 19.39 -9.72
N GLY E 59 20.45 19.22 -10.87
CA GLY E 59 19.53 18.12 -11.04
C GLY E 59 20.20 16.78 -11.28
N LYS E 60 20.90 16.28 -10.27
CA LYS E 60 21.56 14.99 -10.34
C LYS E 60 21.30 14.27 -9.03
N HIS E 61 21.11 12.95 -9.09
CA HIS E 61 20.89 12.16 -7.90
C HIS E 61 22.01 11.14 -7.74
N VAL E 62 22.40 10.91 -6.50
CA VAL E 62 23.51 10.02 -6.18
C VAL E 62 22.97 8.84 -5.35
N PRO E 63 23.57 7.66 -5.46
CA PRO E 63 23.11 6.54 -4.65
C PRO E 63 23.65 6.60 -3.24
N ARG E 64 22.87 6.09 -2.30
CA ARG E 64 23.28 5.99 -0.91
C ARG E 64 24.00 4.66 -0.68
N ALA E 65 25.14 4.51 -1.34
CA ALA E 65 25.87 3.25 -1.35
C ALA E 65 27.34 3.49 -0.97
N VAL E 66 27.89 2.55 -0.23
CA VAL E 66 29.29 2.57 0.17
C VAL E 66 29.92 1.24 -0.25
N PHE E 67 30.94 1.30 -1.09
CA PHE E 67 31.58 0.10 -1.62
C PHE E 67 32.95 -0.03 -0.95
N VAL E 68 33.10 -1.05 -0.12
CA VAL E 68 34.38 -1.33 0.53
C VAL E 68 34.96 -2.59 -0.08
N ASP E 69 36.29 -2.61 -0.21
CA ASP E 69 37.02 -3.79 -0.64
C ASP E 69 38.47 -3.62 -0.19
N LEU E 70 39.09 -4.75 0.15
CA LEU E 70 40.49 -4.73 0.52
C LEU E 70 41.41 -4.95 -0.68
N GLU E 71 40.88 -5.53 -1.76
CA GLU E 71 41.63 -5.60 -3.00
C GLU E 71 41.09 -4.58 -4.00
N PRO E 72 41.95 -3.97 -4.81
CA PRO E 72 41.49 -2.87 -5.69
C PRO E 72 40.87 -3.32 -7.00
N THR E 73 40.51 -4.59 -7.15
CA THR E 73 40.14 -5.11 -8.47
C THR E 73 38.72 -4.71 -8.88
N VAL E 74 37.72 -5.17 -8.12
CA VAL E 74 36.34 -5.09 -8.58
C VAL E 74 35.80 -3.67 -8.46
N ILE E 75 36.41 -2.84 -7.64
CA ILE E 75 35.95 -1.46 -7.53
C ILE E 75 36.39 -0.66 -8.75
N ASP E 76 37.54 -1.02 -9.33
CA ASP E 76 37.94 -0.43 -10.60
C ASP E 76 36.99 -0.81 -11.72
N GLU E 77 36.32 -1.95 -11.61
CA GLU E 77 35.30 -2.32 -12.57
C GLU E 77 34.07 -1.43 -12.47
N VAL E 78 33.88 -0.77 -11.34
CA VAL E 78 32.87 0.27 -11.25
C VAL E 78 33.48 1.62 -11.61
N ARG E 79 34.74 1.86 -11.22
CA ARG E 79 35.39 3.13 -11.50
C ARG E 79 35.76 3.30 -12.96
N THR E 80 35.69 2.24 -13.77
CA THR E 80 35.91 2.33 -15.19
C THR E 80 34.75 1.79 -16.01
N GLY E 81 33.73 1.24 -15.36
CA GLY E 81 32.64 0.59 -16.06
C GLY E 81 31.65 1.56 -16.68
N THR E 82 30.51 1.00 -17.10
CA THR E 82 29.44 1.82 -17.65
C THR E 82 28.80 2.67 -16.57
N TYR E 83 28.51 2.08 -15.41
CA TYR E 83 28.09 2.85 -14.25
C TYR E 83 29.33 3.41 -13.56
N ARG E 84 29.84 4.50 -14.12
CA ARG E 84 31.02 5.18 -13.61
C ARG E 84 30.66 6.52 -12.97
N GLN E 85 29.92 7.35 -13.70
CA GLN E 85 29.59 8.70 -13.27
C GLN E 85 28.50 8.75 -12.21
N LEU E 86 27.93 7.61 -11.84
CA LEU E 86 26.85 7.63 -10.86
C LEU E 86 27.36 7.85 -9.45
N PHE E 87 28.56 7.39 -9.15
CA PHE E 87 29.03 7.27 -7.77
C PHE E 87 29.94 8.42 -7.37
N HIS E 88 29.72 8.92 -6.16
CA HIS E 88 30.64 9.87 -5.54
C HIS E 88 31.98 9.19 -5.31
N PRO E 89 33.09 9.77 -5.78
CA PRO E 89 34.40 9.13 -5.57
C PRO E 89 34.85 9.08 -4.13
N GLU E 90 34.22 9.82 -3.22
CA GLU E 90 34.46 9.61 -1.81
C GLU E 90 33.71 8.42 -1.24
N GLN E 91 32.80 7.83 -2.02
CA GLN E 91 32.13 6.61 -1.59
C GLN E 91 32.94 5.39 -1.97
N LEU E 92 33.57 5.42 -3.13
CA LEU E 92 34.30 4.28 -3.68
C LEU E 92 35.58 4.10 -2.88
N ILE E 93 35.57 3.15 -1.96
CA ILE E 93 36.68 2.96 -1.03
C ILE E 93 37.38 1.65 -1.35
N THR E 94 38.69 1.71 -1.56
CA THR E 94 39.50 0.55 -1.88
C THR E 94 40.59 0.35 -0.83
N GLY E 95 41.04 -0.89 -0.70
CA GLY E 95 42.21 -1.22 0.06
C GLY E 95 43.41 -1.50 -0.81
N LYS E 96 44.41 -2.13 -0.22
CA LYS E 96 45.60 -2.54 -0.97
C LYS E 96 45.78 -4.06 -0.99
N GLU E 97 45.80 -4.69 0.18
CA GLU E 97 46.00 -6.14 0.28
C GLU E 97 44.71 -6.77 0.79
N ASP E 98 44.27 -7.82 0.11
CA ASP E 98 43.02 -8.45 0.47
C ASP E 98 43.18 -9.34 1.69
N ALA E 99 42.05 -9.67 2.32
CA ALA E 99 42.05 -10.70 3.34
C ALA E 99 42.35 -12.06 2.72
N ALA E 100 41.95 -12.26 1.46
CA ALA E 100 42.31 -13.40 0.62
C ALA E 100 41.86 -14.72 1.22
N ASN E 101 40.55 -14.79 1.49
CA ASN E 101 39.89 -15.95 2.11
C ASN E 101 40.51 -16.30 3.46
N ASN E 102 40.85 -15.28 4.22
CA ASN E 102 41.32 -15.44 5.59
C ASN E 102 40.49 -14.52 6.46
N TYR E 103 39.64 -15.11 7.30
CA TYR E 103 38.76 -14.34 8.17
C TYR E 103 39.54 -13.55 9.21
N ALA E 104 40.66 -14.08 9.68
CA ALA E 104 41.49 -13.37 10.64
C ALA E 104 42.18 -12.17 10.04
N ARG E 105 42.36 -12.15 8.71
CA ARG E 105 42.91 -10.96 8.08
C ARG E 105 41.86 -9.88 7.92
N GLY E 106 40.63 -10.25 7.57
CA GLY E 106 39.56 -9.28 7.48
C GLY E 106 39.10 -8.75 8.83
N HIS E 107 39.38 -9.47 9.91
CA HIS E 107 38.90 -9.11 11.23
C HIS E 107 39.98 -8.47 12.10
N TYR E 108 41.25 -8.80 11.87
CA TYR E 108 42.35 -8.28 12.67
C TYR E 108 43.41 -7.54 11.87
N THR E 109 43.79 -8.04 10.69
CA THR E 109 45.05 -7.57 10.09
C THR E 109 44.87 -6.28 9.32
N ILE E 110 44.09 -6.29 8.24
CA ILE E 110 44.03 -5.19 7.30
C ILE E 110 42.79 -4.32 7.53
N GLY E 111 41.65 -4.96 7.81
CA GLY E 111 40.39 -4.26 8.01
C GLY E 111 40.38 -3.30 9.18
N LYS E 112 41.28 -3.47 10.15
CA LYS E 112 41.42 -2.52 11.24
C LYS E 112 42.00 -1.18 10.81
N GLU E 113 42.52 -1.08 9.58
CA GLU E 113 43.16 0.17 9.18
C GLU E 113 42.19 1.11 8.47
N ILE E 114 41.41 0.61 7.53
CA ILE E 114 40.54 1.49 6.75
C ILE E 114 39.12 1.46 7.33
N ILE E 115 38.99 1.00 8.57
CA ILE E 115 37.70 1.02 9.24
C ILE E 115 37.26 2.45 9.55
N ASP E 116 38.22 3.37 9.69
CA ASP E 116 37.90 4.74 10.05
C ASP E 116 37.22 5.47 8.90
N LEU E 117 37.61 5.15 7.67
CA LEU E 117 37.08 5.89 6.52
C LEU E 117 35.64 5.52 6.24
N VAL E 118 35.31 4.23 6.28
CA VAL E 118 33.99 3.76 5.88
C VAL E 118 32.95 4.19 6.90
N LEU E 119 33.29 4.12 8.19
CA LEU E 119 32.37 4.55 9.24
C LEU E 119 32.17 6.06 9.22
N ASP E 120 33.15 6.81 8.73
CA ASP E 120 33.01 8.25 8.64
C ASP E 120 32.07 8.63 7.50
N ARG E 121 32.01 7.79 6.47
CA ARG E 121 31.09 8.05 5.35
C ARG E 121 29.64 7.83 5.73
N ILE E 122 29.38 7.11 6.82
CA ILE E 122 28.01 6.85 7.24
C ILE E 122 27.36 8.11 7.77
N ARG E 123 28.05 8.81 8.67
CA ARG E 123 27.50 10.02 9.25
C ARG E 123 27.45 11.15 8.23
N LYS E 124 28.34 11.13 7.24
CA LYS E 124 28.23 12.06 6.12
C LYS E 124 26.98 11.79 5.29
N LEU E 125 26.54 10.54 5.24
CA LEU E 125 25.25 10.25 4.63
C LEU E 125 24.11 10.48 5.62
N ALA E 126 24.37 10.32 6.92
CA ALA E 126 23.33 10.44 7.92
C ALA E 126 22.94 11.89 8.21
N ASP E 127 23.63 12.86 7.61
CA ASP E 127 23.20 14.25 7.73
C ASP E 127 21.86 14.47 7.04
N GLN E 128 21.80 14.21 5.74
CA GLN E 128 20.58 14.42 4.97
C GLN E 128 19.50 13.40 5.27
N CYS E 129 19.84 12.27 5.89
CA CYS E 129 18.83 11.31 6.30
C CYS E 129 18.17 11.78 7.60
N THR E 130 16.86 11.67 7.64
CA THR E 130 16.15 11.91 8.89
C THR E 130 15.22 10.77 9.27
N GLY E 131 14.59 10.12 8.30
CA GLY E 131 13.81 8.93 8.55
C GLY E 131 14.66 7.69 8.32
N LEU E 132 15.71 7.53 9.11
CA LEU E 132 16.60 6.38 8.96
C LEU E 132 15.91 5.12 9.44
N GLN E 133 15.55 4.23 8.51
CA GLN E 133 14.70 3.10 8.82
C GLN E 133 15.31 1.73 8.56
N GLY E 134 16.55 1.66 8.07
CA GLY E 134 17.16 0.36 7.85
C GLY E 134 18.50 0.50 7.17
N PHE E 135 19.34 -0.51 7.38
CA PHE E 135 20.64 -0.62 6.74
C PHE E 135 20.66 -1.82 5.81
N LEU E 136 21.48 -1.74 4.77
CA LEU E 136 21.64 -2.83 3.82
C LEU E 136 23.11 -3.21 3.75
N VAL E 137 23.44 -4.44 4.10
CA VAL E 137 24.80 -4.95 4.06
C VAL E 137 24.81 -6.18 3.16
N PHE E 138 25.23 -6.00 1.91
CA PHE E 138 25.32 -7.11 0.96
C PHE E 138 26.65 -7.79 1.17
N HIS E 139 26.68 -8.80 2.03
CA HIS E 139 27.94 -9.45 2.36
C HIS E 139 27.80 -10.95 2.15
N SER E 140 28.82 -11.57 1.58
CA SER E 140 28.83 -13.02 1.46
C SER E 140 29.59 -13.63 2.63
N PHE E 141 29.39 -14.92 2.83
CA PHE E 141 30.15 -15.67 3.81
C PHE E 141 31.28 -16.46 3.18
N GLY E 142 31.44 -16.38 1.86
CA GLY E 142 32.48 -17.11 1.18
C GLY E 142 33.83 -16.46 1.31
N GLY E 143 33.97 -15.25 0.78
CA GLY E 143 35.24 -14.58 0.84
C GLY E 143 35.56 -14.03 2.21
N GLY E 144 36.86 -13.91 2.48
CA GLY E 144 37.30 -13.39 3.76
C GLY E 144 36.99 -11.93 3.95
N THR E 145 37.04 -11.14 2.87
CA THR E 145 36.76 -9.71 2.98
C THR E 145 35.27 -9.46 3.22
N GLY E 146 34.41 -10.25 2.57
CA GLY E 146 32.98 -10.14 2.80
C GLY E 146 32.51 -10.66 4.13
N SER E 147 33.37 -11.34 4.89
CA SER E 147 33.03 -11.84 6.21
C SER E 147 33.85 -11.19 7.31
N GLY E 148 35.14 -10.98 7.07
CA GLY E 148 36.00 -10.41 8.10
C GLY E 148 35.70 -8.95 8.36
N PHE E 149 35.42 -8.19 7.29
CA PHE E 149 35.01 -6.81 7.48
C PHE E 149 33.59 -6.71 8.02
N THR E 150 32.77 -7.74 7.77
CA THR E 150 31.37 -7.72 8.18
C THR E 150 31.23 -7.70 9.70
N SER E 151 32.09 -8.44 10.39
CA SER E 151 32.05 -8.47 11.84
C SER E 151 32.57 -7.17 12.45
N LEU E 152 33.61 -6.58 11.84
CA LEU E 152 34.15 -5.34 12.36
C LEU E 152 33.21 -4.17 12.11
N LEU E 153 32.42 -4.24 11.03
CA LEU E 153 31.55 -3.14 10.67
C LEU E 153 30.33 -3.05 11.58
N MET E 154 29.74 -4.19 11.92
CA MET E 154 28.48 -4.20 12.64
C MET E 154 28.63 -3.87 14.12
N GLU E 155 29.85 -3.96 14.66
CA GLU E 155 30.06 -3.70 16.08
C GLU E 155 29.89 -2.22 16.40
N ARG E 156 30.34 -1.35 15.49
CA ARG E 156 30.32 0.07 15.78
C ARG E 156 28.94 0.67 15.58
N LEU E 157 28.09 0.04 14.77
CA LEU E 157 26.82 0.65 14.39
C LEU E 157 25.80 0.56 15.51
N SER E 158 25.77 -0.55 16.26
CA SER E 158 24.94 -0.61 17.45
C SER E 158 25.49 0.27 18.56
N VAL E 159 26.79 0.56 18.54
CA VAL E 159 27.32 1.64 19.38
C VAL E 159 26.91 2.99 18.81
N ASP E 160 26.87 3.10 17.47
CA ASP E 160 26.47 4.34 16.84
C ASP E 160 24.97 4.60 17.02
N TYR E 161 24.14 3.67 16.56
CA TYR E 161 22.70 3.88 16.57
C TYR E 161 21.98 3.05 17.62
N GLY E 162 22.15 1.73 17.60
CA GLY E 162 21.53 0.88 18.59
C GLY E 162 20.07 0.60 18.32
N LYS E 163 19.26 1.64 18.16
CA LYS E 163 17.83 1.48 17.96
C LYS E 163 17.45 1.33 16.49
N LYS E 164 18.33 1.72 15.57
CA LYS E 164 17.97 1.72 14.16
C LYS E 164 18.12 0.31 13.57
N SER E 165 17.45 0.11 12.43
CA SER E 165 17.36 -1.21 11.83
C SER E 165 18.58 -1.53 11.00
N LYS E 166 19.00 -2.80 11.05
CA LYS E 166 20.20 -3.27 10.36
C LYS E 166 19.87 -4.60 9.69
N LEU E 167 19.80 -4.60 8.36
CA LEU E 167 19.41 -5.78 7.59
C LEU E 167 20.56 -6.24 6.71
N GLU E 168 20.64 -7.55 6.50
CA GLU E 168 21.76 -8.17 5.80
C GLU E 168 21.22 -9.13 4.75
N PHE E 169 21.24 -8.71 3.49
CA PHE E 169 20.87 -9.59 2.37
C PHE E 169 22.12 -10.36 1.97
N SER E 170 22.29 -11.52 2.59
CA SER E 170 23.55 -12.24 2.53
C SER E 170 23.48 -13.41 1.55
N ILE E 171 24.60 -14.12 1.42
CA ILE E 171 24.71 -15.26 0.52
C ILE E 171 25.16 -16.46 1.34
N TYR E 172 24.35 -17.50 1.36
CA TYR E 172 24.64 -18.67 2.16
C TYR E 172 25.63 -19.59 1.43
N PRO E 173 26.62 -20.14 2.14
CA PRO E 173 27.56 -21.06 1.48
C PRO E 173 26.94 -22.41 1.19
N ALA E 174 27.20 -22.92 -0.02
CA ALA E 174 26.47 -24.06 -0.56
C ALA E 174 26.94 -25.37 0.07
N PRO E 175 26.02 -26.31 0.31
CA PRO E 175 26.42 -27.60 0.90
C PRO E 175 27.13 -28.53 -0.06
N GLN E 176 26.91 -28.42 -1.36
CA GLN E 176 27.60 -29.27 -2.32
C GLN E 176 28.54 -28.49 -3.22
N VAL E 177 28.06 -27.47 -3.94
CA VAL E 177 28.90 -26.77 -4.89
C VAL E 177 29.65 -25.70 -4.12
N SER E 178 30.80 -26.06 -3.56
CA SER E 178 31.54 -25.17 -2.68
C SER E 178 32.91 -24.88 -3.28
N THR E 179 33.21 -23.60 -3.43
CA THR E 179 34.40 -23.17 -4.16
C THR E 179 35.66 -23.20 -3.31
N ALA E 180 35.70 -22.42 -2.24
CA ALA E 180 36.91 -22.29 -1.46
C ALA E 180 37.00 -23.42 -0.44
N VAL E 181 38.06 -23.40 0.36
CA VAL E 181 38.37 -24.47 1.29
C VAL E 181 37.93 -24.14 2.71
N VAL E 182 38.25 -22.94 3.18
CA VAL E 182 38.00 -22.56 4.56
C VAL E 182 36.66 -21.85 4.71
N GLU E 183 35.77 -22.00 3.74
CA GLU E 183 34.39 -21.57 3.89
C GLU E 183 33.63 -22.18 5.09
N PRO E 184 33.88 -23.42 5.53
CA PRO E 184 33.32 -23.81 6.84
C PRO E 184 33.88 -23.02 8.01
N TYR E 185 35.11 -22.52 7.91
CA TYR E 185 35.67 -21.73 9.01
C TYR E 185 35.05 -20.34 9.11
N ASN E 186 34.44 -19.84 8.05
CA ASN E 186 33.89 -18.48 8.10
C ASN E 186 32.64 -18.41 8.94
N SER E 187 31.77 -19.42 8.83
CA SER E 187 30.42 -19.32 9.37
C SER E 187 30.38 -19.40 10.88
N ILE E 188 31.22 -20.25 11.47
CA ILE E 188 31.21 -20.40 12.92
C ILE E 188 31.80 -19.17 13.59
N LEU E 189 32.79 -18.54 12.95
CA LEU E 189 33.42 -17.38 13.56
C LEU E 189 32.54 -16.14 13.46
N THR E 190 31.78 -16.00 12.37
CA THR E 190 30.93 -14.84 12.16
C THR E 190 29.61 -14.93 12.91
N THR E 191 29.35 -16.04 13.59
CA THR E 191 28.05 -16.29 14.21
C THR E 191 27.78 -15.34 15.36
N HIS E 192 28.81 -15.09 16.19
CA HIS E 192 28.61 -14.26 17.38
C HIS E 192 28.33 -12.81 17.04
N THR E 193 28.80 -12.33 15.89
CA THR E 193 28.52 -10.95 15.52
C THR E 193 27.09 -10.81 14.99
N THR E 194 26.75 -11.57 13.95
CA THR E 194 25.47 -11.41 13.27
C THR E 194 24.30 -11.96 14.06
N LEU E 195 24.54 -12.63 15.18
CA LEU E 195 23.42 -12.98 16.05
C LEU E 195 23.27 -11.94 17.16
N GLU E 196 24.27 -11.09 17.36
CA GLU E 196 24.22 -10.07 18.39
C GLU E 196 24.16 -8.66 17.85
N HIS E 197 24.12 -8.48 16.52
CA HIS E 197 23.99 -7.13 16.00
C HIS E 197 22.87 -7.03 14.98
N SER E 198 22.70 -8.04 14.14
CA SER E 198 21.79 -7.96 13.02
C SER E 198 20.36 -8.18 13.48
N ASP E 199 19.46 -7.28 13.07
CA ASP E 199 18.06 -7.41 13.46
C ASP E 199 17.37 -8.52 12.70
N CYS E 200 17.68 -8.70 11.42
CA CYS E 200 17.09 -9.77 10.63
C CYS E 200 18.02 -10.10 9.46
N ALA E 201 18.78 -11.18 9.59
CA ALA E 201 19.66 -11.63 8.52
C ALA E 201 18.87 -12.43 7.50
N PHE E 202 19.43 -12.56 6.30
CA PHE E 202 18.77 -13.23 5.18
C PHE E 202 19.74 -14.19 4.53
N MET E 203 19.33 -15.45 4.39
CA MET E 203 20.16 -16.48 3.76
C MET E 203 19.66 -16.72 2.34
N VAL E 204 20.60 -16.77 1.40
CA VAL E 204 20.34 -17.15 0.01
C VAL E 204 21.45 -18.09 -0.43
N ASP E 205 21.08 -19.29 -0.88
CA ASP E 205 22.06 -20.24 -1.37
C ASP E 205 22.22 -20.10 -2.88
N ASN E 206 23.44 -20.35 -3.35
CA ASN E 206 23.70 -20.36 -4.79
C ASN E 206 23.07 -21.56 -5.46
N GLU E 207 22.92 -22.67 -4.73
CA GLU E 207 22.64 -23.96 -5.35
C GLU E 207 21.21 -24.06 -5.87
N ALA E 208 20.24 -23.51 -5.15
CA ALA E 208 18.86 -23.54 -5.62
C ALA E 208 18.62 -22.63 -6.81
N ILE E 209 19.50 -21.65 -7.03
CA ILE E 209 19.35 -20.72 -8.15
C ILE E 209 19.57 -21.42 -9.47
N TYR E 210 20.42 -22.45 -9.49
CA TYR E 210 20.81 -23.10 -10.74
C TYR E 210 19.65 -23.79 -11.43
N ASP E 211 18.89 -24.61 -10.69
CA ASP E 211 17.76 -25.33 -11.27
C ASP E 211 16.64 -24.37 -11.64
N ILE E 212 16.53 -23.25 -10.92
CA ILE E 212 15.62 -22.19 -11.33
C ILE E 212 16.07 -21.59 -12.66
N CYS E 213 17.38 -21.40 -12.81
CA CYS E 213 17.91 -20.97 -14.10
C CYS E 213 17.79 -22.07 -15.15
N ARG E 214 18.07 -23.31 -14.75
CA ARG E 214 18.09 -24.43 -15.70
C ARG E 214 16.68 -24.76 -16.17
N ARG E 215 15.80 -25.11 -15.25
CA ARG E 215 14.45 -25.54 -15.64
C ARG E 215 13.55 -24.33 -15.92
N ASN E 216 13.32 -23.51 -14.89
CA ASN E 216 12.30 -22.49 -14.97
C ASN E 216 12.69 -21.30 -15.85
N LEU E 217 13.98 -21.12 -16.13
CA LEU E 217 14.44 -20.03 -16.96
C LEU E 217 15.07 -20.49 -18.27
N ASP E 218 15.00 -21.79 -18.58
CA ASP E 218 15.34 -22.39 -19.87
C ASP E 218 16.80 -22.20 -20.27
N ILE E 219 17.69 -21.84 -19.34
CA ILE E 219 19.11 -21.70 -19.64
C ILE E 219 19.85 -22.57 -18.64
N GLU E 220 20.36 -23.72 -19.10
CA GLU E 220 20.97 -24.69 -18.21
C GLU E 220 22.29 -24.20 -17.64
N ARG E 221 22.96 -23.27 -18.31
CA ARG E 221 24.30 -22.80 -17.95
C ARG E 221 24.23 -21.33 -17.57
N PRO E 222 24.02 -21.01 -16.30
CA PRO E 222 23.83 -19.62 -15.91
C PRO E 222 25.15 -18.89 -15.77
N THR E 223 25.06 -17.57 -15.73
CA THR E 223 26.18 -16.69 -15.48
C THR E 223 25.94 -15.93 -14.18
N TYR E 224 27.05 -15.52 -13.53
CA TYR E 224 26.95 -14.74 -12.30
C TYR E 224 26.29 -13.39 -12.51
N THR E 225 26.32 -12.87 -13.75
CA THR E 225 25.51 -11.70 -14.08
C THR E 225 24.02 -12.02 -13.97
N ASN E 226 23.63 -13.24 -14.29
CA ASN E 226 22.23 -13.61 -14.19
C ASN E 226 21.83 -14.10 -12.80
N LEU E 227 22.78 -14.60 -12.00
CA LEU E 227 22.46 -14.94 -10.61
C LEU E 227 22.10 -13.72 -9.79
N ASN E 228 22.71 -12.57 -10.10
CA ASN E 228 22.41 -11.36 -9.35
C ASN E 228 21.06 -10.77 -9.71
N ARG E 229 20.56 -11.09 -10.91
CA ARG E 229 19.27 -10.55 -11.36
C ARG E 229 18.12 -11.10 -10.54
N LEU E 230 18.27 -12.32 -10.00
CA LEU E 230 17.20 -12.92 -9.22
C LEU E 230 17.07 -12.28 -7.84
N ILE E 231 18.21 -12.00 -7.19
CA ILE E 231 18.16 -11.42 -5.86
C ILE E 231 17.80 -9.94 -5.94
N SER E 232 18.20 -9.27 -7.02
CA SER E 232 17.92 -7.85 -7.18
C SER E 232 16.42 -7.57 -7.32
N GLN E 233 15.66 -8.53 -7.83
CA GLN E 233 14.21 -8.37 -7.85
C GLN E 233 13.62 -8.52 -6.46
N ILE E 234 14.28 -9.29 -5.59
CA ILE E 234 13.77 -9.49 -4.24
C ILE E 234 13.94 -8.22 -3.42
N VAL E 235 15.12 -7.58 -3.53
CA VAL E 235 15.47 -6.42 -2.72
C VAL E 235 14.57 -5.24 -3.07
N SER E 236 14.17 -5.14 -4.33
CA SER E 236 13.28 -4.05 -4.75
C SER E 236 11.90 -4.21 -4.16
N SER E 237 11.33 -5.42 -4.23
CA SER E 237 9.96 -5.63 -3.77
C SER E 237 9.84 -5.64 -2.26
N ILE E 238 10.95 -5.78 -1.54
CA ILE E 238 10.92 -5.55 -0.10
C ILE E 238 10.76 -4.06 0.17
N THR E 239 11.36 -3.23 -0.67
CA THR E 239 11.24 -1.78 -0.57
C THR E 239 10.07 -1.22 -1.35
N ALA E 240 9.13 -2.07 -1.77
CA ALA E 240 8.04 -1.63 -2.63
C ALA E 240 6.99 -0.82 -1.88
N SER E 241 7.03 -0.81 -0.55
CA SER E 241 6.07 -0.01 0.21
C SER E 241 6.63 1.39 0.46
N LEU E 242 7.94 1.51 0.65
CA LEU E 242 8.55 2.81 0.90
C LEU E 242 8.61 3.65 -0.37
N ARG E 243 9.07 3.07 -1.46
CA ARG E 243 9.32 3.82 -2.68
C ARG E 243 8.06 4.15 -3.46
N PHE E 244 6.92 3.59 -3.10
CA PHE E 244 5.69 3.80 -3.85
C PHE E 244 4.51 3.78 -2.88
N ASP E 245 3.31 3.62 -3.43
CA ASP E 245 2.08 3.62 -2.66
C ASP E 245 1.18 2.50 -3.12
N GLY E 246 0.98 1.51 -2.26
CA GLY E 246 -0.05 0.51 -2.47
C GLY E 246 -1.15 0.67 -1.44
N ALA E 247 -2.22 -0.13 -1.54
CA ALA E 247 -3.30 -0.04 -0.57
C ALA E 247 -2.90 -0.59 0.79
N LEU E 248 -1.90 -1.47 0.84
CA LEU E 248 -1.41 -2.02 2.09
C LEU E 248 0.11 -1.95 2.04
N ASN E 249 0.65 -0.81 2.47
CA ASN E 249 2.09 -0.61 2.49
C ASN E 249 2.66 -1.05 3.82
N VAL E 250 3.59 -1.98 3.77
CA VAL E 250 4.20 -2.57 4.95
C VAL E 250 5.63 -2.05 5.03
N ASP E 251 5.90 -1.19 6.02
CA ASP E 251 7.23 -0.60 6.10
C ASP E 251 8.20 -1.52 6.85
N LEU E 252 9.49 -1.21 6.74
CA LEU E 252 10.55 -2.08 7.22
C LEU E 252 10.65 -2.12 8.74
N THR E 253 9.98 -1.23 9.45
CA THR E 253 9.92 -1.37 10.90
C THR E 253 9.02 -2.55 11.28
N GLU E 254 8.00 -2.83 10.48
CA GLU E 254 7.02 -3.84 10.85
C GLU E 254 7.54 -5.26 10.65
N PHE E 255 8.37 -5.48 9.62
CA PHE E 255 8.86 -6.82 9.27
C PHE E 255 9.66 -7.44 10.41
N GLN E 256 10.56 -6.66 11.01
CA GLN E 256 11.33 -7.16 12.14
C GLN E 256 10.46 -7.31 13.37
N THR E 257 9.31 -6.64 13.44
CA THR E 257 8.35 -6.86 14.51
C THR E 257 7.38 -7.98 14.18
N ASN E 258 7.02 -8.16 12.91
CA ASN E 258 6.14 -9.26 12.52
C ASN E 258 6.88 -10.60 12.55
N LEU E 259 7.98 -10.70 11.80
CA LEU E 259 8.59 -11.99 11.51
C LEU E 259 9.40 -12.57 12.66
N VAL E 260 9.53 -11.87 13.77
CA VAL E 260 10.42 -12.28 14.85
C VAL E 260 9.58 -12.55 16.08
N PRO E 261 9.36 -13.82 16.43
CA PRO E 261 8.63 -14.14 17.66
C PRO E 261 9.53 -14.11 18.89
N TYR E 262 10.82 -14.35 18.69
CA TYR E 262 11.81 -14.34 19.74
C TYR E 262 13.05 -13.72 19.14
N PRO E 263 13.72 -12.81 19.87
CA PRO E 263 14.68 -11.88 19.22
C PRO E 263 15.95 -12.54 18.72
N ARG E 264 16.16 -13.83 18.97
CA ARG E 264 17.29 -14.53 18.38
C ARG E 264 16.94 -15.08 17.00
N ILE E 265 15.70 -15.55 16.85
CA ILE E 265 15.25 -16.13 15.59
C ILE E 265 14.98 -14.99 14.61
N HIS E 266 15.92 -14.75 13.71
CA HIS E 266 15.76 -13.70 12.71
C HIS E 266 16.33 -14.16 11.37
N PHE E 267 16.04 -15.40 10.98
CA PHE E 267 16.57 -15.98 9.75
C PHE E 267 15.45 -16.49 8.86
N PRO E 268 14.80 -15.63 8.10
CA PRO E 268 13.85 -16.09 7.09
C PRO E 268 14.59 -16.40 5.79
N LEU E 269 13.81 -16.73 4.76
CA LEU E 269 14.36 -16.96 3.44
C LEU E 269 13.48 -16.27 2.41
N ALA E 270 14.13 -15.79 1.35
CA ALA E 270 13.44 -15.08 0.28
C ALA E 270 12.95 -16.05 -0.78
N THR E 271 11.80 -15.72 -1.37
CA THR E 271 11.25 -16.53 -2.44
C THR E 271 10.56 -15.61 -3.44
N TYR E 272 11.13 -15.50 -4.63
CA TYR E 272 10.53 -14.72 -5.69
C TYR E 272 9.71 -15.62 -6.59
N ALA E 273 8.54 -15.12 -6.99
CA ALA E 273 7.61 -15.86 -7.83
C ALA E 273 6.67 -14.86 -8.46
N PRO E 274 6.20 -15.11 -9.70
CA PRO E 274 6.48 -16.21 -10.60
C PRO E 274 7.80 -16.06 -11.35
N VAL E 275 8.50 -17.17 -11.53
CA VAL E 275 9.75 -17.19 -12.27
C VAL E 275 9.48 -17.95 -13.56
N ILE E 276 9.34 -17.22 -14.66
CA ILE E 276 9.00 -17.78 -15.95
C ILE E 276 10.07 -17.38 -16.96
N SER E 277 9.99 -17.98 -18.14
CA SER E 277 10.84 -17.58 -19.25
C SER E 277 10.02 -16.75 -20.24
N ALA E 278 10.69 -16.32 -21.31
CA ALA E 278 10.02 -15.48 -22.30
C ALA E 278 9.04 -16.29 -23.13
N GLU E 279 9.44 -17.50 -23.54
CA GLU E 279 8.54 -18.34 -24.32
C GLU E 279 7.42 -18.91 -23.48
N LYS E 280 7.62 -19.03 -22.17
CA LYS E 280 6.60 -19.52 -21.26
C LYS E 280 5.82 -18.37 -20.61
N ALA E 281 5.94 -17.17 -21.17
CA ALA E 281 5.11 -16.06 -20.72
C ALA E 281 3.65 -16.28 -21.08
N TYR E 282 3.39 -17.01 -22.15
CA TYR E 282 2.06 -17.48 -22.48
C TYR E 282 1.88 -18.86 -21.86
N HIS E 283 0.81 -19.55 -22.27
CA HIS E 283 0.41 -20.86 -21.73
C HIS E 283 0.18 -20.82 -20.22
N GLU E 284 -0.30 -19.68 -19.74
CA GLU E 284 -0.47 -19.40 -18.32
C GLU E 284 -1.31 -18.15 -18.20
N GLN E 285 -1.80 -17.90 -16.99
CA GLN E 285 -2.57 -16.69 -16.71
C GLN E 285 -2.12 -15.95 -15.45
N LEU E 286 -1.45 -16.63 -14.52
CA LEU E 286 -0.74 -16.05 -13.39
C LEU E 286 -1.68 -15.28 -12.45
N SER E 287 -2.76 -15.94 -12.08
CA SER E 287 -3.67 -15.36 -11.11
C SER E 287 -3.04 -15.39 -9.72
N VAL E 288 -3.64 -14.64 -8.80
CA VAL E 288 -3.07 -14.49 -7.46
C VAL E 288 -3.21 -15.75 -6.62
N ALA E 289 -4.09 -16.67 -6.99
CA ALA E 289 -4.14 -17.96 -6.32
C ALA E 289 -3.24 -18.97 -6.99
N GLU E 290 -2.95 -18.78 -8.27
CA GLU E 290 -2.09 -19.70 -9.00
C GLU E 290 -0.65 -19.60 -8.53
N ILE E 291 -0.14 -18.37 -8.39
CA ILE E 291 1.28 -18.19 -8.18
C ILE E 291 1.70 -18.42 -6.73
N THR E 292 0.79 -18.22 -5.78
CA THR E 292 1.16 -18.39 -4.37
C THR E 292 1.31 -19.85 -3.98
N ASN E 293 0.68 -20.77 -4.69
CA ASN E 293 0.99 -22.19 -4.48
C ASN E 293 2.37 -22.52 -5.02
N ALA E 294 2.81 -21.84 -6.07
CA ALA E 294 4.15 -22.01 -6.59
C ALA E 294 5.19 -21.43 -5.66
N CYS E 295 4.80 -20.53 -4.75
CA CYS E 295 5.72 -19.99 -3.77
C CYS E 295 6.15 -21.07 -2.78
N PHE E 296 5.20 -21.86 -2.30
CA PHE E 296 5.50 -22.92 -1.35
C PHE E 296 5.99 -24.19 -2.02
N GLU E 297 6.23 -24.16 -3.33
CA GLU E 297 6.89 -25.27 -4.00
C GLU E 297 8.36 -25.30 -3.58
N PRO E 298 8.90 -26.46 -3.22
CA PRO E 298 10.29 -26.49 -2.74
C PRO E 298 11.32 -26.17 -3.80
N ALA E 299 11.01 -26.42 -5.07
CA ALA E 299 11.98 -26.19 -6.13
C ALA E 299 11.92 -24.78 -6.70
N ASN E 300 11.12 -23.88 -6.11
CA ASN E 300 11.09 -22.50 -6.53
C ASN E 300 11.78 -21.56 -5.57
N GLN E 301 12.08 -22.00 -4.36
CA GLN E 301 12.77 -21.16 -3.40
C GLN E 301 14.25 -21.10 -3.74
N MET E 302 14.96 -20.17 -3.09
CA MET E 302 16.37 -19.95 -3.37
C MET E 302 17.26 -20.43 -2.24
N VAL E 303 16.74 -21.29 -1.36
CA VAL E 303 17.51 -21.88 -0.28
C VAL E 303 17.31 -23.39 -0.35
N LYS E 304 18.41 -24.15 -0.31
CA LYS E 304 18.34 -25.61 -0.40
C LYS E 304 17.89 -26.15 0.96
N CYS E 305 16.59 -26.02 1.21
CA CYS E 305 15.95 -26.56 2.41
C CYS E 305 14.54 -26.96 2.02
N ASP E 306 14.17 -28.21 2.32
CA ASP E 306 12.82 -28.67 2.02
C ASP E 306 11.85 -28.11 3.05
N PRO E 307 10.83 -27.35 2.64
CA PRO E 307 9.91 -26.77 3.62
C PRO E 307 8.99 -27.78 4.28
N ARG E 308 8.86 -29.00 3.74
CA ARG E 308 8.10 -30.04 4.39
C ARG E 308 8.96 -30.93 5.27
N HIS E 309 10.09 -30.43 5.73
CA HIS E 309 10.90 -31.07 6.76
C HIS E 309 10.83 -30.36 8.10
N GLY E 310 9.96 -29.36 8.22
CA GLY E 310 9.80 -28.64 9.46
C GLY E 310 8.44 -27.98 9.55
N LYS E 311 8.36 -26.85 10.24
CA LYS E 311 7.12 -26.10 10.36
C LYS E 311 7.41 -24.62 10.16
N TYR E 312 6.39 -23.89 9.72
CA TYR E 312 6.49 -22.45 9.53
C TYR E 312 6.18 -21.72 10.82
N MET E 313 7.08 -20.84 11.25
CA MET E 313 6.81 -19.98 12.39
C MET E 313 6.08 -18.71 11.99
N ALA E 314 6.47 -18.12 10.86
CA ALA E 314 5.79 -16.93 10.35
C ALA E 314 6.02 -16.86 8.84
N CYS E 315 5.07 -16.26 8.14
CA CYS E 315 5.14 -16.13 6.70
C CYS E 315 4.76 -14.71 6.30
N CYS E 316 5.41 -14.21 5.26
CA CYS E 316 5.12 -12.89 4.72
C CYS E 316 5.00 -12.96 3.20
N LEU E 317 4.13 -12.12 2.65
CA LEU E 317 3.85 -12.11 1.22
C LEU E 317 3.80 -10.66 0.75
N LEU E 318 4.72 -10.29 -0.12
CA LEU E 318 4.80 -8.93 -0.64
C LEU E 318 4.40 -8.94 -2.10
N TYR E 319 3.18 -8.50 -2.38
CA TYR E 319 2.62 -8.50 -3.72
C TYR E 319 2.92 -7.19 -4.42
N ARG E 320 2.94 -7.25 -5.75
CA ARG E 320 3.02 -6.05 -6.57
C ARG E 320 2.37 -6.35 -7.91
N GLY E 321 2.19 -5.30 -8.72
CA GLY E 321 1.58 -5.47 -10.03
C GLY E 321 0.11 -5.12 -10.06
N ASP E 322 -0.74 -6.14 -10.04
CA ASP E 322 -2.19 -5.93 -10.08
C ASP E 322 -2.82 -6.97 -9.15
N VAL E 323 -3.31 -6.52 -8.00
CA VAL E 323 -3.71 -7.40 -6.91
C VAL E 323 -4.98 -6.85 -6.28
N VAL E 324 -5.97 -7.71 -6.11
CA VAL E 324 -7.18 -7.41 -5.33
C VAL E 324 -7.12 -8.27 -4.07
N PRO E 325 -7.31 -7.69 -2.87
CA PRO E 325 -7.06 -8.46 -1.63
C PRO E 325 -8.07 -9.55 -1.36
N LYS E 326 -9.33 -9.37 -1.76
CA LYS E 326 -10.33 -10.44 -1.63
C LYS E 326 -9.97 -11.63 -2.49
N ASP E 327 -9.37 -11.38 -3.66
CA ASP E 327 -8.87 -12.47 -4.49
C ASP E 327 -7.67 -13.14 -3.85
N VAL E 328 -6.91 -12.40 -3.06
CA VAL E 328 -5.82 -12.98 -2.29
C VAL E 328 -6.36 -13.62 -1.02
N ASN E 329 -7.49 -13.12 -0.51
CA ASN E 329 -8.12 -13.67 0.69
C ASN E 329 -8.55 -15.12 0.47
N ALA E 330 -9.06 -15.42 -0.72
CA ALA E 330 -9.36 -16.81 -1.05
C ALA E 330 -8.09 -17.62 -1.25
N ALA E 331 -7.01 -16.98 -1.72
CA ALA E 331 -5.77 -17.71 -1.95
C ALA E 331 -5.10 -18.11 -0.64
N ILE E 332 -5.16 -17.24 0.37
CA ILE E 332 -4.57 -17.55 1.66
C ILE E 332 -5.44 -18.58 2.39
N ALA E 333 -6.75 -18.57 2.14
CA ALA E 333 -7.64 -19.54 2.76
C ALA E 333 -7.38 -20.96 2.27
N THR E 334 -6.82 -21.10 1.06
CA THR E 334 -6.47 -22.43 0.57
C THR E 334 -5.28 -23.00 1.33
N ILE E 335 -4.27 -22.18 1.59
CA ILE E 335 -3.01 -22.67 2.11
C ILE E 335 -3.14 -23.07 3.58
N LYS E 336 -4.03 -22.42 4.34
CA LYS E 336 -4.31 -22.89 5.68
C LYS E 336 -5.12 -24.18 5.66
N THR E 337 -5.93 -24.38 4.63
CA THR E 337 -6.73 -25.59 4.48
C THR E 337 -6.04 -26.61 3.58
N LYS E 338 -4.81 -26.96 3.97
CA LYS E 338 -4.09 -28.07 3.37
C LYS E 338 -3.41 -28.85 4.50
N ARG E 339 -2.68 -29.89 4.14
CA ARG E 339 -2.08 -30.75 5.15
C ARG E 339 -0.59 -30.94 4.98
N SER E 340 -0.09 -31.00 3.74
CA SER E 340 1.35 -31.12 3.54
C SER E 340 2.05 -29.80 3.84
N ILE E 341 1.35 -28.69 3.70
CA ILE E 341 1.80 -27.39 4.20
C ILE E 341 1.21 -27.21 5.59
N GLN E 342 2.07 -27.04 6.58
CA GLN E 342 1.59 -26.94 7.96
C GLN E 342 2.46 -25.95 8.73
N PHE E 343 1.83 -25.29 9.70
CA PHE E 343 2.49 -24.26 10.49
C PHE E 343 2.99 -24.82 11.81
N VAL E 344 3.76 -23.99 12.51
CA VAL E 344 3.79 -24.05 13.96
C VAL E 344 2.38 -23.80 14.48
N ASP E 345 1.86 -24.75 15.27
CA ASP E 345 0.44 -24.74 15.60
C ASP E 345 0.08 -23.61 16.56
N TRP E 346 0.96 -23.28 17.49
CA TRP E 346 0.60 -22.23 18.45
C TRP E 346 0.72 -20.83 17.86
N CYS E 347 1.10 -20.67 16.59
CA CYS E 347 1.03 -19.40 15.89
C CYS E 347 -0.03 -19.51 14.78
N PRO E 348 -1.31 -19.32 15.09
CA PRO E 348 -2.34 -19.47 14.07
C PRO E 348 -2.50 -18.27 13.14
N THR E 349 -1.94 -17.12 13.49
CA THR E 349 -1.99 -15.94 12.65
C THR E 349 -0.62 -15.78 12.00
N GLY E 350 -0.43 -16.46 10.88
CA GLY E 350 0.89 -16.56 10.29
C GLY E 350 1.03 -16.00 8.89
N PHE E 351 0.46 -14.83 8.63
CA PHE E 351 0.57 -14.21 7.32
C PHE E 351 0.78 -12.71 7.46
N LYS E 352 1.64 -12.17 6.62
CA LYS E 352 1.81 -10.73 6.50
C LYS E 352 1.72 -10.37 5.03
N VAL E 353 0.70 -9.61 4.66
CA VAL E 353 0.38 -9.32 3.28
C VAL E 353 0.78 -7.88 2.97
N GLY E 354 1.38 -7.67 1.81
CA GLY E 354 1.72 -6.33 1.38
C GLY E 354 1.46 -6.14 -0.10
N ILE E 355 0.66 -5.15 -0.46
CA ILE E 355 0.23 -4.93 -1.84
C ILE E 355 0.76 -3.59 -2.30
N ASN E 356 1.40 -3.56 -3.47
CA ASN E 356 1.78 -2.32 -4.12
C ASN E 356 1.19 -2.32 -5.52
N TYR E 357 0.69 -1.16 -5.95
CA TYR E 357 0.14 -1.05 -7.29
C TYR E 357 1.18 -0.59 -8.29
N GLN E 358 2.33 -1.25 -8.30
CA GLN E 358 3.39 -0.96 -9.24
C GLN E 358 3.83 -2.26 -9.91
N PRO E 359 4.03 -2.27 -11.22
CA PRO E 359 4.38 -3.51 -11.90
C PRO E 359 5.82 -3.89 -11.62
N PRO E 360 6.15 -5.18 -11.62
CA PRO E 360 7.55 -5.60 -11.54
C PRO E 360 8.29 -5.22 -12.82
N THR E 361 9.23 -4.30 -12.69
CA THR E 361 9.97 -3.83 -13.85
C THR E 361 10.92 -4.90 -14.35
N VAL E 362 11.32 -4.77 -15.60
CA VAL E 362 12.15 -5.76 -16.27
C VAL E 362 13.53 -5.16 -16.51
N VAL E 363 14.55 -6.01 -16.41
CA VAL E 363 15.92 -5.64 -16.69
C VAL E 363 16.37 -6.42 -17.92
N PRO E 364 17.01 -5.78 -18.91
CA PRO E 364 17.50 -6.50 -20.09
C PRO E 364 18.66 -7.44 -19.77
N VAL E 371 5.90 -8.67 -17.19
CA VAL E 371 4.77 -9.46 -16.73
C VAL E 371 3.76 -8.57 -16.00
N GLN E 372 2.70 -9.18 -15.47
CA GLN E 372 1.69 -8.41 -14.74
C GLN E 372 2.07 -8.21 -13.29
N ARG E 373 2.24 -9.29 -12.54
CA ARG E 373 2.36 -9.24 -11.09
C ARG E 373 3.53 -10.10 -10.63
N ALA E 374 3.93 -9.87 -9.37
CA ALA E 374 5.05 -10.59 -8.77
C ALA E 374 4.82 -10.71 -7.27
N VAL E 375 5.42 -11.76 -6.69
CA VAL E 375 5.28 -12.10 -5.28
C VAL E 375 6.67 -12.32 -4.70
N CYS E 376 6.97 -11.65 -3.59
CA CYS E 376 8.10 -12.01 -2.75
C CYS E 376 7.56 -12.67 -1.50
N MET E 377 8.04 -13.88 -1.21
CA MET E 377 7.62 -14.63 -0.03
C MET E 377 8.76 -14.67 0.97
N LEU E 378 8.45 -14.31 2.21
CA LEU E 378 9.40 -14.31 3.31
C LEU E 378 8.82 -15.22 4.38
N SER E 379 9.44 -16.38 4.57
CA SER E 379 8.91 -17.41 5.46
C SER E 379 9.96 -17.76 6.51
N ASN E 380 9.81 -17.20 7.70
CA ASN E 380 10.64 -17.57 8.84
C ASN E 380 10.14 -18.93 9.34
N THR E 381 10.85 -19.99 8.97
CA THR E 381 10.42 -21.36 9.22
C THR E 381 11.50 -22.14 9.94
N THR E 382 11.15 -23.37 10.32
CA THR E 382 12.08 -24.30 10.94
C THR E 382 12.76 -25.22 9.93
N ALA E 383 12.45 -25.06 8.64
CA ALA E 383 13.11 -25.85 7.62
C ALA E 383 14.54 -25.39 7.37
N ILE E 384 14.88 -24.17 7.78
CA ILE E 384 16.22 -23.64 7.55
C ILE E 384 17.22 -24.22 8.55
N ALA E 385 16.74 -24.77 9.67
CA ALA E 385 17.62 -25.21 10.74
C ALA E 385 18.44 -26.45 10.37
N GLU E 386 18.04 -27.18 9.34
CA GLU E 386 18.85 -28.31 8.90
C GLU E 386 20.06 -27.88 8.10
N ALA E 387 20.02 -26.67 7.51
CA ALA E 387 21.15 -26.17 6.74
C ALA E 387 22.35 -25.88 7.62
N TRP E 388 22.12 -25.45 8.86
CA TRP E 388 23.21 -25.24 9.80
C TRP E 388 23.86 -26.56 10.18
N ALA E 389 23.05 -27.61 10.35
CA ALA E 389 23.58 -28.92 10.70
C ALA E 389 24.36 -29.53 9.55
N ARG E 390 24.01 -29.19 8.30
CA ARG E 390 24.80 -29.63 7.18
C ARG E 390 26.14 -28.91 7.12
N LEU E 391 26.22 -27.71 7.71
CA LEU E 391 27.47 -26.97 7.71
C LEU E 391 28.28 -27.23 8.97
N ASP E 392 27.60 -27.61 10.06
CA ASP E 392 28.32 -28.06 11.26
C ASP E 392 29.07 -29.36 11.00
N HIS E 393 28.51 -30.20 10.14
CA HIS E 393 29.17 -31.46 9.78
C HIS E 393 30.43 -31.21 8.96
N LYS E 394 30.47 -30.11 8.20
CA LYS E 394 31.67 -29.75 7.47
C LYS E 394 32.75 -29.23 8.41
N PHE E 395 32.34 -28.45 9.41
CA PHE E 395 33.28 -27.74 10.27
C PHE E 395 33.95 -28.66 11.28
N ASP E 396 33.33 -29.78 11.65
CA ASP E 396 33.88 -30.64 12.69
C ASP E 396 35.14 -31.36 12.22
N LEU E 397 35.08 -31.94 11.01
CA LEU E 397 36.16 -32.80 10.56
C LEU E 397 37.40 -31.98 10.19
N MET E 398 37.20 -30.79 9.63
CA MET E 398 38.31 -29.91 9.32
C MET E 398 38.94 -29.33 10.58
N TYR E 399 38.20 -29.31 11.68
CA TYR E 399 38.73 -28.94 12.99
C TYR E 399 39.15 -30.16 13.80
N ALA E 400 38.73 -31.36 13.38
CA ALA E 400 39.18 -32.57 14.05
C ALA E 400 40.66 -32.84 13.80
N LYS E 401 41.15 -32.51 12.61
CA LYS E 401 42.57 -32.60 12.30
C LYS E 401 43.39 -31.44 12.85
N ARG E 402 42.72 -30.42 13.40
CA ARG E 402 43.28 -29.09 13.65
C ARG E 402 43.94 -28.54 12.40
N ALA E 403 43.22 -28.64 11.29
CA ALA E 403 43.71 -28.13 10.02
C ALA E 403 43.52 -26.63 9.94
N PHE E 404 44.50 -25.96 9.31
CA PHE E 404 44.47 -24.53 8.99
C PHE E 404 44.38 -23.66 10.24
N VAL E 405 44.84 -24.19 11.38
CA VAL E 405 44.89 -23.41 12.60
C VAL E 405 46.03 -22.39 12.53
N HIS E 406 47.11 -22.73 11.82
CA HIS E 406 48.29 -21.87 11.74
C HIS E 406 48.12 -20.68 10.82
N TRP E 407 46.92 -20.45 10.27
CA TRP E 407 46.66 -19.22 9.54
C TRP E 407 45.89 -18.22 10.40
N TYR E 408 44.86 -18.68 11.11
CA TYR E 408 44.14 -17.81 12.01
C TYR E 408 44.97 -17.47 13.24
N VAL E 409 45.63 -18.47 13.83
CA VAL E 409 46.64 -18.19 14.85
C VAL E 409 47.84 -17.51 14.22
N GLY E 410 48.10 -17.81 12.94
CA GLY E 410 49.10 -17.07 12.19
C GLY E 410 48.73 -15.62 11.92
N GLU E 411 47.46 -15.25 12.09
CA GLU E 411 47.02 -13.87 11.98
C GLU E 411 46.32 -13.40 13.25
N GLY E 412 46.76 -13.89 14.41
CA GLY E 412 46.26 -13.41 15.67
C GLY E 412 44.84 -13.80 16.03
N MET E 413 44.62 -15.07 16.33
CA MET E 413 43.30 -15.51 16.78
C MET E 413 43.46 -16.63 17.79
N GLU E 414 42.62 -16.61 18.82
CA GLU E 414 42.60 -17.64 19.84
C GLU E 414 42.09 -18.96 19.29
N GLU E 415 42.71 -20.07 19.72
CA GLU E 415 42.21 -21.39 19.36
C GLU E 415 40.86 -21.66 20.01
N GLY E 416 40.72 -21.29 21.27
CA GLY E 416 39.45 -21.43 21.97
C GLY E 416 38.36 -20.52 21.47
N GLU E 417 38.70 -19.48 20.70
CA GLU E 417 37.70 -18.63 20.07
C GLU E 417 36.92 -19.40 19.01
N PHE E 418 37.55 -20.40 18.39
CA PHE E 418 36.79 -21.41 17.64
C PHE E 418 35.89 -22.19 18.59
N SER E 419 36.45 -22.64 19.71
CA SER E 419 35.71 -23.49 20.63
C SER E 419 34.63 -22.72 21.37
N GLU E 420 34.85 -21.43 21.62
CA GLU E 420 33.80 -20.60 22.20
C GLU E 420 32.64 -20.43 21.24
N ALA E 421 32.94 -20.29 19.95
CA ALA E 421 31.90 -20.22 18.93
C ALA E 421 31.38 -21.60 18.54
N ARG E 422 32.06 -22.66 18.97
CA ARG E 422 31.63 -24.01 18.63
C ARG E 422 30.34 -24.38 19.36
N GLU E 423 30.30 -24.13 20.67
CA GLU E 423 29.07 -24.37 21.42
C GLU E 423 28.01 -23.33 21.13
N ASP E 424 28.41 -22.19 20.56
CA ASP E 424 27.47 -21.12 20.26
C ASP E 424 26.49 -21.52 19.16
N MET E 425 26.92 -22.40 18.25
CA MET E 425 25.99 -22.89 17.24
C MET E 425 25.02 -23.89 17.85
N ALA E 426 25.46 -24.62 18.88
CA ALA E 426 24.58 -25.58 19.56
C ALA E 426 23.45 -24.87 20.30
N ALA E 427 23.76 -23.72 20.93
CA ALA E 427 22.70 -22.91 21.52
C ALA E 427 21.83 -22.26 20.45
N LEU E 428 22.39 -22.03 19.26
CA LEU E 428 21.59 -21.56 18.14
C LEU E 428 20.70 -22.67 17.60
N GLU E 429 21.23 -23.89 17.54
CA GLU E 429 20.50 -24.98 16.91
C GLU E 429 19.37 -25.47 17.79
N LYS E 430 19.56 -25.42 19.11
CA LYS E 430 18.52 -25.87 20.04
C LYS E 430 17.35 -24.90 20.13
N ASP E 431 17.48 -23.70 19.55
CA ASP E 431 16.36 -22.77 19.52
C ASP E 431 15.24 -23.29 18.63
N TYR E 432 15.56 -23.62 17.38
CA TYR E 432 14.55 -24.07 16.43
C TYR E 432 13.98 -25.43 16.80
N GLU E 433 14.78 -26.26 17.45
CA GLU E 433 14.30 -27.55 17.94
C GLU E 433 13.29 -27.35 19.07
N GLU E 434 13.53 -26.35 19.93
CA GLU E 434 12.63 -26.10 21.05
C GLU E 434 11.32 -25.47 20.60
N VAL E 435 11.38 -24.57 19.63
CA VAL E 435 10.18 -23.93 19.11
C VAL E 435 9.35 -24.90 18.27
N GLY E 436 9.98 -25.93 17.71
CA GLY E 436 9.26 -26.87 16.85
C GLY E 436 8.21 -27.69 17.59
N VAL E 437 8.58 -28.21 18.76
CA VAL E 437 7.60 -28.90 19.60
C VAL E 437 6.68 -27.88 20.26
N ASP E 438 5.55 -28.36 20.75
CA ASP E 438 4.55 -27.49 21.36
C ASP E 438 4.99 -27.02 22.75
N MET F 1 -64.25 37.94 27.19
CA MET F 1 -64.08 38.20 28.62
C MET F 1 -63.61 36.93 29.33
N ARG F 2 -63.80 35.79 28.68
CA ARG F 2 -63.44 34.49 29.23
C ARG F 2 -62.30 33.91 28.41
N GLU F 3 -61.31 33.35 29.08
CA GLU F 3 -60.06 32.96 28.42
C GLU F 3 -59.65 31.55 28.84
N CYS F 4 -58.82 30.95 27.98
CA CYS F 4 -58.29 29.60 28.23
C CYS F 4 -56.99 29.47 27.44
N ILE F 5 -55.86 29.61 28.12
CA ILE F 5 -54.56 29.60 27.46
C ILE F 5 -54.11 28.16 27.21
N SER F 6 -53.06 28.01 26.41
CA SER F 6 -52.59 26.69 26.00
C SER F 6 -51.07 26.63 26.07
N ILE F 7 -50.55 25.50 26.54
CA ILE F 7 -49.11 25.25 26.64
C ILE F 7 -48.84 23.94 25.91
N HIS F 8 -47.70 23.88 25.23
CA HIS F 8 -47.31 22.70 24.46
C HIS F 8 -45.93 22.26 24.94
N VAL F 9 -45.85 21.04 25.47
CA VAL F 9 -44.64 20.52 26.09
C VAL F 9 -44.18 19.30 25.31
N GLY F 10 -42.92 19.30 24.89
CA GLY F 10 -42.35 18.18 24.19
C GLY F 10 -42.66 18.22 22.71
N GLN F 11 -42.00 17.31 21.98
CA GLN F 11 -42.10 17.30 20.52
C GLN F 11 -43.45 16.82 20.04
N ALA F 12 -44.04 15.84 20.75
CA ALA F 12 -45.31 15.28 20.31
C ALA F 12 -46.46 16.27 20.51
N GLY F 13 -46.36 17.15 21.49
CA GLY F 13 -47.40 18.13 21.69
C GLY F 13 -47.38 19.25 20.67
N VAL F 14 -46.20 19.55 20.13
CA VAL F 14 -46.07 20.64 19.16
C VAL F 14 -46.76 20.26 17.85
N GLN F 15 -46.55 19.02 17.38
CA GLN F 15 -47.22 18.57 16.17
C GLN F 15 -48.71 18.39 16.38
N ILE F 16 -49.16 18.20 17.62
CA ILE F 16 -50.58 18.32 17.90
C ILE F 16 -51.02 19.76 17.74
N GLY F 17 -50.27 20.69 18.32
CA GLY F 17 -50.61 22.10 18.22
C GLY F 17 -50.48 22.68 16.82
N ASN F 18 -49.67 22.05 15.96
CA ASN F 18 -49.58 22.49 14.58
C ASN F 18 -50.87 22.26 13.82
N ALA F 19 -51.59 21.20 14.16
CA ALA F 19 -52.89 20.94 13.53
C ALA F 19 -54.03 21.58 14.29
N CYS F 20 -53.87 21.78 15.61
CA CYS F 20 -54.92 22.42 16.40
C CYS F 20 -55.14 23.86 15.96
N TRP F 21 -54.09 24.69 16.03
CA TRP F 21 -54.21 26.08 15.63
C TRP F 21 -54.38 26.24 14.12
N GLU F 22 -54.04 25.21 13.35
CA GLU F 22 -54.50 25.14 11.97
C GLU F 22 -56.02 25.11 11.91
N LEU F 23 -56.64 24.37 12.83
CA LEU F 23 -58.09 24.25 12.81
C LEU F 23 -58.75 25.51 13.35
N TYR F 24 -58.19 26.11 14.41
CA TYR F 24 -58.80 27.27 15.04
C TYR F 24 -58.84 28.47 14.11
N CYS F 25 -57.80 28.64 13.29
CA CYS F 25 -57.79 29.71 12.31
C CYS F 25 -58.85 29.49 11.24
N LEU F 26 -59.12 28.24 10.90
CA LEU F 26 -60.19 27.93 9.97
C LEU F 26 -61.56 28.06 10.62
N GLU F 27 -61.64 28.03 11.95
CA GLU F 27 -62.91 28.22 12.64
C GLU F 27 -63.38 29.66 12.52
N HIS F 28 -62.59 30.58 13.06
CA HIS F 28 -62.97 31.98 13.09
C HIS F 28 -62.52 32.74 11.85
N GLY F 29 -62.12 32.03 10.80
CA GLY F 29 -61.73 32.68 9.56
C GLY F 29 -60.40 33.37 9.61
N ILE F 30 -59.54 33.00 10.55
CA ILE F 30 -58.24 33.64 10.71
C ILE F 30 -57.31 33.08 9.65
N GLN F 31 -56.50 33.96 9.06
CA GLN F 31 -55.46 33.57 8.13
C GLN F 31 -54.27 33.03 8.93
N PRO F 32 -53.25 32.49 8.27
CA PRO F 32 -51.97 32.25 8.98
C PRO F 32 -51.27 33.52 9.43
N ASP F 33 -51.61 34.69 8.88
CA ASP F 33 -51.02 35.96 9.28
C ASP F 33 -51.76 36.63 10.43
N GLY F 34 -52.59 35.90 11.18
CA GLY F 34 -53.37 36.49 12.24
C GLY F 34 -54.46 37.44 11.79
N GLN F 35 -54.80 37.42 10.50
CA GLN F 35 -55.73 38.35 9.90
C GLN F 35 -57.05 37.67 9.59
N MET F 36 -58.14 38.43 9.65
CA MET F 36 -59.41 37.95 9.17
C MET F 36 -60.05 39.07 8.35
N PRO F 37 -60.58 38.75 7.16
CA PRO F 37 -61.22 39.77 6.32
C PRO F 37 -62.57 40.24 6.88
N ASP F 47 -66.63 37.60 16.96
CA ASP F 47 -67.00 38.45 18.08
C ASP F 47 -66.37 37.96 19.37
N SER F 48 -67.02 36.99 20.03
CA SER F 48 -66.54 36.46 21.30
C SER F 48 -65.63 35.26 21.00
N PHE F 49 -64.33 35.53 20.91
CA PHE F 49 -63.32 34.50 20.71
C PHE F 49 -62.10 34.76 21.58
N ASN F 50 -62.31 35.38 22.74
CA ASN F 50 -61.26 35.71 23.70
C ASN F 50 -60.65 34.47 24.35
N THR F 51 -61.27 33.30 24.20
CA THR F 51 -60.77 32.09 24.82
C THR F 51 -59.44 31.66 24.24
N PHE F 52 -59.28 31.73 22.93
CA PHE F 52 -58.06 31.27 22.28
C PHE F 52 -57.29 32.38 21.56
N PHE F 53 -57.77 33.61 21.63
CA PHE F 53 -57.11 34.67 20.87
C PHE F 53 -57.15 35.98 21.64
N SER F 54 -56.29 36.90 21.22
CA SER F 54 -56.30 38.26 21.72
C SER F 54 -55.98 39.20 20.57
N GLU F 55 -56.52 40.41 20.66
CA GLU F 55 -56.41 41.39 19.59
C GLU F 55 -55.27 42.35 19.86
N THR F 56 -54.49 42.65 18.82
CA THR F 56 -53.43 43.63 18.90
C THR F 56 -54.01 45.04 18.77
N GLY F 57 -53.11 46.03 18.73
CA GLY F 57 -53.54 47.38 18.42
C GLY F 57 -54.01 47.50 16.98
N ALA F 58 -53.26 46.92 16.05
CA ALA F 58 -53.75 46.75 14.69
C ALA F 58 -54.65 45.53 14.61
N GLY F 59 -55.29 45.36 13.46
CA GLY F 59 -56.22 44.25 13.28
C GLY F 59 -55.55 42.92 13.05
N LYS F 60 -54.84 42.41 14.06
CA LYS F 60 -54.19 41.11 13.99
C LYS F 60 -54.45 40.39 15.30
N HIS F 61 -54.65 39.08 15.23
CA HIS F 61 -54.87 38.29 16.42
C HIS F 61 -53.76 37.26 16.58
N VAL F 62 -53.36 37.04 17.82
CA VAL F 62 -52.26 36.14 18.15
C VAL F 62 -52.79 34.97 18.97
N PRO F 63 -52.21 33.79 18.86
CA PRO F 63 -52.67 32.66 19.67
C PRO F 63 -52.12 32.73 21.08
N ARG F 64 -52.92 32.21 22.01
CA ARG F 64 -52.50 32.12 23.40
C ARG F 64 -51.79 30.78 23.64
N ALA F 65 -50.65 30.63 22.97
CA ALA F 65 -49.91 29.37 22.97
C ALA F 65 -48.46 29.60 23.35
N VAL F 66 -47.90 28.66 24.09
CA VAL F 66 -46.50 28.67 24.49
C VAL F 66 -45.88 27.35 24.08
N PHE F 67 -44.85 27.40 23.23
CA PHE F 67 -44.20 26.21 22.71
C PHE F 67 -42.85 26.06 23.37
N VAL F 68 -42.70 25.04 24.21
CA VAL F 68 -41.43 24.77 24.86
C VAL F 68 -40.83 23.50 24.25
N ASP F 69 -39.51 23.49 24.13
CA ASP F 69 -38.78 22.31 23.70
C ASP F 69 -37.33 22.46 24.14
N LEU F 70 -36.71 21.35 24.49
CA LEU F 70 -35.31 21.36 24.86
C LEU F 70 -34.40 21.14 23.67
N GLU F 71 -34.92 20.56 22.58
CA GLU F 71 -34.17 20.49 21.33
C GLU F 71 -34.70 21.52 20.34
N PRO F 72 -33.85 22.13 19.52
CA PRO F 72 -34.30 23.22 18.65
C PRO F 72 -34.92 22.78 17.34
N THR F 73 -35.28 21.50 17.18
CA THR F 73 -35.65 21.00 15.86
C THR F 73 -37.06 21.39 15.46
N VAL F 74 -38.07 20.93 16.21
CA VAL F 74 -39.45 21.02 15.75
C VAL F 74 -39.99 22.43 15.87
N ILE F 75 -39.37 23.27 16.69
CA ILE F 75 -39.84 24.64 16.80
C ILE F 75 -39.38 25.44 15.59
N ASP F 76 -38.24 25.08 15.00
CA ASP F 76 -37.84 25.67 13.73
C ASP F 76 -38.79 25.30 12.61
N GLU F 77 -39.46 24.15 12.72
CA GLU F 77 -40.48 23.78 11.76
C GLU F 77 -41.70 24.68 11.86
N VAL F 78 -41.90 25.34 12.98
CA VAL F 78 -42.90 26.38 13.08
C VAL F 78 -42.30 27.74 12.72
N ARG F 79 -41.04 27.97 13.12
CA ARG F 79 -40.37 29.24 12.84
C ARG F 79 -40.01 29.41 11.37
N THR F 80 -40.08 28.35 10.57
CA THR F 80 -39.85 28.43 9.14
C THR F 80 -41.02 27.90 8.33
N GLY F 81 -42.04 27.36 8.97
CA GLY F 81 -43.13 26.71 8.27
C GLY F 81 -44.12 27.68 7.65
N THR F 82 -45.25 27.12 7.23
CA THR F 82 -46.32 27.95 6.68
C THR F 82 -46.96 28.80 7.76
N TYR F 83 -47.25 28.21 8.91
CA TYR F 83 -47.68 28.97 10.07
C TYR F 83 -46.44 29.53 10.77
N ARG F 84 -45.92 30.62 10.20
CA ARG F 84 -44.74 31.30 10.73
C ARG F 84 -45.10 32.63 11.36
N GLN F 85 -45.85 33.46 10.62
CA GLN F 85 -46.17 34.81 11.05
C GLN F 85 -47.26 34.87 12.12
N LEU F 86 -47.84 33.73 12.50
CA LEU F 86 -48.92 33.75 13.46
C LEU F 86 -48.41 33.98 14.87
N PHE F 87 -47.20 33.51 15.18
CA PHE F 87 -46.74 33.38 16.55
C PHE F 87 -45.83 34.54 16.96
N HIS F 88 -46.05 35.03 18.17
CA HIS F 88 -45.14 35.98 18.79
C HIS F 88 -43.79 35.30 19.02
N PRO F 89 -42.68 35.88 18.56
CA PRO F 89 -41.37 35.23 18.77
C PRO F 89 -40.93 35.18 20.21
N GLU F 90 -41.56 35.93 21.12
CA GLU F 90 -41.31 35.72 22.53
C GLU F 90 -42.07 34.52 23.09
N GLN F 91 -42.99 33.95 22.31
CA GLN F 91 -43.65 32.72 22.75
C GLN F 91 -42.84 31.50 22.37
N LEU F 92 -42.21 31.52 21.20
CA LEU F 92 -41.49 30.39 20.66
C LEU F 92 -40.20 30.20 21.46
N ILE F 93 -40.20 29.25 22.38
CA ILE F 93 -39.11 29.05 23.31
C ILE F 93 -38.41 27.75 22.99
N THR F 94 -37.10 27.81 22.78
CA THR F 94 -36.29 26.64 22.46
C THR F 94 -35.20 26.45 23.51
N GLY F 95 -34.75 25.20 23.64
CA GLY F 95 -33.59 24.86 24.41
C GLY F 95 -32.39 24.58 23.53
N LYS F 96 -31.38 23.95 24.13
CA LYS F 96 -30.20 23.54 23.37
C LYS F 96 -30.02 22.03 23.36
N GLU F 97 -30.01 21.38 24.52
CA GLU F 97 -29.81 19.96 24.63
C GLU F 97 -31.09 19.31 25.13
N ASP F 98 -31.54 18.27 24.45
CA ASP F 98 -32.80 17.63 24.81
C ASP F 98 -32.62 16.74 26.04
N ALA F 99 -33.76 16.42 26.66
CA ALA F 99 -33.76 15.38 27.67
C ALA F 99 -33.47 14.02 27.05
N ALA F 100 -33.87 13.82 25.79
CA ALA F 100 -33.51 12.68 24.94
C ALA F 100 -33.97 11.37 25.55
N ASN F 101 -35.28 11.29 25.82
CA ASN F 101 -35.94 10.14 26.44
C ASN F 101 -35.32 9.78 27.79
N ASN F 102 -34.98 10.81 28.55
CA ASN F 102 -34.51 10.64 29.92
C ASN F 102 -35.34 11.57 30.79
N TYR F 103 -36.19 10.98 31.63
CA TYR F 103 -37.07 11.75 32.50
C TYR F 103 -36.29 12.54 33.54
N ALA F 104 -35.17 12.00 34.01
CA ALA F 104 -34.36 12.72 34.98
C ALA F 104 -33.65 13.91 34.37
N ARG F 105 -33.47 13.93 33.04
CA ARG F 105 -32.92 15.13 32.42
C ARG F 105 -33.97 16.21 32.26
N GLY F 106 -35.20 15.83 31.91
CA GLY F 106 -36.26 16.81 31.82
C GLY F 106 -36.72 17.34 33.16
N HIS F 107 -36.46 16.62 34.24
CA HIS F 107 -36.94 16.99 35.57
C HIS F 107 -35.85 17.61 36.44
N TYR F 108 -34.59 17.28 36.20
CA TYR F 108 -33.48 17.79 37.01
C TYR F 108 -32.42 18.54 36.21
N THR F 109 -32.04 18.04 35.04
CA THR F 109 -30.78 18.49 34.42
C THR F 109 -30.95 19.80 33.66
N ILE F 110 -31.73 19.78 32.58
CA ILE F 110 -31.79 20.90 31.65
C ILE F 110 -33.02 21.76 31.88
N GLY F 111 -34.16 21.12 32.15
CA GLY F 111 -35.43 21.83 32.35
C GLY F 111 -35.44 22.79 33.52
N LYS F 112 -34.54 22.61 34.49
CA LYS F 112 -34.40 23.55 35.59
C LYS F 112 -33.81 24.90 35.16
N GLU F 113 -33.30 25.00 33.92
CA GLU F 113 -32.65 26.25 33.52
C GLU F 113 -33.62 27.19 32.82
N ILE F 114 -34.40 26.69 31.87
CA ILE F 114 -35.26 27.57 31.10
C ILE F 114 -36.68 27.55 31.66
N ILE F 115 -36.82 27.08 32.90
CA ILE F 115 -38.11 27.10 33.58
C ILE F 115 -38.54 28.53 33.90
N ASP F 116 -37.58 29.46 34.03
CA ASP F 116 -37.91 30.83 34.40
C ASP F 116 -38.58 31.56 33.24
N LEU F 117 -38.19 31.24 32.00
CA LEU F 117 -38.71 31.98 30.86
C LEU F 117 -40.16 31.62 30.58
N VAL F 118 -40.49 30.33 30.61
CA VAL F 118 -41.81 29.86 30.22
C VAL F 118 -42.85 30.29 31.24
N LEU F 119 -42.52 30.21 32.52
CA LEU F 119 -43.44 30.65 33.56
C LEU F 119 -43.64 32.16 33.55
N ASP F 120 -42.65 32.90 33.07
CA ASP F 120 -42.79 34.34 32.98
C ASP F 120 -43.72 34.72 31.83
N ARG F 121 -43.79 33.89 30.80
CA ARG F 121 -44.69 34.15 29.68
C ARG F 121 -46.15 33.94 30.06
N ILE F 122 -46.42 33.22 31.15
CA ILE F 122 -47.79 32.95 31.56
C ILE F 122 -48.43 34.21 32.09
N ARG F 123 -47.75 34.91 33.00
CA ARG F 123 -48.30 36.13 33.57
C ARG F 123 -48.34 37.25 32.56
N LYS F 124 -47.45 37.23 31.57
CA LYS F 124 -47.56 38.16 30.46
C LYS F 124 -48.80 37.91 29.62
N LEU F 125 -49.25 36.64 29.57
CA LEU F 125 -50.54 36.37 28.96
C LEU F 125 -51.68 36.60 29.94
N ALA F 126 -51.42 36.43 31.23
CA ALA F 126 -52.47 36.56 32.24
C ALA F 126 -52.84 38.00 32.53
N ASP F 127 -52.16 38.97 31.93
CA ASP F 127 -52.59 40.37 32.05
C ASP F 127 -53.93 40.58 31.37
N GLN F 128 -53.98 40.32 30.06
CA GLN F 128 -55.19 40.54 29.29
C GLN F 128 -56.29 39.52 29.59
N CYS F 129 -55.95 38.40 30.21
CA CYS F 129 -56.95 37.44 30.62
C CYS F 129 -57.62 37.90 31.91
N THR F 130 -58.93 37.79 31.95
CA THR F 130 -59.63 38.04 33.20
C THR F 130 -60.58 36.90 33.57
N GLY F 131 -61.20 36.24 32.60
CA GLY F 131 -61.98 35.05 32.86
C GLY F 131 -61.14 33.82 32.62
N LEU F 132 -60.09 33.65 33.42
CA LEU F 132 -59.20 32.51 33.27
C LEU F 132 -59.90 31.25 33.75
N GLN F 133 -60.25 30.36 32.82
CA GLN F 133 -61.11 29.23 33.12
C GLN F 133 -60.50 27.86 32.87
N GLY F 134 -59.26 27.78 32.38
CA GLY F 134 -58.65 26.48 32.15
C GLY F 134 -57.31 26.62 31.46
N PHE F 135 -56.47 25.61 31.68
CA PHE F 135 -55.17 25.51 31.05
C PHE F 135 -55.16 24.30 30.12
N LEU F 136 -54.32 24.37 29.08
CA LEU F 136 -54.16 23.28 28.13
C LEU F 136 -52.69 22.91 28.05
N VAL F 137 -52.38 21.67 28.41
CA VAL F 137 -51.00 21.16 28.38
C VAL F 137 -51.01 19.94 27.47
N PHE F 138 -50.58 20.11 26.22
CA PHE F 138 -50.50 19.00 25.27
C PHE F 138 -49.16 18.31 25.47
N HIS F 139 -49.12 17.32 26.35
CA HIS F 139 -47.88 16.65 26.67
C HIS F 139 -48.02 15.15 26.47
N SER F 140 -47.00 14.54 25.90
CA SER F 140 -46.99 13.09 25.77
C SER F 140 -46.24 12.48 26.94
N PHE F 141 -46.44 11.18 27.14
CA PHE F 141 -45.68 10.44 28.12
C PHE F 141 -44.54 9.65 27.50
N GLY F 142 -44.39 9.73 26.17
CA GLY F 142 -43.35 8.99 25.49
C GLY F 142 -41.99 9.64 25.62
N GLY F 143 -41.86 10.85 25.10
CA GLY F 143 -40.58 11.53 25.16
C GLY F 143 -40.26 12.07 26.54
N GLY F 144 -38.96 12.19 26.80
CA GLY F 144 -38.53 12.71 28.09
C GLY F 144 -38.84 14.17 28.28
N THR F 145 -38.78 14.96 27.19
CA THR F 145 -39.06 16.38 27.31
C THR F 145 -40.54 16.63 27.54
N GLY F 146 -41.41 15.85 26.90
CA GLY F 146 -42.84 15.97 27.12
C GLY F 146 -43.32 15.43 28.45
N SER F 147 -42.46 14.76 29.21
CA SER F 147 -42.79 14.26 30.53
C SER F 147 -41.97 14.91 31.64
N GLY F 148 -40.69 15.11 31.40
CA GLY F 148 -39.83 15.68 32.44
C GLY F 148 -40.11 17.15 32.68
N PHE F 149 -40.39 17.90 31.62
CA PHE F 149 -40.81 19.28 31.79
C PHE F 149 -42.23 19.38 32.34
N THR F 150 -43.05 18.35 32.10
CA THR F 150 -44.45 18.39 32.50
C THR F 150 -44.58 18.39 34.02
N SER F 151 -43.72 17.65 34.71
CA SER F 151 -43.77 17.63 36.16
C SER F 151 -43.25 18.93 36.77
N LEU F 152 -42.22 19.51 36.17
CA LEU F 152 -41.68 20.75 36.69
C LEU F 152 -42.62 21.93 36.43
N LEU F 153 -43.40 21.85 35.36
CA LEU F 153 -44.28 22.96 34.99
C LEU F 153 -45.49 23.05 35.90
N MET F 154 -46.09 21.90 36.24
CA MET F 154 -47.35 21.91 36.97
C MET F 154 -47.20 22.23 38.44
N GLU F 155 -45.97 22.14 38.98
CA GLU F 155 -45.78 22.40 40.40
C GLU F 155 -45.93 23.88 40.72
N ARG F 156 -45.48 24.75 39.81
CA ARG F 156 -45.51 26.17 40.10
C ARG F 156 -46.89 26.77 39.90
N LEU F 157 -47.73 26.14 39.10
CA LEU F 157 -49.00 26.74 38.71
C LEU F 157 -50.03 26.67 39.83
N SER F 158 -50.05 25.56 40.58
CA SER F 158 -50.89 25.49 41.77
C SER F 158 -50.34 26.37 42.88
N VAL F 159 -49.04 26.66 42.86
CA VAL F 159 -48.51 27.73 43.70
C VAL F 159 -48.91 29.08 43.13
N ASP F 160 -48.95 29.19 41.79
CA ASP F 160 -49.35 30.45 41.16
C ASP F 160 -50.84 30.70 41.34
N TYR F 161 -51.67 29.77 40.88
CA TYR F 161 -53.11 29.99 40.88
C TYR F 161 -53.83 29.16 41.94
N GLY F 162 -53.67 27.84 41.91
CA GLY F 162 -54.30 26.99 42.89
C GLY F 162 -55.76 26.70 42.64
N LYS F 163 -56.56 27.75 42.46
CA LYS F 163 -58.00 27.59 42.26
C LYS F 163 -58.37 27.43 40.79
N LYS F 164 -57.49 27.83 39.87
CA LYS F 164 -57.84 27.83 38.47
C LYS F 164 -57.71 26.43 37.87
N SER F 165 -58.36 26.23 36.74
CA SER F 165 -58.46 24.90 36.13
C SER F 165 -57.23 24.59 35.30
N LYS F 166 -56.82 23.32 35.35
CA LYS F 166 -55.62 22.84 34.66
C LYS F 166 -55.95 21.51 33.99
N LEU F 167 -56.02 21.52 32.66
CA LEU F 167 -56.41 20.35 31.90
C LEU F 167 -55.25 19.89 31.01
N GLU F 168 -55.17 18.57 30.81
CA GLU F 168 -54.06 17.95 30.11
C GLU F 168 -54.60 16.99 29.05
N PHE F 169 -54.58 17.40 27.79
CA PHE F 169 -54.94 16.53 26.68
C PHE F 169 -53.70 15.75 26.27
N SER F 170 -53.53 14.60 26.89
CA SER F 170 -52.27 13.88 26.83
C SER F 170 -52.35 12.71 25.86
N ILE F 171 -51.23 12.00 25.72
CA ILE F 171 -51.11 10.85 24.82
C ILE F 171 -50.66 9.65 25.64
N TYR F 172 -51.48 8.61 25.66
CA TYR F 172 -51.20 7.44 26.46
C TYR F 172 -50.21 6.53 25.73
N PRO F 173 -49.22 5.97 26.44
CA PRO F 173 -48.28 5.06 25.79
C PRO F 173 -48.90 3.70 25.48
N ALA F 174 -48.63 3.19 24.28
CA ALA F 174 -49.36 2.06 23.75
C ALA F 174 -48.90 0.74 24.37
N PRO F 175 -49.82 -0.19 24.60
CA PRO F 175 -49.42 -1.48 25.20
C PRO F 175 -48.71 -2.41 24.24
N GLN F 176 -48.93 -2.31 22.93
CA GLN F 176 -48.24 -3.16 21.98
C GLN F 176 -47.30 -2.37 21.07
N VAL F 177 -47.78 -1.36 20.36
CA VAL F 177 -46.94 -0.65 19.41
C VAL F 177 -46.18 0.41 20.19
N SER F 178 -45.03 0.05 20.74
CA SER F 178 -44.29 0.94 21.64
C SER F 178 -42.93 1.22 21.03
N THR F 179 -42.61 2.51 20.87
CA THR F 179 -41.43 2.94 20.15
C THR F 179 -40.16 2.90 21.01
N ALA F 180 -40.14 3.69 22.07
CA ALA F 180 -38.92 3.80 22.85
C ALA F 180 -38.84 2.68 23.88
N VAL F 181 -37.77 2.70 24.68
CA VAL F 181 -37.48 1.61 25.61
C VAL F 181 -37.91 1.96 27.02
N VAL F 182 -37.59 3.15 27.51
CA VAL F 182 -37.84 3.53 28.89
C VAL F 182 -39.18 4.24 29.04
N GLU F 183 -40.07 4.10 28.05
CA GLU F 183 -41.45 4.53 28.21
C GLU F 183 -42.21 3.92 29.39
N PRO F 184 -41.96 2.68 29.85
CA PRO F 184 -42.53 2.29 31.15
C PRO F 184 -41.96 3.07 32.33
N TYR F 185 -40.74 3.57 32.23
CA TYR F 185 -40.19 4.36 33.32
C TYR F 185 -40.79 5.75 33.43
N ASN F 186 -41.41 6.26 32.36
CA ASN F 186 -41.95 7.61 32.41
C ASN F 186 -43.21 7.68 33.26
N SER F 187 -44.07 6.68 33.15
CA SER F 187 -45.43 6.78 33.67
C SER F 187 -45.47 6.70 35.19
N ILE F 188 -44.63 5.85 35.78
CA ILE F 188 -44.65 5.69 37.23
C ILE F 188 -44.06 6.93 37.90
N LEU F 189 -43.06 7.55 37.27
CA LEU F 189 -42.42 8.71 37.87
C LEU F 189 -43.31 9.96 37.77
N THR F 190 -44.06 10.09 36.69
CA THR F 190 -44.91 11.26 36.48
C THR F 190 -46.24 11.17 37.22
N THR F 191 -46.49 10.05 37.91
CA THR F 191 -47.81 9.81 38.51
C THR F 191 -48.06 10.75 39.67
N HIS F 192 -47.04 11.02 40.49
CA HIS F 192 -47.23 11.83 41.68
C HIS F 192 -47.52 13.29 41.35
N THR F 193 -47.04 13.76 40.20
CA THR F 193 -47.33 15.14 39.83
C THR F 193 -48.75 15.29 39.30
N THR F 194 -49.09 14.53 38.26
CA THR F 194 -50.37 14.70 37.57
C THR F 194 -51.54 14.15 38.37
N LEU F 195 -51.30 13.47 39.49
CA LEU F 195 -52.42 13.13 40.36
C LEU F 195 -52.58 14.17 41.46
N GLU F 196 -51.57 15.01 41.67
CA GLU F 196 -51.62 16.03 42.69
C GLU F 196 -51.68 17.45 42.15
N HIS F 197 -51.72 17.63 40.84
CA HIS F 197 -51.84 18.98 40.30
C HIS F 197 -52.97 19.08 39.29
N SER F 198 -53.12 18.07 38.46
CA SER F 198 -54.04 18.16 37.32
C SER F 198 -55.47 17.93 37.79
N ASP F 199 -56.37 18.84 37.37
CA ASP F 199 -57.77 18.71 37.75
C ASP F 199 -58.47 17.61 37.00
N CYS F 200 -58.14 17.42 35.72
CA CYS F 200 -58.74 16.35 34.92
C CYS F 200 -57.80 16.02 33.77
N ALA F 201 -57.05 14.95 33.88
CA ALA F 201 -56.18 14.50 32.82
C ALA F 201 -56.96 13.69 31.79
N PHE F 202 -56.40 13.55 30.59
CA PHE F 202 -57.06 12.90 29.48
C PHE F 202 -56.09 11.93 28.82
N MET F 203 -56.50 10.67 28.69
CA MET F 203 -55.68 9.64 28.06
C MET F 203 -56.16 9.40 26.64
N VAL F 204 -55.23 9.35 25.70
CA VAL F 204 -55.49 8.98 24.31
C VAL F 204 -54.37 8.03 23.87
N ASP F 205 -54.74 6.84 23.41
CA ASP F 205 -53.77 5.88 22.92
C ASP F 205 -53.61 6.02 21.42
N ASN F 206 -52.38 5.77 20.94
CA ASN F 206 -52.12 5.77 19.51
C ASN F 206 -52.75 4.57 18.83
N GLU F 207 -52.90 3.46 19.57
CA GLU F 207 -53.18 2.17 18.95
C GLU F 207 -54.61 2.07 18.42
N ALA F 208 -55.59 2.63 19.14
CA ALA F 208 -56.96 2.59 18.67
C ALA F 208 -57.20 3.51 17.48
N ILE F 209 -56.32 4.48 17.26
CA ILE F 209 -56.47 5.42 16.15
C ILE F 209 -56.25 4.71 14.81
N TYR F 210 -55.40 3.67 14.79
CA TYR F 210 -55.00 3.03 13.55
C TYR F 210 -56.18 2.34 12.86
N ASP F 211 -56.93 1.53 13.60
CA ASP F 211 -58.06 0.81 13.01
C ASP F 211 -59.18 1.77 12.64
N ILE F 212 -59.30 2.89 13.37
CA ILE F 212 -60.20 3.95 12.95
C ILE F 212 -59.74 4.55 11.64
N CYS F 213 -58.42 4.73 11.48
CA CYS F 213 -57.89 5.18 10.19
C CYS F 213 -58.02 4.08 9.15
N ARG F 214 -57.74 2.82 9.54
CA ARG F 214 -57.72 1.72 8.59
C ARG F 214 -59.13 1.38 8.11
N ARG F 215 -60.02 1.03 9.03
CA ARG F 215 -61.36 0.61 8.63
C ARG F 215 -62.26 1.80 8.36
N ASN F 216 -62.49 2.64 9.39
CA ASN F 216 -63.51 3.66 9.31
C ASN F 216 -63.11 4.84 8.43
N LEU F 217 -61.82 5.02 8.15
CA LEU F 217 -61.35 6.11 7.33
C LEU F 217 -60.73 5.65 6.01
N ASP F 218 -60.80 4.35 5.71
CA ASP F 218 -60.46 3.76 4.41
C ASP F 218 -59.00 3.94 4.01
N ILE F 219 -58.11 4.30 4.94
CA ILE F 219 -56.69 4.44 4.65
C ILE F 219 -55.95 3.57 5.65
N GLU F 220 -55.45 2.42 5.19
CA GLU F 220 -54.83 1.45 6.08
C GLU F 220 -53.51 1.94 6.65
N ARG F 221 -52.84 2.87 5.98
CA ARG F 221 -51.50 3.33 6.35
C ARG F 221 -51.57 4.79 6.73
N PRO F 222 -51.78 5.12 7.99
CA PRO F 222 -51.98 6.52 8.39
C PRO F 222 -50.65 7.24 8.53
N THR F 223 -50.74 8.56 8.57
CA THR F 223 -49.62 9.44 8.83
C THR F 223 -49.85 10.19 10.13
N TYR F 224 -48.75 10.61 10.77
CA TYR F 224 -48.85 11.38 12.01
C TYR F 224 -49.51 12.74 11.80
N THR F 225 -49.48 13.26 10.56
CA THR F 225 -50.28 14.43 10.23
C THR F 225 -51.77 14.11 10.34
N ASN F 226 -52.16 12.89 10.01
CA ASN F 226 -53.56 12.51 10.11
C ASN F 226 -53.97 12.03 11.50
N LEU F 227 -53.02 11.54 12.30
CA LEU F 227 -53.34 11.19 13.69
C LEU F 227 -53.70 12.42 14.51
N ASN F 228 -53.10 13.56 14.21
CA ASN F 228 -53.39 14.77 14.96
C ASN F 228 -54.73 15.36 14.58
N ARG F 229 -55.24 15.04 13.38
CA ARG F 229 -56.52 15.58 12.94
C ARG F 229 -57.67 15.03 13.75
N LEU F 230 -57.53 13.83 14.29
CA LEU F 230 -58.60 13.22 15.07
C LEU F 230 -58.73 13.85 16.45
N ILE F 231 -57.60 14.12 17.11
CA ILE F 231 -57.64 14.71 18.43
C ILE F 231 -58.00 16.20 18.36
N SER F 232 -57.61 16.86 17.28
CA SER F 232 -57.89 18.28 17.11
C SER F 232 -59.37 18.56 16.97
N GLN F 233 -60.14 17.60 16.46
CA GLN F 233 -61.59 17.78 16.44
C GLN F 233 -62.18 17.63 17.83
N ILE F 234 -61.52 16.85 18.70
CA ILE F 234 -62.04 16.66 20.05
C ILE F 234 -61.86 17.93 20.87
N VAL F 235 -60.68 18.55 20.75
CA VAL F 235 -60.34 19.71 21.57
C VAL F 235 -61.23 20.90 21.23
N SER F 236 -61.63 21.00 19.96
CA SER F 236 -62.50 22.09 19.54
C SER F 236 -63.90 21.94 20.13
N SER F 237 -64.47 20.73 20.06
CA SER F 237 -65.84 20.52 20.51
C SER F 237 -65.96 20.51 22.02
N ILE F 238 -64.85 20.36 22.75
CA ILE F 238 -64.88 20.59 24.19
C ILE F 238 -65.04 22.07 24.45
N THR F 239 -64.44 22.92 23.62
CA THR F 239 -64.56 24.36 23.73
C THR F 239 -65.73 24.92 22.94
N ALA F 240 -66.66 24.08 22.51
CA ALA F 240 -67.76 24.53 21.66
C ALA F 240 -68.80 25.33 22.41
N SER F 241 -68.77 25.33 23.74
CA SER F 241 -69.72 26.15 24.49
C SER F 241 -69.17 27.54 24.75
N LEU F 242 -67.86 27.65 24.94
CA LEU F 242 -67.24 28.95 25.18
C LEU F 242 -67.18 29.79 23.92
N ARG F 243 -66.72 29.21 22.82
CA ARG F 243 -66.46 29.96 21.60
C ARG F 243 -67.73 30.30 20.83
N PHE F 244 -68.87 29.74 21.19
CA PHE F 244 -70.09 29.94 20.43
C PHE F 244 -71.27 29.94 21.40
N ASP F 245 -72.47 29.77 20.85
CA ASP F 245 -73.71 29.78 21.62
C ASP F 245 -74.61 28.66 21.15
N GLY F 246 -74.82 27.67 22.01
CA GLY F 246 -75.85 26.67 21.80
C GLY F 246 -76.94 26.83 22.84
N ALA F 247 -78.01 26.03 22.73
CA ALA F 247 -79.09 26.12 23.70
C ALA F 247 -78.69 25.57 25.06
N LEU F 248 -77.70 24.70 25.10
CA LEU F 248 -77.21 24.13 26.36
C LEU F 248 -75.69 24.21 26.32
N ASN F 249 -75.15 25.33 26.74
CA ASN F 249 -73.71 25.55 26.76
C ASN F 249 -73.15 25.10 28.10
N VAL F 250 -72.20 24.17 28.05
CA VAL F 250 -71.61 23.58 29.23
C VAL F 250 -70.18 24.10 29.32
N ASP F 251 -69.90 24.95 30.29
CA ASP F 251 -68.57 25.55 30.39
C ASP F 251 -67.62 24.63 31.13
N LEU F 252 -66.33 24.93 31.02
CA LEU F 252 -65.26 24.06 31.51
C LEU F 252 -65.16 24.00 33.03
N THR F 253 -65.83 24.90 33.74
CA THR F 253 -65.90 24.76 35.19
C THR F 253 -66.80 23.59 35.58
N GLU F 254 -67.82 23.30 34.76
CA GLU F 254 -68.81 22.30 35.13
C GLU F 254 -68.28 20.87 34.93
N PHE F 255 -67.44 20.66 33.90
CA PHE F 255 -66.96 19.32 33.56
C PHE F 255 -66.16 18.70 34.69
N GLN F 256 -65.26 19.47 35.29
CA GLN F 256 -64.50 18.97 36.42
C GLN F 256 -65.37 18.82 37.67
N THR F 257 -66.51 19.49 37.72
CA THR F 257 -67.48 19.27 38.79
C THR F 257 -68.46 18.15 38.46
N ASN F 258 -68.81 17.98 37.18
CA ASN F 258 -69.69 16.88 36.80
C ASN F 258 -68.95 15.54 36.83
N LEU F 259 -67.85 15.44 36.08
CA LEU F 259 -67.24 14.14 35.79
C LEU F 259 -66.44 13.57 36.94
N VAL F 260 -66.31 14.27 38.05
CA VAL F 260 -65.42 13.86 39.13
C VAL F 260 -66.27 13.58 40.37
N PRO F 261 -66.48 12.30 40.70
CA PRO F 261 -67.21 11.99 41.94
C PRO F 261 -66.32 12.02 43.16
N TYR F 262 -65.03 11.78 42.97
CA TYR F 262 -64.04 11.78 44.03
C TYR F 262 -62.79 12.41 43.43
N PRO F 263 -62.12 13.32 44.15
CA PRO F 263 -61.17 14.23 43.50
C PRO F 263 -59.89 13.58 43.01
N ARG F 264 -59.69 12.29 43.26
CA ARG F 264 -58.56 11.59 42.67
C ARG F 264 -58.91 11.04 41.29
N ILE F 265 -60.14 10.57 41.13
CA ILE F 265 -60.60 9.98 39.87
C ILE F 265 -60.87 11.13 38.90
N HIS F 266 -59.92 11.37 37.99
CA HIS F 266 -60.08 12.42 36.99
C HIS F 266 -59.51 11.96 35.65
N PHE F 267 -59.80 10.73 35.27
CA PHE F 267 -59.27 10.15 34.03
C PHE F 267 -60.38 9.63 33.14
N PRO F 268 -61.04 10.51 32.39
CA PRO F 268 -61.99 10.04 31.37
C PRO F 268 -61.25 9.73 30.07
N LEU F 269 -62.03 9.40 29.05
CA LEU F 269 -61.48 9.17 27.73
C LEU F 269 -62.34 9.87 26.69
N ALA F 270 -61.70 10.34 25.63
CA ALA F 270 -62.38 11.05 24.57
C ALA F 270 -62.88 10.08 23.51
N THR F 271 -64.01 10.42 22.90
CA THR F 271 -64.57 9.61 21.83
C THR F 271 -65.25 10.53 20.84
N TYR F 272 -64.68 10.64 19.65
CA TYR F 272 -65.28 11.43 18.59
C TYR F 272 -66.10 10.53 17.68
N ALA F 273 -67.27 11.03 17.28
CA ALA F 273 -68.19 10.29 16.44
C ALA F 273 -69.14 11.28 15.82
N PRO F 274 -69.60 11.05 14.57
CA PRO F 274 -69.32 9.94 13.67
C PRO F 274 -68.00 10.10 12.92
N VAL F 275 -67.30 8.99 12.75
CA VAL F 275 -66.06 8.96 12.01
C VAL F 275 -66.32 8.20 10.72
N ILE F 276 -66.46 8.93 9.61
CA ILE F 276 -66.80 8.37 8.32
C ILE F 276 -65.72 8.77 7.32
N SER F 277 -65.80 8.19 6.14
CA SER F 277 -64.95 8.58 5.03
C SER F 277 -65.77 9.41 4.04
N ALA F 278 -65.10 9.84 2.97
CA ALA F 278 -65.76 10.68 1.98
C ALA F 278 -66.73 9.87 1.14
N GLU F 279 -66.34 8.66 0.74
CA GLU F 279 -67.23 7.83 -0.05
C GLU F 279 -68.37 7.25 0.79
N LYS F 280 -68.17 7.13 2.11
CA LYS F 280 -69.20 6.63 3.01
C LYS F 280 -69.97 7.79 3.66
N ALA F 281 -69.85 8.99 3.10
CA ALA F 281 -70.67 10.11 3.56
C ALA F 281 -72.14 9.89 3.19
N TYR F 282 -72.39 9.16 2.11
CA TYR F 282 -73.73 8.69 1.79
C TYR F 282 -73.92 7.32 2.40
N HIS F 283 -74.98 6.62 1.99
CA HIS F 283 -75.39 5.31 2.52
C HIS F 283 -75.61 5.35 4.03
N GLU F 284 -76.10 6.49 4.52
CA GLU F 284 -76.27 6.77 5.94
C GLU F 284 -77.11 8.03 6.05
N GLN F 285 -77.60 8.28 7.27
CA GLN F 285 -78.36 9.49 7.55
C GLN F 285 -77.92 10.22 8.80
N LEU F 286 -77.25 9.53 9.74
CA LEU F 286 -76.54 10.13 10.88
C LEU F 286 -77.48 10.89 11.81
N SER F 287 -78.57 10.23 12.18
CA SER F 287 -79.47 10.82 13.15
C SER F 287 -78.85 10.77 14.54
N VAL F 288 -79.44 11.53 15.45
CA VAL F 288 -78.88 11.68 16.79
C VAL F 288 -79.02 10.42 17.64
N ALA F 289 -79.90 9.50 17.27
CA ALA F 289 -79.96 8.21 17.93
C ALA F 289 -79.05 7.19 17.26
N GLU F 290 -78.77 7.38 15.98
CA GLU F 290 -77.90 6.47 15.25
C GLU F 290 -76.46 6.56 15.73
N ILE F 291 -75.96 7.79 15.88
CA ILE F 291 -74.53 7.97 16.08
C ILE F 291 -74.12 7.74 17.52
N THR F 292 -75.02 7.94 18.49
CA THR F 292 -74.67 7.78 19.88
C THR F 292 -74.51 6.31 20.29
N ASN F 293 -75.15 5.39 19.56
CA ASN F 293 -74.84 3.98 19.78
C ASN F 293 -73.46 3.64 19.24
N ALA F 294 -73.02 4.32 18.18
CA ALA F 294 -71.66 4.14 17.68
C ALA F 294 -70.62 4.73 18.62
N CYS F 295 -71.03 5.63 19.51
CA CYS F 295 -70.11 6.16 20.50
C CYS F 295 -69.68 5.09 21.49
N PHE F 296 -70.62 4.30 21.97
CA PHE F 296 -70.33 3.23 22.92
C PHE F 296 -69.84 1.95 22.24
N GLU F 297 -69.61 1.98 20.94
CA GLU F 297 -68.94 0.88 20.27
C GLU F 297 -67.48 0.84 20.69
N PRO F 298 -66.93 -0.32 21.05
CA PRO F 298 -65.54 -0.35 21.53
C PRO F 298 -64.51 -0.04 20.46
N ALA F 299 -64.82 -0.28 19.19
CA ALA F 299 -63.85 -0.04 18.14
C ALA F 299 -63.91 1.37 17.58
N ASN F 300 -64.71 2.26 18.17
CA ASN F 300 -64.74 3.65 17.73
C ASN F 300 -64.03 4.58 18.70
N GLN F 301 -63.75 4.15 19.92
CA GLN F 301 -63.06 4.98 20.87
C GLN F 301 -61.57 5.04 20.55
N MET F 302 -60.87 5.96 21.19
CA MET F 302 -59.46 6.18 20.91
C MET F 302 -58.56 5.70 22.05
N VAL F 303 -59.09 4.85 22.92
CA VAL F 303 -58.33 4.24 24.02
C VAL F 303 -58.53 2.74 23.94
N LYS F 304 -57.43 1.98 23.98
CA LYS F 304 -57.50 0.53 23.89
C LYS F 304 -57.95 -0.02 25.24
N CYS F 305 -59.25 0.10 25.49
CA CYS F 305 -59.89 -0.43 26.68
C CYS F 305 -61.31 -0.84 26.30
N ASP F 306 -61.67 -2.07 26.59
CA ASP F 306 -63.02 -2.53 26.29
C ASP F 306 -64.00 -1.98 27.32
N PRO F 307 -65.01 -1.22 26.90
CA PRO F 307 -65.95 -0.64 27.88
C PRO F 307 -66.87 -1.64 28.54
N ARG F 308 -66.99 -2.85 28.01
CA ARG F 308 -67.76 -3.90 28.65
C ARG F 308 -66.90 -4.79 29.53
N HIS F 309 -65.76 -4.28 30.01
CA HIS F 309 -64.97 -4.94 31.02
C HIS F 309 -65.03 -4.22 32.36
N GLY F 310 -65.89 -3.22 32.49
CA GLY F 310 -66.06 -2.51 33.74
C GLY F 310 -67.41 -1.84 33.81
N LYS F 311 -67.50 -0.71 34.51
CA LYS F 311 -68.74 0.04 34.62
C LYS F 311 -68.44 1.52 34.43
N TYR F 312 -69.46 2.26 33.98
CA TYR F 312 -69.36 3.69 33.80
C TYR F 312 -69.68 4.41 35.09
N MET F 313 -68.77 5.30 35.52
CA MET F 313 -69.03 6.15 36.66
C MET F 313 -69.77 7.43 36.26
N ALA F 314 -69.38 8.02 35.13
CA ALA F 314 -70.05 9.21 34.61
C ALA F 314 -69.82 9.28 33.11
N CYS F 315 -70.77 9.89 32.41
CA CYS F 315 -70.70 10.02 30.97
C CYS F 315 -71.07 11.44 30.56
N CYS F 316 -70.41 11.94 29.52
CA CYS F 316 -70.70 13.25 28.99
C CYS F 316 -70.81 13.19 27.48
N LEU F 317 -71.68 14.03 26.93
CA LEU F 317 -71.96 14.04 25.50
C LEU F 317 -72.02 15.49 25.02
N LEU F 318 -71.08 15.87 24.16
CA LEU F 318 -71.01 17.23 23.64
C LEU F 318 -71.40 17.21 22.17
N TYR F 319 -72.63 17.66 21.89
CA TYR F 319 -73.18 17.66 20.55
C TYR F 319 -72.88 18.96 19.85
N ARG F 320 -72.86 18.91 18.52
CA ARG F 320 -72.78 20.11 17.71
C ARG F 320 -73.43 19.82 16.36
N GLY F 321 -73.60 20.86 15.56
CA GLY F 321 -74.20 20.70 14.25
C GLY F 321 -75.68 21.05 14.21
N ASP F 322 -76.54 20.03 14.23
CA ASP F 322 -77.98 20.24 14.19
C ASP F 322 -78.61 19.21 15.11
N VAL F 323 -79.10 19.65 16.26
CA VAL F 323 -79.51 18.77 17.35
C VAL F 323 -80.78 19.32 17.98
N VAL F 324 -81.77 18.47 18.15
CA VAL F 324 -82.97 18.76 18.94
C VAL F 324 -82.92 17.90 20.19
N PRO F 325 -83.10 18.48 21.39
CA PRO F 325 -82.87 17.71 22.62
C PRO F 325 -83.89 16.62 22.88
N LYS F 326 -85.15 16.80 22.48
CA LYS F 326 -86.14 15.74 22.62
C LYS F 326 -85.77 14.54 21.76
N ASP F 327 -85.18 14.80 20.59
CA ASP F 327 -84.68 13.70 19.76
C ASP F 327 -83.48 13.03 20.41
N VAL F 328 -82.72 13.78 21.19
CA VAL F 328 -81.63 13.18 21.96
C VAL F 328 -82.18 12.54 23.23
N ASN F 329 -83.30 13.05 23.75
CA ASN F 329 -83.94 12.50 24.95
C ASN F 329 -84.37 11.05 24.72
N ALA F 330 -84.87 10.75 23.53
CA ALA F 330 -85.18 9.37 23.20
C ALA F 330 -83.91 8.55 23.00
N ALA F 331 -82.83 9.18 22.54
CA ALA F 331 -81.59 8.47 22.30
C ALA F 331 -80.93 8.06 23.61
N ILE F 332 -80.99 8.93 24.62
CA ILE F 332 -80.40 8.60 25.90
C ILE F 332 -81.27 7.59 26.64
N ALA F 333 -82.58 7.60 26.39
CA ALA F 333 -83.48 6.63 27.00
C ALA F 333 -83.22 5.21 26.51
N THR F 334 -82.65 5.06 25.31
CA THR F 334 -82.30 3.74 24.82
C THR F 334 -81.12 3.16 25.58
N ILE F 335 -80.11 3.99 25.84
CA ILE F 335 -78.85 3.49 26.36
C ILE F 335 -78.98 3.09 27.83
N LYS F 336 -79.87 3.74 28.58
CA LYS F 336 -80.15 3.27 29.93
C LYS F 336 -80.96 1.99 29.91
N THR F 337 -81.77 1.79 28.87
CA THR F 337 -82.58 0.59 28.73
C THR F 337 -81.89 -0.45 27.84
N LYS F 338 -80.66 -0.80 28.21
CA LYS F 338 -79.94 -1.91 27.62
C LYS F 338 -79.27 -2.68 28.74
N ARG F 339 -78.53 -3.73 28.39
CA ARG F 339 -77.93 -4.60 29.39
C ARG F 339 -76.44 -4.79 29.22
N SER F 340 -75.94 -4.85 27.99
CA SER F 340 -74.51 -4.96 27.79
C SER F 340 -73.80 -3.65 28.11
N ILE F 341 -74.50 -2.53 27.95
CA ILE F 341 -74.05 -1.25 28.46
C ILE F 341 -74.64 -1.06 29.85
N GLN F 342 -73.78 -0.89 30.85
CA GLN F 342 -74.26 -0.79 32.21
C GLN F 342 -73.40 0.19 32.98
N PHE F 343 -74.02 0.85 33.95
CA PHE F 343 -73.37 1.88 34.75
C PHE F 343 -72.87 1.32 36.07
N VAL F 344 -72.11 2.16 36.77
CA VAL F 344 -72.07 2.08 38.22
C VAL F 344 -73.48 2.34 38.74
N ASP F 345 -74.01 1.40 39.52
CA ASP F 345 -75.43 1.41 39.85
C ASP F 345 -75.79 2.54 40.81
N TRP F 346 -74.90 2.86 41.75
CA TRP F 346 -75.27 3.91 42.70
C TRP F 346 -75.13 5.32 42.13
N CYS F 347 -74.76 5.47 40.85
CA CYS F 347 -74.83 6.75 40.14
C CYS F 347 -75.88 6.63 39.04
N PRO F 348 -77.16 6.84 39.34
CA PRO F 348 -78.20 6.67 38.32
C PRO F 348 -78.35 7.88 37.40
N THR F 349 -77.79 9.03 37.75
CA THR F 349 -77.84 10.22 36.91
C THR F 349 -76.47 10.37 36.27
N GLY F 350 -76.27 9.69 35.14
CA GLY F 350 -74.95 9.59 34.55
C GLY F 350 -74.81 10.15 33.15
N PHE F 351 -75.37 11.33 32.90
CA PHE F 351 -75.26 11.94 31.58
C PHE F 351 -75.05 13.44 31.72
N LYS F 352 -74.18 13.98 30.88
CA LYS F 352 -74.01 15.42 30.76
C LYS F 352 -74.10 15.78 29.29
N VAL F 353 -75.11 16.55 28.93
CA VAL F 353 -75.44 16.83 27.54
C VAL F 353 -75.03 18.26 27.24
N GLY F 354 -74.43 18.48 26.08
CA GLY F 354 -74.09 19.83 25.65
C GLY F 354 -74.34 20.02 24.17
N ILE F 355 -75.15 21.01 23.81
CA ILE F 355 -75.57 21.22 22.43
C ILE F 355 -75.04 22.58 21.97
N ASN F 356 -74.40 22.59 20.81
CA ASN F 356 -74.01 23.83 20.15
C ASN F 356 -74.60 23.84 18.75
N TYR F 357 -75.10 25.00 18.33
CA TYR F 357 -75.65 25.11 16.98
C TYR F 357 -74.61 25.58 15.98
N GLN F 358 -73.46 24.91 15.97
CA GLN F 358 -72.39 25.20 15.03
C GLN F 358 -71.95 23.90 14.38
N PRO F 359 -71.75 23.89 13.06
CA PRO F 359 -71.40 22.65 12.39
C PRO F 359 -69.96 22.27 12.66
N PRO F 360 -69.64 20.98 12.66
CA PRO F 360 -68.23 20.56 12.75
C PRO F 360 -67.49 20.94 11.47
N THR F 361 -66.55 21.86 11.60
CA THR F 361 -65.81 22.33 10.44
C THR F 361 -64.85 21.24 9.93
N VAL F 362 -64.46 21.39 8.69
CA VAL F 362 -63.63 20.40 8.02
C VAL F 362 -62.25 20.98 7.78
N VAL F 363 -61.24 20.14 7.89
CA VAL F 363 -59.85 20.50 7.60
C VAL F 363 -59.41 19.72 6.37
N PRO F 364 -58.76 20.36 5.39
CA PRO F 364 -58.27 19.64 4.20
C PRO F 364 -57.11 18.70 4.54
N VAL F 371 -69.89 17.49 7.08
CA VAL F 371 -71.02 16.70 7.55
C VAL F 371 -72.02 17.59 8.27
N GLN F 372 -73.09 16.99 8.81
CA GLN F 372 -74.09 17.77 9.53
C GLN F 372 -73.71 17.96 10.99
N ARG F 373 -73.54 16.87 11.73
CA ARG F 373 -73.43 16.93 13.18
C ARG F 373 -72.27 16.06 13.65
N ALA F 374 -71.87 16.29 14.90
CA ALA F 374 -70.75 15.56 15.51
C ALA F 374 -70.98 15.44 17.00
N VAL F 375 -70.38 14.39 17.58
CA VAL F 375 -70.52 14.06 18.99
C VAL F 375 -69.13 13.84 19.57
N CYS F 376 -68.83 14.50 20.68
CA CYS F 376 -67.70 14.14 21.53
C CYS F 376 -68.25 13.47 22.77
N MET F 377 -67.77 12.27 23.06
CA MET F 377 -68.20 11.53 24.24
C MET F 377 -67.07 11.47 25.25
N LEU F 378 -67.38 11.84 26.49
CA LEU F 378 -66.43 11.83 27.59
C LEU F 378 -67.01 10.91 28.65
N SER F 379 -66.39 9.75 28.84
CA SER F 379 -66.92 8.73 29.73
C SER F 379 -65.88 8.39 30.78
N ASN F 380 -66.03 8.93 31.98
CA ASN F 380 -65.20 8.56 33.12
C ASN F 380 -65.70 7.21 33.61
N THR F 381 -64.99 6.14 33.24
CA THR F 381 -65.44 4.78 33.49
C THR F 381 -64.36 3.99 34.22
N THR F 382 -64.71 2.76 34.59
CA THR F 382 -63.78 1.83 35.21
C THR F 382 -63.10 0.92 34.20
N ALA F 383 -63.41 1.07 32.91
CA ALA F 383 -62.74 0.28 31.90
C ALA F 383 -61.31 0.74 31.64
N ILE F 384 -60.98 1.96 32.05
CA ILE F 384 -59.63 2.48 31.83
C ILE F 384 -58.64 1.90 32.83
N ALA F 385 -59.12 1.35 33.95
CA ALA F 385 -58.23 0.91 35.02
C ALA F 385 -57.42 -0.33 34.66
N GLU F 386 -57.82 -1.06 33.62
CA GLU F 386 -57.02 -2.19 33.18
C GLU F 386 -55.80 -1.75 32.38
N ALA F 387 -55.84 -0.56 31.80
CA ALA F 387 -54.71 -0.05 31.03
C ALA F 387 -53.50 0.23 31.92
N TRP F 388 -53.73 0.66 33.16
CA TRP F 388 -52.64 0.87 34.09
C TRP F 388 -51.99 -0.45 34.48
N ALA F 389 -52.81 -1.50 34.65
CA ALA F 389 -52.28 -2.80 34.99
C ALA F 389 -51.50 -3.42 33.84
N ARG F 390 -51.85 -3.08 32.60
CA ARG F 390 -51.05 -3.52 31.47
C ARG F 390 -49.71 -2.80 31.42
N LEU F 391 -49.63 -1.60 32.01
CA LEU F 391 -48.39 -0.87 32.01
C LEU F 391 -47.59 -1.13 33.27
N ASP F 392 -48.25 -1.51 34.36
CA ASP F 392 -47.54 -1.96 35.56
C ASP F 392 -46.80 -3.25 35.30
N HIS F 393 -47.35 -4.10 34.44
CA HIS F 393 -46.69 -5.35 34.08
C HIS F 393 -45.43 -5.10 33.26
N LYS F 394 -45.40 -4.01 32.50
CA LYS F 394 -44.18 -3.65 31.78
C LYS F 394 -43.11 -3.13 32.72
N PHE F 395 -43.51 -2.36 33.72
CA PHE F 395 -42.58 -1.65 34.58
C PHE F 395 -41.91 -2.56 35.59
N ASP F 396 -42.54 -3.68 35.95
CA ASP F 396 -41.99 -4.55 37.00
C ASP F 396 -40.73 -5.26 36.52
N LEU F 397 -40.79 -5.85 35.32
CA LEU F 397 -39.70 -6.71 34.87
C LEU F 397 -38.47 -5.90 34.50
N MET F 398 -38.67 -4.70 33.94
CA MET F 398 -37.54 -3.82 33.64
C MET F 398 -36.92 -3.24 34.90
N TYR F 399 -37.66 -3.22 36.00
CA TYR F 399 -37.13 -2.85 37.30
C TYR F 399 -36.72 -4.08 38.11
N ALA F 400 -37.15 -5.28 37.69
CA ALA F 400 -36.69 -6.50 38.36
C ALA F 400 -35.21 -6.76 38.11
N LYS F 401 -34.71 -6.43 36.93
CA LYS F 401 -33.30 -6.53 36.62
C LYS F 401 -32.48 -5.36 37.17
N ARG F 402 -33.16 -4.34 37.72
CA ARG F 402 -32.58 -3.02 37.98
C ARG F 402 -31.92 -2.46 36.73
N ALA F 403 -32.64 -2.57 35.62
CA ALA F 403 -32.14 -2.06 34.35
C ALA F 403 -32.34 -0.55 34.26
N PHE F 404 -31.36 0.11 33.64
CA PHE F 404 -31.38 1.55 33.33
C PHE F 404 -31.47 2.42 34.58
N VAL F 405 -31.01 1.89 35.71
CA VAL F 405 -30.96 2.66 36.94
C VAL F 405 -29.83 3.67 36.87
N HIS F 406 -28.74 3.34 36.16
CA HIS F 406 -27.57 4.20 36.09
C HIS F 406 -27.73 5.39 35.15
N TRP F 407 -28.92 5.62 34.60
CA TRP F 407 -29.19 6.87 33.88
C TRP F 407 -29.95 7.86 34.73
N TYR F 408 -30.98 7.39 35.44
CA TYR F 408 -31.72 8.26 36.34
C TYR F 408 -30.88 8.60 37.57
N VAL F 409 -30.23 7.60 38.17
CA VAL F 409 -29.22 7.88 39.19
C VAL F 409 -28.02 8.56 38.55
N GLY F 410 -27.75 8.26 37.28
CA GLY F 410 -26.75 9.01 36.53
C GLY F 410 -27.11 10.44 36.26
N GLU F 411 -28.38 10.82 36.43
CA GLU F 411 -28.82 12.20 36.32
C GLU F 411 -29.52 12.67 37.59
N GLY F 412 -29.08 12.18 38.75
CA GLY F 412 -29.58 12.66 40.01
C GLY F 412 -31.00 12.28 40.37
N MET F 413 -31.24 11.00 40.66
CA MET F 413 -32.55 10.57 41.11
C MET F 413 -32.39 9.43 42.12
N GLU F 414 -33.24 9.47 43.15
CA GLU F 414 -33.26 8.43 44.18
C GLU F 414 -33.77 7.11 43.61
N GLU F 415 -33.15 6.00 44.04
CA GLU F 415 -33.65 4.68 43.69
C GLU F 415 -35.01 4.42 44.34
N GLY F 416 -35.15 4.78 45.60
CA GLY F 416 -36.42 4.64 46.29
C GLY F 416 -37.51 5.55 45.79
N GLU F 417 -37.15 6.60 45.02
CA GLU F 417 -38.16 7.44 44.39
C GLU F 417 -38.94 6.68 43.33
N PHE F 418 -38.31 5.68 42.70
CA PHE F 418 -39.08 4.69 41.96
C PHE F 418 -39.98 3.89 42.90
N SER F 419 -39.42 3.45 44.03
CA SER F 419 -40.16 2.59 44.95
C SER F 419 -41.25 3.37 45.69
N GLU F 420 -41.02 4.66 45.93
CA GLU F 420 -42.06 5.48 46.52
C GLU F 420 -43.23 5.66 45.55
N ALA F 421 -42.93 5.80 44.26
CA ALA F 421 -43.97 5.87 43.25
C ALA F 421 -44.48 4.50 42.85
N ARG F 422 -43.81 3.43 43.28
CA ARG F 422 -44.24 2.08 42.94
C ARG F 422 -45.52 1.71 43.67
N GLU F 423 -45.57 1.96 44.97
CA GLU F 423 -46.79 1.72 45.73
C GLU F 423 -47.86 2.76 45.43
N ASP F 424 -47.46 3.91 44.86
CA ASP F 424 -48.40 4.98 44.57
C ASP F 424 -49.37 4.58 43.46
N MET F 425 -48.95 3.70 42.55
CA MET F 425 -49.87 3.20 41.54
C MET F 425 -50.85 2.20 42.14
N ALA F 426 -50.41 1.47 43.18
CA ALA F 426 -51.30 0.53 43.86
C ALA F 426 -52.42 1.24 44.59
N ALA F 427 -52.12 2.37 45.22
CA ALA F 427 -53.17 3.20 45.81
C ALA F 427 -54.04 3.85 44.74
N LEU F 428 -53.48 4.08 43.55
CA LEU F 428 -54.28 4.56 42.43
C LEU F 428 -55.16 3.43 41.89
N GLU F 429 -54.63 2.22 41.83
CA GLU F 429 -55.37 1.13 41.20
C GLU F 429 -56.50 0.64 42.07
N LYS F 430 -56.32 0.68 43.39
CA LYS F 430 -57.34 0.25 44.32
C LYS F 430 -58.51 1.22 44.42
N ASP F 431 -58.39 2.41 43.83
CA ASP F 431 -59.50 3.35 43.80
C ASP F 431 -60.63 2.83 42.91
N TYR F 432 -60.30 2.50 41.66
CA TYR F 432 -61.32 2.05 40.71
C TYR F 432 -61.89 0.69 41.07
N GLU F 433 -61.09 -0.15 41.72
CA GLU F 433 -61.58 -1.43 42.22
C GLU F 433 -62.59 -1.23 43.34
N GLU F 434 -62.34 -0.23 44.20
CA GLU F 434 -63.24 0.02 45.33
C GLU F 434 -64.55 0.64 44.87
N VAL F 435 -64.49 1.55 43.90
CA VAL F 435 -65.69 2.20 43.39
C VAL F 435 -66.52 1.24 42.54
N GLY F 436 -65.89 0.20 41.98
CA GLY F 436 -66.62 -0.73 41.13
C GLY F 436 -67.66 -1.55 41.86
N VAL F 437 -67.30 -2.08 43.03
CA VAL F 437 -68.28 -2.77 43.86
C VAL F 437 -69.20 -1.75 44.53
N ASP F 438 -70.33 -2.23 45.02
CA ASP F 438 -71.33 -1.35 45.62
C ASP F 438 -70.89 -0.88 47.00
N MET G 1 -26.94 24.06 15.88
CA MET G 1 -26.31 23.73 17.15
C MET G 1 -25.98 22.24 17.24
N ARG G 2 -25.43 21.84 18.39
CA ARG G 2 -25.07 20.45 18.72
C ARG G 2 -24.09 19.89 17.69
N GLU G 3 -23.02 20.64 17.44
CA GLU G 3 -22.04 20.28 16.44
C GLU G 3 -21.16 19.13 16.92
N ILE G 4 -20.54 18.45 15.95
CA ILE G 4 -19.83 17.20 16.17
C ILE G 4 -18.42 17.33 15.60
N VAL G 5 -17.42 16.99 16.41
CA VAL G 5 -16.01 17.05 16.03
C VAL G 5 -15.56 15.66 15.63
N HIS G 6 -14.84 15.57 14.52
CA HIS G 6 -14.45 14.30 13.92
C HIS G 6 -12.95 14.09 14.07
N ILE G 7 -12.57 12.91 14.55
CA ILE G 7 -11.17 12.56 14.72
C ILE G 7 -10.93 11.26 13.96
N GLN G 8 -9.81 11.17 13.25
CA GLN G 8 -9.40 9.93 12.61
C GLN G 8 -8.07 9.47 13.18
N ALA G 9 -7.69 8.25 12.80
CA ALA G 9 -6.42 7.64 13.17
C ALA G 9 -6.15 6.50 12.21
N GLY G 10 -5.03 5.83 12.45
CA GLY G 10 -4.71 4.61 11.74
C GLY G 10 -4.43 4.84 10.26
N GLN G 11 -4.58 3.76 9.49
CA GLN G 11 -4.44 3.80 8.04
C GLN G 11 -5.69 3.30 7.33
N CYS G 12 -6.37 2.31 7.89
CA CYS G 12 -7.67 1.90 7.37
C CYS G 12 -8.72 2.97 7.63
N GLY G 13 -8.78 3.50 8.85
CA GLY G 13 -9.83 4.44 9.22
C GLY G 13 -9.76 5.75 8.48
N ASN G 14 -8.58 6.12 7.98
CA ASN G 14 -8.45 7.35 7.21
C ASN G 14 -9.08 7.19 5.84
N GLN G 15 -8.85 6.06 5.18
CA GLN G 15 -9.41 5.82 3.86
C GLN G 15 -10.93 5.66 3.93
N ILE G 16 -11.45 5.20 5.07
CA ILE G 16 -12.89 5.18 5.27
C ILE G 16 -13.42 6.60 5.34
N GLY G 17 -12.78 7.45 6.13
CA GLY G 17 -13.14 8.85 6.16
C GLY G 17 -12.85 9.57 4.86
N ALA G 18 -11.87 9.07 4.10
CA ALA G 18 -11.65 9.59 2.76
C ALA G 18 -12.79 9.24 1.81
N LYS G 19 -13.60 8.25 2.15
CA LYS G 19 -14.85 7.96 1.46
C LYS G 19 -16.06 8.51 2.20
N PHE G 20 -15.99 8.56 3.53
CA PHE G 20 -17.13 9.00 4.33
C PHE G 20 -17.42 10.48 4.13
N TRP G 21 -16.38 11.31 4.07
CA TRP G 21 -16.62 12.73 3.82
C TRP G 21 -17.07 13.00 2.39
N GLU G 22 -16.79 12.08 1.46
CA GLU G 22 -17.40 12.16 0.15
C GLU G 22 -18.90 11.88 0.23
N VAL G 23 -19.30 10.99 1.15
CA VAL G 23 -20.73 10.74 1.35
C VAL G 23 -21.41 11.97 1.93
N ILE G 24 -20.77 12.62 2.90
CA ILE G 24 -21.34 13.80 3.53
C ILE G 24 -21.31 14.99 2.56
N SER G 25 -20.42 14.93 1.56
CA SER G 25 -20.34 15.98 0.55
C SER G 25 -21.60 16.04 -0.30
N ASP G 26 -22.07 14.88 -0.75
CA ASP G 26 -23.29 14.87 -1.56
C ASP G 26 -24.55 14.70 -0.73
N GLU G 27 -24.41 14.49 0.59
CA GLU G 27 -25.57 14.62 1.47
C GLU G 27 -25.80 16.05 1.90
N HIS G 28 -24.95 16.97 1.45
CA HIS G 28 -25.12 18.40 1.72
C HIS G 28 -24.83 19.25 0.49
N GLY G 29 -24.68 18.65 -0.68
CA GLY G 29 -24.38 19.39 -1.87
C GLY G 29 -23.02 20.05 -1.89
N ILE G 30 -22.08 19.54 -1.11
CA ILE G 30 -20.76 20.15 -0.99
C ILE G 30 -19.91 19.71 -2.17
N ASP G 31 -19.34 20.68 -2.88
CA ASP G 31 -18.47 20.41 -4.01
C ASP G 31 -17.13 19.83 -3.52
N PRO G 32 -16.28 19.34 -4.43
CA PRO G 32 -14.91 19.00 -4.01
C PRO G 32 -14.07 20.20 -3.60
N THR G 33 -14.47 21.43 -3.92
CA THR G 33 -13.70 22.60 -3.52
C THR G 33 -13.96 22.97 -2.06
N GLY G 34 -15.22 23.20 -1.71
CA GLY G 34 -15.54 23.69 -0.39
C GLY G 34 -16.71 24.66 -0.40
N SER G 35 -17.18 25.00 -1.59
CA SER G 35 -18.31 25.89 -1.75
C SER G 35 -19.62 25.10 -1.67
N TYR G 36 -20.72 25.73 -2.06
CA TYR G 36 -22.03 25.11 -1.96
C TYR G 36 -22.71 25.12 -3.33
N HIS G 37 -23.37 24.02 -3.67
CA HIS G 37 -24.09 23.92 -4.92
C HIS G 37 -25.44 23.23 -4.79
N GLY G 38 -25.89 22.92 -3.58
CA GLY G 38 -27.15 22.23 -3.42
C GLY G 38 -28.34 23.13 -3.72
N ASP G 39 -29.49 22.49 -3.93
CA ASP G 39 -30.73 23.19 -4.21
C ASP G 39 -31.73 23.08 -3.09
N SER G 40 -31.76 21.94 -2.40
CA SER G 40 -32.67 21.75 -1.29
C SER G 40 -32.17 22.55 -0.10
N ASP G 41 -33.03 23.43 0.42
CA ASP G 41 -32.66 24.30 1.53
C ASP G 41 -32.71 23.62 2.89
N LEU G 42 -33.03 22.32 2.93
CA LEU G 42 -32.93 21.59 4.19
C LEU G 42 -31.47 21.24 4.53
N GLN G 43 -30.57 21.31 3.55
CA GLN G 43 -29.16 21.09 3.82
C GLN G 43 -28.55 22.26 4.58
N LEU G 44 -28.83 23.48 4.14
CA LEU G 44 -28.24 24.67 4.74
C LEU G 44 -28.79 24.96 6.13
N GLU G 45 -29.95 24.42 6.46
CA GLU G 45 -30.57 24.68 7.75
C GLU G 45 -29.81 24.00 8.89
N ARG G 46 -29.16 22.87 8.63
CA ARG G 46 -28.37 22.19 9.64
C ARG G 46 -26.97 21.85 9.11
N ILE G 47 -26.41 22.72 8.28
CA ILE G 47 -25.11 22.47 7.66
C ILE G 47 -23.97 22.52 8.68
N ASN G 48 -24.19 23.21 9.82
CA ASN G 48 -23.11 23.51 10.74
C ASN G 48 -22.57 22.30 11.49
N VAL G 49 -23.33 21.21 11.56
CA VAL G 49 -22.99 20.14 12.49
C VAL G 49 -21.76 19.35 12.05
N TYR G 50 -21.52 19.21 10.75
CA TYR G 50 -20.30 18.59 10.27
C TYR G 50 -19.39 19.55 9.53
N TYR G 51 -19.71 20.84 9.47
CA TYR G 51 -18.90 21.77 8.70
C TYR G 51 -18.87 23.12 9.38
N ASN G 52 -17.67 23.68 9.52
CA ASN G 52 -17.56 25.09 9.83
C ASN G 52 -17.73 25.90 8.56
N GLU G 53 -18.68 26.83 8.56
CA GLU G 53 -18.81 27.76 7.45
C GLU G 53 -17.74 28.82 7.61
N ALA G 54 -16.66 28.70 6.85
CA ALA G 54 -15.56 29.63 6.94
C ALA G 54 -15.92 30.92 6.19
N ALA G 55 -14.98 31.87 6.22
CA ALA G 55 -15.23 33.21 5.69
C ALA G 55 -15.28 33.18 4.17
N GLY G 56 -16.25 33.89 3.60
CA GLY G 56 -16.35 34.02 2.16
C GLY G 56 -16.83 32.79 1.44
N ASN G 57 -18.08 32.40 1.70
CA ASN G 57 -18.80 31.33 0.98
C ASN G 57 -18.11 29.98 1.09
N LYS G 58 -17.41 29.75 2.19
CA LYS G 58 -16.61 28.55 2.36
C LYS G 58 -17.27 27.59 3.35
N TYR G 59 -16.92 26.31 3.20
CA TYR G 59 -17.32 25.27 4.13
C TYR G 59 -16.15 24.30 4.26
N VAL G 60 -15.72 24.07 5.49
CA VAL G 60 -14.57 23.20 5.72
C VAL G 60 -15.01 22.00 6.55
N PRO G 61 -14.44 20.82 6.32
CA PRO G 61 -14.80 19.64 7.11
C PRO G 61 -14.26 19.75 8.52
N ARG G 62 -15.16 19.77 9.50
CA ARG G 62 -14.76 19.79 10.90
C ARG G 62 -14.24 18.40 11.25
N ALA G 63 -12.97 18.18 10.93
CA ALA G 63 -12.38 16.86 11.04
C ALA G 63 -10.90 16.99 11.38
N ILE G 64 -10.38 16.01 12.10
CA ILE G 64 -9.00 16.00 12.56
C ILE G 64 -8.34 14.74 12.02
N LEU G 65 -7.45 14.92 11.05
CA LEU G 65 -6.77 13.80 10.40
C LEU G 65 -5.45 13.55 11.11
N VAL G 66 -5.22 12.30 11.54
CA VAL G 66 -4.05 11.94 12.33
C VAL G 66 -3.42 10.68 11.75
N ASP G 67 -2.13 10.76 11.42
CA ASP G 67 -1.34 9.60 11.04
C ASP G 67 0.02 9.72 11.76
N LEU G 68 0.92 8.78 11.49
CA LEU G 68 2.28 8.84 12.01
C LEU G 68 3.34 8.71 10.92
N GLU G 69 2.95 8.75 9.64
CA GLU G 69 3.88 8.78 8.53
C GLU G 69 3.27 9.58 7.40
N PRO G 70 4.06 10.34 6.64
CA PRO G 70 3.48 11.28 5.67
C PRO G 70 2.90 10.65 4.41
N GLY G 71 2.82 9.33 4.32
CA GLY G 71 2.33 8.71 3.10
C GLY G 71 0.83 8.88 2.91
N THR G 72 0.04 8.52 3.93
CA THR G 72 -1.42 8.53 3.76
C THR G 72 -1.98 9.94 3.71
N MET G 73 -1.31 10.88 4.38
CA MET G 73 -1.73 12.28 4.26
C MET G 73 -1.45 12.82 2.87
N ASP G 74 -0.38 12.33 2.25
CA ASP G 74 -0.09 12.70 0.86
C ASP G 74 -1.11 12.09 -0.09
N SER G 75 -1.57 10.88 0.20
CA SER G 75 -2.53 10.22 -0.68
C SER G 75 -3.90 10.87 -0.61
N VAL G 76 -4.27 11.39 0.55
CA VAL G 76 -5.56 12.07 0.68
C VAL G 76 -5.51 13.41 -0.05
N ARG G 77 -4.47 14.20 0.19
CA ARG G 77 -4.40 15.56 -0.35
C ARG G 77 -4.18 15.57 -1.86
N SER G 78 -3.66 14.49 -2.44
CA SER G 78 -3.45 14.43 -3.87
C SER G 78 -4.66 13.91 -4.61
N GLY G 79 -5.40 12.97 -4.02
CA GLY G 79 -6.56 12.41 -4.66
C GLY G 79 -7.79 13.27 -4.50
N PRO G 80 -8.97 12.64 -4.49
CA PRO G 80 -10.20 13.40 -4.37
C PRO G 80 -10.44 13.86 -2.94
N PHE G 81 -11.06 15.04 -2.83
CA PHE G 81 -11.48 15.64 -1.55
C PHE G 81 -10.32 15.81 -0.58
N GLY G 82 -9.18 16.24 -1.10
CA GLY G 82 -8.02 16.51 -0.27
C GLY G 82 -7.81 17.99 -0.08
N GLN G 83 -8.11 18.77 -1.13
CA GLN G 83 -8.08 20.22 -1.02
C GLN G 83 -9.29 20.79 -0.31
N ILE G 84 -10.30 19.97 -0.03
CA ILE G 84 -11.47 20.47 0.69
C ILE G 84 -11.14 20.66 2.17
N PHE G 85 -10.19 19.90 2.70
CA PHE G 85 -9.84 20.00 4.10
C PHE G 85 -9.02 21.25 4.36
N ARG G 86 -8.82 21.55 5.62
CA ARG G 86 -7.94 22.64 5.99
C ARG G 86 -6.51 22.13 6.10
N PRO G 87 -5.53 22.82 5.51
CA PRO G 87 -4.14 22.39 5.67
C PRO G 87 -3.60 22.56 7.07
N ASP G 88 -4.27 23.35 7.91
CA ASP G 88 -3.89 23.44 9.31
C ASP G 88 -4.18 22.15 10.07
N ASN G 89 -5.14 21.36 9.60
CA ASN G 89 -5.61 20.20 10.35
C ASN G 89 -4.96 18.89 9.94
N PHE G 90 -4.10 18.89 8.92
CA PHE G 90 -3.32 17.70 8.59
C PHE G 90 -2.21 17.55 9.62
N VAL G 91 -2.56 16.98 10.76
CA VAL G 91 -1.67 16.88 11.91
C VAL G 91 -1.17 15.44 11.96
N PHE G 92 0.09 15.21 11.60
CA PHE G 92 0.59 13.86 11.43
C PHE G 92 2.07 13.79 11.79
N GLY G 93 2.49 12.63 12.27
CA GLY G 93 3.86 12.41 12.67
C GLY G 93 4.76 12.09 11.49
N GLN G 94 5.92 11.51 11.81
CA GLN G 94 6.93 11.19 10.80
C GLN G 94 7.51 9.79 10.92
N SER G 95 7.17 9.03 11.96
CA SER G 95 7.84 7.76 12.22
C SER G 95 7.07 6.56 11.71
N GLY G 96 5.77 6.52 11.98
CA GLY G 96 5.01 5.30 11.75
C GLY G 96 5.08 4.42 12.98
N ALA G 97 3.93 3.88 13.40
CA ALA G 97 3.84 3.18 14.67
C ALA G 97 4.51 1.82 14.67
N GLY G 98 4.94 1.32 13.52
CA GLY G 98 5.63 0.04 13.46
C GLY G 98 4.79 -1.17 13.74
N ASN G 99 3.46 -1.03 13.67
CA ASN G 99 2.47 -2.04 14.03
C ASN G 99 2.70 -2.54 15.46
N ASN G 100 2.96 -1.59 16.36
CA ASN G 100 3.12 -1.85 17.78
C ASN G 100 2.09 -1.02 18.52
N TRP G 101 1.35 -1.64 19.44
CA TRP G 101 0.43 -0.89 20.28
C TRP G 101 1.19 0.00 21.25
N ALA G 102 2.31 -0.50 21.77
CA ALA G 102 3.06 0.24 22.78
C ALA G 102 3.79 1.43 22.18
N LYS G 103 4.16 1.36 20.90
CA LYS G 103 4.71 2.54 20.23
C LYS G 103 3.64 3.61 20.03
N GLY G 104 2.41 3.19 19.73
CA GLY G 104 1.33 4.16 19.55
C GLY G 104 0.73 4.69 20.83
N HIS G 105 1.07 4.08 21.98
CA HIS G 105 0.45 4.45 23.24
C HIS G 105 1.43 5.00 24.27
N TYR G 106 2.71 4.62 24.19
CA TYR G 106 3.67 5.05 25.21
C TYR G 106 4.74 5.98 24.65
N THR G 107 5.50 5.52 23.66
CA THR G 107 6.66 6.30 23.22
C THR G 107 6.25 7.38 22.21
N GLU G 108 5.76 6.96 21.05
CA GLU G 108 5.40 7.93 20.01
C GLU G 108 3.98 8.47 20.18
N GLY G 109 3.19 7.87 21.07
CA GLY G 109 1.86 8.41 21.32
C GLY G 109 1.89 9.70 22.12
N ALA G 110 2.93 9.90 22.92
CA ALA G 110 3.01 11.10 23.74
C ALA G 110 3.47 12.32 22.95
N GLU G 111 4.01 12.11 21.75
CA GLU G 111 4.56 13.23 20.98
C GLU G 111 3.45 14.05 20.33
N LEU G 112 2.67 13.42 19.46
CA LEU G 112 1.71 14.15 18.64
C LEU G 112 0.40 14.41 19.37
N VAL G 113 0.24 13.90 20.59
CA VAL G 113 -1.03 14.05 21.30
C VAL G 113 -1.25 15.50 21.74
N ASP G 114 -0.18 16.25 21.98
CA ASP G 114 -0.32 17.65 22.37
C ASP G 114 -0.76 18.50 21.18
N SER G 115 -0.28 18.15 19.98
CA SER G 115 -0.72 18.85 18.78
C SER G 115 -2.18 18.58 18.48
N VAL G 116 -2.69 17.41 18.86
CA VAL G 116 -4.08 17.09 18.60
C VAL G 116 -4.99 17.78 19.62
N LEU G 117 -4.63 17.71 20.90
CA LEU G 117 -5.51 18.19 21.97
C LEU G 117 -5.70 19.69 22.00
N ASP G 118 -4.89 20.45 21.28
CA ASP G 118 -5.23 21.84 21.05
C ASP G 118 -6.26 21.97 19.93
N VAL G 119 -6.11 21.14 18.88
CA VAL G 119 -7.03 21.19 17.75
C VAL G 119 -8.41 20.69 18.16
N VAL G 120 -8.45 19.69 19.05
CA VAL G 120 -9.69 19.30 19.69
C VAL G 120 -10.26 20.45 20.51
N ARG G 121 -9.39 21.16 21.24
CA ARG G 121 -9.83 22.29 22.03
C ARG G 121 -10.22 23.48 21.16
N LYS G 122 -9.54 23.66 20.03
CA LYS G 122 -9.87 24.80 19.16
C LYS G 122 -11.20 24.59 18.46
N GLU G 123 -11.54 23.34 18.14
CA GLU G 123 -12.84 23.08 17.53
C GLU G 123 -13.94 23.11 18.59
N SER G 124 -13.66 22.57 19.78
CA SER G 124 -14.68 22.52 20.82
C SER G 124 -14.98 23.91 21.38
N GLU G 125 -13.99 24.81 21.37
CA GLU G 125 -14.25 26.19 21.70
C GLU G 125 -15.05 26.88 20.61
N SER G 126 -14.76 26.56 19.34
CA SER G 126 -15.43 27.22 18.23
C SER G 126 -16.86 26.74 18.07
N CYS G 127 -17.17 25.51 18.51
CA CYS G 127 -18.52 25.00 18.38
C CYS G 127 -19.45 25.68 19.38
N ASP G 128 -20.64 26.04 18.92
CA ASP G 128 -21.63 26.68 19.77
C ASP G 128 -22.09 25.73 20.87
N CYS G 129 -22.68 24.60 20.48
CA CYS G 129 -22.98 23.52 21.40
C CYS G 129 -22.33 22.27 20.86
N LEU G 130 -21.75 21.47 21.74
CA LEU G 130 -21.02 20.28 21.32
C LEU G 130 -21.84 19.03 21.64
N GLN G 131 -21.95 18.14 20.67
CA GLN G 131 -22.74 16.92 20.83
C GLN G 131 -21.90 15.74 21.30
N GLY G 132 -20.89 15.38 20.52
CA GLY G 132 -20.03 14.26 20.85
C GLY G 132 -18.95 14.09 19.81
N PHE G 133 -18.04 13.17 20.11
CA PHE G 133 -16.85 12.94 19.29
C PHE G 133 -16.94 11.57 18.65
N GLN G 134 -16.40 11.46 17.44
CA GLN G 134 -16.43 10.22 16.68
C GLN G 134 -15.04 9.89 16.16
N LEU G 135 -14.73 8.59 16.12
CA LEU G 135 -13.39 8.12 15.79
C LEU G 135 -13.47 6.95 14.84
N THR G 136 -12.63 6.98 13.80
CA THR G 136 -12.58 5.92 12.79
C THR G 136 -11.13 5.49 12.63
N HIS G 137 -10.84 4.23 12.93
CA HIS G 137 -9.48 3.75 13.04
C HIS G 137 -9.47 2.24 12.83
N SER G 138 -8.36 1.59 13.19
CA SER G 138 -8.25 0.15 13.15
C SER G 138 -8.14 -0.41 14.56
N LEU G 139 -8.26 -1.72 14.67
CA LEU G 139 -7.82 -2.44 15.85
C LEU G 139 -6.72 -3.44 15.53
N GLY G 140 -6.19 -3.41 14.33
CA GLY G 140 -5.17 -4.36 13.93
C GLY G 140 -3.81 -3.72 13.74
N GLY G 141 -3.77 -2.47 13.29
CA GLY G 141 -2.53 -1.79 13.03
C GLY G 141 -1.88 -1.26 14.29
N GLY G 142 -0.94 -0.34 14.09
CA GLY G 142 -0.27 0.29 15.21
C GLY G 142 -0.88 1.65 15.52
N THR G 143 -1.05 2.47 14.49
CA THR G 143 -1.56 3.82 14.68
C THR G 143 -3.03 3.79 15.07
N GLY G 144 -3.80 2.88 14.48
CA GLY G 144 -5.19 2.75 14.87
C GLY G 144 -5.39 2.17 16.25
N SER G 145 -4.42 1.39 16.73
CA SER G 145 -4.55 0.75 18.04
C SER G 145 -4.17 1.70 19.18
N GLY G 146 -2.93 2.17 19.18
CA GLY G 146 -2.43 2.88 20.35
C GLY G 146 -2.82 4.35 20.37
N MET G 147 -2.71 5.01 19.21
CA MET G 147 -2.86 6.46 19.17
C MET G 147 -4.30 6.89 19.40
N GLY G 148 -5.27 6.15 18.84
CA GLY G 148 -6.66 6.50 19.05
C GLY G 148 -7.12 6.21 20.47
N THR G 149 -6.68 5.08 21.03
CA THR G 149 -7.06 4.73 22.38
C THR G 149 -6.40 5.61 23.43
N LEU G 150 -5.25 6.21 23.11
CA LEU G 150 -4.63 7.13 24.06
C LEU G 150 -5.40 8.44 24.15
N LEU G 151 -6.11 8.81 23.08
CA LEU G 151 -6.85 10.07 23.06
C LEU G 151 -8.08 10.03 23.95
N ILE G 152 -8.82 8.92 23.89
CA ILE G 152 -10.17 8.87 24.45
C ILE G 152 -10.13 8.92 25.98
N SER G 153 -9.09 8.35 26.59
CA SER G 153 -8.94 8.47 28.03
C SER G 153 -8.65 9.91 28.44
N LYS G 154 -7.97 10.67 27.59
CA LYS G 154 -7.77 12.08 27.89
C LYS G 154 -9.03 12.89 27.67
N ILE G 155 -9.92 12.41 26.81
CA ILE G 155 -11.17 13.11 26.54
C ILE G 155 -12.20 12.84 27.64
N ARG G 156 -12.21 11.62 28.19
CA ARG G 156 -13.08 11.33 29.32
C ARG G 156 -12.64 12.09 30.58
N GLU G 157 -11.34 12.39 30.69
CA GLU G 157 -10.89 13.32 31.72
C GLU G 157 -11.39 14.73 31.46
N GLU G 158 -11.64 15.09 30.20
CA GLU G 158 -12.18 16.41 29.89
C GLU G 158 -13.69 16.46 30.07
N TYR G 159 -14.42 15.68 29.28
CA TYR G 159 -15.86 15.85 29.17
C TYR G 159 -16.60 14.64 29.72
N PRO G 160 -17.38 14.79 30.78
CA PRO G 160 -18.16 13.65 31.30
C PRO G 160 -19.43 13.39 30.51
N ASP G 161 -20.04 14.45 29.97
CA ASP G 161 -21.37 14.31 29.39
C ASP G 161 -21.34 14.04 27.88
N ARG G 162 -20.23 14.35 27.22
CA ARG G 162 -20.18 14.21 25.77
C ARG G 162 -20.04 12.75 25.37
N ILE G 163 -20.80 12.36 24.35
CA ILE G 163 -20.83 10.97 23.93
C ILE G 163 -19.60 10.65 23.10
N MET G 164 -19.35 9.36 22.90
CA MET G 164 -18.16 8.91 22.21
C MET G 164 -18.47 7.62 21.48
N ASN G 165 -18.16 7.57 20.19
CA ASN G 165 -18.37 6.36 19.40
C ASN G 165 -17.17 6.11 18.50
N THR G 166 -16.70 4.87 18.52
CA THR G 166 -15.60 4.44 17.67
C THR G 166 -16.12 3.43 16.66
N PHE G 167 -15.91 3.72 15.39
CA PHE G 167 -16.23 2.77 14.32
C PHE G 167 -15.03 1.86 14.06
N SER G 168 -14.65 1.12 15.10
CA SER G 168 -13.42 0.34 15.08
C SER G 168 -13.67 -1.02 14.45
N VAL G 169 -12.84 -1.37 13.48
CA VAL G 169 -12.94 -2.66 12.82
C VAL G 169 -12.44 -3.76 13.76
N VAL G 170 -13.22 -4.81 13.90
CA VAL G 170 -12.80 -5.99 14.69
C VAL G 170 -11.64 -6.67 13.98
N PRO G 171 -10.64 -7.19 14.69
CA PRO G 171 -9.65 -8.05 14.03
C PRO G 171 -10.28 -9.28 13.42
N SER G 172 -9.67 -9.74 12.34
CA SER G 172 -10.32 -10.65 11.42
C SER G 172 -10.45 -12.05 12.02
N PRO G 173 -11.57 -12.75 11.74
CA PRO G 173 -11.78 -14.07 12.33
C PRO G 173 -10.84 -15.15 11.81
N LYS G 174 -10.70 -15.27 10.49
CA LYS G 174 -10.00 -16.40 9.90
C LYS G 174 -8.79 -15.98 9.08
N VAL G 175 -8.92 -14.99 8.21
CA VAL G 175 -7.76 -14.46 7.51
C VAL G 175 -6.89 -13.72 8.52
N SER G 176 -5.57 -13.82 8.35
CA SER G 176 -4.63 -13.18 9.27
C SER G 176 -3.78 -12.21 8.47
N ASP G 177 -4.28 -10.98 8.30
CA ASP G 177 -3.49 -9.97 7.62
C ASP G 177 -2.43 -9.40 8.57
N THR G 178 -2.79 -9.26 9.84
CA THR G 178 -1.87 -8.78 10.87
C THR G 178 -1.29 -9.98 11.62
N VAL G 179 0.03 -9.99 11.79
CA VAL G 179 0.66 -11.08 12.52
C VAL G 179 0.37 -10.97 14.00
N VAL G 180 0.28 -9.74 14.52
CA VAL G 180 0.15 -9.51 15.95
C VAL G 180 -1.24 -8.97 16.27
N GLU G 181 -2.23 -9.39 15.48
CA GLU G 181 -3.61 -8.95 15.72
C GLU G 181 -4.22 -9.31 17.08
N PRO G 182 -3.78 -10.32 17.87
CA PRO G 182 -4.23 -10.32 19.26
C PRO G 182 -3.59 -9.24 20.09
N TYR G 183 -2.32 -8.94 19.83
CA TYR G 183 -1.61 -7.92 20.59
C TYR G 183 -2.06 -6.51 20.22
N ASN G 184 -2.77 -6.35 19.11
CA ASN G 184 -3.43 -5.08 18.81
C ASN G 184 -4.90 -5.10 19.16
N ALA G 185 -5.45 -6.26 19.48
CA ALA G 185 -6.84 -6.32 19.95
C ALA G 185 -6.91 -6.17 21.46
N THR G 186 -6.20 -7.04 22.19
CA THR G 186 -6.38 -7.20 23.62
C THR G 186 -5.95 -5.95 24.39
N LEU G 187 -4.85 -5.33 23.97
CA LEU G 187 -4.43 -4.08 24.56
C LEU G 187 -5.32 -2.91 24.15
N SER G 188 -6.10 -3.07 23.09
CA SER G 188 -7.10 -2.10 22.69
C SER G 188 -8.48 -2.40 23.26
N VAL G 189 -8.72 -3.64 23.71
CA VAL G 189 -9.99 -3.99 24.34
C VAL G 189 -10.16 -3.25 25.66
N HIS G 190 -9.07 -3.14 26.43
CA HIS G 190 -9.13 -2.53 27.76
C HIS G 190 -9.48 -1.05 27.70
N GLN G 191 -9.04 -0.35 26.67
CA GLN G 191 -9.40 1.06 26.56
C GLN G 191 -10.85 1.24 26.14
N LEU G 192 -11.35 0.35 25.29
CA LEU G 192 -12.72 0.47 24.81
C LEU G 192 -13.75 0.11 25.86
N VAL G 193 -13.43 -0.83 26.75
CA VAL G 193 -14.43 -1.24 27.75
C VAL G 193 -14.53 -0.26 28.90
N GLU G 194 -13.55 0.63 29.07
CA GLU G 194 -13.61 1.57 30.18
C GLU G 194 -14.45 2.80 29.85
N ASN G 195 -14.04 3.56 28.84
CA ASN G 195 -14.53 4.92 28.67
C ASN G 195 -14.88 5.20 27.22
N THR G 196 -15.57 4.26 26.58
CA THR G 196 -16.24 4.51 25.32
C THR G 196 -17.72 4.25 25.53
N ASP G 197 -18.54 5.24 25.18
CA ASP G 197 -19.96 5.19 25.52
C ASP G 197 -20.70 4.17 24.67
N GLU G 198 -20.60 4.27 23.35
CA GLU G 198 -21.01 3.19 22.46
C GLU G 198 -19.84 2.87 21.55
N THR G 199 -19.78 1.63 21.08
CA THR G 199 -18.64 1.16 20.33
C THR G 199 -19.09 0.29 19.18
N TYR G 200 -18.74 0.69 17.96
CA TYR G 200 -19.13 -0.04 16.76
C TYR G 200 -18.07 -1.06 16.41
N CYS G 201 -18.53 -2.25 16.02
CA CYS G 201 -17.66 -3.41 15.88
C CYS G 201 -17.98 -4.10 14.57
N ILE G 202 -17.04 -4.07 13.62
CA ILE G 202 -17.25 -4.60 12.28
C ILE G 202 -16.19 -5.66 12.00
N ASP G 203 -16.64 -6.87 11.66
CA ASP G 203 -15.73 -7.91 11.21
C ASP G 203 -15.27 -7.64 9.79
N ASN G 204 -14.06 -8.10 9.47
CA ASN G 204 -13.56 -7.94 8.10
C ASN G 204 -14.25 -8.91 7.14
N GLU G 205 -14.46 -10.16 7.57
CA GLU G 205 -14.83 -11.22 6.64
C GLU G 205 -16.26 -11.08 6.15
N ALA G 206 -17.17 -10.62 7.03
CA ALA G 206 -18.55 -10.42 6.60
C ALA G 206 -18.66 -9.26 5.62
N LEU G 207 -17.78 -8.26 5.75
CA LEU G 207 -17.74 -7.18 4.76
C LEU G 207 -17.32 -7.71 3.40
N TYR G 208 -16.40 -8.67 3.37
CA TYR G 208 -16.12 -9.39 2.13
C TYR G 208 -17.34 -10.20 1.69
N ASP G 209 -18.10 -10.73 2.65
CA ASP G 209 -19.21 -11.60 2.32
C ASP G 209 -20.38 -10.80 1.72
N ILE G 210 -20.75 -9.70 2.38
CA ILE G 210 -21.87 -8.88 1.91
C ILE G 210 -21.57 -8.25 0.56
N CYS G 211 -20.30 -7.90 0.32
CA CYS G 211 -19.90 -7.45 -1.00
C CYS G 211 -19.86 -8.58 -2.02
N PHE G 212 -19.96 -9.83 -1.59
CA PHE G 212 -19.94 -10.96 -2.51
C PHE G 212 -21.25 -11.74 -2.53
N ARG G 213 -21.96 -11.84 -1.41
CA ARG G 213 -23.16 -12.66 -1.39
C ARG G 213 -24.33 -11.96 -2.06
N THR G 214 -24.70 -10.79 -1.56
CA THR G 214 -25.87 -10.10 -2.10
C THR G 214 -25.55 -9.42 -3.42
N LEU G 215 -24.43 -8.69 -3.49
CA LEU G 215 -24.14 -7.91 -4.68
C LEU G 215 -23.55 -8.74 -5.81
N LYS G 216 -22.90 -9.87 -5.49
CA LYS G 216 -22.22 -10.75 -6.44
C LYS G 216 -21.18 -9.99 -7.26
N LEU G 217 -20.17 -9.48 -6.56
CA LEU G 217 -19.12 -8.70 -7.19
C LEU G 217 -17.92 -9.57 -7.48
N THR G 218 -17.15 -9.18 -8.50
CA THR G 218 -15.99 -9.94 -8.93
C THR G 218 -14.67 -9.37 -8.42
N THR G 219 -14.46 -8.06 -8.57
CA THR G 219 -13.23 -7.39 -8.13
C THR G 219 -13.58 -6.27 -7.16
N PRO G 220 -13.85 -6.60 -5.89
CA PRO G 220 -14.26 -5.57 -4.92
C PRO G 220 -13.06 -4.76 -4.44
N THR G 221 -13.11 -3.45 -4.67
CA THR G 221 -12.05 -2.57 -4.19
C THR G 221 -12.41 -2.01 -2.82
N TYR G 222 -11.42 -1.40 -2.16
CA TYR G 222 -11.67 -0.74 -0.89
C TYR G 222 -12.59 0.46 -1.05
N GLY G 223 -12.65 1.03 -2.26
CA GLY G 223 -13.68 2.00 -2.60
C GLY G 223 -15.08 1.43 -2.61
N ASP G 224 -15.21 0.10 -2.66
CA ASP G 224 -16.48 -0.56 -2.45
C ASP G 224 -16.51 -1.48 -1.23
N LEU G 225 -15.36 -1.89 -0.72
CA LEU G 225 -15.33 -2.51 0.62
C LEU G 225 -15.74 -1.50 1.67
N ASN G 226 -14.97 -0.42 1.81
CA ASN G 226 -15.18 0.55 2.88
C ASN G 226 -16.33 1.49 2.61
N HIS G 227 -16.99 1.39 1.46
CA HIS G 227 -18.10 2.28 1.17
C HIS G 227 -19.34 1.92 1.98
N LEU G 228 -19.48 0.65 2.35
CA LEU G 228 -20.67 0.22 3.08
C LEU G 228 -20.69 0.76 4.49
N VAL G 229 -19.52 0.96 5.10
CA VAL G 229 -19.47 1.58 6.41
C VAL G 229 -19.74 3.07 6.28
N SER G 230 -19.40 3.65 5.12
CA SER G 230 -19.60 5.08 4.91
C SER G 230 -21.08 5.43 4.81
N ALA G 231 -21.86 4.57 4.18
CA ALA G 231 -23.31 4.75 4.21
C ALA G 231 -23.86 4.39 5.58
N THR G 232 -23.18 3.50 6.30
CA THR G 232 -23.65 3.08 7.62
C THR G 232 -23.53 4.20 8.63
N MET G 233 -22.37 4.88 8.64
CA MET G 233 -22.14 5.99 9.57
C MET G 233 -23.08 7.15 9.30
N SER G 234 -23.42 7.37 8.02
CA SER G 234 -24.34 8.44 7.67
C SER G 234 -25.75 8.15 8.15
N GLY G 235 -26.14 6.88 8.17
CA GLY G 235 -27.47 6.51 8.65
C GLY G 235 -27.62 6.58 10.15
N VAL G 236 -26.53 6.75 10.89
CA VAL G 236 -26.63 6.89 12.34
C VAL G 236 -27.17 8.27 12.71
N THR G 237 -26.69 9.30 12.02
CA THR G 237 -27.04 10.68 12.34
C THR G 237 -27.92 11.32 11.28
N THR G 238 -28.56 10.52 10.43
CA THR G 238 -29.38 11.09 9.37
C THR G 238 -30.69 11.67 9.88
N CYS G 239 -31.11 11.31 11.09
CA CYS G 239 -32.26 11.97 11.69
C CYS G 239 -31.88 13.26 12.39
N LEU G 240 -30.58 13.48 12.64
CA LEU G 240 -30.13 14.75 13.20
C LEU G 240 -30.11 15.83 12.14
N ARG G 241 -29.51 15.53 10.98
CA ARG G 241 -29.22 16.52 9.97
C ARG G 241 -30.45 17.01 9.22
N PHE G 242 -31.59 16.35 9.38
CA PHE G 242 -32.80 16.68 8.65
C PHE G 242 -33.98 16.40 9.55
N PRO G 243 -35.10 17.10 9.36
CA PRO G 243 -36.31 16.79 10.14
C PRO G 243 -36.89 15.45 9.74
N GLY G 244 -37.75 14.93 10.61
CA GLY G 244 -38.41 13.67 10.35
C GLY G 244 -39.77 13.62 11.00
N GLN G 245 -40.50 12.55 10.69
CA GLN G 245 -41.74 12.27 11.41
C GLN G 245 -41.47 11.70 12.79
N LEU G 246 -40.26 11.19 13.02
CA LEU G 246 -39.80 10.80 14.35
C LEU G 246 -38.29 10.97 14.34
N ASN G 247 -37.83 12.09 14.88
CA ASN G 247 -36.41 12.44 14.82
C ASN G 247 -35.59 11.59 15.80
N ALA G 248 -34.28 11.69 15.66
CA ALA G 248 -33.33 10.97 16.50
C ALA G 248 -31.97 11.64 16.39
N ASP G 249 -31.13 11.39 17.38
CA ASP G 249 -29.76 11.86 17.37
C ASP G 249 -28.92 10.89 18.21
N LEU G 250 -27.68 11.28 18.47
CA LEU G 250 -26.72 10.38 19.09
C LEU G 250 -26.99 10.13 20.57
N ARG G 251 -27.73 11.01 21.25
CA ARG G 251 -28.05 10.75 22.64
C ARG G 251 -29.28 9.84 22.76
N LYS G 252 -30.22 9.97 21.83
CA LYS G 252 -31.39 9.10 21.82
C LYS G 252 -31.00 7.66 21.51
N LEU G 253 -29.99 7.47 20.67
CA LEU G 253 -29.55 6.12 20.36
C LEU G 253 -28.79 5.51 21.53
N ALA G 254 -28.17 6.33 22.37
CA ALA G 254 -27.34 5.81 23.45
C ALA G 254 -28.20 5.27 24.58
N VAL G 255 -29.14 6.10 25.07
CA VAL G 255 -29.84 5.77 26.30
C VAL G 255 -30.92 4.72 26.04
N ASN G 256 -31.46 4.67 24.82
CA ASN G 256 -32.38 3.61 24.45
C ASN G 256 -31.67 2.26 24.44
N MET G 257 -30.48 2.21 23.87
CA MET G 257 -29.86 0.91 23.60
C MET G 257 -29.15 0.35 24.82
N VAL G 258 -28.17 1.07 25.35
CA VAL G 258 -27.17 0.52 26.27
C VAL G 258 -27.84 0.24 27.61
N PRO G 259 -27.98 -1.02 28.02
CA PRO G 259 -28.75 -1.32 29.23
C PRO G 259 -27.95 -1.17 30.52
N PHE G 260 -26.62 -1.32 30.41
CA PHE G 260 -25.64 -1.23 31.47
C PHE G 260 -24.37 -0.82 30.75
N PRO G 261 -23.55 0.05 31.34
CA PRO G 261 -22.49 0.71 30.56
C PRO G 261 -21.38 -0.22 30.09
N ARG G 262 -21.26 -1.41 30.66
CA ARG G 262 -20.26 -2.35 30.17
C ARG G 262 -20.74 -3.17 28.99
N LEU G 263 -22.01 -3.04 28.60
CA LEU G 263 -22.57 -3.76 27.45
C LEU G 263 -23.03 -2.73 26.43
N HIS G 264 -22.09 -2.30 25.57
CA HIS G 264 -22.41 -1.27 24.59
C HIS G 264 -21.74 -1.53 23.24
N PHE G 265 -21.44 -2.77 22.91
CA PHE G 265 -20.69 -3.13 21.72
C PHE G 265 -21.66 -3.62 20.67
N PHE G 266 -21.83 -2.84 19.61
CA PHE G 266 -22.98 -2.96 18.72
C PHE G 266 -22.61 -3.56 17.38
N MET G 267 -23.64 -3.80 16.56
CA MET G 267 -23.48 -4.30 15.22
C MET G 267 -24.38 -3.53 14.26
N PRO G 268 -23.92 -3.28 13.04
CA PRO G 268 -24.72 -2.48 12.10
C PRO G 268 -25.67 -3.31 11.26
N GLY G 269 -26.35 -2.65 10.34
CA GLY G 269 -27.18 -3.29 9.34
C GLY G 269 -27.70 -2.28 8.34
N PHE G 270 -27.60 -2.59 7.05
CA PHE G 270 -27.99 -1.67 6.00
C PHE G 270 -28.85 -2.38 4.97
N ALA G 271 -29.79 -1.62 4.39
CA ALA G 271 -30.68 -2.11 3.37
C ALA G 271 -31.15 -0.91 2.57
N PRO G 272 -31.44 -1.06 1.26
CA PRO G 272 -31.39 -2.23 0.38
C PRO G 272 -30.06 -2.43 -0.33
N LEU G 273 -29.85 -3.64 -0.86
CA LEU G 273 -28.64 -4.01 -1.57
C LEU G 273 -29.01 -4.84 -2.78
N THR G 274 -28.63 -4.39 -3.98
CA THR G 274 -28.94 -5.10 -5.20
C THR G 274 -27.68 -5.34 -6.03
N SER G 275 -27.86 -5.79 -7.26
CA SER G 275 -26.79 -5.83 -8.24
C SER G 275 -26.97 -4.62 -9.17
N ARG G 276 -26.16 -4.57 -10.24
CA ARG G 276 -26.26 -3.46 -11.18
C ARG G 276 -27.51 -3.56 -12.04
N GLY G 277 -27.91 -4.78 -12.39
CA GLY G 277 -29.09 -4.99 -13.22
C GLY G 277 -30.19 -5.71 -12.48
N SER G 278 -29.83 -6.48 -11.45
CA SER G 278 -30.80 -7.19 -10.61
C SER G 278 -31.30 -6.28 -9.50
N GLN G 279 -31.94 -5.18 -9.92
CA GLN G 279 -32.28 -4.11 -8.99
C GLN G 279 -33.75 -3.73 -9.09
N GLN G 280 -34.38 -4.05 -10.21
CA GLN G 280 -35.79 -3.76 -10.40
C GLN G 280 -36.67 -4.98 -10.19
N TYR G 281 -36.11 -6.19 -10.32
CA TYR G 281 -36.89 -7.41 -10.19
C TYR G 281 -37.10 -7.80 -8.74
N ARG G 282 -37.62 -6.86 -7.95
CA ARG G 282 -37.83 -7.02 -6.51
C ARG G 282 -38.73 -5.89 -6.05
N ALA G 283 -39.69 -6.22 -5.19
CA ALA G 283 -40.56 -5.21 -4.61
C ALA G 283 -39.82 -4.54 -3.46
N LEU G 284 -39.00 -3.55 -3.80
CA LEU G 284 -38.16 -2.85 -2.82
C LEU G 284 -39.04 -1.93 -1.99
N THR G 285 -39.74 -2.51 -1.02
CA THR G 285 -40.64 -1.78 -0.15
C THR G 285 -40.28 -2.06 1.30
N VAL G 286 -41.16 -1.63 2.21
CA VAL G 286 -40.90 -1.80 3.64
C VAL G 286 -40.80 -3.27 4.07
N PRO G 287 -41.68 -4.19 3.65
CA PRO G 287 -41.47 -5.59 4.06
C PRO G 287 -40.23 -6.24 3.46
N GLU G 288 -39.78 -5.80 2.28
CA GLU G 288 -38.49 -6.30 1.79
C GLU G 288 -37.35 -5.70 2.61
N LEU G 289 -37.44 -4.41 2.92
CA LEU G 289 -36.49 -3.79 3.83
C LEU G 289 -36.64 -4.30 5.26
N THR G 290 -37.79 -4.88 5.60
CA THR G 290 -37.94 -5.51 6.90
C THR G 290 -37.09 -6.78 6.98
N GLN G 291 -37.37 -7.75 6.11
CA GLN G 291 -36.72 -9.04 6.21
C GLN G 291 -35.28 -9.05 5.71
N GLN G 292 -34.82 -7.99 5.04
CA GLN G 292 -33.42 -7.92 4.65
C GLN G 292 -32.52 -7.64 5.85
N MET G 293 -33.07 -7.03 6.90
CA MET G 293 -32.26 -6.68 8.06
C MET G 293 -31.98 -7.90 8.93
N PHE G 294 -33.03 -8.58 9.35
CA PHE G 294 -32.98 -9.49 10.49
C PHE G 294 -32.29 -10.82 10.20
N ASP G 295 -31.87 -11.08 8.97
CA ASP G 295 -31.15 -12.33 8.71
C ASP G 295 -29.71 -12.23 9.21
N ALA G 296 -29.06 -13.39 9.29
CA ALA G 296 -27.69 -13.44 9.79
C ALA G 296 -26.69 -12.80 8.83
N LYS G 297 -26.97 -12.86 7.53
CA LYS G 297 -25.98 -12.46 6.53
C LYS G 297 -25.84 -10.96 6.39
N ASN G 298 -26.84 -10.17 6.82
CA ASN G 298 -26.76 -8.73 6.66
C ASN G 298 -25.84 -8.08 7.69
N MET G 299 -25.51 -8.79 8.77
CA MET G 299 -24.66 -8.20 9.79
C MET G 299 -23.23 -8.09 9.29
N MET G 300 -22.70 -6.86 9.34
CA MET G 300 -21.33 -6.63 8.90
C MET G 300 -20.31 -7.21 9.87
N ALA G 301 -20.72 -7.49 11.10
CA ALA G 301 -19.97 -8.35 12.00
C ALA G 301 -20.42 -9.78 11.76
N ALA G 302 -19.48 -10.66 11.42
CA ALA G 302 -19.79 -12.04 11.12
C ALA G 302 -20.17 -12.78 12.40
N CYS G 303 -21.48 -12.85 12.66
CA CYS G 303 -21.99 -13.53 13.83
C CYS G 303 -23.39 -14.04 13.53
N ASP G 304 -23.74 -15.16 14.15
CA ASP G 304 -25.06 -15.73 13.95
C ASP G 304 -25.96 -15.29 15.09
N PRO G 305 -27.06 -14.57 14.82
CA PRO G 305 -28.04 -14.30 15.87
C PRO G 305 -28.75 -15.56 16.36
N ARG G 306 -28.74 -16.64 15.59
CA ARG G 306 -29.28 -17.90 16.08
C ARG G 306 -28.42 -18.49 17.19
N HIS G 307 -27.11 -18.25 17.15
CA HIS G 307 -26.22 -18.68 18.23
C HIS G 307 -25.97 -17.55 19.21
N GLY G 308 -27.06 -17.02 19.75
CA GLY G 308 -26.96 -15.93 20.70
C GLY G 308 -28.33 -15.38 21.05
N ARG G 309 -28.31 -14.30 21.84
CA ARG G 309 -29.54 -13.65 22.26
C ARG G 309 -29.37 -12.14 22.16
N TYR G 310 -30.37 -11.48 21.57
CA TYR G 310 -30.38 -10.02 21.53
C TYR G 310 -30.68 -9.43 22.90
N LEU G 311 -30.42 -8.13 23.01
CA LEU G 311 -30.90 -7.34 24.13
C LEU G 311 -31.79 -6.20 23.67
N THR G 312 -31.32 -5.35 22.76
CA THR G 312 -32.08 -4.23 22.24
C THR G 312 -31.90 -4.16 20.73
N VAL G 313 -32.81 -3.44 20.08
CA VAL G 313 -32.85 -3.29 18.62
C VAL G 313 -33.19 -1.84 18.30
N ALA G 314 -32.33 -1.19 17.53
CA ALA G 314 -32.63 0.12 16.97
C ALA G 314 -32.78 0.02 15.46
N ALA G 315 -33.56 0.92 14.88
CA ALA G 315 -33.76 0.92 13.44
C ALA G 315 -33.99 2.35 12.99
N VAL G 316 -33.19 2.81 12.04
CA VAL G 316 -33.29 4.16 11.50
C VAL G 316 -33.65 4.06 10.03
N PHE G 317 -34.78 4.66 9.66
CA PHE G 317 -35.25 4.66 8.29
C PHE G 317 -34.91 5.98 7.61
N ARG G 318 -34.90 5.95 6.28
CA ARG G 318 -34.71 7.16 5.49
C ARG G 318 -35.73 7.20 4.37
N GLY G 319 -36.13 8.41 4.00
CA GLY G 319 -37.12 8.62 2.97
C GLY G 319 -38.54 8.61 3.51
N ARG G 320 -39.45 9.18 2.72
CA ARG G 320 -40.84 9.28 3.13
C ARG G 320 -41.52 7.93 3.08
N MET G 321 -42.31 7.63 4.11
CA MET G 321 -42.94 6.33 4.23
C MET G 321 -44.11 6.43 5.20
N SER G 322 -45.00 5.45 5.14
CA SER G 322 -46.14 5.36 6.03
C SER G 322 -45.70 4.69 7.33
N MET G 323 -46.66 4.35 8.19
CA MET G 323 -46.31 3.87 9.52
C MET G 323 -46.81 2.48 9.84
N LYS G 324 -48.07 2.15 9.55
CA LYS G 324 -48.55 0.80 9.83
C LYS G 324 -47.89 -0.21 8.89
N GLU G 325 -47.48 0.24 7.71
CA GLU G 325 -46.59 -0.55 6.87
C GLU G 325 -45.25 -0.81 7.57
N VAL G 326 -44.82 0.11 8.42
CA VAL G 326 -43.58 -0.07 9.17
C VAL G 326 -43.85 -0.76 10.51
N ASP G 327 -44.85 -0.28 11.25
CA ASP G 327 -45.00 -0.63 12.67
C ASP G 327 -45.35 -2.10 12.87
N GLU G 328 -46.27 -2.63 12.08
CA GLU G 328 -46.61 -4.04 12.18
C GLU G 328 -45.46 -4.92 11.74
N GLN G 329 -44.71 -4.48 10.72
CA GLN G 329 -43.48 -5.16 10.37
C GLN G 329 -42.44 -5.03 11.47
N MET G 330 -42.44 -3.89 12.18
CA MET G 330 -41.55 -3.75 13.32
C MET G 330 -42.13 -4.32 14.60
N LEU G 331 -43.22 -5.06 14.53
CA LEU G 331 -43.78 -5.73 15.70
C LEU G 331 -43.86 -7.24 15.50
N ASN G 332 -44.26 -7.68 14.31
CA ASN G 332 -44.52 -9.09 14.08
C ASN G 332 -43.23 -9.89 14.00
N VAL G 333 -42.14 -9.28 13.55
CA VAL G 333 -40.89 -10.01 13.39
C VAL G 333 -40.25 -10.33 14.73
N GLN G 334 -40.69 -9.68 15.82
CA GLN G 334 -40.26 -10.10 17.13
C GLN G 334 -40.92 -11.40 17.56
N ASN G 335 -42.07 -11.74 16.96
CA ASN G 335 -42.81 -12.93 17.35
C ASN G 335 -42.42 -14.17 16.56
N LYS G 336 -41.97 -14.02 15.31
CA LYS G 336 -41.52 -15.19 14.59
C LYS G 336 -40.15 -15.65 15.08
N ASN G 337 -39.26 -14.73 15.40
CA ASN G 337 -37.99 -15.03 16.06
C ASN G 337 -38.10 -14.78 17.56
N SER G 338 -39.06 -15.46 18.18
CA SER G 338 -39.46 -15.13 19.55
C SER G 338 -38.43 -15.58 20.57
N SER G 339 -37.98 -16.85 20.47
CA SER G 339 -37.06 -17.39 21.45
C SER G 339 -35.64 -16.83 21.30
N TYR G 340 -35.35 -16.18 20.18
CA TYR G 340 -34.01 -15.64 19.97
C TYR G 340 -33.76 -14.38 20.79
N PHE G 341 -34.82 -13.67 21.16
CA PHE G 341 -34.68 -12.47 22.00
C PHE G 341 -34.56 -12.87 23.46
N VAL G 342 -34.68 -11.88 24.34
CA VAL G 342 -34.62 -12.11 25.77
C VAL G 342 -35.95 -11.65 26.37
N GLU G 343 -36.25 -12.18 27.56
CA GLU G 343 -37.59 -12.09 28.12
C GLU G 343 -37.88 -10.69 28.68
N TRP G 344 -36.91 -10.12 29.37
CA TRP G 344 -37.14 -9.02 30.31
C TRP G 344 -37.26 -7.64 29.66
N ILE G 345 -37.47 -7.53 28.35
CA ILE G 345 -37.77 -6.25 27.72
C ILE G 345 -39.02 -6.40 26.87
N PRO G 346 -40.09 -5.66 27.15
CA PRO G 346 -41.21 -5.59 26.22
C PRO G 346 -40.93 -4.56 25.13
N ASN G 347 -41.10 -4.99 23.87
CA ASN G 347 -41.00 -4.16 22.67
C ASN G 347 -39.63 -3.48 22.56
N ASN G 348 -38.63 -4.33 22.32
CA ASN G 348 -37.23 -3.91 22.24
C ASN G 348 -36.84 -3.35 20.89
N VAL G 349 -37.80 -2.99 20.05
CA VAL G 349 -37.54 -2.51 18.71
C VAL G 349 -37.68 -1.00 18.74
N LYS G 350 -36.56 -0.28 18.64
CA LYS G 350 -36.58 1.17 18.56
C LYS G 350 -36.66 1.61 17.11
N THR G 351 -37.67 2.41 16.79
CA THR G 351 -37.94 2.83 15.43
C THR G 351 -37.55 4.29 15.28
N ALA G 352 -36.93 4.63 14.14
CA ALA G 352 -36.56 6.00 13.86
C ALA G 352 -36.79 6.28 12.38
N VAL G 353 -37.58 7.30 12.08
CA VAL G 353 -37.99 7.59 10.71
C VAL G 353 -37.59 9.01 10.37
N CYS G 354 -36.58 9.16 9.53
CA CYS G 354 -36.29 10.45 8.94
C CYS G 354 -37.19 10.70 7.74
N ASP G 355 -37.09 11.89 7.17
CA ASP G 355 -37.89 12.23 6.00
C ASP G 355 -37.04 12.62 4.80
N ILE G 356 -35.78 12.19 4.78
CA ILE G 356 -34.87 12.45 3.66
C ILE G 356 -34.19 11.15 3.25
N PRO G 357 -34.32 10.71 2.00
CA PRO G 357 -33.67 9.48 1.57
C PRO G 357 -32.20 9.73 1.26
N PRO G 358 -31.43 8.68 0.99
CA PRO G 358 -30.12 8.90 0.36
C PRO G 358 -30.27 9.47 -1.04
N ARG G 359 -29.18 10.06 -1.53
CA ARG G 359 -29.15 10.55 -2.89
C ARG G 359 -29.12 9.34 -3.82
N GLY G 360 -30.30 8.92 -4.28
CA GLY G 360 -30.42 7.63 -4.94
C GLY G 360 -31.80 7.04 -4.78
N LEU G 361 -31.87 5.84 -4.22
CA LEU G 361 -33.11 5.08 -4.10
C LEU G 361 -34.10 5.77 -3.17
N LYS G 362 -35.35 5.33 -3.26
CA LYS G 362 -36.46 6.07 -2.66
C LYS G 362 -36.52 5.89 -1.14
N MET G 363 -36.35 4.67 -0.65
CA MET G 363 -36.36 4.44 0.79
C MET G 363 -35.17 3.60 1.19
N SER G 364 -34.73 3.78 2.43
CA SER G 364 -33.56 3.10 2.95
C SER G 364 -33.69 2.99 4.46
N ALA G 365 -33.01 1.99 5.01
CA ALA G 365 -33.10 1.70 6.44
C ALA G 365 -31.72 1.37 6.97
N THR G 366 -31.46 1.78 8.21
CA THR G 366 -30.20 1.47 8.87
C THR G 366 -30.51 0.74 10.17
N PHE G 367 -29.95 -0.46 10.31
CA PHE G 367 -30.19 -1.30 11.46
C PHE G 367 -29.03 -1.17 12.43
N ILE G 368 -29.36 -1.01 13.71
CA ILE G 368 -28.39 -0.96 14.79
C ILE G 368 -28.77 -2.07 15.76
N GLY G 369 -27.94 -3.11 15.83
CA GLY G 369 -28.26 -4.30 16.60
C GLY G 369 -27.36 -4.45 17.82
N ASN G 370 -27.85 -5.21 18.79
CA ASN G 370 -27.11 -5.55 20.00
C ASN G 370 -27.50 -6.96 20.39
N SER G 371 -26.51 -7.85 20.51
CA SER G 371 -26.80 -9.24 20.84
C SER G 371 -25.63 -9.80 21.64
N THR G 372 -25.82 -11.04 22.11
CA THR G 372 -24.77 -11.79 22.79
C THR G 372 -23.96 -12.66 21.85
N ALA G 373 -24.10 -12.45 20.54
CA ALA G 373 -23.37 -13.27 19.59
C ALA G 373 -21.90 -12.85 19.48
N ILE G 374 -21.57 -11.63 19.88
CA ILE G 374 -20.23 -11.11 19.66
C ILE G 374 -19.22 -11.71 20.64
N GLN G 375 -19.65 -12.12 21.85
CA GLN G 375 -18.74 -12.68 22.83
C GLN G 375 -18.12 -14.00 22.39
N GLU G 376 -18.79 -14.73 21.50
CA GLU G 376 -18.23 -15.97 20.99
C GLU G 376 -17.07 -15.73 20.04
N LEU G 377 -17.00 -14.53 19.45
CA LEU G 377 -15.84 -14.18 18.64
C LEU G 377 -14.64 -13.90 19.52
N PHE G 378 -14.87 -13.34 20.72
CA PHE G 378 -13.77 -13.00 21.61
C PHE G 378 -13.11 -14.22 22.21
N LYS G 379 -13.87 -15.32 22.37
CA LYS G 379 -13.28 -16.56 22.84
C LYS G 379 -12.30 -17.13 21.83
N ARG G 380 -12.55 -16.89 20.54
CA ARG G 380 -11.51 -17.12 19.53
C ARG G 380 -10.35 -16.16 19.72
N ILE G 381 -10.65 -14.88 19.97
CA ILE G 381 -9.61 -13.87 20.10
C ILE G 381 -8.82 -14.07 21.38
N SER G 382 -9.49 -14.47 22.47
CA SER G 382 -8.77 -14.85 23.68
C SER G 382 -7.96 -16.13 23.47
N GLU G 383 -8.44 -17.03 22.61
CA GLU G 383 -7.63 -18.17 22.23
C GLU G 383 -6.45 -17.75 21.36
N GLN G 384 -6.69 -16.81 20.43
CA GLN G 384 -5.60 -16.27 19.62
C GLN G 384 -4.60 -15.50 20.47
N PHE G 385 -5.06 -14.86 21.54
CA PHE G 385 -4.15 -14.22 22.47
C PHE G 385 -3.32 -15.25 23.21
N THR G 386 -3.97 -16.24 23.81
CA THR G 386 -3.27 -17.20 24.64
C THR G 386 -2.40 -18.16 23.85
N ALA G 387 -2.71 -18.37 22.56
CA ALA G 387 -1.85 -19.20 21.72
C ALA G 387 -0.50 -18.55 21.51
N MET G 388 -0.47 -17.23 21.40
CA MET G 388 0.77 -16.49 21.30
C MET G 388 1.29 -16.05 22.66
N PHE G 389 0.60 -16.42 23.74
CA PHE G 389 1.00 -16.07 25.09
C PHE G 389 1.39 -17.26 25.95
N ARG G 390 0.89 -18.47 25.65
CA ARG G 390 1.29 -19.63 26.43
C ARG G 390 2.74 -20.03 26.17
N ARG G 391 3.33 -19.57 25.07
CA ARG G 391 4.77 -19.62 24.89
C ARG G 391 5.45 -18.31 25.25
N LYS G 392 4.66 -17.26 25.55
CA LYS G 392 5.15 -15.91 25.88
C LYS G 392 6.05 -15.35 24.78
N ALA G 393 5.60 -15.49 23.54
CA ALA G 393 6.31 -14.90 22.41
C ALA G 393 5.95 -13.42 22.28
N PHE G 394 6.75 -12.72 21.46
CA PHE G 394 6.52 -11.32 21.07
C PHE G 394 6.49 -10.37 22.26
N LEU G 395 7.20 -10.72 23.33
CA LEU G 395 7.17 -9.93 24.55
C LEU G 395 8.27 -8.88 24.59
N HIS G 396 9.41 -9.16 23.95
CA HIS G 396 10.59 -8.29 24.02
C HIS G 396 10.39 -6.95 23.35
N TRP G 397 9.42 -6.83 22.44
CA TRP G 397 9.04 -5.52 21.95
C TRP G 397 8.36 -4.71 23.05
N TYR G 398 7.35 -5.31 23.70
CA TYR G 398 6.66 -4.64 24.78
C TYR G 398 7.52 -4.53 26.03
N THR G 399 8.45 -5.48 26.21
CA THR G 399 9.45 -5.33 27.25
C THR G 399 10.43 -4.22 26.91
N GLY G 400 10.78 -4.08 25.63
CA GLY G 400 11.61 -2.98 25.21
C GLY G 400 10.93 -1.63 25.38
N GLU G 401 9.60 -1.61 25.24
CA GLU G 401 8.85 -0.42 25.61
C GLU G 401 8.60 -0.37 27.11
N GLY G 402 8.54 -1.53 27.76
CA GLY G 402 8.41 -1.61 29.20
C GLY G 402 7.00 -1.93 29.65
N MET G 403 6.72 -3.20 29.96
CA MET G 403 5.40 -3.61 30.40
C MET G 403 5.50 -4.98 31.07
N ASP G 404 4.84 -5.11 32.22
CA ASP G 404 4.80 -6.37 32.93
C ASP G 404 3.80 -7.34 32.29
N GLU G 405 3.78 -8.57 32.79
CA GLU G 405 2.80 -9.54 32.32
C GLU G 405 1.40 -9.21 32.83
N MET G 406 1.31 -8.53 33.96
CA MET G 406 0.01 -8.28 34.60
C MET G 406 -0.85 -7.34 33.77
N GLU G 407 -0.23 -6.40 33.07
CA GLU G 407 -0.98 -5.54 32.15
C GLU G 407 -1.51 -6.35 30.98
N PHE G 408 -0.75 -7.35 30.52
CA PHE G 408 -1.30 -8.30 29.56
C PHE G 408 -2.36 -9.18 30.20
N THR G 409 -2.14 -9.57 31.46
CA THR G 409 -3.01 -10.57 32.07
C THR G 409 -4.34 -9.96 32.51
N GLU G 410 -4.31 -8.77 33.12
CA GLU G 410 -5.54 -8.15 33.60
C GLU G 410 -6.42 -7.70 32.44
N ALA G 411 -5.81 -7.23 31.36
CA ALA G 411 -6.58 -6.88 30.16
C ALA G 411 -7.18 -8.13 29.53
N GLU G 412 -6.45 -9.24 29.57
CA GLU G 412 -7.02 -10.52 29.18
C GLU G 412 -8.09 -10.96 30.17
N SER G 413 -7.88 -10.65 31.46
CA SER G 413 -8.94 -10.87 32.44
C SER G 413 -10.09 -9.91 32.23
N ASN G 414 -9.80 -8.66 31.83
CA ASN G 414 -10.88 -7.73 31.53
C ASN G 414 -11.57 -8.07 30.23
N MET G 415 -10.84 -8.69 29.29
CA MET G 415 -11.50 -9.31 28.15
C MET G 415 -12.40 -10.45 28.62
N ASN G 416 -11.94 -11.23 29.59
CA ASN G 416 -12.80 -12.25 30.19
C ASN G 416 -13.90 -11.65 31.05
N ASP G 417 -13.71 -10.42 31.52
CA ASP G 417 -14.80 -9.73 32.20
C ASP G 417 -15.90 -9.34 31.22
N LEU G 418 -15.53 -9.07 29.96
CA LEU G 418 -16.53 -8.94 28.91
C LEU G 418 -17.18 -10.28 28.62
N VAL G 419 -16.39 -11.36 28.72
CA VAL G 419 -16.93 -12.70 28.53
C VAL G 419 -17.91 -13.04 29.65
N SER G 420 -17.54 -12.69 30.89
CA SER G 420 -18.36 -13.05 32.04
C SER G 420 -19.66 -12.25 32.13
N GLU G 421 -19.83 -11.21 31.32
CA GLU G 421 -21.01 -10.36 31.43
C GLU G 421 -21.96 -10.48 30.25
N TYR G 422 -21.46 -10.64 29.02
CA TYR G 422 -22.37 -10.97 27.93
C TYR G 422 -22.89 -12.39 28.04
N GLN G 423 -22.17 -13.27 28.71
CA GLN G 423 -22.69 -14.61 28.97
C GLN G 423 -23.71 -14.58 30.10
N GLN G 424 -23.56 -13.62 31.02
CA GLN G 424 -24.40 -13.55 32.21
C GLN G 424 -25.84 -13.21 31.85
N TYR G 425 -26.04 -12.18 31.04
CA TYR G 425 -27.39 -11.85 30.62
C TYR G 425 -27.89 -12.81 29.55
N GLN G 426 -27.00 -13.50 28.85
CA GLN G 426 -27.45 -14.52 27.91
C GLN G 426 -27.94 -15.76 28.66
N ASP G 427 -27.27 -16.13 29.76
CA ASP G 427 -27.74 -17.23 30.59
C ASP G 427 -29.04 -16.88 31.28
N ALA G 428 -29.24 -15.61 31.61
CA ALA G 428 -30.51 -15.16 32.14
C ALA G 428 -31.53 -15.03 31.01
N THR G 429 -32.80 -15.04 31.39
CA THR G 429 -33.89 -14.81 30.46
C THR G 429 -35.08 -14.19 31.20
N MET H 1 -1.51 68.32 13.84
CA MET H 1 -0.68 68.63 15.00
C MET H 1 -0.12 67.36 15.64
N ARG H 2 0.62 67.55 16.73
CA ARG H 2 1.25 66.48 17.52
C ARG H 2 2.18 65.63 16.66
N GLU H 3 3.06 66.30 15.94
CA GLU H 3 3.96 65.63 15.02
C GLU H 3 5.07 64.89 15.77
N ILE H 4 5.67 63.92 15.07
CA ILE H 4 6.59 62.95 15.66
C ILE H 4 7.89 62.96 14.86
N VAL H 5 9.02 63.10 15.55
CA VAL H 5 10.33 63.12 14.93
C VAL H 5 10.96 61.74 15.06
N HIS H 6 11.53 61.25 13.98
CA HIS H 6 12.05 59.88 13.88
C HIS H 6 13.57 59.90 13.84
N ILE H 7 14.19 59.09 14.69
CA ILE H 7 15.65 58.97 14.75
C ILE H 7 16.00 57.50 14.56
N GLN H 8 17.02 57.22 13.77
CA GLN H 8 17.55 55.87 13.62
C GLN H 8 18.99 55.82 14.10
N ALA H 9 19.50 54.60 14.18
CA ALA H 9 20.88 54.34 14.54
C ALA H 9 21.22 52.93 14.11
N GLY H 10 22.46 52.52 14.40
CA GLY H 10 22.88 51.15 14.20
C GLY H 10 22.94 50.75 12.75
N GLN H 11 22.88 49.44 12.52
CA GLN H 11 22.83 48.86 11.19
C GLN H 11 21.60 47.99 10.98
N CYS H 12 21.16 47.27 12.01
CA CYS H 12 19.88 46.58 11.94
C CYS H 12 18.71 47.53 11.92
N GLY H 13 18.72 48.54 12.80
CA GLY H 13 17.59 49.43 12.94
C GLY H 13 17.35 50.31 11.72
N ASN H 14 18.39 50.52 10.91
CA ASN H 14 18.22 51.31 9.70
C ASN H 14 17.47 50.52 8.64
N GLN H 15 17.81 49.24 8.49
CA GLN H 15 17.13 48.41 7.51
C GLN H 15 15.68 48.14 7.89
N ILE H 16 15.38 48.18 9.19
CA ILE H 16 14.00 48.11 9.65
C ILE H 16 13.25 49.37 9.21
N GLY H 17 13.85 50.53 9.46
CA GLY H 17 13.27 51.77 8.97
C GLY H 17 13.29 51.88 7.46
N ALA H 18 14.23 51.19 6.81
CA ALA H 18 14.21 51.09 5.36
C ALA H 18 13.02 50.28 4.85
N LYS H 19 12.44 49.45 5.72
CA LYS H 19 11.18 48.78 5.43
C LYS H 19 9.99 49.48 6.08
N PHE H 20 10.21 50.11 7.24
CA PHE H 20 9.12 50.75 7.97
C PHE H 20 8.58 51.96 7.24
N TRP H 21 9.45 52.77 6.65
CA TRP H 21 8.96 53.92 5.90
C TRP H 21 8.31 53.50 4.58
N GLU H 22 8.61 52.30 4.09
CA GLU H 22 7.85 51.75 2.99
C GLU H 22 6.43 51.38 3.44
N VAL H 23 6.28 50.95 4.69
CA VAL H 23 4.95 50.68 5.24
C VAL H 23 4.16 51.97 5.36
N ILE H 24 4.80 53.03 5.86
CA ILE H 24 4.13 54.31 6.02
C ILE H 24 3.86 54.95 4.67
N SER H 25 4.62 54.56 3.64
CA SER H 25 4.41 55.07 2.29
C SER H 25 3.05 54.64 1.73
N ASP H 26 2.72 53.36 1.89
CA ASP H 26 1.44 52.88 1.38
C ASP H 26 0.33 52.98 2.43
N GLU H 27 0.66 53.37 3.66
CA GLU H 27 -0.39 53.76 4.60
C GLU H 27 -0.79 55.21 4.43
N HIS H 28 -0.16 55.93 3.50
CA HIS H 28 -0.53 57.30 3.19
C HIS H 28 -0.53 57.56 1.69
N GLY H 29 -0.42 56.52 0.87
CA GLY H 29 -0.39 56.71 -0.56
C GLY H 29 0.84 57.43 -1.09
N ILE H 30 1.93 57.39 -0.34
CA ILE H 30 3.13 58.11 -0.73
C ILE H 30 3.89 57.28 -1.75
N ASP H 31 4.22 57.90 -2.88
CA ASP H 31 4.98 57.25 -3.94
C ASP H 31 6.44 57.06 -3.50
N PRO H 32 7.24 56.31 -4.25
CA PRO H 32 8.70 56.31 -3.98
C PRO H 32 9.38 57.66 -4.27
N THR H 33 8.75 58.58 -4.99
CA THR H 33 9.36 59.87 -5.24
C THR H 33 9.22 60.80 -4.05
N GLY H 34 8.00 61.05 -3.61
CA GLY H 34 7.75 62.03 -2.57
C GLY H 34 6.46 62.79 -2.76
N SER H 35 5.80 62.54 -3.89
CA SER H 35 4.53 63.16 -4.20
C SER H 35 3.38 62.37 -3.56
N TYR H 36 2.15 62.66 -3.99
CA TYR H 36 0.98 62.02 -3.42
C TYR H 36 0.15 61.38 -4.52
N HIS H 37 -0.36 60.19 -4.24
CA HIS H 37 -1.20 59.49 -5.21
C HIS H 37 -2.40 58.80 -4.56
N GLY H 38 -2.63 59.01 -3.28
CA GLY H 38 -3.74 58.33 -2.62
C GLY H 38 -5.09 58.90 -3.06
N ASP H 39 -6.14 58.12 -2.77
CA ASP H 39 -7.50 58.51 -3.10
C ASP H 39 -8.34 58.80 -1.86
N SER H 40 -8.10 58.08 -0.78
CA SER H 40 -8.83 58.31 0.46
C SER H 40 -8.33 59.59 1.11
N ASP H 41 -9.23 60.52 1.35
CA ASP H 41 -8.88 61.81 1.92
C ASP H 41 -8.65 61.77 3.43
N LEU H 42 -8.75 60.61 4.06
CA LEU H 42 -8.39 60.50 5.47
C LEU H 42 -6.88 60.47 5.66
N GLN H 43 -6.11 60.20 4.59
CA GLN H 43 -4.66 60.25 4.66
C GLN H 43 -4.16 61.68 4.77
N LEU H 44 -4.68 62.56 3.91
CA LEU H 44 -4.22 63.94 3.86
C LEU H 44 -4.63 64.75 5.08
N GLU H 45 -5.65 64.29 5.81
CA GLU H 45 -6.14 65.03 6.96
C GLU H 45 -5.15 64.98 8.12
N ARG H 46 -4.37 63.91 8.24
CA ARG H 46 -3.36 63.81 9.29
C ARG H 46 -2.00 63.41 8.71
N ILE H 47 -1.69 63.89 7.50
CA ILE H 47 -0.44 63.52 6.83
C ILE H 47 0.78 64.11 7.53
N ASN H 48 0.60 65.19 8.28
CA ASN H 48 1.71 65.97 8.79
C ASN H 48 2.53 65.25 9.86
N VAL H 49 1.97 64.24 10.51
CA VAL H 49 2.58 63.71 11.73
C VAL H 49 3.86 62.92 11.44
N TYR H 50 3.96 62.26 10.30
CA TYR H 50 5.20 61.61 9.91
C TYR H 50 5.85 62.24 8.69
N TYR H 51 5.31 63.34 8.15
CA TYR H 51 5.86 63.92 6.94
C TYR H 51 5.77 65.43 6.98
N ASN H 52 6.87 66.10 6.67
CA ASN H 52 6.79 67.52 6.34
C ASN H 52 6.34 67.68 4.90
N GLU H 53 5.27 68.42 4.69
CA GLU H 53 4.85 68.76 3.34
C GLU H 53 5.75 69.88 2.85
N ALA H 54 6.74 69.54 2.04
CA ALA H 54 7.67 70.53 1.54
C ALA H 54 7.04 71.34 0.41
N ALA H 55 7.80 72.28 -0.12
CA ALA H 55 7.27 73.22 -1.10
C ALA H 55 7.06 72.54 -2.45
N GLY H 56 5.92 72.83 -3.07
CA GLY H 56 5.63 72.33 -4.40
C GLY H 56 5.27 70.85 -4.46
N ASN H 57 4.13 70.51 -3.83
CA ASN H 57 3.50 69.17 -3.92
C ASN H 57 4.42 68.08 -3.39
N LYS H 58 5.27 68.41 -2.43
CA LYS H 58 6.26 67.47 -1.92
C LYS H 58 5.90 66.98 -0.53
N TYR H 59 6.43 65.81 -0.20
CA TYR H 59 6.31 65.22 1.13
C TYR H 59 7.62 64.53 1.44
N VAL H 60 8.23 64.89 2.57
CA VAL H 60 9.52 64.32 2.93
C VAL H 60 9.38 63.56 4.24
N PRO H 61 10.11 62.45 4.41
CA PRO H 61 10.03 61.70 5.68
C PRO H 61 10.73 62.46 6.79
N ARG H 62 9.96 62.81 7.81
CA ARG H 62 10.50 63.49 9.00
C ARG H 62 11.29 62.43 9.79
N ALA H 63 12.52 62.21 9.36
CA ALA H 63 13.33 61.13 9.90
C ALA H 63 14.79 61.53 9.89
N ILE H 64 15.55 61.01 10.85
CA ILE H 64 16.96 61.33 11.01
C ILE H 64 17.74 60.03 10.94
N LEU H 65 18.47 59.85 9.84
CA LEU H 65 19.23 58.64 9.59
C LEU H 65 20.66 58.84 10.10
N VAL H 66 21.13 57.93 10.96
CA VAL H 66 22.43 58.05 11.61
C VAL H 66 23.17 56.73 11.49
N ASP H 67 24.38 56.78 10.93
CA ASP H 67 25.31 55.65 10.94
C ASP H 67 26.70 56.19 11.28
N LEU H 68 27.70 55.32 11.27
CA LEU H 68 29.08 55.72 11.48
C LEU H 68 30.02 55.24 10.36
N GLU H 69 29.47 54.68 9.28
CA GLU H 69 30.25 54.31 8.10
C GLU H 69 29.38 54.49 6.87
N PRO H 70 29.95 54.91 5.73
CA PRO H 70 29.11 55.29 4.58
C PRO H 70 28.50 54.12 3.82
N GLY H 71 28.61 52.89 4.31
CA GLY H 71 28.08 51.76 3.56
C GLY H 71 26.56 51.69 3.58
N THR H 72 25.97 51.74 4.77
CA THR H 72 24.53 51.54 4.88
C THR H 72 23.74 52.73 4.36
N MET H 73 24.32 53.93 4.44
CA MET H 73 23.67 55.09 3.84
C MET H 73 23.70 55.00 2.32
N ASP H 74 24.75 54.39 1.78
CA ASP H 74 24.81 54.15 0.34
C ASP H 74 23.79 53.11 -0.09
N SER H 75 23.57 52.10 0.75
CA SER H 75 22.62 51.03 0.40
C SER H 75 21.18 51.52 0.45
N VAL H 76 20.87 52.46 1.34
CA VAL H 76 19.52 53.01 1.40
C VAL H 76 19.26 53.89 0.19
N ARG H 77 20.19 54.80 -0.10
CA ARG H 77 19.99 55.79 -1.16
C ARG H 77 20.01 55.18 -2.55
N SER H 78 20.62 54.00 -2.71
CA SER H 78 20.66 53.35 -4.01
C SER H 78 19.47 52.45 -4.25
N GLY H 79 18.97 51.79 -3.20
CA GLY H 79 17.85 50.90 -3.33
C GLY H 79 16.52 51.63 -3.33
N PRO H 80 15.47 50.96 -2.86
CA PRO H 80 14.15 51.59 -2.84
C PRO H 80 14.02 52.59 -1.71
N PHE H 81 13.25 53.64 -1.98
CA PHE H 81 12.88 54.68 -1.02
C PHE H 81 14.12 55.36 -0.42
N GLY H 82 15.10 55.63 -1.27
CA GLY H 82 16.29 56.35 -0.84
C GLY H 82 16.27 57.77 -1.32
N GLN H 83 15.74 57.99 -2.51
CA GLN H 83 15.55 59.35 -3.02
C GLN H 83 14.36 60.05 -2.40
N ILE H 84 13.53 59.34 -1.64
CA ILE H 84 12.40 59.99 -1.00
C ILE H 84 12.87 60.83 0.18
N PHE H 85 13.98 60.46 0.81
CA PHE H 85 14.47 61.18 1.95
C PHE H 85 15.12 62.50 1.52
N ARG H 86 15.41 63.33 2.49
CA ARG H 86 16.14 64.55 2.22
C ARG H 86 17.64 64.28 2.28
N PRO H 87 18.41 64.74 1.29
CA PRO H 87 19.87 64.54 1.36
C PRO H 87 20.54 65.36 2.45
N ASP H 88 19.85 66.36 3.00
CA ASP H 88 20.38 67.08 4.14
C ASP H 88 20.40 66.23 5.40
N ASN H 89 19.53 65.23 5.48
CA ASN H 89 19.35 64.47 6.71
C ASN H 89 20.14 63.17 6.76
N PHE H 90 20.86 62.81 5.71
CA PHE H 90 21.77 61.67 5.76
C PHE H 90 23.01 62.09 6.55
N VAL H 91 22.89 62.03 7.87
CA VAL H 91 23.92 62.52 8.78
C VAL H 91 24.64 61.29 9.33
N PHE H 92 25.87 61.05 8.88
CA PHE H 92 26.56 59.82 9.19
C PHE H 92 28.06 60.05 9.27
N GLY H 93 28.71 59.25 10.11
CA GLY H 93 30.14 59.35 10.31
C GLY H 93 30.93 58.64 9.23
N GLN H 94 32.21 58.37 9.55
CA GLN H 94 33.12 57.74 8.60
C GLN H 94 33.92 56.59 9.18
N SER H 95 33.84 56.33 10.49
CA SER H 95 34.74 55.37 11.12
C SER H 95 34.10 53.99 11.29
N GLY H 96 32.87 53.95 11.78
CA GLY H 96 32.30 52.69 12.22
C GLY H 96 32.65 52.44 13.66
N ALA H 97 31.66 52.02 14.47
CA ALA H 97 31.84 51.94 15.91
C ALA H 97 32.72 50.78 16.35
N GLY H 98 33.08 49.87 15.45
CA GLY H 98 33.96 48.77 15.80
C GLY H 98 33.35 47.72 16.70
N ASN H 99 32.02 47.70 16.81
CA ASN H 99 31.25 46.85 17.73
C ASN H 99 31.73 47.04 19.17
N ASN H 100 31.94 48.30 19.53
CA ASN H 100 32.31 48.70 20.88
C ASN H 100 31.26 49.68 21.38
N TRP H 101 30.75 49.43 22.58
CA TRP H 101 29.82 50.40 23.19
C TRP H 101 30.55 51.68 23.56
N ALA H 102 31.79 51.56 24.03
CA ALA H 102 32.52 52.73 24.50
C ALA H 102 32.97 53.61 23.34
N LYS H 103 33.19 53.02 22.17
CA LYS H 103 33.46 53.84 20.99
C LYS H 103 32.22 54.62 20.56
N GLY H 104 31.04 54.00 20.68
CA GLY H 104 29.82 54.68 20.31
C GLY H 104 29.30 55.65 21.35
N HIS H 105 29.86 55.64 22.55
CA HIS H 105 29.35 56.45 23.64
C HIS H 105 30.35 57.48 24.16
N TYR H 106 31.65 57.24 24.03
CA TYR H 106 32.64 58.14 24.59
C TYR H 106 33.48 58.83 23.52
N THR H 107 34.18 58.07 22.68
CA THR H 107 35.13 58.69 21.76
C THR H 107 34.44 59.18 20.49
N GLU H 108 33.89 58.27 19.71
CA GLU H 108 33.25 58.64 18.45
C GLU H 108 31.80 59.07 18.63
N GLY H 109 31.21 58.85 19.81
CA GLY H 109 29.87 59.31 20.05
C GLY H 109 29.78 60.81 20.23
N ALA H 110 30.87 61.44 20.67
CA ALA H 110 30.86 62.88 20.91
C ALA H 110 31.01 63.67 19.61
N GLU H 111 31.44 63.02 18.52
CA GLU H 111 31.70 63.74 17.29
C GLU H 111 30.41 64.09 16.57
N LEU H 112 29.63 63.08 16.18
CA LEU H 112 28.48 63.29 15.32
C LEU H 112 27.24 63.72 16.09
N VAL H 113 27.31 63.77 17.42
CA VAL H 113 26.13 64.10 18.22
C VAL H 113 25.73 65.57 18.05
N ASP H 114 26.70 66.44 17.77
CA ASP H 114 26.37 67.85 17.57
C ASP H 114 25.68 68.06 16.23
N SER H 115 26.04 67.28 15.22
CA SER H 115 25.36 67.35 13.93
C SER H 115 23.93 66.84 14.04
N VAL H 116 23.68 65.91 14.95
CA VAL H 116 22.33 65.38 15.10
C VAL H 116 21.46 66.34 15.88
N LEU H 117 21.96 66.87 17.00
CA LEU H 117 21.15 67.68 17.91
C LEU H 117 20.74 69.02 17.35
N ASP H 118 21.33 69.47 16.25
CA ASP H 118 20.73 70.59 15.53
C ASP H 118 19.58 70.12 14.66
N VAL H 119 19.72 68.95 14.03
CA VAL H 119 18.68 68.40 13.17
C VAL H 119 17.46 68.01 13.99
N VAL H 120 17.69 67.50 15.20
CA VAL H 120 16.61 67.31 16.16
C VAL H 120 15.97 68.64 16.52
N ARG H 121 16.80 69.67 16.71
CA ARG H 121 16.29 70.99 17.04
C ARG H 121 15.60 71.64 15.85
N LYS H 122 16.10 71.39 14.63
CA LYS H 122 15.50 71.99 13.45
C LYS H 122 14.14 71.37 13.14
N GLU H 123 13.97 70.09 13.43
CA GLU H 123 12.67 69.47 13.22
C GLU H 123 11.71 69.85 14.34
N SER H 124 12.21 69.91 15.59
CA SER H 124 11.34 70.22 16.72
C SER H 124 10.90 71.68 16.71
N GLU H 125 11.72 72.56 16.15
CA GLU H 125 11.28 73.94 15.92
C GLU H 125 10.25 74.00 14.80
N SER H 126 10.44 73.20 13.75
CA SER H 126 9.55 73.25 12.60
C SER H 126 8.20 72.61 12.91
N CYS H 127 8.15 71.67 13.86
CA CYS H 127 6.89 71.04 14.20
C CYS H 127 6.00 71.99 14.98
N ASP H 128 4.72 71.99 14.63
CA ASP H 128 3.75 72.85 15.31
C ASP H 128 3.57 72.43 16.76
N CYS H 129 3.13 71.19 16.98
CA CYS H 129 3.12 70.59 18.30
C CYS H 129 3.90 69.28 18.22
N LEU H 130 4.70 69.01 19.23
CA LEU H 130 5.55 67.83 19.22
C LEU H 130 4.99 66.78 20.16
N GLN H 131 4.91 65.53 19.68
CA GLN H 131 4.35 64.45 20.47
C GLN H 131 5.42 63.67 21.21
N GLY H 132 6.38 63.11 20.48
CA GLY H 132 7.42 62.32 21.10
C GLY H 132 8.38 61.82 20.05
N PHE H 133 9.46 61.21 20.53
CA PHE H 133 10.56 60.75 19.68
C PHE H 133 10.62 59.23 19.69
N GLN H 134 11.03 58.67 18.55
CA GLN H 134 11.10 57.23 18.40
C GLN H 134 12.46 56.83 17.82
N LEU H 135 12.95 55.68 18.26
CA LEU H 135 14.30 55.25 17.93
C LEU H 135 14.31 53.78 17.57
N THR H 136 14.99 53.43 16.47
CA THR H 136 15.09 52.06 16.00
C THR H 136 16.56 51.74 15.78
N HIS H 137 17.07 50.76 16.51
CA HIS H 137 18.51 50.50 16.57
C HIS H 137 18.73 49.07 17.00
N SER H 138 19.96 48.74 17.39
CA SER H 138 20.29 47.43 17.94
C SER H 138 20.67 47.55 19.40
N LEU H 139 20.76 46.41 20.06
CA LEU H 139 21.46 46.32 21.34
C LEU H 139 22.65 45.38 21.27
N GLY H 140 23.03 44.94 20.08
CA GLY H 140 24.13 44.01 19.94
C GLY H 140 25.34 44.62 19.27
N GLY H 141 25.12 45.56 18.35
CA GLY H 141 26.20 46.17 17.61
C GLY H 141 26.90 47.26 18.39
N GLY H 142 27.65 48.08 17.68
CA GLY H 142 28.33 49.20 18.30
C GLY H 142 27.57 50.49 18.13
N THR H 143 27.14 50.76 16.90
CA THR H 143 26.45 52.01 16.60
C THR H 143 25.06 52.02 17.22
N GLY H 144 24.38 50.87 17.21
CA GLY H 144 23.09 50.79 17.86
C GLY H 144 23.15 50.85 19.37
N SER H 145 24.28 50.46 19.95
CA SER H 145 24.41 50.42 21.40
C SER H 145 24.77 51.80 21.97
N GLY H 146 25.91 52.34 21.55
CA GLY H 146 26.43 53.53 22.21
C GLY H 146 25.81 54.82 21.69
N MET H 147 25.67 54.92 20.38
CA MET H 147 25.29 56.19 19.76
C MET H 147 23.83 56.55 20.05
N GLY H 148 22.94 55.56 20.02
CA GLY H 148 21.55 55.82 20.32
C GLY H 148 21.32 56.13 21.79
N THR H 149 21.99 55.40 22.67
CA THR H 149 21.84 55.64 24.09
C THR H 149 22.48 56.94 24.55
N LEU H 150 23.46 57.46 23.81
CA LEU H 150 24.04 58.74 24.18
C LEU H 150 23.09 59.88 23.85
N LEU H 151 22.20 59.68 22.87
CA LEU H 151 21.29 60.74 22.46
C LEU H 151 20.19 60.96 23.48
N ILE H 152 19.63 59.89 24.02
CA ILE H 152 18.38 59.96 24.79
C ILE H 152 18.59 60.66 26.13
N SER H 153 19.78 60.52 26.72
CA SER H 153 20.09 61.25 27.93
C SER H 153 20.19 62.75 27.67
N LYS H 154 20.62 63.13 26.46
CA LYS H 154 20.64 64.54 26.11
C LYS H 154 19.24 65.06 25.81
N ILE H 155 18.35 64.17 25.40
CA ILE H 155 16.97 64.57 25.09
C ILE H 155 16.15 64.70 26.37
N ARG H 156 16.40 63.85 27.35
CA ARG H 156 15.72 63.99 28.65
C ARG H 156 16.18 65.25 29.37
N GLU H 157 17.43 65.70 29.13
CA GLU H 157 17.84 67.02 29.58
C GLU H 157 17.09 68.13 28.86
N GLU H 158 16.64 67.88 27.62
CA GLU H 158 15.87 68.88 26.91
C GLU H 158 14.40 68.86 27.31
N TYR H 159 13.71 67.75 27.05
CA TYR H 159 12.25 67.73 27.14
C TYR H 159 11.80 66.81 28.26
N PRO H 160 11.13 67.32 29.28
CA PRO H 160 10.62 66.46 30.34
C PRO H 160 9.32 65.77 29.98
N ASP H 161 8.48 66.43 29.17
CA ASP H 161 7.13 65.92 28.94
C ASP H 161 7.02 65.03 27.71
N ARG H 162 7.98 65.12 26.78
CA ARG H 162 7.88 64.39 25.54
C ARG H 162 8.20 62.92 25.76
N ILE H 163 7.39 62.05 25.14
CA ILE H 163 7.53 60.62 25.35
C ILE H 163 8.70 60.09 24.53
N MET H 164 9.12 58.87 24.82
CA MET H 164 10.28 58.28 24.17
C MET H 164 10.09 56.78 24.11
N ASN H 165 10.25 56.21 22.92
CA ASN H 165 10.14 54.76 22.75
C ASN H 165 11.24 54.26 21.85
N THR H 166 11.92 53.20 22.29
CA THR H 166 12.96 52.55 21.52
C THR H 166 12.48 51.17 21.12
N PHE H 167 12.49 50.89 19.82
CA PHE H 167 12.19 49.55 19.32
C PHE H 167 13.49 48.73 19.24
N SER H 168 14.11 48.56 20.41
CA SER H 168 15.43 47.96 20.50
C SER H 168 15.33 46.45 20.54
N VAL H 169 16.09 45.78 19.67
CA VAL H 169 16.11 44.33 19.63
C VAL H 169 16.88 43.80 20.83
N VAL H 170 16.30 42.84 21.53
CA VAL H 170 17.00 42.17 22.64
C VAL H 170 18.17 41.36 22.08
N PRO H 171 19.31 41.29 22.75
CA PRO H 171 20.34 40.33 22.34
C PRO H 171 19.85 38.90 22.41
N SER H 172 20.40 38.08 21.53
CA SER H 172 19.79 36.80 21.20
C SER H 172 19.95 35.80 22.33
N PRO H 173 18.93 34.95 22.58
CA PRO H 173 19.01 33.99 23.68
C PRO H 173 20.05 32.89 23.48
N LYS H 174 20.03 32.22 22.34
CA LYS H 174 20.82 31.02 22.15
C LYS H 174 21.85 31.15 21.04
N VAL H 175 21.46 31.65 19.87
CA VAL H 175 22.43 31.94 18.82
C VAL H 175 23.29 33.12 19.26
N SER H 176 24.57 33.08 18.92
CA SER H 176 25.50 34.14 19.31
C SER H 176 26.09 34.74 18.04
N ASP H 177 25.38 35.72 17.48
CA ASP H 177 25.92 36.41 16.31
C ASP H 177 26.96 37.43 16.74
N THR H 178 26.75 38.08 17.88
CA THR H 178 27.70 39.02 18.44
C THR H 178 28.54 38.34 19.50
N VAL H 179 29.87 38.52 19.43
CA VAL H 179 30.75 37.91 20.42
C VAL H 179 30.62 38.63 21.75
N VAL H 180 30.40 39.94 21.72
CA VAL H 180 30.41 40.76 22.92
C VAL H 180 29.00 41.25 23.24
N GLU H 181 28.00 40.44 22.89
CA GLU H 181 26.62 40.80 23.15
C GLU H 181 26.24 41.02 24.63
N PRO H 182 26.91 40.49 25.66
CA PRO H 182 26.65 41.04 27.00
C PRO H 182 27.20 42.44 27.17
N TYR H 183 28.36 42.71 26.59
CA TYR H 183 28.98 44.03 26.73
C TYR H 183 28.27 45.09 25.90
N ASN H 184 27.42 44.68 24.96
CA ASN H 184 26.54 45.62 24.29
C ASN H 184 25.14 45.64 24.87
N ALA H 185 24.82 44.67 25.74
CA ALA H 185 23.53 44.70 26.42
C ALA H 185 23.61 45.47 27.73
N THR H 186 24.54 45.07 28.61
CA THR H 186 24.56 45.53 29.99
C THR H 186 24.88 47.02 30.08
N LEU H 187 25.81 47.50 29.26
CA LEU H 187 26.09 48.92 29.20
C LEU H 187 24.97 49.70 28.52
N SER H 188 24.11 49.03 27.76
CA SER H 188 22.92 49.65 27.19
C SER H 188 21.69 49.49 28.07
N VAL H 189 21.71 48.55 29.02
CA VAL H 189 20.60 48.39 29.95
C VAL H 189 20.48 49.61 30.85
N HIS H 190 21.61 50.13 31.31
CA HIS H 190 21.62 51.24 32.25
C HIS H 190 21.03 52.52 31.66
N GLN H 191 21.23 52.75 30.36
CA GLN H 191 20.63 53.93 29.75
C GLN H 191 19.14 53.77 29.56
N LEU H 192 18.69 52.56 29.26
CA LEU H 192 17.27 52.33 29.00
C LEU H 192 16.45 52.38 30.29
N VAL H 193 17.01 51.94 31.42
CA VAL H 193 16.23 51.91 32.65
C VAL H 193 16.10 53.28 33.29
N GLU H 194 16.94 54.25 32.90
CA GLU H 194 16.88 55.57 33.52
C GLU H 194 15.81 56.45 32.87
N ASN H 195 15.98 56.74 31.58
CA ASN H 195 15.25 57.83 30.96
C ASN H 195 14.68 57.42 29.60
N THR H 196 14.09 56.24 29.54
CA THR H 196 13.24 55.85 28.43
C THR H 196 11.85 55.58 28.98
N ASP H 197 10.84 56.24 28.41
CA ASP H 197 9.51 56.20 28.99
C ASP H 197 8.85 54.84 28.78
N GLU H 198 8.77 54.38 27.54
CA GLU H 198 8.43 52.99 27.27
C GLU H 198 9.52 52.41 26.38
N THR H 199 9.71 51.10 26.45
CA THR H 199 10.83 50.47 25.77
C THR H 199 10.37 49.14 25.18
N TYR H 200 10.51 49.02 23.87
CA TYR H 200 10.10 47.81 23.17
C TYR H 200 11.26 46.83 23.08
N CYS H 201 10.96 45.56 23.31
CA CYS H 201 11.97 44.54 23.51
C CYS H 201 11.61 43.32 22.67
N ILE H 202 12.42 43.03 21.65
CA ILE H 202 12.13 41.95 20.70
C ILE H 202 13.30 40.98 20.70
N ASP H 203 13.01 39.71 20.97
CA ASP H 203 14.02 38.67 20.84
C ASP H 203 14.25 38.34 19.38
N ASN H 204 15.47 37.91 19.06
CA ASN H 204 15.77 37.50 17.69
C ASN H 204 15.14 36.16 17.36
N GLU H 205 15.19 35.20 18.29
CA GLU H 205 14.88 33.81 17.96
C GLU H 205 13.40 33.59 17.72
N ALA H 206 12.54 34.29 18.47
CA ALA H 206 11.10 34.16 18.25
C ALA H 206 10.69 34.78 16.93
N LEU H 207 11.41 35.80 16.46
CA LEU H 207 11.16 36.35 15.14
C LEU H 207 11.49 35.33 14.06
N TYR H 208 12.54 34.54 14.26
CA TYR H 208 12.78 33.39 13.40
C TYR H 208 11.67 32.36 13.57
N ASP H 209 11.12 32.22 14.77
CA ASP H 209 10.12 31.20 15.02
C ASP H 209 8.79 31.55 14.38
N ILE H 210 8.32 32.78 14.57
CA ILE H 210 7.04 33.21 14.02
C ILE H 210 7.07 33.22 12.50
N CYS H 211 8.22 33.55 11.92
CA CYS H 211 8.39 33.42 10.47
C CYS H 211 8.49 31.97 10.01
N PHE H 212 8.63 31.03 10.94
CA PHE H 212 8.73 29.62 10.57
C PHE H 212 7.57 28.78 11.11
N ARG H 213 7.02 29.12 12.27
CA ARG H 213 5.99 28.28 12.85
C ARG H 213 4.64 28.51 12.16
N THR H 214 4.15 29.74 12.19
CA THR H 214 2.84 30.01 11.63
C THR H 214 2.88 30.08 10.11
N LEU H 215 3.85 30.81 9.56
CA LEU H 215 3.87 31.02 8.12
C LEU H 215 4.45 29.85 7.35
N LYS H 216 5.30 29.03 7.99
CA LYS H 216 6.00 27.90 7.38
C LYS H 216 6.79 28.32 6.14
N LEU H 217 7.78 29.18 6.38
CA LEU H 217 8.60 29.71 5.32
C LEU H 217 9.89 28.90 5.20
N THR H 218 10.46 28.89 3.99
CA THR H 218 11.67 28.13 3.71
C THR H 218 12.92 28.98 3.71
N THR H 219 12.91 30.11 2.99
CA THR H 219 14.06 31.01 2.90
C THR H 219 13.66 32.41 3.36
N PRO H 220 13.60 32.64 4.68
CA PRO H 220 13.15 33.94 5.19
C PRO H 220 14.25 34.99 5.09
N THR H 221 13.97 36.05 4.34
CA THR H 221 14.92 37.15 4.22
C THR H 221 14.64 38.21 5.28
N TYR H 222 15.59 39.13 5.44
CA TYR H 222 15.39 40.26 6.36
C TYR H 222 14.28 41.18 5.88
N GLY H 223 13.99 41.16 4.57
CA GLY H 223 12.78 41.79 4.06
C GLY H 223 11.51 41.14 4.53
N ASP H 224 11.58 39.91 5.05
CA ASP H 224 10.46 39.30 5.73
C ASP H 224 10.73 39.01 7.20
N LEU H 225 11.99 38.96 7.63
CA LEU H 225 12.27 38.98 9.07
C LEU H 225 11.84 40.31 9.68
N ASN H 226 12.45 41.40 9.22
CA ASN H 226 12.21 42.71 9.81
C ASN H 226 10.89 43.33 9.39
N HIS H 227 10.13 42.68 8.51
CA HIS H 227 8.86 43.25 8.09
C HIS H 227 7.80 43.15 9.18
N LEU H 228 7.92 42.17 10.06
CA LEU H 228 6.90 41.99 11.10
C LEU H 228 6.96 43.09 12.14
N VAL H 229 8.15 43.63 12.40
CA VAL H 229 8.26 44.76 13.31
C VAL H 229 7.73 46.02 12.62
N SER H 230 7.84 46.08 11.28
CA SER H 230 7.39 47.25 10.55
C SER H 230 5.88 47.38 10.56
N ALA H 231 5.17 46.26 10.50
CA ALA H 231 3.73 46.30 10.71
C ALA H 231 3.41 46.52 12.18
N THR H 232 4.31 46.10 13.08
CA THR H 232 4.07 46.23 14.51
C THR H 232 4.14 47.70 14.93
N MET H 233 5.16 48.42 14.46
CA MET H 233 5.33 49.83 14.79
C MET H 233 4.18 50.67 14.23
N SER H 234 3.66 50.28 13.06
CA SER H 234 2.55 51.01 12.47
C SER H 234 1.27 50.82 13.26
N GLY H 235 1.09 49.65 13.88
CA GLY H 235 -0.08 49.41 14.70
C GLY H 235 -0.08 50.11 16.04
N VAL H 236 1.05 50.68 16.44
CA VAL H 236 1.11 51.41 17.70
C VAL H 236 0.41 52.76 17.54
N THR H 237 0.63 53.43 16.42
CA THR H 237 0.12 54.78 16.20
C THR H 237 -0.99 54.82 15.15
N THR H 238 -1.59 53.68 14.83
CA THR H 238 -2.61 53.64 13.79
C THR H 238 -3.92 54.27 14.25
N CYS H 239 -4.14 54.42 15.54
CA CYS H 239 -5.29 55.17 16.02
C CYS H 239 -5.04 56.67 16.04
N LEU H 240 -3.78 57.09 15.94
CA LEU H 240 -3.46 58.51 15.85
C LEU H 240 -3.75 59.03 14.45
N ARG H 241 -3.26 58.31 13.43
CA ARG H 241 -3.25 58.80 12.06
C ARG H 241 -4.62 58.79 11.41
N PHE H 242 -5.61 58.17 12.03
CA PHE H 242 -6.94 58.03 11.45
C PHE H 242 -7.95 58.06 12.58
N PRO H 243 -9.18 58.51 12.32
CA PRO H 243 -10.21 58.45 13.36
C PRO H 243 -10.62 57.02 13.65
N GLY H 244 -11.28 56.85 14.81
CA GLY H 244 -11.75 55.54 15.20
C GLY H 244 -13.00 55.66 16.05
N GLN H 245 -13.59 54.49 16.34
CA GLN H 245 -14.65 54.43 17.32
C GLN H 245 -14.14 54.54 18.74
N LEU H 246 -12.84 54.30 18.94
CA LEU H 246 -12.17 54.56 20.21
C LEU H 246 -10.72 54.86 19.86
N ASN H 247 -10.37 56.15 19.80
CA ASN H 247 -9.06 56.56 19.36
C ASN H 247 -8.01 56.30 20.44
N ALA H 248 -6.74 56.45 20.04
CA ALA H 248 -5.61 56.25 20.91
C ALA H 248 -4.40 56.93 20.29
N ASP H 249 -3.41 57.22 21.14
CA ASP H 249 -2.14 57.76 20.70
C ASP H 249 -1.06 57.33 21.69
N LEU H 250 0.13 57.91 21.55
CA LEU H 250 1.28 57.46 22.31
C LEU H 250 1.23 57.84 23.78
N ARG H 251 0.45 58.85 24.15
CA ARG H 251 0.34 59.19 25.57
C ARG H 251 -0.70 58.32 26.25
N LYS H 252 -1.76 57.94 25.54
CA LYS H 252 -2.77 57.04 26.10
C LYS H 252 -2.19 55.66 26.34
N LEU H 253 -1.27 55.22 25.49
CA LEU H 253 -0.66 53.92 25.69
C LEU H 253 0.33 53.94 26.85
N ALA H 254 0.90 55.10 27.15
CA ALA H 254 1.92 55.17 28.19
C ALA H 254 1.30 55.11 29.57
N VAL H 255 0.31 55.96 29.84
CA VAL H 255 -0.18 56.14 31.20
C VAL H 255 -1.09 54.98 31.59
N ASN H 256 -1.76 54.37 30.61
CA ASN H 256 -2.54 53.17 30.89
C ASN H 256 -1.63 52.00 31.31
N MET H 257 -0.52 51.83 30.60
CA MET H 257 0.26 50.62 30.79
C MET H 257 1.19 50.70 31.98
N VAL H 258 2.10 51.68 32.00
CA VAL H 258 3.27 51.66 32.85
C VAL H 258 2.83 51.92 34.29
N PRO H 259 2.94 50.97 35.20
CA PRO H 259 2.38 51.14 36.54
C PRO H 259 3.30 51.90 37.48
N PHE H 260 4.60 51.85 37.21
CA PHE H 260 5.68 52.49 37.96
C PHE H 260 6.77 52.66 36.92
N PRO H 261 7.51 53.78 36.94
CA PRO H 261 8.35 54.12 35.78
C PRO H 261 9.53 53.18 35.54
N ARG H 262 9.91 52.37 36.53
CA ARG H 262 10.99 51.42 36.31
C ARG H 262 10.49 50.12 35.67
N LEU H 263 9.19 49.96 35.50
CA LEU H 263 8.61 48.76 34.86
C LEU H 263 7.88 49.20 33.60
N HIS H 264 8.62 49.31 32.49
CA HIS H 264 8.03 49.77 31.25
C HIS H 264 8.56 49.02 30.03
N PHE H 265 9.01 47.79 30.20
CA PHE H 265 9.67 47.03 29.15
C PHE H 265 8.67 46.04 28.58
N PHE H 266 8.25 46.27 27.34
CA PHE H 266 7.03 45.67 26.80
C PHE H 266 7.34 44.60 25.78
N MET H 267 6.26 43.94 25.34
CA MET H 267 6.34 42.91 24.31
C MET H 267 5.22 43.11 23.30
N PRO H 268 5.48 42.84 22.02
CA PRO H 268 4.45 43.08 20.99
C PRO H 268 3.55 41.89 20.76
N GLY H 269 2.66 42.03 19.77
CA GLY H 269 1.84 40.94 19.29
C GLY H 269 1.05 41.36 18.08
N PHE H 270 1.03 40.53 17.04
CA PHE H 270 0.39 40.88 15.78
C PHE H 270 -0.47 39.72 15.31
N ALA H 271 -1.58 40.06 14.65
CA ALA H 271 -2.50 39.09 14.08
C ALA H 271 -3.25 39.78 12.95
N PRO H 272 -3.66 39.05 11.90
CA PRO H 272 -3.54 37.63 11.59
C PRO H 272 -2.29 37.26 10.80
N LEU H 273 -1.95 35.97 10.80
CA LEU H 273 -0.79 35.45 10.08
C LEU H 273 -1.16 34.14 9.43
N THR H 274 -1.01 34.07 8.10
CA THR H 274 -1.35 32.88 7.34
C THR H 274 -0.18 32.42 6.49
N SER H 275 -0.43 31.47 5.60
CA SER H 275 0.51 31.11 4.54
C SER H 275 0.03 31.76 3.25
N ARG H 276 0.68 31.44 2.14
CA ARG H 276 0.29 32.02 0.86
C ARG H 276 -1.02 31.43 0.36
N GLY H 277 -1.26 30.15 0.61
CA GLY H 277 -2.47 29.50 0.16
C GLY H 277 -3.36 29.07 1.32
N SER H 278 -2.75 28.85 2.49
CA SER H 278 -3.49 28.49 3.69
C SER H 278 -4.00 29.74 4.41
N GLN H 279 -4.85 30.48 3.70
CA GLN H 279 -5.24 31.81 4.15
C GLN H 279 -6.74 31.97 4.16
N GLN H 280 -7.45 31.14 3.40
CA GLN H 280 -8.90 31.19 3.35
C GLN H 280 -9.54 30.11 4.21
N TYR H 281 -8.82 29.02 4.49
CA TYR H 281 -9.37 27.90 5.25
C TYR H 281 -9.34 28.17 6.75
N ARG H 282 -9.90 29.31 7.16
CA ARG H 282 -9.91 29.75 8.54
C ARG H 282 -10.91 30.88 8.65
N ALA H 283 -11.70 30.88 9.73
CA ALA H 283 -12.65 31.95 9.99
C ALA H 283 -11.89 33.12 10.61
N LEU H 284 -11.29 33.94 9.75
CA LEU H 284 -10.45 35.06 10.18
C LEU H 284 -11.36 36.17 10.70
N THR H 285 -11.84 35.98 11.94
CA THR H 285 -12.73 36.94 12.57
C THR H 285 -12.16 37.35 13.93
N VAL H 286 -12.99 38.05 14.71
CA VAL H 286 -12.53 38.53 16.02
C VAL H 286 -12.14 37.41 16.98
N PRO H 287 -12.92 36.32 17.15
CA PRO H 287 -12.43 35.26 18.06
C PRO H 287 -11.19 34.54 17.57
N GLU H 288 -10.95 34.46 16.25
CA GLU H 288 -9.68 33.93 15.79
C GLU H 288 -8.56 34.92 16.08
N LEU H 289 -8.80 36.21 15.83
CA LEU H 289 -7.87 37.24 16.22
C LEU H 289 -7.76 37.39 17.74
N THR H 290 -8.76 36.91 18.48
CA THR H 290 -8.64 36.89 19.93
C THR H 290 -7.60 35.87 20.37
N GLN H 291 -7.82 34.60 20.05
CA GLN H 291 -6.96 33.53 20.55
C GLN H 291 -5.62 33.45 19.86
N GLN H 292 -5.42 34.15 18.74
CA GLN H 292 -4.10 34.17 18.12
C GLN H 292 -3.13 35.04 18.91
N MET H 293 -3.63 35.98 19.69
CA MET H 293 -2.75 36.87 20.44
C MET H 293 -2.18 36.18 21.67
N PHE H 294 -3.06 35.65 22.51
CA PHE H 294 -2.71 35.34 23.90
C PHE H 294 -1.86 34.08 24.07
N ASP H 295 -1.55 33.34 23.00
CA ASP H 295 -0.68 32.19 23.16
C ASP H 295 0.77 32.62 23.30
N ALA H 296 1.61 31.69 23.74
CA ALA H 296 3.02 31.98 23.97
C ALA H 296 3.77 32.23 22.68
N LYS H 297 3.36 31.59 21.58
CA LYS H 297 4.14 31.61 20.35
C LYS H 297 4.01 32.91 19.58
N ASN H 298 2.97 33.70 19.82
CA ASN H 298 2.80 34.94 19.06
C ASN H 298 3.72 36.05 19.56
N MET H 299 4.28 35.91 20.75
CA MET H 299 5.14 36.95 21.27
C MET H 299 6.47 36.98 20.53
N MET H 300 6.80 38.15 19.97
CA MET H 300 8.06 38.29 19.23
C MET H 300 9.26 38.29 20.17
N ALA H 301 9.05 38.53 21.45
CA ALA H 301 10.03 38.22 22.47
C ALA H 301 9.79 36.78 22.94
N ALA H 302 10.82 35.95 22.83
CA ALA H 302 10.69 34.54 23.18
C ALA H 302 10.58 34.40 24.69
N CYS H 303 9.35 34.32 25.19
CA CYS H 303 9.11 34.17 26.61
C CYS H 303 7.78 33.45 26.79
N ASP H 304 7.69 32.68 27.86
CA ASP H 304 6.45 31.96 28.16
C ASP H 304 5.64 32.77 29.17
N PRO H 305 4.42 33.19 28.81
CA PRO H 305 3.53 33.79 29.81
C PRO H 305 3.10 32.82 30.90
N ARG H 306 3.19 31.51 30.65
CA ARG H 306 2.92 30.54 31.71
C ARG H 306 4.00 30.58 32.78
N HIS H 307 5.23 30.89 32.42
CA HIS H 307 6.30 31.05 33.40
C HIS H 307 6.49 32.52 33.78
N GLY H 308 5.41 33.13 34.23
CA GLY H 308 5.44 34.52 34.61
C GLY H 308 4.06 35.04 34.94
N ARG H 309 3.99 36.34 35.20
CA ARG H 309 2.73 37.00 35.53
C ARG H 309 2.65 38.33 34.79
N TYR H 310 1.49 38.58 34.16
CA TYR H 310 1.24 39.86 33.53
C TYR H 310 1.02 40.95 34.56
N LEU H 311 1.09 42.19 34.08
CA LEU H 311 0.62 43.34 34.84
C LEU H 311 -0.49 44.09 34.12
N THR H 312 -0.26 44.50 32.87
CA THR H 312 -1.26 45.20 32.08
C THR H 312 -1.27 44.63 30.67
N VAL H 313 -2.36 44.92 29.95
CA VAL H 313 -2.60 44.41 28.60
C VAL H 313 -3.20 45.54 27.77
N ALA H 314 -2.56 45.88 26.66
CA ALA H 314 -3.13 46.79 25.68
C ALA H 314 -3.43 46.02 24.40
N ALA H 315 -4.41 46.51 23.64
CA ALA H 315 -4.79 45.87 22.39
C ALA H 315 -5.30 46.94 21.44
N VAL H 316 -4.70 47.01 20.26
CA VAL H 316 -5.08 47.98 19.24
C VAL H 316 -5.59 47.24 18.02
N PHE H 317 -6.83 47.49 17.66
CA PHE H 317 -7.46 46.86 16.51
C PHE H 317 -7.42 47.79 15.31
N ARG H 318 -7.57 47.19 14.12
CA ARG H 318 -7.66 47.96 12.88
C ARG H 318 -8.80 47.42 12.03
N GLY H 319 -9.44 48.31 11.29
CA GLY H 319 -10.57 47.94 10.46
C GLY H 319 -11.90 48.04 11.20
N ARG H 320 -12.97 48.12 10.42
CA ARG H 320 -14.31 48.27 10.99
C ARG H 320 -14.76 46.97 11.62
N MET H 321 -15.36 47.06 12.80
CA MET H 321 -15.76 45.89 13.56
C MET H 321 -16.80 46.30 14.60
N SER H 322 -17.52 45.30 15.09
CA SER H 322 -18.52 45.51 16.14
C SER H 322 -17.82 45.50 17.49
N MET H 323 -18.60 45.48 18.57
CA MET H 323 -18.02 45.65 19.90
C MET H 323 -18.26 44.49 20.84
N LYS H 324 -19.48 43.97 20.94
CA LYS H 324 -19.70 42.83 21.83
C LYS H 324 -19.01 41.57 21.30
N GLU H 325 -18.81 41.51 19.98
CA GLU H 325 -17.91 40.53 19.40
C GLU H 325 -16.48 40.72 19.89
N VAL H 326 -16.09 41.94 20.20
CA VAL H 326 -14.76 42.22 20.73
C VAL H 326 -14.76 42.15 22.25
N ASP H 327 -15.73 42.81 22.90
CA ASP H 327 -15.64 43.09 24.33
C ASP H 327 -15.73 41.84 25.18
N GLU H 328 -16.65 40.93 24.85
CA GLU H 328 -16.74 39.67 25.58
C GLU H 328 -15.51 38.80 25.35
N GLN H 329 -14.99 38.83 24.13
CA GLN H 329 -13.71 38.18 23.86
C GLN H 329 -12.58 38.88 24.62
N MET H 330 -12.68 40.19 24.78
CA MET H 330 -11.69 40.91 25.59
C MET H 330 -12.00 40.90 27.07
N LEU H 331 -12.97 40.08 27.50
CA LEU H 331 -13.26 39.94 28.92
C LEU H 331 -13.13 38.49 29.38
N ASN H 332 -13.60 37.56 28.56
CA ASN H 332 -13.66 36.16 28.98
C ASN H 332 -12.28 35.53 29.02
N VAL H 333 -11.35 35.99 28.16
CA VAL H 333 -10.03 35.37 28.11
C VAL H 333 -9.19 35.72 29.33
N GLN H 334 -9.59 36.73 30.10
CA GLN H 334 -8.94 36.98 31.38
C GLN H 334 -9.34 35.93 32.42
N ASN H 335 -10.48 35.26 32.22
CA ASN H 335 -10.97 34.29 33.20
C ASN H 335 -10.48 32.87 32.92
N LYS H 336 -10.22 32.52 31.67
CA LYS H 336 -9.68 31.18 31.43
C LYS H 336 -8.20 31.11 31.80
N ASN H 337 -7.44 32.17 31.55
CA ASN H 337 -6.07 32.29 32.04
C ASN H 337 -6.03 33.15 33.31
N SER H 338 -6.80 32.73 34.31
CA SER H 338 -7.08 33.57 35.47
C SER H 338 -5.86 33.70 36.39
N SER H 339 -5.24 32.57 36.73
CA SER H 339 -4.12 32.60 37.67
C SER H 339 -2.85 33.17 37.05
N TYR H 340 -2.80 33.30 35.73
CA TYR H 340 -1.59 33.81 35.09
C TYR H 340 -1.46 35.32 35.27
N PHE H 341 -2.56 36.02 35.48
CA PHE H 341 -2.51 37.45 35.71
C PHE H 341 -2.15 37.75 37.17
N VAL H 342 -2.33 39.01 37.57
CA VAL H 342 -2.06 39.42 38.93
C VAL H 342 -3.37 39.97 39.51
N GLU H 343 -3.44 39.97 40.84
CA GLU H 343 -4.70 40.18 41.54
C GLU H 343 -5.13 41.63 41.53
N TRP H 344 -4.19 42.55 41.73
CA TRP H 344 -4.47 43.92 42.16
C TRP H 344 -4.89 44.87 41.04
N ILE H 345 -5.27 44.38 39.86
CA ILE H 345 -5.85 45.22 38.81
C ILE H 345 -7.16 44.61 38.34
N PRO H 346 -8.28 45.30 38.48
CA PRO H 346 -9.51 44.85 37.81
C PRO H 346 -9.53 45.33 36.36
N ASN H 347 -9.77 44.39 35.45
CA ASN H 347 -9.96 44.62 34.00
C ASN H 347 -8.73 45.31 33.39
N ASN H 348 -7.65 44.54 33.35
CA ASN H 348 -6.36 45.00 32.87
C ASN H 348 -6.22 44.96 31.35
N VAL H 349 -7.32 44.85 30.63
CA VAL H 349 -7.30 44.72 29.18
C VAL H 349 -7.68 46.07 28.60
N LYS H 350 -6.71 46.77 28.03
CA LYS H 350 -6.97 48.05 27.38
C LYS H 350 -7.30 47.80 25.91
N THR H 351 -8.45 48.29 25.48
CA THR H 351 -8.95 48.06 24.13
C THR H 351 -8.81 49.34 23.32
N ALA H 352 -8.41 49.20 22.06
CA ALA H 352 -8.30 50.35 21.17
C ALA H 352 -8.74 49.93 19.78
N VAL H 353 -9.71 50.66 19.22
CA VAL H 353 -10.33 50.28 17.95
C VAL H 353 -10.20 51.46 16.99
N CYS H 354 -9.34 51.32 16.00
CA CYS H 354 -9.33 52.25 14.89
C CYS H 354 -10.39 51.86 13.88
N ASP H 355 -10.57 52.70 12.86
CA ASP H 355 -11.54 52.41 11.81
C ASP H 355 -10.91 52.33 10.44
N ILE H 356 -9.60 52.06 10.36
CA ILE H 356 -8.90 51.89 9.09
C ILE H 356 -8.07 50.61 9.15
N PRO H 357 -8.28 49.68 8.23
CA PRO H 357 -7.50 48.44 8.24
C PRO H 357 -6.14 48.66 7.60
N PRO H 358 -5.25 47.67 7.65
CA PRO H 358 -4.07 47.72 6.77
C PRO H 358 -4.47 47.62 5.31
N ARG H 359 -3.56 48.04 4.44
CA ARG H 359 -3.77 47.89 3.01
C ARG H 359 -3.67 46.41 2.67
N GLY H 360 -4.81 45.73 2.64
CA GLY H 360 -4.80 44.28 2.62
C GLY H 360 -6.04 43.68 3.23
N LEU H 361 -5.84 42.84 4.26
CA LEU H 361 -6.93 42.10 4.88
C LEU H 361 -7.90 43.03 5.61
N LYS H 362 -9.07 42.47 5.93
CA LYS H 362 -10.20 43.30 6.36
C LYS H 362 -10.05 43.78 7.79
N MET H 363 -9.62 42.91 8.71
CA MET H 363 -9.43 43.32 10.09
C MET H 363 -8.07 42.85 10.59
N SER H 364 -7.53 43.59 11.54
CA SER H 364 -6.20 43.32 12.08
C SER H 364 -6.14 43.85 13.50
N ALA H 365 -5.24 43.27 14.29
CA ALA H 365 -5.11 43.61 15.69
C ALA H 365 -3.64 43.67 16.07
N THR H 366 -3.30 44.59 16.95
CA THR H 366 -1.95 44.72 17.45
C THR H 366 -1.96 44.60 18.96
N PHE H 367 -1.21 43.64 19.48
CA PHE H 367 -1.17 43.36 20.89
C PHE H 367 0.07 44.00 21.52
N ILE H 368 -0.13 44.67 22.65
CA ILE H 368 0.95 45.26 23.42
C ILE H 368 0.86 44.66 24.82
N GLY H 369 1.84 43.83 25.16
CA GLY H 369 1.82 43.07 26.39
C GLY H 369 2.86 43.53 27.38
N ASN H 370 2.62 43.23 28.65
CA ASN H 370 3.56 43.51 29.74
C ASN H 370 3.44 42.38 30.75
N SER H 371 4.56 41.73 31.04
CA SER H 371 4.55 40.60 31.95
C SER H 371 5.88 40.54 32.70
N THR H 372 5.95 39.62 33.66
CA THR H 372 7.18 39.35 34.39
C THR H 372 7.99 38.23 33.75
N ALA H 373 7.67 37.84 32.53
CA ALA H 373 8.40 36.77 31.88
C ALA H 373 9.75 37.22 31.36
N ILE H 374 9.93 38.52 31.16
CA ILE H 374 11.14 39.02 30.51
C ILE H 374 12.34 39.00 31.45
N GLN H 375 12.13 39.11 32.77
CA GLN H 375 13.24 39.13 33.72
C GLN H 375 14.00 37.81 33.77
N GLU H 376 13.35 36.70 33.39
CA GLU H 376 14.04 35.42 33.35
C GLU H 376 15.02 35.34 32.19
N LEU H 377 14.82 36.16 31.15
CA LEU H 377 15.81 36.24 30.08
C LEU H 377 17.05 36.99 30.55
N PHE H 378 16.88 37.98 31.43
CA PHE H 378 18.00 38.77 31.88
C PHE H 378 18.92 37.99 32.82
N LYS H 379 18.38 37.01 33.53
CA LYS H 379 19.21 36.15 34.36
C LYS H 379 20.13 35.30 33.52
N ARG H 380 19.70 34.93 32.31
CA ARG H 380 20.62 34.39 31.33
C ARG H 380 21.63 35.44 30.90
N ILE H 381 21.17 36.66 30.64
CA ILE H 381 22.04 37.72 30.15
C ILE H 381 23.01 38.16 31.25
N SER H 382 22.54 38.21 32.50
CA SER H 382 23.45 38.47 33.62
C SER H 382 24.42 37.31 33.81
N GLU H 383 24.00 36.08 33.49
CA GLU H 383 24.93 34.97 33.48
C GLU H 383 25.91 35.08 32.33
N GLN H 384 25.41 35.50 31.15
CA GLN H 384 26.29 35.74 30.00
C GLN H 384 27.25 36.89 30.27
N PHE H 385 26.82 37.89 31.05
CA PHE H 385 27.74 38.95 31.45
C PHE H 385 28.80 38.42 32.39
N THR H 386 28.38 37.72 33.45
CA THR H 386 29.33 37.29 34.47
C THR H 386 30.24 36.17 33.99
N ALA H 387 29.81 35.40 32.98
CA ALA H 387 30.69 34.37 32.42
C ALA H 387 31.89 34.98 31.73
N MET H 388 31.69 36.12 31.09
CA MET H 388 32.77 36.86 30.47
C MET H 388 33.37 37.89 31.42
N PHE H 389 32.89 37.95 32.66
CA PHE H 389 33.39 38.90 33.65
C PHE H 389 34.06 38.23 34.83
N ARG H 390 33.73 36.98 35.15
CA ARG H 390 34.41 36.31 36.26
C ARG H 390 35.86 35.97 35.93
N ARG H 391 36.23 35.97 34.66
CA ARG H 391 37.62 35.98 34.26
C ARG H 391 38.13 37.37 33.92
N LYS H 392 37.22 38.36 33.89
CA LYS H 392 37.52 39.76 33.55
C LYS H 392 38.18 39.88 32.18
N ALA H 393 37.62 39.18 31.20
CA ALA H 393 38.08 39.29 29.83
C ALA H 393 37.47 40.51 29.17
N PHE H 394 38.04 40.87 28.00
CA PHE H 394 37.55 41.93 27.11
C PHE H 394 37.51 43.29 27.80
N LEU H 395 38.40 43.51 28.77
CA LEU H 395 38.39 44.75 29.54
C LEU H 395 39.30 45.81 28.95
N HIS H 396 40.38 45.39 28.29
CA HIS H 396 41.41 46.30 27.79
C HIS H 396 40.92 47.21 26.68
N TRP H 397 39.84 46.83 25.98
CA TRP H 397 39.20 47.77 25.06
C TRP H 397 38.53 48.89 25.84
N TYR H 398 37.72 48.54 26.84
CA TYR H 398 37.06 49.54 27.66
C TYR H 398 38.05 50.25 28.57
N THR H 399 39.13 49.58 28.97
CA THR H 399 40.21 50.25 29.66
C THR H 399 40.96 51.19 28.73
N GLY H 400 41.12 50.79 27.46
CA GLY H 400 41.71 51.69 26.48
C GLY H 400 40.85 52.90 26.21
N GLU H 401 39.52 52.75 26.30
CA GLU H 401 38.64 53.90 26.28
C GLU H 401 38.56 54.56 27.64
N GLY H 402 38.78 53.80 28.71
CA GLY H 402 38.83 54.33 30.06
C GLY H 402 37.54 54.11 30.85
N MET H 403 37.53 53.08 31.69
CA MET H 403 36.35 52.77 32.48
C MET H 403 36.75 51.85 33.63
N ASP H 404 36.27 52.16 34.83
CA ASP H 404 36.51 51.34 35.99
C ASP H 404 35.60 50.10 35.98
N GLU H 405 35.84 49.21 36.95
CA GLU H 405 34.98 48.05 37.10
C GLU H 405 33.62 48.41 37.67
N MET H 406 33.56 49.52 38.42
CA MET H 406 32.33 49.90 39.12
C MET H 406 31.23 50.30 38.15
N GLU H 407 31.60 50.91 37.01
CA GLU H 407 30.62 51.20 35.98
C GLU H 407 30.08 49.92 35.35
N PHE H 408 30.94 48.90 35.22
CA PHE H 408 30.43 47.58 34.85
C PHE H 408 29.62 46.97 35.98
N THR H 409 30.04 47.19 37.22
CA THR H 409 29.42 46.48 38.33
C THR H 409 28.08 47.08 38.72
N GLU H 410 27.99 48.41 38.77
CA GLU H 410 26.74 49.06 39.16
C GLU H 410 25.67 48.90 38.09
N ALA H 411 26.05 48.90 36.82
CA ALA H 411 25.10 48.61 35.74
C ALA H 411 24.64 47.17 35.80
N GLU H 412 25.54 46.25 36.16
CA GLU H 412 25.14 44.89 36.44
C GLU H 412 24.27 44.83 37.70
N SER H 413 24.58 45.68 38.68
CA SER H 413 23.70 45.81 39.84
C SER H 413 22.39 46.47 39.45
N ASN H 414 22.44 47.43 38.53
CA ASN H 414 21.19 48.06 38.07
C ASN H 414 20.41 47.11 37.17
N MET H 415 21.11 46.23 36.46
CA MET H 415 20.43 45.11 35.81
C MET H 415 19.78 44.21 36.86
N ASN H 416 20.47 43.97 37.97
CA ASN H 416 19.87 43.23 39.07
C ASN H 416 18.80 44.05 39.79
N ASP H 417 18.85 45.37 39.68
CA ASP H 417 17.75 46.17 40.19
C ASP H 417 16.50 46.01 39.35
N LEU H 418 16.66 45.74 38.05
CA LEU H 418 15.53 45.30 37.23
C LEU H 418 15.08 43.91 37.63
N VAL H 419 16.03 43.06 38.03
CA VAL H 419 15.70 41.73 38.52
C VAL H 419 14.93 41.83 39.83
N SER H 420 15.37 42.71 40.72
CA SER H 420 14.77 42.80 42.05
C SER H 420 13.38 43.43 42.03
N GLU H 421 12.96 44.01 40.91
CA GLU H 421 11.68 44.70 40.86
C GLU H 421 10.63 43.99 40.02
N TYR H 422 10.99 43.37 38.90
CA TYR H 422 10.02 42.52 38.22
C TYR H 422 9.74 41.24 38.99
N GLN H 423 10.68 40.81 39.83
CA GLN H 423 10.41 39.67 40.70
C GLN H 423 9.54 40.09 41.88
N GLN H 424 9.65 41.35 42.28
CA GLN H 424 8.96 41.86 43.47
C GLN H 424 7.45 41.87 43.26
N TYR H 425 6.99 42.43 42.16
CA TYR H 425 5.56 42.42 41.88
C TYR H 425 5.09 41.05 41.41
N GLN H 426 6.00 40.21 40.91
CA GLN H 426 5.61 38.85 40.57
C GLN H 426 5.41 38.02 41.83
N ASP H 427 6.26 38.23 42.85
CA ASP H 427 6.08 37.55 44.12
C ASP H 427 4.82 38.03 44.82
N ALA H 428 4.48 39.31 44.64
CA ALA H 428 3.22 39.81 45.15
C ALA H 428 2.06 39.35 44.27
N THR H 429 0.86 39.38 44.84
CA THR H 429 -0.36 39.09 44.10
C THR H 429 -1.52 39.86 44.72
N MET I 1 74.11 42.05 -10.44
CA MET I 1 74.92 42.38 -9.28
C MET I 1 75.50 41.11 -8.64
N ARG I 2 76.23 41.30 -7.53
CA ARG I 2 76.86 40.23 -6.74
C ARG I 2 77.80 39.39 -7.59
N GLU I 3 78.69 40.07 -8.31
CA GLU I 3 79.60 39.41 -9.23
C GLU I 3 80.71 38.69 -8.48
N ILE I 4 81.32 37.72 -9.17
CA ILE I 4 82.25 36.77 -8.59
C ILE I 4 83.55 36.79 -9.39
N VAL I 5 84.67 36.94 -8.69
CA VAL I 5 86.00 36.98 -9.30
C VAL I 5 86.63 35.60 -9.17
N HIS I 6 87.22 35.12 -10.26
CA HIS I 6 87.75 33.76 -10.35
C HIS I 6 89.27 33.80 -10.38
N ILE I 7 89.91 32.99 -9.53
CA ILE I 7 91.36 32.87 -9.47
C ILE I 7 91.72 31.41 -9.65
N GLN I 8 92.75 31.16 -10.45
CA GLN I 8 93.29 29.81 -10.59
C GLN I 8 94.73 29.77 -10.11
N ALA I 9 95.26 28.56 -10.02
CA ALA I 9 96.64 28.31 -9.65
C ALA I 9 96.99 26.90 -10.09
N GLY I 10 98.23 26.51 -9.79
CA GLY I 10 98.67 25.14 -9.99
C GLY I 10 98.75 24.75 -11.45
N GLN I 11 98.69 23.44 -11.68
CA GLN I 11 98.66 22.86 -13.01
C GLN I 11 97.44 21.98 -13.23
N CYS I 12 97.01 21.25 -12.20
CA CYS I 12 95.73 20.54 -12.27
C CYS I 12 94.55 21.49 -12.30
N GLY I 13 94.56 22.49 -11.42
CA GLY I 13 93.41 23.37 -11.29
C GLY I 13 93.17 24.24 -12.51
N ASN I 14 94.21 24.47 -13.30
CA ASN I 14 94.03 25.26 -14.52
C ASN I 14 93.30 24.47 -15.58
N GLN I 15 93.65 23.19 -15.74
CA GLN I 15 92.99 22.35 -16.72
C GLN I 15 91.54 22.07 -16.34
N ILE I 16 91.23 22.10 -15.04
CA ILE I 16 89.84 22.02 -14.59
C ILE I 16 89.09 23.27 -15.04
N GLY I 17 89.67 24.44 -14.78
CA GLY I 17 89.08 25.67 -15.27
C GLY I 17 89.11 25.79 -16.77
N ALA I 18 90.06 25.11 -17.42
CA ALA I 18 90.05 25.01 -18.88
C ALA I 18 88.88 24.19 -19.39
N LYS I 19 88.29 23.35 -18.54
CA LYS I 19 87.04 22.67 -18.83
C LYS I 19 85.84 23.35 -18.18
N PHE I 20 86.05 23.98 -17.02
CA PHE I 20 84.95 24.61 -16.28
C PHE I 20 84.40 25.82 -17.03
N TRP I 21 85.26 26.63 -17.60
CA TRP I 21 84.76 27.78 -18.35
C TRP I 21 84.12 27.35 -19.67
N GLU I 22 84.45 26.17 -20.17
CA GLU I 22 83.69 25.60 -21.28
C GLU I 22 82.28 25.22 -20.83
N VAL I 23 82.12 24.79 -19.58
CA VAL I 23 80.80 24.50 -19.04
C VAL I 23 79.99 25.79 -18.92
N ILE I 24 80.62 26.85 -18.41
CA ILE I 24 79.93 28.13 -18.25
C ILE I 24 79.66 28.77 -19.61
N SER I 25 80.42 28.38 -20.63
CA SER I 25 80.21 28.89 -21.98
C SER I 25 78.87 28.45 -22.55
N ASP I 26 78.55 27.16 -22.39
CA ASP I 26 77.27 26.67 -22.90
C ASP I 26 76.17 26.76 -21.87
N GLU I 27 76.47 27.16 -20.64
CA GLU I 27 75.43 27.52 -19.70
C GLU I 27 75.01 28.98 -19.86
N HIS I 28 75.63 29.70 -20.79
CA HIS I 28 75.25 31.07 -21.11
C HIS I 28 75.26 31.34 -22.60
N GLY I 29 75.38 30.30 -23.42
CA GLY I 29 75.41 30.48 -24.86
C GLY I 29 76.63 31.21 -25.38
N ILE I 30 77.73 31.19 -24.63
CA ILE I 30 78.92 31.92 -25.00
C ILE I 30 79.69 31.10 -26.02
N ASP I 31 80.02 31.73 -27.15
CA ASP I 31 80.79 31.09 -28.20
C ASP I 31 82.25 30.93 -27.76
N PRO I 32 83.08 30.18 -28.51
CA PRO I 32 84.52 30.20 -28.23
C PRO I 32 85.19 31.54 -28.51
N THR I 33 84.55 32.46 -29.24
CA THR I 33 85.15 33.76 -29.48
C THR I 33 85.00 34.70 -28.28
N GLY I 34 83.77 34.93 -27.84
CA GLY I 34 83.51 35.90 -26.81
C GLY I 34 82.21 36.64 -27.01
N SER I 35 81.56 36.38 -28.14
CA SER I 35 80.28 37.00 -28.46
C SER I 35 79.14 36.19 -27.84
N TYR I 36 77.92 36.46 -28.26
CA TYR I 36 76.75 35.81 -27.70
C TYR I 36 75.93 35.17 -28.80
N HIS I 37 75.43 33.96 -28.52
CA HIS I 37 74.60 33.26 -29.50
C HIS I 37 73.41 32.56 -28.87
N GLY I 38 73.15 32.77 -27.58
CA GLY I 38 72.06 32.08 -26.93
C GLY I 38 70.71 32.63 -27.36
N ASP I 39 69.67 31.84 -27.09
CA ASP I 39 68.30 32.21 -27.42
C ASP I 39 67.45 32.49 -26.19
N SER I 40 67.70 31.77 -25.11
CA SER I 40 66.95 31.99 -23.86
C SER I 40 67.45 33.28 -23.22
N ASP I 41 66.52 34.21 -22.97
CA ASP I 41 66.86 35.49 -22.40
C ASP I 41 67.08 35.45 -20.90
N LEU I 42 66.99 34.28 -20.26
CA LEU I 42 67.35 34.18 -18.85
C LEU I 42 68.86 34.16 -18.66
N GLN I 43 69.62 33.90 -19.72
CA GLN I 43 71.08 33.97 -19.64
C GLN I 43 71.57 35.40 -19.53
N LEU I 44 71.04 36.29 -20.39
CA LEU I 44 71.49 37.67 -20.44
C LEU I 44 71.06 38.47 -19.22
N GLU I 45 70.05 38.01 -18.50
CA GLU I 45 69.54 38.73 -17.34
C GLU I 45 70.52 38.69 -16.17
N ARG I 46 71.32 37.63 -16.06
CA ARG I 46 72.33 37.53 -15.00
C ARG I 46 73.68 37.15 -15.58
N ILE I 47 74.00 37.64 -16.79
CA ILE I 47 75.25 37.29 -17.46
C ILE I 47 76.47 37.88 -16.75
N ASN I 48 76.27 38.96 -15.99
CA ASN I 48 77.37 39.75 -15.47
C ASN I 48 78.19 39.04 -14.40
N VAL I 49 77.64 38.01 -13.76
CA VAL I 49 78.25 37.50 -12.53
C VAL I 49 79.54 36.73 -12.82
N TYR I 50 79.65 36.06 -13.96
CA TYR I 50 80.89 35.43 -14.35
C TYR I 50 81.55 36.06 -15.57
N TYR I 51 81.01 37.16 -16.09
CA TYR I 51 81.56 37.75 -17.31
C TYR I 51 81.45 39.26 -17.26
N ASN I 52 82.54 39.94 -17.56
CA ASN I 52 82.45 41.36 -17.90
C ASN I 52 82.00 41.50 -19.34
N GLU I 53 80.92 42.25 -19.55
CA GLU I 53 80.51 42.58 -20.91
C GLU I 53 81.39 43.72 -21.39
N ALA I 54 82.40 43.38 -22.19
CA ALA I 54 83.33 44.39 -22.69
C ALA I 54 82.69 45.18 -23.82
N ALA I 55 83.43 46.14 -24.35
CA ALA I 55 82.90 47.07 -25.33
C ALA I 55 82.70 46.40 -26.68
N GLY I 56 81.56 46.68 -27.30
CA GLY I 56 81.29 46.17 -28.63
C GLY I 56 80.94 44.70 -28.69
N ASN I 57 79.80 44.33 -28.08
CA ASN I 57 79.20 43.00 -28.16
C ASN I 57 80.12 41.91 -27.63
N LYS I 58 80.96 42.25 -26.67
CA LYS I 58 81.95 41.32 -26.16
C LYS I 58 81.59 40.82 -24.77
N TYR I 59 82.13 39.65 -24.44
CA TYR I 59 82.01 39.07 -23.11
C TYR I 59 83.33 38.38 -22.80
N VAL I 60 83.94 38.75 -21.68
CA VAL I 60 85.23 38.18 -21.30
C VAL I 60 85.10 37.44 -19.99
N PRO I 61 85.82 36.33 -19.82
CA PRO I 61 85.75 35.57 -18.56
C PRO I 61 86.43 36.34 -17.44
N ARG I 62 85.66 36.69 -16.42
CA ARG I 62 86.19 37.35 -15.23
C ARG I 62 86.97 36.31 -14.45
N ALA I 63 88.22 36.10 -14.86
CA ALA I 63 89.03 35.03 -14.32
C ALA I 63 90.50 35.45 -14.33
N ILE I 64 91.25 34.93 -13.36
CA ILE I 64 92.66 35.27 -13.19
C ILE I 64 93.46 33.97 -13.26
N LEU I 65 94.19 33.80 -14.36
CA LEU I 65 94.97 32.60 -14.60
C LEU I 65 96.39 32.81 -14.09
N VAL I 66 96.87 31.91 -13.23
CA VAL I 66 98.15 32.04 -12.57
C VAL I 66 98.93 30.74 -12.69
N ASP I 67 100.14 30.80 -13.24
CA ASP I 67 101.07 29.67 -13.23
C ASP I 67 102.44 30.23 -12.89
N LEU I 68 103.46 29.37 -12.89
CA LEU I 68 104.84 29.78 -12.69
C LEU I 68 105.78 29.31 -13.80
N GLU I 69 105.24 28.75 -14.88
CA GLU I 69 106.04 28.39 -16.04
C GLU I 69 105.17 28.57 -17.29
N PRO I 70 105.74 29.00 -18.42
CA PRO I 70 104.91 29.37 -19.57
C PRO I 70 104.30 28.20 -20.34
N GLY I 71 104.43 26.96 -19.85
CA GLY I 71 103.92 25.83 -20.61
C GLY I 71 102.40 25.75 -20.59
N THR I 72 101.80 25.79 -19.41
CA THR I 72 100.35 25.57 -19.31
C THR I 72 99.57 26.75 -19.83
N MET I 73 100.12 27.96 -19.74
CA MET I 73 99.48 29.11 -20.34
C MET I 73 99.51 29.02 -21.86
N ASP I 74 100.57 28.43 -22.40
CA ASP I 74 100.63 28.20 -23.84
C ASP I 74 99.63 27.14 -24.27
N SER I 75 99.41 26.12 -23.43
CA SER I 75 98.49 25.05 -23.80
C SER I 75 97.04 25.52 -23.76
N VAL I 76 96.72 26.46 -22.86
CA VAL I 76 95.36 26.99 -22.81
C VAL I 76 95.09 27.88 -24.02
N ARG I 77 96.01 28.80 -24.30
CA ARG I 77 95.81 29.79 -25.36
C ARG I 77 95.84 29.17 -26.75
N SER I 78 96.46 28.00 -26.91
CA SER I 78 96.52 27.36 -28.21
C SER I 78 95.33 26.44 -28.45
N GLY I 79 94.84 25.78 -27.42
CA GLY I 79 93.72 24.88 -27.55
C GLY I 79 92.39 25.59 -27.56
N PRO I 80 91.35 24.91 -27.09
CA PRO I 80 90.02 25.52 -27.07
C PRO I 80 89.86 26.52 -25.94
N PHE I 81 89.09 27.56 -26.22
CA PHE I 81 88.71 28.60 -25.25
C PHE I 81 89.93 29.30 -24.65
N GLY I 82 90.92 29.57 -25.49
CA GLY I 82 92.10 30.30 -25.06
C GLY I 82 92.07 31.73 -25.53
N GLN I 83 91.53 31.94 -26.73
CA GLN I 83 91.34 33.30 -27.24
C GLN I 83 90.14 33.99 -26.63
N ILE I 84 89.32 33.26 -25.87
CA ILE I 84 88.17 33.90 -25.23
C ILE I 84 88.62 34.74 -24.04
N PHE I 85 89.74 34.38 -23.41
CA PHE I 85 90.23 35.12 -22.26
C PHE I 85 90.85 36.44 -22.69
N ARG I 86 91.13 37.26 -21.71
CA ARG I 86 91.85 38.50 -21.99
C ARG I 86 93.35 38.24 -21.91
N PRO I 87 94.13 38.70 -22.90
CA PRO I 87 95.59 38.53 -22.82
C PRO I 87 96.24 39.34 -21.73
N ASP I 88 95.54 40.33 -21.18
CA ASP I 88 96.05 41.07 -20.04
C ASP I 88 96.07 40.21 -18.77
N ASN I 89 95.21 39.19 -18.71
CA ASN I 89 95.03 38.44 -17.48
C ASN I 89 95.85 37.16 -17.42
N PHE I 90 96.57 36.80 -18.48
CA PHE I 90 97.49 35.68 -18.41
C PHE I 90 98.72 36.10 -17.62
N VAL I 91 98.60 36.03 -16.30
CA VAL I 91 99.63 36.53 -15.40
C VAL I 91 100.35 35.32 -14.84
N PHE I 92 101.59 35.09 -15.29
CA PHE I 92 102.28 33.86 -14.97
C PHE I 92 103.77 34.11 -14.88
N GLY I 93 104.44 33.32 -14.04
CA GLY I 93 105.86 33.43 -13.84
C GLY I 93 106.67 32.72 -14.90
N GLN I 94 107.94 32.47 -14.59
CA GLN I 94 108.87 31.85 -15.53
C GLN I 94 109.67 30.70 -14.95
N SER I 95 109.59 30.44 -13.65
CA SER I 95 110.50 29.49 -13.02
C SER I 95 109.88 28.12 -12.83
N GLY I 96 108.64 28.06 -12.36
CA GLY I 96 108.09 26.79 -11.93
C GLY I 96 108.43 26.53 -10.48
N ALA I 97 107.44 26.11 -9.68
CA ALA I 97 107.62 26.03 -8.24
C ALA I 97 108.50 24.87 -7.79
N GLY I 98 108.88 23.96 -8.70
CA GLY I 98 109.77 22.87 -8.35
C GLY I 98 109.16 21.82 -7.45
N ASN I 99 107.84 21.79 -7.35
CA ASN I 99 107.08 20.92 -6.44
C ASN I 99 107.54 21.12 -4.99
N ASN I 100 107.74 22.38 -4.62
CA ASN I 100 108.10 22.77 -3.28
C ASN I 100 107.03 23.74 -2.78
N TRP I 101 106.52 23.50 -1.57
CA TRP I 101 105.59 24.44 -0.97
C TRP I 101 106.28 25.73 -0.60
N ALA I 102 107.53 25.63 -0.11
CA ALA I 102 108.24 26.80 0.36
C ALA I 102 108.69 27.69 -0.80
N LYS I 103 108.93 27.12 -1.98
CA LYS I 103 109.19 27.94 -3.14
C LYS I 103 107.94 28.70 -3.58
N GLY I 104 106.77 28.07 -3.47
CA GLY I 104 105.54 28.74 -3.85
C GLY I 104 105.01 29.70 -2.81
N HIS I 105 105.56 29.69 -1.60
CA HIS I 105 105.04 30.50 -0.51
C HIS I 105 106.03 31.53 0.02
N TYR I 106 107.33 31.30 -0.11
CA TYR I 106 108.31 32.21 0.45
C TYR I 106 109.14 32.92 -0.61
N THR I 107 109.86 32.16 -1.44
CA THR I 107 110.81 32.80 -2.36
C THR I 107 110.12 33.29 -3.63
N GLU I 108 109.58 32.36 -4.42
CA GLU I 108 108.94 32.74 -5.68
C GLU I 108 107.49 33.15 -5.50
N GLY I 109 106.90 32.92 -4.33
CA GLY I 109 105.54 33.36 -4.09
C GLY I 109 105.44 34.87 -3.92
N ALA I 110 106.53 35.51 -3.46
CA ALA I 110 106.50 36.94 -3.24
C ALA I 110 106.65 37.74 -4.52
N GLU I 111 107.08 37.10 -5.61
CA GLU I 111 107.35 37.82 -6.84
C GLU I 111 106.05 38.17 -7.58
N LEU I 112 105.29 37.14 -7.96
CA LEU I 112 104.14 37.33 -8.82
C LEU I 112 102.89 37.75 -8.06
N VAL I 113 102.95 37.81 -6.73
CA VAL I 113 101.76 38.12 -5.93
C VAL I 113 101.35 39.58 -6.10
N ASP I 114 102.31 40.47 -6.38
CA ASP I 114 101.98 41.87 -6.58
C ASP I 114 101.28 42.08 -7.92
N SER I 115 101.66 41.30 -8.93
CA SER I 115 100.98 41.37 -10.22
C SER I 115 99.57 40.84 -10.12
N VAL I 116 99.31 39.90 -9.21
CA VAL I 116 97.97 39.36 -9.07
C VAL I 116 97.07 40.31 -8.29
N LEU I 117 97.58 40.85 -7.17
CA LEU I 117 96.75 41.65 -6.25
C LEU I 117 96.33 42.98 -6.83
N ASP I 118 96.91 43.44 -7.93
CA ASP I 118 96.32 44.56 -8.64
C ASP I 118 95.17 44.08 -9.52
N VAL I 119 95.33 42.90 -10.14
CA VAL I 119 94.29 42.36 -11.01
C VAL I 119 93.07 41.95 -10.19
N VAL I 120 93.31 41.43 -8.99
CA VAL I 120 92.22 41.23 -8.03
C VAL I 120 91.56 42.55 -7.68
N ARG I 121 92.38 43.59 -7.48
CA ARG I 121 91.86 44.91 -7.15
C ARG I 121 91.17 45.55 -8.34
N LYS I 122 91.68 45.30 -9.56
CA LYS I 122 91.07 45.90 -10.74
C LYS I 122 89.72 45.27 -11.05
N GLU I 123 89.57 43.98 -10.78
CA GLU I 123 88.27 43.37 -10.98
C GLU I 123 87.30 43.72 -9.87
N SER I 124 87.79 43.78 -8.62
CA SER I 124 86.91 44.09 -7.49
C SER I 124 86.46 45.54 -7.50
N GLU I 125 87.28 46.44 -8.05
CA GLU I 125 86.82 47.80 -8.28
C GLU I 125 85.80 47.86 -9.41
N SER I 126 86.01 47.06 -10.45
CA SER I 126 85.11 47.10 -11.61
C SER I 126 83.77 46.45 -11.31
N CYS I 127 83.73 45.51 -10.37
CA CYS I 127 82.47 44.85 -10.03
C CYS I 127 81.57 45.80 -9.25
N ASP I 128 80.28 45.79 -9.60
CA ASP I 128 79.30 46.63 -8.94
C ASP I 128 79.13 46.21 -7.48
N CYS I 129 78.69 44.97 -7.27
CA CYS I 129 78.69 44.36 -5.95
C CYS I 129 79.48 43.07 -6.04
N LEU I 130 80.29 42.80 -5.02
CA LEU I 130 81.14 41.62 -5.03
C LEU I 130 80.59 40.57 -4.09
N GLN I 131 80.53 39.33 -4.57
CA GLN I 131 79.97 38.23 -3.79
C GLN I 131 81.04 37.46 -3.04
N GLY I 132 82.00 36.91 -3.77
CA GLY I 132 83.06 36.13 -3.15
C GLY I 132 84.04 35.65 -4.19
N PHE I 133 85.13 35.04 -3.71
CA PHE I 133 86.22 34.60 -4.56
C PHE I 133 86.30 33.09 -4.55
N GLN I 134 86.72 32.52 -5.68
CA GLN I 134 86.80 31.08 -5.85
C GLN I 134 88.17 30.71 -6.42
N LEU I 135 88.68 29.56 -5.97
CA LEU I 135 90.03 29.15 -6.31
C LEU I 135 90.05 27.67 -6.66
N THR I 136 90.75 27.34 -7.75
CA THR I 136 90.87 25.96 -8.22
C THR I 136 92.35 25.66 -8.45
N HIS I 137 92.86 24.68 -7.71
CA HIS I 137 94.30 24.45 -7.65
C HIS I 137 94.53 23.00 -7.21
N SER I 138 95.76 22.69 -6.82
CA SER I 138 96.11 21.39 -6.28
C SER I 138 96.48 21.51 -4.81
N LEU I 139 96.58 20.37 -4.14
CA LEU I 139 97.27 20.29 -2.88
C LEU I 139 98.47 19.36 -2.93
N GLY I 140 98.86 18.93 -4.13
CA GLY I 140 99.97 18.01 -4.27
C GLY I 140 101.18 18.64 -4.93
N GLY I 141 100.95 19.56 -5.85
CA GLY I 141 102.03 20.19 -6.58
C GLY I 141 102.72 21.29 -5.79
N GLY I 142 103.46 22.12 -6.50
CA GLY I 142 104.13 23.24 -5.87
C GLY I 142 103.34 24.52 -6.04
N THR I 143 102.93 24.80 -7.28
CA THR I 143 102.23 26.04 -7.57
C THR I 143 100.83 26.03 -6.97
N GLY I 144 100.16 24.88 -6.97
CA GLY I 144 98.86 24.78 -6.33
C GLY I 144 98.92 24.83 -4.83
N SER I 145 100.05 24.46 -4.24
CA SER I 145 100.18 24.42 -2.78
C SER I 145 100.52 25.80 -2.22
N GLY I 146 101.66 26.36 -2.63
CA GLY I 146 102.15 27.55 -1.96
C GLY I 146 101.53 28.83 -2.48
N MET I 147 101.39 28.94 -3.80
CA MET I 147 101.00 30.20 -4.41
C MET I 147 99.55 30.53 -4.14
N GLY I 148 98.66 29.54 -4.17
CA GLY I 148 97.27 29.79 -3.87
C GLY I 148 97.02 30.10 -2.41
N THR I 149 97.71 29.37 -1.52
CA THR I 149 97.54 29.61 -0.09
C THR I 149 98.16 30.91 0.36
N LEU I 150 99.14 31.44 -0.36
CA LEU I 150 99.70 32.73 0.00
C LEU I 150 98.74 33.85 -0.33
N LEU I 151 97.87 33.65 -1.32
CA LEU I 151 96.94 34.70 -1.73
C LEU I 151 95.83 34.92 -0.71
N ILE I 152 95.28 33.83 -0.16
CA ILE I 152 94.04 33.89 0.59
C ILE I 152 94.23 34.58 1.93
N SER I 153 95.41 34.45 2.53
CA SER I 153 95.71 35.19 3.74
C SER I 153 95.79 36.69 3.48
N LYS I 154 96.23 37.08 2.28
CA LYS I 154 96.23 38.49 1.93
C LYS I 154 94.84 38.99 1.63
N ILE I 155 93.95 38.09 1.20
CA ILE I 155 92.58 38.48 0.90
C ILE I 155 91.75 38.60 2.16
N ARG I 156 91.99 37.74 3.16
CA ARG I 156 91.32 37.88 4.45
C ARG I 156 91.76 39.14 5.17
N GLU I 157 93.00 39.60 4.94
CA GLU I 157 93.39 40.92 5.39
C GLU I 157 92.63 42.03 4.67
N GLU I 158 92.20 41.78 3.44
CA GLU I 158 91.41 42.77 2.71
C GLU I 158 89.94 42.74 3.11
N TYR I 159 89.27 41.61 2.85
CA TYR I 159 87.81 41.57 2.93
C TYR I 159 87.36 40.65 4.04
N PRO I 160 86.68 41.16 5.07
CA PRO I 160 86.17 40.29 6.13
C PRO I 160 84.88 39.58 5.75
N ASP I 161 84.04 40.23 4.94
CA ASP I 161 82.70 39.72 4.70
C ASP I 161 82.61 38.84 3.46
N ARG I 162 83.56 38.94 2.55
CA ARG I 162 83.48 38.20 1.29
C ARG I 162 83.81 36.72 1.53
N ILE I 163 83.03 35.86 0.90
CA ILE I 163 83.17 34.42 1.10
C ILE I 163 84.35 33.91 0.28
N MET I 164 84.78 32.69 0.59
CA MET I 164 85.96 32.11 -0.07
C MET I 164 85.77 30.61 -0.13
N ASN I 165 85.95 30.04 -1.32
CA ASN I 165 85.86 28.61 -1.50
C ASN I 165 86.97 28.12 -2.40
N THR I 166 87.64 27.06 -1.96
CA THR I 166 88.70 26.42 -2.73
C THR I 166 88.24 25.03 -3.13
N PHE I 167 88.26 24.76 -4.42
CA PHE I 167 87.98 23.42 -4.93
C PHE I 167 89.28 22.62 -5.00
N SER I 168 89.90 22.45 -3.83
CA SER I 168 91.22 21.85 -3.74
C SER I 168 91.14 20.34 -3.70
N VAL I 169 91.91 19.69 -4.57
CA VAL I 169 91.95 18.24 -4.61
C VAL I 169 92.73 17.72 -3.42
N VAL I 170 92.16 16.74 -2.71
CA VAL I 170 92.85 16.09 -1.60
C VAL I 170 94.02 15.29 -2.16
N PRO I 171 95.17 15.23 -1.48
CA PRO I 171 96.21 14.28 -1.89
C PRO I 171 95.73 12.85 -1.81
N SER I 172 96.30 12.03 -2.69
CA SER I 172 95.70 10.75 -3.04
C SER I 172 95.87 9.75 -1.90
N PRO I 173 94.86 8.88 -1.67
CA PRO I 173 94.94 7.92 -0.56
C PRO I 173 96.00 6.84 -0.76
N LYS I 174 95.99 6.17 -1.91
CA LYS I 174 96.80 4.98 -2.10
C LYS I 174 97.83 5.12 -3.20
N VAL I 175 97.44 5.62 -4.38
CA VAL I 175 98.40 5.92 -5.41
C VAL I 175 99.25 7.11 -4.97
N SER I 176 100.53 7.08 -5.29
CA SER I 176 101.45 8.15 -4.91
C SER I 176 102.03 8.76 -6.17
N ASP I 177 101.32 9.73 -6.74
CA ASP I 177 101.86 10.43 -7.90
C ASP I 177 102.89 11.46 -7.46
N THR I 178 102.67 12.10 -6.32
CA THR I 178 103.60 13.06 -5.76
C THR I 178 104.45 12.38 -4.69
N VAL I 179 105.76 12.57 -4.76
CA VAL I 179 106.65 11.98 -3.77
C VAL I 179 106.51 12.69 -2.43
N VAL I 180 106.27 14.00 -2.47
CA VAL I 180 106.27 14.81 -1.25
C VAL I 180 104.85 15.29 -0.96
N GLU I 181 103.87 14.47 -1.31
CA GLU I 181 102.47 14.82 -1.04
C GLU I 181 102.09 15.03 0.43
N PRO I 182 102.77 14.50 1.47
CA PRO I 182 102.49 15.05 2.80
C PRO I 182 103.02 16.46 2.98
N TYR I 183 104.19 16.75 2.42
CA TYR I 183 104.79 18.06 2.55
C TYR I 183 104.07 19.12 1.72
N ASN I 184 103.23 18.71 0.77
CA ASN I 184 102.34 19.64 0.11
C ASN I 184 100.94 19.63 0.68
N ALA I 185 100.62 18.66 1.55
CA ALA I 185 99.34 18.68 2.22
C ALA I 185 99.41 19.45 3.53
N THR I 186 100.33 19.05 4.40
CA THR I 186 100.33 19.52 5.79
C THR I 186 100.64 21.00 5.90
N LEU I 187 101.57 21.49 5.08
CA LEU I 187 101.83 22.92 5.02
C LEU I 187 100.72 23.69 4.33
N SER I 188 99.86 23.00 3.57
CA SER I 188 98.68 23.61 2.99
C SER I 188 97.44 23.45 3.86
N VAL I 189 97.46 22.49 4.81
CA VAL I 189 96.34 22.32 5.74
C VAL I 189 96.21 23.54 6.64
N HIS I 190 97.34 24.08 7.10
CA HIS I 190 97.33 25.19 8.05
C HIS I 190 96.73 26.45 7.46
N GLN I 191 96.92 26.69 6.16
CA GLN I 191 96.33 27.87 5.56
C GLN I 191 94.83 27.70 5.35
N LEU I 192 94.39 26.48 5.04
CA LEU I 192 92.98 26.24 4.79
C LEU I 192 92.15 26.27 6.07
N VAL I 193 92.71 25.83 7.19
CA VAL I 193 91.93 25.80 8.42
C VAL I 193 91.78 27.17 9.07
N GLU I 194 92.61 28.13 8.69
CA GLU I 194 92.53 29.46 9.30
C GLU I 194 91.46 30.32 8.65
N ASN I 195 91.63 30.61 7.37
CA ASN I 195 90.89 31.71 6.74
C ASN I 195 90.34 31.30 5.39
N THR I 196 89.76 30.10 5.32
CA THR I 196 88.91 29.71 4.20
C THR I 196 87.52 29.41 4.74
N ASP I 197 86.52 30.07 4.17
CA ASP I 197 85.18 30.02 4.74
C ASP I 197 84.53 28.67 4.53
N GLU I 198 84.47 28.19 3.28
CA GLU I 198 84.15 26.80 3.01
C GLU I 198 85.24 26.24 2.12
N THR I 199 85.45 24.94 2.20
CA THR I 199 86.57 24.31 1.52
C THR I 199 86.15 22.99 0.93
N TYR I 200 86.28 22.85 -0.38
CA TYR I 200 85.89 21.65 -1.09
C TYR I 200 87.06 20.69 -1.17
N CYS I 201 86.76 19.41 -0.96
CA CYS I 201 87.79 18.39 -0.75
C CYS I 201 87.45 17.18 -1.59
N ILE I 202 88.25 16.89 -2.61
CA ILE I 202 88.00 15.81 -3.56
C ILE I 202 89.17 14.86 -3.55
N ASP I 203 88.91 13.58 -3.29
CA ASP I 203 89.92 12.55 -3.42
C ASP I 203 90.16 12.23 -4.89
N ASN I 204 91.39 11.81 -5.19
CA ASN I 204 91.69 11.40 -6.56
C ASN I 204 91.08 10.06 -6.91
N GLU I 205 91.13 9.10 -5.98
CA GLU I 205 90.85 7.71 -6.30
C GLU I 205 89.36 7.49 -6.56
N ALA I 206 88.50 8.16 -5.80
CA ALA I 206 87.06 8.03 -6.03
C ALA I 206 86.65 8.63 -7.36
N LEU I 207 87.35 9.67 -7.82
CA LEU I 207 87.11 10.22 -9.15
C LEU I 207 87.45 9.20 -10.22
N TYR I 208 88.51 8.43 -10.02
CA TYR I 208 88.76 7.28 -10.88
C TYR I 208 87.66 6.23 -10.72
N ASP I 209 87.11 6.10 -9.52
CA ASP I 209 86.13 5.05 -9.28
C ASP I 209 84.78 5.38 -9.93
N ILE I 210 84.31 6.62 -9.73
CA ILE I 210 83.02 7.04 -10.29
C ILE I 210 83.07 7.05 -11.81
N CYS I 211 84.22 7.40 -12.38
CA CYS I 211 84.39 7.27 -13.83
C CYS I 211 84.50 5.82 -14.28
N PHE I 212 84.66 4.88 -13.37
CA PHE I 212 84.77 3.47 -13.73
C PHE I 212 83.62 2.61 -13.21
N ARG I 213 83.07 2.94 -12.04
CA ARG I 213 82.03 2.09 -11.47
C ARG I 213 80.69 2.31 -12.16
N THR I 214 80.18 3.53 -12.13
CA THR I 214 78.86 3.80 -12.70
C THR I 214 78.91 3.87 -14.22
N LEU I 215 79.88 4.61 -14.77
CA LEU I 215 79.91 4.83 -16.20
C LEU I 215 80.50 3.66 -16.97
N LYS I 216 81.36 2.86 -16.33
CA LYS I 216 82.07 1.72 -16.94
C LYS I 216 82.87 2.16 -18.17
N LEU I 217 83.83 3.03 -17.93
CA LEU I 217 84.67 3.57 -18.99
C LEU I 217 85.97 2.77 -19.10
N THR I 218 86.53 2.77 -20.30
CA THR I 218 87.76 2.03 -20.58
C THR I 218 89.01 2.89 -20.58
N THR I 219 88.98 4.02 -21.29
CA THR I 219 90.12 4.93 -21.38
C THR I 219 89.71 6.33 -20.92
N PRO I 220 89.63 6.55 -19.59
CA PRO I 220 89.17 7.85 -19.08
C PRO I 220 90.25 8.91 -19.19
N THR I 221 89.97 9.97 -19.93
CA THR I 221 90.91 11.08 -20.03
C THR I 221 90.61 12.14 -18.98
N TYR I 222 91.55 13.07 -18.81
CA TYR I 222 91.34 14.19 -17.90
C TYR I 222 90.23 15.10 -18.38
N GLY I 223 89.93 15.08 -19.69
CA GLY I 223 88.73 15.70 -20.21
C GLY I 223 87.45 15.04 -19.74
N ASP I 224 87.53 13.81 -19.22
CA ASP I 224 86.42 13.18 -18.54
C ASP I 224 86.68 12.88 -17.07
N LEU I 225 87.94 12.85 -16.63
CA LEU I 225 88.22 12.88 -15.20
C LEU I 225 87.78 14.19 -14.59
N ASN I 226 88.36 15.29 -15.04
CA ASN I 226 88.11 16.60 -14.45
C ASN I 226 86.79 17.21 -14.87
N HIS I 227 86.04 16.56 -15.75
CA HIS I 227 84.77 17.11 -16.19
C HIS I 227 83.71 17.00 -15.10
N LEU I 228 83.82 16.01 -14.22
CA LEU I 228 82.81 15.82 -13.19
C LEU I 228 82.86 16.92 -12.15
N VAL I 229 84.04 17.47 -11.89
CA VAL I 229 84.12 18.60 -10.97
C VAL I 229 83.59 19.85 -11.65
N SER I 230 83.70 19.91 -12.99
CA SER I 230 83.25 21.08 -13.73
C SER I 230 81.73 21.20 -13.71
N ALA I 231 81.03 20.07 -13.79
CA ALA I 231 79.59 20.10 -13.58
C ALA I 231 79.26 20.31 -12.11
N THR I 232 80.16 19.89 -11.21
CA THR I 232 79.91 20.03 -9.79
C THR I 232 79.96 21.49 -9.36
N MET I 233 80.99 22.22 -9.82
CA MET I 233 81.13 23.63 -9.49
C MET I 233 79.98 24.46 -10.05
N SER I 234 79.47 24.07 -11.23
CA SER I 234 78.36 24.79 -11.82
C SER I 234 77.07 24.58 -11.03
N GLY I 235 76.91 23.41 -10.42
CA GLY I 235 75.73 23.16 -9.61
C GLY I 235 75.72 23.85 -8.27
N VAL I 236 76.85 24.43 -7.87
CA VAL I 236 76.89 25.17 -6.60
C VAL I 236 76.18 26.51 -6.75
N THR I 237 76.39 27.19 -7.88
CA THR I 237 75.85 28.52 -8.09
C THR I 237 74.76 28.55 -9.15
N THR I 238 74.18 27.41 -9.47
CA THR I 238 73.16 27.37 -10.52
C THR I 238 71.83 27.97 -10.08
N CYS I 239 71.62 28.12 -8.77
CA CYS I 239 70.45 28.86 -8.31
C CYS I 239 70.68 30.36 -8.27
N LEU I 240 71.94 30.80 -8.37
CA LEU I 240 72.24 32.22 -8.46
C LEU I 240 71.96 32.74 -9.86
N ARG I 241 72.46 32.04 -10.87
CA ARG I 241 72.48 32.51 -12.24
C ARG I 241 71.11 32.49 -12.91
N PHE I 242 70.12 31.86 -12.29
CA PHE I 242 68.79 31.71 -12.87
C PHE I 242 67.78 31.73 -11.75
N PRO I 243 66.55 32.16 -12.01
CA PRO I 243 65.51 32.09 -10.98
C PRO I 243 65.11 30.66 -10.68
N GLY I 244 64.45 30.48 -9.54
CA GLY I 244 63.99 29.16 -9.15
C GLY I 244 62.74 29.26 -8.31
N GLN I 245 62.17 28.09 -8.02
CA GLN I 245 61.08 28.01 -7.05
C GLN I 245 61.60 28.13 -5.62
N LEU I 246 62.89 27.91 -5.42
CA LEU I 246 63.56 28.17 -4.15
C LEU I 246 65.01 28.48 -4.48
N ASN I 247 65.34 29.77 -4.54
CA ASN I 247 66.66 30.19 -4.99
C ASN I 247 67.70 29.96 -3.90
N ALA I 248 68.97 30.11 -4.29
CA ALA I 248 70.10 29.93 -3.40
C ALA I 248 71.31 30.62 -4.02
N ASP I 249 72.29 30.91 -3.17
CA ASP I 249 73.56 31.48 -3.61
C ASP I 249 74.62 31.06 -2.61
N LEU I 250 75.81 31.65 -2.74
CA LEU I 250 76.97 31.19 -1.97
C LEU I 250 76.91 31.58 -0.50
N ARG I 251 76.12 32.58 -0.14
CA ARG I 251 76.00 32.92 1.27
C ARG I 251 74.97 32.04 1.97
N LYS I 252 73.90 31.65 1.24
CA LYS I 252 72.91 30.74 1.80
C LYS I 252 73.49 29.36 2.04
N LEU I 253 74.42 28.94 1.19
CA LEU I 253 75.06 27.64 1.39
C LEU I 253 76.04 27.67 2.56
N ALA I 254 76.59 28.84 2.86
CA ALA I 254 77.61 28.92 3.91
C ALA I 254 76.98 28.84 5.29
N VAL I 255 75.98 29.68 5.54
CA VAL I 255 75.48 29.85 6.91
C VAL I 255 74.57 28.68 7.29
N ASN I 256 73.93 28.07 6.31
CA ASN I 256 73.16 26.85 6.58
C ASN I 256 74.07 25.70 7.00
N MET I 257 75.19 25.54 6.30
CA MET I 257 75.98 24.34 6.49
C MET I 257 76.91 24.42 7.68
N VAL I 258 77.80 25.41 7.70
CA VAL I 258 78.98 25.40 8.57
C VAL I 258 78.51 25.67 10.00
N PRO I 259 78.64 24.70 10.91
CA PRO I 259 78.08 24.87 12.26
C PRO I 259 78.98 25.65 13.20
N PHE I 260 80.28 25.60 12.94
CA PHE I 260 81.35 26.24 13.69
C PHE I 260 82.44 26.43 12.66
N PRO I 261 83.17 27.55 12.67
CA PRO I 261 84.02 27.92 11.52
C PRO I 261 85.20 27.00 11.29
N ARG I 262 85.58 26.19 12.27
CA ARG I 262 86.67 25.24 12.06
C ARG I 262 86.20 23.95 11.41
N LEU I 263 84.89 23.76 11.24
CA LEU I 263 84.33 22.56 10.60
C LEU I 263 83.60 23.00 9.33
N HIS I 264 84.34 23.10 8.23
CA HIS I 264 83.75 23.57 6.98
C HIS I 264 84.30 22.83 5.76
N PHE I 265 84.78 21.61 5.94
CA PHE I 265 85.44 20.85 4.88
C PHE I 265 84.45 19.86 4.30
N PHE I 266 84.04 20.08 3.07
CA PHE I 266 82.83 19.48 2.52
C PHE I 266 83.14 18.40 1.49
N MET I 267 82.09 17.73 1.05
CA MET I 267 82.16 16.71 0.02
C MET I 267 81.05 16.90 -0.99
N PRO I 268 81.32 16.64 -2.28
CA PRO I 268 80.30 16.87 -3.30
C PRO I 268 79.41 15.67 -3.55
N GLY I 269 78.54 15.79 -4.54
CA GLY I 269 77.72 14.70 -5.02
C GLY I 269 76.93 15.12 -6.24
N PHE I 270 76.93 14.29 -7.28
CA PHE I 270 76.29 14.63 -8.54
C PHE I 270 75.45 13.46 -9.02
N ALA I 271 74.34 13.79 -9.68
CA ALA I 271 73.42 12.81 -10.25
C ALA I 271 72.67 13.50 -11.39
N PRO I 272 72.27 12.77 -12.44
CA PRO I 272 72.41 11.35 -12.75
C PRO I 272 73.67 11.00 -13.55
N LEU I 273 74.02 9.71 -13.55
CA LEU I 273 75.19 9.20 -14.25
C LEU I 273 74.83 7.89 -14.92
N THR I 274 75.00 7.83 -16.24
CA THR I 274 74.67 6.62 -17.00
C THR I 274 75.85 6.19 -17.86
N SER I 275 75.62 5.22 -18.74
CA SER I 275 76.56 4.89 -19.79
C SER I 275 76.08 5.54 -21.09
N ARG I 276 76.74 5.21 -22.20
CA ARG I 276 76.36 5.80 -23.48
C ARG I 276 75.05 5.20 -23.99
N GLY I 277 74.82 3.92 -23.74
CA GLY I 277 73.62 3.25 -24.19
C GLY I 277 72.73 2.82 -23.04
N SER I 278 73.34 2.60 -21.88
CA SER I 278 72.59 2.22 -20.67
C SER I 278 72.07 3.47 -19.95
N GLN I 279 71.22 4.20 -20.67
CA GLN I 279 70.81 5.53 -20.22
C GLN I 279 69.30 5.67 -20.21
N GLN I 280 68.61 4.83 -20.99
CA GLN I 280 67.16 4.87 -21.02
C GLN I 280 66.53 3.78 -20.18
N TYR I 281 67.26 2.70 -19.89
CA TYR I 281 66.72 1.57 -19.15
C TYR I 281 66.74 1.83 -17.65
N ARG I 282 66.16 2.97 -17.24
CA ARG I 282 66.14 3.41 -15.85
C ARG I 282 65.12 4.53 -15.75
N ALA I 283 64.33 4.51 -14.68
CA ALA I 283 63.37 5.58 -14.42
C ALA I 283 64.11 6.75 -13.79
N LEU I 284 64.72 7.58 -14.64
CA LEU I 284 65.53 8.70 -14.20
C LEU I 284 64.61 9.81 -13.68
N THR I 285 64.13 9.62 -12.45
CA THR I 285 63.23 10.57 -11.82
C THR I 285 63.77 10.97 -10.47
N VAL I 286 62.95 11.66 -9.68
CA VAL I 286 63.39 12.15 -8.37
C VAL I 286 63.79 11.03 -7.40
N PRO I 287 63.03 9.93 -7.25
CA PRO I 287 63.52 8.88 -6.34
C PRO I 287 64.78 8.16 -6.82
N GLU I 288 65.01 8.09 -8.13
CA GLU I 288 66.29 7.57 -8.59
C GLU I 288 67.40 8.57 -8.31
N LEU I 289 67.14 9.86 -8.55
CA LEU I 289 68.07 10.91 -8.14
C LEU I 289 68.16 11.05 -6.64
N THR I 290 67.17 10.56 -5.89
CA THR I 290 67.29 10.54 -4.44
C THR I 290 68.33 9.53 -4.01
N GLN I 291 68.13 8.26 -4.33
CA GLN I 291 68.99 7.20 -3.82
C GLN I 291 70.34 7.12 -4.51
N GLN I 292 70.54 7.83 -5.63
CA GLN I 292 71.86 7.87 -6.24
C GLN I 292 72.82 8.74 -5.44
N MET I 293 72.30 9.68 -4.66
CA MET I 293 73.17 10.58 -3.91
C MET I 293 73.74 9.89 -2.68
N PHE I 294 72.87 9.35 -1.84
CA PHE I 294 73.21 9.04 -0.46
C PHE I 294 74.07 7.79 -0.28
N ASP I 295 74.39 7.06 -1.35
CA ASP I 295 75.27 5.92 -1.19
C ASP I 295 76.72 6.36 -1.04
N ALA I 296 77.56 5.44 -0.60
CA ALA I 296 78.97 5.74 -0.37
C ALA I 296 79.73 6.00 -1.66
N LYS I 297 79.33 5.36 -2.75
CA LYS I 297 80.12 5.39 -3.97
C LYS I 297 79.97 6.69 -4.75
N ASN I 298 78.93 7.47 -4.50
CA ASN I 298 78.75 8.72 -5.26
C ASN I 298 79.65 9.83 -4.76
N MET I 299 80.21 9.69 -3.57
CA MET I 299 81.06 10.75 -3.04
C MET I 299 82.38 10.79 -3.78
N MET I 300 82.71 11.96 -4.33
CA MET I 300 83.96 12.12 -5.05
C MET I 300 85.16 12.14 -4.12
N ALA I 301 84.94 12.37 -2.83
CA ALA I 301 85.93 12.06 -1.80
C ALA I 301 85.70 10.62 -1.35
N ALA I 302 86.74 9.79 -1.46
CA ALA I 302 86.62 8.39 -1.10
C ALA I 302 86.51 8.24 0.40
N CYS I 303 85.27 8.15 0.89
CA CYS I 303 85.02 7.99 2.32
C CYS I 303 83.70 7.27 2.49
N ASP I 304 83.61 6.48 3.56
CA ASP I 304 82.39 5.76 3.85
C ASP I 304 81.56 6.55 4.85
N PRO I 305 80.33 6.96 4.49
CA PRO I 305 79.44 7.54 5.50
C PRO I 305 79.01 6.58 6.57
N ARG I 306 79.12 5.26 6.32
CA ARG I 306 78.86 4.29 7.37
C ARG I 306 79.91 4.33 8.46
N HIS I 307 81.16 4.66 8.10
CA HIS I 307 82.22 4.82 9.09
C HIS I 307 82.38 6.30 9.46
N GLY I 308 81.29 6.90 9.92
CA GLY I 308 81.32 8.30 10.30
C GLY I 308 79.93 8.79 10.62
N ARG I 309 79.85 10.09 10.88
CA ARG I 309 78.58 10.73 11.21
C ARG I 309 78.48 12.06 10.47
N TYR I 310 77.32 12.30 9.84
CA TYR I 310 77.06 13.58 9.20
C TYR I 310 76.83 14.67 10.24
N LEU I 311 76.88 15.91 9.77
CA LEU I 311 76.40 17.06 10.53
C LEU I 311 75.28 17.79 9.81
N THR I 312 75.51 18.20 8.55
CA THR I 312 74.51 18.91 7.75
C THR I 312 74.51 18.33 6.35
N VAL I 313 73.43 18.61 5.62
CA VAL I 313 73.20 18.11 4.27
C VAL I 313 72.58 19.22 3.44
N ALA I 314 73.23 19.58 2.34
CA ALA I 314 72.66 20.48 1.34
C ALA I 314 72.38 19.71 0.07
N ALA I 315 71.39 20.19 -0.68
CA ALA I 315 71.03 19.55 -1.94
C ALA I 315 70.51 20.63 -2.89
N VAL I 316 71.12 20.71 -4.08
CA VAL I 316 70.73 21.67 -5.09
C VAL I 316 70.23 20.92 -6.31
N PHE I 317 68.98 21.16 -6.68
CA PHE I 317 68.37 20.53 -7.84
C PHE I 317 68.41 21.45 -9.04
N ARG I 318 68.27 20.87 -10.23
CA ARG I 318 68.18 21.62 -11.46
C ARG I 318 67.04 21.07 -12.32
N GLY I 319 66.39 21.96 -13.06
CA GLY I 319 65.27 21.58 -13.90
C GLY I 319 63.95 21.67 -13.17
N ARG I 320 62.88 21.74 -13.95
CA ARG I 320 61.54 21.88 -13.39
C ARG I 320 61.09 20.57 -12.76
N MET I 321 60.49 20.65 -11.58
CA MET I 321 60.09 19.48 -10.83
C MET I 321 59.06 19.87 -9.79
N SER I 322 58.33 18.86 -9.31
CA SER I 322 57.33 19.06 -8.27
C SER I 322 58.02 19.06 -6.91
N MET I 323 57.24 19.02 -5.83
CA MET I 323 57.80 19.21 -4.51
C MET I 323 57.58 18.03 -3.56
N LYS I 324 56.36 17.50 -3.47
CA LYS I 324 56.15 16.36 -2.59
C LYS I 324 56.86 15.12 -3.11
N GLU I 325 57.07 15.05 -4.43
CA GLU I 325 57.98 14.07 -5.01
C GLU I 325 59.40 14.27 -4.52
N VAL I 326 59.77 15.52 -4.21
CA VAL I 326 61.10 15.80 -3.66
C VAL I 326 61.10 15.74 -2.14
N ASP I 327 60.12 16.38 -1.50
CA ASP I 327 60.19 16.67 -0.06
C ASP I 327 60.11 15.40 0.78
N GLU I 328 59.21 14.48 0.44
CA GLU I 328 59.12 13.23 1.19
C GLU I 328 60.36 12.37 0.94
N GLN I 329 60.90 12.40 -0.27
CA GLN I 329 62.18 11.77 -0.52
C GLN I 329 63.29 12.47 0.23
N MET I 330 63.19 13.79 0.39
CA MET I 330 64.17 14.52 1.21
C MET I 330 63.84 14.49 2.69
N LEU I 331 62.88 13.67 3.12
CA LEU I 331 62.58 13.52 4.53
C LEU I 331 62.73 12.08 4.98
N ASN I 332 62.27 11.13 4.17
CA ASN I 332 62.23 9.74 4.58
C ASN I 332 63.62 9.12 4.62
N VAL I 333 64.54 9.59 3.78
CA VAL I 333 65.87 9.00 3.73
C VAL I 333 66.70 9.35 4.95
N GLN I 334 66.27 10.35 5.73
CA GLN I 334 66.92 10.59 7.01
C GLN I 334 66.53 9.54 8.04
N ASN I 335 65.40 8.86 7.84
CA ASN I 335 64.92 7.89 8.80
C ASN I 335 65.42 6.47 8.54
N LYS I 336 65.69 6.13 7.27
CA LYS I 336 66.25 4.80 7.03
C LYS I 336 67.72 4.74 7.43
N ASN I 337 68.48 5.80 7.18
CA ASN I 337 69.84 5.94 7.67
C ASN I 337 69.86 6.80 8.94
N SER I 338 69.10 6.36 9.94
CA SER I 338 68.81 7.21 11.10
C SER I 338 70.02 7.35 12.02
N SER I 339 70.65 6.23 12.37
CA SER I 339 71.75 6.25 13.31
C SER I 339 73.02 6.84 12.70
N TYR I 340 73.09 6.97 11.38
CA TYR I 340 74.29 7.49 10.74
C TYR I 340 74.41 9.00 10.92
N PHE I 341 73.30 9.70 11.14
CA PHE I 341 73.33 11.14 11.37
C PHE I 341 73.67 11.43 12.82
N VAL I 342 73.48 12.68 13.23
CA VAL I 342 73.74 13.10 14.60
C VAL I 342 72.43 13.63 15.18
N GLU I 343 72.36 13.63 16.50
CA GLU I 343 71.07 13.82 17.20
C GLU I 343 70.63 15.28 17.17
N TRP I 344 71.56 16.20 17.39
CA TRP I 344 71.26 17.57 17.83
C TRP I 344 70.85 18.50 16.70
N ILE I 345 70.47 18.02 15.51
CA ILE I 345 69.89 18.86 14.47
C ILE I 345 68.59 18.24 13.98
N PRO I 346 67.46 18.91 14.13
CA PRO I 346 66.24 18.45 13.45
C PRO I 346 66.23 18.94 12.00
N ASN I 347 65.99 17.99 11.08
CA ASN I 347 65.81 18.23 9.64
C ASN I 347 67.03 18.93 9.04
N ASN I 348 68.12 18.17 9.01
CA ASN I 348 69.41 18.65 8.52
C ASN I 348 69.56 18.62 7.01
N VAL I 349 68.46 18.48 6.28
CA VAL I 349 68.49 18.36 4.83
C VAL I 349 68.10 19.71 4.25
N LYS I 350 69.07 20.42 3.69
CA LYS I 350 68.79 21.69 3.03
C LYS I 350 68.48 21.45 1.56
N THR I 351 67.32 21.93 1.13
CA THR I 351 66.83 21.69 -0.22
C THR I 351 66.96 22.98 -1.03
N ALA I 352 67.38 22.85 -2.29
CA ALA I 352 67.48 24.00 -3.18
C ALA I 352 67.04 23.57 -4.57
N VAL I 353 66.07 24.29 -5.13
CA VAL I 353 65.45 23.91 -6.40
C VAL I 353 65.58 25.09 -7.36
N CYS I 354 66.45 24.96 -8.34
CA CYS I 354 66.45 25.89 -9.46
C CYS I 354 65.40 25.50 -10.47
N ASP I 355 65.22 26.34 -11.49
CA ASP I 355 64.25 26.05 -12.54
C ASP I 355 64.90 25.97 -13.92
N ILE I 356 66.20 25.71 -13.99
CA ILE I 356 66.90 25.55 -15.25
C ILE I 356 67.75 24.28 -15.20
N PRO I 357 67.56 23.34 -16.11
CA PRO I 357 68.35 22.12 -16.11
C PRO I 357 69.71 22.36 -16.74
N PRO I 358 70.62 21.38 -16.69
CA PRO I 358 71.80 21.44 -17.56
C PRO I 358 71.40 21.33 -19.02
N ARG I 359 72.31 21.76 -19.89
CA ARG I 359 72.11 21.62 -21.32
C ARG I 359 72.23 20.15 -21.66
N GLY I 360 71.10 19.45 -21.70
CA GLY I 360 71.12 18.01 -21.72
C GLY I 360 69.88 17.39 -21.11
N LEU I 361 70.09 16.54 -20.09
CA LEU I 361 69.01 15.79 -19.48
C LEU I 361 68.03 16.70 -18.75
N LYS I 362 66.86 16.14 -18.43
CA LYS I 362 65.72 16.95 -18.01
C LYS I 362 65.86 17.44 -16.58
N MET I 363 66.29 16.58 -15.66
CA MET I 363 66.48 16.98 -14.27
C MET I 363 67.83 16.53 -13.78
N SER I 364 68.37 17.27 -12.81
CA SER I 364 69.69 17.01 -12.27
C SER I 364 69.74 17.55 -10.85
N ALA I 365 70.64 16.96 -10.06
CA ALA I 365 70.76 17.30 -8.66
C ALA I 365 72.23 17.37 -8.27
N THR I 366 72.55 18.31 -7.38
CA THR I 366 73.91 18.44 -6.88
C THR I 366 73.88 18.32 -5.36
N PHE I 367 74.64 17.36 -4.85
CA PHE I 367 74.68 17.09 -3.43
C PHE I 367 75.90 17.74 -2.80
N ILE I 368 75.69 18.40 -1.68
CA ILE I 368 76.76 19.00 -0.89
C ILE I 368 76.67 18.39 0.51
N GLY I 369 77.66 17.59 0.85
CA GLY I 369 77.64 16.82 2.08
C GLY I 369 78.68 17.29 3.08
N ASN I 370 78.44 16.97 4.35
CA ASN I 370 79.35 17.26 5.44
C ASN I 370 79.25 16.14 6.44
N SER I 371 80.38 15.50 6.73
CA SER I 371 80.37 14.36 7.65
C SER I 371 81.70 14.32 8.40
N THR I 372 81.78 13.39 9.36
CA THR I 372 83.00 13.13 10.10
C THR I 372 83.83 12.03 9.47
N ALA I 373 83.52 11.63 8.23
CA ALA I 373 84.26 10.57 7.59
C ALA I 373 85.62 11.04 7.07
N ILE I 374 85.78 12.35 6.87
CA ILE I 374 86.99 12.86 6.24
C ILE I 374 88.19 12.85 7.18
N GLN I 375 87.96 12.96 8.50
CA GLN I 375 89.07 12.98 9.46
C GLN I 375 89.84 11.67 9.50
N GLU I 376 89.21 10.55 9.12
CA GLU I 376 89.91 9.28 9.09
C GLU I 376 90.90 9.21 7.92
N LEU I 377 90.70 10.03 6.90
CA LEU I 377 91.68 10.12 5.82
C LEU I 377 92.92 10.88 6.29
N PHE I 378 92.73 11.87 7.17
CA PHE I 378 93.85 12.68 7.64
C PHE I 378 94.76 11.91 8.58
N LYS I 379 94.23 10.91 9.29
CA LYS I 379 95.07 10.07 10.12
C LYS I 379 96.01 9.22 9.28
N ARG I 380 95.58 8.86 8.07
CA ARG I 380 96.52 8.32 7.09
C ARG I 380 97.51 9.39 6.66
N ILE I 381 97.04 10.61 6.41
CA ILE I 381 97.90 11.67 5.92
C ILE I 381 98.85 12.13 7.03
N SER I 382 98.38 12.17 8.28
CA SER I 382 99.28 12.43 9.40
C SER I 382 100.27 11.28 9.58
N GLU I 383 99.86 10.05 9.28
CA GLU I 383 100.80 8.94 9.26
C GLU I 383 101.78 9.08 8.11
N GLN I 384 101.29 9.48 6.93
CA GLN I 384 102.18 9.75 5.80
C GLN I 384 103.12 10.90 6.07
N PHE I 385 102.68 11.89 6.85
CA PHE I 385 103.58 12.96 7.25
C PHE I 385 104.65 12.43 8.19
N THR I 386 104.24 11.74 9.25
CA THR I 386 105.18 11.31 10.28
C THR I 386 106.10 10.20 9.80
N ALA I 387 105.69 9.43 8.79
CA ALA I 387 106.58 8.41 8.24
C ALA I 387 107.77 9.04 7.54
N MET I 388 107.55 10.17 6.90
CA MET I 388 108.64 10.93 6.29
C MET I 388 109.23 11.96 7.24
N PHE I 389 108.73 12.02 8.48
CA PHE I 389 109.22 12.96 9.48
C PHE I 389 109.90 12.30 10.67
N ARG I 390 109.58 11.04 10.98
CA ARG I 390 110.26 10.37 12.09
C ARG I 390 111.70 10.06 11.77
N ARG I 391 112.08 10.07 10.50
CA ARG I 391 113.48 10.08 10.11
C ARG I 391 113.97 11.49 9.77
N LYS I 392 113.06 12.47 9.74
CA LYS I 392 113.34 13.87 9.40
C LYS I 392 114.01 14.00 8.03
N ALA I 393 113.46 13.29 7.06
CA ALA I 393 113.93 13.41 5.69
C ALA I 393 113.31 14.64 5.02
N PHE I 394 113.88 15.00 3.86
CA PHE I 394 113.37 16.06 2.97
C PHE I 394 113.32 17.43 3.67
N LEU I 395 114.20 17.65 4.63
CA LEU I 395 114.18 18.88 5.41
C LEU I 395 115.08 19.95 4.82
N HIS I 396 116.17 19.54 4.17
CA HIS I 396 117.18 20.46 3.67
C HIS I 396 116.69 21.37 2.55
N TRP I 397 115.63 20.98 1.86
CA TRP I 397 114.97 21.91 0.94
C TRP I 397 114.29 23.03 1.71
N TYR I 398 113.49 22.67 2.72
CA TYR I 398 112.82 23.67 3.53
C TYR I 398 113.79 24.38 4.45
N THR I 399 114.86 23.71 4.84
CA THR I 399 115.94 24.39 5.55
C THR I 399 116.67 25.35 4.62
N GLY I 400 116.85 24.95 3.35
CA GLY I 400 117.44 25.86 2.38
C GLY I 400 116.56 27.06 2.11
N GLU I 401 115.24 26.89 2.19
CA GLU I 401 114.35 28.03 2.17
C GLU I 401 114.25 28.69 3.53
N GLY I 402 114.47 27.93 4.60
CA GLY I 402 114.51 28.46 5.95
C GLY I 402 113.23 28.23 6.72
N MET I 403 113.21 27.19 7.56
CA MET I 403 112.04 26.87 8.36
C MET I 403 112.44 25.96 9.50
N ASP I 404 111.94 26.25 10.70
CA ASP I 404 112.19 25.43 11.87
C ASP I 404 111.30 24.19 11.85
N GLU I 405 111.55 23.30 12.81
CA GLU I 405 110.70 22.12 12.96
C GLU I 405 109.33 22.47 13.52
N MET I 406 109.25 23.58 14.27
CA MET I 406 108.01 23.94 14.96
C MET I 406 106.92 24.33 13.99
N GLU I 407 107.29 24.94 12.86
CA GLU I 407 106.31 25.23 11.82
C GLU I 407 105.79 23.95 11.19
N PHE I 408 106.65 22.94 11.06
CA PHE I 408 106.17 21.62 10.69
C PHE I 408 105.36 20.99 11.80
N THR I 409 105.76 21.20 13.05
CA THR I 409 105.15 20.49 14.15
C THR I 409 103.80 21.08 14.53
N GLU I 410 103.70 22.41 14.59
CA GLU I 410 102.44 23.04 14.98
C GLU I 410 101.37 22.87 13.91
N ALA I 411 101.76 22.88 12.63
CA ALA I 411 100.82 22.59 11.55
C ALA I 411 100.37 21.13 11.61
N GLU I 412 101.28 20.23 11.97
CA GLU I 412 100.89 18.85 12.25
C GLU I 412 100.03 18.80 13.50
N SER I 413 100.32 19.64 14.49
CA SER I 413 99.44 19.75 15.63
C SER I 413 98.11 20.40 15.25
N ASN I 414 98.15 21.38 14.33
CA ASN I 414 96.91 21.98 13.86
C ASN I 414 96.14 21.03 12.96
N MET I 415 96.85 20.16 12.24
CA MET I 415 96.18 19.03 11.60
C MET I 415 95.54 18.13 12.64
N ASN I 416 96.23 17.89 13.75
CA ASN I 416 95.63 17.14 14.85
C ASN I 416 94.55 17.94 15.56
N ASP I 417 94.58 19.27 15.45
CA ASP I 417 93.47 20.07 15.96
C ASP I 417 92.23 19.87 15.11
N LEU I 418 92.40 19.62 13.81
CA LEU I 418 91.27 19.18 12.99
C LEU I 418 90.84 17.78 13.39
N VAL I 419 91.80 16.94 13.79
CA VAL I 419 91.48 15.60 14.27
C VAL I 419 90.70 15.68 15.58
N SER I 420 91.13 16.56 16.48
CA SER I 420 90.52 16.66 17.80
C SER I 420 89.12 17.27 17.78
N GLU I 421 88.69 17.84 16.65
CA GLU I 421 87.41 18.52 16.61
C GLU I 421 86.37 17.81 15.75
N TYR I 422 86.75 17.19 14.63
CA TYR I 422 85.79 16.33 13.94
C TYR I 422 85.53 15.04 14.71
N GLN I 423 86.46 14.62 15.56
CA GLN I 423 86.20 13.47 16.43
C GLN I 423 85.33 13.88 17.61
N GLN I 424 85.42 15.15 18.01
CA GLN I 424 84.72 15.65 19.19
C GLN I 424 83.20 15.64 18.99
N TYR I 425 82.74 16.20 17.87
CA TYR I 425 81.32 16.17 17.58
C TYR I 425 80.87 14.81 17.11
N GLN I 426 81.78 13.97 16.61
CA GLN I 426 81.41 12.61 16.27
C GLN I 426 81.21 11.77 17.54
N ASP I 427 82.05 11.98 18.55
CA ASP I 427 81.88 11.30 19.83
C ASP I 427 80.61 11.78 20.52
N ALA I 428 80.25 13.04 20.33
CA ALA I 428 78.99 13.53 20.84
C ALA I 428 77.84 13.07 19.95
N THR I 429 76.63 13.08 20.52
CA THR I 429 75.43 12.77 19.78
C THR I 429 74.25 13.53 20.39
N MET J 1 -56.51 -12.13 -4.21
CA MET J 1 -56.15 -13.04 -3.15
C MET J 1 -56.01 -14.47 -3.67
N ARG J 2 -55.71 -15.40 -2.74
CA ARG J 2 -55.55 -16.83 -3.00
C ARG J 2 -54.46 -17.08 -4.06
N GLU J 3 -53.30 -16.48 -3.82
CA GLU J 3 -52.21 -16.55 -4.78
C GLU J 3 -51.54 -17.93 -4.73
N ILE J 4 -50.84 -18.25 -5.82
CA ILE J 4 -50.30 -19.58 -6.07
C ILE J 4 -48.82 -19.47 -6.37
N VAL J 5 -48.01 -20.27 -5.67
CA VAL J 5 -46.56 -20.29 -5.82
C VAL J 5 -46.19 -21.45 -6.72
N HIS J 6 -45.30 -21.20 -7.68
CA HIS J 6 -44.93 -22.15 -8.72
C HIS J 6 -43.52 -22.66 -8.50
N ILE J 7 -43.34 -23.97 -8.52
CA ILE J 7 -42.04 -24.60 -8.37
C ILE J 7 -41.81 -25.50 -9.57
N GLN J 8 -40.59 -25.47 -10.12
CA GLN J 8 -40.21 -26.38 -11.18
C GLN J 8 -39.06 -27.26 -10.71
N ALA J 9 -38.74 -28.26 -11.53
CA ALA J 9 -37.63 -29.16 -11.31
C ALA J 9 -37.31 -29.85 -12.62
N GLY J 10 -36.32 -30.74 -12.58
CA GLY J 10 -36.00 -31.59 -13.70
C GLY J 10 -35.44 -30.83 -14.89
N GLN J 11 -35.57 -31.45 -16.06
CA GLN J 11 -35.18 -30.84 -17.33
C GLN J 11 -36.32 -30.80 -18.32
N CYS J 12 -37.19 -31.81 -18.32
CA CYS J 12 -38.42 -31.74 -19.11
C CYS J 12 -39.39 -30.71 -18.55
N GLY J 13 -39.59 -30.73 -17.23
CA GLY J 13 -40.59 -29.87 -16.62
C GLY J 13 -40.27 -28.39 -16.71
N ASN J 14 -38.98 -28.06 -16.87
CA ASN J 14 -38.60 -26.66 -17.01
C ASN J 14 -38.98 -26.12 -18.38
N GLN J 15 -38.76 -26.92 -19.42
CA GLN J 15 -39.10 -26.50 -20.77
C GLN J 15 -40.61 -26.42 -20.97
N ILE J 16 -41.37 -27.21 -20.20
CA ILE J 16 -42.83 -27.08 -20.19
C ILE J 16 -43.21 -25.74 -19.59
N GLY J 17 -42.63 -25.41 -18.43
CA GLY J 17 -42.86 -24.10 -17.84
C GLY J 17 -42.25 -22.97 -18.66
N ALA J 18 -41.23 -23.27 -19.46
CA ALA J 18 -40.71 -22.30 -20.41
C ALA J 18 -41.71 -22.02 -21.54
N LYS J 19 -42.65 -22.93 -21.76
CA LYS J 19 -43.78 -22.69 -22.64
C LYS J 19 -45.04 -22.31 -21.88
N PHE J 20 -45.20 -22.82 -20.66
CA PHE J 20 -46.42 -22.55 -19.88
C PHE J 20 -46.51 -21.09 -19.46
N TRP J 21 -45.40 -20.49 -19.05
CA TRP J 21 -45.46 -19.08 -18.68
C TRP J 21 -45.61 -18.19 -19.90
N GLU J 22 -45.26 -18.68 -21.09
CA GLU J 22 -45.63 -17.97 -22.31
C GLU J 22 -47.14 -18.01 -22.53
N VAL J 23 -47.79 -19.10 -22.13
CA VAL J 23 -49.24 -19.18 -22.22
C VAL J 23 -49.89 -18.19 -21.26
N ILE J 24 -49.37 -18.12 -20.02
CA ILE J 24 -49.92 -17.20 -19.03
C ILE J 24 -49.59 -15.76 -19.38
N SER J 25 -48.55 -15.55 -20.20
CA SER J 25 -48.19 -14.20 -20.65
C SER J 25 -49.27 -13.60 -21.53
N ASP J 26 -49.77 -14.38 -22.48
CA ASP J 26 -50.81 -13.86 -23.36
C ASP J 26 -52.21 -14.14 -22.83
N GLU J 27 -52.33 -14.88 -21.72
CA GLU J 27 -53.60 -14.95 -21.01
C GLU J 27 -53.76 -13.78 -20.04
N HIS J 28 -52.76 -12.92 -19.95
CA HIS J 28 -52.83 -11.72 -19.12
C HIS J 28 -52.24 -10.50 -19.81
N GLY J 29 -51.94 -10.60 -21.11
CA GLY J 29 -51.37 -9.48 -21.83
C GLY J 29 -49.98 -9.11 -21.39
N ILE J 30 -49.24 -10.05 -20.80
CA ILE J 30 -47.91 -9.76 -20.29
C ILE J 30 -46.92 -9.83 -21.44
N ASP J 31 -46.13 -8.76 -21.59
CA ASP J 31 -45.10 -8.68 -22.62
C ASP J 31 -43.94 -9.62 -22.27
N PRO J 32 -43.00 -9.85 -23.20
CA PRO J 32 -41.76 -10.54 -22.80
C PRO J 32 -40.88 -9.78 -21.82
N THR J 33 -41.10 -8.47 -21.64
CA THR J 33 -40.29 -7.71 -20.68
C THR J 33 -40.77 -7.94 -19.25
N GLY J 34 -42.04 -7.66 -18.98
CA GLY J 34 -42.55 -7.70 -17.62
C GLY J 34 -43.59 -6.64 -17.36
N SER J 35 -43.80 -5.77 -18.33
CA SER J 35 -44.79 -4.71 -18.22
C SER J 35 -46.16 -5.24 -18.63
N TYR J 36 -47.11 -4.33 -18.84
CA TYR J 36 -48.47 -4.70 -19.18
C TYR J 36 -48.90 -4.03 -20.47
N HIS J 37 -49.60 -4.77 -21.32
CA HIS J 37 -50.10 -4.22 -22.58
C HIS J 37 -51.51 -4.67 -22.91
N GLY J 38 -52.18 -5.36 -22.01
CA GLY J 38 -53.52 -5.85 -22.31
C GLY J 38 -54.54 -4.72 -22.34
N ASP J 39 -55.69 -5.02 -22.92
CA ASP J 39 -56.79 -4.07 -23.03
C ASP J 39 -57.99 -4.46 -22.18
N SER J 40 -58.25 -5.76 -22.06
CA SER J 40 -59.35 -6.22 -21.24
C SER J 40 -59.00 -6.07 -19.78
N ASP J 41 -59.83 -5.36 -19.04
CA ASP J 41 -59.57 -5.09 -17.63
C ASP J 41 -59.92 -6.26 -16.71
N LEU J 42 -60.38 -7.38 -17.26
CA LEU J 42 -60.58 -8.57 -16.44
C LEU J 42 -59.26 -9.26 -16.11
N GLN J 43 -58.19 -8.95 -16.86
CA GLN J 43 -56.87 -9.48 -16.55
C GLN J 43 -56.29 -8.86 -15.30
N LEU J 44 -56.36 -7.53 -15.20
CA LEU J 44 -55.77 -6.81 -14.07
C LEU J 44 -56.52 -7.02 -12.78
N GLU J 45 -57.77 -7.46 -12.84
CA GLU J 45 -58.59 -7.65 -11.65
C GLU J 45 -58.11 -8.84 -10.83
N ARG J 46 -57.54 -9.86 -11.48
CA ARG J 46 -57.00 -11.02 -10.78
C ARG J 46 -55.59 -11.33 -11.23
N ILE J 47 -54.80 -10.30 -11.54
CA ILE J 47 -53.44 -10.50 -12.04
C ILE J 47 -52.51 -11.06 -10.97
N ASN J 48 -52.84 -10.87 -9.70
CA ASN J 48 -51.92 -11.15 -8.61
C ASN J 48 -51.65 -12.63 -8.40
N VAL J 49 -52.51 -13.52 -8.89
CA VAL J 49 -52.46 -14.91 -8.47
C VAL J 49 -51.25 -15.65 -9.07
N TYR J 50 -50.81 -15.28 -10.26
CA TYR J 50 -49.59 -15.84 -10.82
C TYR J 50 -48.47 -14.84 -10.96
N TYR J 51 -48.65 -13.60 -10.51
CA TYR J 51 -47.62 -12.58 -10.70
C TYR J 51 -47.56 -11.64 -9.50
N ASN J 52 -46.36 -11.41 -9.00
CA ASN J 52 -46.16 -10.28 -8.10
C ASN J 52 -46.02 -9.01 -8.92
N GLU J 53 -46.86 -8.02 -8.63
CA GLU J 53 -46.70 -6.71 -9.24
C GLU J 53 -45.58 -6.00 -8.51
N ALA J 54 -44.39 -5.99 -9.12
CA ALA J 54 -43.24 -5.35 -8.52
C ALA J 54 -43.31 -3.85 -8.66
N ALA J 55 -42.32 -3.15 -8.12
CA ALA J 55 -42.34 -1.70 -8.06
C ALA J 55 -42.10 -1.09 -9.43
N GLY J 56 -42.89 -0.07 -9.76
CA GLY J 56 -42.72 0.66 -11.00
C GLY J 56 -43.19 -0.07 -12.24
N ASN J 57 -44.51 -0.32 -12.32
CA ASN J 57 -45.19 -0.86 -13.50
C ASN J 57 -44.67 -2.23 -13.90
N LYS J 58 -44.20 -3.01 -12.93
CA LYS J 58 -43.59 -4.29 -13.21
C LYS J 58 -44.49 -5.45 -12.81
N TYR J 59 -44.25 -6.59 -13.45
CA TYR J 59 -44.91 -7.84 -13.12
C TYR J 59 -43.90 -8.95 -13.27
N VAL J 60 -43.70 -9.74 -12.22
CA VAL J 60 -42.71 -10.81 -12.25
C VAL J 60 -43.41 -12.15 -12.06
N PRO J 61 -42.93 -13.21 -12.73
CA PRO J 61 -43.54 -14.53 -12.56
C PRO J 61 -43.24 -15.09 -11.18
N ARG J 62 -44.29 -15.33 -10.41
CA ARG J 62 -44.15 -15.95 -9.10
C ARG J 62 -43.85 -17.42 -9.32
N ALA J 63 -42.56 -17.70 -9.56
CA ALA J 63 -42.14 -19.04 -9.95
C ALA J 63 -40.74 -19.30 -9.42
N ILE J 64 -40.46 -20.57 -9.13
CA ILE J 64 -39.19 -20.99 -8.57
C ILE J 64 -38.57 -22.01 -9.51
N LEU J 65 -37.52 -21.61 -10.20
CA LEU J 65 -36.85 -22.45 -11.18
C LEU J 65 -35.70 -23.18 -10.50
N VAL J 66 -35.68 -24.52 -10.63
CA VAL J 66 -34.72 -25.36 -9.94
C VAL J 66 -34.13 -26.35 -10.93
N ASP J 67 -32.80 -26.36 -11.04
CA ASP J 67 -32.07 -27.39 -11.78
C ASP J 67 -30.86 -27.79 -10.94
N LEU J 68 -30.02 -28.68 -11.48
CA LEU J 68 -28.77 -29.07 -10.82
C LEU J 68 -27.56 -28.91 -11.73
N GLU J 69 -27.72 -28.30 -12.91
CA GLU J 69 -26.60 -27.97 -13.79
C GLU J 69 -26.92 -26.68 -14.52
N PRO J 70 -25.93 -25.83 -14.79
CA PRO J 70 -26.24 -24.48 -15.32
C PRO J 70 -26.65 -24.44 -16.79
N GLY J 71 -26.85 -25.58 -17.44
CA GLY J 71 -27.18 -25.56 -18.85
C GLY J 71 -28.60 -25.08 -19.13
N THR J 72 -29.58 -25.67 -18.46
CA THR J 72 -30.98 -25.36 -18.78
C THR J 72 -31.38 -23.99 -18.28
N MET J 73 -30.74 -23.51 -17.20
CA MET J 73 -30.99 -22.15 -16.76
C MET J 73 -30.41 -21.15 -17.75
N ASP J 74 -29.31 -21.51 -18.39
CA ASP J 74 -28.75 -20.66 -19.43
C ASP J 74 -29.64 -20.64 -20.66
N SER J 75 -30.27 -21.77 -20.98
CA SER J 75 -31.12 -21.84 -22.16
C SER J 75 -32.41 -21.06 -21.98
N VAL J 76 -32.93 -21.00 -20.76
CA VAL J 76 -34.13 -20.22 -20.49
C VAL J 76 -33.82 -18.74 -20.57
N ARG J 77 -32.76 -18.30 -19.90
CA ARG J 77 -32.46 -16.89 -19.79
C ARG J 77 -31.98 -16.28 -21.11
N SER J 78 -31.49 -17.11 -22.03
CA SER J 78 -31.03 -16.61 -23.31
C SER J 78 -32.14 -16.57 -24.35
N GLY J 79 -33.07 -17.53 -24.30
CA GLY J 79 -34.15 -17.59 -25.25
C GLY J 79 -35.30 -16.67 -24.88
N PRO J 80 -36.50 -17.04 -25.28
CA PRO J 80 -37.66 -16.20 -24.98
C PRO J 80 -38.10 -16.35 -23.54
N PHE J 81 -38.60 -15.21 -23.00
CA PHE J 81 -39.18 -15.13 -21.65
C PHE J 81 -38.19 -15.57 -20.57
N GLY J 82 -36.94 -15.16 -20.73
CA GLY J 82 -35.93 -15.45 -19.73
C GLY J 82 -35.60 -14.23 -18.90
N GLN J 83 -35.64 -13.06 -19.54
CA GLN J 83 -35.47 -11.81 -18.82
C GLN J 83 -36.72 -11.39 -18.06
N ILE J 84 -37.86 -12.06 -18.29
CA ILE J 84 -39.06 -11.72 -17.57
C ILE J 84 -38.98 -12.20 -16.13
N PHE J 85 -38.22 -13.27 -15.87
CA PHE J 85 -38.12 -13.81 -14.52
C PHE J 85 -37.22 -12.92 -13.67
N ARG J 86 -37.23 -13.20 -12.39
CA ARG J 86 -36.32 -12.52 -11.48
C ARG J 86 -35.00 -13.26 -11.43
N PRO J 87 -33.86 -12.57 -11.56
CA PRO J 87 -32.57 -13.24 -11.44
C PRO J 87 -32.26 -13.75 -10.04
N ASP J 88 -33.00 -13.28 -9.03
CA ASP J 88 -32.85 -13.83 -7.70
C ASP J 88 -33.40 -15.25 -7.60
N ASN J 89 -34.35 -15.61 -8.47
CA ASN J 89 -35.05 -16.87 -8.34
C ASN J 89 -34.47 -17.99 -9.21
N PHE J 90 -33.46 -17.72 -10.02
CA PHE J 90 -32.76 -18.79 -10.73
C PHE J 90 -31.87 -19.53 -9.74
N VAL J 91 -32.47 -20.46 -9.02
CA VAL J 91 -31.80 -21.16 -7.93
C VAL J 91 -31.48 -22.55 -8.44
N PHE J 92 -30.20 -22.82 -8.72
CA PHE J 92 -29.82 -24.05 -9.39
C PHE J 92 -28.44 -24.49 -8.93
N GLY J 93 -28.23 -25.81 -8.94
CA GLY J 93 -26.99 -26.39 -8.53
C GLY J 93 -25.93 -26.35 -9.61
N GLN J 94 -24.90 -27.19 -9.44
CA GLN J 94 -23.78 -27.24 -10.36
C GLN J 94 -23.37 -28.64 -10.79
N SER J 95 -23.97 -29.68 -10.23
CA SER J 95 -23.47 -31.04 -10.46
C SER J 95 -24.27 -31.79 -11.51
N GLY J 96 -25.59 -31.72 -11.45
CA GLY J 96 -26.41 -32.59 -12.26
C GLY J 96 -26.66 -33.89 -11.53
N ALA J 97 -27.90 -34.36 -11.52
CA ALA J 97 -28.29 -35.49 -10.69
C ALA J 97 -27.77 -36.83 -11.19
N GLY J 98 -27.20 -36.88 -12.40
CA GLY J 98 -26.64 -38.12 -12.92
C GLY J 98 -27.65 -39.18 -13.28
N ASN J 99 -28.92 -38.80 -13.43
CA ASN J 99 -30.05 -39.69 -13.67
C ASN J 99 -30.13 -40.76 -12.56
N ASN J 100 -29.94 -40.31 -11.33
CA ASN J 100 -30.05 -41.16 -10.15
C ASN J 100 -31.11 -40.54 -9.24
N TRP J 101 -32.05 -41.35 -8.78
CA TRP J 101 -33.02 -40.86 -7.81
C TRP J 101 -32.36 -40.59 -6.47
N ALA J 102 -31.41 -41.43 -6.09
CA ALA J 102 -30.78 -41.31 -4.77
C ALA J 102 -29.84 -40.11 -4.71
N LYS J 103 -29.25 -39.73 -5.85
CA LYS J 103 -28.48 -38.48 -5.88
C LYS J 103 -29.39 -37.27 -5.73
N GLY J 104 -30.58 -37.31 -6.32
CA GLY J 104 -31.51 -36.20 -6.19
C GLY J 104 -32.26 -36.14 -4.88
N HIS J 105 -32.19 -37.20 -4.08
CA HIS J 105 -32.98 -37.29 -2.86
C HIS J 105 -32.15 -37.38 -1.60
N TYR J 106 -30.92 -37.90 -1.67
CA TYR J 106 -30.12 -38.09 -0.47
C TYR J 106 -28.87 -37.22 -0.45
N THR J 107 -28.00 -37.34 -1.44
CA THR J 107 -26.72 -36.65 -1.37
C THR J 107 -26.83 -35.20 -1.86
N GLU J 108 -27.14 -35.02 -3.14
CA GLU J 108 -27.22 -33.67 -3.69
C GLU J 108 -28.58 -33.02 -3.47
N GLY J 109 -29.57 -33.78 -3.02
CA GLY J 109 -30.86 -33.18 -2.71
C GLY J 109 -30.85 -32.36 -1.45
N ALA J 110 -29.94 -32.68 -0.52
CA ALA J 110 -29.88 -31.95 0.74
C ALA J 110 -29.18 -30.61 0.60
N GLU J 111 -28.46 -30.40 -0.49
CA GLU J 111 -27.67 -29.17 -0.64
C GLU J 111 -28.55 -27.99 -1.00
N LEU J 112 -29.23 -28.07 -2.14
CA LEU J 112 -29.95 -26.92 -2.68
C LEU J 112 -31.34 -26.75 -2.06
N VAL J 113 -31.76 -27.69 -1.20
CA VAL J 113 -33.12 -27.63 -0.66
C VAL J 113 -33.26 -26.48 0.33
N ASP J 114 -32.17 -26.08 1.00
CA ASP J 114 -32.24 -24.95 1.92
C ASP J 114 -32.37 -23.64 1.18
N SER J 115 -31.74 -23.54 0.01
CA SER J 115 -31.88 -22.34 -0.82
C SER J 115 -33.28 -22.22 -1.38
N VAL J 116 -33.97 -23.34 -1.58
CA VAL J 116 -35.31 -23.29 -2.12
C VAL J 116 -36.32 -22.95 -1.02
N LEU J 117 -36.20 -23.58 0.15
CA LEU J 117 -37.20 -23.45 1.20
C LEU J 117 -37.24 -22.07 1.85
N ASP J 118 -36.24 -21.23 1.63
CA ASP J 118 -36.39 -19.83 1.98
C ASP J 118 -37.18 -19.09 0.91
N VAL J 119 -36.95 -19.42 -0.37
CA VAL J 119 -37.64 -18.78 -1.46
C VAL J 119 -39.12 -19.16 -1.46
N VAL J 120 -39.41 -20.42 -1.10
CA VAL J 120 -40.79 -20.83 -0.84
C VAL J 120 -41.37 -20.03 0.32
N ARG J 121 -40.56 -19.83 1.37
CA ARG J 121 -41.02 -19.07 2.52
C ARG J 121 -41.13 -17.58 2.20
N LYS J 122 -40.25 -17.07 1.36
CA LYS J 122 -40.29 -15.65 1.02
C LYS J 122 -41.50 -15.32 0.15
N GLU J 123 -41.90 -16.25 -0.72
CA GLU J 123 -43.09 -16.02 -1.52
C GLU J 123 -44.35 -16.24 -0.70
N SER J 124 -44.36 -17.26 0.18
CA SER J 124 -45.54 -17.55 0.97
C SER J 124 -45.78 -16.49 2.04
N GLU J 125 -44.72 -15.85 2.52
CA GLU J 125 -44.90 -14.69 3.39
C GLU J 125 -45.42 -13.49 2.61
N SER J 126 -44.94 -13.32 1.37
CA SER J 126 -45.33 -12.16 0.59
C SER J 126 -46.76 -12.29 0.06
N CYS J 127 -47.26 -13.52 -0.11
CA CYS J 127 -48.62 -13.70 -0.59
C CYS J 127 -49.62 -13.34 0.50
N ASP J 128 -50.68 -12.64 0.08
CA ASP J 128 -51.73 -12.24 1.02
C ASP J 128 -52.49 -13.47 1.53
N CYS J 129 -53.10 -14.22 0.63
CA CYS J 129 -53.66 -15.52 0.96
C CYS J 129 -53.06 -16.53 0.01
N LEU J 130 -52.72 -17.71 0.52
CA LEU J 130 -52.06 -18.72 -0.27
C LEU J 130 -53.05 -19.84 -0.62
N GLN J 131 -53.07 -20.23 -1.88
CA GLN J 131 -54.00 -21.25 -2.35
C GLN J 131 -53.37 -22.64 -2.35
N GLY J 132 -52.29 -22.81 -3.08
CA GLY J 132 -51.63 -24.10 -3.16
C GLY J 132 -50.40 -24.01 -4.04
N PHE J 133 -49.65 -25.10 -4.07
CA PHE J 133 -48.38 -25.17 -4.76
C PHE J 133 -48.49 -26.13 -5.94
N GLN J 134 -47.75 -25.82 -7.01
CA GLN J 134 -47.77 -26.62 -8.22
C GLN J 134 -46.36 -26.93 -8.67
N LEU J 135 -46.17 -28.13 -9.22
CA LEU J 135 -44.85 -28.64 -9.56
C LEU J 135 -44.88 -29.29 -10.93
N THR J 136 -43.88 -28.98 -11.75
CA THR J 136 -43.76 -29.53 -13.10
C THR J 136 -42.35 -30.09 -13.26
N HIS J 137 -42.26 -31.39 -13.51
CA HIS J 137 -40.98 -32.10 -13.45
C HIS J 137 -41.10 -33.37 -14.28
N SER J 138 -40.14 -34.27 -14.11
CA SER J 138 -40.18 -35.58 -14.76
C SER J 138 -40.36 -36.67 -13.71
N LEU J 139 -40.64 -37.88 -14.20
CA LEU J 139 -40.48 -39.08 -13.39
C LEU J 139 -39.46 -40.02 -13.98
N GLY J 140 -38.72 -39.60 -14.99
CA GLY J 140 -37.75 -40.44 -15.64
C GLY J 140 -36.32 -40.03 -15.37
N GLY J 141 -36.08 -38.74 -15.24
CA GLY J 141 -34.75 -38.22 -15.03
C GLY J 141 -34.28 -38.36 -13.60
N GLY J 142 -33.22 -37.62 -13.28
CA GLY J 142 -32.71 -37.61 -11.93
C GLY J 142 -33.21 -36.43 -11.13
N THR J 143 -33.11 -35.24 -11.73
CA THR J 143 -33.51 -34.03 -11.04
C THR J 143 -35.03 -33.95 -10.87
N GLY J 144 -35.77 -34.42 -11.88
CA GLY J 144 -37.21 -34.45 -11.75
C GLY J 144 -37.71 -35.51 -10.78
N SER J 145 -36.92 -36.56 -10.57
CA SER J 145 -37.34 -37.66 -9.69
C SER J 145 -37.08 -37.33 -8.22
N GLY J 146 -35.81 -37.12 -7.87
CA GLY J 146 -35.46 -37.04 -6.46
C GLY J 146 -35.69 -35.67 -5.86
N MET J 147 -35.32 -34.61 -6.60
CA MET J 147 -35.31 -33.27 -6.03
C MET J 147 -36.72 -32.74 -5.81
N GLY J 148 -37.63 -33.01 -6.74
CA GLY J 148 -39.00 -32.55 -6.55
C GLY J 148 -39.73 -33.32 -5.47
N THR J 149 -39.51 -34.63 -5.40
CA THR J 149 -40.16 -35.44 -4.37
C THR J 149 -39.60 -35.19 -2.99
N LEU J 150 -38.36 -34.70 -2.88
CA LEU J 150 -37.83 -34.37 -1.57
C LEU J 150 -38.48 -33.11 -1.01
N LEU J 151 -38.94 -32.22 -1.90
CA LEU J 151 -39.52 -30.95 -1.46
C LEU J 151 -40.89 -31.14 -0.82
N ILE J 152 -41.72 -32.00 -1.43
CA ILE J 152 -43.15 -32.05 -1.11
C ILE J 152 -43.37 -32.63 0.28
N SER J 153 -42.51 -33.56 0.71
CA SER J 153 -42.60 -34.07 2.06
C SER J 153 -42.26 -33.01 3.09
N LYS J 154 -41.37 -32.08 2.73
CA LYS J 154 -41.06 -30.97 3.62
C LYS J 154 -42.19 -29.94 3.63
N ILE J 155 -42.95 -29.88 2.55
CA ILE J 155 -44.06 -28.93 2.47
C ILE J 155 -45.28 -29.46 3.21
N ARG J 156 -45.51 -30.77 3.18
CA ARG J 156 -46.59 -31.35 3.98
C ARG J 156 -46.31 -31.25 5.46
N GLU J 157 -45.03 -31.24 5.86
CA GLU J 157 -44.67 -30.90 7.23
C GLU J 157 -44.98 -29.45 7.54
N GLU J 158 -44.96 -28.57 6.54
CA GLU J 158 -45.30 -27.17 6.77
C GLU J 158 -46.80 -26.94 6.77
N TYR J 159 -47.46 -27.20 5.64
CA TYR J 159 -48.83 -26.76 5.45
C TYR J 159 -49.77 -27.95 5.35
N PRO J 160 -50.72 -28.12 6.26
CA PRO J 160 -51.68 -29.22 6.14
C PRO J 160 -52.82 -28.91 5.19
N ASP J 161 -53.22 -27.64 5.09
CA ASP J 161 -54.43 -27.31 4.34
C ASP J 161 -54.15 -26.95 2.89
N ARG J 162 -52.93 -26.59 2.55
CA ARG J 162 -52.63 -26.13 1.20
C ARG J 162 -52.58 -27.29 0.23
N ILE J 163 -53.19 -27.10 -0.94
CA ILE J 163 -53.29 -28.18 -1.91
C ILE J 163 -51.96 -28.33 -2.64
N MET J 164 -51.81 -29.45 -3.35
CA MET J 164 -50.56 -29.76 -4.03
C MET J 164 -50.89 -30.57 -5.27
N ASN J 165 -50.35 -30.14 -6.42
CA ASN J 165 -50.55 -30.86 -7.66
C ASN J 165 -49.24 -30.93 -8.44
N THR J 166 -48.90 -32.12 -8.90
CA THR J 166 -47.73 -32.36 -9.71
C THR J 166 -48.16 -32.76 -11.11
N PHE J 167 -47.70 -32.01 -12.11
CA PHE J 167 -47.93 -32.38 -13.49
C PHE J 167 -46.80 -33.28 -13.99
N SER J 168 -46.68 -34.44 -13.33
CA SER J 168 -45.56 -35.33 -13.54
C SER J 168 -45.82 -36.26 -14.71
N VAL J 169 -44.87 -36.32 -15.65
CA VAL J 169 -45.00 -37.19 -16.80
C VAL J 169 -44.77 -38.63 -16.37
N VAL J 170 -45.68 -39.52 -16.79
CA VAL J 170 -45.53 -40.95 -16.53
C VAL J 170 -44.33 -41.47 -17.33
N PRO J 171 -43.53 -42.39 -16.80
CA PRO J 171 -42.53 -43.06 -17.64
C PRO J 171 -43.17 -43.81 -18.79
N SER J 172 -42.43 -43.89 -19.88
CA SER J 172 -42.99 -44.22 -21.19
C SER J 172 -43.38 -45.70 -21.26
N PRO J 173 -44.49 -46.02 -21.93
CA PRO J 173 -44.93 -47.42 -21.99
C PRO J 173 -44.02 -48.33 -22.81
N LYS J 174 -43.69 -47.92 -24.03
CA LYS J 174 -43.01 -48.82 -24.97
C LYS J 174 -41.63 -48.31 -25.39
N VAL J 175 -41.51 -47.04 -25.76
CA VAL J 175 -40.19 -46.47 -26.01
C VAL J 175 -39.43 -46.36 -24.69
N SER J 176 -38.14 -46.60 -24.73
CA SER J 176 -37.31 -46.55 -23.53
C SER J 176 -36.23 -45.50 -23.73
N ASP J 177 -36.57 -44.25 -23.42
CA ASP J 177 -35.56 -43.19 -23.49
C ASP J 177 -34.65 -43.24 -22.28
N THR J 178 -35.20 -43.59 -21.12
CA THR J 178 -34.43 -43.72 -19.90
C THR J 178 -34.12 -45.20 -19.67
N VAL J 179 -32.86 -45.50 -19.37
CA VAL J 179 -32.48 -46.88 -19.11
C VAL J 179 -33.02 -47.35 -17.76
N VAL J 180 -33.07 -46.43 -16.79
CA VAL J 180 -33.42 -46.79 -15.42
C VAL J 180 -34.79 -46.21 -15.06
N GLU J 181 -35.66 -46.10 -16.07
CA GLU J 181 -37.00 -45.57 -15.83
C GLU J 181 -37.87 -46.35 -14.82
N PRO J 182 -37.68 -47.65 -14.51
CA PRO J 182 -38.38 -48.14 -13.31
C PRO J 182 -37.78 -47.61 -12.03
N TYR J 183 -36.46 -47.44 -11.98
CA TYR J 183 -35.80 -46.96 -10.78
C TYR J 183 -36.03 -45.47 -10.55
N ASN J 184 -36.51 -44.75 -11.57
CA ASN J 184 -36.97 -43.39 -11.38
C ASN J 184 -38.48 -43.30 -11.22
N ALA J 185 -39.20 -44.39 -11.51
CA ALA J 185 -40.64 -44.39 -11.27
C ALA J 185 -40.96 -44.86 -9.87
N THR J 186 -40.49 -46.07 -9.51
CA THR J 186 -40.94 -46.76 -8.30
C THR J 186 -40.51 -46.03 -7.04
N LEU J 187 -39.30 -45.49 -7.03
CA LEU J 187 -38.87 -44.67 -5.90
C LEU J 187 -39.56 -43.31 -5.87
N SER J 188 -40.13 -42.89 -6.99
CA SER J 188 -40.95 -41.68 -7.04
C SER J 188 -42.43 -41.96 -6.81
N VAL J 189 -42.87 -43.21 -6.98
CA VAL J 189 -44.26 -43.57 -6.71
C VAL J 189 -44.58 -43.42 -5.23
N HIS J 190 -43.65 -43.81 -4.36
CA HIS J 190 -43.87 -43.80 -2.92
C HIS J 190 -44.05 -42.40 -2.38
N GLN J 191 -43.37 -41.41 -2.95
CA GLN J 191 -43.56 -40.04 -2.48
C GLN J 191 -44.88 -39.47 -2.95
N LEU J 192 -45.32 -39.84 -4.16
CA LEU J 192 -46.56 -39.30 -4.70
C LEU J 192 -47.79 -39.89 -4.02
N VAL J 193 -47.74 -41.15 -3.60
CA VAL J 193 -48.92 -41.76 -2.99
C VAL J 193 -49.13 -41.33 -1.55
N GLU J 194 -48.11 -40.76 -0.90
CA GLU J 194 -48.26 -40.36 0.50
C GLU J 194 -48.89 -38.99 0.63
N ASN J 195 -48.24 -37.96 0.10
CA ASN J 195 -48.56 -36.58 0.47
C ASN J 195 -48.62 -35.69 -0.75
N THR J 196 -49.27 -36.16 -1.81
CA THR J 196 -49.69 -35.31 -2.91
C THR J 196 -51.20 -35.37 -3.00
N ASP J 197 -51.84 -34.20 -2.98
CA ASP J 197 -53.29 -34.16 -2.87
C ASP J 197 -53.97 -34.60 -4.15
N GLU J 198 -53.63 -33.99 -5.28
CA GLU J 198 -53.99 -34.53 -6.58
C GLU J 198 -52.72 -34.64 -7.40
N THR J 199 -52.71 -35.57 -8.35
CA THR J 199 -51.49 -35.87 -9.09
C THR J 199 -51.83 -36.11 -10.55
N TYR J 200 -51.23 -35.31 -11.43
CA TYR J 200 -51.48 -35.41 -12.85
C TYR J 200 -50.48 -36.37 -13.50
N CYS J 201 -50.98 -37.20 -14.40
CA CYS J 201 -50.23 -38.33 -14.92
C CYS J 201 -50.39 -38.35 -16.44
N ILE J 202 -49.30 -38.10 -17.16
CA ILE J 202 -49.32 -37.99 -18.62
C ILE J 202 -48.35 -39.00 -19.20
N ASP J 203 -48.84 -39.87 -20.08
CA ASP J 203 -47.97 -40.77 -20.81
C ASP J 203 -47.25 -40.02 -21.93
N ASN J 204 -46.06 -40.50 -22.27
CA ASN J 204 -45.32 -39.90 -23.37
C ASN J 204 -45.91 -40.26 -24.72
N GLU J 205 -46.33 -41.51 -24.89
CA GLU J 205 -46.63 -42.03 -26.22
C GLU J 205 -47.93 -41.46 -26.77
N ALA J 206 -48.93 -41.26 -25.90
CA ALA J 206 -50.18 -40.67 -26.35
C ALA J 206 -50.01 -39.21 -26.74
N LEU J 207 -49.06 -38.52 -26.10
CA LEU J 207 -48.74 -37.15 -26.51
C LEU J 207 -48.14 -37.13 -27.91
N TYR J 208 -47.33 -38.14 -28.24
CA TYR J 208 -46.93 -38.32 -29.63
C TYR J 208 -48.12 -38.68 -30.51
N ASP J 209 -49.08 -39.41 -29.97
CA ASP J 209 -50.21 -39.86 -30.77
C ASP J 209 -51.16 -38.72 -31.09
N ILE J 210 -51.53 -37.93 -30.08
CA ILE J 210 -52.46 -36.83 -30.27
C ILE J 210 -51.86 -35.76 -31.18
N CYS J 211 -50.55 -35.56 -31.10
CA CYS J 211 -49.87 -34.67 -32.05
C CYS J 211 -49.77 -35.28 -33.44
N PHE J 212 -50.08 -36.57 -33.60
CA PHE J 212 -50.01 -37.20 -34.91
C PHE J 212 -51.36 -37.69 -35.41
N ARG J 213 -52.27 -38.11 -34.53
CA ARG J 213 -53.54 -38.66 -35.00
C ARG J 213 -54.49 -37.56 -35.44
N THR J 214 -54.82 -36.65 -34.53
CA THR J 214 -55.79 -35.61 -34.85
C THR J 214 -55.18 -34.52 -35.71
N LEU J 215 -54.00 -34.03 -35.33
CA LEU J 215 -53.42 -32.89 -36.02
C LEU J 215 -52.73 -33.27 -37.32
N LYS J 216 -52.27 -34.52 -37.44
CA LYS J 216 -51.53 -35.04 -38.60
C LYS J 216 -50.29 -34.19 -38.88
N LEU J 217 -49.37 -34.18 -37.92
CA LEU J 217 -48.15 -33.40 -38.03
C LEU J 217 -47.01 -34.27 -38.53
N THR J 218 -46.04 -33.63 -39.18
CA THR J 218 -44.90 -34.33 -39.76
C THR J 218 -43.65 -34.25 -38.90
N THR J 219 -43.28 -33.04 -38.45
CA THR J 219 -42.08 -32.83 -37.63
C THR J 219 -42.48 -32.16 -36.32
N PRO J 220 -43.01 -32.93 -35.35
CA PRO J 220 -43.46 -32.33 -34.09
C PRO J 220 -42.30 -32.00 -33.17
N THR J 221 -42.16 -30.73 -32.83
CA THR J 221 -41.14 -30.31 -31.90
C THR J 221 -41.67 -30.30 -30.47
N TYR J 222 -40.75 -30.20 -29.51
CA TYR J 222 -41.16 -30.08 -28.10
C TYR J 222 -41.90 -28.78 -27.85
N GLY J 223 -41.69 -27.76 -28.70
CA GLY J 223 -42.54 -26.58 -28.69
C GLY J 223 -43.96 -26.86 -29.11
N ASP J 224 -44.22 -28.00 -29.74
CA ASP J 224 -45.57 -28.47 -29.99
C ASP J 224 -45.90 -29.78 -29.29
N LEU J 225 -44.91 -30.56 -28.87
CA LEU J 225 -45.17 -31.65 -27.94
C LEU J 225 -45.66 -31.13 -26.60
N ASN J 226 -44.82 -30.34 -25.93
CA ASN J 226 -45.11 -29.88 -24.58
C ASN J 226 -46.11 -28.72 -24.56
N HIS J 227 -46.55 -28.23 -25.71
CA HIS J 227 -47.50 -27.13 -25.71
C HIS J 227 -48.89 -27.58 -25.29
N LEU J 228 -49.22 -28.85 -25.51
CA LEU J 228 -50.56 -29.34 -25.19
C LEU J 228 -50.78 -29.41 -23.69
N VAL J 229 -49.71 -29.69 -22.92
CA VAL J 229 -49.84 -29.67 -21.48
C VAL J 229 -49.93 -28.23 -20.99
N SER J 230 -49.33 -27.30 -21.73
CA SER J 230 -49.34 -25.89 -21.33
C SER J 230 -50.73 -25.30 -21.45
N ALA J 231 -51.48 -25.68 -22.48
CA ALA J 231 -52.88 -25.29 -22.52
C ALA J 231 -53.70 -26.08 -21.53
N THR J 232 -53.25 -27.29 -21.17
CA THR J 232 -53.99 -28.12 -20.23
C THR J 232 -53.93 -27.55 -18.82
N MET J 233 -52.73 -27.14 -18.40
CA MET J 233 -52.55 -26.56 -17.06
C MET J 233 -53.31 -25.25 -16.92
N SER J 234 -53.39 -24.48 -18.01
CA SER J 234 -54.12 -23.22 -17.97
C SER J 234 -55.62 -23.44 -17.83
N GLY J 235 -56.13 -24.53 -18.40
CA GLY J 235 -57.55 -24.83 -18.28
C GLY J 235 -57.96 -25.35 -16.92
N VAL J 236 -57.01 -25.68 -16.06
CA VAL J 236 -57.34 -26.14 -14.72
C VAL J 236 -57.79 -24.96 -13.86
N THR J 237 -57.10 -23.83 -13.98
CA THR J 237 -57.35 -22.67 -13.13
C THR J 237 -57.97 -21.52 -13.91
N THR J 238 -58.52 -21.78 -15.09
CA THR J 238 -59.08 -20.70 -15.90
C THR J 238 -60.40 -20.17 -15.34
N CYS J 239 -61.06 -20.92 -14.46
CA CYS J 239 -62.22 -20.38 -13.76
C CYS J 239 -61.84 -19.56 -12.54
N LEU J 240 -60.60 -19.68 -12.08
CA LEU J 240 -60.12 -18.85 -10.97
C LEU J 240 -59.80 -17.45 -11.46
N ARG J 241 -59.05 -17.34 -12.56
CA ARG J 241 -58.48 -16.09 -13.01
C ARG J 241 -59.50 -15.14 -13.62
N PHE J 242 -60.71 -15.61 -13.88
CA PHE J 242 -61.74 -14.82 -14.53
C PHE J 242 -63.09 -15.25 -13.98
N PRO J 243 -64.07 -14.35 -13.98
CA PRO J 243 -65.42 -14.74 -13.56
C PRO J 243 -66.06 -15.68 -14.56
N GLY J 244 -67.11 -16.36 -14.10
CA GLY J 244 -67.84 -17.28 -14.95
C GLY J 244 -69.29 -17.35 -14.55
N GLN J 245 -70.06 -18.07 -15.37
CA GLN J 245 -71.42 -18.42 -14.99
C GLN J 245 -71.46 -19.54 -13.97
N LEU J 246 -70.37 -20.28 -13.83
CA LEU J 246 -70.19 -21.26 -12.77
C LEU J 246 -68.69 -21.35 -12.52
N ASN J 247 -68.22 -20.64 -11.49
CA ASN J 247 -66.79 -20.54 -11.24
C ASN J 247 -66.25 -21.84 -10.63
N ALA J 248 -64.92 -21.91 -10.57
CA ALA J 248 -64.22 -23.06 -10.01
C ALA J 248 -62.80 -22.63 -9.66
N ASP J 249 -62.17 -23.41 -8.79
CA ASP J 249 -60.78 -23.21 -8.43
C ASP J 249 -60.21 -24.55 -8.00
N LEU J 250 -58.99 -24.52 -7.45
CA LEU J 250 -58.26 -25.76 -7.18
C LEU J 250 -58.81 -26.54 -5.99
N ARG J 251 -59.56 -25.89 -5.10
CA ARG J 251 -60.15 -26.65 -4.00
C ARG J 251 -61.46 -27.30 -4.41
N LYS J 252 -62.21 -26.65 -5.31
CA LYS J 252 -63.44 -27.24 -5.82
C LYS J 252 -63.15 -28.47 -6.67
N LEU J 253 -62.03 -28.46 -7.39
CA LEU J 253 -61.68 -29.62 -8.19
C LEU J 253 -61.20 -30.77 -7.33
N ALA J 254 -60.66 -30.47 -6.15
CA ALA J 254 -60.10 -31.52 -5.31
C ALA J 254 -61.20 -32.32 -4.63
N VAL J 255 -62.11 -31.64 -3.94
CA VAL J 255 -63.05 -32.30 -3.06
C VAL J 255 -64.17 -32.96 -3.87
N ASN J 256 -64.48 -32.42 -5.05
CA ASN J 256 -65.43 -33.07 -5.94
C ASN J 256 -64.88 -34.39 -6.45
N MET J 257 -63.61 -34.41 -6.84
CA MET J 257 -63.09 -35.57 -7.57
C MET J 257 -62.66 -36.69 -6.63
N VAL J 258 -61.73 -36.41 -5.72
CA VAL J 258 -60.96 -37.45 -5.04
C VAL J 258 -61.88 -38.14 -4.03
N PRO J 259 -62.22 -39.41 -4.21
CA PRO J 259 -63.22 -40.05 -3.35
C PRO J 259 -62.64 -40.57 -2.05
N PHE J 260 -61.34 -40.87 -2.05
CA PHE J 260 -60.56 -41.40 -0.94
C PHE J 260 -59.15 -40.95 -1.27
N PRO J 261 -58.36 -40.54 -0.27
CA PRO J 261 -57.11 -39.81 -0.56
C PRO J 261 -56.04 -40.64 -1.26
N ARG J 262 -56.14 -41.97 -1.25
CA ARG J 262 -55.16 -42.78 -1.97
C ARG J 262 -55.52 -42.94 -3.44
N LEU J 263 -56.68 -42.46 -3.88
CA LEU J 263 -57.10 -42.54 -5.28
C LEU J 263 -57.26 -41.12 -5.81
N HIS J 264 -56.15 -40.55 -6.29
CA HIS J 264 -56.18 -39.17 -6.76
C HIS J 264 -55.32 -38.95 -8.00
N PHE J 265 -55.10 -40.00 -8.79
CA PHE J 265 -54.18 -39.95 -9.93
C PHE J 265 -55.00 -39.81 -11.19
N PHE J 266 -54.91 -38.64 -11.83
CA PHE J 266 -55.89 -38.19 -12.80
C PHE J 266 -55.34 -38.24 -14.22
N MET J 267 -56.23 -37.96 -15.16
CA MET J 267 -55.90 -37.88 -16.58
C MET J 267 -56.54 -36.64 -17.20
N PRO J 268 -55.85 -36.00 -18.15
CA PRO J 268 -56.39 -34.77 -18.74
C PRO J 268 -57.26 -35.02 -19.94
N GLY J 269 -57.69 -33.92 -20.57
CA GLY J 269 -58.39 -33.96 -21.83
C GLY J 269 -58.62 -32.56 -22.36
N PHE J 270 -58.33 -32.33 -23.64
CA PHE J 270 -58.42 -31.00 -24.23
C PHE J 270 -59.16 -31.07 -25.55
N ALA J 271 -59.91 -30.01 -25.85
CA ALA J 271 -60.65 -29.87 -27.09
C ALA J 271 -60.85 -28.38 -27.34
N PRO J 272 -60.92 -27.94 -28.61
CA PRO J 272 -60.84 -28.64 -29.90
C PRO J 272 -59.43 -28.75 -30.47
N LEU J 273 -59.25 -29.67 -31.43
CA LEU J 273 -57.98 -29.90 -32.09
C LEU J 273 -58.22 -30.10 -33.57
N THR J 274 -57.59 -29.26 -34.40
CA THR J 274 -57.75 -29.35 -35.84
C THR J 274 -56.40 -29.43 -36.54
N SER J 275 -56.40 -29.31 -37.85
CA SER J 275 -55.19 -29.11 -38.63
C SER J 275 -55.07 -27.63 -38.97
N ARG J 276 -54.09 -27.28 -39.80
CA ARG J 276 -53.90 -25.88 -40.18
C ARG J 276 -54.99 -25.42 -41.14
N GLY J 277 -55.45 -26.30 -42.02
CA GLY J 277 -56.47 -25.96 -42.99
C GLY J 277 -57.76 -26.72 -42.76
N SER J 278 -57.67 -27.89 -42.14
CA SER J 278 -58.84 -28.71 -41.81
C SER J 278 -59.44 -28.25 -40.47
N GLN J 279 -59.88 -27.00 -40.45
CA GLN J 279 -60.26 -26.36 -39.21
C GLN J 279 -61.64 -25.73 -39.30
N GLN J 280 -62.09 -25.46 -40.51
CA GLN J 280 -63.41 -24.88 -40.72
C GLN J 280 -64.43 -25.91 -41.16
N TYR J 281 -63.98 -27.04 -41.72
CA TYR J 281 -64.89 -28.06 -42.22
C TYR J 281 -65.40 -28.97 -41.11
N ARG J 282 -65.94 -28.37 -40.06
CA ARG J 282 -66.42 -29.06 -38.87
C ARG J 282 -67.26 -28.09 -38.08
N ALA J 283 -68.39 -28.56 -37.55
CA ALA J 283 -69.25 -27.75 -36.70
C ALA J 283 -68.66 -27.75 -35.30
N LEU J 284 -67.69 -26.86 -35.09
CA LEU J 284 -66.97 -26.76 -33.81
C LEU J 284 -67.88 -26.13 -32.77
N THR J 285 -68.79 -26.93 -32.24
CA THR J 285 -69.75 -26.48 -31.25
C THR J 285 -69.69 -27.39 -30.02
N VAL J 286 -70.67 -27.23 -29.12
CA VAL J 286 -70.68 -28.01 -27.89
C VAL J 286 -70.81 -29.52 -28.12
N PRO J 287 -71.70 -30.03 -29.00
CA PRO J 287 -71.69 -31.49 -29.20
C PRO J 287 -70.45 -32.03 -29.88
N GLU J 288 -69.75 -31.24 -30.70
CA GLU J 288 -68.45 -31.69 -31.20
C GLU J 288 -67.43 -31.68 -30.08
N LEU J 289 -67.42 -30.63 -29.26
CA LEU J 289 -66.59 -30.61 -28.06
C LEU J 289 -67.04 -31.62 -27.02
N THR J 290 -68.29 -32.08 -27.09
CA THR J 290 -68.72 -33.16 -26.21
C THR J 290 -68.03 -34.47 -26.59
N GLN J 291 -68.25 -34.94 -27.82
CA GLN J 291 -67.77 -36.25 -28.20
C GLN J 291 -66.28 -36.30 -28.49
N GLN J 292 -65.61 -35.15 -28.59
CA GLN J 292 -64.16 -35.17 -28.74
C GLN J 292 -63.45 -35.55 -27.44
N MET J 293 -64.11 -35.34 -26.31
CA MET J 293 -63.48 -35.63 -25.03
C MET J 293 -63.49 -37.12 -24.73
N PHE J 294 -64.67 -37.74 -24.78
CA PHE J 294 -64.89 -39.02 -24.13
C PHE J 294 -64.32 -40.21 -24.89
N ASP J 295 -63.71 -40.03 -26.06
CA ASP J 295 -63.10 -41.15 -26.74
C ASP J 295 -61.75 -41.50 -26.08
N ALA J 296 -61.25 -42.69 -26.43
CA ALA J 296 -60.01 -43.17 -25.84
C ALA J 296 -58.79 -42.37 -26.32
N LYS J 297 -58.85 -41.85 -27.54
CA LYS J 297 -57.66 -41.25 -28.14
C LYS J 297 -57.35 -39.86 -27.62
N ASN J 298 -58.32 -39.17 -27.00
CA ASN J 298 -58.06 -37.81 -26.52
C ASN J 298 -57.28 -37.80 -25.21
N MET J 299 -57.21 -38.93 -24.52
CA MET J 299 -56.51 -38.97 -23.25
C MET J 299 -55.01 -38.89 -23.48
N MET J 300 -54.36 -37.91 -22.84
CA MET J 300 -52.92 -37.75 -22.99
C MET J 300 -52.16 -38.83 -22.24
N ALA J 301 -52.81 -39.53 -21.31
CA ALA J 301 -52.31 -40.78 -20.79
C ALA J 301 -52.85 -41.90 -21.67
N ALA J 302 -51.96 -42.70 -22.24
CA ALA J 302 -52.36 -43.77 -23.14
C ALA J 302 -53.04 -44.89 -22.36
N CYS J 303 -54.36 -44.84 -22.30
CA CYS J 303 -55.13 -45.86 -21.60
C CYS J 303 -56.50 -45.95 -22.25
N ASP J 304 -57.07 -47.14 -22.22
CA ASP J 304 -58.39 -47.36 -22.79
C ASP J 304 -59.43 -47.27 -21.69
N PRO J 305 -60.38 -46.33 -21.76
CA PRO J 305 -61.51 -46.36 -20.81
C PRO J 305 -62.41 -47.57 -20.99
N ARG J 306 -62.38 -48.23 -22.14
CA ARG J 306 -63.13 -49.47 -22.31
C ARG J 306 -62.54 -50.59 -21.47
N HIS J 307 -61.22 -50.58 -21.25
CA HIS J 307 -60.59 -51.56 -20.37
C HIS J 307 -60.39 -50.99 -18.97
N GLY J 308 -61.50 -50.54 -18.38
CA GLY J 308 -61.45 -49.97 -17.05
C GLY J 308 -62.80 -49.39 -16.67
N ARG J 309 -62.82 -48.76 -15.50
CA ARG J 309 -64.03 -48.14 -14.98
C ARG J 309 -63.69 -46.77 -14.40
N TYR J 310 -64.49 -45.76 -14.75
CA TYR J 310 -64.35 -44.44 -14.18
C TYR J 310 -64.82 -44.42 -12.73
N LEU J 311 -64.46 -43.34 -12.04
CA LEU J 311 -65.05 -43.01 -10.75
C LEU J 311 -65.73 -41.65 -10.77
N THR J 312 -65.01 -40.60 -11.17
CA THR J 312 -65.55 -39.25 -11.25
C THR J 312 -65.10 -38.60 -12.56
N VAL J 313 -65.80 -37.53 -12.93
CA VAL J 313 -65.58 -36.81 -14.18
C VAL J 313 -65.70 -35.32 -13.89
N ALA J 314 -64.66 -34.55 -14.19
CA ALA J 314 -64.72 -33.10 -14.16
C ALA J 314 -64.61 -32.56 -15.58
N ALA J 315 -65.18 -31.39 -15.80
CA ALA J 315 -65.13 -30.76 -17.12
C ALA J 315 -65.12 -29.25 -16.93
N VAL J 316 -64.12 -28.59 -17.49
CA VAL J 316 -63.99 -27.13 -17.41
C VAL J 316 -64.10 -26.56 -18.81
N PHE J 317 -65.08 -25.69 -19.02
CA PHE J 317 -65.30 -25.05 -20.30
C PHE J 317 -64.71 -23.65 -20.30
N ARG J 318 -64.47 -23.12 -21.50
CA ARG J 318 -64.01 -21.76 -21.67
C ARG J 318 -64.81 -21.09 -22.78
N GLY J 319 -65.03 -19.78 -22.62
CA GLY J 319 -65.80 -19.02 -23.59
C GLY J 319 -67.28 -19.00 -23.26
N ARG J 320 -67.97 -18.03 -23.84
CA ARG J 320 -69.40 -17.85 -23.58
C ARG J 320 -70.20 -18.94 -24.28
N MET J 321 -71.17 -19.50 -23.58
CA MET J 321 -71.96 -20.61 -24.11
C MET J 321 -73.25 -20.72 -23.32
N SER J 322 -74.21 -21.43 -23.92
CA SER J 322 -75.49 -21.68 -23.28
C SER J 322 -75.36 -22.89 -22.36
N MET J 323 -76.49 -23.39 -21.84
CA MET J 323 -76.42 -24.42 -20.81
C MET J 323 -77.11 -25.71 -21.19
N LYS J 324 -78.33 -25.68 -21.73
CA LYS J 324 -78.99 -26.92 -22.12
C LYS J 324 -78.28 -27.56 -23.30
N GLU J 325 -77.62 -26.74 -24.13
CA GLU J 325 -76.68 -27.26 -25.12
C GLU J 325 -75.53 -27.99 -24.45
N VAL J 326 -75.15 -27.59 -23.23
CA VAL J 326 -74.10 -28.28 -22.50
C VAL J 326 -74.66 -29.39 -21.63
N ASP J 327 -75.73 -29.10 -20.87
CA ASP J 327 -76.16 -29.96 -19.77
C ASP J 327 -76.68 -31.30 -20.27
N GLU J 328 -77.50 -31.30 -21.31
CA GLU J 328 -78.01 -32.55 -21.86
C GLU J 328 -76.87 -33.36 -22.49
N GLN J 329 -75.92 -32.67 -23.14
CA GLN J 329 -74.72 -33.34 -23.61
C GLN J 329 -73.89 -33.84 -22.43
N MET J 330 -73.89 -33.12 -21.32
CA MET J 330 -73.20 -33.59 -20.13
C MET J 330 -74.06 -34.55 -19.29
N LEU J 331 -75.19 -35.00 -19.80
CA LEU J 331 -76.01 -35.98 -19.11
C LEU J 331 -76.20 -37.25 -19.94
N ASN J 332 -76.44 -37.08 -21.24
CA ASN J 332 -76.79 -38.21 -22.10
C ASN J 332 -75.60 -39.11 -22.35
N VAL J 333 -74.39 -38.56 -22.36
CA VAL J 333 -73.21 -39.36 -22.67
C VAL J 333 -72.85 -40.31 -21.54
N GLN J 334 -73.41 -40.09 -20.35
CA GLN J 334 -73.26 -41.08 -19.28
C GLN J 334 -74.12 -42.31 -19.54
N ASN J 335 -75.17 -42.17 -20.35
CA ASN J 335 -76.08 -43.27 -20.60
C ASN J 335 -75.69 -44.12 -21.80
N LYS J 336 -75.01 -43.56 -22.80
CA LYS J 336 -74.56 -44.39 -23.90
C LYS J 336 -73.36 -45.23 -23.50
N ASN J 337 -72.45 -44.68 -22.71
CA ASN J 337 -71.36 -45.44 -22.11
C ASN J 337 -71.70 -45.80 -20.66
N SER J 338 -72.82 -46.51 -20.51
CA SER J 338 -73.41 -46.71 -19.19
C SER J 338 -72.62 -47.71 -18.35
N SER J 339 -72.30 -48.87 -18.93
CA SER J 339 -71.62 -49.91 -18.18
C SER J 339 -70.15 -49.58 -17.91
N TYR J 340 -69.60 -48.59 -18.60
CA TYR J 340 -68.20 -48.24 -18.40
C TYR J 340 -67.97 -47.49 -17.09
N PHE J 341 -69.00 -46.82 -16.58
CA PHE J 341 -68.88 -46.12 -15.31
C PHE J 341 -69.07 -47.09 -14.14
N VAL J 342 -69.23 -46.54 -12.95
CA VAL J 342 -69.46 -47.35 -11.76
C VAL J 342 -70.81 -46.95 -11.19
N GLU J 343 -71.38 -47.87 -10.39
CA GLU J 343 -72.78 -47.79 -9.99
C GLU J 343 -73.02 -46.72 -8.93
N TRP J 344 -72.13 -46.65 -7.94
CA TRP J 344 -72.41 -46.01 -6.66
C TRP J 344 -72.26 -44.49 -6.67
N ILE J 345 -72.23 -43.81 -7.82
CA ILE J 345 -72.28 -42.36 -7.87
C ILE J 345 -73.38 -41.93 -8.83
N PRO J 346 -74.40 -41.21 -8.39
CA PRO J 346 -75.33 -40.57 -9.33
C PRO J 346 -74.75 -39.25 -9.83
N ASN J 347 -74.74 -39.10 -11.16
CA ASN J 347 -74.35 -37.87 -11.87
C ASN J 347 -72.91 -37.45 -11.52
N ASN J 348 -71.99 -38.28 -11.98
CA ASN J 348 -70.57 -38.12 -11.71
C ASN J 348 -69.88 -37.12 -12.63
N VAL J 349 -70.64 -36.29 -13.33
CA VAL J 349 -70.09 -35.36 -14.31
C VAL J 349 -70.08 -33.99 -13.65
N LYS J 350 -68.90 -33.50 -13.31
CA LYS J 350 -68.75 -32.16 -12.74
C LYS J 350 -68.54 -31.16 -13.87
N THR J 351 -69.39 -30.15 -13.93
CA THR J 351 -69.37 -29.17 -15.00
C THR J 351 -68.81 -27.84 -14.46
N ALA J 352 -67.98 -27.18 -15.26
CA ALA J 352 -67.42 -25.89 -14.89
C ALA J 352 -67.36 -25.02 -16.12
N VAL J 353 -67.97 -23.83 -16.04
CA VAL J 353 -68.12 -22.95 -17.19
C VAL J 353 -67.52 -21.60 -16.84
N CYS J 354 -66.36 -21.29 -17.41
CA CYS J 354 -65.84 -19.94 -17.35
C CYS J 354 -66.49 -19.09 -18.43
N ASP J 355 -66.18 -17.79 -18.41
CA ASP J 355 -66.71 -16.88 -19.42
C ASP J 355 -65.63 -16.19 -20.22
N ILE J 356 -64.42 -16.76 -20.28
CA ILE J 356 -63.32 -16.22 -21.06
C ILE J 356 -62.72 -17.34 -21.90
N PRO J 357 -62.67 -17.20 -23.23
CA PRO J 357 -62.09 -18.24 -24.06
C PRO J 357 -60.57 -18.14 -24.07
N PRO J 358 -59.87 -19.10 -24.68
CA PRO J 358 -58.45 -18.87 -24.99
C PRO J 358 -58.29 -17.76 -26.02
N ARG J 359 -57.08 -17.21 -26.08
CA ARG J 359 -56.76 -16.21 -27.09
C ARG J 359 -56.70 -16.93 -28.43
N GLY J 360 -57.81 -16.92 -29.16
CA GLY J 360 -57.95 -17.78 -30.31
C GLY J 360 -59.39 -18.15 -30.60
N LEU J 361 -59.68 -19.45 -30.60
CA LEU J 361 -60.99 -19.97 -30.97
C LEU J 361 -62.05 -19.56 -29.96
N LYS J 362 -63.31 -19.72 -30.37
CA LYS J 362 -64.42 -19.11 -29.64
C LYS J 362 -64.77 -19.87 -28.37
N MET J 363 -64.81 -21.21 -28.42
CA MET J 363 -65.10 -22.00 -27.25
C MET J 363 -64.08 -23.11 -27.11
N SER J 364 -63.85 -23.53 -25.86
CA SER J 364 -62.87 -24.54 -25.55
C SER J 364 -63.27 -25.24 -24.27
N ALA J 365 -62.80 -26.48 -24.12
CA ALA J 365 -63.17 -27.30 -22.98
C ALA J 365 -61.95 -28.05 -22.49
N THR J 366 -61.87 -28.24 -21.17
CA THR J 366 -60.78 -29.00 -20.56
C THR J 366 -61.38 -30.13 -19.75
N PHE J 367 -60.98 -31.35 -20.07
CA PHE J 367 -61.51 -32.53 -19.43
C PHE J 367 -60.53 -33.01 -18.37
N ILE J 368 -61.05 -33.33 -17.20
CA ILE J 368 -60.29 -33.90 -16.09
C ILE J 368 -60.96 -35.22 -15.74
N GLY J 369 -60.26 -36.32 -16.02
CA GLY J 369 -60.82 -37.65 -15.89
C GLY J 369 -60.17 -38.44 -14.77
N ASN J 370 -60.90 -39.43 -14.28
CA ASN J 370 -60.42 -40.35 -13.26
C ASN J 370 -61.02 -41.71 -13.55
N SER J 371 -60.16 -42.72 -13.71
CA SER J 371 -60.64 -44.05 -14.04
C SER J 371 -59.69 -45.09 -13.43
N THR J 372 -60.08 -46.35 -13.56
CA THR J 372 -59.26 -47.48 -13.15
C THR J 372 -58.39 -48.00 -14.28
N ALA J 373 -58.27 -47.26 -15.38
CA ALA J 373 -57.47 -47.72 -16.50
C ALA J 373 -55.98 -47.56 -16.25
N ILE J 374 -55.60 -46.68 -15.32
CA ILE J 374 -54.20 -46.34 -15.14
C ILE J 374 -53.44 -47.45 -14.40
N GLN J 375 -54.11 -48.24 -13.55
CA GLN J 375 -53.44 -49.30 -12.80
C GLN J 375 -52.90 -50.41 -13.69
N GLU J 376 -53.47 -50.59 -14.88
CA GLU J 376 -52.96 -51.59 -15.80
C GLU J 376 -51.64 -51.17 -16.42
N LEU J 377 -51.34 -49.87 -16.43
CA LEU J 377 -50.03 -49.42 -16.87
C LEU J 377 -48.97 -49.72 -15.81
N PHE J 378 -49.36 -49.68 -14.53
CA PHE J 378 -48.40 -49.91 -13.45
C PHE J 378 -47.99 -51.37 -13.37
N LYS J 379 -48.86 -52.28 -13.79
CA LYS J 379 -48.50 -53.69 -13.83
C LYS J 379 -47.42 -53.96 -14.87
N ARG J 380 -47.42 -53.18 -15.94
CA ARG J 380 -46.25 -53.15 -16.82
C ARG J 380 -45.04 -52.55 -16.11
N ILE J 381 -45.25 -51.46 -15.37
CA ILE J 381 -44.15 -50.78 -14.71
C ILE J 381 -43.62 -51.61 -13.54
N SER J 382 -44.52 -52.30 -12.83
CA SER J 382 -44.06 -53.26 -11.83
C SER J 382 -43.36 -54.45 -12.47
N GLU J 383 -43.77 -54.83 -13.67
CA GLU J 383 -43.02 -55.84 -14.42
C GLU J 383 -41.67 -55.30 -14.87
N GLN J 384 -41.64 -54.04 -15.33
CA GLN J 384 -40.39 -53.40 -15.70
C GLN J 384 -39.48 -53.22 -14.49
N PHE J 385 -40.05 -53.00 -13.31
CA PHE J 385 -39.26 -52.95 -12.09
C PHE J 385 -38.67 -54.32 -11.79
N THR J 386 -39.52 -55.35 -11.75
CA THR J 386 -39.08 -56.67 -11.33
C THR J 386 -38.18 -57.35 -12.35
N ALA J 387 -38.28 -56.96 -13.62
CA ALA J 387 -37.38 -57.52 -14.64
C ALA J 387 -35.95 -57.07 -14.40
N MET J 388 -35.78 -55.84 -13.92
CA MET J 388 -34.47 -55.34 -13.55
C MET J 388 -34.15 -55.59 -12.08
N PHE J 389 -35.05 -56.25 -11.35
CA PHE J 389 -34.86 -56.55 -9.94
C PHE J 389 -34.76 -58.03 -9.64
N ARG J 390 -35.31 -58.92 -10.49
CA ARG J 390 -35.17 -60.34 -10.23
C ARG J 390 -33.76 -60.84 -10.48
N ARG J 391 -32.93 -60.07 -11.19
CA ARG J 391 -31.50 -60.28 -11.21
C ARG J 391 -30.76 -59.37 -10.25
N LYS J 392 -31.47 -58.42 -9.63
CA LYS J 392 -30.93 -57.42 -8.70
C LYS J 392 -29.79 -56.61 -9.33
N ALA J 393 -30.02 -56.16 -10.56
CA ALA J 393 -29.07 -55.29 -11.23
C ALA J 393 -29.25 -53.85 -10.76
N PHE J 394 -28.26 -53.02 -11.09
CA PHE J 394 -28.27 -51.56 -10.87
C PHE J 394 -28.42 -51.19 -9.40
N LEU J 395 -27.94 -52.06 -8.51
CA LEU J 395 -28.10 -51.85 -7.08
C LEU J 395 -26.92 -51.10 -6.47
N HIS J 396 -25.72 -51.28 -7.03
CA HIS J 396 -24.49 -50.74 -6.46
C HIS J 396 -24.43 -49.21 -6.50
N TRP J 397 -25.20 -48.58 -7.38
CA TRP J 397 -25.36 -47.13 -7.31
C TRP J 397 -26.15 -46.74 -6.06
N TYR J 398 -27.29 -47.38 -5.85
CA TYR J 398 -28.11 -47.11 -4.67
C TYR J 398 -27.46 -47.67 -3.41
N THR J 399 -26.68 -48.74 -3.54
CA THR J 399 -25.87 -49.21 -2.43
C THR J 399 -24.74 -48.23 -2.14
N GLY J 400 -24.16 -47.64 -3.19
CA GLY J 400 -23.16 -46.61 -3.00
C GLY J 400 -23.72 -45.37 -2.34
N GLU J 401 -24.99 -45.06 -2.61
CA GLU J 401 -25.67 -44.03 -1.86
C GLU J 401 -26.18 -44.55 -0.52
N GLY J 402 -26.46 -45.84 -0.45
CA GLY J 402 -26.86 -46.49 0.80
C GLY J 402 -28.35 -46.71 0.90
N MET J 403 -28.81 -47.94 0.60
CA MET J 403 -30.22 -48.27 0.66
C MET J 403 -30.36 -49.79 0.70
N ASP J 404 -31.23 -50.27 1.59
CA ASP J 404 -31.53 -51.69 1.68
C ASP J 404 -32.49 -52.12 0.57
N GLU J 405 -32.73 -53.42 0.50
CA GLU J 405 -33.70 -53.94 -0.46
C GLU J 405 -35.13 -53.63 -0.03
N MET J 406 -35.34 -53.46 1.28
CA MET J 406 -36.70 -53.28 1.80
C MET J 406 -37.31 -51.96 1.36
N GLU J 407 -36.48 -50.92 1.21
CA GLU J 407 -36.96 -49.66 0.67
C GLU J 407 -37.36 -49.81 -0.80
N PHE J 408 -36.63 -50.65 -1.54
CA PHE J 408 -37.10 -51.01 -2.87
C PHE J 408 -38.34 -51.90 -2.80
N THR J 409 -38.40 -52.78 -1.81
CA THR J 409 -39.44 -53.79 -1.79
C THR J 409 -40.77 -53.21 -1.30
N GLU J 410 -40.72 -52.40 -0.23
CA GLU J 410 -41.96 -51.84 0.31
C GLU J 410 -42.56 -50.81 -0.63
N ALA J 411 -41.73 -50.04 -1.33
CA ALA J 411 -42.24 -49.12 -2.34
C ALA J 411 -42.85 -49.88 -3.51
N GLU J 412 -42.25 -51.02 -3.87
CA GLU J 412 -42.87 -51.91 -4.83
C GLU J 412 -44.14 -52.53 -4.25
N SER J 413 -44.13 -52.81 -2.94
CA SER J 413 -45.35 -53.23 -2.28
C SER J 413 -46.35 -52.09 -2.20
N ASN J 414 -45.87 -50.85 -1.99
CA ASN J 414 -46.77 -49.71 -1.96
C ASN J 414 -47.26 -49.38 -3.37
N MET J 415 -46.45 -49.67 -4.39
CA MET J 415 -46.95 -49.66 -5.76
C MET J 415 -48.03 -50.71 -5.93
N ASN J 416 -47.84 -51.89 -5.34
CA ASN J 416 -48.88 -52.91 -5.34
C ASN J 416 -50.05 -52.54 -4.44
N ASP J 417 -49.82 -51.65 -3.46
CA ASP J 417 -50.94 -51.13 -2.69
C ASP J 417 -51.79 -50.20 -3.53
N LEU J 418 -51.19 -49.50 -4.50
CA LEU J 418 -51.97 -48.80 -5.50
C LEU J 418 -52.69 -49.78 -6.41
N VAL J 419 -52.04 -50.91 -6.69
CA VAL J 419 -52.68 -51.95 -7.49
C VAL J 419 -53.86 -52.55 -6.75
N SER J 420 -53.70 -52.80 -5.45
CA SER J 420 -54.73 -53.46 -4.66
C SER J 420 -55.94 -52.56 -4.39
N GLU J 421 -55.86 -51.27 -4.69
CA GLU J 421 -56.94 -50.36 -4.36
C GLU J 421 -57.67 -49.81 -5.58
N TYR J 422 -56.99 -49.54 -6.70
CA TYR J 422 -57.73 -49.24 -7.92
C TYR J 422 -58.40 -50.47 -8.50
N GLN J 423 -57.89 -51.67 -8.18
CA GLN J 423 -58.59 -52.88 -8.59
C GLN J 423 -59.78 -53.15 -7.68
N GLN J 424 -59.70 -52.69 -6.43
CA GLN J 424 -60.73 -52.97 -5.44
C GLN J 424 -62.04 -52.28 -5.77
N TYR J 425 -61.99 -50.98 -6.07
CA TYR J 425 -63.20 -50.30 -6.47
C TYR J 425 -63.60 -50.63 -7.90
N GLN J 426 -62.67 -51.12 -8.71
CA GLN J 426 -63.05 -51.59 -10.05
C GLN J 426 -63.80 -52.91 -9.96
N ASP J 427 -63.37 -53.80 -9.06
CA ASP J 427 -64.08 -55.05 -8.84
C ASP J 427 -65.46 -54.80 -8.23
N ALA J 428 -65.56 -53.76 -7.40
CA ALA J 428 -66.86 -53.36 -6.89
C ALA J 428 -67.64 -52.62 -7.96
N THR J 429 -68.96 -52.57 -7.78
CA THR J 429 -69.85 -51.80 -8.64
C THR J 429 -71.07 -51.35 -7.84
N MET K 1 19.30 -38.27 -28.44
CA MET K 1 19.66 -39.18 -27.37
C MET K 1 19.81 -40.60 -27.90
N ARG K 2 20.10 -41.53 -26.97
CA ARG K 2 20.26 -42.96 -27.23
C ARG K 2 21.35 -43.22 -28.28
N GLU K 3 22.51 -42.61 -28.05
CA GLU K 3 23.61 -42.70 -29.00
C GLU K 3 24.28 -44.07 -28.96
N ILE K 4 24.99 -44.38 -30.04
CA ILE K 4 25.51 -45.72 -30.30
C ILE K 4 27.00 -45.62 -30.59
N VAL K 5 27.80 -46.41 -29.89
CA VAL K 5 29.25 -46.43 -30.04
C VAL K 5 29.64 -47.59 -30.95
N HIS K 6 30.51 -47.34 -31.91
CA HIS K 6 30.88 -48.29 -32.94
C HIS K 6 32.30 -48.79 -32.72
N ILE K 7 32.47 -50.11 -32.75
CA ILE K 7 33.78 -50.74 -32.59
C ILE K 7 34.00 -51.64 -33.80
N GLN K 8 35.22 -51.61 -34.34
CA GLN K 8 35.62 -52.53 -35.40
C GLN K 8 36.76 -53.40 -34.93
N ALA K 9 37.07 -54.40 -35.76
CA ALA K 9 38.19 -55.30 -35.53
C ALA K 9 38.50 -55.98 -36.85
N GLY K 10 39.49 -56.88 -36.80
CA GLY K 10 39.81 -57.73 -37.92
C GLY K 10 40.37 -56.97 -39.12
N GLN K 11 40.24 -57.60 -40.28
CA GLN K 11 40.64 -57.00 -41.55
C GLN K 11 39.49 -56.94 -42.54
N CYS K 12 38.62 -57.95 -42.55
CA CYS K 12 37.40 -57.89 -43.33
C CYS K 12 36.43 -56.86 -42.77
N GLY K 13 36.22 -56.87 -41.45
CA GLY K 13 35.22 -56.01 -40.85
C GLY K 13 35.55 -54.54 -40.93
N ASN K 14 36.83 -54.20 -41.10
CA ASN K 14 37.21 -52.80 -41.24
C ASN K 14 36.82 -52.27 -42.60
N GLN K 15 37.06 -53.07 -43.65
CA GLN K 15 36.71 -52.65 -45.00
C GLN K 15 35.20 -52.56 -45.18
N ILE K 16 34.44 -53.36 -44.42
CA ILE K 16 32.99 -53.22 -44.41
C ILE K 16 32.60 -51.88 -43.81
N GLY K 17 33.19 -51.55 -42.66
CA GLY K 17 32.97 -50.25 -42.07
C GLY K 17 33.56 -49.11 -42.89
N ALA K 18 34.59 -49.41 -43.68
CA ALA K 18 35.11 -48.44 -44.64
C ALA K 18 34.11 -48.17 -45.76
N LYS K 19 33.16 -49.07 -45.98
CA LYS K 19 32.04 -48.83 -46.87
C LYS K 19 30.78 -48.45 -46.11
N PHE K 20 30.61 -48.96 -44.88
CA PHE K 20 29.40 -48.69 -44.11
C PHE K 20 29.30 -47.24 -43.68
N TRP K 21 30.41 -46.63 -43.27
CA TRP K 21 30.36 -45.23 -42.91
C TRP K 21 30.21 -44.33 -44.12
N GLU K 22 30.55 -44.82 -45.31
CA GLU K 22 30.19 -44.11 -46.53
C GLU K 22 28.68 -44.15 -46.76
N VAL K 23 28.03 -45.24 -46.35
CA VAL K 23 26.58 -45.32 -46.45
C VAL K 23 25.93 -44.33 -45.49
N ILE K 24 26.45 -44.27 -44.26
CA ILE K 24 25.90 -43.35 -43.26
C ILE K 24 26.23 -41.90 -43.62
N SER K 25 27.27 -41.70 -44.43
CA SER K 25 27.63 -40.36 -44.87
C SER K 25 26.55 -39.75 -45.76
N ASP K 26 26.05 -40.52 -46.72
CA ASP K 26 25.00 -40.00 -47.59
C ASP K 26 23.60 -40.28 -47.05
N GLU K 27 23.49 -41.02 -45.95
CA GLU K 27 22.21 -41.09 -45.24
C GLU K 27 22.06 -39.93 -44.27
N HIS K 28 23.06 -39.06 -44.18
CA HIS K 28 22.99 -37.86 -43.35
C HIS K 28 23.57 -36.64 -44.04
N GLY K 29 23.88 -36.74 -45.34
CA GLY K 29 24.45 -35.62 -46.05
C GLY K 29 25.84 -35.26 -45.63
N ILE K 30 26.57 -36.19 -45.03
CA ILE K 30 27.91 -35.91 -44.52
C ILE K 30 28.90 -35.97 -45.66
N ASP K 31 29.69 -34.91 -45.82
CA ASP K 31 30.72 -34.83 -46.84
C ASP K 31 31.87 -35.77 -46.50
N PRO K 32 32.82 -35.99 -47.42
CA PRO K 32 34.06 -36.69 -47.04
C PRO K 32 34.93 -35.92 -46.05
N THR K 33 34.72 -34.62 -45.87
CA THR K 33 35.51 -33.86 -44.91
C THR K 33 35.05 -34.08 -43.48
N GLY K 34 33.77 -33.80 -43.20
CA GLY K 34 33.27 -33.85 -41.85
C GLY K 34 32.23 -32.78 -41.58
N SER K 35 32.02 -31.91 -42.56
CA SER K 35 31.03 -30.85 -42.45
C SER K 35 29.65 -31.38 -42.86
N TYR K 36 28.71 -30.47 -43.08
CA TYR K 36 27.34 -30.84 -43.41
C TYR K 36 26.92 -30.17 -44.70
N HIS K 37 26.21 -30.91 -45.55
CA HIS K 37 25.73 -30.37 -46.80
C HIS K 37 24.32 -30.81 -47.14
N GLY K 38 23.64 -31.50 -46.24
CA GLY K 38 22.30 -31.98 -46.54
C GLY K 38 21.28 -30.86 -46.57
N ASP K 39 20.12 -31.16 -47.16
CA ASP K 39 19.03 -30.20 -47.26
C ASP K 39 17.82 -30.60 -46.41
N SER K 40 17.56 -31.90 -46.29
CA SER K 40 16.46 -32.36 -45.47
C SER K 40 16.82 -32.22 -44.01
N ASP K 41 15.99 -31.50 -43.27
CA ASP K 41 16.25 -31.23 -41.86
C ASP K 41 15.88 -32.40 -40.94
N LEU K 42 15.43 -33.52 -41.49
CA LEU K 42 15.24 -34.71 -40.67
C LEU K 42 16.57 -35.40 -40.34
N GLN K 43 17.63 -35.09 -41.09
CA GLN K 43 18.94 -35.63 -40.78
C GLN K 43 19.52 -35.00 -39.52
N LEU K 44 19.46 -33.67 -39.42
CA LEU K 44 20.05 -32.95 -38.31
C LEU K 44 19.30 -33.16 -37.01
N GLU K 45 18.03 -33.60 -37.07
CA GLU K 45 17.24 -33.78 -35.88
C GLU K 45 17.71 -34.98 -35.06
N ARG K 46 18.27 -36.00 -35.71
CA ARG K 46 18.81 -37.16 -35.01
C ARG K 46 20.23 -37.48 -35.46
N ILE K 47 21.02 -36.44 -35.77
CA ILE K 47 22.37 -36.64 -36.27
C ILE K 47 23.30 -37.20 -35.20
N ASN K 48 22.97 -37.01 -33.92
CA ASN K 48 23.89 -37.29 -32.84
C ASN K 48 24.17 -38.78 -32.63
N VAL K 49 23.31 -39.66 -33.12
CA VAL K 49 23.36 -41.05 -32.70
C VAL K 49 24.57 -41.79 -33.29
N TYR K 50 25.00 -41.42 -34.49
CA TYR K 50 26.22 -41.98 -35.05
C TYR K 50 27.34 -40.98 -35.19
N TYR K 51 27.16 -39.74 -34.73
CA TYR K 51 28.19 -38.72 -34.93
C TYR K 51 28.25 -37.78 -33.73
N ASN K 52 29.45 -37.55 -33.22
CA ASN K 52 29.66 -36.43 -32.32
C ASN K 52 29.79 -35.15 -33.15
N GLU K 53 28.96 -34.16 -32.86
CA GLU K 53 29.11 -32.85 -33.47
C GLU K 53 30.24 -32.14 -32.74
N ALA K 54 31.42 -32.13 -33.35
CA ALA K 54 32.59 -31.50 -32.74
C ALA K 54 32.49 -29.99 -32.89
N ALA K 55 33.50 -29.30 -32.35
CA ALA K 55 33.48 -27.84 -32.28
C ALA K 55 33.71 -27.23 -33.66
N GLY K 56 32.92 -26.22 -33.99
CA GLY K 56 33.10 -25.48 -35.23
C GLY K 56 32.63 -26.22 -36.46
N ASN K 57 31.31 -26.47 -36.54
CA ASN K 57 30.63 -27.01 -37.72
C ASN K 57 31.15 -28.38 -38.13
N LYS K 58 31.62 -29.15 -37.16
CA LYS K 58 32.24 -30.44 -37.43
C LYS K 58 31.32 -31.59 -37.04
N TYR K 59 31.57 -32.73 -37.68
CA TYR K 59 30.90 -33.98 -37.34
C TYR K 59 31.92 -35.10 -37.51
N VAL K 60 32.11 -35.88 -36.44
CA VAL K 60 33.10 -36.95 -36.48
C VAL K 60 32.41 -38.29 -36.29
N PRO K 61 32.89 -39.35 -36.95
CA PRO K 61 32.27 -40.67 -36.79
C PRO K 61 32.58 -41.23 -35.41
N ARG K 62 31.52 -41.47 -34.63
CA ARG K 62 31.66 -42.09 -33.31
C ARG K 62 31.97 -43.57 -33.54
N ALA K 63 33.25 -43.85 -33.78
CA ALA K 63 33.67 -45.18 -34.18
C ALA K 63 35.07 -45.44 -33.65
N ILE K 64 35.35 -46.71 -33.35
CA ILE K 64 36.62 -47.13 -32.78
C ILE K 64 37.24 -48.15 -33.73
N LEU K 65 38.30 -47.75 -34.43
CA LEU K 65 38.97 -48.60 -35.40
C LEU K 65 40.11 -49.34 -34.73
N VAL K 66 40.13 -50.66 -34.86
CA VAL K 66 41.10 -51.50 -34.16
C VAL K 66 41.69 -52.51 -35.15
N ASP K 67 43.02 -52.50 -35.26
CA ASP K 67 43.74 -53.53 -36.01
C ASP K 67 44.95 -53.93 -35.16
N LEU K 68 45.79 -54.82 -35.70
CA LEU K 68 47.04 -55.22 -35.04
C LEU K 68 48.26 -55.06 -35.95
N GLU K 69 48.09 -54.44 -37.13
CA GLU K 69 49.22 -54.12 -38.01
C GLU K 69 48.89 -52.83 -38.74
N PRO K 70 49.88 -51.97 -39.01
CA PRO K 70 49.58 -50.62 -39.54
C PRO K 70 49.17 -50.59 -41.01
N GLY K 71 48.96 -51.73 -41.66
CA GLY K 71 48.63 -51.70 -43.07
C GLY K 71 47.22 -51.22 -43.36
N THR K 72 46.22 -51.82 -42.69
CA THR K 72 44.84 -51.50 -43.00
C THR K 72 44.44 -50.13 -42.50
N MET K 73 45.06 -49.66 -41.42
CA MET K 73 44.83 -48.29 -40.98
C MET K 73 45.40 -47.29 -41.97
N ASP K 74 46.50 -47.66 -42.61
CA ASP K 74 47.07 -46.80 -43.66
C ASP K 74 46.17 -46.78 -44.89
N SER K 75 45.55 -47.92 -45.20
CA SER K 75 44.70 -47.98 -46.38
C SER K 75 43.41 -47.21 -46.20
N VAL K 76 42.89 -47.15 -44.98
CA VAL K 76 41.68 -46.38 -44.72
C VAL K 76 41.98 -44.88 -44.80
N ARG K 77 43.05 -44.45 -44.12
CA ARG K 77 43.35 -43.03 -44.01
C ARG K 77 43.84 -42.44 -45.34
N SER K 78 44.33 -43.26 -46.25
CA SER K 78 44.79 -42.75 -47.54
C SER K 78 43.67 -42.72 -48.57
N GLY K 79 42.75 -43.68 -48.53
CA GLY K 79 41.67 -43.73 -49.48
C GLY K 79 40.52 -42.81 -49.11
N PRO K 80 39.31 -43.18 -49.50
CA PRO K 80 38.15 -42.34 -49.21
C PRO K 80 37.72 -42.49 -47.77
N PHE K 81 37.22 -41.37 -47.22
CA PHE K 81 36.64 -41.28 -45.88
C PHE K 81 37.63 -41.72 -44.80
N GLY K 82 38.88 -41.31 -44.95
CA GLY K 82 39.89 -41.59 -43.95
C GLY K 82 40.21 -40.37 -43.12
N GLN K 83 40.18 -39.21 -43.76
CA GLN K 83 40.35 -37.96 -43.04
C GLN K 83 39.10 -37.53 -42.30
N ILE K 84 37.97 -38.21 -42.52
CA ILE K 84 36.76 -37.86 -41.79
C ILE K 84 36.83 -38.34 -40.35
N PHE K 85 37.59 -39.41 -40.10
CA PHE K 85 37.70 -39.95 -38.75
C PHE K 85 38.59 -39.06 -37.88
N ARG K 86 38.59 -39.35 -36.61
CA ARG K 86 39.49 -38.66 -35.71
C ARG K 86 40.82 -39.40 -35.66
N PRO K 87 41.95 -38.71 -35.78
CA PRO K 87 43.25 -39.39 -35.66
C PRO K 87 43.55 -39.89 -34.27
N ASP K 88 42.81 -39.43 -33.26
CA ASP K 88 42.96 -39.97 -31.92
C ASP K 88 42.41 -41.38 -31.83
N ASN K 89 41.46 -41.75 -32.70
CA ASN K 89 40.76 -43.01 -32.57
C ASN K 89 41.34 -44.13 -33.43
N PHE K 90 42.36 -43.86 -34.25
CA PHE K 90 43.06 -44.93 -34.96
C PHE K 90 43.95 -45.67 -33.97
N VAL K 91 43.35 -46.60 -33.23
CA VAL K 91 44.02 -47.30 -32.15
C VAL K 91 44.33 -48.69 -32.67
N PHE K 92 45.61 -48.96 -32.93
CA PHE K 92 46.00 -50.19 -33.61
C PHE K 92 47.37 -50.64 -33.15
N GLY K 93 47.58 -51.95 -33.16
CA GLY K 93 48.84 -52.54 -32.75
C GLY K 93 49.88 -52.50 -33.83
N GLN K 94 50.91 -53.33 -33.66
CA GLN K 94 52.04 -53.38 -34.58
C GLN K 94 52.44 -54.78 -35.01
N SER K 95 51.85 -55.84 -34.45
CA SER K 95 52.34 -57.18 -34.68
C SER K 95 51.55 -57.93 -35.73
N GLY K 96 50.22 -57.86 -35.67
CA GLY K 96 49.40 -58.74 -36.48
C GLY K 96 49.16 -60.05 -35.75
N ALA K 97 47.91 -60.51 -35.74
CA ALA K 97 47.52 -61.64 -34.91
C ALA K 97 48.04 -62.98 -35.41
N GLY K 98 48.61 -63.03 -36.62
CA GLY K 98 49.17 -64.26 -37.14
C GLY K 98 48.16 -65.32 -37.50
N ASN K 99 46.89 -64.94 -37.65
CA ASN K 99 45.76 -65.84 -37.89
C ASN K 99 45.68 -66.90 -36.78
N ASN K 100 45.87 -66.46 -35.55
CA ASN K 100 45.76 -67.31 -34.37
C ASN K 100 44.71 -66.68 -33.46
N TRP K 101 43.75 -67.50 -33.00
CA TRP K 101 42.79 -67.01 -32.03
C TRP K 101 43.45 -66.73 -30.69
N ALA K 102 44.40 -67.58 -30.31
CA ALA K 102 45.03 -67.45 -29.00
C ALA K 102 45.97 -66.26 -28.93
N LYS K 103 46.56 -65.87 -30.07
CA LYS K 103 47.33 -64.62 -30.09
C LYS K 103 46.43 -63.41 -29.95
N GLY K 104 45.23 -63.45 -30.54
CA GLY K 104 44.31 -62.34 -30.41
C GLY K 104 43.55 -62.28 -29.10
N HIS K 105 43.61 -63.34 -28.31
CA HIS K 105 42.83 -63.43 -27.09
C HIS K 105 43.66 -63.52 -25.82
N TYR K 106 44.89 -64.05 -25.89
CA TYR K 106 45.69 -64.23 -24.69
C TYR K 106 46.93 -63.35 -24.67
N THR K 107 47.80 -63.49 -25.66
CA THR K 107 49.10 -62.79 -25.59
C THR K 107 48.98 -61.35 -26.08
N GLU K 108 48.67 -61.16 -27.36
CA GLU K 108 48.59 -59.82 -27.91
C GLU K 108 47.23 -59.16 -27.69
N GLY K 109 46.24 -59.92 -27.24
CA GLY K 109 44.95 -59.32 -26.94
C GLY K 109 44.97 -58.51 -25.67
N ALA K 110 45.87 -58.82 -24.75
CA ALA K 110 45.93 -58.09 -23.49
C ALA K 110 46.63 -56.75 -23.62
N GLU K 111 47.35 -56.54 -24.72
CA GLU K 111 48.14 -55.31 -24.86
C GLU K 111 47.26 -54.13 -25.22
N LEU K 112 46.58 -54.21 -26.36
CA LEU K 112 45.86 -53.06 -26.90
C LEU K 112 44.47 -52.89 -26.28
N VAL K 113 44.05 -53.83 -25.43
CA VAL K 113 42.70 -53.78 -24.88
C VAL K 113 42.55 -52.62 -23.89
N ASP K 114 43.64 -52.22 -23.23
CA ASP K 114 43.57 -51.09 -22.29
C ASP K 114 43.44 -49.78 -23.04
N SER K 115 44.08 -49.68 -24.21
CA SER K 115 43.94 -48.49 -25.04
C SER K 115 42.53 -48.37 -25.60
N VAL K 116 41.84 -49.48 -25.80
CA VAL K 116 40.50 -49.43 -26.34
C VAL K 116 39.49 -49.09 -25.25
N LEU K 117 39.61 -49.72 -24.07
CA LEU K 117 38.61 -49.60 -23.02
C LEU K 117 38.57 -48.21 -22.37
N ASP K 118 39.58 -47.37 -22.61
CA ASP K 118 39.42 -45.97 -22.25
C ASP K 118 38.62 -45.23 -23.32
N VAL K 119 38.87 -45.56 -24.59
CA VAL K 119 38.17 -44.92 -25.69
C VAL K 119 36.69 -45.30 -25.68
N VAL K 120 36.41 -46.56 -25.34
CA VAL K 120 35.03 -46.97 -25.06
C VAL K 120 34.45 -46.18 -23.91
N ARG K 121 35.26 -45.97 -22.86
CA ARG K 121 34.80 -45.21 -21.70
C ARG K 121 34.68 -43.72 -22.03
N LYS K 122 35.56 -43.21 -22.87
CA LYS K 122 35.52 -41.79 -23.21
C LYS K 122 34.31 -41.46 -24.08
N GLU K 123 33.91 -42.40 -24.94
CA GLU K 123 32.72 -42.16 -25.74
C GLU K 123 31.46 -42.38 -24.92
N SER K 124 31.45 -43.40 -24.04
CA SER K 124 30.27 -43.69 -23.25
C SER K 124 30.03 -42.63 -22.18
N GLU K 125 31.10 -41.99 -21.70
CA GLU K 125 30.92 -40.84 -20.84
C GLU K 125 30.39 -39.63 -21.61
N SER K 126 30.87 -39.46 -22.85
CA SER K 126 30.48 -38.30 -23.64
C SER K 126 29.05 -38.43 -24.16
N CYS K 127 28.56 -39.65 -24.33
CA CYS K 127 27.19 -39.84 -24.82
C CYS K 127 26.19 -39.48 -23.73
N ASP K 128 25.14 -38.78 -24.14
CA ASP K 128 24.08 -38.38 -23.21
C ASP K 128 23.34 -39.60 -22.70
N CYS K 129 22.71 -40.36 -23.60
CA CYS K 129 22.15 -41.65 -23.27
C CYS K 129 22.76 -42.68 -24.23
N LEU K 130 23.09 -43.85 -23.70
CA LEU K 130 23.75 -44.86 -24.50
C LEU K 130 22.77 -45.98 -24.85
N GLN K 131 22.74 -46.37 -26.11
CA GLN K 131 21.81 -47.39 -26.58
C GLN K 131 22.44 -48.78 -26.57
N GLY K 132 23.52 -48.95 -27.31
CA GLY K 132 24.18 -50.24 -27.39
C GLY K 132 25.41 -50.15 -28.26
N PHE K 133 26.17 -51.25 -28.29
CA PHE K 133 27.43 -51.31 -28.99
C PHE K 133 27.33 -52.27 -30.17
N GLN K 134 28.06 -51.96 -31.23
CA GLN K 134 28.04 -52.76 -32.45
C GLN K 134 29.47 -53.08 -32.89
N LEU K 135 29.64 -54.27 -33.45
CA LEU K 135 30.96 -54.78 -33.78
C LEU K 135 30.94 -55.44 -35.15
N THR K 136 31.94 -55.12 -35.98
CA THR K 136 32.06 -55.68 -37.32
C THR K 136 33.46 -56.23 -37.48
N HIS K 137 33.56 -57.53 -37.73
CA HIS K 137 34.83 -58.24 -37.68
C HIS K 137 34.71 -59.51 -38.50
N SER K 138 35.67 -60.42 -38.34
CA SER K 138 35.64 -61.72 -38.98
C SER K 138 35.45 -62.82 -37.93
N LEU K 139 35.17 -64.02 -38.42
CA LEU K 139 35.33 -65.22 -37.62
C LEU K 139 36.35 -66.17 -38.20
N GLY K 140 37.09 -65.74 -39.22
CA GLY K 140 38.07 -66.60 -39.86
C GLY K 140 39.49 -66.18 -39.59
N GLY K 141 39.73 -64.88 -39.46
CA GLY K 141 41.07 -64.38 -39.26
C GLY K 141 41.53 -64.51 -37.82
N GLY K 142 42.59 -63.77 -37.50
CA GLY K 142 43.10 -63.76 -36.15
C GLY K 142 42.60 -62.57 -35.35
N THR K 143 42.70 -61.39 -35.95
CA THR K 143 42.30 -60.17 -35.26
C THR K 143 40.79 -60.10 -35.09
N GLY K 144 40.04 -60.56 -36.09
CA GLY K 144 38.60 -60.60 -35.97
C GLY K 144 38.10 -61.65 -35.00
N SER K 145 38.88 -62.70 -34.78
CA SER K 145 38.47 -63.81 -33.91
C SER K 145 38.73 -63.47 -32.44
N GLY K 146 40.00 -63.26 -32.09
CA GLY K 146 40.35 -63.18 -30.68
C GLY K 146 40.12 -61.81 -30.08
N MET K 147 40.49 -60.76 -30.82
CA MET K 147 40.50 -59.41 -30.26
C MET K 147 39.09 -58.88 -30.03
N GLY K 148 38.18 -59.15 -30.96
CA GLY K 148 36.81 -58.69 -30.78
C GLY K 148 36.08 -59.46 -29.69
N THR K 149 36.29 -60.76 -29.62
CA THR K 149 35.64 -61.58 -28.60
C THR K 149 36.21 -61.33 -27.21
N LEU K 150 37.45 -60.85 -27.10
CA LEU K 150 37.98 -60.52 -25.79
C LEU K 150 37.33 -59.25 -25.24
N LEU K 151 36.87 -58.36 -26.12
CA LEU K 151 36.29 -57.09 -25.69
C LEU K 151 34.92 -57.28 -25.05
N ILE K 152 34.09 -58.14 -25.65
CA ILE K 152 32.66 -58.19 -25.33
C ILE K 152 32.43 -58.77 -23.94
N SER K 153 33.30 -59.70 -23.52
CA SER K 153 33.20 -60.21 -22.16
C SER K 153 33.56 -59.14 -21.13
N LYS K 154 34.44 -58.22 -21.50
CA LYS K 154 34.75 -57.11 -20.59
C LYS K 154 33.62 -56.08 -20.60
N ILE K 155 32.85 -56.02 -21.68
CA ILE K 155 31.75 -55.07 -21.76
C ILE K 155 30.53 -55.60 -21.01
N ARG K 156 30.29 -56.90 -21.05
CA ARG K 156 29.22 -57.49 -20.25
C ARG K 156 29.50 -57.39 -18.75
N GLU K 157 30.78 -57.38 -18.37
CA GLU K 157 31.14 -57.05 -16.99
C GLU K 157 30.84 -55.58 -16.68
N GLU K 158 30.85 -54.71 -17.69
CA GLU K 158 30.51 -53.31 -17.46
C GLU K 158 29.01 -53.08 -17.46
N TYR K 159 28.35 -53.34 -18.59
CA TYR K 159 26.97 -52.90 -18.77
C TYR K 159 26.04 -54.09 -18.88
N PRO K 160 25.09 -54.26 -17.97
CA PRO K 160 24.14 -55.35 -18.08
C PRO K 160 22.99 -55.05 -19.04
N ASP K 161 22.59 -53.78 -19.14
CA ASP K 161 21.38 -53.45 -19.89
C ASP K 161 21.65 -53.09 -21.34
N ARG K 162 22.89 -52.72 -21.68
CA ARG K 162 23.18 -52.27 -23.03
C ARG K 162 23.23 -53.43 -24.00
N ILE K 163 22.62 -53.25 -25.15
CA ILE K 163 22.52 -54.32 -26.14
C ILE K 163 23.85 -54.47 -26.87
N MET K 164 24.00 -55.59 -27.58
CA MET K 164 25.25 -55.90 -28.26
C MET K 164 24.92 -56.71 -29.50
N ASN K 165 25.46 -56.28 -30.63
CA ASN K 165 25.26 -57.00 -31.89
C ASN K 165 26.57 -57.07 -32.66
N THR K 166 26.91 -58.26 -33.11
CA THR K 166 28.09 -58.50 -33.94
C THR K 166 27.65 -58.90 -35.33
N PHE K 167 28.11 -58.15 -36.33
CA PHE K 167 27.89 -58.52 -37.73
C PHE K 167 29.01 -59.42 -38.21
N SER K 168 29.14 -60.58 -37.55
CA SER K 168 30.25 -61.47 -37.76
C SER K 168 29.99 -62.40 -38.94
N VAL K 169 30.94 -62.46 -39.87
CA VAL K 169 30.82 -63.33 -41.02
C VAL K 169 31.04 -64.78 -40.59
N VAL K 170 30.14 -65.66 -41.01
CA VAL K 170 30.29 -67.09 -40.75
C VAL K 170 31.48 -67.61 -41.56
N PRO K 171 32.28 -68.53 -41.03
CA PRO K 171 33.28 -69.20 -41.87
C PRO K 171 32.64 -69.96 -43.01
N SER K 172 33.39 -70.03 -44.11
CA SER K 172 32.82 -70.36 -45.40
C SER K 172 32.43 -71.84 -45.47
N PRO K 173 31.32 -72.16 -46.15
CA PRO K 173 30.88 -73.56 -46.22
C PRO K 173 31.79 -74.47 -47.04
N LYS K 174 32.13 -74.06 -48.25
CA LYS K 174 32.80 -74.96 -49.19
C LYS K 174 34.18 -74.45 -49.60
N VAL K 175 34.30 -73.18 -49.98
CA VAL K 175 35.62 -72.62 -50.23
C VAL K 175 36.37 -72.51 -48.92
N SER K 176 37.68 -72.75 -48.95
CA SER K 176 38.50 -72.70 -47.75
C SER K 176 39.59 -71.65 -47.95
N ASP K 177 39.25 -70.39 -47.64
CA ASP K 177 40.25 -69.35 -47.71
C ASP K 177 41.17 -69.39 -46.50
N THR K 178 40.61 -69.73 -45.34
CA THR K 178 41.38 -69.87 -44.12
C THR K 178 41.69 -71.34 -43.88
N VAL K 179 42.95 -71.64 -43.59
CA VAL K 179 43.33 -73.03 -43.33
C VAL K 179 42.80 -73.49 -41.98
N VAL K 180 42.74 -72.59 -41.01
CA VAL K 180 42.39 -72.94 -39.64
C VAL K 180 41.03 -72.35 -39.28
N GLU K 181 40.15 -72.24 -40.29
CA GLU K 181 38.81 -71.72 -40.04
C GLU K 181 37.93 -72.50 -39.04
N PRO K 182 38.13 -73.79 -38.73
CA PRO K 182 37.43 -74.30 -37.53
C PRO K 182 38.03 -73.75 -36.25
N TYR K 183 39.35 -73.59 -36.21
CA TYR K 183 40.00 -73.10 -35.00
C TYR K 183 39.78 -71.61 -34.78
N ASN K 184 39.29 -70.89 -35.79
CA ASN K 184 38.84 -69.53 -35.60
C ASN K 184 37.33 -69.44 -35.45
N ALA K 185 36.61 -70.53 -35.73
CA ALA K 185 35.17 -70.53 -35.49
C ALA K 185 34.85 -71.01 -34.09
N THR K 186 35.32 -72.21 -33.74
CA THR K 186 34.87 -72.90 -32.53
C THR K 186 35.30 -72.17 -31.26
N LEU K 187 36.51 -71.63 -31.24
CA LEU K 187 36.95 -70.82 -30.12
C LEU K 187 36.25 -69.46 -30.09
N SER K 188 35.67 -69.03 -31.21
CA SER K 188 34.86 -67.82 -31.26
C SER K 188 33.38 -68.10 -31.03
N VAL K 189 32.94 -69.36 -31.20
CA VAL K 189 31.54 -69.71 -30.93
C VAL K 189 31.23 -69.56 -29.45
N HIS K 190 32.16 -69.97 -28.58
CA HIS K 190 31.94 -69.94 -27.15
C HIS K 190 31.76 -68.53 -26.59
N GLN K 191 32.44 -67.56 -27.17
CA GLN K 191 32.25 -66.18 -26.70
C GLN K 191 30.93 -65.61 -27.18
N LEU K 192 30.48 -65.98 -28.37
CA LEU K 192 29.25 -65.44 -28.91
C LEU K 192 28.01 -66.03 -28.24
N VAL K 193 28.07 -67.29 -27.81
CA VAL K 193 26.89 -67.90 -27.22
C VAL K 193 26.69 -67.47 -25.77
N GLU K 194 27.70 -66.90 -25.13
CA GLU K 194 27.55 -66.50 -23.73
C GLU K 194 26.91 -65.12 -23.59
N ASN K 195 27.57 -64.10 -24.13
CA ASN K 195 27.25 -62.73 -23.75
C ASN K 195 27.19 -61.83 -24.97
N THR K 196 26.54 -62.30 -26.03
CA THR K 196 26.12 -61.45 -27.13
C THR K 196 24.61 -61.51 -27.23
N ASP K 197 23.97 -60.34 -27.21
CA ASP K 197 22.51 -60.30 -27.09
C ASP K 197 21.84 -60.74 -28.38
N GLU K 198 22.18 -60.13 -29.51
CA GLU K 198 21.82 -60.67 -30.81
C GLU K 198 23.09 -60.78 -31.63
N THR K 199 23.10 -61.71 -32.58
CA THR K 199 24.32 -62.01 -33.32
C THR K 199 23.98 -62.25 -34.77
N TYR K 200 24.58 -61.45 -35.65
CA TYR K 200 24.33 -61.55 -37.08
C TYR K 200 25.33 -62.51 -37.73
N CYS K 201 24.82 -63.34 -38.63
CA CYS K 201 25.58 -64.47 -39.15
C CYS K 201 25.42 -64.49 -40.66
N ILE K 202 26.52 -64.24 -41.38
CA ILE K 202 26.50 -64.13 -42.84
C ILE K 202 27.47 -65.15 -43.42
N ASP K 203 26.97 -66.01 -44.30
CA ASP K 203 27.84 -66.91 -45.04
C ASP K 203 28.56 -66.17 -46.15
N ASN K 204 29.76 -66.64 -46.49
CA ASN K 204 30.50 -66.04 -47.59
C ASN K 204 29.90 -66.40 -48.94
N GLU K 205 29.49 -67.66 -49.11
CA GLU K 205 29.18 -68.17 -50.45
C GLU K 205 27.88 -67.60 -50.99
N ALA K 206 26.88 -67.40 -50.12
CA ALA K 206 25.63 -66.82 -50.57
C ALA K 206 25.81 -65.36 -50.96
N LEU K 207 26.75 -64.66 -50.32
CA LEU K 207 27.08 -63.29 -50.73
C LEU K 207 27.67 -63.28 -52.13
N TYR K 208 28.48 -64.29 -52.46
CA TYR K 208 28.89 -64.47 -53.85
C TYR K 208 27.70 -64.82 -54.73
N ASP K 209 26.73 -65.55 -54.19
CA ASP K 209 25.60 -66.02 -55.00
C ASP K 209 24.65 -64.87 -55.31
N ILE K 210 24.29 -64.08 -54.30
CA ILE K 210 23.36 -62.97 -54.49
C ILE K 210 23.96 -61.90 -55.40
N CYS K 211 25.27 -61.70 -55.32
CA CYS K 211 25.95 -60.82 -56.27
C CYS K 211 26.05 -61.43 -57.66
N PHE K 212 25.74 -62.71 -57.83
CA PHE K 212 25.81 -63.35 -59.13
C PHE K 212 24.46 -63.83 -59.63
N ARG K 213 23.55 -64.25 -58.76
CA ARG K 213 22.29 -64.80 -59.22
C ARG K 213 21.33 -63.71 -59.66
N THR K 214 21.00 -62.79 -58.75
CA THR K 214 20.02 -61.76 -59.08
C THR K 214 20.63 -60.66 -59.94
N LEU K 215 21.81 -60.17 -59.55
CA LEU K 215 22.40 -59.03 -60.25
C LEU K 215 23.09 -59.41 -61.55
N LYS K 216 23.55 -60.67 -61.67
CA LYS K 216 24.29 -61.18 -62.82
C LYS K 216 25.53 -60.34 -63.11
N LEU K 217 26.44 -60.33 -62.15
CA LEU K 217 27.66 -59.54 -62.25
C LEU K 217 28.80 -60.41 -62.75
N THR K 218 29.78 -59.77 -63.40
CA THR K 218 30.92 -60.47 -63.99
C THR K 218 32.17 -60.39 -63.13
N THR K 219 32.54 -59.19 -62.68
CA THR K 219 33.74 -58.97 -61.86
C THR K 219 33.34 -58.31 -60.55
N PRO K 220 32.81 -59.07 -59.57
CA PRO K 220 32.35 -58.47 -58.32
C PRO K 220 33.52 -58.15 -57.39
N THR K 221 33.65 -56.87 -57.05
CA THR K 221 34.68 -56.45 -56.12
C THR K 221 34.15 -56.45 -54.69
N TYR K 222 35.07 -56.34 -53.73
CA TYR K 222 34.66 -56.22 -52.34
C TYR K 222 33.91 -54.92 -52.07
N GLY K 223 34.13 -53.91 -52.92
CA GLY K 223 33.28 -52.72 -52.92
C GLY K 223 31.85 -53.00 -53.33
N ASP K 224 31.59 -54.15 -53.96
CA ASP K 224 30.24 -54.62 -54.21
C ASP K 224 29.91 -55.92 -53.51
N LEU K 225 30.91 -56.70 -53.09
CA LEU K 225 30.64 -57.81 -52.16
C LEU K 225 30.15 -57.27 -50.83
N ASN K 226 31.00 -56.48 -50.15
CA ASN K 226 30.71 -56.03 -48.81
C ASN K 226 29.71 -54.87 -48.78
N HIS K 227 29.27 -54.38 -49.93
CA HIS K 227 28.32 -53.28 -49.94
C HIS K 227 26.93 -53.73 -49.52
N LEU K 228 26.59 -55.00 -49.74
CA LEU K 228 25.25 -55.48 -49.42
C LEU K 228 25.05 -55.56 -47.91
N VAL K 229 26.10 -55.83 -47.15
CA VAL K 229 25.98 -55.82 -45.71
C VAL K 229 25.88 -54.37 -45.22
N SER K 230 26.49 -53.44 -45.96
CA SER K 230 26.48 -52.03 -45.56
C SER K 230 25.08 -51.44 -45.67
N ALA K 231 24.33 -51.82 -46.70
CA ALA K 231 22.94 -51.43 -46.76
C ALA K 231 22.11 -52.22 -45.75
N THR K 232 22.57 -53.44 -45.40
CA THR K 232 21.83 -54.26 -44.47
C THR K 232 21.89 -53.70 -43.06
N MET K 233 23.09 -53.28 -42.62
CA MET K 233 23.27 -52.71 -41.30
C MET K 233 22.51 -51.39 -41.15
N SER K 234 22.42 -50.62 -42.23
CA SER K 234 21.69 -49.36 -42.19
C SER K 234 20.20 -49.58 -42.06
N GLY K 235 19.68 -50.67 -42.63
CA GLY K 235 18.26 -50.97 -42.51
C GLY K 235 17.85 -51.48 -41.15
N VAL K 236 18.81 -51.83 -40.28
CA VAL K 236 18.47 -52.28 -38.94
C VAL K 236 18.03 -51.10 -38.08
N THR K 237 18.71 -49.97 -38.21
CA THR K 237 18.47 -48.81 -37.37
C THR K 237 17.84 -47.66 -38.13
N THR K 238 17.29 -47.92 -39.32
CA THR K 238 16.73 -46.84 -40.13
C THR K 238 15.42 -46.30 -39.57
N CYS K 239 14.76 -47.05 -38.69
CA CYS K 239 13.60 -46.52 -38.00
C CYS K 239 13.98 -45.70 -36.77
N LEU K 240 15.22 -45.82 -36.31
CA LEU K 240 15.70 -45.00 -35.21
C LEU K 240 16.01 -43.59 -35.69
N ARG K 241 16.76 -43.48 -36.79
CA ARG K 241 17.34 -42.23 -37.24
C ARG K 241 16.31 -41.28 -37.85
N PHE K 242 15.10 -41.75 -38.11
CA PHE K 242 14.08 -40.95 -38.77
C PHE K 242 12.73 -41.38 -38.21
N PRO K 243 11.74 -40.48 -38.22
CA PRO K 243 10.40 -40.89 -37.79
C PRO K 243 9.75 -41.82 -38.79
N GLY K 244 8.71 -42.50 -38.34
CA GLY K 244 7.99 -43.42 -39.18
C GLY K 244 6.53 -43.50 -38.78
N GLN K 245 5.75 -44.21 -39.60
CA GLN K 245 4.40 -44.55 -39.22
C GLN K 245 4.35 -45.67 -38.20
N LEU K 246 5.45 -46.42 -38.06
CA LEU K 246 5.63 -47.39 -36.99
C LEU K 246 7.13 -47.49 -36.75
N ASN K 247 7.60 -46.78 -35.72
CA ASN K 247 9.03 -46.69 -35.47
C ASN K 247 9.57 -47.97 -34.86
N ALA K 248 10.89 -48.05 -34.80
CA ALA K 248 11.60 -49.19 -34.24
C ALA K 248 13.01 -48.77 -33.89
N ASP K 249 13.64 -49.54 -33.02
CA ASP K 249 15.04 -49.34 -32.66
C ASP K 249 15.61 -50.69 -32.24
N LEU K 250 16.83 -50.66 -31.69
CA LEU K 250 17.55 -51.89 -31.41
C LEU K 250 17.00 -52.67 -30.22
N ARG K 251 16.26 -52.04 -29.33
CA ARG K 251 15.66 -52.79 -28.23
C ARG K 251 14.35 -53.44 -28.65
N LYS K 252 13.60 -52.79 -29.54
CA LYS K 252 12.37 -53.38 -30.05
C LYS K 252 12.66 -54.60 -30.90
N LEU K 253 13.78 -54.60 -31.62
CA LEU K 253 14.13 -55.76 -32.42
C LEU K 253 14.61 -56.91 -31.56
N ALA K 254 15.15 -56.61 -30.38
CA ALA K 254 15.71 -57.66 -29.54
C ALA K 254 14.61 -58.46 -28.85
N VAL K 255 13.70 -57.77 -28.17
CA VAL K 255 12.76 -58.44 -27.29
C VAL K 255 11.65 -59.11 -28.10
N ASN K 256 11.33 -58.56 -29.28
CA ASN K 256 10.38 -59.21 -30.17
C ASN K 256 10.93 -60.53 -30.68
N MET K 257 12.20 -60.55 -31.07
CA MET K 257 12.72 -61.71 -31.79
C MET K 257 13.15 -62.83 -30.86
N VAL K 258 14.08 -62.55 -29.95
CA VAL K 258 14.85 -63.59 -29.26
C VAL K 258 13.93 -64.28 -28.26
N PRO K 259 13.59 -65.55 -28.44
CA PRO K 259 12.59 -66.19 -27.58
C PRO K 259 13.17 -66.71 -26.27
N PHE K 260 14.47 -67.01 -26.27
CA PHE K 260 15.25 -67.54 -25.17
C PHE K 260 16.66 -67.09 -25.49
N PRO K 261 17.45 -66.67 -24.50
CA PRO K 261 18.70 -65.95 -24.79
C PRO K 261 19.77 -66.78 -25.49
N ARG K 262 19.67 -68.10 -25.48
CA ARG K 262 20.65 -68.92 -26.19
C ARG K 262 20.30 -69.08 -27.66
N LEU K 263 19.13 -68.60 -28.10
CA LEU K 263 18.71 -68.68 -29.50
C LEU K 263 18.56 -67.25 -30.03
N HIS K 264 19.66 -66.68 -30.51
CA HIS K 264 19.63 -65.31 -30.99
C HIS K 264 20.49 -65.09 -32.22
N PHE K 265 20.71 -66.14 -33.02
CA PHE K 265 21.63 -66.09 -34.14
C PHE K 265 20.80 -65.94 -35.42
N PHE K 266 20.90 -64.79 -36.05
CA PHE K 266 19.92 -64.33 -37.03
C PHE K 266 20.47 -64.38 -38.45
N MET K 267 19.58 -64.10 -39.39
CA MET K 267 19.92 -64.02 -40.80
C MET K 267 19.28 -62.79 -41.42
N PRO K 268 19.96 -62.14 -42.37
CA PRO K 268 19.42 -60.91 -42.96
C PRO K 268 18.55 -61.16 -44.17
N GLY K 269 18.13 -60.06 -44.79
CA GLY K 269 17.42 -60.10 -46.06
C GLY K 269 17.19 -58.70 -46.58
N PHE K 270 17.48 -58.47 -47.86
CA PHE K 270 17.39 -57.14 -48.45
C PHE K 270 16.65 -57.21 -49.78
N ALA K 271 15.91 -56.15 -50.08
CA ALA K 271 15.16 -56.01 -51.31
C ALA K 271 14.97 -54.52 -51.57
N PRO K 272 14.89 -54.08 -52.84
CA PRO K 272 14.98 -54.79 -54.13
C PRO K 272 16.39 -54.90 -54.70
N LEU K 273 16.56 -55.80 -55.66
CA LEU K 273 17.85 -56.04 -56.31
C LEU K 273 17.60 -56.25 -57.80
N THR K 274 18.22 -55.40 -58.63
CA THR K 274 18.07 -55.49 -60.08
C THR K 274 19.43 -55.57 -60.76
N SER K 275 19.42 -55.45 -62.08
CA SER K 275 20.64 -55.25 -62.85
C SER K 275 20.75 -53.77 -63.20
N ARG K 276 21.73 -53.42 -64.03
CA ARG K 276 21.91 -52.03 -64.41
C ARG K 276 20.83 -51.56 -65.37
N GLY K 277 20.37 -52.44 -66.25
CA GLY K 277 19.34 -52.10 -67.21
C GLY K 277 18.06 -52.86 -66.99
N SER K 278 18.15 -54.03 -66.37
CA SER K 278 16.98 -54.85 -66.04
C SER K 278 16.38 -54.40 -64.70
N GLN K 279 15.94 -53.14 -64.67
CA GLN K 279 15.57 -52.50 -63.43
C GLN K 279 14.18 -51.88 -63.53
N GLN K 280 13.73 -51.60 -64.75
CA GLN K 280 12.42 -51.03 -64.95
C GLN K 280 11.39 -52.06 -65.38
N TYR K 281 11.84 -53.18 -65.95
CA TYR K 281 10.93 -54.21 -66.46
C TYR K 281 10.42 -55.11 -65.34
N ARG K 282 9.88 -54.51 -64.29
CA ARG K 282 9.40 -55.20 -63.10
C ARG K 282 8.55 -54.23 -62.31
N ALA K 283 7.43 -54.70 -61.78
CA ALA K 283 6.57 -53.89 -60.93
C ALA K 283 7.16 -53.89 -59.52
N LEU K 284 8.14 -53.00 -59.31
CA LEU K 284 8.85 -52.90 -58.04
C LEU K 284 7.94 -52.27 -57.00
N THR K 285 7.03 -53.07 -56.47
CA THR K 285 6.07 -52.62 -55.48
C THR K 285 6.12 -53.53 -54.25
N VAL K 286 5.15 -53.37 -53.35
CA VAL K 286 5.15 -54.15 -52.12
C VAL K 286 5.02 -55.65 -52.34
N PRO K 287 4.13 -56.17 -53.23
CA PRO K 287 4.12 -57.63 -53.43
C PRO K 287 5.37 -58.18 -54.11
N GLU K 288 6.08 -57.37 -54.92
CA GLU K 288 7.36 -57.83 -55.43
C GLU K 288 8.39 -57.82 -54.31
N LEU K 289 8.39 -56.77 -53.48
CA LEU K 289 9.22 -56.75 -52.28
C LEU K 289 8.77 -57.76 -51.25
N THR K 290 7.52 -58.22 -51.32
CA THR K 290 7.10 -59.31 -50.44
C THR K 290 7.78 -60.61 -50.81
N GLN K 291 7.56 -61.08 -52.04
CA GLN K 291 8.05 -62.39 -52.44
C GLN K 291 9.54 -62.44 -52.73
N GLN K 292 10.21 -61.29 -52.83
CA GLN K 292 11.66 -61.31 -52.97
C GLN K 292 12.36 -61.69 -51.67
N MET K 293 11.70 -61.48 -50.53
CA MET K 293 12.33 -61.77 -49.26
C MET K 293 12.32 -63.26 -48.96
N PHE K 294 11.14 -63.88 -49.01
CA PHE K 294 10.92 -65.16 -48.36
C PHE K 294 11.50 -66.36 -49.11
N ASP K 295 12.10 -66.17 -50.28
CA ASP K 295 12.72 -67.29 -50.96
C ASP K 295 14.06 -67.64 -50.31
N ALA K 296 14.56 -68.83 -50.66
CA ALA K 296 15.82 -69.30 -50.06
C ALA K 296 17.02 -68.51 -50.55
N LYS K 297 16.98 -67.99 -51.76
CA LYS K 297 18.16 -67.38 -52.36
C LYS K 297 18.47 -66.00 -51.84
N ASN K 298 17.49 -65.31 -51.23
CA ASN K 298 17.75 -63.96 -50.74
C ASN K 298 18.54 -63.95 -49.44
N MET K 299 18.60 -65.08 -48.74
CA MET K 299 19.31 -65.11 -47.47
C MET K 299 20.82 -65.04 -47.70
N MET K 300 21.46 -64.05 -47.07
CA MET K 300 22.89 -63.89 -47.21
C MET K 300 23.65 -64.98 -46.46
N ALA K 301 23.00 -65.67 -45.54
CA ALA K 301 23.50 -66.92 -45.01
C ALA K 301 22.96 -68.04 -45.90
N ALA K 302 23.85 -68.85 -46.46
CA ALA K 302 23.45 -69.91 -47.36
C ALA K 302 22.78 -71.03 -46.58
N CYS K 303 21.45 -70.98 -46.53
CA CYS K 303 20.67 -71.99 -45.83
C CYS K 303 19.31 -72.09 -46.48
N ASP K 304 18.74 -73.28 -46.45
CA ASP K 304 17.42 -73.50 -47.02
C ASP K 304 16.38 -73.42 -45.91
N PRO K 305 15.43 -72.48 -45.98
CA PRO K 305 14.30 -72.50 -45.04
C PRO K 305 13.40 -73.71 -45.21
N ARG K 306 13.43 -74.37 -46.37
CA ARG K 306 12.69 -75.61 -46.53
C ARG K 306 13.28 -76.73 -45.69
N HIS K 307 14.59 -76.72 -45.48
CA HIS K 307 15.22 -77.70 -44.60
C HIS K 307 15.42 -77.13 -43.20
N GLY K 308 14.31 -76.68 -42.61
CA GLY K 308 14.36 -76.11 -41.28
C GLY K 308 13.01 -75.53 -40.89
N ARG K 309 13.00 -74.90 -39.72
CA ARG K 309 11.78 -74.28 -39.21
C ARG K 309 12.12 -72.91 -38.63
N TYR K 310 11.32 -71.90 -38.98
CA TYR K 310 11.46 -70.58 -38.40
C TYR K 310 10.99 -70.56 -36.95
N LEU K 311 11.35 -69.48 -36.27
CA LEU K 311 10.76 -69.15 -34.97
C LEU K 311 10.09 -67.78 -35.00
N THR K 312 10.80 -66.74 -35.40
CA THR K 312 10.26 -65.39 -35.48
C THR K 312 10.71 -64.73 -36.78
N VAL K 313 10.01 -63.67 -37.16
CA VAL K 313 10.24 -62.94 -38.40
C VAL K 313 10.11 -61.46 -38.12
N ALA K 314 11.15 -60.69 -38.42
CA ALA K 314 11.10 -59.23 -38.39
C ALA K 314 11.21 -58.70 -39.82
N ALA K 315 10.64 -57.52 -40.03
CA ALA K 315 10.69 -56.90 -41.35
C ALA K 315 10.69 -55.39 -41.16
N VAL K 316 11.69 -54.72 -41.72
CA VAL K 316 11.81 -53.27 -41.64
C VAL K 316 11.72 -52.69 -43.04
N PHE K 317 10.73 -51.83 -43.25
CA PHE K 317 10.52 -51.20 -44.53
C PHE K 317 11.11 -49.79 -44.53
N ARG K 318 11.34 -49.26 -45.73
CA ARG K 318 11.80 -47.89 -45.90
C ARG K 318 11.00 -47.23 -47.00
N GLY K 319 10.79 -45.92 -46.85
CA GLY K 319 10.02 -45.15 -47.81
C GLY K 319 8.53 -45.14 -47.49
N ARG K 320 7.85 -44.17 -48.07
CA ARG K 320 6.42 -44.00 -47.81
C ARG K 320 5.62 -45.08 -48.51
N MET K 321 4.64 -45.64 -47.81
CA MET K 321 3.86 -46.75 -48.34
C MET K 321 2.56 -46.86 -47.55
N SER K 322 1.61 -47.57 -48.16
CA SER K 322 0.32 -47.82 -47.51
C SER K 322 0.46 -49.03 -46.59
N MET K 323 -0.66 -49.52 -46.07
CA MET K 323 -0.61 -50.56 -45.04
C MET K 323 -1.29 -51.86 -45.42
N LYS K 324 -2.52 -51.82 -45.96
CA LYS K 324 -3.18 -53.06 -46.35
C LYS K 324 -2.47 -53.70 -47.54
N GLU K 325 -1.80 -52.88 -48.36
CA GLU K 325 -0.87 -53.39 -49.35
C GLU K 325 0.28 -54.13 -48.68
N VAL K 326 0.67 -53.73 -47.47
CA VAL K 326 1.72 -54.41 -46.73
C VAL K 326 1.15 -55.53 -45.86
N ASP K 327 0.09 -55.23 -45.10
CA ASP K 327 -0.34 -56.10 -44.00
C ASP K 327 -0.87 -57.44 -44.49
N GLU K 328 -1.69 -57.44 -45.54
CA GLU K 328 -2.19 -58.70 -46.09
C GLU K 328 -1.06 -59.50 -46.72
N GLN K 329 -0.11 -58.81 -47.36
CA GLN K 329 1.09 -59.48 -47.84
C GLN K 329 1.93 -59.99 -46.67
N MET K 330 1.92 -59.26 -45.55
CA MET K 330 2.61 -59.73 -44.35
C MET K 330 1.77 -60.68 -43.52
N LEU K 331 0.62 -61.14 -44.04
CA LEU K 331 -0.20 -62.12 -43.34
C LEU K 331 -0.39 -63.38 -44.17
N ASN K 332 -0.63 -63.21 -45.47
CA ASN K 332 -0.98 -64.34 -46.32
C ASN K 332 0.22 -65.25 -46.58
N VAL K 333 1.43 -64.69 -46.59
CA VAL K 333 2.60 -65.50 -46.90
C VAL K 333 2.96 -66.45 -45.76
N GLN K 334 2.41 -66.23 -44.58
CA GLN K 334 2.56 -67.21 -43.51
C GLN K 334 1.69 -68.45 -43.77
N ASN K 335 0.64 -68.31 -44.58
CA ASN K 335 -0.27 -69.41 -44.83
C ASN K 335 0.12 -70.26 -46.03
N LYS K 336 0.79 -69.70 -47.03
CA LYS K 336 1.25 -70.53 -48.13
C LYS K 336 2.46 -71.38 -47.73
N ASN K 337 3.37 -70.81 -46.94
CA ASN K 337 4.46 -71.57 -46.34
C ASN K 337 4.12 -71.95 -44.89
N SER K 338 3.00 -72.66 -44.73
CA SER K 338 2.40 -72.84 -43.42
C SER K 338 3.19 -73.85 -42.58
N SER K 339 3.51 -75.01 -43.16
CA SER K 339 4.20 -76.04 -42.40
C SER K 339 5.66 -75.71 -42.13
N TYR K 340 6.21 -74.72 -42.83
CA TYR K 340 7.62 -74.37 -42.63
C TYR K 340 7.84 -73.63 -41.32
N PHE K 341 6.81 -72.96 -40.81
CA PHE K 341 6.93 -72.26 -39.54
C PHE K 341 6.74 -73.23 -38.37
N VAL K 342 6.57 -72.68 -37.17
CA VAL K 342 6.35 -73.48 -35.98
C VAL K 342 4.99 -73.09 -35.41
N GLU K 343 4.43 -74.00 -34.61
CA GLU K 343 3.03 -73.92 -34.22
C GLU K 343 2.79 -72.86 -33.16
N TRP K 344 3.68 -72.78 -32.17
CA TRP K 344 3.40 -72.14 -30.89
C TRP K 344 3.54 -70.62 -30.89
N ILE K 345 3.58 -69.94 -32.04
CA ILE K 345 3.52 -68.49 -32.10
C ILE K 345 2.43 -68.07 -33.06
N PRO K 346 1.41 -67.35 -32.62
CA PRO K 346 0.49 -66.70 -33.56
C PRO K 346 1.06 -65.38 -34.05
N ASN K 347 1.08 -65.23 -35.38
CA ASN K 347 1.47 -64.01 -36.10
C ASN K 347 2.90 -63.59 -35.75
N ASN K 348 3.82 -64.42 -36.20
CA ASN K 348 5.25 -64.25 -35.93
C ASN K 348 5.94 -63.25 -36.86
N VAL K 349 5.17 -62.43 -37.56
CA VAL K 349 5.72 -61.50 -38.53
C VAL K 349 5.73 -60.12 -37.88
N LYS K 350 6.91 -59.64 -37.52
CA LYS K 350 7.06 -58.30 -36.97
C LYS K 350 7.27 -57.30 -38.10
N THR K 351 6.42 -56.28 -38.16
CA THR K 351 6.44 -55.30 -39.22
C THR K 351 7.01 -53.99 -38.69
N ALA K 352 7.83 -53.32 -39.49
CA ALA K 352 8.38 -52.03 -39.12
C ALA K 352 8.46 -51.16 -40.36
N VAL K 353 7.84 -49.97 -40.27
CA VAL K 353 7.70 -49.09 -41.42
C VAL K 353 8.30 -47.74 -41.07
N CYS K 354 9.45 -47.43 -41.64
CA CYS K 354 9.98 -46.08 -41.58
C CYS K 354 9.32 -45.22 -42.66
N ASP K 355 9.64 -43.93 -42.64
CA ASP K 355 9.09 -43.02 -43.64
C ASP K 355 10.19 -42.32 -44.45
N ILE K 356 11.39 -42.90 -44.51
CA ILE K 356 12.49 -42.37 -45.29
C ILE K 356 13.10 -43.49 -46.14
N PRO K 357 13.14 -43.34 -47.46
CA PRO K 357 13.73 -44.38 -48.29
C PRO K 357 15.25 -44.27 -48.30
N PRO K 358 15.95 -45.23 -48.91
CA PRO K 358 17.36 -45.01 -49.22
C PRO K 358 17.53 -43.90 -50.25
N ARG K 359 18.74 -43.35 -50.30
CA ARG K 359 19.06 -42.35 -51.32
C ARG K 359 19.12 -43.06 -52.66
N GLY K 360 18.01 -43.06 -53.39
CA GLY K 360 17.86 -43.92 -54.54
C GLY K 360 16.43 -44.29 -54.82
N LEU K 361 16.14 -45.60 -54.83
CA LEU K 361 14.83 -46.11 -55.20
C LEU K 361 13.77 -45.71 -54.19
N LYS K 362 12.51 -45.86 -54.60
CA LYS K 362 11.40 -45.25 -53.87
C LYS K 362 11.05 -46.02 -52.60
N MET K 363 11.01 -47.34 -52.65
CA MET K 363 10.71 -48.14 -51.47
C MET K 363 11.73 -49.25 -51.34
N SER K 364 11.97 -49.67 -50.09
CA SER K 364 12.95 -50.69 -49.78
C SER K 364 12.54 -51.38 -48.50
N ALA K 365 13.01 -52.62 -48.35
CA ALA K 365 12.64 -53.44 -47.21
C ALA K 365 13.87 -54.19 -46.71
N THR K 366 13.95 -54.37 -45.40
CA THR K 366 15.03 -55.13 -44.79
C THR K 366 14.43 -56.27 -43.98
N PHE K 367 14.84 -57.48 -44.30
CA PHE K 367 14.32 -58.67 -43.65
C PHE K 367 15.28 -59.15 -42.60
N ILE K 368 14.76 -59.47 -41.42
CA ILE K 368 15.52 -60.04 -40.32
C ILE K 368 14.87 -61.37 -39.96
N GLY K 369 15.55 -62.46 -40.25
CA GLY K 369 14.99 -63.79 -40.12
C GLY K 369 15.64 -64.58 -39.00
N ASN K 370 14.92 -65.57 -38.50
CA ASN K 370 15.39 -66.49 -37.48
C ASN K 370 14.79 -67.85 -37.78
N SER K 371 15.65 -68.86 -37.93
CA SER K 371 15.17 -70.19 -38.27
C SER K 371 16.12 -71.22 -37.66
N THR K 372 15.73 -72.49 -37.78
CA THR K 372 16.56 -73.62 -37.37
C THR K 372 17.42 -74.14 -38.51
N ALA K 373 17.54 -73.40 -39.60
CA ALA K 373 18.34 -73.86 -40.72
C ALA K 373 19.83 -73.69 -40.47
N ILE K 374 20.21 -72.82 -39.54
CA ILE K 374 21.62 -72.48 -39.36
C ILE K 374 22.37 -73.59 -38.63
N GLN K 375 21.70 -74.37 -37.77
CA GLN K 375 22.37 -75.44 -37.02
C GLN K 375 22.91 -76.55 -37.91
N GLU K 376 22.33 -76.73 -39.11
CA GLU K 376 22.84 -77.73 -40.02
C GLU K 376 24.17 -77.31 -40.64
N LEU K 377 24.47 -76.02 -40.65
CA LEU K 377 25.78 -75.56 -41.08
C LEU K 377 26.84 -75.86 -40.03
N PHE K 378 26.45 -75.82 -38.75
CA PHE K 378 27.41 -76.05 -37.67
C PHE K 378 27.82 -77.52 -37.59
N LYS K 379 26.94 -78.43 -38.00
CA LYS K 379 27.31 -79.83 -38.05
C LYS K 379 28.39 -80.10 -39.09
N ARG K 380 28.39 -79.32 -40.17
CA ARG K 380 29.56 -79.29 -41.04
C ARG K 380 30.76 -78.70 -40.33
N ILE K 381 30.55 -77.60 -39.59
CA ILE K 381 31.65 -76.91 -38.93
C ILE K 381 32.18 -77.76 -37.77
N SER K 382 31.30 -78.45 -37.05
CA SER K 382 31.75 -79.40 -36.05
C SER K 382 32.45 -80.59 -36.69
N GLU K 383 32.04 -80.97 -37.89
CA GLU K 383 32.79 -81.98 -38.63
C GLU K 383 34.13 -81.44 -39.09
N GLN K 384 34.16 -80.18 -39.55
CA GLN K 384 35.43 -79.54 -39.92
C GLN K 384 36.34 -79.36 -38.71
N PHE K 385 35.75 -79.14 -37.53
CA PHE K 385 36.55 -79.10 -36.31
C PHE K 385 37.14 -80.47 -36.01
N THR K 386 36.29 -81.50 -35.97
CA THR K 386 36.73 -82.82 -35.55
C THR K 386 37.62 -83.49 -36.57
N ALA K 387 37.53 -83.10 -37.84
CA ALA K 387 38.42 -83.66 -38.86
C ALA K 387 39.86 -83.21 -38.62
N MET K 388 40.03 -81.99 -38.14
CA MET K 388 41.34 -81.48 -37.77
C MET K 388 41.65 -81.73 -36.30
N PHE K 389 40.75 -82.39 -35.57
CA PHE K 389 40.94 -82.69 -34.16
C PHE K 389 41.05 -84.18 -33.86
N ARG K 390 40.50 -85.05 -34.71
CA ARG K 390 40.63 -86.49 -34.45
C ARG K 390 42.05 -86.98 -34.70
N ARG K 391 42.88 -86.22 -35.41
CA ARG K 391 44.31 -86.43 -35.43
C ARG K 391 45.04 -85.51 -34.46
N LYS K 392 44.33 -84.56 -33.85
CA LYS K 392 44.89 -83.56 -32.92
C LYS K 392 46.02 -82.76 -33.55
N ALA K 393 45.79 -82.30 -34.78
CA ALA K 393 46.73 -81.44 -35.44
C ALA K 393 46.55 -79.99 -34.98
N PHE K 394 47.55 -79.16 -35.31
CA PHE K 394 47.53 -77.71 -35.09
C PHE K 394 47.39 -77.34 -33.61
N LEU K 395 47.88 -78.20 -32.73
CA LEU K 395 47.71 -77.99 -31.30
C LEU K 395 48.89 -77.25 -30.68
N HIS K 396 50.09 -77.42 -31.25
CA HIS K 396 51.32 -76.88 -30.68
C HIS K 396 51.38 -75.35 -30.72
N TRP K 397 50.60 -74.72 -31.60
CA TRP K 397 50.44 -73.28 -31.53
C TRP K 397 49.66 -72.89 -30.28
N TYR K 398 48.51 -73.53 -30.07
CA TYR K 398 47.71 -73.25 -28.89
C TYR K 398 48.35 -73.81 -27.63
N THR K 399 49.12 -74.88 -27.76
CA THR K 399 49.94 -75.35 -26.65
C THR K 399 51.07 -74.38 -26.36
N GLY K 400 51.64 -73.78 -27.40
CA GLY K 400 52.66 -72.75 -27.21
C GLY K 400 52.09 -71.51 -26.56
N GLU K 401 50.81 -71.21 -26.83
CA GLU K 401 50.13 -70.17 -26.07
C GLU K 401 49.63 -70.70 -24.74
N GLY K 402 49.34 -71.99 -24.66
CA GLY K 402 48.95 -72.63 -23.42
C GLY K 402 47.45 -72.86 -23.32
N MET K 403 47.01 -74.08 -23.62
CA MET K 403 45.59 -74.41 -23.56
C MET K 403 45.44 -75.93 -23.52
N ASP K 404 44.58 -76.41 -22.63
CA ASP K 404 44.27 -77.83 -22.54
C ASP K 404 43.31 -78.26 -23.64
N GLU K 405 43.08 -79.57 -23.72
CA GLU K 405 42.11 -80.09 -24.68
C GLU K 405 40.68 -79.77 -24.25
N MET K 406 40.45 -79.60 -22.95
CA MET K 406 39.11 -79.42 -22.42
C MET K 406 38.50 -78.10 -22.86
N GLU K 407 39.33 -77.06 -23.01
CA GLU K 407 38.84 -75.80 -23.55
C GLU K 407 38.45 -75.95 -25.01
N PHE K 408 39.16 -76.79 -25.76
CA PHE K 408 38.70 -77.16 -27.09
C PHE K 408 37.47 -78.04 -27.02
N THR K 409 37.41 -78.94 -26.03
CA THR K 409 36.36 -79.93 -26.02
C THR K 409 35.04 -79.35 -25.51
N GLU K 410 35.08 -78.54 -24.45
CA GLU K 410 33.85 -77.97 -23.91
C GLU K 410 33.24 -76.95 -24.84
N ALA K 411 34.08 -76.18 -25.55
CA ALA K 411 33.57 -75.27 -26.56
C ALA K 411 32.95 -76.02 -27.73
N GLU K 412 33.56 -77.16 -28.09
CA GLU K 412 32.94 -78.05 -29.05
C GLU K 412 31.67 -78.67 -28.47
N SER K 413 31.68 -78.95 -27.17
CA SER K 413 30.46 -79.37 -26.50
C SER K 413 29.46 -78.22 -26.41
N ASN K 414 29.95 -77.00 -26.21
CA ASN K 414 29.04 -75.85 -26.19
C ASN K 414 28.55 -75.52 -27.59
N MET K 415 29.37 -75.81 -28.60
CA MET K 415 28.85 -75.80 -29.97
C MET K 415 27.77 -76.85 -30.15
N ASN K 416 27.98 -78.03 -29.56
CA ASN K 416 26.93 -79.05 -29.57
C ASN K 416 25.77 -78.68 -28.66
N ASP K 417 25.99 -77.79 -27.68
CA ASP K 417 24.88 -77.27 -26.91
C ASP K 417 24.01 -76.34 -27.75
N LEU K 418 24.62 -75.64 -28.71
CA LEU K 418 23.83 -74.93 -29.72
C LEU K 418 23.12 -75.92 -30.64
N VAL K 419 23.76 -77.05 -30.92
CA VAL K 419 23.13 -78.10 -31.71
C VAL K 419 21.94 -78.69 -30.96
N SER K 420 22.11 -78.94 -29.67
CA SER K 420 21.07 -79.59 -28.88
C SER K 420 19.87 -78.70 -28.61
N GLU K 421 19.96 -77.41 -28.91
CA GLU K 421 18.86 -76.50 -28.59
C GLU K 421 18.14 -75.95 -29.81
N TYR K 422 18.81 -75.68 -30.92
CA TYR K 422 18.08 -75.38 -32.15
C TYR K 422 17.41 -76.61 -32.72
N GLN K 423 17.91 -77.80 -32.41
CA GLN K 423 17.21 -79.02 -32.82
C GLN K 423 16.02 -79.28 -31.91
N GLN K 424 16.11 -78.83 -30.66
CA GLN K 424 15.09 -79.11 -29.66
C GLN K 424 13.77 -78.42 -30.00
N TYR K 425 13.82 -77.12 -30.29
CA TYR K 425 12.60 -76.43 -30.70
C TYR K 425 12.20 -76.76 -32.12
N GLN K 426 13.14 -77.26 -32.94
CA GLN K 426 12.75 -77.72 -34.27
C GLN K 426 12.01 -79.05 -34.19
N ASP K 427 12.43 -79.93 -33.29
CA ASP K 427 11.73 -81.19 -33.07
C ASP K 427 10.36 -80.93 -32.46
N ALA K 428 10.25 -79.90 -31.63
CA ALA K 428 8.95 -79.50 -31.12
C ALA K 428 8.16 -78.75 -32.19
N THR K 429 6.85 -78.71 -32.00
CA THR K 429 5.96 -77.93 -32.86
C THR K 429 4.74 -77.49 -32.06
N MET L 1 48.87 -2.08 -8.38
CA MET L 1 49.50 -2.40 -7.12
C MET L 1 49.82 -3.90 -7.02
N ARG L 2 50.36 -4.29 -5.87
CA ARG L 2 50.74 -5.67 -5.55
C ARG L 2 51.72 -6.24 -6.57
N GLU L 3 52.78 -5.48 -6.81
CA GLU L 3 53.76 -5.85 -7.82
C GLU L 3 54.65 -6.99 -7.33
N ILE L 4 55.27 -7.67 -8.30
CA ILE L 4 55.98 -8.92 -8.08
C ILE L 4 57.39 -8.80 -8.64
N VAL L 5 58.38 -9.14 -7.82
CA VAL L 5 59.79 -9.07 -8.21
C VAL L 5 60.25 -10.47 -8.61
N HIS L 6 60.97 -10.56 -9.72
CA HIS L 6 61.36 -11.83 -10.31
C HIS L 6 62.86 -12.03 -10.16
N ILE L 7 63.25 -13.21 -9.68
CA ILE L 7 64.65 -13.58 -9.50
C ILE L 7 64.89 -14.88 -10.26
N GLN L 8 66.01 -14.95 -10.96
CA GLN L 8 66.42 -16.19 -11.61
C GLN L 8 67.75 -16.66 -11.03
N ALA L 9 68.12 -17.88 -11.41
CA ALA L 9 69.39 -18.48 -11.04
C ALA L 9 69.66 -19.62 -11.99
N GLY L 10 70.78 -20.31 -11.75
CA GLY L 10 71.11 -21.51 -12.46
C GLY L 10 71.40 -21.29 -13.94
N GLN L 11 71.25 -22.37 -14.70
CA GLN L 11 71.39 -22.32 -16.15
C GLN L 11 70.14 -22.82 -16.87
N CYS L 12 69.46 -23.82 -16.30
CA CYS L 12 68.16 -24.23 -16.82
C CYS L 12 67.11 -23.17 -16.57
N GLY L 13 67.05 -22.63 -15.35
CA GLY L 13 66.00 -21.70 -14.99
C GLY L 13 66.07 -20.39 -15.73
N ASN L 14 67.25 -20.02 -16.24
CA ASN L 14 67.37 -18.79 -17.00
C ASN L 14 66.75 -18.94 -18.37
N GLN L 15 66.99 -20.08 -19.02
CA GLN L 15 66.43 -20.32 -20.34
C GLN L 15 64.91 -20.49 -20.29
N ILE L 16 64.39 -20.94 -19.14
CA ILE L 16 62.94 -20.96 -18.93
C ILE L 16 62.41 -19.55 -18.88
N GLY L 17 63.06 -18.70 -18.08
CA GLY L 17 62.69 -17.29 -18.05
C GLY L 17 62.99 -16.57 -19.35
N ALA L 18 63.96 -17.08 -20.12
CA ALA L 18 64.19 -16.56 -21.46
C ALA L 18 63.04 -16.90 -22.41
N LYS L 19 62.24 -17.90 -22.06
CA LYS L 19 60.99 -18.19 -22.77
C LYS L 19 59.78 -17.64 -22.03
N PHE L 20 59.84 -17.59 -20.69
CA PHE L 20 58.71 -17.13 -19.89
C PHE L 20 58.41 -15.65 -20.09
N TRP L 21 59.45 -14.82 -20.17
CA TRP L 21 59.21 -13.41 -20.40
C TRP L 21 58.77 -13.15 -21.85
N GLU L 22 59.05 -14.08 -22.76
CA GLU L 22 58.44 -13.99 -24.08
C GLU L 22 56.94 -14.27 -24.00
N VAL L 23 56.53 -15.16 -23.09
CA VAL L 23 55.11 -15.42 -22.88
C VAL L 23 54.42 -14.18 -22.31
N ILE L 24 55.06 -13.53 -21.33
CA ILE L 24 54.48 -12.34 -20.71
C ILE L 24 54.52 -11.16 -21.68
N SER L 25 55.41 -11.22 -22.68
CA SER L 25 55.50 -10.17 -23.70
C SER L 25 54.23 -10.12 -24.54
N ASP L 26 53.76 -11.27 -25.00
CA ASP L 26 52.55 -11.29 -25.81
C ASP L 26 51.29 -11.46 -24.98
N GLU L 27 51.43 -11.67 -23.66
CA GLU L 27 50.27 -11.54 -22.78
C GLU L 27 50.03 -10.10 -22.35
N HIS L 28 50.89 -9.17 -22.79
CA HIS L 28 50.72 -7.75 -22.53
C HIS L 28 51.00 -6.90 -23.76
N GLY L 29 51.16 -7.52 -24.93
CA GLY L 29 51.46 -6.77 -26.13
C GLY L 29 52.82 -6.11 -26.14
N ILE L 30 53.76 -6.62 -25.36
CA ILE L 30 55.07 -6.00 -25.24
C ILE L 30 55.92 -6.45 -26.42
N ASP L 31 56.50 -5.48 -27.13
CA ASP L 31 57.37 -5.75 -28.25
C ASP L 31 58.71 -6.33 -27.77
N PRO L 32 59.56 -6.83 -28.67
CA PRO L 32 60.93 -7.15 -28.25
C PRO L 32 61.78 -5.96 -27.84
N THR L 33 61.37 -4.73 -28.17
CA THR L 33 62.14 -3.56 -27.76
C THR L 33 61.87 -3.19 -26.30
N GLY L 34 60.62 -2.96 -25.95
CA GLY L 34 60.30 -2.46 -24.63
C GLY L 34 59.12 -1.50 -24.65
N SER L 35 58.65 -1.16 -25.84
CA SER L 35 57.52 -0.26 -26.01
C SER L 35 56.21 -1.06 -25.92
N TYR L 36 55.11 -0.43 -26.32
CA TYR L 36 53.81 -1.05 -26.22
C TYR L 36 53.13 -1.04 -27.59
N HIS L 37 52.47 -2.14 -27.93
CA HIS L 37 51.75 -2.24 -29.18
C HIS L 37 50.40 -2.93 -29.05
N GLY L 38 49.95 -3.24 -27.84
CA GLY L 38 48.69 -3.93 -27.68
C GLY L 38 47.50 -3.04 -27.99
N ASP L 39 46.35 -3.68 -28.20
CA ASP L 39 45.11 -2.98 -28.49
C ASP L 39 44.10 -3.09 -27.36
N SER L 40 44.07 -4.23 -26.67
CA SER L 40 43.16 -4.41 -25.56
C SER L 40 43.66 -3.61 -24.37
N ASP L 41 42.80 -2.72 -23.85
CA ASP L 41 43.17 -1.85 -22.75
C ASP L 41 43.12 -2.55 -21.39
N LEU L 42 42.81 -3.83 -21.34
CA LEU L 42 42.91 -4.57 -20.08
C LEU L 42 44.35 -4.91 -19.75
N GLN L 43 45.25 -4.84 -20.72
CA GLN L 43 46.67 -5.06 -20.45
C GLN L 43 47.28 -3.90 -19.68
N LEU L 44 47.00 -2.67 -20.13
CA LEU L 44 47.59 -1.48 -19.53
C LEU L 44 47.04 -1.19 -18.14
N GLU L 45 45.87 -1.73 -17.82
CA GLU L 45 45.25 -1.47 -16.52
C GLU L 45 46.00 -2.14 -15.38
N ARG L 46 46.65 -3.28 -15.65
CA ARG L 46 47.45 -3.96 -14.63
C ARG L 46 48.85 -4.29 -15.15
N ILE L 47 49.41 -3.43 -15.99
CA ILE L 47 50.71 -3.67 -16.59
C ILE L 47 51.84 -3.62 -15.57
N ASN L 48 51.63 -2.94 -14.44
CA ASN L 48 52.71 -2.62 -13.52
C ASN L 48 53.25 -3.84 -12.77
N VAL L 49 52.49 -4.93 -12.70
CA VAL L 49 52.83 -5.99 -11.76
C VAL L 49 54.06 -6.78 -12.20
N TYR L 50 54.29 -6.93 -13.50
CA TYR L 50 55.51 -7.55 -13.98
C TYR L 50 56.43 -6.59 -14.71
N TYR L 51 56.10 -5.30 -14.78
CA TYR L 51 56.91 -4.37 -15.55
C TYR L 51 56.95 -3.02 -14.87
N ASN L 52 58.15 -2.46 -14.73
CA ASN L 52 58.26 -1.04 -14.42
C ASN L 52 58.09 -0.24 -15.71
N GLU L 53 57.14 0.69 -15.70
CA GLU L 53 57.01 1.62 -16.82
C GLU L 53 58.08 2.68 -16.66
N ALA L 54 59.16 2.55 -17.41
CA ALA L 54 60.26 3.49 -17.31
C ALA L 54 59.91 4.78 -18.06
N ALA L 55 60.84 5.73 -18.03
CA ALA L 55 60.57 7.06 -18.57
C ALA L 55 60.54 7.04 -20.09
N GLY L 56 59.57 7.73 -20.67
CA GLY L 56 59.48 7.88 -22.11
C GLY L 56 59.00 6.63 -22.83
N ASN L 57 57.74 6.24 -22.56
CA ASN L 57 57.03 5.18 -23.29
C ASN L 57 57.72 3.83 -23.18
N LYS L 58 58.42 3.61 -22.07
CA LYS L 58 59.21 2.40 -21.90
C LYS L 58 58.55 1.44 -20.91
N TYR L 59 58.91 0.17 -21.05
CA TYR L 59 58.50 -0.88 -20.13
C TYR L 59 59.67 -1.85 -19.99
N VAL L 60 60.11 -2.07 -18.76
CA VAL L 60 61.25 -2.95 -18.52
C VAL L 60 60.82 -4.14 -17.69
N PRO L 61 61.38 -5.33 -17.93
CA PRO L 61 61.02 -6.50 -17.13
C PRO L 61 61.56 -6.38 -15.72
N ARG L 62 60.66 -6.36 -14.74
CA ARG L 62 61.05 -6.33 -13.33
C ARG L 62 61.57 -7.73 -12.99
N ALA L 63 62.85 -7.95 -13.30
CA ALA L 63 63.44 -9.28 -13.19
C ALA L 63 64.92 -9.14 -12.85
N ILE L 64 65.43 -10.12 -12.11
CA ILE L 64 66.82 -10.13 -11.66
C ILE L 64 67.48 -11.38 -12.20
N LEU L 65 68.37 -11.21 -13.17
CA LEU L 65 69.05 -12.33 -13.81
C LEU L 65 70.37 -12.58 -13.10
N VAL L 66 70.60 -13.82 -12.67
CA VAL L 66 71.77 -14.18 -11.87
C VAL L 66 72.40 -15.44 -12.46
N ASP L 67 73.69 -15.36 -12.79
CA ASP L 67 74.49 -16.52 -13.16
C ASP L 67 75.83 -16.40 -12.44
N LEU L 68 76.75 -17.35 -12.70
CA LEU L 68 78.10 -17.28 -12.18
C LEU L 68 79.17 -17.40 -13.27
N GLU L 69 78.78 -17.38 -14.55
CA GLU L 69 79.71 -17.35 -15.65
C GLU L 69 79.10 -16.54 -16.79
N PRO L 70 79.90 -15.79 -17.56
CA PRO L 70 79.31 -14.85 -18.52
C PRO L 70 78.74 -15.49 -19.78
N GLY L 71 78.65 -16.80 -19.87
CA GLY L 71 78.16 -17.43 -21.09
C GLY L 71 76.66 -17.26 -21.28
N THR L 72 75.87 -17.61 -20.26
CA THR L 72 74.42 -17.61 -20.44
C THR L 72 73.86 -16.19 -20.48
N MET L 73 74.52 -15.25 -19.82
CA MET L 73 74.10 -13.85 -19.94
C MET L 73 74.39 -13.32 -21.34
N ASP L 74 75.46 -13.81 -21.96
CA ASP L 74 75.75 -13.44 -23.34
C ASP L 74 74.73 -14.05 -24.29
N SER L 75 74.27 -15.26 -24.01
CA SER L 75 73.32 -15.92 -24.89
C SER L 75 71.94 -15.28 -24.82
N VAL L 76 71.56 -14.75 -23.66
CA VAL L 76 70.28 -14.07 -23.53
C VAL L 76 70.32 -12.73 -24.26
N ARG L 77 71.37 -11.94 -24.02
CA ARG L 77 71.44 -10.59 -24.57
C ARG L 77 71.67 -10.58 -26.07
N SER L 78 72.18 -11.66 -26.65
CA SER L 78 72.40 -11.71 -28.08
C SER L 78 71.18 -12.24 -28.83
N GLY L 79 70.45 -13.18 -28.24
CA GLY L 79 69.28 -13.75 -28.87
C GLY L 79 68.06 -12.88 -28.72
N PRO L 80 66.88 -13.51 -28.71
CA PRO L 80 65.64 -12.75 -28.59
C PRO L 80 65.40 -12.30 -27.16
N PHE L 81 64.78 -11.11 -27.04
CA PHE L 81 64.36 -10.51 -25.78
C PHE L 81 65.52 -10.34 -24.80
N GLY L 82 66.66 -9.91 -25.33
CA GLY L 82 67.81 -9.63 -24.49
C GLY L 82 68.02 -8.15 -24.31
N GLN L 83 67.73 -7.38 -25.35
CA GLN L 83 67.76 -5.93 -25.25
C GLN L 83 66.55 -5.36 -24.53
N ILE L 84 65.53 -6.18 -24.26
CA ILE L 84 64.37 -5.68 -23.55
C ILE L 84 64.69 -5.48 -22.07
N PHE L 85 65.64 -6.25 -21.53
CA PHE L 85 65.99 -6.15 -20.13
C PHE L 85 66.81 -4.89 -19.88
N ARG L 86 67.01 -4.59 -18.62
CA ARG L 86 67.88 -3.49 -18.24
C ARG L 86 69.31 -4.00 -18.13
N PRO L 87 70.29 -3.31 -18.72
CA PRO L 87 71.69 -3.75 -18.56
C PRO L 87 72.22 -3.57 -17.15
N ASP L 88 71.54 -2.78 -16.32
CA ASP L 88 71.92 -2.68 -14.92
C ASP L 88 71.64 -3.97 -14.16
N ASN L 89 70.68 -4.77 -14.62
CA ASN L 89 70.21 -5.92 -13.87
C ASN L 89 70.87 -7.23 -14.29
N PHE L 90 71.72 -7.23 -15.30
CA PHE L 90 72.50 -8.43 -15.63
C PHE L 90 73.61 -8.57 -14.59
N VAL L 91 73.25 -9.16 -13.45
CA VAL L 91 74.15 -9.25 -12.30
C VAL L 91 74.65 -10.69 -12.25
N PHE L 92 75.90 -10.91 -12.60
CA PHE L 92 76.41 -12.27 -12.78
C PHE L 92 77.88 -12.33 -12.42
N GLY L 93 78.30 -13.49 -11.92
CA GLY L 93 79.68 -13.71 -11.53
C GLY L 93 80.58 -14.04 -12.70
N GLN L 94 81.74 -14.60 -12.38
CA GLN L 94 82.74 -14.93 -13.38
C GLN L 94 83.32 -16.33 -13.27
N SER L 95 82.99 -17.09 -12.23
CA SER L 95 83.67 -18.35 -11.96
C SER L 95 82.89 -19.55 -12.47
N GLY L 96 81.59 -19.60 -12.21
CA GLY L 96 80.84 -20.82 -12.43
C GLY L 96 80.90 -21.70 -11.19
N ALA L 97 79.75 -22.24 -10.78
CA ALA L 97 79.66 -22.94 -9.50
C ALA L 97 80.34 -24.30 -9.50
N GLY L 98 80.77 -24.81 -10.65
CA GLY L 98 81.46 -26.08 -10.71
C GLY L 98 80.60 -27.29 -10.42
N ASN L 99 79.28 -27.14 -10.50
CA ASN L 99 78.30 -28.16 -10.13
C ASN L 99 78.52 -28.65 -8.71
N ASN L 100 78.77 -27.70 -7.82
CA ASN L 100 78.94 -27.96 -6.40
C ASN L 100 77.91 -27.12 -5.66
N TRP L 101 77.17 -27.75 -4.74
CA TRP L 101 76.25 -27.00 -3.91
C TRP L 101 77.00 -26.10 -2.93
N ALA L 102 78.12 -26.60 -2.40
CA ALA L 102 78.87 -25.86 -1.40
C ALA L 102 79.59 -24.66 -2.00
N LYS L 103 79.97 -24.74 -3.27
CA LYS L 103 80.51 -23.57 -3.94
C LYS L 103 79.44 -22.50 -4.15
N GLY L 104 78.21 -22.91 -4.45
CA GLY L 104 77.14 -21.96 -4.63
C GLY L 104 76.54 -21.43 -3.35
N HIS L 105 76.88 -22.02 -2.22
CA HIS L 105 76.25 -21.66 -0.95
C HIS L 105 77.23 -21.11 0.08
N TYR L 106 78.51 -21.47 0.01
CA TYR L 106 79.47 -21.05 1.03
C TYR L 106 80.54 -20.13 0.47
N THR L 107 81.31 -20.58 -0.52
CA THR L 107 82.46 -19.79 -0.96
C THR L 107 82.06 -18.72 -1.98
N GLU L 108 81.56 -19.14 -3.14
CA GLU L 108 81.20 -18.18 -4.18
C GLU L 108 79.80 -17.64 -4.00
N GLY L 109 78.99 -18.23 -3.12
CA GLY L 109 77.67 -17.70 -2.88
C GLY L 109 77.69 -16.41 -2.08
N ALA L 110 78.73 -16.20 -1.27
CA ALA L 110 78.81 -15.00 -0.45
C ALA L 110 79.27 -13.79 -1.24
N GLU L 111 79.81 -13.99 -2.44
CA GLU L 111 80.36 -12.88 -3.21
C GLU L 111 79.25 -12.06 -3.86
N LEU L 112 78.47 -12.69 -4.73
CA LEU L 112 77.52 -11.96 -5.56
C LEU L 112 76.21 -11.70 -4.83
N VAL L 113 76.04 -12.21 -3.61
CA VAL L 113 74.77 -12.05 -2.90
C VAL L 113 74.55 -10.60 -2.48
N ASP L 114 75.63 -9.86 -2.23
CA ASP L 114 75.47 -8.46 -1.84
C ASP L 114 75.04 -7.61 -3.03
N SER L 115 75.51 -7.95 -4.23
CA SER L 115 75.08 -7.25 -5.43
C SER L 115 73.63 -7.54 -5.74
N VAL L 116 73.12 -8.70 -5.35
CA VAL L 116 71.73 -9.02 -5.61
C VAL L 116 70.82 -8.34 -4.61
N LEU L 117 71.17 -8.39 -3.32
CA LEU L 117 70.29 -7.93 -2.25
C LEU L 117 70.09 -6.42 -2.23
N ASP L 118 70.91 -5.66 -2.95
CA ASP L 118 70.56 -4.27 -3.18
C ASP L 118 69.54 -4.15 -4.30
N VAL L 119 69.68 -4.97 -5.35
CA VAL L 119 68.77 -4.93 -6.48
C VAL L 119 67.39 -5.42 -6.06
N VAL L 120 67.35 -6.42 -5.18
CA VAL L 120 66.11 -6.82 -4.53
C VAL L 120 65.54 -5.67 -3.72
N ARG L 121 66.41 -4.95 -3.00
CA ARG L 121 65.97 -3.81 -2.20
C ARG L 121 65.57 -2.64 -3.08
N LYS L 122 66.26 -2.45 -4.20
CA LYS L 122 65.93 -1.33 -5.08
C LYS L 122 64.60 -1.54 -5.78
N GLU L 123 64.26 -2.78 -6.11
CA GLU L 123 62.97 -3.03 -6.71
C GLU L 123 61.86 -3.01 -5.66
N SER L 124 62.13 -3.54 -4.46
CA SER L 124 61.11 -3.59 -3.42
C SER L 124 60.82 -2.20 -2.86
N GLU L 125 61.80 -1.31 -2.88
CA GLU L 125 61.54 0.08 -2.55
C GLU L 125 60.74 0.77 -3.64
N SER L 126 61.04 0.44 -4.90
CA SER L 126 60.37 1.10 -6.02
C SER L 126 58.93 0.61 -6.18
N CYS L 127 58.63 -0.60 -5.75
CA CYS L 127 57.27 -1.12 -5.87
C CYS L 127 56.36 -0.44 -4.87
N ASP L 128 55.16 -0.09 -5.34
CA ASP L 128 54.16 0.55 -4.48
C ASP L 128 53.70 -0.39 -3.39
N CYS L 129 53.11 -1.52 -3.78
CA CYS L 129 52.81 -2.60 -2.86
C CYS L 129 53.48 -3.86 -3.40
N LEU L 130 54.05 -4.66 -2.51
CA LEU L 130 54.78 -5.85 -2.92
C LEU L 130 53.97 -7.08 -2.60
N GLN L 131 53.85 -7.99 -3.58
CA GLN L 131 53.05 -9.20 -3.41
C GLN L 131 53.91 -10.38 -2.94
N GLY L 132 54.92 -10.74 -3.73
CA GLY L 132 55.77 -11.86 -3.38
C GLY L 132 56.85 -12.03 -4.42
N PHE L 133 57.77 -12.95 -4.13
CA PHE L 133 58.95 -13.18 -4.95
C PHE L 133 58.87 -14.55 -5.58
N GLN L 134 59.42 -14.66 -6.79
CA GLN L 134 59.39 -15.91 -7.55
C GLN L 134 60.78 -16.24 -8.06
N LEU L 135 61.08 -17.54 -8.11
CA LEU L 135 62.42 -17.99 -8.42
C LEU L 135 62.35 -19.17 -9.38
N THR L 136 63.19 -19.15 -10.41
CA THR L 136 63.25 -20.20 -11.42
C THR L 136 64.69 -20.63 -11.58
N HIS L 137 64.98 -21.90 -11.28
CA HIS L 137 66.35 -22.37 -11.16
C HIS L 137 66.36 -23.89 -11.37
N SER L 138 67.46 -24.53 -11.01
CA SER L 138 67.57 -25.98 -11.04
C SER L 138 67.69 -26.53 -9.64
N LEU L 139 67.56 -27.85 -9.52
CA LEU L 139 68.00 -28.56 -8.34
C LEU L 139 69.09 -29.56 -8.65
N GLY L 140 69.64 -29.53 -9.86
CA GLY L 140 70.66 -30.48 -10.26
C GLY L 140 72.03 -29.84 -10.44
N GLY L 141 72.05 -28.60 -10.90
CA GLY L 141 73.30 -27.92 -11.16
C GLY L 141 73.95 -27.37 -9.90
N GLY L 142 74.88 -26.46 -10.09
CA GLY L 142 75.55 -25.82 -8.98
C GLY L 142 74.94 -24.47 -8.66
N THR L 143 74.77 -23.65 -9.70
CA THR L 143 74.26 -22.30 -9.51
C THR L 143 72.78 -22.32 -9.13
N GLY L 144 72.02 -23.24 -9.70
CA GLY L 144 70.62 -23.38 -9.32
C GLY L 144 70.42 -23.96 -7.94
N SER L 145 71.40 -24.72 -7.45
CA SER L 145 71.27 -25.37 -6.15
C SER L 145 71.64 -24.42 -5.01
N GLY L 146 72.89 -23.94 -5.01
CA GLY L 146 73.38 -23.23 -3.84
C GLY L 146 72.99 -21.76 -3.83
N MET L 147 73.09 -21.11 -4.98
CA MET L 147 72.95 -19.66 -5.03
C MET L 147 71.50 -19.22 -4.80
N GLY L 148 70.55 -19.96 -5.36
CA GLY L 148 69.15 -19.62 -5.15
C GLY L 148 68.69 -19.90 -3.73
N THR L 149 69.13 -21.03 -3.18
CA THR L 149 68.74 -21.38 -1.81
C THR L 149 69.41 -20.50 -0.76
N LEU L 150 70.56 -19.89 -1.08
CA LEU L 150 71.17 -18.98 -0.14
C LEU L 150 70.39 -17.67 -0.06
N LEU L 151 69.69 -17.30 -1.13
CA LEU L 151 68.96 -16.04 -1.15
C LEU L 151 67.72 -16.08 -0.26
N ILE L 152 66.98 -17.18 -0.32
CA ILE L 152 65.63 -17.24 0.24
C ILE L 152 65.66 -17.18 1.76
N SER L 153 66.70 -17.75 2.38
CA SER L 153 66.86 -17.64 3.82
C SER L 153 67.15 -16.20 4.23
N LYS L 154 67.82 -15.43 3.38
CA LYS L 154 68.02 -14.02 3.67
C LYS L 154 66.76 -13.21 3.45
N ILE L 155 65.87 -13.70 2.59
CA ILE L 155 64.62 -13.00 2.32
C ILE L 155 63.60 -13.27 3.42
N ARG L 156 63.59 -14.49 3.97
CA ARG L 156 62.71 -14.77 5.10
C ARG L 156 63.15 -14.01 6.35
N GLU L 157 64.45 -13.72 6.47
CA GLU L 157 64.90 -12.77 7.50
C GLU L 157 64.39 -11.37 7.24
N GLU L 158 64.15 -11.02 5.97
CA GLU L 158 63.61 -9.69 5.66
C GLU L 158 62.09 -9.64 5.83
N TYR L 159 61.37 -10.43 5.05
CA TYR L 159 59.92 -10.26 4.94
C TYR L 159 59.19 -11.46 5.49
N PRO L 160 58.40 -11.31 6.54
CA PRO L 160 57.63 -12.45 7.06
C PRO L 160 56.36 -12.71 6.27
N ASP L 161 55.74 -11.66 5.74
CA ASP L 161 54.42 -11.80 5.14
C ASP L 161 54.45 -12.06 3.65
N ARG L 162 55.55 -11.76 2.98
CA ARG L 162 55.61 -11.91 1.53
C ARG L 162 55.75 -13.36 1.13
N ILE L 163 54.99 -13.75 0.11
CA ILE L 163 54.96 -15.15 -0.30
C ILE L 163 56.20 -15.47 -1.12
N MET L 164 56.45 -16.76 -1.33
CA MET L 164 57.65 -17.21 -2.02
C MET L 164 57.33 -18.50 -2.74
N ASN L 165 57.64 -18.55 -4.04
CA ASN L 165 57.44 -19.76 -4.82
C ASN L 165 58.64 -20.01 -5.72
N THR L 166 59.11 -21.25 -5.69
CA THR L 166 60.22 -21.69 -6.53
C THR L 166 59.69 -22.69 -7.55
N PHE L 167 59.91 -22.41 -8.83
CA PHE L 167 59.59 -23.36 -9.89
C PHE L 167 60.79 -24.26 -10.15
N SER L 168 61.17 -25.00 -9.10
CA SER L 168 62.40 -25.79 -9.12
C SER L 168 62.15 -27.14 -9.75
N VAL L 169 62.99 -27.50 -10.72
CA VAL L 169 62.88 -28.80 -11.38
C VAL L 169 63.38 -29.88 -10.43
N VAL L 170 62.60 -30.95 -10.29
CA VAL L 170 63.02 -32.12 -9.50
C VAL L 170 64.19 -32.80 -10.21
N PRO L 171 65.18 -33.31 -9.50
CA PRO L 171 66.18 -34.17 -10.15
C PRO L 171 65.54 -35.41 -10.76
N SER L 172 66.16 -35.87 -11.84
CA SER L 172 65.52 -36.78 -12.77
C SER L 172 65.38 -38.18 -12.16
N PRO L 173 64.27 -38.87 -12.44
CA PRO L 173 64.06 -40.20 -11.84
C PRO L 173 65.00 -41.28 -12.37
N LYS L 174 65.13 -41.40 -13.68
CA LYS L 174 65.83 -42.53 -14.27
C LYS L 174 67.05 -42.12 -15.08
N VAL L 175 66.92 -41.13 -15.96
CA VAL L 175 68.08 -40.59 -16.66
C VAL L 175 68.96 -39.85 -15.65
N SER L 176 70.27 -39.95 -15.81
CA SER L 176 71.21 -39.31 -14.89
C SER L 176 72.06 -38.34 -15.70
N ASP L 177 71.56 -37.11 -15.88
CA ASP L 177 72.36 -36.10 -16.55
C ASP L 177 73.40 -35.53 -15.60
N THR L 178 73.05 -35.39 -14.33
CA THR L 178 73.96 -34.91 -13.30
C THR L 178 74.53 -36.10 -12.55
N VAL L 179 75.86 -36.11 -12.37
CA VAL L 179 76.50 -37.20 -11.64
C VAL L 179 76.20 -37.09 -10.15
N VAL L 180 76.11 -35.86 -9.65
CA VAL L 180 75.97 -35.62 -8.22
C VAL L 180 74.59 -35.09 -7.90
N GLU L 181 73.59 -35.51 -8.68
CA GLU L 181 72.22 -35.08 -8.45
C GLU L 181 71.61 -35.43 -7.08
N PRO L 182 72.05 -36.44 -6.31
CA PRO L 182 71.59 -36.44 -4.91
C PRO L 182 72.23 -35.35 -4.09
N TYR L 183 73.50 -35.05 -4.34
CA TYR L 183 74.19 -34.03 -3.57
C TYR L 183 73.75 -32.62 -3.95
N ASN L 184 73.05 -32.46 -5.07
CA ASN L 184 72.40 -31.20 -5.37
C ASN L 184 70.91 -31.21 -5.02
N ALA L 185 70.36 -32.37 -4.69
CA ALA L 185 68.98 -32.43 -4.24
C ALA L 185 68.90 -32.28 -2.72
N THR L 186 69.61 -33.15 -2.00
CA THR L 186 69.42 -33.31 -0.56
C THR L 186 69.85 -32.06 0.21
N LEU L 187 70.96 -31.44 -0.21
CA LEU L 187 71.38 -30.18 0.38
C LEU L 187 70.48 -29.02 -0.03
N SER L 188 69.71 -29.18 -1.10
CA SER L 188 68.70 -28.21 -1.49
C SER L 188 67.33 -28.51 -0.93
N VAL L 189 67.09 -29.75 -0.49
CA VAL L 189 65.81 -30.10 0.15
C VAL L 189 65.65 -29.36 1.46
N HIS L 190 66.73 -29.25 2.24
CA HIS L 190 66.66 -28.64 3.56
C HIS L 190 66.32 -27.16 3.51
N GLN L 191 66.76 -26.45 2.47
CA GLN L 191 66.39 -25.04 2.36
C GLN L 191 64.95 -24.87 1.94
N LEU L 192 64.44 -25.77 1.09
CA LEU L 192 63.08 -25.64 0.60
C LEU L 192 62.05 -26.00 1.66
N VAL L 193 62.36 -26.94 2.55
CA VAL L 193 61.38 -27.35 3.54
C VAL L 193 61.27 -26.36 4.69
N GLU L 194 62.24 -25.47 4.86
CA GLU L 194 62.19 -24.52 5.97
C GLU L 194 61.35 -23.30 5.64
N ASN L 195 61.76 -22.54 4.63
CA ASN L 195 61.27 -21.18 4.46
C ASN L 195 60.92 -20.90 3.00
N THR L 196 60.24 -21.84 2.37
CA THR L 196 59.56 -21.60 1.10
C THR L 196 58.08 -21.86 1.30
N ASP L 197 57.26 -20.87 0.96
CA ASP L 197 55.84 -20.92 1.29
C ASP L 197 55.10 -21.95 0.44
N GLU L 198 55.21 -21.84 -0.88
CA GLU L 198 54.80 -22.93 -1.76
C GLU L 198 55.97 -23.25 -2.67
N THR L 199 56.02 -24.49 -3.14
CA THR L 199 57.17 -24.96 -3.89
C THR L 199 56.73 -25.83 -5.04
N TYR L 200 57.07 -25.43 -6.25
CA TYR L 200 56.69 -26.16 -7.45
C TYR L 200 57.75 -27.19 -7.80
N CYS L 201 57.30 -28.38 -8.19
CA CYS L 201 58.17 -29.54 -8.33
C CYS L 201 57.84 -30.23 -9.64
N ILE L 202 58.79 -30.20 -10.58
CA ILE L 202 58.58 -30.73 -11.93
C ILE L 202 59.64 -31.79 -12.19
N ASP L 203 59.19 -33.01 -12.54
CA ASP L 203 60.11 -34.04 -12.98
C ASP L 203 60.56 -33.77 -14.41
N ASN L 204 61.77 -34.23 -14.72
CA ASN L 204 62.27 -34.08 -16.09
C ASN L 204 61.59 -35.05 -17.04
N GLU L 205 61.37 -36.30 -16.62
CA GLU L 205 61.02 -37.36 -17.54
C GLU L 205 59.57 -37.22 -18.04
N ALA L 206 58.67 -36.77 -17.17
CA ALA L 206 57.29 -36.56 -17.60
C ALA L 206 57.18 -35.40 -18.57
N LEU L 207 58.06 -34.40 -18.46
CA LEU L 207 58.10 -33.32 -19.43
C LEU L 207 58.53 -33.85 -20.80
N TYR L 208 59.45 -34.82 -20.83
CA TYR L 208 59.72 -35.53 -22.06
C TYR L 208 58.51 -36.35 -22.50
N ASP L 209 57.75 -36.88 -21.55
CA ASP L 209 56.64 -37.75 -21.88
C ASP L 209 55.47 -36.96 -22.47
N ILE L 210 55.10 -35.85 -21.82
CA ILE L 210 53.97 -35.03 -22.28
C ILE L 210 54.28 -34.41 -23.64
N CYS L 211 55.54 -34.05 -23.88
CA CYS L 211 55.96 -33.61 -25.20
C CYS L 211 56.00 -34.74 -26.22
N PHE L 212 55.89 -35.99 -25.79
CA PHE L 212 55.92 -37.12 -26.71
C PHE L 212 54.62 -37.91 -26.74
N ARG L 213 53.90 -37.99 -25.62
CA ARG L 213 52.70 -38.82 -25.59
C ARG L 213 51.53 -38.12 -26.27
N THR L 214 51.15 -36.95 -25.77
CA THR L 214 49.99 -36.26 -26.31
C THR L 214 50.32 -35.58 -27.64
N LEU L 215 51.43 -34.86 -27.70
CA LEU L 215 51.73 -34.07 -28.89
C LEU L 215 52.32 -34.91 -30.02
N LYS L 216 52.96 -36.03 -29.69
CA LYS L 216 53.65 -36.92 -30.64
C LYS L 216 54.69 -36.15 -31.46
N LEU L 217 55.68 -35.64 -30.76
CA LEU L 217 56.75 -34.86 -31.39
C LEU L 217 57.95 -35.74 -31.68
N THR L 218 58.71 -35.35 -32.69
CA THR L 218 59.88 -36.11 -33.12
C THR L 218 61.20 -35.53 -32.61
N THR L 219 61.41 -34.23 -32.76
CA THR L 219 62.64 -33.57 -32.33
C THR L 219 62.29 -32.43 -31.35
N PRO L 220 62.01 -32.76 -30.08
CA PRO L 220 61.60 -31.73 -29.12
C PRO L 220 62.80 -30.92 -28.63
N THR L 221 62.75 -29.61 -28.87
CA THR L 221 63.81 -28.73 -28.39
C THR L 221 63.43 -28.16 -27.02
N TYR L 222 64.43 -27.56 -26.35
CA TYR L 222 64.18 -26.89 -25.09
C TYR L 222 63.26 -25.69 -25.26
N GLY L 223 63.20 -25.12 -26.47
CA GLY L 223 62.18 -24.15 -26.80
C GLY L 223 60.77 -24.73 -26.82
N ASP L 224 60.64 -26.05 -26.87
CA ASP L 224 59.37 -26.71 -26.66
C ASP L 224 59.34 -27.62 -25.44
N LEU L 225 60.49 -28.04 -24.91
CA LEU L 225 60.52 -28.65 -23.59
C LEU L 225 60.11 -27.65 -22.52
N ASN L 226 60.88 -26.57 -22.40
CA ASN L 226 60.67 -25.61 -21.33
C ASN L 226 59.50 -24.66 -21.60
N HIS L 227 58.86 -24.76 -22.75
CA HIS L 227 57.74 -23.87 -23.05
C HIS L 227 56.50 -24.24 -22.24
N LEU L 228 56.36 -25.51 -21.87
CA LEU L 228 55.18 -25.94 -21.14
C LEU L 228 55.15 -25.38 -19.72
N VAL L 229 56.31 -25.19 -19.12
CA VAL L 229 56.36 -24.56 -17.81
C VAL L 229 56.09 -23.07 -17.95
N SER L 230 56.43 -22.49 -19.10
CA SER L 230 56.24 -21.06 -19.31
C SER L 230 54.76 -20.72 -19.42
N ALA L 231 53.98 -21.58 -20.05
CA ALA L 231 52.53 -21.40 -20.01
C ALA L 231 51.97 -21.75 -18.64
N THR L 232 52.65 -22.64 -17.93
CA THR L 232 52.18 -23.07 -16.61
C THR L 232 52.31 -21.94 -15.59
N MET L 233 53.46 -21.27 -15.59
CA MET L 233 53.68 -20.15 -14.66
C MET L 233 52.74 -19.00 -14.93
N SER L 234 52.41 -18.78 -16.21
CA SER L 234 51.49 -17.70 -16.57
C SER L 234 50.08 -18.00 -16.09
N GLY L 235 49.68 -19.26 -16.07
CA GLY L 235 48.36 -19.63 -15.59
C GLY L 235 48.21 -19.55 -14.09
N VAL L 236 49.29 -19.39 -13.35
CA VAL L 236 49.19 -19.25 -11.90
C VAL L 236 48.66 -17.87 -11.54
N THR L 237 49.13 -16.84 -12.23
CA THR L 237 48.79 -15.47 -11.90
C THR L 237 47.90 -14.82 -12.96
N THR L 238 47.26 -15.63 -13.81
CA THR L 238 46.45 -15.07 -14.88
C THR L 238 45.13 -14.47 -14.38
N CYS L 239 44.70 -14.83 -13.16
CA CYS L 239 43.56 -14.17 -12.56
C CYS L 239 43.93 -12.88 -11.87
N LEU L 240 45.23 -12.66 -11.62
CA LEU L 240 45.69 -11.40 -11.06
C LEU L 240 45.70 -10.31 -12.12
N ARG L 241 46.30 -10.61 -13.27
CA ARG L 241 46.60 -9.62 -14.30
C ARG L 241 45.37 -9.14 -15.05
N PHE L 242 44.23 -9.80 -14.88
CA PHE L 242 43.02 -9.47 -15.62
C PHE L 242 41.83 -9.75 -14.72
N PRO L 243 40.72 -9.05 -14.91
CA PRO L 243 39.52 -9.36 -14.13
C PRO L 243 38.93 -10.70 -14.54
N GLY L 244 38.07 -11.21 -13.66
CA GLY L 244 37.41 -12.49 -13.92
C GLY L 244 36.05 -12.53 -13.27
N GLN L 245 35.32 -13.60 -13.58
CA GLN L 245 34.08 -13.88 -12.87
C GLN L 245 34.35 -14.45 -11.48
N LEU L 246 35.56 -14.95 -11.25
CA LEU L 246 36.02 -15.35 -9.92
C LEU L 246 37.53 -15.17 -9.92
N ASN L 247 37.99 -14.05 -9.38
CA ASN L 247 39.41 -13.70 -9.44
C ASN L 247 40.22 -14.54 -8.46
N ALA L 248 41.54 -14.44 -8.60
CA ALA L 248 42.48 -15.16 -7.76
C ALA L 248 43.83 -14.48 -7.87
N ASP L 249 44.67 -14.74 -6.86
CA ASP L 249 46.06 -14.27 -6.88
C ASP L 249 46.89 -15.23 -6.04
N LEU L 250 48.13 -14.85 -5.78
CA LEU L 250 49.09 -15.75 -5.15
C LEU L 250 48.81 -16.00 -3.67
N ARG L 251 48.07 -15.12 -3.01
CA ARG L 251 47.75 -15.38 -1.61
C ARG L 251 46.52 -16.28 -1.48
N LYS L 252 45.57 -16.15 -2.41
CA LYS L 252 44.41 -17.03 -2.42
C LYS L 252 44.80 -18.46 -2.74
N LEU L 253 45.81 -18.66 -3.57
CA LEU L 253 46.26 -20.01 -3.88
C LEU L 253 47.02 -20.61 -2.72
N ALA L 254 47.63 -19.78 -1.88
CA ALA L 254 48.45 -20.31 -0.79
C ALA L 254 47.59 -20.84 0.34
N VAL L 255 46.66 -20.03 0.83
CA VAL L 255 45.95 -20.34 2.06
C VAL L 255 44.88 -21.40 1.79
N ASN L 256 44.34 -21.44 0.58
CA ASN L 256 43.43 -22.52 0.21
C ASN L 256 44.13 -23.87 0.19
N MET L 257 45.33 -23.91 -0.36
CA MET L 257 45.94 -25.21 -0.63
C MET L 257 46.66 -25.77 0.59
N VAL L 258 47.62 -25.04 1.13
CA VAL L 258 48.63 -25.59 2.03
C VAL L 258 47.96 -25.87 3.38
N PRO L 259 47.82 -27.13 3.79
CA PRO L 259 47.04 -27.43 5.00
C PRO L 259 47.85 -27.27 6.29
N PHE L 260 49.17 -27.42 6.18
CA PHE L 260 50.15 -27.34 7.25
C PHE L 260 51.42 -26.93 6.54
N PRO L 261 52.24 -26.05 7.12
CA PRO L 261 53.31 -25.40 6.34
C PRO L 261 54.42 -26.33 5.87
N ARG L 262 54.55 -27.52 6.44
CA ARG L 262 55.54 -28.46 5.97
C ARG L 262 55.07 -29.27 4.77
N LEU L 263 53.79 -29.15 4.39
CA LEU L 263 53.23 -29.87 3.24
C LEU L 263 52.78 -28.83 2.21
N HIS L 264 53.72 -28.41 1.35
CA HIS L 264 53.40 -27.39 0.36
C HIS L 264 54.07 -27.64 -0.98
N PHE L 265 54.37 -28.89 -1.30
CA PHE L 265 55.13 -29.25 -2.49
C PHE L 265 54.15 -29.74 -3.55
N PHE L 266 53.99 -28.98 -4.61
CA PHE L 266 52.84 -29.08 -5.49
C PHE L 266 53.21 -29.68 -6.84
N MET L 267 52.19 -29.92 -7.64
CA MET L 267 52.35 -30.44 -9.00
C MET L 267 51.45 -29.66 -9.95
N PRO L 268 51.90 -29.42 -11.17
CA PRO L 268 51.10 -28.62 -12.12
C PRO L 268 50.15 -29.45 -12.95
N GLY L 269 49.48 -28.78 -13.88
CA GLY L 269 48.65 -29.44 -14.88
C GLY L 269 48.13 -28.43 -15.88
N PHE L 270 48.23 -28.74 -17.17
CA PHE L 270 47.85 -27.82 -18.23
C PHE L 270 46.99 -28.53 -19.26
N ALA L 271 46.05 -27.78 -19.83
CA ALA L 271 45.16 -28.26 -20.87
C ALA L 271 44.69 -27.06 -21.67
N PRO L 272 44.40 -27.22 -22.97
CA PRO L 272 44.45 -28.39 -23.85
C PRO L 272 45.78 -28.59 -24.56
N LEU L 273 46.00 -29.80 -25.09
CA LEU L 273 47.22 -30.16 -25.80
C LEU L 273 46.84 -31.01 -27.01
N THR L 274 47.23 -30.55 -28.19
CA THR L 274 46.92 -31.27 -29.43
C THR L 274 48.18 -31.50 -30.25
N SER L 275 48.00 -31.96 -31.48
CA SER L 275 49.07 -31.99 -32.46
C SER L 275 48.89 -30.80 -33.39
N ARG L 276 49.70 -30.75 -34.46
CA ARG L 276 49.61 -29.63 -35.40
C ARG L 276 48.35 -29.74 -36.26
N GLY L 277 47.96 -30.97 -36.61
CA GLY L 277 46.79 -31.18 -37.44
C GLY L 277 45.67 -31.89 -36.70
N SER L 278 46.04 -32.67 -35.68
CA SER L 278 45.07 -33.37 -34.84
C SER L 278 44.56 -32.45 -33.73
N GLN L 279 43.92 -31.36 -34.15
CA GLN L 279 43.58 -30.28 -33.22
C GLN L 279 42.12 -29.91 -33.33
N GLN L 280 41.49 -30.23 -34.45
CA GLN L 280 40.08 -29.95 -34.64
C GLN L 280 39.20 -31.16 -34.43
N TYR L 281 39.75 -32.37 -34.55
CA TYR L 281 38.98 -33.60 -34.42
C TYR L 281 38.77 -33.97 -32.97
N ARG L 282 38.25 -33.04 -32.18
CA ARG L 282 38.03 -33.20 -30.75
C ARG L 282 37.13 -32.07 -30.29
N ALA L 283 36.18 -32.39 -29.43
CA ALA L 283 35.30 -31.38 -28.85
C ALA L 283 36.03 -30.72 -27.69
N LEU L 284 36.86 -29.72 -28.04
CA LEU L 284 37.70 -29.01 -27.07
C LEU L 284 36.81 -28.09 -26.23
N THR L 285 36.11 -28.68 -25.27
CA THR L 285 35.21 -27.94 -24.39
C THR L 285 35.55 -28.22 -22.95
N VAL L 286 34.68 -27.79 -22.03
CA VAL L 286 34.95 -27.96 -20.60
C VAL L 286 35.04 -29.43 -20.17
N PRO L 287 34.16 -30.35 -20.60
CA PRO L 287 34.37 -31.75 -20.18
C PRO L 287 35.62 -32.40 -20.78
N GLU L 288 36.07 -31.97 -21.95
CA GLU L 288 37.35 -32.46 -22.44
C GLU L 288 38.49 -31.86 -21.63
N LEU L 289 38.41 -30.56 -21.32
CA LEU L 289 39.35 -29.94 -20.41
C LEU L 289 39.21 -30.45 -18.98
N THR L 290 38.04 -31.03 -18.64
CA THR L 290 37.90 -31.67 -17.34
C THR L 290 38.75 -32.93 -17.26
N GLN L 291 38.48 -33.90 -18.13
CA GLN L 291 39.12 -35.20 -18.02
C GLN L 291 40.56 -35.21 -18.52
N GLN L 292 41.02 -34.15 -19.19
CA GLN L 292 42.43 -34.08 -19.58
C GLN L 292 43.32 -33.80 -18.37
N MET L 293 42.77 -33.18 -17.32
CA MET L 293 43.58 -32.83 -16.17
C MET L 293 43.85 -34.04 -15.30
N PHE L 294 42.80 -34.73 -14.88
CA PHE L 294 42.87 -35.63 -13.74
C PHE L 294 43.54 -36.96 -14.02
N ASP L 295 43.97 -37.23 -15.25
CA ASP L 295 44.68 -38.48 -15.50
C ASP L 295 46.12 -38.37 -15.01
N ALA L 296 46.79 -39.53 -14.92
CA ALA L 296 48.15 -39.58 -14.41
C ALA L 296 49.14 -38.95 -15.38
N LYS L 297 48.87 -39.00 -16.67
CA LYS L 297 49.87 -38.61 -17.66
C LYS L 297 50.00 -37.10 -17.83
N ASN L 298 49.00 -36.33 -17.39
CA ASN L 298 49.09 -34.88 -17.55
C ASN L 298 50.00 -34.22 -16.52
N MET L 299 50.33 -34.93 -15.45
CA MET L 299 51.18 -34.35 -14.42
C MET L 299 52.61 -34.22 -14.92
N MET L 300 53.14 -33.01 -14.87
CA MET L 300 54.51 -32.77 -15.31
C MET L 300 55.52 -33.34 -14.33
N ALA L 301 55.11 -33.62 -13.10
CA ALA L 301 55.86 -34.48 -12.20
C ALA L 301 55.41 -35.91 -12.45
N ALA L 302 56.36 -36.79 -12.77
CA ALA L 302 56.04 -38.18 -13.08
C ALA L 302 55.66 -38.91 -11.80
N CYS L 303 54.36 -38.99 -11.53
CA CYS L 303 53.85 -39.67 -10.36
C CYS L 303 52.44 -40.18 -10.67
N ASP L 304 52.09 -41.30 -10.05
CA ASP L 304 50.77 -41.86 -10.24
C ASP L 304 49.86 -41.43 -9.11
N PRO L 305 48.77 -40.71 -9.38
CA PRO L 305 47.79 -40.44 -8.34
C PRO L 305 47.07 -41.68 -7.84
N ARG L 306 47.09 -42.77 -8.61
CA ARG L 306 46.54 -44.03 -8.12
C ARG L 306 47.40 -44.61 -7.01
N HIS L 307 48.72 -44.38 -7.05
CA HIS L 307 49.60 -44.81 -5.97
C HIS L 307 49.84 -43.67 -4.99
N GLY L 308 48.76 -43.14 -4.45
CA GLY L 308 48.87 -42.05 -3.50
C GLY L 308 47.49 -41.51 -3.16
N ARG L 309 47.51 -40.43 -2.37
CA ARG L 309 46.27 -39.77 -1.95
C ARG L 309 46.43 -38.27 -2.06
N TYR L 310 45.44 -37.60 -2.64
CA TYR L 310 45.44 -36.14 -2.69
C TYR L 310 45.14 -35.55 -1.33
N LEU L 311 45.39 -34.25 -1.21
CA LEU L 311 44.91 -33.46 -0.09
C LEU L 311 44.02 -32.32 -0.54
N THR L 312 44.50 -31.47 -1.46
CA THR L 312 43.73 -30.36 -2.00
C THR L 312 43.91 -30.28 -3.50
N VAL L 313 43.01 -29.56 -4.15
CA VAL L 313 42.97 -29.42 -5.61
C VAL L 313 42.63 -27.98 -5.94
N ALA L 314 43.48 -27.32 -6.70
CA ALA L 314 43.19 -26.01 -7.27
C ALA L 314 43.05 -26.13 -8.78
N ALA L 315 42.27 -25.22 -9.35
CA ALA L 315 42.06 -25.22 -10.80
C ALA L 315 41.83 -23.79 -11.25
N VAL L 316 42.63 -23.33 -12.20
CA VAL L 316 42.54 -21.98 -12.75
C VAL L 316 42.18 -22.08 -14.21
N PHE L 317 41.04 -21.50 -14.59
CA PHE L 317 40.58 -21.50 -15.96
C PHE L 317 40.92 -20.18 -16.63
N ARG L 318 40.93 -20.19 -17.97
CA ARG L 318 41.13 -19.00 -18.77
C ARG L 318 40.12 -18.95 -19.89
N GLY L 319 39.70 -17.74 -20.24
CA GLY L 319 38.72 -17.54 -21.29
C GLY L 319 37.30 -17.55 -20.75
N ARG L 320 36.38 -16.99 -21.55
CA ARG L 320 35.00 -16.87 -21.14
C ARG L 320 34.31 -18.23 -21.18
N MET L 321 33.52 -18.54 -20.15
CA MET L 321 32.89 -19.84 -20.03
C MET L 321 31.72 -19.73 -19.06
N SER L 322 30.83 -20.71 -19.13
CA SER L 322 29.70 -20.79 -18.24
C SER L 322 30.14 -21.47 -16.93
N MET L 323 29.18 -21.81 -16.08
CA MET L 323 29.52 -22.29 -14.74
C MET L 323 29.02 -23.68 -14.43
N LYS L 324 27.75 -24.00 -14.71
CA LYS L 324 27.28 -25.36 -14.44
C LYS L 324 27.94 -26.36 -15.36
N GLU L 325 28.35 -25.92 -16.55
CA GLU L 325 29.25 -26.71 -17.39
C GLU L 325 30.57 -26.97 -16.68
N VAL L 326 31.02 -26.05 -15.84
CA VAL L 326 32.25 -26.23 -15.07
C VAL L 326 31.98 -26.91 -13.74
N ASP L 327 30.97 -26.44 -13.01
CA ASP L 327 30.82 -26.78 -11.58
C ASP L 327 30.47 -28.24 -11.38
N GLU L 328 29.56 -28.78 -12.18
CA GLU L 328 29.20 -30.19 -12.07
C GLU L 328 30.38 -31.07 -12.51
N GLN L 329 31.12 -30.63 -13.53
CA GLN L 329 32.35 -31.31 -13.88
C GLN L 329 33.38 -31.18 -12.77
N MET L 330 33.39 -30.05 -12.07
CA MET L 330 34.28 -29.89 -10.92
C MET L 330 33.70 -30.47 -9.64
N LEU L 331 32.60 -31.21 -9.71
CA LEU L 331 32.05 -31.88 -8.55
C LEU L 331 31.97 -33.38 -8.74
N ASN L 332 31.56 -33.82 -9.94
CA ASN L 332 31.30 -35.24 -10.17
C ASN L 332 32.59 -36.04 -10.24
N VAL L 333 33.69 -35.42 -10.70
CA VAL L 333 34.95 -36.16 -10.84
C VAL L 333 35.57 -36.48 -9.50
N GLN L 334 35.14 -35.83 -8.43
CA GLN L 334 35.56 -36.24 -7.10
C GLN L 334 34.90 -37.54 -6.67
N ASN L 335 33.76 -37.88 -7.27
CA ASN L 335 33.01 -39.06 -6.88
C ASN L 335 33.40 -40.30 -7.67
N LYS L 336 33.85 -40.15 -8.92
CA LYS L 336 34.31 -41.34 -9.64
C LYS L 336 35.68 -41.79 -9.15
N ASN L 337 36.57 -40.86 -8.83
CA ASN L 337 37.83 -41.18 -8.16
C ASN L 337 37.73 -40.91 -6.66
N SER L 338 36.76 -41.60 -6.04
CA SER L 338 36.36 -41.27 -4.67
C SER L 338 37.40 -41.72 -3.65
N SER L 339 37.84 -42.97 -3.75
CA SER L 339 38.77 -43.52 -2.77
C SER L 339 40.17 -42.96 -2.92
N TYR L 340 40.47 -42.30 -4.04
CA TYR L 340 41.82 -41.76 -4.26
C TYR L 340 42.06 -40.51 -3.43
N PHE L 341 41.00 -39.79 -3.06
CA PHE L 341 41.13 -38.60 -2.23
C PHE L 341 41.26 -39.00 -0.75
N VAL L 342 41.13 -38.00 0.12
CA VAL L 342 41.19 -38.23 1.55
C VAL L 342 39.86 -37.77 2.14
N GLU L 343 39.55 -38.30 3.34
CA GLU L 343 38.20 -38.20 3.89
C GLU L 343 37.92 -36.81 4.45
N TRP L 344 38.89 -36.23 5.14
CA TRP L 344 38.66 -35.14 6.09
C TRP L 344 38.55 -33.76 5.43
N ILE L 345 38.33 -33.65 4.12
CA ILE L 345 38.03 -32.38 3.47
C ILE L 345 36.78 -32.52 2.62
N PRO L 346 35.72 -31.78 2.92
CA PRO L 346 34.60 -31.71 1.97
C PRO L 346 34.87 -30.68 0.88
N ASN L 347 34.71 -31.12 -0.37
CA ASN L 347 34.80 -30.29 -1.58
C ASN L 347 36.18 -29.60 -1.69
N ASN L 348 37.18 -30.46 -1.92
CA ASN L 348 38.58 -30.04 -2.00
C ASN L 348 38.98 -29.48 -3.35
N VAL L 349 38.01 -29.12 -4.18
CA VAL L 349 38.28 -28.64 -5.53
C VAL L 349 38.14 -27.13 -5.51
N LYS L 350 39.26 -26.42 -5.60
CA LYS L 350 39.24 -24.96 -5.68
C LYS L 350 39.15 -24.53 -7.14
N THR L 351 38.14 -23.73 -7.46
CA THR L 351 37.88 -23.30 -8.82
C THR L 351 38.28 -21.84 -8.97
N ALA L 352 38.88 -21.51 -10.11
CA ALA L 352 39.25 -20.14 -10.39
C ALA L 352 39.03 -19.88 -11.88
N VAL L 353 38.25 -18.84 -12.19
CA VAL L 353 37.83 -18.56 -13.55
C VAL L 353 38.23 -17.13 -13.89
N CYS L 354 39.25 -16.98 -14.73
CA CYS L 354 39.54 -15.69 -15.32
C CYS L 354 38.64 -15.46 -16.53
N ASP L 355 38.73 -14.26 -17.10
CA ASP L 355 37.93 -13.92 -18.27
C ASP L 355 38.80 -13.54 -19.47
N ILE L 356 40.06 -13.97 -19.49
CA ILE L 356 40.95 -13.71 -20.60
C ILE L 356 41.64 -15.01 -21.00
N PRO L 357 41.52 -15.45 -22.25
CA PRO L 357 42.17 -16.68 -22.69
C PRO L 357 43.64 -16.43 -22.99
N PRO L 358 44.41 -17.48 -23.26
CA PRO L 358 45.73 -17.27 -23.89
C PRO L 358 45.58 -16.70 -25.29
N ARG L 359 46.66 -16.10 -25.78
CA ARG L 359 46.70 -15.61 -27.15
C ARG L 359 46.73 -16.83 -28.07
N GLY L 360 45.55 -17.24 -28.53
CA GLY L 360 45.43 -18.53 -29.18
C GLY L 360 44.05 -19.13 -29.04
N LEU L 361 43.98 -20.33 -28.46
CA LEU L 361 42.74 -21.09 -28.35
C LEU L 361 41.75 -20.40 -27.41
N LYS L 362 40.50 -20.84 -27.50
CA LYS L 362 39.38 -20.10 -26.91
C LYS L 362 39.32 -20.27 -25.40
N MET L 363 39.50 -21.49 -24.90
CA MET L 363 39.48 -21.72 -23.46
C MET L 363 40.67 -22.56 -23.06
N SER L 364 41.10 -22.37 -21.82
CA SER L 364 42.28 -23.05 -21.29
C SER L 364 42.14 -23.17 -19.78
N ALA L 365 42.83 -24.16 -19.23
CA ALA L 365 42.73 -24.45 -17.80
C ALA L 365 44.11 -24.78 -17.27
N THR L 366 44.38 -24.37 -16.03
CA THR L 366 45.62 -24.67 -15.36
C THR L 366 45.32 -25.40 -14.07
N PHE L 367 45.88 -26.60 -13.93
CA PHE L 367 45.64 -27.44 -12.78
C PHE L 367 46.80 -27.31 -11.79
N ILE L 368 46.46 -27.14 -10.52
CA ILE L 368 47.43 -27.11 -9.44
C ILE L 368 47.06 -28.21 -8.46
N GLY L 369 47.87 -29.24 -8.39
CA GLY L 369 47.56 -30.43 -7.62
C GLY L 369 48.46 -30.59 -6.42
N ASN L 370 47.96 -31.34 -5.43
CA ASN L 370 48.71 -31.68 -4.22
C ASN L 370 48.31 -33.09 -3.83
N SER L 371 49.30 -33.97 -3.70
CA SER L 371 49.02 -35.36 -3.37
C SER L 371 50.18 -35.93 -2.56
N THR L 372 50.00 -37.16 -2.10
CA THR L 372 51.04 -37.91 -1.41
C THR L 372 51.85 -38.78 -2.36
N ALA L 373 51.72 -38.57 -3.66
CA ALA L 373 52.45 -39.39 -4.62
C ALA L 373 53.91 -38.98 -4.72
N ILE L 374 54.24 -37.75 -4.32
CA ILE L 374 55.59 -37.23 -4.53
C ILE L 374 56.60 -37.83 -3.56
N GLN L 375 56.16 -38.23 -2.35
CA GLN L 375 57.08 -38.79 -1.36
C GLN L 375 57.69 -40.11 -1.80
N GLU L 376 57.03 -40.85 -2.69
CA GLU L 376 57.59 -42.10 -3.19
C GLU L 376 58.75 -41.85 -4.15
N LEU L 377 58.82 -40.66 -4.74
CA LEU L 377 59.98 -40.30 -5.55
C LEU L 377 61.18 -40.02 -4.66
N PHE L 378 60.95 -39.46 -3.47
CA PHE L 378 62.04 -39.11 -2.57
C PHE L 378 62.70 -40.34 -1.97
N LYS L 379 61.95 -41.43 -1.82
CA LYS L 379 62.54 -42.68 -1.33
C LYS L 379 63.52 -43.24 -2.35
N ARG L 380 63.28 -43.01 -3.64
CA ARG L 380 64.31 -43.24 -4.63
C ARG L 380 65.47 -42.28 -4.45
N ILE L 381 65.17 -41.01 -4.21
CA ILE L 381 66.21 -39.99 -4.08
C ILE L 381 67.01 -40.19 -2.79
N SER L 382 66.32 -40.59 -1.71
CA SER L 382 67.04 -40.97 -0.49
C SER L 382 67.85 -42.23 -0.71
N GLU L 383 67.38 -43.14 -1.56
CA GLU L 383 68.19 -44.29 -1.94
C GLU L 383 69.37 -43.86 -2.80
N GLN L 384 69.14 -42.93 -3.74
CA GLN L 384 70.22 -42.37 -4.54
C GLN L 384 71.22 -41.61 -3.70
N PHE L 385 70.76 -40.97 -2.63
CA PHE L 385 71.67 -40.32 -1.69
C PHE L 385 72.51 -41.36 -0.96
N THR L 386 71.85 -42.35 -0.36
CA THR L 386 72.55 -43.31 0.49
C THR L 386 73.41 -44.26 -0.31
N ALA L 387 73.11 -44.47 -1.59
CA ALA L 387 73.96 -45.31 -2.43
C ALA L 387 75.32 -44.66 -2.64
N MET L 388 75.35 -43.34 -2.75
CA MET L 388 76.59 -42.59 -2.85
C MET L 388 77.10 -42.15 -1.49
N PHE L 389 76.41 -42.53 -0.41
CA PHE L 389 76.81 -42.17 0.94
C PHE L 389 77.20 -43.36 1.80
N ARG L 390 76.70 -44.57 1.50
CA ARG L 390 77.11 -45.73 2.29
C ARG L 390 78.56 -46.14 2.03
N ARG L 391 79.14 -45.67 0.93
CA ARG L 391 80.59 -45.71 0.75
C ARG L 391 81.27 -44.40 1.11
N LYS L 392 80.48 -43.36 1.40
CA LYS L 392 80.95 -42.00 1.73
C LYS L 392 81.87 -41.44 0.63
N ALA L 393 81.42 -41.59 -0.61
CA ALA L 393 82.13 -41.00 -1.74
C ALA L 393 81.76 -39.53 -1.87
N PHE L 394 82.56 -38.82 -2.69
CA PHE L 394 82.33 -37.42 -3.09
C PHE L 394 82.30 -36.47 -1.89
N LEU L 395 83.01 -36.81 -0.82
CA LEU L 395 82.98 -36.03 0.40
C LEU L 395 84.08 -34.97 0.43
N HIS L 396 85.22 -35.25 -0.20
CA HIS L 396 86.40 -34.39 -0.13
C HIS L 396 86.20 -33.04 -0.80
N TRP L 397 85.23 -32.92 -1.72
CA TRP L 397 84.84 -31.61 -2.21
C TRP L 397 84.17 -30.81 -1.11
N TYR L 398 83.16 -31.41 -0.46
CA TYR L 398 82.46 -30.74 0.62
C TYR L 398 83.32 -30.63 1.86
N THR L 399 84.25 -31.57 2.04
CA THR L 399 85.26 -31.43 3.10
C THR L 399 86.23 -30.31 2.76
N GLY L 400 86.58 -30.18 1.47
CA GLY L 400 87.42 -29.07 1.05
C GLY L 400 86.73 -27.73 1.23
N GLU L 401 85.41 -27.70 1.08
CA GLU L 401 84.66 -26.51 1.44
C GLU L 401 84.39 -26.46 2.95
N GLY L 402 84.33 -27.62 3.60
CA GLY L 402 84.20 -27.71 5.03
C GLY L 402 82.79 -28.02 5.49
N MET L 403 82.52 -29.28 5.80
CA MET L 403 81.20 -29.71 6.23
C MET L 403 81.30 -31.06 6.91
N ASP L 404 80.64 -31.20 8.06
CA ASP L 404 80.59 -32.46 8.77
C ASP L 404 79.59 -33.42 8.12
N GLU L 405 79.57 -34.66 8.63
CA GLU L 405 78.60 -35.63 8.17
C GLU L 405 77.20 -35.31 8.66
N MET L 406 77.10 -34.61 9.80
CA MET L 406 75.81 -34.37 10.43
C MET L 406 74.94 -33.44 9.60
N GLU L 407 75.57 -32.48 8.90
CA GLU L 407 74.82 -31.64 7.98
C GLU L 407 74.29 -32.45 6.80
N PHE L 408 75.05 -33.44 6.35
CA PHE L 408 74.50 -34.39 5.39
C PHE L 408 73.45 -35.28 6.03
N THR L 409 73.65 -35.66 7.29
CA THR L 409 72.78 -36.65 7.90
C THR L 409 71.46 -36.06 8.34
N GLU L 410 71.49 -34.86 8.95
CA GLU L 410 70.25 -34.25 9.43
C GLU L 410 69.38 -33.79 8.26
N ALA L 411 69.99 -33.33 7.18
CA ALA L 411 69.21 -32.98 5.98
C ALA L 411 68.62 -34.23 5.36
N GLU L 412 69.35 -35.35 5.39
CA GLU L 412 68.78 -36.62 5.01
C GLU L 412 67.71 -37.06 6.00
N SER L 413 67.91 -36.74 7.28
CA SER L 413 66.86 -36.97 8.26
C SER L 413 65.70 -36.01 8.04
N ASN L 414 66.00 -34.76 7.64
CA ASN L 414 64.92 -33.82 7.35
C ASN L 414 64.22 -34.18 6.05
N MET L 415 64.95 -34.78 5.11
CA MET L 415 64.30 -35.42 3.97
C MET L 415 63.40 -36.55 4.43
N ASN L 416 63.85 -37.33 5.41
CA ASN L 416 63.00 -38.35 6.00
C ASN L 416 61.91 -37.75 6.86
N ASP L 417 62.09 -36.51 7.34
CA ASP L 417 60.99 -35.82 8.01
C ASP L 417 59.91 -35.44 7.03
N LEU L 418 60.27 -35.17 5.77
CA LEU L 418 59.27 -35.04 4.72
C LEU L 418 58.63 -36.39 4.42
N VAL L 419 59.41 -37.47 4.53
CA VAL L 419 58.88 -38.81 4.35
C VAL L 419 57.90 -39.14 5.47
N SER L 420 58.25 -38.79 6.71
CA SER L 420 57.43 -39.15 7.85
C SER L 420 56.13 -38.36 7.95
N GLU L 421 55.96 -37.31 7.13
CA GLU L 421 54.79 -36.47 7.23
C GLU L 421 53.85 -36.58 6.04
N TYR L 422 54.34 -36.75 4.82
CA TYR L 422 53.43 -37.08 3.73
C TYR L 422 52.91 -38.50 3.84
N GLN L 423 53.64 -39.38 4.52
CA GLN L 423 53.12 -40.72 4.77
C GLN L 423 52.09 -40.69 5.90
N GLN L 424 52.25 -39.73 6.82
CA GLN L 424 51.39 -39.66 8.01
C GLN L 424 49.96 -39.32 7.65
N TYR L 425 49.76 -38.29 6.85
CA TYR L 425 48.42 -37.96 6.41
C TYR L 425 47.91 -38.92 5.34
N GLN L 426 48.81 -39.61 4.65
CA GLN L 426 48.36 -40.64 3.71
C GLN L 426 47.86 -41.87 4.46
N ASP L 427 48.54 -42.23 5.55
CA ASP L 427 48.07 -43.34 6.39
C ASP L 427 46.75 -42.98 7.07
N ALA L 428 46.57 -41.72 7.40
CA ALA L 428 45.29 -41.27 7.93
C ALA L 428 44.27 -41.14 6.80
N THR L 429 43.00 -41.15 7.18
CA THR L 429 41.91 -40.92 6.24
C THR L 429 40.72 -40.30 6.98
PG GTP M . 66.80 35.17 2.37
O1G GTP M . 66.53 34.75 0.98
O2G GTP M . 67.67 36.42 2.48
O3G GTP M . 67.40 34.06 3.22
O3B GTP M . 65.43 35.56 3.07
PB GTP M . 63.99 35.63 2.40
O1B GTP M . 63.02 36.23 3.41
O2B GTP M . 64.05 36.45 1.17
O3A GTP M . 63.57 34.14 2.06
PA GTP M . 62.15 33.47 1.77
O1A GTP M . 61.13 34.61 1.76
O2A GTP M . 62.17 32.81 0.45
O5' GTP M . 61.74 32.48 2.96
C5' GTP M . 61.90 31.05 2.86
C4' GTP M . 60.69 30.37 3.47
O4' GTP M . 59.55 30.54 2.61
C3' GTP M . 60.84 28.87 3.68
O3' GTP M . 60.24 28.46 4.91
C2' GTP M . 60.11 28.28 2.48
O2' GTP M . 59.59 26.99 2.75
C1' GTP M . 58.98 29.29 2.32
N9 GTP M . 58.42 29.32 0.97
C8 GTP M . 59.07 29.02 -0.21
N7 GTP M . 58.30 29.16 -1.26
C5 GTP M . 57.08 29.56 -0.75
C6 GTP M . 55.84 29.88 -1.40
O6 GTP M . 55.62 29.85 -2.60
N1 GTP M . 54.86 30.24 -0.51
C2 GTP M . 55.01 30.29 0.85
N2 GTP M . 53.95 30.65 1.57
N3 GTP M . 56.17 30.02 1.46
C4 GTP M . 57.14 29.66 0.62
MG MG N . 64.56 34.62 0.22
PG GTP O . -8.95 61.12 26.66
O1G GTP O . -9.22 60.81 25.19
O2G GTP O . -8.12 62.39 26.73
O3G GTP O . -8.38 59.97 27.40
O3B GTP O . -10.37 61.51 27.27
PB GTP O . -11.77 61.55 26.53
O1B GTP O . -12.81 62.11 27.50
O2B GTP O . -11.69 62.39 25.31
O3A GTP O . -12.16 60.05 26.16
PA GTP O . -13.55 59.35 25.89
O1A GTP O . -14.60 60.45 25.91
O2A GTP O . -13.54 58.69 24.56
O5' GTP O . -13.89 58.31 27.06
C5' GTP O . -13.65 56.90 26.96
C4' GTP O . -14.88 56.14 27.39
O4' GTP O . -16.01 56.59 26.63
C3' GTP O . -14.83 54.65 27.13
O3' GTP O . -14.15 53.98 28.17
C2' GTP O . -16.32 54.28 27.11
O2' GTP O . -16.79 53.99 28.42
C1' GTP O . -16.99 55.56 26.60
N9 GTP O . -17.50 55.47 25.23
C8 GTP O . -16.83 55.04 24.11
N7 GTP O . -17.56 55.10 23.03
C5 GTP O . -18.78 55.58 23.46
C6 GTP O . -19.98 55.87 22.75
O6 GTP O . -20.18 55.78 21.54
N1 GTP O . -20.98 56.34 23.57
C2 GTP O . -20.86 56.52 24.91
N2 GTP O . -21.94 56.96 25.57
N3 GTP O . -19.75 56.27 25.59
C4 GTP O . -18.76 55.81 24.81
MG MG P . -10.99 60.87 24.03
PG GTP Q . 7.09 -48.89 -27.35
O1G GTP Q . 7.09 -48.19 -28.65
O2G GTP Q . 8.16 -48.38 -26.40
O3G GTP Q . 7.19 -50.40 -27.47
O3B GTP Q . 5.71 -48.61 -26.61
PB GTP Q . 4.52 -47.67 -27.09
O1B GTP Q . 3.36 -47.83 -26.13
O2B GTP Q . 4.97 -46.27 -27.15
O3A GTP Q . 4.09 -48.18 -28.54
PA GTP Q . 2.82 -47.88 -29.44
O1A GTP Q . 2.00 -46.82 -28.74
O2A GTP Q . 3.26 -47.37 -30.76
O5' GTP Q . 1.90 -49.17 -29.57
C5' GTP Q . 1.90 -50.04 -30.72
C4' GTP Q . 0.47 -50.39 -31.08
O4' GTP Q . -0.19 -49.23 -31.63
C3' GTP Q . 0.31 -51.51 -32.11
O3' GTP Q . -0.72 -52.42 -31.71
C2' GTP Q . -0.05 -50.76 -33.39
O2' GTP Q . -0.89 -51.54 -34.23
C1' GTP Q . -0.84 -49.58 -32.83
N9 GTP Q . -0.86 -48.42 -33.71
C8 GTP Q . 0.11 -48.03 -34.59
N7 GTP Q . -0.19 -46.94 -35.24
C5 GTP Q . -1.44 -46.58 -34.77
C6 GTP Q . -2.30 -45.49 -35.09
O6 GTP Q . -2.08 -44.59 -35.89
N1 GTP Q . -3.48 -45.53 -34.38
C2 GTP Q . -3.81 -46.48 -33.46
N2 GTP Q . -5.01 -46.35 -32.87
N3 GTP Q . -3.03 -47.50 -33.15
C4 GTP Q . -1.87 -47.49 -33.82
MG MG R . 5.78 -46.59 -29.05
PG GTP S . -68.74 -22.84 -3.06
O1G GTP S . -68.79 -22.08 -4.39
O2G GTP S . -67.65 -22.24 -2.20
O3G GTP S . -68.63 -24.30 -3.24
O3B GTP S . -70.12 -22.48 -2.35
PB GTP S . -71.28 -21.54 -2.87
O1B GTP S . -72.46 -21.65 -1.92
O2B GTP S . -70.80 -20.14 -2.94
O3A GTP S . -71.69 -22.08 -4.31
PA GTP S . -72.93 -21.78 -5.25
O1A GTP S . -73.80 -20.73 -4.55
O2A GTP S . -72.46 -21.26 -6.55
O5' GTP S . -73.83 -23.09 -5.43
C5' GTP S . -73.69 -23.99 -6.54
C4' GTP S . -75.06 -24.31 -7.10
O4' GTP S . -75.75 -23.09 -7.43
C3' GTP S . -75.05 -25.08 -8.41
O3' GTP S . -74.91 -26.47 -8.17
C2' GTP S . -76.43 -24.75 -8.99
O2' GTP S . -77.41 -25.69 -8.57
C1' GTP S . -76.74 -23.37 -8.40
N9 GTP S . -76.74 -22.28 -9.37
C8 GTP S . -75.76 -21.97 -10.28
N7 GTP S . -76.03 -20.89 -10.98
C5 GTP S . -77.26 -20.47 -10.50
C6 GTP S . -78.08 -19.36 -10.86
O6 GTP S . -77.82 -18.48 -11.67
N1 GTP S . -79.25 -19.33 -10.13
C2 GTP S . -79.61 -20.23 -9.18
N2 GTP S . -80.80 -20.04 -8.59
N3 GTP S . -78.87 -21.26 -8.84
C4 GTP S . -77.72 -21.32 -9.53
MG MG T . -70.00 -20.42 -4.87
PG GTP U . 38.77 -12.40 -0.89
O1G GTP U . 38.51 -12.38 -2.36
O2G GTP U . 39.85 -11.42 -0.46
O3G GTP U . 39.11 -13.78 -0.37
O3B GTP U . 37.46 -11.95 -0.13
PB GTP U . 36.09 -11.44 -0.74
O1B GTP U . 35.08 -11.28 0.38
O2B GTP U . 36.30 -10.16 -1.44
O3A GTP U . 35.60 -12.56 -1.76
PA GTP U . 34.20 -12.81 -2.47
O1A GTP U . 33.30 -11.62 -2.14
O2A GTP U . 34.39 -12.88 -3.94
O5' GTP U . 33.49 -14.12 -1.90
C5' GTP U . 33.49 -15.39 -2.57
C4' GTP U . 32.11 -16.01 -2.47
O4' GTP U . 31.19 -15.29 -3.30
C3' GTP U . 32.03 -17.48 -2.92
O3' GTP U . 31.19 -18.22 -2.05
C2' GTP U . 31.45 -17.38 -4.33
O2' GTP U . 30.70 -18.54 -4.67
C1' GTP U . 30.51 -16.18 -4.16
N9 GTP U . 30.22 -15.50 -5.42
C8 GTP U . 31.02 -15.41 -6.52
N7 GTP U . 30.49 -14.74 -7.50
C5 GTP U . 29.25 -14.36 -7.02
C6 GTP U . 28.21 -13.59 -7.62
O6 GTP U . 28.21 -13.09 -8.74
N1 GTP U . 27.12 -13.45 -6.78
C2 GTP U . 27.03 -13.95 -5.51
N2 GTP U . 25.90 -13.71 -4.85
N3 GTP U . 28.01 -14.66 -4.94
C4 GTP U . 29.07 -14.82 -5.74
MG MG V . 37.08 -11.05 -3.16
PG GTP W . -37.02 13.65 23.41
O1G GTP W . -37.41 13.71 21.95
O2G GTP W . -35.90 14.66 23.66
O3G GTP W . -36.68 12.28 23.88
O3B GTP W . -38.29 14.20 24.19
PB GTP W . -39.68 14.67 23.59
O1B GTP W . -40.68 14.81 24.72
O2B GTP W . -39.50 15.96 22.89
O3A GTP W . -40.15 13.54 22.58
PA GTP W . -41.54 13.28 21.83
O1A GTP W . -42.45 14.44 22.18
O2A GTP W . -41.30 13.23 20.37
O5' GTP W . -42.21 11.94 22.37
C5' GTP W . -42.05 10.67 21.72
C4' GTP W . -43.40 10.03 21.54
O4' GTP W . -44.28 10.93 20.86
C3' GTP W . -43.41 8.78 20.67
O3' GTP W . -43.06 7.63 21.43
C2' GTP W . -44.87 8.71 20.20
O2' GTP W . -45.66 7.92 21.07
C1' GTP W . -45.34 10.18 20.27
N9 GTP W . -45.63 10.76 18.96
C8 GTP W . -44.83 10.79 17.85
N7 GTP W . -45.37 11.41 16.84
C5 GTP W . -46.61 11.83 17.32
C6 GTP W . -47.65 12.56 16.68
O6 GTP W . -47.66 13.02 15.55
N1 GTP W . -48.73 12.76 17.52
C2 GTP W . -48.82 12.31 18.81
N2 GTP W . -49.93 12.59 19.47
N3 GTP W . -47.84 11.64 19.41
C4 GTP W . -46.78 11.43 18.62
MG MG X . -38.68 15.19 21.11
PG G2P Y . 0.68 0.65 11.34
O1G G2P Y . 0.70 -0.83 11.44
O2G G2P Y . 0.81 1.17 9.91
O3G G2P Y . 1.75 1.32 12.21
O3B G2P Y . -0.71 1.18 11.88
PB G2P Y . -2.01 1.61 11.10
O1B G2P Y . -1.84 2.99 10.55
O2B G2P Y . -3.17 1.64 12.14
C3A G2P Y . -2.37 0.25 9.98
PA G2P Y . -4.11 0.01 9.60
O1A G2P Y . -4.54 0.02 8.16
O2A G2P Y . -4.87 1.14 10.33
O5' G2P Y . -4.47 -1.33 10.34
C5' G2P Y . -4.28 -2.62 9.70
C4' G2P Y . -5.52 -3.45 9.89
O4' G2P Y . -6.62 -2.86 9.17
C3' G2P Y . -5.43 -4.88 9.38
O3' G2P Y . -6.28 -5.73 10.14
C2' G2P Y . -5.89 -4.74 7.93
O2' G2P Y . -6.46 -5.95 7.43
C1' G2P Y . -6.99 -3.68 8.06
N9 G2P Y . -7.11 -2.81 6.89
C8 G2P Y . -6.13 -2.05 6.32
N7 G2P Y . -6.57 -1.28 5.35
C5 G2P Y . -7.91 -1.57 5.28
C6 G2P Y . -8.94 -1.02 4.45
O6 G2P Y . -8.82 -0.13 3.61
N1 G2P Y . -10.18 -1.58 4.72
C2 G2P Y . -10.42 -2.55 5.65
N2 G2P Y . -11.67 -2.98 5.76
N3 G2P Y . -9.47 -3.06 6.44
C4 G2P Y . -8.26 -2.53 6.20
MG MG Z . -0.94 2.00 8.91
PG G2P AA . 28.80 48.12 14.51
O1G G2P AA . 29.06 46.87 15.25
O2G G2P AA . 28.67 47.93 13.00
O3G G2P AA . 29.83 49.19 14.77
O3B G2P AA . 27.41 48.70 15.00
PB G2P AA . 25.97 48.58 14.37
O1B G2P AA . 25.83 49.56 13.23
O2B G2P AA . 24.96 48.96 15.49
C3A G2P AA . 25.72 46.82 14.04
PA G2P AA . 24.01 46.27 14.11
O1A G2P AA . 23.43 45.58 12.91
O2A G2P AA . 23.16 47.54 14.39
O5' G2P AA . 23.96 45.37 15.40
C5' G2P AA . 24.31 43.97 15.34
C4' G2P AA . 23.25 43.19 16.06
O4' G2P AA . 22.00 43.28 15.34
C3' G2P AA . 23.53 41.69 16.19
O3' G2P AA . 22.92 41.17 17.35
C2' G2P AA . 22.89 41.14 14.91
O2' G2P AA . 22.50 39.77 15.06
C1' G2P AA . 21.66 42.02 14.77
N9 G2P AA . 21.25 42.26 13.38
C8 G2P AA . 22.01 42.77 12.37
N7 G2P AA . 21.35 42.97 11.26
C5 G2P AA . 20.07 42.54 11.56
C6 G2P AA . 18.89 42.54 10.77
O6 G2P AA . 18.76 42.96 9.63
N1 G2P AA . 17.80 42.02 11.46
C2 G2P AA . 17.84 41.56 12.75
N2 G2P AA . 16.70 41.09 13.25
N3 G2P AA . 18.93 41.57 13.50
C4 G2P AA . 20.01 42.08 12.85
MG MG BA . 26.73 48.03 12.07
PG G2P CA . 104.66 22.05 -9.71
O1G G2P CA . 105.15 20.76 -9.16
O2G G2P CA . 104.46 22.00 -11.22
O3G G2P CA . 105.56 23.22 -9.38
O3B G2P CA . 103.23 22.39 -9.11
PB G2P CA . 101.82 22.39 -9.80
O1B G2P CA . 101.75 23.43 -10.87
O2B G2P CA . 100.78 22.77 -8.70
C3A G2P CA . 101.50 20.67 -10.20
PA G2P CA . 99.78 20.15 -10.13
O1A G2P CA . 99.16 19.52 -11.34
O2A G2P CA . 98.98 21.45 -9.81
O5' G2P CA . 99.73 19.26 -8.84
C5' G2P CA . 100.09 17.86 -8.89
C4' G2P CA . 99.04 17.04 -8.18
O4' G2P CA . 97.78 17.14 -8.88
C3' G2P CA . 99.33 15.56 -8.07
O3' G2P CA . 98.74 15.01 -6.90
C2' G2P CA . 98.69 15.01 -9.34
O2' G2P CA . 98.30 13.65 -9.21
C1' G2P CA . 97.45 15.90 -9.46
N9 G2P CA . 97.03 16.14 -10.84
C8 G2P CA . 97.80 16.68 -11.85
N7 G2P CA . 97.12 16.90 -12.95
C5 G2P CA . 95.83 16.48 -12.66
C6 G2P CA . 94.65 16.50 -13.43
O6 G2P CA . 94.51 16.94 -14.57
N1 G2P CA . 93.57 15.98 -12.75
C2 G2P CA . 93.60 15.50 -11.47
N2 G2P CA . 92.46 15.03 -10.96
N3 G2P CA . 94.71 15.49 -10.72
C4 G2P CA . 95.78 15.99 -11.37
MG MG DA . 102.54 21.94 -12.11
PG G2P EA . -31.00 -35.85 -15.03
O1G G2P EA . -31.17 -37.21 -15.59
O2G G2P EA . -30.54 -34.82 -16.05
O3G G2P EA . -30.05 -35.81 -13.85
O3B G2P EA . -32.41 -35.34 -14.50
PB G2P EA . -33.48 -34.42 -15.20
O1B G2P EA . -33.06 -32.98 -15.11
O2B G2P EA . -34.80 -34.61 -14.39
C3A G2P EA . -33.77 -35.15 -16.81
PA G2P EA . -35.43 -34.95 -17.47
O1A G2P EA . -35.61 -34.30 -18.81
O2A G2P EA . -36.20 -34.09 -16.42
O5' G2P EA . -36.05 -36.39 -17.42
C5' G2P EA . -35.89 -37.32 -18.51
C4' G2P EA . -37.23 -37.92 -18.85
O4' G2P EA . -38.11 -36.89 -19.37
C3' G2P EA . -37.22 -39.00 -19.91
O3' G2P EA . -38.27 -39.93 -19.69
C2' G2P EA . -37.40 -38.21 -21.20
O2' G2P EA . -38.00 -39.00 -22.22
C1' G2P EA . -38.37 -37.12 -20.74
N9 G2P EA . -38.20 -35.85 -21.46
C8 G2P EA . -37.08 -35.10 -21.54
N7 G2P EA . -37.27 -33.94 -22.14
C5 G2P EA . -38.60 -33.96 -22.50
C6 G2P EA . -39.41 -32.98 -23.13
O6 G2P EA . -39.06 -31.86 -23.50
N1 G2P EA . -40.71 -33.39 -23.28
C2 G2P EA . -41.21 -34.60 -22.87
N2 G2P EA . -42.50 -34.84 -23.10
N3 G2P EA . -40.47 -35.52 -22.27
C4 G2P EA . -39.19 -35.14 -22.10
MG MG FA . -31.96 -33.43 -16.90
PG G2P GA . 44.88 -61.98 -39.31
O1G G2P GA . 44.91 -63.32 -39.93
O2G G2P GA . 45.28 -60.86 -40.27
O3G G2P GA . 45.75 -61.87 -38.07
O3B G2P GA . 43.40 -61.62 -38.84
PB G2P GA . 42.35 -60.64 -39.47
O1B G2P GA . 42.82 -59.21 -39.35
O2B G2P GA . 41.05 -60.78 -38.64
C3A G2P GA . 42.00 -61.31 -41.09
PA G2P GA . 40.31 -61.07 -41.68
O1A G2P GA . 40.08 -60.39 -43.00
O2A G2P GA . 39.60 -60.23 -40.58
O5' G2P GA . 39.69 -62.52 -41.64
C5' G2P GA . 39.87 -63.44 -42.72
C4' G2P GA . 38.54 -64.05 -43.08
O4' G2P GA . 37.65 -63.04 -43.61
C3' G2P GA . 38.58 -65.15 -44.14
O3' G2P GA . 37.53 -66.08 -43.93
C2' G2P GA . 38.40 -64.35 -45.43
O2' G2P GA . 37.83 -65.14 -46.47
C1' G2P GA . 37.41 -63.27 -44.98
N9 G2P GA . 37.57 -62.00 -45.70
C8 G2P GA . 38.71 -61.24 -45.77
N7 G2P GA . 38.53 -60.09 -46.37
C5 G2P GA . 37.19 -60.10 -46.72
C6 G2P GA . 36.39 -59.11 -47.35
O6 G2P GA . 36.73 -57.99 -47.72
N1 G2P GA . 35.08 -59.53 -47.50
C2 G2P GA . 34.58 -60.74 -47.10
N2 G2P GA . 33.28 -60.97 -47.34
N3 G2P GA . 35.32 -61.66 -46.50
C4 G2P GA . 36.59 -61.28 -46.33
MG MG HA . 43.82 -59.60 -41.16
PG G2P IA . 76.63 -25.41 -12.87
O1G G2P IA . 76.85 -26.87 -12.89
O2G G2P IA . 76.70 -24.76 -14.24
O3G G2P IA . 77.60 -24.67 -11.95
O3B G2P IA . 75.18 -25.07 -12.32
PB G2P IA . 73.90 -24.57 -13.09
O1B G2P IA . 74.12 -23.18 -13.64
O2B G2P IA . 72.74 -24.50 -12.05
C3A G2P IA . 73.48 -25.89 -14.24
PA G2P IA . 71.72 -26.10 -14.56
O1A G2P IA . 71.24 -26.07 -15.99
O2A G2P IA . 71.01 -24.94 -13.81
O5' G2P IA . 71.35 -27.43 -13.81
C5' G2P IA . 71.57 -28.72 -14.42
C4' G2P IA . 70.33 -29.56 -14.26
O4' G2P IA . 69.24 -28.96 -15.01
C3' G2P IA . 70.43 -30.98 -14.77
O3' G2P IA . 69.59 -31.85 -14.02
C2' G2P IA . 69.99 -30.84 -16.22
O2' G2P IA . 69.44 -32.06 -16.73
C1' G2P IA . 68.89 -29.79 -16.09
N9 G2P IA . 68.75 -28.93 -17.29
C8 G2P IA . 69.72 -28.17 -17.86
N7 G2P IA . 69.28 -27.42 -18.84
C5 G2P IA . 67.93 -27.71 -18.90
C6 G2P IA . 66.90 -27.18 -19.73
O6 G2P IA . 67.02 -26.29 -20.57
N1 G2P IA . 65.67 -27.75 -19.46
C2 G2P IA . 65.44 -28.71 -18.52
N2 G2P IA . 64.19 -29.15 -18.41
N3 G2P IA . 66.39 -29.20 -17.73
C4 G2P IA . 67.60 -28.66 -17.97
MG MG JA . 74.95 -24.16 -15.31
#